data_3BFJ
#
_entry.id   3BFJ
#
_cell.length_a   91.937
_cell.length_b   226.611
_cell.length_c   232.627
_cell.angle_alpha   90.00
_cell.angle_beta   92.91
_cell.angle_gamma   90.00
#
_symmetry.space_group_name_H-M   'P 1 21 1'
#
loop_
_entity.id
_entity.type
_entity.pdbx_description
1 polymer '1,3-propanediol oxidoreductase'
2 non-polymer 'FE (II) ION'
3 water water
#
_entity_poly.entity_id   1
_entity_poly.type   'polypeptide(L)'
_entity_poly.pdbx_seq_one_letter_code
;MSYRMFDYLVPNVNFFGPNAISVVGERCQLLGGKKALLVTDKGLRAIKDGAVDKTLHYLREAGIEVAIFDGVEPNPKDTN
VRDGLAVFRREQCDIIVTVGGGSPHDCGKGIGIAATHEGDLYQYAGIETLTNPLPPIVAVNTTAGTASEVTRHCVLTNTE
TKVKFVIVSWRNLPSVSINDPLLMIGKPAALTAATGMDALTHAVEAYISKDANPVTDAAAMQAIRLIARNLRQAVALGSN
LQAREYMAYASLLAGMAFNNANLGYVHAMAHQLGGLYDMPHGVANAVLLPHVARYNLIANPEKFADIAELMGENITGLST
LDAAEKAIAAITRLSMDIGIPQHLRDLGVKETDFPYMAEMALKDGNAFSNPRKGNEQEIAAIFRQAF
;
_entity_poly.pdbx_strand_id   A,B,C,D,E,F,G,H,I,J,K,L,M,N,O,P,Q,R,S,T
#
loop_
_chem_comp.id
_chem_comp.type
_chem_comp.name
_chem_comp.formula
FE2 non-polymer 'FE (II) ION' 'Fe 2'
#
# COMPACT_ATOMS: atom_id res chain seq x y z
N ARG A 4 -7.36 -40.50 -22.62
CA ARG A 4 -6.59 -41.62 -22.01
C ARG A 4 -5.48 -41.13 -21.08
N MET A 5 -4.92 -39.95 -21.41
CA MET A 5 -3.90 -39.31 -20.60
C MET A 5 -4.28 -37.85 -20.39
N PHE A 6 -4.04 -37.34 -19.18
CA PHE A 6 -4.42 -35.98 -18.86
C PHE A 6 -3.27 -35.14 -18.31
N ASP A 7 -3.28 -33.85 -18.64
CA ASP A 7 -2.46 -32.89 -17.93
C ASP A 7 -3.29 -32.14 -16.91
N TYR A 8 -2.62 -31.70 -15.85
CA TYR A 8 -3.25 -30.95 -14.78
C TYR A 8 -2.30 -29.83 -14.34
N LEU A 9 -2.62 -28.61 -14.77
CA LEU A 9 -1.80 -27.44 -14.52
C LEU A 9 -2.48 -26.48 -13.55
N VAL A 10 -1.68 -25.84 -12.71
CA VAL A 10 -2.15 -24.97 -11.65
C VAL A 10 -0.91 -24.22 -11.14
N PRO A 11 -1.07 -22.96 -10.69
CA PRO A 11 0.08 -22.22 -10.16
C PRO A 11 0.79 -22.95 -9.03
N ASN A 12 2.11 -22.79 -9.00
CA ASN A 12 2.98 -23.38 -8.01
C ASN A 12 2.49 -23.13 -6.59
N VAL A 13 2.16 -21.87 -6.33
CA VAL A 13 1.90 -21.35 -4.99
C VAL A 13 0.60 -20.56 -5.03
N ASN A 14 -0.35 -20.94 -4.18
CA ASN A 14 -1.64 -20.25 -4.13
C ASN A 14 -1.97 -19.84 -2.71
N PHE A 15 -2.52 -18.64 -2.58
CA PHE A 15 -2.96 -18.13 -1.28
C PHE A 15 -4.42 -17.71 -1.33
N PHE A 16 -5.17 -18.14 -0.33
CA PHE A 16 -6.58 -17.77 -0.22
C PHE A 16 -7.00 -17.68 1.24
N GLY A 17 -8.10 -16.98 1.49
CA GLY A 17 -8.60 -16.75 2.84
C GLY A 17 -8.58 -15.26 3.14
N PRO A 18 -9.29 -14.84 4.20
CA PRO A 18 -9.27 -13.42 4.56
C PRO A 18 -7.85 -12.89 4.83
N ASN A 19 -7.56 -11.72 4.27
CA ASN A 19 -6.28 -11.03 4.44
C ASN A 19 -5.09 -11.74 3.81
N ALA A 20 -5.37 -12.55 2.78
CA ALA A 20 -4.32 -13.27 2.04
C ALA A 20 -3.44 -12.31 1.25
N ILE A 21 -3.89 -11.06 1.13
CA ILE A 21 -3.20 -10.01 0.38
C ILE A 21 -1.87 -9.63 1.02
N SER A 22 -1.70 -9.96 2.31
CA SER A 22 -0.57 -9.49 3.09
C SER A 22 0.77 -10.14 2.71
N VAL A 23 0.73 -11.14 1.84
CA VAL A 23 1.95 -11.84 1.41
C VAL A 23 2.50 -11.42 0.04
N VAL A 24 1.77 -10.59 -0.70
CA VAL A 24 2.17 -10.21 -2.07
C VAL A 24 3.62 -9.74 -2.14
N GLY A 25 3.97 -8.78 -1.29
CA GLY A 25 5.31 -8.21 -1.27
C GLY A 25 6.35 -9.28 -0.96
N GLU A 26 6.16 -9.97 0.16
CA GLU A 26 7.03 -11.06 0.58
C GLU A 26 7.24 -12.09 -0.54
N ARG A 27 6.16 -12.40 -1.25
CA ARG A 27 6.19 -13.37 -2.35
C ARG A 27 6.89 -12.86 -3.61
N CYS A 28 6.90 -11.55 -3.81
CA CYS A 28 7.65 -10.95 -4.90
C CYS A 28 9.15 -11.00 -4.59
N GLN A 29 9.51 -10.80 -3.31
CA GLN A 29 10.87 -10.98 -2.85
C GLN A 29 11.35 -12.40 -3.18
N LEU A 30 10.54 -13.39 -2.82
CA LEU A 30 10.88 -14.79 -2.98
C LEU A 30 11.11 -15.20 -4.44
N LEU A 31 10.44 -14.49 -5.36
CA LEU A 31 10.62 -14.69 -6.80
C LEU A 31 11.77 -13.84 -7.39
N GLY A 32 12.50 -13.13 -6.54
CA GLY A 32 13.61 -12.27 -6.98
C GLY A 32 13.21 -10.93 -7.57
N GLY A 33 11.97 -10.52 -7.34
CA GLY A 33 11.42 -9.28 -7.88
C GLY A 33 11.93 -8.04 -7.17
N LYS A 34 12.45 -7.08 -7.94
CA LYS A 34 12.98 -5.84 -7.39
C LYS A 34 12.04 -4.66 -7.69
N LYS A 35 11.44 -4.68 -8.88
CA LYS A 35 10.52 -3.64 -9.32
C LYS A 35 9.31 -4.24 -10.03
N ALA A 36 8.12 -3.79 -9.63
CA ALA A 36 6.87 -4.38 -10.09
C ALA A 36 6.11 -3.51 -11.10
N LEU A 37 5.50 -4.17 -12.09
CA LEU A 37 4.50 -3.53 -12.93
C LEU A 37 3.14 -3.97 -12.43
N LEU A 38 2.43 -3.03 -11.80
CA LEU A 38 1.11 -3.26 -11.25
C LEU A 38 0.08 -3.00 -12.35
N VAL A 39 -0.57 -4.07 -12.79
CA VAL A 39 -1.48 -4.02 -13.93
C VAL A 39 -2.92 -4.11 -13.44
N THR A 40 -3.71 -3.07 -13.69
CA THR A 40 -5.06 -2.97 -13.12
C THR A 40 -6.08 -2.19 -13.98
N ASP A 41 -7.25 -1.96 -13.40
CA ASP A 41 -8.35 -1.19 -14.01
C ASP A 41 -8.28 0.28 -13.63
N LYS A 42 -8.98 1.13 -14.39
CA LYS A 42 -9.23 2.51 -13.96
C LYS A 42 -10.17 2.53 -12.76
N GLY A 43 -11.13 1.60 -12.75
CA GLY A 43 -12.12 1.46 -11.66
C GLY A 43 -11.55 1.04 -10.31
N LEU A 44 -10.56 0.15 -10.32
CA LEU A 44 -9.87 -0.27 -9.11
C LEU A 44 -8.82 0.75 -8.68
N ARG A 45 -8.12 1.34 -9.65
CA ARG A 45 -7.04 2.29 -9.40
C ARG A 45 -7.53 3.53 -8.67
N LYS A 48 -8.26 2.78 -5.37
CA LYS A 48 -9.15 3.94 -5.38
C LYS A 48 -9.79 4.15 -4.02
N ASP A 49 -9.59 3.17 -3.14
CA ASP A 49 -10.26 3.10 -1.84
C ASP A 49 -9.47 2.20 -0.87
N GLY A 50 -9.23 0.95 -1.29
CA GLY A 50 -8.47 -0.03 -0.51
C GLY A 50 -8.43 -1.42 -1.12
N ALA A 51 -7.77 -1.56 -2.27
CA ALA A 51 -7.59 -2.87 -2.93
C ALA A 51 -6.35 -2.91 -3.84
N VAL A 52 -6.18 -1.87 -4.65
CA VAL A 52 -4.89 -1.62 -5.30
C VAL A 52 -3.97 -0.97 -4.27
N ASP A 53 -4.57 -0.25 -3.32
CA ASP A 53 -3.85 0.39 -2.24
C ASP A 53 -3.24 -0.66 -1.30
N LYS A 54 -3.98 -1.73 -1.04
CA LYS A 54 -3.49 -2.82 -0.18
C LYS A 54 -2.25 -3.48 -0.78
N THR A 55 -2.33 -3.84 -2.05
CA THR A 55 -1.20 -4.46 -2.74
C THR A 55 -0.05 -3.46 -2.97
N LEU A 56 -0.39 -2.17 -3.13
CA LEU A 56 0.61 -1.09 -3.14
C LEU A 56 1.32 -0.99 -1.79
N HIS A 57 0.54 -0.98 -0.72
CA HIS A 57 1.08 -0.96 0.64
C HIS A 57 2.03 -2.13 0.90
N TYR A 58 1.60 -3.34 0.56
CA TYR A 58 2.39 -4.53 0.86
C TYR A 58 3.61 -4.72 -0.05
N LEU A 59 3.50 -4.26 -1.28
CA LEU A 59 4.64 -4.21 -2.20
C LEU A 59 5.73 -3.29 -1.67
N ARG A 60 5.32 -2.09 -1.26
CA ARG A 60 6.25 -1.06 -0.80
C ARG A 60 6.81 -1.35 0.60
N GLU A 61 6.04 -2.08 1.41
CA GLU A 61 6.47 -2.46 2.75
C GLU A 61 7.63 -3.45 2.69
N ALA A 62 7.55 -4.37 1.73
CA ALA A 62 8.59 -5.38 1.52
C ALA A 62 9.81 -4.81 0.78
N GLY A 63 9.65 -3.62 0.20
CA GLY A 63 10.74 -2.93 -0.47
C GLY A 63 10.78 -3.14 -1.97
N ILE A 64 9.61 -3.37 -2.57
CA ILE A 64 9.50 -3.51 -4.01
C ILE A 64 9.00 -2.19 -4.60
N GLU A 65 9.80 -1.61 -5.50
CA GLU A 65 9.39 -0.44 -6.26
C GLU A 65 8.30 -0.85 -7.24
N VAL A 66 7.33 0.04 -7.46
CA VAL A 66 6.19 -0.28 -8.32
C VAL A 66 5.78 0.86 -9.24
N ALA A 67 5.59 0.54 -10.51
CA ALA A 67 5.02 1.45 -11.49
C ALA A 67 3.72 0.85 -11.96
N ILE A 68 2.64 1.60 -11.86
CA ILE A 68 1.31 1.06 -12.10
C ILE A 68 0.85 1.29 -13.55
N PHE A 69 0.28 0.25 -14.16
CA PHE A 69 -0.37 0.39 -15.47
C PHE A 69 -1.87 0.12 -15.36
N ASP A 70 -2.66 1.13 -15.70
CA ASP A 70 -4.12 1.06 -15.55
C ASP A 70 -4.87 1.21 -16.88
N GLY A 71 -4.16 0.97 -17.99
CA GLY A 71 -4.76 1.08 -19.32
C GLY A 71 -5.52 -0.17 -19.77
N VAL A 72 -5.80 -1.05 -18.82
CA VAL A 72 -6.51 -2.30 -19.10
C VAL A 72 -8.00 -2.05 -19.25
N GLU A 73 -8.51 -2.34 -20.44
CA GLU A 73 -9.94 -2.19 -20.74
C GLU A 73 -10.72 -3.43 -20.33
N PRO A 74 -12.02 -3.26 -19.99
CA PRO A 74 -12.91 -4.42 -19.97
C PRO A 74 -12.92 -5.00 -21.38
N ASN A 75 -12.63 -6.28 -21.52
CA ASN A 75 -12.21 -6.87 -22.81
C ASN A 75 -10.83 -6.32 -23.21
N PRO A 76 -9.75 -6.96 -22.73
CA PRO A 76 -8.39 -6.45 -22.95
C PRO A 76 -8.03 -6.41 -24.43
N LYS A 77 -7.30 -5.37 -24.82
CA LYS A 77 -6.93 -5.15 -26.22
C LYS A 77 -5.43 -5.39 -26.45
N ASP A 78 -5.06 -5.60 -27.71
CA ASP A 78 -3.66 -5.79 -28.08
C ASP A 78 -2.81 -4.52 -27.95
N THR A 79 -3.47 -3.36 -27.95
CA THR A 79 -2.79 -2.08 -27.73
C THR A 79 -2.58 -1.82 -26.24
N ASN A 80 -3.41 -2.44 -25.41
CA ASN A 80 -3.26 -2.37 -23.94
C ASN A 80 -1.98 -3.06 -23.49
N VAL A 81 -1.67 -4.19 -24.11
CA VAL A 81 -0.44 -4.93 -23.84
C VAL A 81 0.76 -4.15 -24.40
N ARG A 82 0.57 -3.58 -25.59
CA ARG A 82 1.59 -2.76 -26.25
C ARG A 82 1.95 -1.54 -25.40
N ASP A 83 0.94 -0.94 -24.77
CA ASP A 83 1.14 0.20 -23.89
C ASP A 83 1.69 -0.24 -22.54
N GLY A 84 1.17 -1.35 -22.02
CA GLY A 84 1.63 -1.91 -20.76
C GLY A 84 3.11 -2.26 -20.77
N LEU A 85 3.53 -2.92 -21.84
CA LEU A 85 4.93 -3.31 -22.05
C LEU A 85 5.85 -2.09 -22.15
N ALA A 86 5.35 -1.01 -22.71
CA ALA A 86 6.11 0.24 -22.81
C ALA A 86 6.45 0.77 -21.41
N VAL A 87 5.50 0.65 -20.49
CA VAL A 87 5.69 1.04 -19.09
C VAL A 87 6.60 0.03 -18.38
N PHE A 88 6.49 -1.23 -18.77
CA PHE A 88 7.31 -2.32 -18.21
C PHE A 88 8.81 -2.11 -18.47
N ARG A 89 9.13 -1.66 -19.69
CA ARG A 89 10.52 -1.47 -20.10
C ARG A 89 11.09 -0.11 -19.65
N ARG A 90 10.34 0.96 -19.87
CA ARG A 90 10.75 2.33 -19.51
C ARG A 90 11.01 2.47 -18.02
N GLU A 91 10.26 1.73 -17.20
CA GLU A 91 10.40 1.75 -15.74
C GLU A 91 11.36 0.68 -15.21
N GLN A 92 11.87 -0.16 -16.12
CA GLN A 92 12.77 -1.27 -15.78
C GLN A 92 12.15 -2.23 -14.76
N CYS A 93 10.99 -2.77 -15.10
CA CYS A 93 10.26 -3.66 -14.20
C CYS A 93 10.82 -5.08 -14.27
N ASP A 94 10.56 -5.84 -13.21
CA ASP A 94 11.14 -7.16 -13.03
C ASP A 94 10.05 -8.21 -12.95
N ILE A 95 8.92 -7.82 -12.38
CA ILE A 95 7.84 -8.72 -12.00
C ILE A 95 6.50 -8.07 -12.35
N ILE A 96 5.48 -8.88 -12.61
CA ILE A 96 4.15 -8.37 -12.91
C ILE A 96 3.17 -8.80 -11.84
N VAL A 97 2.60 -7.81 -11.14
CA VAL A 97 1.53 -8.05 -10.20
C VAL A 97 0.22 -7.54 -10.82
N THR A 98 -0.69 -8.47 -11.09
CA THR A 98 -2.00 -8.12 -11.65
C THR A 98 -3.02 -8.10 -10.53
N VAL A 99 -3.89 -7.10 -10.54
CA VAL A 99 -4.98 -7.02 -9.57
C VAL A 99 -6.31 -6.62 -10.25
N GLY A 100 -7.35 -7.41 -10.00
CA GLY A 100 -8.66 -7.23 -10.62
C GLY A 100 -9.36 -8.52 -10.99
N GLY A 101 -10.18 -8.46 -12.04
CA GLY A 101 -10.88 -9.64 -12.54
C GLY A 101 -10.13 -10.29 -13.68
N GLY A 102 -10.87 -10.79 -14.67
CA GLY A 102 -10.26 -11.42 -15.86
C GLY A 102 -9.38 -10.51 -16.69
N SER A 103 -9.83 -9.27 -16.92
CA SER A 103 -9.14 -8.31 -17.79
C SER A 103 -7.67 -8.04 -17.43
N PRO A 104 -7.38 -7.59 -16.20
CA PRO A 104 -5.98 -7.32 -15.84
C PRO A 104 -5.10 -8.56 -15.82
N HIS A 105 -5.69 -9.72 -15.50
CA HIS A 105 -4.94 -10.97 -15.49
C HIS A 105 -4.51 -11.37 -16.91
N ASP A 106 -5.43 -11.27 -17.86
CA ASP A 106 -5.12 -11.57 -19.26
C ASP A 106 -4.11 -10.58 -19.85
N CYS A 107 -4.24 -9.31 -19.46
CA CYS A 107 -3.34 -8.27 -19.96
C CYS A 107 -1.95 -8.38 -19.36
N GLY A 108 -1.87 -8.73 -18.08
CA GLY A 108 -0.59 -8.96 -17.42
C GLY A 108 0.16 -10.15 -17.99
N LYS A 109 -0.56 -11.24 -18.23
CA LYS A 109 -0.02 -12.42 -18.89
C LYS A 109 0.51 -12.05 -20.27
N GLY A 110 -0.26 -11.21 -20.96
CA GLY A 110 0.10 -10.75 -22.31
C GLY A 110 1.38 -9.95 -22.34
N ILE A 111 1.48 -8.98 -21.43
CA ILE A 111 2.68 -8.17 -21.26
C ILE A 111 3.89 -9.07 -21.02
N GLY A 112 3.71 -10.09 -20.17
CA GLY A 112 4.75 -11.08 -19.88
C GLY A 112 5.25 -11.77 -21.13
N ILE A 113 4.32 -12.17 -22.00
CA ILE A 113 4.66 -12.83 -23.26
C ILE A 113 5.40 -11.86 -24.19
N ALA A 114 4.80 -10.69 -24.39
CA ALA A 114 5.38 -9.66 -25.27
C ALA A 114 6.77 -9.21 -24.85
N ALA A 115 7.10 -9.41 -23.57
CA ALA A 115 8.39 -9.03 -23.02
C ALA A 115 9.49 -10.04 -23.27
N THR A 116 9.13 -11.33 -23.30
CA THR A 116 10.13 -12.39 -23.38
C THR A 116 10.16 -13.10 -24.74
N HIS A 117 9.26 -12.71 -25.64
CA HIS A 117 9.16 -13.35 -26.95
C HIS A 117 9.21 -12.34 -28.09
N GLU A 118 10.03 -12.65 -29.10
CA GLU A 118 10.28 -11.77 -30.23
C GLU A 118 9.04 -11.01 -30.66
N GLY A 119 9.16 -9.68 -30.62
CA GLY A 119 8.05 -8.73 -30.75
C GLY A 119 6.83 -9.08 -31.58
N ASP A 120 5.71 -9.29 -30.87
CA ASP A 120 4.36 -9.30 -31.44
C ASP A 120 3.35 -9.89 -30.47
N LEU A 121 2.32 -10.55 -31.00
CA LEU A 121 1.12 -10.89 -30.25
C LEU A 121 0.34 -11.99 -30.95
N TYR A 122 -0.57 -11.59 -31.84
CA TYR A 122 -1.40 -12.45 -32.68
C TYR A 122 -0.60 -13.59 -33.32
N GLN A 123 0.70 -13.33 -33.51
CA GLN A 123 1.67 -14.29 -34.03
C GLN A 123 1.80 -15.54 -33.15
N TYR A 124 1.57 -15.37 -31.84
CA TYR A 124 1.72 -16.46 -30.88
C TYR A 124 0.42 -17.14 -30.45
N ALA A 125 -0.67 -16.88 -31.18
CA ALA A 125 -1.94 -17.56 -30.93
C ALA A 125 -1.84 -19.04 -31.28
N GLY A 126 -2.75 -19.85 -30.75
CA GLY A 126 -2.71 -21.30 -30.92
C GLY A 126 -2.40 -21.95 -29.59
N ILE A 127 -2.17 -23.26 -29.59
CA ILE A 127 -1.88 -23.95 -28.33
C ILE A 127 -0.45 -23.69 -27.80
N GLU A 128 0.41 -24.70 -27.77
CA GLU A 128 1.71 -24.51 -27.12
C GLU A 128 2.72 -23.77 -28.00
N THR A 129 2.64 -22.43 -27.99
CA THR A 129 3.42 -21.58 -28.90
C THR A 129 4.61 -20.87 -28.24
N LEU A 130 4.69 -20.97 -26.91
CA LEU A 130 5.68 -20.24 -26.13
C LEU A 130 6.94 -21.05 -25.87
N THR A 131 8.10 -20.42 -26.09
CA THR A 131 9.39 -21.07 -25.88
C THR A 131 10.04 -20.64 -24.55
N ASN A 132 9.94 -19.34 -24.23
CA ASN A 132 10.63 -18.75 -23.08
C ASN A 132 9.76 -18.54 -21.84
N PRO A 133 10.36 -18.68 -20.64
CA PRO A 133 9.67 -18.38 -19.37
C PRO A 133 9.34 -16.90 -19.21
N LEU A 134 8.14 -16.60 -18.73
CA LEU A 134 7.71 -15.21 -18.54
C LEU A 134 8.35 -14.59 -17.29
N PRO A 135 8.24 -13.26 -17.12
CA PRO A 135 8.63 -12.69 -15.84
C PRO A 135 7.67 -13.18 -14.77
N PRO A 136 8.15 -13.39 -13.53
CA PRO A 136 7.25 -13.91 -12.50
C PRO A 136 5.96 -13.10 -12.41
N ILE A 137 4.82 -13.78 -12.34
CA ILE A 137 3.52 -13.11 -12.24
C ILE A 137 2.80 -13.47 -10.93
N VAL A 138 2.52 -12.45 -10.12
CA VAL A 138 1.65 -12.61 -8.97
C VAL A 138 0.28 -12.06 -9.33
N ALA A 139 -0.73 -12.91 -9.27
CA ALA A 139 -2.08 -12.55 -9.66
C ALA A 139 -3.01 -12.48 -8.45
N VAL A 140 -3.43 -11.26 -8.11
CA VAL A 140 -4.38 -11.04 -7.03
C VAL A 140 -5.79 -10.84 -7.61
N ASN A 141 -6.62 -11.85 -7.45
CA ASN A 141 -7.99 -11.86 -7.96
C ASN A 141 -8.94 -11.12 -7.02
N THR A 142 -9.94 -10.44 -7.58
CA THR A 142 -10.90 -9.68 -6.79
C THR A 142 -12.37 -9.94 -7.10
N THR A 143 -12.66 -10.92 -7.97
CA THR A 143 -14.05 -11.32 -8.23
C THR A 143 -14.22 -12.82 -8.10
N ALA A 144 -15.30 -13.24 -7.47
CA ALA A 144 -15.57 -14.67 -7.30
C ALA A 144 -16.28 -15.23 -8.52
N GLY A 145 -15.56 -15.26 -9.64
CA GLY A 145 -16.03 -16.02 -10.78
C GLY A 145 -15.34 -15.91 -12.12
N THR A 146 -14.02 -15.75 -12.13
CA THR A 146 -13.33 -15.76 -13.42
C THR A 146 -12.20 -16.78 -13.46
N ALA A 147 -11.40 -16.79 -12.37
CA ALA A 147 -10.32 -17.76 -12.18
C ALA A 147 -9.12 -17.63 -13.14
N SER A 148 -9.00 -16.50 -13.82
CA SER A 148 -7.89 -16.25 -14.75
C SER A 148 -6.54 -16.26 -14.04
N GLU A 149 -6.56 -16.03 -12.73
CA GLU A 149 -5.35 -16.04 -11.90
C GLU A 149 -4.80 -17.44 -11.70
N VAL A 150 -5.53 -18.44 -12.17
CA VAL A 150 -5.17 -19.83 -11.92
C VAL A 150 -5.10 -20.59 -13.25
N THR A 151 -5.13 -19.83 -14.34
CA THR A 151 -5.43 -20.32 -15.68
C THR A 151 -4.24 -20.31 -16.67
N ARG A 152 -4.33 -21.12 -17.73
CA ARG A 152 -3.26 -21.22 -18.74
C ARG A 152 -3.53 -20.36 -19.96
N HIS A 153 -4.68 -19.69 -19.96
CA HIS A 153 -5.13 -18.90 -21.10
C HIS A 153 -4.80 -17.43 -20.96
N CYS A 154 -4.32 -16.85 -22.05
CA CYS A 154 -4.25 -15.41 -22.21
C CYS A 154 -5.14 -15.08 -23.41
N VAL A 155 -6.25 -14.40 -23.14
CA VAL A 155 -7.16 -14.01 -24.21
C VAL A 155 -7.27 -12.48 -24.33
N LEU A 156 -6.71 -11.95 -25.41
CA LEU A 156 -6.86 -10.52 -25.75
C LEU A 156 -7.71 -10.33 -27.01
N THR A 157 -7.84 -9.07 -27.43
CA THR A 157 -8.54 -8.70 -28.66
C THR A 157 -7.58 -8.02 -29.64
N ASN A 158 -7.54 -8.54 -30.87
CA ASN A 158 -6.75 -7.96 -31.94
C ASN A 158 -7.54 -6.83 -32.59
N THR A 159 -7.02 -5.60 -32.48
CA THR A 159 -7.73 -4.39 -32.93
C THR A 159 -7.79 -4.27 -34.45
N GLU A 160 -6.80 -4.86 -35.12
CA GLU A 160 -6.76 -4.92 -36.60
C GLU A 160 -7.99 -5.63 -37.16
N THR A 161 -8.29 -6.82 -36.64
CA THR A 161 -9.39 -7.66 -37.13
C THR A 161 -10.70 -7.52 -36.34
N LYS A 162 -10.59 -6.95 -35.13
CA LYS A 162 -11.71 -6.86 -34.18
C LYS A 162 -12.14 -8.24 -33.64
N VAL A 163 -11.31 -9.25 -33.87
CA VAL A 163 -11.58 -10.61 -33.38
C VAL A 163 -10.69 -10.94 -32.19
N LYS A 164 -11.19 -11.76 -31.28
CA LYS A 164 -10.43 -12.20 -30.11
C LYS A 164 -9.47 -13.34 -30.46
N PHE A 165 -8.32 -13.39 -29.79
CA PHE A 165 -7.38 -14.50 -29.93
C PHE A 165 -6.90 -15.03 -28.58
N VAL A 166 -6.48 -16.29 -28.57
CA VAL A 166 -6.09 -16.97 -27.34
C VAL A 166 -4.67 -17.55 -27.44
N ILE A 167 -3.90 -17.41 -26.37
CA ILE A 167 -2.59 -18.03 -26.26
C ILE A 167 -2.60 -18.96 -25.05
N VAL A 168 -2.43 -20.26 -25.32
CA VAL A 168 -2.63 -21.32 -24.34
C VAL A 168 -1.31 -21.98 -24.02
N SER A 169 -0.80 -21.80 -22.80
CA SER A 169 0.53 -22.32 -22.46
C SER A 169 0.74 -22.53 -20.97
N TRP A 170 1.55 -23.53 -20.61
CA TRP A 170 1.95 -23.75 -19.22
C TRP A 170 2.78 -22.57 -18.69
N ARG A 171 3.35 -21.80 -19.62
CA ARG A 171 4.10 -20.62 -19.29
C ARG A 171 3.21 -19.43 -18.89
N ASN A 172 1.92 -19.51 -19.22
CA ASN A 172 0.97 -18.45 -18.88
C ASN A 172 0.45 -18.52 -17.46
N LEU A 173 0.68 -19.65 -16.80
CA LEU A 173 0.30 -19.84 -15.41
C LEU A 173 1.01 -18.83 -14.53
N PRO A 174 0.25 -18.05 -13.75
CA PRO A 174 0.87 -17.14 -12.79
C PRO A 174 1.75 -17.91 -11.81
N SER A 175 2.78 -17.24 -11.30
CA SER A 175 3.70 -17.83 -10.34
C SER A 175 2.97 -18.07 -9.02
N VAL A 176 2.16 -17.08 -8.62
CA VAL A 176 1.43 -17.11 -7.37
C VAL A 176 0.05 -16.53 -7.59
N SER A 177 -0.98 -17.23 -7.11
CA SER A 177 -2.33 -16.71 -7.11
C SER A 177 -2.73 -16.27 -5.70
N ILE A 178 -3.44 -15.16 -5.61
CA ILE A 178 -3.96 -14.67 -4.33
C ILE A 178 -5.48 -14.44 -4.41
N ASN A 179 -6.20 -15.02 -3.46
CA ASN A 179 -7.65 -14.91 -3.38
C ASN A 179 -8.13 -14.46 -2.01
N ASP A 180 -8.35 -13.15 -1.89
CA ASP A 180 -8.76 -12.55 -0.64
C ASP A 180 -10.21 -12.10 -0.77
N PRO A 181 -11.12 -12.75 -0.02
CA PRO A 181 -12.55 -12.36 -0.01
C PRO A 181 -12.79 -10.96 0.53
N LEU A 182 -11.90 -10.47 1.39
CA LEU A 182 -11.98 -9.09 1.91
C LEU A 182 -11.86 -8.06 0.79
N LEU A 183 -11.10 -8.43 -0.25
CA LEU A 183 -10.92 -7.59 -1.43
C LEU A 183 -12.15 -7.64 -2.36
N MET A 184 -13.07 -8.55 -2.06
CA MET A 184 -14.22 -8.78 -2.92
C MET A 184 -15.52 -8.22 -2.33
N ILE A 185 -15.49 -7.88 -1.04
CA ILE A 185 -16.68 -7.43 -0.30
C ILE A 185 -17.48 -6.33 -1.03
N GLY A 186 -16.78 -5.38 -1.64
CA GLY A 186 -17.41 -4.23 -2.28
C GLY A 186 -18.26 -4.49 -3.52
N LYS A 187 -18.15 -5.70 -4.09
CA LYS A 187 -18.92 -6.06 -5.28
C LYS A 187 -20.44 -5.92 -5.07
N PRO A 188 -21.10 -5.04 -5.85
CA PRO A 188 -22.56 -4.92 -5.78
C PRO A 188 -23.29 -6.22 -6.15
N ALA A 189 -24.53 -6.34 -5.68
CA ALA A 189 -25.33 -7.57 -5.82
C ALA A 189 -25.35 -8.18 -7.23
N ALA A 190 -25.58 -7.34 -8.24
CA ALA A 190 -25.68 -7.80 -9.63
C ALA A 190 -24.37 -8.43 -10.11
N LEU A 191 -23.26 -7.84 -9.69
CA LEU A 191 -21.94 -8.34 -10.04
C LEU A 191 -21.70 -9.72 -9.43
N THR A 192 -21.87 -9.82 -8.11
CA THR A 192 -21.56 -11.06 -7.41
C THR A 192 -22.45 -12.18 -7.95
N ALA A 193 -23.66 -11.82 -8.39
CA ALA A 193 -24.58 -12.77 -9.03
C ALA A 193 -24.01 -13.23 -10.38
N ALA A 194 -23.61 -12.27 -11.21
CA ALA A 194 -23.08 -12.57 -12.54
C ALA A 194 -21.77 -13.36 -12.47
N THR A 195 -20.88 -12.97 -11.56
CA THR A 195 -19.58 -13.63 -11.45
C THR A 195 -19.73 -15.02 -10.84
N GLY A 196 -20.69 -15.15 -9.92
CA GLY A 196 -20.99 -16.43 -9.29
C GLY A 196 -21.52 -17.46 -10.27
N MET A 197 -22.43 -17.02 -11.14
CA MET A 197 -22.97 -17.87 -12.20
C MET A 197 -21.91 -18.27 -13.22
N ASP A 198 -21.01 -17.35 -13.56
CA ASP A 198 -19.86 -17.67 -14.40
C ASP A 198 -19.08 -18.84 -13.78
N ALA A 199 -18.85 -18.76 -12.47
CA ALA A 199 -18.10 -19.78 -11.75
C ALA A 199 -18.86 -21.11 -11.76
N LEU A 200 -20.19 -21.03 -11.62
CA LEU A 200 -21.04 -22.21 -11.64
C LEU A 200 -20.91 -22.88 -12.99
N THR A 201 -20.91 -22.06 -14.03
CA THR A 201 -20.84 -22.54 -15.39
C THR A 201 -19.50 -23.20 -15.66
N HIS A 202 -18.43 -22.68 -15.07
CA HIS A 202 -17.13 -23.32 -15.19
C HIS A 202 -17.21 -24.70 -14.56
N ALA A 203 -17.77 -24.77 -13.36
CA ALA A 203 -17.94 -26.04 -12.66
C ALA A 203 -18.80 -27.06 -13.43
N VAL A 204 -20.03 -26.70 -13.83
CA VAL A 204 -20.86 -27.72 -14.50
C VAL A 204 -20.24 -28.15 -15.82
N GLU A 205 -19.72 -27.20 -16.60
CA GLU A 205 -19.15 -27.53 -17.91
C GLU A 205 -17.91 -28.42 -17.80
N ALA A 206 -17.08 -28.16 -16.79
CA ALA A 206 -15.90 -28.96 -16.52
C ALA A 206 -16.26 -30.35 -16.01
N TYR A 207 -17.40 -30.45 -15.33
CA TYR A 207 -17.82 -31.73 -14.76
C TYR A 207 -18.31 -32.69 -15.86
N ILE A 208 -18.97 -32.13 -16.87
CA ILE A 208 -19.58 -32.94 -17.93
C ILE A 208 -18.77 -32.97 -19.23
N SER A 209 -17.61 -32.33 -19.21
CA SER A 209 -16.74 -32.24 -20.38
C SER A 209 -16.22 -33.59 -20.83
N LYS A 210 -16.01 -33.75 -22.13
CA LYS A 210 -15.39 -34.97 -22.68
C LYS A 210 -14.02 -35.17 -22.03
N ASP A 211 -13.46 -34.09 -21.50
CA ASP A 211 -12.11 -34.11 -20.92
C ASP A 211 -12.12 -34.16 -19.39
N ALA A 212 -13.30 -34.29 -18.80
CA ALA A 212 -13.43 -34.52 -17.35
C ALA A 212 -12.73 -35.80 -16.87
N ASN A 213 -12.19 -35.76 -15.66
CA ASN A 213 -11.64 -36.95 -14.99
C ASN A 213 -11.83 -36.86 -13.47
N PRO A 214 -11.64 -37.99 -12.75
CA PRO A 214 -11.74 -37.99 -11.28
C PRO A 214 -11.04 -36.87 -10.52
N VAL A 215 -9.82 -36.51 -10.91
CA VAL A 215 -9.07 -35.40 -10.29
C VAL A 215 -9.72 -34.04 -10.59
N THR A 216 -10.11 -33.84 -11.84
CA THR A 216 -10.85 -32.67 -12.28
C THR A 216 -12.21 -32.59 -11.61
N ASP A 217 -12.89 -33.73 -11.50
CA ASP A 217 -14.20 -33.79 -10.90
C ASP A 217 -14.13 -33.34 -9.44
N ALA A 218 -13.01 -33.66 -8.78
CA ALA A 218 -12.81 -33.29 -7.39
C ALA A 218 -13.13 -31.82 -7.12
N ALA A 219 -12.47 -30.92 -7.84
CA ALA A 219 -12.71 -29.48 -7.69
C ALA A 219 -14.10 -29.03 -8.20
N ALA A 220 -14.56 -29.61 -9.31
CA ALA A 220 -15.83 -29.19 -9.92
C ALA A 220 -17.03 -29.48 -9.03
N MET A 221 -17.03 -30.67 -8.42
CA MET A 221 -18.10 -31.09 -7.52
C MET A 221 -18.18 -30.20 -6.28
N GLN A 222 -17.04 -29.96 -5.64
CA GLN A 222 -16.99 -29.06 -4.49
C GLN A 222 -17.38 -27.61 -4.85
N ALA A 223 -17.09 -27.18 -6.07
CA ALA A 223 -17.46 -25.83 -6.50
C ALA A 223 -18.99 -25.70 -6.63
N ILE A 224 -19.62 -26.73 -7.21
CA ILE A 224 -21.06 -26.77 -7.38
C ILE A 224 -21.74 -26.77 -6.01
N ARG A 225 -21.22 -27.57 -5.08
CA ARG A 225 -21.76 -27.63 -3.73
C ARG A 225 -21.66 -26.29 -3.02
N LEU A 226 -20.47 -25.68 -3.06
CA LEU A 226 -20.24 -24.42 -2.38
C LEU A 226 -21.10 -23.29 -2.94
N ILE A 227 -21.22 -23.23 -4.27
CA ILE A 227 -21.97 -22.18 -4.93
C ILE A 227 -23.46 -22.28 -4.56
N ALA A 228 -23.97 -23.49 -4.54
CA ALA A 228 -25.35 -23.78 -4.16
C ALA A 228 -25.68 -23.45 -2.71
N ARG A 229 -24.68 -23.44 -1.85
CA ARG A 229 -24.90 -23.17 -0.43
C ARG A 229 -24.60 -21.71 -0.06
N ASN A 230 -24.01 -20.96 -0.98
CA ASN A 230 -23.46 -19.66 -0.63
C ASN A 230 -23.76 -18.49 -1.54
N LEU A 231 -24.04 -18.74 -2.82
CA LEU A 231 -24.27 -17.64 -3.78
C LEU A 231 -25.47 -16.77 -3.41
N ARG A 232 -26.59 -17.40 -3.05
CA ARG A 232 -27.79 -16.66 -2.62
C ARG A 232 -27.49 -15.70 -1.48
N GLN A 233 -26.71 -16.17 -0.53
CA GLN A 233 -26.37 -15.44 0.68
C GLN A 233 -25.47 -14.27 0.33
N ALA A 234 -24.50 -14.54 -0.56
CA ALA A 234 -23.52 -13.55 -1.00
C ALA A 234 -24.12 -12.40 -1.81
N VAL A 235 -25.18 -12.67 -2.58
CA VAL A 235 -25.85 -11.59 -3.34
C VAL A 235 -26.83 -10.81 -2.48
N ALA A 236 -27.32 -11.43 -1.41
CA ALA A 236 -28.22 -10.75 -0.50
C ALA A 236 -27.45 -9.79 0.41
N LEU A 237 -26.27 -10.24 0.84
CA LEU A 237 -25.40 -9.43 1.70
C LEU A 237 -23.96 -9.54 1.26
N GLY A 238 -23.47 -8.47 0.62
CA GLY A 238 -22.09 -8.40 0.15
C GLY A 238 -21.09 -8.44 1.29
N SER A 239 -21.52 -8.00 2.47
CA SER A 239 -20.67 -7.96 3.67
C SER A 239 -20.67 -9.27 4.46
N ASN A 240 -21.44 -10.27 4.02
CA ASN A 240 -21.40 -11.60 4.60
C ASN A 240 -20.10 -12.32 4.21
N LEU A 241 -19.14 -12.25 5.14
CA LEU A 241 -17.76 -12.71 4.94
C LEU A 241 -17.65 -14.21 4.66
N GLN A 242 -18.42 -15.00 5.39
CA GLN A 242 -18.45 -16.45 5.23
C GLN A 242 -18.88 -16.82 3.80
N ALA A 243 -19.95 -16.20 3.34
CA ALA A 243 -20.46 -16.42 1.98
C ALA A 243 -19.45 -15.92 0.94
N ARG A 244 -18.78 -14.81 1.25
CA ARG A 244 -17.73 -14.28 0.39
C ARG A 244 -16.54 -15.24 0.28
N GLU A 245 -16.13 -15.81 1.43
CA GLU A 245 -15.09 -16.83 1.49
C GLU A 245 -15.39 -18.04 0.62
N TYR A 246 -16.57 -18.65 0.81
CA TYR A 246 -16.91 -19.87 0.08
C TYR A 246 -17.12 -19.61 -1.42
N MET A 247 -17.66 -18.45 -1.75
CA MET A 247 -17.74 -18.03 -3.15
C MET A 247 -16.36 -17.91 -3.80
N ALA A 248 -15.36 -17.44 -3.05
CA ALA A 248 -14.01 -17.29 -3.58
C ALA A 248 -13.33 -18.64 -3.79
N TYR A 249 -13.53 -19.57 -2.85
CA TYR A 249 -12.99 -20.91 -2.96
C TYR A 249 -13.72 -21.69 -4.04
N ALA A 250 -15.03 -21.47 -4.13
CA ALA A 250 -15.82 -22.04 -5.21
C ALA A 250 -15.24 -21.65 -6.57
N SER A 251 -15.12 -20.35 -6.81
CA SER A 251 -14.58 -19.81 -8.06
C SER A 251 -13.18 -20.33 -8.34
N LEU A 252 -12.35 -20.41 -7.31
CA LEU A 252 -11.00 -20.95 -7.43
C LEU A 252 -11.02 -22.41 -7.89
N LEU A 253 -11.83 -23.24 -7.21
CA LEU A 253 -11.96 -24.66 -7.54
C LEU A 253 -12.55 -24.85 -8.94
N ALA A 254 -13.50 -23.99 -9.31
CA ALA A 254 -14.09 -24.01 -10.64
C ALA A 254 -13.02 -23.76 -11.69
N GLY A 255 -12.08 -22.87 -11.37
CA GLY A 255 -10.93 -22.58 -12.22
C GLY A 255 -9.97 -23.74 -12.32
N MET A 256 -9.68 -24.39 -11.19
CA MET A 256 -8.83 -25.59 -11.19
C MET A 256 -9.45 -26.72 -11.98
N ALA A 257 -10.78 -26.78 -11.98
CA ALA A 257 -11.48 -27.77 -12.77
C ALA A 257 -11.41 -27.48 -14.27
N PHE A 258 -11.91 -26.32 -14.70
CA PHE A 258 -12.05 -26.04 -16.13
C PHE A 258 -10.73 -25.78 -16.86
N ASN A 259 -9.73 -25.26 -16.14
CA ASN A 259 -8.41 -25.09 -16.72
C ASN A 259 -7.89 -26.39 -17.33
N ASN A 260 -8.34 -27.50 -16.77
CA ASN A 260 -7.82 -28.83 -17.08
C ASN A 260 -8.83 -29.79 -17.68
N ALA A 261 -10.13 -29.49 -17.49
CA ALA A 261 -11.20 -30.30 -18.06
C ALA A 261 -11.86 -29.60 -19.24
N ASN A 262 -11.58 -28.29 -19.36
CA ASN A 262 -12.18 -27.42 -20.39
C ASN A 262 -13.67 -27.18 -20.16
N LEU A 263 -14.31 -26.43 -21.07
CA LEU A 263 -15.71 -26.05 -20.91
C LEU A 263 -16.56 -26.63 -22.03
N GLY A 264 -17.68 -25.98 -22.34
CA GLY A 264 -18.58 -26.46 -23.39
C GLY A 264 -19.35 -25.35 -24.08
N TYR A 265 -20.55 -25.69 -24.55
CA TYR A 265 -21.37 -24.82 -25.38
C TYR A 265 -21.84 -23.54 -24.71
N VAL A 266 -22.01 -23.53 -23.39
CA VAL A 266 -22.41 -22.31 -22.70
C VAL A 266 -21.43 -21.19 -23.01
N HIS A 267 -20.14 -21.43 -22.78
CA HIS A 267 -19.10 -20.46 -23.10
C HIS A 267 -18.95 -20.20 -24.60
N ALA A 268 -19.01 -21.28 -25.38
CA ALA A 268 -19.00 -21.16 -26.83
C ALA A 268 -20.12 -20.23 -27.32
N MET A 269 -21.29 -20.33 -26.71
CA MET A 269 -22.42 -19.48 -27.07
C MET A 269 -22.31 -18.09 -26.43
N ALA A 270 -21.94 -18.06 -25.15
CA ALA A 270 -21.84 -16.81 -24.39
C ALA A 270 -20.81 -15.83 -24.96
N HIS A 271 -19.72 -16.36 -25.54
CA HIS A 271 -18.74 -15.53 -26.23
C HIS A 271 -19.32 -14.78 -27.43
N GLN A 272 -20.33 -15.35 -28.07
CA GLN A 272 -20.98 -14.72 -29.22
C GLN A 272 -21.93 -13.60 -28.79
N LEU A 273 -22.58 -13.78 -27.64
CA LEU A 273 -23.40 -12.73 -27.04
C LEU A 273 -22.52 -11.57 -26.59
N GLY A 274 -21.33 -11.89 -26.07
CA GLY A 274 -20.32 -10.89 -25.75
C GLY A 274 -19.77 -10.21 -26.99
N GLY A 275 -19.50 -11.00 -28.03
CA GLY A 275 -18.97 -10.51 -29.29
C GLY A 275 -19.82 -9.46 -29.99
N LEU A 276 -21.14 -9.56 -29.83
CA LEU A 276 -22.09 -8.71 -30.55
C LEU A 276 -22.83 -7.67 -29.71
N TYR A 277 -23.03 -7.96 -28.42
CA TYR A 277 -23.82 -7.07 -27.56
C TYR A 277 -23.07 -6.45 -26.39
N ASP A 278 -21.76 -6.72 -26.33
CA ASP A 278 -20.90 -6.29 -25.21
C ASP A 278 -21.51 -6.70 -23.86
N MET A 279 -22.31 -7.76 -23.89
CA MET A 279 -23.01 -8.29 -22.72
C MET A 279 -22.00 -8.81 -21.68
N PRO A 280 -22.22 -8.48 -20.40
CA PRO A 280 -21.41 -9.01 -19.30
C PRO A 280 -21.26 -10.52 -19.42
N HIS A 281 -20.02 -11.00 -19.42
CA HIS A 281 -19.70 -12.42 -19.59
C HIS A 281 -20.45 -13.31 -18.60
N GLY A 282 -20.57 -12.84 -17.36
CA GLY A 282 -21.28 -13.56 -16.32
C GLY A 282 -22.74 -13.84 -16.64
N VAL A 283 -23.48 -12.80 -17.02
CA VAL A 283 -24.92 -12.98 -17.32
C VAL A 283 -25.15 -13.81 -18.58
N ALA A 284 -24.26 -13.67 -19.57
CA ALA A 284 -24.33 -14.46 -20.80
C ALA A 284 -24.33 -15.95 -20.48
N ASN A 285 -23.38 -16.38 -19.65
CA ASN A 285 -23.35 -17.74 -19.12
C ASN A 285 -24.62 -18.04 -18.32
N ALA A 286 -24.96 -17.13 -17.41
CA ALA A 286 -26.10 -17.30 -16.49
C ALA A 286 -27.40 -17.61 -17.20
N VAL A 287 -27.73 -16.82 -18.23
CA VAL A 287 -29.03 -16.94 -18.88
C VAL A 287 -29.11 -18.16 -19.82
N LEU A 288 -27.96 -18.61 -20.31
CA LEU A 288 -27.88 -19.75 -21.20
C LEU A 288 -27.79 -21.10 -20.48
N LEU A 289 -27.16 -21.10 -19.31
CA LEU A 289 -26.82 -22.33 -18.57
C LEU A 289 -27.92 -23.42 -18.54
N PRO A 290 -29.11 -23.10 -17.99
CA PRO A 290 -30.13 -24.16 -17.85
C PRO A 290 -30.52 -24.78 -19.18
N HIS A 291 -30.52 -23.96 -20.24
CA HIS A 291 -30.95 -24.41 -21.56
C HIS A 291 -29.90 -25.28 -22.25
N VAL A 292 -28.63 -24.92 -22.13
CA VAL A 292 -27.54 -25.75 -22.63
C VAL A 292 -27.42 -27.01 -21.77
N ALA A 293 -27.60 -26.85 -20.46
CA ALA A 293 -27.61 -27.97 -19.53
C ALA A 293 -28.70 -29.00 -19.88
N ARG A 294 -29.88 -28.52 -20.26
CA ARG A 294 -30.95 -29.42 -20.70
C ARG A 294 -30.54 -30.16 -21.98
N TYR A 295 -29.99 -29.40 -22.93
CA TYR A 295 -29.48 -29.95 -24.18
C TYR A 295 -28.40 -31.02 -23.98
N ASN A 296 -27.47 -30.77 -23.05
CA ASN A 296 -26.37 -31.69 -22.76
C ASN A 296 -26.78 -32.90 -21.91
N LEU A 297 -27.95 -32.82 -21.28
CA LEU A 297 -28.42 -33.85 -20.34
C LEU A 297 -28.29 -35.28 -20.86
N ILE A 298 -28.72 -35.51 -22.11
CA ILE A 298 -28.71 -36.86 -22.69
C ILE A 298 -27.31 -37.42 -22.88
N ALA A 299 -26.30 -36.56 -22.81
CA ALA A 299 -24.91 -36.98 -22.94
C ALA A 299 -24.42 -37.68 -21.68
N ASN A 300 -24.98 -37.28 -20.54
CA ASN A 300 -24.59 -37.88 -19.28
C ASN A 300 -25.64 -37.62 -18.19
N PRO A 301 -26.76 -38.35 -18.22
CA PRO A 301 -27.80 -38.15 -17.19
C PRO A 301 -27.30 -38.39 -15.76
N GLU A 302 -26.41 -39.38 -15.58
CA GLU A 302 -25.81 -39.71 -14.28
C GLU A 302 -25.16 -38.48 -13.59
N LYS A 303 -24.38 -37.73 -14.36
CA LYS A 303 -23.66 -36.60 -13.79
C LYS A 303 -24.61 -35.44 -13.50
N PHE A 304 -25.67 -35.32 -14.29
CA PHE A 304 -26.69 -34.32 -14.00
C PHE A 304 -27.46 -34.71 -12.74
N ALA A 305 -27.67 -36.00 -12.56
CA ALA A 305 -28.22 -36.50 -11.30
C ALA A 305 -27.30 -36.14 -10.13
N ASP A 306 -25.97 -36.22 -10.34
CA ASP A 306 -25.00 -35.79 -9.33
C ASP A 306 -25.13 -34.31 -9.01
N ILE A 307 -25.24 -33.49 -10.05
CA ILE A 307 -25.33 -32.04 -9.88
C ILE A 307 -26.54 -31.68 -9.02
N ALA A 308 -27.69 -32.31 -9.29
CA ALA A 308 -28.87 -32.11 -8.48
C ALA A 308 -28.57 -32.40 -7.01
N GLU A 309 -27.92 -33.54 -6.75
CA GLU A 309 -27.57 -33.97 -5.40
C GLU A 309 -26.57 -33.00 -4.77
N LEU A 310 -25.64 -32.52 -5.59
CA LEU A 310 -24.66 -31.51 -5.18
C LEU A 310 -25.30 -30.17 -4.80
N MET A 311 -26.44 -29.87 -5.43
CA MET A 311 -27.10 -28.58 -5.20
C MET A 311 -28.16 -28.58 -4.09
N GLY A 312 -28.25 -29.67 -3.34
CA GLY A 312 -29.15 -29.77 -2.20
C GLY A 312 -30.50 -30.38 -2.46
N GLU A 313 -30.72 -30.89 -3.67
CA GLU A 313 -31.97 -31.56 -4.04
C GLU A 313 -32.10 -32.95 -3.40
N ASN A 314 -33.35 -33.38 -3.20
CA ASN A 314 -33.64 -34.72 -2.75
C ASN A 314 -33.92 -35.59 -3.96
N ILE A 315 -33.12 -36.64 -4.10
CA ILE A 315 -32.99 -37.45 -5.30
C ILE A 315 -33.45 -38.89 -5.00
N THR A 316 -33.89 -39.10 -3.77
CA THR A 316 -34.12 -40.42 -3.20
C THR A 316 -34.84 -41.43 -4.11
N GLY A 317 -36.14 -41.25 -4.33
CA GLY A 317 -36.90 -42.30 -5.01
C GLY A 317 -36.92 -42.21 -6.52
N LEU A 318 -35.98 -41.46 -7.08
CA LEU A 318 -36.10 -41.00 -8.45
C LEU A 318 -35.30 -41.83 -9.44
N SER A 319 -35.78 -41.89 -10.68
CA SER A 319 -35.00 -42.49 -11.76
C SER A 319 -33.88 -41.53 -12.08
N THR A 320 -32.86 -42.02 -12.79
CA THR A 320 -31.73 -41.18 -13.18
C THR A 320 -32.20 -39.96 -13.97
N LEU A 321 -33.11 -40.18 -14.91
CA LEU A 321 -33.63 -39.11 -15.77
C LEU A 321 -34.39 -38.08 -14.94
N ASP A 322 -35.27 -38.56 -14.07
CA ASP A 322 -36.00 -37.67 -13.18
C ASP A 322 -35.06 -36.86 -12.27
N ALA A 323 -33.97 -37.48 -11.84
CA ALA A 323 -33.00 -36.82 -10.98
C ALA A 323 -32.17 -35.79 -11.76
N ALA A 324 -31.86 -36.10 -13.01
CA ALA A 324 -31.16 -35.18 -13.90
C ALA A 324 -32.01 -33.93 -14.09
N GLU A 325 -33.31 -34.12 -14.30
CA GLU A 325 -34.27 -33.02 -14.46
C GLU A 325 -34.19 -32.03 -13.31
N LYS A 326 -34.11 -32.55 -12.09
CA LYS A 326 -34.07 -31.71 -10.89
C LYS A 326 -32.87 -30.76 -10.86
N ALA A 327 -31.77 -31.14 -11.49
CA ALA A 327 -30.59 -30.27 -11.60
C ALA A 327 -30.89 -29.02 -12.43
N ILE A 328 -31.55 -29.18 -13.57
CA ILE A 328 -31.95 -28.05 -14.41
C ILE A 328 -32.83 -27.12 -13.60
N ALA A 329 -33.86 -27.69 -12.97
CA ALA A 329 -34.71 -26.95 -12.04
C ALA A 329 -33.89 -26.19 -10.98
N ALA A 330 -32.91 -26.87 -10.39
CA ALA A 330 -32.11 -26.27 -9.31
C ALA A 330 -31.28 -25.08 -9.79
N ILE A 331 -30.68 -25.22 -10.96
CA ILE A 331 -29.95 -24.14 -11.63
C ILE A 331 -30.88 -22.96 -11.91
N THR A 332 -31.97 -23.21 -12.63
CA THR A 332 -32.91 -22.15 -12.97
C THR A 332 -33.55 -21.51 -11.73
N ARG A 333 -33.70 -22.27 -10.64
CA ARG A 333 -34.23 -21.72 -9.39
C ARG A 333 -33.24 -20.77 -8.75
N LEU A 334 -31.96 -21.12 -8.79
CA LEU A 334 -30.90 -20.26 -8.27
C LEU A 334 -30.82 -18.99 -9.12
N SER A 335 -30.70 -19.16 -10.43
CA SER A 335 -30.74 -18.06 -11.40
C SER A 335 -31.80 -17.03 -11.03
N MET A 336 -33.01 -17.48 -10.75
CA MET A 336 -34.14 -16.59 -10.46
C MET A 336 -34.06 -15.89 -9.10
N ASP A 337 -33.61 -16.64 -8.09
CA ASP A 337 -33.47 -16.13 -6.73
C ASP A 337 -32.51 -14.94 -6.63
N ILE A 338 -31.46 -14.97 -7.44
CA ILE A 338 -30.40 -13.93 -7.40
C ILE A 338 -30.62 -12.80 -8.41
N GLY A 339 -31.78 -12.79 -9.06
CA GLY A 339 -32.19 -11.71 -9.95
C GLY A 339 -31.62 -11.72 -11.37
N ILE A 340 -31.01 -12.84 -11.78
CA ILE A 340 -30.53 -13.00 -13.16
C ILE A 340 -31.72 -12.88 -14.12
N PRO A 341 -31.60 -12.00 -15.14
CA PRO A 341 -32.67 -11.86 -16.12
C PRO A 341 -32.85 -13.14 -16.92
N GLN A 342 -34.10 -13.52 -17.12
CA GLN A 342 -34.43 -14.85 -17.62
C GLN A 342 -34.53 -14.95 -19.14
N HIS A 343 -34.66 -13.82 -19.82
CA HIS A 343 -34.91 -13.82 -21.25
C HIS A 343 -33.96 -12.90 -22.04
N LEU A 344 -33.25 -13.51 -22.99
CA LEU A 344 -32.33 -12.78 -23.88
C LEU A 344 -32.97 -11.58 -24.57
N ARG A 345 -34.27 -11.68 -24.84
CA ARG A 345 -35.08 -10.60 -25.41
C ARG A 345 -34.94 -9.29 -24.63
N ASP A 346 -34.87 -9.41 -23.31
CA ASP A 346 -34.71 -8.26 -22.42
C ASP A 346 -33.31 -7.67 -22.44
N LEU A 347 -32.32 -8.48 -22.83
CA LEU A 347 -30.93 -8.01 -22.91
C LEU A 347 -30.58 -7.40 -24.27
N GLY A 348 -31.58 -7.22 -25.11
CA GLY A 348 -31.40 -6.56 -26.41
C GLY A 348 -30.99 -7.49 -27.55
N VAL A 349 -30.94 -8.79 -27.26
CA VAL A 349 -30.60 -9.81 -28.25
C VAL A 349 -31.73 -9.91 -29.28
N LYS A 350 -31.38 -10.09 -30.55
CA LYS A 350 -32.38 -10.27 -31.59
C LYS A 350 -32.27 -11.64 -32.27
N GLU A 351 -33.41 -12.17 -32.69
CA GLU A 351 -33.51 -13.52 -33.28
C GLU A 351 -32.75 -13.65 -34.61
N THR A 352 -32.64 -12.55 -35.33
CA THR A 352 -31.94 -12.49 -36.62
C THR A 352 -30.44 -12.80 -36.51
N ASP A 353 -29.88 -12.62 -35.31
CA ASP A 353 -28.47 -12.88 -35.05
C ASP A 353 -28.18 -14.33 -34.64
N PHE A 354 -29.24 -15.11 -34.43
CA PHE A 354 -29.09 -16.52 -34.01
C PHE A 354 -28.29 -17.37 -35.01
N PRO A 355 -28.66 -17.34 -36.32
CA PRO A 355 -27.93 -18.14 -37.30
C PRO A 355 -26.43 -17.86 -37.29
N TYR A 356 -26.06 -16.58 -37.21
CA TYR A 356 -24.67 -16.17 -37.18
C TYR A 356 -23.97 -16.60 -35.89
N MET A 357 -24.63 -16.39 -34.76
CA MET A 357 -24.09 -16.76 -33.46
C MET A 357 -23.84 -18.26 -33.33
N ALA A 358 -24.70 -19.06 -33.97
CA ALA A 358 -24.58 -20.51 -33.98
C ALA A 358 -23.37 -20.94 -34.80
N GLU A 359 -23.22 -20.34 -35.99
CA GLU A 359 -22.08 -20.56 -36.86
C GLU A 359 -20.76 -20.34 -36.11
N MET A 360 -20.70 -19.28 -35.31
CA MET A 360 -19.47 -18.87 -34.63
C MET A 360 -19.26 -19.60 -33.31
N ALA A 361 -20.34 -19.93 -32.63
CA ALA A 361 -20.31 -20.75 -31.42
C ALA A 361 -19.67 -22.11 -31.69
N LEU A 362 -19.95 -22.68 -32.86
CA LEU A 362 -19.44 -23.98 -33.24
C LEU A 362 -17.94 -23.95 -33.48
N LYS A 363 -17.44 -22.83 -34.02
CA LYS A 363 -16.03 -22.67 -34.34
C LYS A 363 -15.18 -22.25 -33.13
N ASP A 364 -15.84 -21.94 -32.02
CA ASP A 364 -15.19 -21.51 -30.79
C ASP A 364 -14.41 -22.66 -30.14
N GLY A 365 -13.28 -22.32 -29.51
CA GLY A 365 -12.41 -23.30 -28.87
C GLY A 365 -13.06 -24.12 -27.76
N ASN A 366 -14.04 -23.54 -27.08
CA ASN A 366 -14.74 -24.25 -26.00
C ASN A 366 -15.78 -25.29 -26.46
N ALA A 367 -16.05 -25.34 -27.77
CA ALA A 367 -17.06 -26.25 -28.29
C ALA A 367 -16.57 -27.69 -28.39
N PHE A 368 -15.27 -27.88 -28.61
CA PHE A 368 -14.74 -29.24 -28.83
C PHE A 368 -14.84 -30.16 -27.62
N SER A 369 -14.92 -29.59 -26.42
CA SER A 369 -15.01 -30.40 -25.20
C SER A 369 -16.44 -30.61 -24.68
N ASN A 370 -17.42 -30.04 -25.35
CA ASN A 370 -18.83 -30.20 -24.99
C ASN A 370 -19.23 -31.67 -25.15
N PRO A 371 -19.96 -32.23 -24.16
CA PRO A 371 -20.29 -33.66 -24.14
C PRO A 371 -21.27 -34.12 -25.22
N ARG A 372 -22.03 -33.17 -25.78
CA ARG A 372 -22.96 -33.45 -26.86
C ARG A 372 -22.51 -32.75 -28.14
N LYS A 373 -22.32 -33.52 -29.20
CA LYS A 373 -21.89 -32.95 -30.48
C LYS A 373 -23.10 -32.47 -31.27
N GLY A 374 -23.15 -31.17 -31.52
CA GLY A 374 -24.27 -30.55 -32.20
C GLY A 374 -23.89 -29.91 -33.51
N ASN A 375 -24.85 -29.19 -34.08
CA ASN A 375 -24.66 -28.44 -35.32
C ASN A 375 -25.26 -27.06 -35.20
N GLU A 376 -25.17 -26.27 -36.28
CA GLU A 376 -25.68 -24.89 -36.28
C GLU A 376 -27.18 -24.78 -35.99
N GLN A 377 -27.98 -25.69 -36.55
CA GLN A 377 -29.42 -25.69 -36.31
C GLN A 377 -29.75 -25.85 -34.83
N GLU A 378 -29.07 -26.79 -34.17
CA GLU A 378 -29.32 -27.11 -32.76
C GLU A 378 -28.85 -26.01 -31.80
N ILE A 379 -27.67 -25.46 -32.06
CA ILE A 379 -27.16 -24.34 -31.27
C ILE A 379 -28.11 -23.13 -31.37
N ALA A 380 -28.57 -22.83 -32.58
CA ALA A 380 -29.56 -21.77 -32.81
C ALA A 380 -30.87 -22.04 -32.07
N ALA A 381 -31.26 -23.31 -32.00
CA ALA A 381 -32.48 -23.71 -31.28
C ALA A 381 -32.35 -23.47 -29.78
N ILE A 382 -31.13 -23.57 -29.27
CA ILE A 382 -30.85 -23.30 -27.85
C ILE A 382 -30.99 -21.80 -27.55
N PHE A 383 -30.49 -20.95 -28.45
CA PHE A 383 -30.67 -19.51 -28.34
C PHE A 383 -32.15 -19.14 -28.25
N ARG A 384 -32.95 -19.78 -29.10
CA ARG A 384 -34.38 -19.50 -29.20
C ARG A 384 -35.13 -19.85 -27.91
N GLN A 385 -34.62 -20.84 -27.18
CA GLN A 385 -35.21 -21.29 -25.92
C GLN A 385 -34.95 -20.30 -24.79
N ALA A 386 -33.80 -19.62 -24.84
CA ALA A 386 -33.42 -18.64 -23.83
C ALA A 386 -33.96 -17.23 -24.12
N PHE A 387 -34.57 -17.06 -25.29
CA PHE A 387 -35.03 -15.75 -25.77
C PHE A 387 -36.13 -15.15 -24.91
N ARG B 4 -45.25 -74.71 -27.70
CA ARG B 4 -44.88 -75.71 -26.65
C ARG B 4 -43.42 -76.16 -26.80
N MET B 5 -42.89 -76.04 -28.01
CA MET B 5 -41.53 -76.47 -28.33
C MET B 5 -40.87 -75.42 -29.22
N PHE B 6 -39.63 -75.05 -28.90
CA PHE B 6 -39.02 -73.87 -29.50
C PHE B 6 -37.73 -74.17 -30.25
N ASP B 7 -37.47 -73.38 -31.29
CA ASP B 7 -36.19 -73.42 -31.96
C ASP B 7 -35.42 -72.13 -31.67
N TYR B 8 -34.10 -72.22 -31.71
CA TYR B 8 -33.24 -71.08 -31.45
C TYR B 8 -32.03 -71.12 -32.38
N LEU B 9 -32.00 -70.19 -33.33
CA LEU B 9 -30.94 -70.13 -34.35
C LEU B 9 -30.11 -68.89 -34.20
N VAL B 10 -28.81 -69.08 -34.40
CA VAL B 10 -27.79 -68.05 -34.25
C VAL B 10 -26.55 -68.60 -34.97
N PRO B 11 -25.75 -67.73 -35.63
CA PRO B 11 -24.51 -68.17 -36.25
C PRO B 11 -23.58 -68.95 -35.32
N ASN B 12 -22.95 -69.98 -35.87
CA ASN B 12 -21.96 -70.79 -35.16
C ASN B 12 -20.97 -69.97 -34.34
N VAL B 13 -20.38 -68.97 -34.99
CA VAL B 13 -19.26 -68.21 -34.45
C VAL B 13 -19.55 -66.72 -34.55
N ASN B 14 -19.49 -66.00 -33.43
CA ASN B 14 -19.66 -64.55 -33.45
C ASN B 14 -18.53 -63.81 -32.72
N PHE B 15 -18.08 -62.72 -33.31
CA PHE B 15 -17.06 -61.89 -32.69
C PHE B 15 -17.61 -60.50 -32.47
N PHE B 16 -17.34 -59.93 -31.30
CA PHE B 16 -17.75 -58.57 -31.02
C PHE B 16 -16.77 -57.87 -30.11
N GLY B 17 -16.80 -56.53 -30.15
CA GLY B 17 -15.87 -55.69 -29.39
C GLY B 17 -15.00 -54.83 -30.29
N PRO B 18 -14.34 -53.79 -29.71
CA PRO B 18 -13.42 -52.97 -30.51
C PRO B 18 -12.33 -53.81 -31.16
N ASN B 19 -12.10 -53.53 -32.44
CA ASN B 19 -11.08 -54.18 -33.28
C ASN B 19 -11.37 -55.65 -33.63
N ALA B 20 -12.62 -56.07 -33.41
CA ALA B 20 -13.07 -57.42 -33.74
C ALA B 20 -12.92 -57.74 -35.24
N ILE B 21 -12.91 -56.70 -36.06
CA ILE B 21 -12.68 -56.83 -37.50
C ILE B 21 -11.39 -57.59 -37.83
N SER B 22 -10.42 -57.53 -36.93
CA SER B 22 -9.09 -58.10 -37.16
C SER B 22 -9.07 -59.61 -37.42
N VAL B 23 -10.23 -60.27 -37.24
CA VAL B 23 -10.37 -61.71 -37.51
C VAL B 23 -10.89 -62.11 -38.91
N VAL B 24 -11.53 -61.19 -39.65
CA VAL B 24 -12.15 -61.56 -40.94
C VAL B 24 -11.28 -62.49 -41.77
N GLY B 25 -10.05 -62.06 -42.01
CA GLY B 25 -9.10 -62.83 -42.80
C GLY B 25 -8.88 -64.20 -42.20
N GLU B 26 -8.58 -64.22 -40.91
CA GLU B 26 -8.29 -65.47 -40.20
C GLU B 26 -9.51 -66.38 -40.25
N ARG B 27 -10.68 -65.76 -40.24
CA ARG B 27 -11.94 -66.48 -40.25
C ARG B 27 -12.32 -67.07 -41.61
N CYS B 28 -11.88 -66.44 -42.68
CA CYS B 28 -12.12 -66.99 -44.01
C CYS B 28 -11.24 -68.21 -44.28
N GLN B 29 -9.98 -68.14 -43.86
CA GLN B 29 -9.04 -69.27 -43.96
C GLN B 29 -9.62 -70.54 -43.34
N LEU B 30 -10.29 -70.39 -42.19
CA LEU B 30 -10.82 -71.52 -41.44
C LEU B 30 -12.01 -72.18 -42.15
N LEU B 31 -12.75 -71.37 -42.89
CA LEU B 31 -13.90 -71.84 -43.66
C LEU B 31 -13.52 -72.39 -45.04
N GLY B 32 -12.22 -72.36 -45.36
CA GLY B 32 -11.74 -72.83 -46.65
C GLY B 32 -11.71 -71.76 -47.73
N GLY B 33 -12.03 -70.53 -47.34
CA GLY B 33 -12.07 -69.41 -48.28
C GLY B 33 -10.72 -69.07 -48.87
N LYS B 34 -10.68 -69.02 -50.20
CA LYS B 34 -9.47 -68.68 -50.94
C LYS B 34 -9.58 -67.31 -51.61
N LYS B 35 -10.76 -67.02 -52.14
CA LYS B 35 -11.06 -65.71 -52.75
C LYS B 35 -12.48 -65.29 -52.38
N ALA B 36 -12.62 -64.05 -51.93
CA ALA B 36 -13.88 -63.58 -51.35
C ALA B 36 -14.58 -62.52 -52.19
N LEU B 37 -15.91 -62.58 -52.24
CA LEU B 37 -16.71 -61.49 -52.77
C LEU B 37 -17.14 -60.54 -51.65
N LEU B 38 -16.56 -59.34 -51.68
CA LEU B 38 -16.87 -58.28 -50.73
C LEU B 38 -18.16 -57.59 -51.18
N VAL B 39 -19.26 -57.93 -50.52
CA VAL B 39 -20.57 -57.35 -50.84
C VAL B 39 -20.82 -56.15 -49.94
N THR B 40 -20.94 -54.96 -50.53
CA THR B 40 -21.13 -53.73 -49.76
C THR B 40 -21.92 -52.63 -50.49
N ASP B 41 -22.11 -51.50 -49.82
CA ASP B 41 -22.72 -50.30 -50.40
C ASP B 41 -21.70 -49.41 -51.10
N LYS B 42 -22.15 -48.66 -52.11
CA LYS B 42 -21.34 -47.62 -52.74
C LYS B 42 -20.91 -46.54 -51.73
N GLY B 43 -21.81 -46.24 -50.78
CA GLY B 43 -21.53 -45.27 -49.73
C GLY B 43 -20.35 -45.68 -48.85
N LEU B 44 -20.34 -46.94 -48.44
CA LEU B 44 -19.26 -47.47 -47.62
C LEU B 44 -17.98 -47.78 -48.40
N ARG B 45 -18.15 -48.18 -49.67
CA ARG B 45 -17.03 -48.57 -50.54
C ARG B 45 -16.05 -47.43 -50.79
N LYS B 48 -13.55 -46.59 -48.45
CA LYS B 48 -13.74 -45.19 -48.85
C LYS B 48 -13.02 -44.26 -47.89
N ASP B 49 -12.72 -44.76 -46.69
CA ASP B 49 -12.25 -43.94 -45.58
C ASP B 49 -11.54 -44.77 -44.51
N GLY B 50 -12.13 -45.91 -44.15
CA GLY B 50 -11.57 -46.84 -43.17
C GLY B 50 -12.60 -47.76 -42.52
N ALA B 51 -13.28 -48.58 -43.33
CA ALA B 51 -14.28 -49.54 -42.81
C ALA B 51 -14.43 -50.76 -43.74
N VAL B 52 -14.60 -50.49 -45.04
CA VAL B 52 -14.40 -51.51 -46.06
C VAL B 52 -12.90 -51.64 -46.33
N ASP B 53 -12.15 -50.59 -45.98
CA ASP B 53 -10.70 -50.59 -46.07
C ASP B 53 -10.07 -51.54 -45.05
N LYS B 54 -10.65 -51.58 -43.85
CA LYS B 54 -10.13 -52.42 -42.78
C LYS B 54 -10.38 -53.91 -43.08
N THR B 55 -11.57 -54.22 -43.59
CA THR B 55 -11.90 -55.61 -43.96
C THR B 55 -11.10 -56.08 -45.18
N LEU B 56 -10.74 -55.16 -46.07
CA LEU B 56 -9.83 -55.43 -47.18
C LEU B 56 -8.41 -55.66 -46.68
N HIS B 57 -8.02 -54.88 -45.67
CA HIS B 57 -6.70 -54.97 -45.05
C HIS B 57 -6.45 -56.36 -44.45
N TYR B 58 -7.41 -56.85 -43.67
CA TYR B 58 -7.23 -58.12 -42.98
C TYR B 58 -7.42 -59.34 -43.88
N LEU B 59 -8.17 -59.19 -44.96
CA LEU B 59 -8.34 -60.25 -45.95
C LEU B 59 -7.04 -60.54 -46.68
N ARG B 60 -6.42 -59.48 -47.21
CA ARG B 60 -5.15 -59.59 -47.96
C ARG B 60 -4.00 -60.03 -47.06
N GLU B 61 -4.11 -59.73 -45.77
CA GLU B 61 -3.08 -60.10 -44.79
C GLU B 61 -3.08 -61.61 -44.54
N ALA B 62 -4.26 -62.23 -44.63
CA ALA B 62 -4.39 -63.68 -44.47
C ALA B 62 -4.38 -64.42 -45.80
N GLY B 63 -3.93 -63.73 -46.85
CA GLY B 63 -3.75 -64.37 -48.16
C GLY B 63 -5.00 -64.52 -49.00
N ILE B 64 -6.13 -64.05 -48.49
CA ILE B 64 -7.39 -64.07 -49.24
C ILE B 64 -7.42 -62.90 -50.22
N GLU B 65 -7.68 -63.20 -51.49
CA GLU B 65 -7.93 -62.15 -52.47
C GLU B 65 -9.41 -61.83 -52.56
N VAL B 66 -9.74 -60.68 -53.13
CA VAL B 66 -11.09 -60.15 -53.04
C VAL B 66 -11.54 -59.37 -54.28
N ALA B 67 -12.70 -59.75 -54.78
CA ALA B 67 -13.44 -58.96 -55.77
C ALA B 67 -14.56 -58.27 -55.02
N ILE B 68 -14.65 -56.95 -55.17
CA ILE B 68 -15.68 -56.22 -54.46
C ILE B 68 -16.89 -55.95 -55.35
N PHE B 69 -18.07 -56.09 -54.75
CA PHE B 69 -19.32 -55.75 -55.41
C PHE B 69 -20.01 -54.70 -54.56
N ASP B 70 -20.15 -53.50 -55.12
CA ASP B 70 -20.78 -52.38 -54.41
C ASP B 70 -22.17 -52.02 -54.94
N GLY B 71 -22.75 -52.90 -55.75
CA GLY B 71 -24.04 -52.65 -56.39
C GLY B 71 -25.30 -52.84 -55.55
N VAL B 72 -25.13 -52.95 -54.24
CA VAL B 72 -26.24 -53.08 -53.29
C VAL B 72 -27.00 -51.76 -53.14
N GLU B 73 -28.33 -51.83 -53.16
CA GLU B 73 -29.19 -50.66 -52.98
C GLU B 73 -29.81 -50.63 -51.57
N PRO B 74 -30.08 -49.42 -51.05
CA PRO B 74 -30.89 -49.33 -49.83
C PRO B 74 -32.29 -49.84 -50.14
N ASN B 75 -32.64 -51.01 -49.62
CA ASN B 75 -33.71 -51.87 -50.16
C ASN B 75 -33.13 -52.69 -51.31
N PRO B 76 -32.46 -53.82 -50.98
CA PRO B 76 -31.71 -54.59 -51.98
C PRO B 76 -32.65 -55.26 -52.97
N LYS B 77 -32.42 -55.01 -54.26
CA LYS B 77 -33.27 -55.52 -55.32
C LYS B 77 -32.79 -56.89 -55.81
N ASP B 78 -33.66 -57.58 -56.56
CA ASP B 78 -33.35 -58.87 -57.15
C ASP B 78 -32.33 -58.76 -58.28
N THR B 79 -32.34 -57.61 -58.96
CA THR B 79 -31.36 -57.32 -60.03
C THR B 79 -29.99 -57.07 -59.42
N ASN B 80 -29.97 -56.66 -58.15
CA ASN B 80 -28.73 -56.51 -57.40
C ASN B 80 -28.08 -57.86 -57.16
N VAL B 81 -28.91 -58.86 -56.87
CA VAL B 81 -28.44 -60.22 -56.59
C VAL B 81 -27.84 -60.84 -57.85
N ARG B 82 -28.58 -60.76 -58.95
CA ARG B 82 -28.13 -61.26 -60.25
C ARG B 82 -26.80 -60.63 -60.67
N ASP B 83 -26.69 -59.31 -60.51
CA ASP B 83 -25.42 -58.61 -60.74
C ASP B 83 -24.31 -59.17 -59.85
N GLY B 84 -24.59 -59.28 -58.56
CA GLY B 84 -23.63 -59.76 -57.58
C GLY B 84 -23.17 -61.19 -57.82
N LEU B 85 -24.10 -62.05 -58.24
CA LEU B 85 -23.78 -63.44 -58.55
C LEU B 85 -22.86 -63.54 -59.78
N ALA B 86 -23.12 -62.69 -60.78
CA ALA B 86 -22.30 -62.62 -61.97
C ALA B 86 -20.86 -62.29 -61.62
N VAL B 87 -20.67 -61.41 -60.64
CA VAL B 87 -19.32 -61.08 -60.14
C VAL B 87 -18.75 -62.25 -59.34
N PHE B 88 -19.60 -62.90 -58.54
CA PHE B 88 -19.20 -64.09 -57.76
C PHE B 88 -18.64 -65.21 -58.64
N ARG B 89 -19.26 -65.41 -59.80
CA ARG B 89 -18.89 -66.51 -60.70
C ARG B 89 -17.73 -66.18 -61.64
N ARG B 90 -17.74 -64.95 -62.19
CA ARG B 90 -16.71 -64.50 -63.14
C ARG B 90 -15.34 -64.33 -62.49
N GLU B 91 -15.34 -63.96 -61.22
CA GLU B 91 -14.12 -63.77 -60.43
C GLU B 91 -13.74 -65.03 -59.67
N GLN B 92 -14.58 -66.06 -59.78
CA GLN B 92 -14.37 -67.37 -59.16
C GLN B 92 -14.18 -67.25 -57.64
N CYS B 93 -15.24 -66.83 -56.95
CA CYS B 93 -15.21 -66.63 -55.51
C CYS B 93 -15.62 -67.87 -54.71
N ASP B 94 -15.08 -67.95 -53.50
CA ASP B 94 -15.20 -69.13 -52.66
C ASP B 94 -16.04 -68.82 -51.42
N ILE B 95 -16.13 -67.54 -51.07
CA ILE B 95 -16.72 -67.10 -49.80
C ILE B 95 -17.29 -65.68 -49.91
N ILE B 96 -18.38 -65.42 -49.20
CA ILE B 96 -19.02 -64.10 -49.23
C ILE B 96 -18.75 -63.31 -47.95
N VAL B 97 -18.18 -62.13 -48.09
CA VAL B 97 -17.98 -61.22 -46.98
C VAL B 97 -18.88 -60.02 -47.20
N THR B 98 -19.75 -59.74 -46.22
CA THR B 98 -20.68 -58.63 -46.32
C THR B 98 -20.33 -57.59 -45.29
N VAL B 99 -20.13 -56.35 -45.74
CA VAL B 99 -19.88 -55.24 -44.82
C VAL B 99 -20.88 -54.10 -45.01
N GLY B 100 -21.53 -53.73 -43.93
CA GLY B 100 -22.53 -52.66 -43.93
C GLY B 100 -23.67 -52.95 -42.96
N GLY B 101 -24.80 -52.29 -43.20
CA GLY B 101 -26.02 -52.53 -42.43
C GLY B 101 -26.79 -53.72 -42.98
N GLY B 102 -28.11 -53.68 -42.85
CA GLY B 102 -28.98 -54.77 -43.30
C GLY B 102 -28.94 -55.07 -44.80
N SER B 103 -28.92 -54.01 -45.61
CA SER B 103 -28.95 -54.15 -47.08
C SER B 103 -27.88 -55.10 -47.66
N PRO B 104 -26.58 -54.83 -47.41
CA PRO B 104 -25.52 -55.73 -47.87
C PRO B 104 -25.56 -57.15 -47.28
N HIS B 105 -26.14 -57.31 -46.09
CA HIS B 105 -26.26 -58.64 -45.50
C HIS B 105 -27.32 -59.48 -46.19
N ASP B 106 -28.46 -58.87 -46.49
CA ASP B 106 -29.54 -59.56 -47.19
C ASP B 106 -29.20 -59.80 -48.66
N CYS B 107 -28.33 -58.97 -49.20
CA CYS B 107 -27.90 -59.15 -50.58
C CYS B 107 -26.87 -60.27 -50.67
N GLY B 108 -25.93 -60.28 -49.72
CA GLY B 108 -24.91 -61.33 -49.63
C GLY B 108 -25.51 -62.72 -49.43
N LYS B 109 -26.59 -62.79 -48.65
CA LYS B 109 -27.34 -64.03 -48.47
C LYS B 109 -28.02 -64.43 -49.77
N GLY B 110 -28.61 -63.46 -50.44
CA GLY B 110 -29.32 -63.69 -51.70
C GLY B 110 -28.41 -64.25 -52.78
N ILE B 111 -27.20 -63.70 -52.84
CA ILE B 111 -26.16 -64.18 -53.73
C ILE B 111 -25.75 -65.61 -53.35
N GLY B 112 -25.73 -65.88 -52.04
CA GLY B 112 -25.42 -67.22 -51.52
C GLY B 112 -26.48 -68.25 -51.87
N ILE B 113 -27.73 -67.79 -51.91
CA ILE B 113 -28.84 -68.66 -52.30
C ILE B 113 -28.78 -68.94 -53.80
N ALA B 114 -28.74 -67.86 -54.58
CA ALA B 114 -28.73 -67.93 -56.04
C ALA B 114 -27.57 -68.74 -56.63
N ALA B 115 -26.43 -68.75 -55.92
CA ALA B 115 -25.24 -69.50 -56.35
C ALA B 115 -25.34 -71.01 -56.09
N THR B 116 -26.28 -71.41 -55.26
CA THR B 116 -26.38 -72.82 -54.85
C THR B 116 -27.74 -73.45 -55.15
N HIS B 117 -28.71 -72.63 -55.56
CA HIS B 117 -30.06 -73.13 -55.83
C HIS B 117 -30.53 -72.81 -57.25
N GLU B 118 -31.23 -73.78 -57.86
CA GLU B 118 -31.72 -73.72 -59.25
C GLU B 118 -32.25 -72.32 -59.62
N GLY B 119 -31.65 -71.76 -60.67
CA GLY B 119 -31.82 -70.36 -61.07
C GLY B 119 -33.15 -69.65 -60.83
N ASP B 120 -33.16 -68.77 -59.84
CA ASP B 120 -34.19 -67.71 -59.65
C ASP B 120 -34.51 -67.40 -58.18
N LEU B 121 -35.02 -66.19 -57.98
CA LEU B 121 -35.17 -65.56 -56.67
C LEU B 121 -36.50 -65.87 -55.99
N TYR B 122 -37.57 -65.34 -56.58
CA TYR B 122 -38.95 -65.46 -56.12
C TYR B 122 -39.33 -66.90 -55.77
N GLN B 123 -38.84 -67.84 -56.59
CA GLN B 123 -39.14 -69.28 -56.48
C GLN B 123 -38.99 -69.85 -55.06
N TYR B 124 -38.03 -69.31 -54.30
CA TYR B 124 -37.69 -69.84 -52.99
C TYR B 124 -38.25 -69.01 -51.81
N ALA B 125 -39.29 -68.22 -52.08
CA ALA B 125 -39.91 -67.41 -51.05
C ALA B 125 -40.80 -68.25 -50.14
N GLY B 126 -40.75 -67.97 -48.84
CA GLY B 126 -41.50 -68.73 -47.84
C GLY B 126 -40.61 -69.25 -46.73
N ILE B 127 -41.08 -70.27 -46.02
CA ILE B 127 -40.33 -70.85 -44.90
C ILE B 127 -39.18 -71.76 -45.34
N GLU B 128 -38.96 -72.88 -44.66
CA GLU B 128 -37.74 -73.67 -44.89
C GLU B 128 -37.74 -74.31 -46.30
N THR B 129 -37.31 -73.52 -47.27
CA THR B 129 -37.36 -73.89 -48.69
C THR B 129 -35.99 -74.24 -49.27
N LEU B 130 -34.94 -73.72 -48.64
CA LEU B 130 -33.57 -73.94 -49.10
C LEU B 130 -33.09 -75.36 -48.82
N THR B 131 -32.54 -76.00 -49.85
CA THR B 131 -32.15 -77.40 -49.79
C THR B 131 -30.65 -77.57 -49.63
N ASN B 132 -29.89 -76.58 -50.14
CA ASN B 132 -28.44 -76.70 -50.29
C ASN B 132 -27.64 -75.74 -49.43
N PRO B 133 -26.47 -76.19 -48.92
CA PRO B 133 -25.66 -75.30 -48.09
C PRO B 133 -25.05 -74.17 -48.92
N LEU B 134 -25.28 -72.93 -48.48
CA LEU B 134 -24.75 -71.76 -49.16
C LEU B 134 -23.23 -71.73 -49.06
N PRO B 135 -22.56 -70.92 -49.92
CA PRO B 135 -21.14 -70.68 -49.69
C PRO B 135 -20.95 -69.97 -48.35
N PRO B 136 -19.81 -70.21 -47.67
CA PRO B 136 -19.59 -69.56 -46.37
C PRO B 136 -19.81 -68.04 -46.44
N ILE B 137 -20.47 -67.48 -45.42
CA ILE B 137 -20.69 -66.04 -45.34
C ILE B 137 -20.17 -65.51 -44.02
N VAL B 138 -19.29 -64.53 -44.09
CA VAL B 138 -18.82 -63.80 -42.92
C VAL B 138 -19.42 -62.41 -42.95
N ALA B 139 -20.32 -62.12 -42.02
CA ALA B 139 -21.05 -60.86 -42.01
C ALA B 139 -20.47 -59.87 -41.01
N VAL B 140 -19.77 -58.87 -41.55
CA VAL B 140 -19.23 -57.77 -40.74
C VAL B 140 -20.24 -56.61 -40.70
N ASN B 141 -20.76 -56.38 -39.50
CA ASN B 141 -21.87 -55.46 -39.27
C ASN B 141 -21.41 -54.06 -38.87
N THR B 142 -22.12 -53.06 -39.40
CA THR B 142 -21.74 -51.65 -39.32
C THR B 142 -22.78 -50.78 -38.60
N THR B 143 -23.97 -51.35 -38.42
CA THR B 143 -25.09 -50.60 -37.87
C THR B 143 -25.60 -51.28 -36.59
N ALA B 144 -25.76 -50.49 -35.53
CA ALA B 144 -26.33 -51.00 -34.28
C ALA B 144 -27.85 -50.88 -34.35
N GLY B 145 -28.43 -51.72 -35.22
CA GLY B 145 -29.85 -51.68 -35.53
C GLY B 145 -30.46 -52.98 -36.01
N THR B 146 -30.13 -53.39 -37.24
CA THR B 146 -30.91 -54.45 -37.92
C THR B 146 -30.63 -55.86 -37.40
N ALA B 147 -29.38 -56.12 -37.05
CA ALA B 147 -28.92 -57.46 -36.62
C ALA B 147 -29.07 -58.54 -37.70
N SER B 148 -29.07 -58.12 -38.98
CA SER B 148 -29.18 -59.06 -40.10
C SER B 148 -28.05 -60.09 -40.14
N GLU B 149 -26.90 -59.73 -39.57
CA GLU B 149 -25.73 -60.59 -39.54
C GLU B 149 -25.91 -61.82 -38.64
N VAL B 150 -27.06 -61.93 -38.01
CA VAL B 150 -27.28 -62.95 -36.98
C VAL B 150 -28.63 -63.66 -37.22
N THR B 151 -29.14 -63.50 -38.43
CA THR B 151 -30.55 -63.70 -38.76
C THR B 151 -30.79 -64.78 -39.82
N ARG B 152 -31.97 -65.40 -39.79
CA ARG B 152 -32.34 -66.46 -40.74
C ARG B 152 -33.05 -65.92 -41.98
N HIS B 153 -33.38 -64.64 -41.95
CA HIS B 153 -34.15 -63.99 -43.01
C HIS B 153 -33.29 -63.38 -44.09
N CYS B 154 -33.79 -63.48 -45.32
CA CYS B 154 -33.27 -62.76 -46.46
C CYS B 154 -34.44 -62.08 -47.15
N VAL B 155 -34.51 -60.75 -47.05
CA VAL B 155 -35.59 -59.98 -47.68
C VAL B 155 -35.06 -59.11 -48.81
N LEU B 156 -35.60 -59.32 -50.02
CA LEU B 156 -35.32 -58.50 -51.19
C LEU B 156 -36.61 -57.95 -51.78
N THR B 157 -36.46 -57.15 -52.84
CA THR B 157 -37.60 -56.64 -53.61
C THR B 157 -37.67 -57.34 -54.97
N ASN B 158 -38.89 -57.63 -55.41
CA ASN B 158 -39.14 -58.18 -56.73
C ASN B 158 -39.51 -57.02 -57.67
N THR B 159 -38.60 -56.66 -58.58
CA THR B 159 -38.77 -55.48 -59.45
C THR B 159 -39.95 -55.61 -60.42
N GLU B 160 -40.24 -56.84 -60.84
CA GLU B 160 -41.40 -57.13 -61.69
C GLU B 160 -42.70 -56.73 -60.96
N THR B 161 -42.83 -57.17 -59.70
CA THR B 161 -44.07 -56.97 -58.94
C THR B 161 -44.04 -55.74 -58.02
N LYS B 162 -42.88 -55.11 -57.90
CA LYS B 162 -42.67 -53.95 -57.02
C LYS B 162 -42.81 -54.25 -55.51
N VAL B 163 -43.29 -55.45 -55.18
CA VAL B 163 -43.49 -55.88 -53.80
C VAL B 163 -42.31 -56.71 -53.29
N LYS B 164 -42.17 -56.81 -51.97
CA LYS B 164 -41.05 -57.52 -51.33
C LYS B 164 -41.36 -59.00 -51.07
N PHE B 165 -40.30 -59.80 -50.86
CA PHE B 165 -40.44 -61.22 -50.48
C PHE B 165 -39.34 -61.67 -49.52
N VAL B 166 -39.64 -62.70 -48.74
CA VAL B 166 -38.74 -63.16 -47.68
C VAL B 166 -38.39 -64.64 -47.87
N ILE B 167 -37.11 -64.95 -47.69
CA ILE B 167 -36.64 -66.33 -47.64
C ILE B 167 -36.15 -66.62 -46.22
N VAL B 168 -36.87 -67.50 -45.52
CA VAL B 168 -36.58 -67.86 -44.14
C VAL B 168 -35.96 -69.25 -44.09
N SER B 169 -34.72 -69.35 -43.62
CA SER B 169 -34.02 -70.63 -43.53
C SER B 169 -32.82 -70.62 -42.61
N TRP B 170 -32.56 -71.76 -41.99
CA TRP B 170 -31.38 -71.97 -41.15
C TRP B 170 -30.08 -71.92 -41.97
N ARG B 171 -30.22 -72.01 -43.29
CA ARG B 171 -29.09 -71.93 -44.19
C ARG B 171 -28.71 -70.49 -44.52
N ASN B 172 -29.54 -69.54 -44.05
CA ASN B 172 -29.28 -68.11 -44.22
C ASN B 172 -28.49 -67.50 -43.06
N LEU B 173 -28.35 -68.26 -41.97
CA LEU B 173 -27.49 -67.86 -40.86
C LEU B 173 -26.07 -67.75 -41.38
N PRO B 174 -25.48 -66.54 -41.34
CA PRO B 174 -24.09 -66.41 -41.76
C PRO B 174 -23.20 -67.35 -40.94
N SER B 175 -22.14 -67.85 -41.56
CA SER B 175 -21.20 -68.75 -40.89
C SER B 175 -20.57 -68.07 -39.67
N VAL B 176 -20.26 -66.78 -39.81
CA VAL B 176 -19.63 -65.99 -38.76
C VAL B 176 -20.18 -64.56 -38.80
N SER B 177 -20.48 -64.00 -37.63
CA SER B 177 -20.85 -62.59 -37.52
C SER B 177 -19.76 -61.79 -36.83
N ILE B 178 -19.62 -60.54 -37.23
CA ILE B 178 -18.66 -59.62 -36.60
C ILE B 178 -19.33 -58.30 -36.29
N ASN B 179 -19.23 -57.88 -35.02
CA ASN B 179 -19.77 -56.61 -34.56
C ASN B 179 -18.68 -55.79 -33.88
N ASP B 180 -17.98 -55.00 -34.70
CA ASP B 180 -16.90 -54.18 -34.23
C ASP B 180 -17.39 -52.73 -34.08
N PRO B 181 -17.59 -52.27 -32.83
CA PRO B 181 -18.12 -50.94 -32.54
C PRO B 181 -17.26 -49.79 -33.06
N LEU B 182 -15.97 -50.06 -33.29
CA LEU B 182 -15.07 -49.07 -33.86
C LEU B 182 -15.50 -48.67 -35.28
N LEU B 183 -16.22 -49.58 -35.94
CA LEU B 183 -16.68 -49.40 -37.31
C LEU B 183 -18.02 -48.63 -37.40
N MET B 184 -18.52 -48.15 -36.27
CA MET B 184 -19.84 -47.52 -36.19
C MET B 184 -19.80 -46.07 -35.71
N ILE B 185 -18.60 -45.55 -35.47
CA ILE B 185 -18.41 -44.21 -34.91
C ILE B 185 -18.86 -43.09 -35.86
N GLY B 186 -18.80 -43.35 -37.16
CA GLY B 186 -19.13 -42.36 -38.18
C GLY B 186 -20.61 -42.07 -38.37
N LYS B 187 -21.47 -42.89 -37.78
CA LYS B 187 -22.92 -42.75 -37.91
C LYS B 187 -23.43 -41.41 -37.35
N PRO B 188 -24.13 -40.61 -38.17
CA PRO B 188 -24.75 -39.37 -37.69
C PRO B 188 -25.77 -39.60 -36.58
N ALA B 189 -25.97 -38.58 -35.74
CA ALA B 189 -26.88 -38.65 -34.61
C ALA B 189 -28.26 -39.22 -34.99
N ALA B 190 -28.85 -38.67 -36.06
CA ALA B 190 -30.18 -39.09 -36.53
C ALA B 190 -30.24 -40.56 -36.93
N LEU B 191 -29.18 -41.03 -37.58
CA LEU B 191 -29.07 -42.43 -37.99
C LEU B 191 -28.89 -43.37 -36.79
N THR B 192 -28.12 -42.96 -35.79
CA THR B 192 -27.91 -43.83 -34.62
C THR B 192 -29.17 -43.93 -33.76
N ALA B 193 -30.00 -42.87 -33.79
CA ALA B 193 -31.28 -42.86 -33.08
C ALA B 193 -32.31 -43.75 -33.77
N ALA B 194 -32.33 -43.69 -35.10
CA ALA B 194 -33.23 -44.51 -35.90
C ALA B 194 -32.88 -46.00 -35.76
N THR B 195 -31.58 -46.30 -35.82
CA THR B 195 -31.12 -47.70 -35.70
C THR B 195 -31.22 -48.23 -34.27
N GLY B 196 -31.06 -47.35 -33.29
CA GLY B 196 -31.24 -47.72 -31.89
C GLY B 196 -32.69 -48.06 -31.59
N MET B 197 -33.61 -47.23 -32.08
CA MET B 197 -35.04 -47.49 -31.91
C MET B 197 -35.53 -48.70 -32.68
N ASP B 198 -34.89 -49.01 -33.81
CA ASP B 198 -35.16 -50.26 -34.50
C ASP B 198 -34.76 -51.42 -33.60
N ALA B 199 -33.61 -51.30 -32.96
CA ALA B 199 -33.09 -52.34 -32.08
C ALA B 199 -33.96 -52.47 -30.84
N LEU B 200 -34.41 -51.33 -30.30
CA LEU B 200 -35.35 -51.35 -29.17
C LEU B 200 -36.62 -52.11 -29.56
N THR B 201 -37.19 -51.75 -30.70
CA THR B 201 -38.39 -52.40 -31.22
C THR B 201 -38.21 -53.92 -31.35
N HIS B 202 -37.07 -54.33 -31.91
CA HIS B 202 -36.75 -55.76 -31.98
C HIS B 202 -36.82 -56.38 -30.59
N ALA B 203 -36.30 -55.68 -29.59
CA ALA B 203 -36.23 -56.21 -28.24
C ALA B 203 -37.59 -56.29 -27.56
N VAL B 204 -38.37 -55.20 -27.59
CA VAL B 204 -39.65 -55.23 -26.86
C VAL B 204 -40.67 -56.13 -27.54
N GLU B 205 -40.65 -56.15 -28.87
CA GLU B 205 -41.56 -57.01 -29.61
C GLU B 205 -41.25 -58.49 -29.38
N ALA B 206 -39.96 -58.83 -29.44
CA ALA B 206 -39.50 -60.18 -29.13
C ALA B 206 -39.82 -60.60 -27.69
N TYR B 207 -39.75 -59.64 -26.77
CA TYR B 207 -40.05 -59.91 -25.37
C TYR B 207 -41.53 -60.25 -25.14
N ILE B 208 -42.43 -59.54 -25.80
CA ILE B 208 -43.87 -59.74 -25.57
C ILE B 208 -44.54 -60.62 -26.64
N SER B 209 -43.74 -61.23 -27.48
CA SER B 209 -44.24 -62.09 -28.55
C SER B 209 -44.94 -63.35 -28.03
N LYS B 210 -45.87 -63.89 -28.82
CA LYS B 210 -46.51 -65.18 -28.50
C LYS B 210 -45.48 -66.31 -28.47
N ASP B 211 -44.41 -66.14 -29.25
CA ASP B 211 -43.34 -67.12 -29.34
C ASP B 211 -42.18 -66.86 -28.38
N ALA B 212 -42.35 -65.90 -27.47
CA ALA B 212 -41.33 -65.59 -26.46
C ALA B 212 -41.17 -66.75 -25.46
N ASN B 213 -39.93 -66.95 -25.01
CA ASN B 213 -39.61 -67.95 -23.98
C ASN B 213 -38.46 -67.47 -23.11
N PRO B 214 -38.19 -68.17 -21.97
CA PRO B 214 -37.10 -67.77 -21.08
C PRO B 214 -35.74 -67.61 -21.76
N VAL B 215 -35.47 -68.40 -22.80
CA VAL B 215 -34.19 -68.32 -23.50
C VAL B 215 -34.15 -67.07 -24.35
N THR B 216 -35.23 -66.82 -25.09
CA THR B 216 -35.39 -65.59 -25.85
C THR B 216 -35.39 -64.38 -24.93
N ASP B 217 -36.13 -64.44 -23.83
CA ASP B 217 -36.28 -63.29 -22.95
C ASP B 217 -34.92 -62.78 -22.47
N ALA B 218 -34.05 -63.71 -22.07
CA ALA B 218 -32.70 -63.39 -21.60
C ALA B 218 -32.04 -62.33 -22.46
N ALA B 219 -32.01 -62.56 -23.76
CA ALA B 219 -31.40 -61.62 -24.70
C ALA B 219 -32.19 -60.32 -24.86
N ALA B 220 -33.53 -60.42 -24.93
CA ALA B 220 -34.37 -59.24 -25.10
C ALA B 220 -34.31 -58.32 -23.90
N MET B 221 -34.33 -58.89 -22.71
CA MET B 221 -34.31 -58.13 -21.46
C MET B 221 -33.06 -57.28 -21.36
N GLN B 222 -31.90 -57.91 -21.53
CA GLN B 222 -30.62 -57.23 -21.47
C GLN B 222 -30.49 -56.17 -22.58
N ALA B 223 -31.02 -56.47 -23.76
CA ALA B 223 -30.99 -55.53 -24.87
C ALA B 223 -31.79 -54.26 -24.58
N ILE B 224 -32.91 -54.42 -23.87
CA ILE B 224 -33.71 -53.28 -23.43
C ILE B 224 -32.93 -52.47 -22.39
N ARG B 225 -32.32 -53.15 -21.43
CA ARG B 225 -31.52 -52.49 -20.41
C ARG B 225 -30.38 -51.70 -21.05
N LEU B 226 -29.59 -52.37 -21.90
CA LEU B 226 -28.47 -51.74 -22.58
C LEU B 226 -28.87 -50.46 -23.31
N ILE B 227 -29.97 -50.53 -24.05
CA ILE B 227 -30.47 -49.42 -24.84
C ILE B 227 -30.89 -48.24 -23.98
N ALA B 228 -31.65 -48.52 -22.91
CA ALA B 228 -32.12 -47.46 -22.01
C ALA B 228 -30.97 -46.69 -21.39
N ARG B 229 -29.84 -47.37 -21.19
CA ARG B 229 -28.67 -46.78 -20.54
C ARG B 229 -27.64 -46.18 -21.50
N ASN B 230 -27.79 -46.46 -22.79
CA ASN B 230 -26.75 -46.10 -23.75
C ASN B 230 -27.20 -45.36 -25.01
N LEU B 231 -28.47 -45.48 -25.39
CA LEU B 231 -28.91 -44.86 -26.65
C LEU B 231 -28.76 -43.33 -26.62
N ARG B 232 -29.36 -42.67 -25.62
CA ARG B 232 -29.20 -41.23 -25.45
C ARG B 232 -27.74 -40.77 -25.56
N GLN B 233 -26.83 -41.54 -24.95
CA GLN B 233 -25.42 -41.21 -24.95
C GLN B 233 -24.76 -41.40 -26.32
N ALA B 234 -25.15 -42.46 -27.03
CA ALA B 234 -24.63 -42.72 -28.36
C ALA B 234 -25.05 -41.67 -29.38
N VAL B 235 -26.29 -41.20 -29.30
CA VAL B 235 -26.72 -40.15 -30.24
C VAL B 235 -26.09 -38.80 -29.89
N ALA B 236 -25.99 -38.52 -28.59
CA ALA B 236 -25.43 -37.25 -28.12
C ALA B 236 -23.98 -37.10 -28.55
N LEU B 237 -23.22 -38.19 -28.46
CA LEU B 237 -21.84 -38.19 -28.92
C LEU B 237 -21.47 -39.51 -29.56
N GLY B 238 -21.52 -39.52 -30.89
CA GLY B 238 -21.13 -40.68 -31.69
C GLY B 238 -19.74 -41.22 -31.41
N SER B 239 -18.85 -40.37 -30.90
CA SER B 239 -17.47 -40.81 -30.61
C SER B 239 -17.30 -41.40 -29.21
N ASN B 240 -18.39 -41.53 -28.46
CA ASN B 240 -18.41 -42.20 -27.17
C ASN B 240 -18.32 -43.72 -27.35
N LEU B 241 -17.12 -44.26 -27.18
CA LEU B 241 -16.87 -45.67 -27.41
C LEU B 241 -17.72 -46.57 -26.51
N GLN B 242 -17.68 -46.31 -25.20
CA GLN B 242 -18.49 -47.08 -24.25
C GLN B 242 -19.94 -47.23 -24.75
N ALA B 243 -20.60 -46.10 -25.03
CA ALA B 243 -21.98 -46.08 -25.53
C ALA B 243 -22.15 -46.82 -26.85
N ARG B 244 -21.19 -46.65 -27.75
CA ARG B 244 -21.20 -47.31 -29.05
C ARG B 244 -21.08 -48.83 -28.89
N GLU B 245 -20.23 -49.27 -27.95
CA GLU B 245 -20.07 -50.68 -27.60
C GLU B 245 -21.39 -51.32 -27.15
N TYR B 246 -22.00 -50.75 -26.13
CA TYR B 246 -23.21 -51.33 -25.56
C TYR B 246 -24.37 -51.30 -26.57
N MET B 247 -24.45 -50.25 -27.37
CA MET B 247 -25.45 -50.20 -28.43
C MET B 247 -25.27 -51.38 -29.39
N ALA B 248 -24.01 -51.69 -29.71
CA ALA B 248 -23.71 -52.82 -30.60
C ALA B 248 -24.08 -54.16 -29.99
N TYR B 249 -23.80 -54.33 -28.70
CA TYR B 249 -24.19 -55.56 -27.99
C TYR B 249 -25.71 -55.63 -27.84
N ALA B 250 -26.35 -54.48 -27.63
CA ALA B 250 -27.80 -54.40 -27.54
C ALA B 250 -28.44 -54.87 -28.84
N SER B 251 -27.94 -54.36 -29.96
CA SER B 251 -28.47 -54.68 -31.26
C SER B 251 -28.34 -56.18 -31.53
N LEU B 252 -27.16 -56.72 -31.21
CA LEU B 252 -26.85 -58.14 -31.39
C LEU B 252 -27.75 -59.02 -30.54
N LEU B 253 -27.92 -58.64 -29.28
CA LEU B 253 -28.82 -59.35 -28.38
C LEU B 253 -30.28 -59.25 -28.84
N ALA B 254 -30.71 -58.05 -29.24
CA ALA B 254 -32.07 -57.89 -29.77
C ALA B 254 -32.29 -58.83 -30.94
N GLY B 255 -31.24 -59.01 -31.75
CA GLY B 255 -31.29 -59.88 -32.92
C GLY B 255 -31.44 -61.34 -32.56
N MET B 256 -30.53 -61.83 -31.70
CA MET B 256 -30.62 -63.18 -31.14
C MET B 256 -32.00 -63.42 -30.51
N ALA B 257 -32.61 -62.35 -30.01
CA ALA B 257 -33.94 -62.41 -29.47
C ALA B 257 -35.00 -62.55 -30.55
N PHE B 258 -35.09 -61.57 -31.46
CA PHE B 258 -36.21 -61.56 -32.40
C PHE B 258 -36.13 -62.61 -33.51
N ASN B 259 -34.93 -63.03 -33.86
CA ASN B 259 -34.73 -64.08 -34.85
C ASN B 259 -35.44 -65.37 -34.48
N ASN B 260 -35.75 -65.51 -33.20
CA ASN B 260 -36.28 -66.75 -32.65
C ASN B 260 -37.65 -66.59 -32.00
N ALA B 261 -37.96 -65.39 -31.53
CA ALA B 261 -39.25 -65.12 -30.91
C ALA B 261 -40.16 -64.34 -31.83
N ASN B 262 -39.59 -63.83 -32.93
CA ASN B 262 -40.32 -63.04 -33.92
C ASN B 262 -40.77 -61.68 -33.38
N LEU B 263 -41.48 -60.91 -34.20
CA LEU B 263 -41.79 -59.52 -33.89
C LEU B 263 -43.31 -59.37 -33.66
N GLY B 264 -43.86 -58.20 -33.99
CA GLY B 264 -45.29 -57.95 -33.84
C GLY B 264 -45.84 -56.89 -34.77
N TYR B 265 -46.82 -56.14 -34.27
CA TYR B 265 -47.55 -55.15 -35.07
C TYR B 265 -46.72 -53.90 -35.42
N VAL B 266 -45.72 -53.56 -34.61
CA VAL B 266 -44.86 -52.41 -34.91
C VAL B 266 -44.17 -52.62 -36.25
N HIS B 267 -43.49 -53.75 -36.40
CA HIS B 267 -42.86 -54.10 -37.66
C HIS B 267 -43.85 -54.34 -38.79
N ALA B 268 -45.03 -54.86 -38.47
CA ALA B 268 -46.08 -55.08 -39.47
C ALA B 268 -46.54 -53.76 -40.09
N MET B 269 -46.84 -52.78 -39.25
CA MET B 269 -47.26 -51.45 -39.69
C MET B 269 -46.11 -50.62 -40.25
N ALA B 270 -44.90 -50.85 -39.72
CA ALA B 270 -43.71 -50.13 -40.18
C ALA B 270 -43.34 -50.46 -41.62
N HIS B 271 -43.43 -51.74 -41.99
CA HIS B 271 -43.18 -52.17 -43.37
C HIS B 271 -44.09 -51.46 -44.37
N GLN B 272 -45.31 -51.14 -43.94
CA GLN B 272 -46.28 -50.44 -44.79
C GLN B 272 -45.87 -48.99 -45.02
N LEU B 273 -45.41 -48.33 -43.97
CA LEU B 273 -44.88 -46.97 -44.07
C LEU B 273 -43.67 -46.93 -45.01
N GLY B 274 -42.80 -47.93 -44.90
CA GLY B 274 -41.67 -48.10 -45.81
C GLY B 274 -42.10 -48.47 -47.21
N GLY B 275 -43.27 -49.07 -47.33
CA GLY B 275 -43.83 -49.43 -48.63
C GLY B 275 -44.33 -48.21 -49.39
N LEU B 276 -45.05 -47.34 -48.70
CA LEU B 276 -45.75 -46.21 -49.34
C LEU B 276 -44.95 -44.92 -49.45
N TYR B 277 -44.12 -44.62 -48.46
CA TYR B 277 -43.40 -43.35 -48.41
C TYR B 277 -41.89 -43.57 -48.37
N ASP B 278 -41.48 -44.82 -48.58
CA ASP B 278 -40.15 -45.33 -48.21
C ASP B 278 -39.54 -44.58 -47.01
N MET B 279 -40.28 -44.65 -45.90
CA MET B 279 -39.84 -44.06 -44.66
C MET B 279 -38.71 -44.92 -44.09
N PRO B 280 -37.62 -44.28 -43.63
CA PRO B 280 -36.53 -45.07 -43.06
C PRO B 280 -37.10 -46.07 -42.06
N HIS B 281 -36.78 -47.35 -42.26
CA HIS B 281 -37.28 -48.45 -41.42
C HIS B 281 -37.27 -48.10 -39.93
N GLY B 282 -36.13 -47.59 -39.48
CA GLY B 282 -35.92 -47.29 -38.07
C GLY B 282 -36.84 -46.22 -37.51
N VAL B 283 -37.10 -45.17 -38.31
CA VAL B 283 -37.96 -44.10 -37.82
C VAL B 283 -39.43 -44.54 -37.80
N ALA B 284 -39.81 -45.37 -38.77
CA ALA B 284 -41.18 -45.90 -38.86
C ALA B 284 -41.50 -46.71 -37.62
N ASN B 285 -40.59 -47.59 -37.24
CA ASN B 285 -40.69 -48.33 -35.99
C ASN B 285 -40.80 -47.35 -34.82
N ALA B 286 -39.87 -46.39 -34.77
CA ALA B 286 -39.71 -45.48 -33.63
C ALA B 286 -40.97 -44.71 -33.26
N VAL B 287 -41.58 -44.08 -34.24
CA VAL B 287 -42.76 -43.24 -34.00
C VAL B 287 -44.01 -44.09 -33.68
N LEU B 288 -43.97 -45.36 -34.10
CA LEU B 288 -45.09 -46.28 -33.93
C LEU B 288 -45.01 -47.06 -32.62
N LEU B 289 -43.79 -47.41 -32.22
CA LEU B 289 -43.53 -48.23 -31.02
C LEU B 289 -44.46 -47.98 -29.81
N PRO B 290 -44.51 -46.73 -29.30
CA PRO B 290 -45.26 -46.50 -28.06
C PRO B 290 -46.78 -46.66 -28.23
N HIS B 291 -47.28 -46.39 -29.43
CA HIS B 291 -48.71 -46.52 -29.70
C HIS B 291 -49.12 -47.98 -29.82
N VAL B 292 -48.27 -48.78 -30.46
CA VAL B 292 -48.49 -50.22 -30.54
C VAL B 292 -48.27 -50.87 -29.17
N ALA B 293 -47.32 -50.34 -28.39
CA ALA B 293 -47.07 -50.85 -27.05
C ALA B 293 -48.28 -50.66 -26.13
N ARG B 294 -48.91 -49.48 -26.21
CA ARG B 294 -50.13 -49.21 -25.44
C ARG B 294 -51.26 -50.16 -25.85
N TYR B 295 -51.36 -50.38 -27.15
CA TYR B 295 -52.31 -51.32 -27.73
C TYR B 295 -52.09 -52.72 -27.17
N ASN B 296 -50.83 -53.15 -27.16
CA ASN B 296 -50.44 -54.49 -26.72
C ASN B 296 -50.46 -54.67 -25.21
N LEU B 297 -50.56 -53.58 -24.46
CA LEU B 297 -50.45 -53.62 -23.00
C LEU B 297 -51.35 -54.69 -22.36
N ILE B 298 -52.62 -54.73 -22.75
CA ILE B 298 -53.60 -55.66 -22.15
C ILE B 298 -53.27 -57.14 -22.33
N ALA B 299 -52.44 -57.47 -23.32
CA ALA B 299 -52.04 -58.85 -23.57
C ALA B 299 -51.09 -59.41 -22.51
N ASN B 300 -50.31 -58.54 -21.89
CA ASN B 300 -49.31 -58.96 -20.91
C ASN B 300 -48.86 -57.78 -20.07
N PRO B 301 -49.73 -57.27 -19.17
CA PRO B 301 -49.33 -56.16 -18.31
C PRO B 301 -48.05 -56.44 -17.52
N GLU B 302 -47.87 -57.68 -17.07
CA GLU B 302 -46.70 -58.06 -16.27
C GLU B 302 -45.37 -57.83 -17.00
N LYS B 303 -45.32 -58.18 -18.28
CA LYS B 303 -44.09 -58.01 -19.05
C LYS B 303 -43.83 -56.54 -19.40
N PHE B 304 -44.88 -55.72 -19.42
CA PHE B 304 -44.72 -54.28 -19.61
C PHE B 304 -44.20 -53.61 -18.35
N ALA B 305 -44.61 -54.11 -17.20
CA ALA B 305 -44.05 -53.66 -15.94
C ALA B 305 -42.55 -54.00 -15.89
N ASP B 306 -42.20 -55.20 -16.34
CA ASP B 306 -40.81 -55.63 -16.48
C ASP B 306 -40.07 -54.62 -17.35
N ILE B 307 -40.69 -54.24 -18.46
CA ILE B 307 -40.07 -53.30 -19.40
C ILE B 307 -39.76 -51.98 -18.70
N ALA B 308 -40.75 -51.42 -18.01
CA ALA B 308 -40.56 -50.22 -17.21
C ALA B 308 -39.34 -50.34 -16.29
N GLU B 309 -39.29 -51.46 -15.56
CA GLU B 309 -38.20 -51.73 -14.63
C GLU B 309 -36.86 -51.84 -15.33
N LEU B 310 -36.84 -52.51 -16.48
CA LEU B 310 -35.63 -52.66 -17.29
C LEU B 310 -35.09 -51.34 -17.83
N MET B 311 -35.96 -50.34 -17.94
CA MET B 311 -35.59 -49.03 -18.46
C MET B 311 -35.19 -48.04 -17.37
N GLY B 312 -35.22 -48.49 -16.13
CA GLY B 312 -34.74 -47.68 -15.02
C GLY B 312 -35.82 -46.95 -14.27
N GLU B 313 -37.08 -47.32 -14.49
CA GLU B 313 -38.21 -46.66 -13.86
C GLU B 313 -38.44 -47.17 -12.45
N ASN B 314 -38.95 -46.30 -11.58
CA ASN B 314 -39.36 -46.71 -10.24
C ASN B 314 -40.79 -47.26 -10.25
N ILE B 315 -40.91 -48.49 -9.76
CA ILE B 315 -42.11 -49.29 -9.90
C ILE B 315 -42.72 -49.57 -8.53
N THR B 316 -41.96 -49.22 -7.49
CA THR B 316 -42.15 -49.76 -6.15
C THR B 316 -43.58 -49.76 -5.62
N GLY B 317 -44.26 -48.63 -5.69
CA GLY B 317 -45.58 -48.58 -5.05
C GLY B 317 -46.72 -49.07 -5.93
N LEU B 318 -46.41 -49.39 -7.18
CA LEU B 318 -47.45 -49.41 -8.20
C LEU B 318 -48.12 -50.77 -8.40
N SER B 319 -49.40 -50.71 -8.80
CA SER B 319 -50.10 -51.86 -9.33
C SER B 319 -49.43 -52.24 -10.64
N THR B 320 -49.68 -53.46 -11.12
CA THR B 320 -49.08 -53.91 -12.38
C THR B 320 -49.42 -52.96 -13.54
N LEU B 321 -50.69 -52.55 -13.64
CA LEU B 321 -51.14 -51.67 -14.71
C LEU B 321 -50.43 -50.31 -14.70
N ASP B 322 -50.26 -49.72 -13.51
CA ASP B 322 -49.56 -48.43 -13.37
C ASP B 322 -48.07 -48.57 -13.74
N ALA B 323 -47.47 -49.68 -13.33
CA ALA B 323 -46.10 -50.01 -13.72
C ALA B 323 -45.98 -50.18 -15.23
N ALA B 324 -46.89 -50.96 -15.83
CA ALA B 324 -46.98 -51.11 -17.28
C ALA B 324 -47.18 -49.77 -18.00
N GLU B 325 -47.90 -48.85 -17.36
CA GLU B 325 -48.04 -47.49 -17.87
C GLU B 325 -46.69 -46.81 -18.05
N LYS B 326 -45.83 -46.96 -17.04
CA LYS B 326 -44.52 -46.32 -17.04
C LYS B 326 -43.60 -46.78 -18.16
N ALA B 327 -43.84 -47.97 -18.68
CA ALA B 327 -43.11 -48.50 -19.83
C ALA B 327 -43.43 -47.70 -21.10
N ILE B 328 -44.71 -47.41 -21.31
CA ILE B 328 -45.15 -46.61 -22.45
C ILE B 328 -44.51 -45.23 -22.34
N ALA B 329 -44.69 -44.57 -21.20
CA ALA B 329 -44.12 -43.25 -20.96
C ALA B 329 -42.58 -43.23 -21.13
N ALA B 330 -41.89 -44.24 -20.60
CA ALA B 330 -40.43 -44.34 -20.72
C ALA B 330 -39.95 -44.43 -22.17
N ILE B 331 -40.66 -45.21 -22.98
CA ILE B 331 -40.34 -45.36 -24.39
C ILE B 331 -40.52 -44.05 -25.13
N THR B 332 -41.69 -43.42 -24.99
CA THR B 332 -41.92 -42.12 -25.64
C THR B 332 -40.96 -41.04 -25.12
N ARG B 333 -40.54 -41.14 -23.86
CA ARG B 333 -39.57 -40.20 -23.32
C ARG B 333 -38.21 -40.31 -24.01
N LEU B 334 -37.72 -41.54 -24.15
CA LEU B 334 -36.48 -41.83 -24.86
C LEU B 334 -36.59 -41.39 -26.31
N SER B 335 -37.72 -41.69 -26.92
CA SER B 335 -38.01 -41.27 -28.29
C SER B 335 -37.83 -39.76 -28.47
N MET B 336 -38.47 -38.98 -27.61
CA MET B 336 -38.35 -37.52 -27.65
C MET B 336 -36.92 -37.06 -27.39
N ASP B 337 -36.31 -37.61 -26.33
CA ASP B 337 -34.98 -37.20 -25.91
C ASP B 337 -33.94 -37.31 -27.02
N ILE B 338 -34.13 -38.26 -27.94
CA ILE B 338 -33.17 -38.47 -29.02
C ILE B 338 -33.61 -37.92 -30.39
N GLY B 339 -34.63 -37.07 -30.38
CA GLY B 339 -35.04 -36.33 -31.56
C GLY B 339 -35.81 -37.09 -32.62
N ILE B 340 -36.38 -38.23 -32.27
CA ILE B 340 -37.31 -38.94 -33.15
C ILE B 340 -38.54 -38.04 -33.37
N PRO B 341 -39.04 -37.96 -34.63
CA PRO B 341 -40.28 -37.21 -34.88
C PRO B 341 -41.48 -37.88 -34.22
N GLN B 342 -42.39 -37.08 -33.66
CA GLN B 342 -43.47 -37.64 -32.85
C GLN B 342 -44.74 -37.98 -33.63
N HIS B 343 -44.96 -37.29 -34.75
CA HIS B 343 -46.23 -37.42 -35.48
C HIS B 343 -46.03 -37.72 -36.95
N LEU B 344 -46.52 -38.88 -37.37
CA LEU B 344 -46.47 -39.34 -38.76
C LEU B 344 -46.87 -38.27 -39.77
N ARG B 345 -47.77 -37.38 -39.37
CA ARG B 345 -48.19 -36.21 -40.15
C ARG B 345 -47.01 -35.42 -40.74
N ASP B 346 -45.87 -35.48 -40.07
CA ASP B 346 -44.67 -34.73 -40.48
C ASP B 346 -43.65 -35.55 -41.29
N LEU B 347 -44.04 -36.76 -41.69
CA LEU B 347 -43.21 -37.61 -42.56
C LEU B 347 -43.93 -37.95 -43.87
N GLY B 348 -44.85 -37.09 -44.29
CA GLY B 348 -45.58 -37.26 -45.55
C GLY B 348 -46.70 -38.29 -45.55
N VAL B 349 -47.01 -38.82 -44.37
CA VAL B 349 -48.08 -39.81 -44.21
C VAL B 349 -49.44 -39.15 -44.32
N LYS B 350 -50.38 -39.85 -44.96
CA LYS B 350 -51.74 -39.32 -45.14
C LYS B 350 -52.84 -40.21 -44.55
N GLU B 351 -53.84 -39.57 -43.95
CA GLU B 351 -54.94 -40.26 -43.25
C GLU B 351 -55.76 -41.17 -44.17
N THR B 352 -55.82 -40.80 -45.44
CA THR B 352 -56.54 -41.58 -46.46
C THR B 352 -55.91 -42.94 -46.74
N ASP B 353 -54.66 -43.12 -46.30
CA ASP B 353 -53.90 -44.34 -46.57
C ASP B 353 -53.97 -45.39 -45.45
N PHE B 354 -54.56 -45.05 -44.31
CA PHE B 354 -54.67 -45.98 -43.19
C PHE B 354 -55.43 -47.28 -43.55
N PRO B 355 -56.64 -47.15 -44.15
CA PRO B 355 -57.40 -48.36 -44.46
C PRO B 355 -56.56 -49.39 -45.23
N TYR B 356 -55.98 -48.94 -46.34
CA TYR B 356 -55.11 -49.77 -47.17
C TYR B 356 -53.89 -50.31 -46.39
N MET B 357 -53.32 -49.48 -45.53
CA MET B 357 -52.14 -49.85 -44.75
C MET B 357 -52.42 -50.89 -43.67
N ALA B 358 -53.57 -50.75 -43.03
CA ALA B 358 -53.98 -51.68 -41.98
C ALA B 358 -54.28 -53.06 -42.58
N GLU B 359 -54.92 -53.07 -43.75
CA GLU B 359 -55.19 -54.28 -44.49
C GLU B 359 -53.90 -55.06 -44.76
N MET B 360 -52.91 -54.36 -45.31
CA MET B 360 -51.61 -54.95 -45.64
C MET B 360 -50.87 -55.44 -44.39
N ALA B 361 -50.97 -54.68 -43.31
CA ALA B 361 -50.30 -55.00 -42.06
C ALA B 361 -50.73 -56.36 -41.48
N LEU B 362 -52.00 -56.73 -41.70
CA LEU B 362 -52.50 -58.03 -41.24
C LEU B 362 -51.85 -59.21 -41.92
N LYS B 363 -51.62 -59.08 -43.23
CA LYS B 363 -51.06 -60.17 -44.03
C LYS B 363 -49.56 -60.29 -43.85
N ASP B 364 -48.95 -59.26 -43.28
CA ASP B 364 -47.50 -59.25 -43.04
C ASP B 364 -47.12 -60.38 -42.10
N GLY B 365 -45.94 -60.96 -42.34
CA GLY B 365 -45.46 -62.13 -41.62
C GLY B 365 -45.28 -61.92 -40.13
N ASN B 366 -44.94 -60.70 -39.74
CA ASN B 366 -44.70 -60.35 -38.34
C ASN B 366 -45.96 -60.19 -37.49
N ALA B 367 -47.10 -59.97 -38.15
CA ALA B 367 -48.38 -59.76 -37.48
C ALA B 367 -48.87 -60.98 -36.70
N PHE B 368 -48.53 -62.17 -37.16
CA PHE B 368 -48.99 -63.43 -36.56
C PHE B 368 -48.60 -63.60 -35.10
N SER B 369 -47.40 -63.13 -34.75
CA SER B 369 -46.84 -63.35 -33.41
C SER B 369 -47.09 -62.19 -32.41
N ASN B 370 -47.82 -61.17 -32.86
CA ASN B 370 -48.25 -60.09 -31.96
C ASN B 370 -49.11 -60.65 -30.81
N PRO B 371 -48.79 -60.25 -29.57
CA PRO B 371 -49.52 -60.77 -28.40
C PRO B 371 -51.02 -60.42 -28.39
N ARG B 372 -51.40 -59.34 -29.04
CA ARG B 372 -52.82 -59.01 -29.18
C ARG B 372 -53.29 -59.29 -30.59
N LYS B 373 -54.43 -59.95 -30.72
CA LYS B 373 -55.01 -60.22 -32.03
C LYS B 373 -56.04 -59.16 -32.35
N GLY B 374 -55.73 -58.35 -33.37
CA GLY B 374 -56.62 -57.28 -33.77
C GLY B 374 -57.20 -57.47 -35.17
N ASN B 375 -57.67 -56.37 -35.73
CA ASN B 375 -58.20 -56.35 -37.07
C ASN B 375 -57.84 -55.03 -37.79
N GLU B 376 -58.38 -54.85 -38.99
CA GLU B 376 -58.10 -53.67 -39.80
C GLU B 376 -58.52 -52.38 -39.12
N GLN B 377 -59.71 -52.38 -38.52
CA GLN B 377 -60.23 -51.20 -37.81
C GLN B 377 -59.34 -50.80 -36.63
N GLU B 378 -58.79 -51.79 -35.94
CA GLU B 378 -57.94 -51.53 -34.77
C GLU B 378 -56.52 -51.10 -35.14
N ILE B 379 -55.98 -51.65 -36.22
CA ILE B 379 -54.64 -51.28 -36.69
C ILE B 379 -54.66 -49.89 -37.32
N ALA B 380 -55.79 -49.55 -37.94
CA ALA B 380 -55.99 -48.21 -38.50
C ALA B 380 -56.25 -47.18 -37.41
N ALA B 381 -56.60 -47.65 -36.21
CA ALA B 381 -56.80 -46.76 -35.07
C ALA B 381 -55.45 -46.37 -34.48
N ILE B 382 -54.50 -47.30 -34.50
CA ILE B 382 -53.14 -47.05 -34.00
C ILE B 382 -52.44 -46.02 -34.88
N PHE B 383 -52.54 -46.20 -36.20
CA PHE B 383 -52.05 -45.22 -37.16
C PHE B 383 -52.58 -43.82 -36.83
N ARG B 384 -53.88 -43.73 -36.57
CA ARG B 384 -54.54 -42.47 -36.25
C ARG B 384 -53.96 -41.80 -35.00
N GLN B 385 -53.67 -42.62 -33.99
CA GLN B 385 -53.12 -42.14 -32.73
C GLN B 385 -51.70 -41.60 -32.90
N ALA B 386 -50.94 -42.19 -33.82
CA ALA B 386 -49.57 -41.77 -34.10
C ALA B 386 -49.48 -40.60 -35.09
N PHE B 387 -50.62 -40.09 -35.51
CA PHE B 387 -50.68 -39.07 -36.55
C PHE B 387 -50.32 -37.66 -36.02
N ARG C 4 -48.19 -20.43 39.55
CA ARG C 4 -49.10 -19.54 38.75
C ARG C 4 -48.46 -18.17 38.47
N MET C 5 -47.61 -17.72 39.38
CA MET C 5 -46.84 -16.50 39.18
C MET C 5 -45.35 -16.82 39.16
N PHE C 6 -44.59 -16.04 38.39
CA PHE C 6 -43.15 -16.28 38.26
C PHE C 6 -42.35 -14.99 38.34
N ASP C 7 -41.11 -15.12 38.78
CA ASP C 7 -40.15 -14.03 38.74
C ASP C 7 -38.98 -14.41 37.85
N TYR C 8 -38.57 -13.47 37.01
CA TYR C 8 -37.45 -13.70 36.09
C TYR C 8 -36.42 -12.61 36.29
N LEU C 9 -35.28 -13.00 36.86
CA LEU C 9 -34.21 -12.05 37.17
C LEU C 9 -32.97 -12.33 36.31
N VAL C 10 -32.22 -11.27 36.05
CA VAL C 10 -31.02 -11.32 35.21
C VAL C 10 -30.33 -9.95 35.32
N PRO C 11 -28.97 -9.92 35.32
CA PRO C 11 -28.27 -8.65 35.26
C PRO C 11 -28.84 -7.71 34.21
N ASN C 12 -28.84 -6.43 34.54
CA ASN C 12 -29.38 -5.37 33.69
C ASN C 12 -28.77 -5.36 32.30
N VAL C 13 -27.45 -5.53 32.25
CA VAL C 13 -26.66 -5.38 31.03
C VAL C 13 -25.64 -6.52 30.98
N ASN C 14 -25.66 -7.29 29.89
CA ASN C 14 -24.78 -8.45 29.72
C ASN C 14 -23.99 -8.41 28.41
N PHE C 15 -22.69 -8.68 28.47
CA PHE C 15 -21.85 -8.74 27.29
C PHE C 15 -21.33 -10.17 27.05
N PHE C 16 -21.27 -10.56 25.78
CA PHE C 16 -20.75 -11.87 25.41
C PHE C 16 -20.20 -11.87 23.99
N GLY C 17 -19.36 -12.86 23.69
CA GLY C 17 -18.67 -12.92 22.42
C GLY C 17 -17.18 -12.67 22.62
N PRO C 18 -16.37 -12.99 21.60
CA PRO C 18 -14.92 -12.81 21.70
C PRO C 18 -14.54 -11.34 21.91
N ASN C 19 -13.55 -11.11 22.78
CA ASN C 19 -13.04 -9.78 23.10
C ASN C 19 -14.04 -8.90 23.88
N ALA C 20 -15.01 -9.54 24.52
CA ALA C 20 -16.01 -8.84 25.33
C ALA C 20 -15.42 -8.20 26.59
N ILE C 21 -14.22 -8.65 26.96
CA ILE C 21 -13.50 -8.09 28.10
C ILE C 21 -13.15 -6.61 27.85
N SER C 22 -13.16 -6.20 26.59
CA SER C 22 -12.74 -4.85 26.17
C SER C 22 -13.66 -3.71 26.64
N VAL C 23 -14.72 -4.05 27.38
CA VAL C 23 -15.65 -3.05 27.90
C VAL C 23 -15.66 -2.95 29.43
N VAL C 24 -14.78 -3.69 30.11
CA VAL C 24 -14.77 -3.68 31.59
C VAL C 24 -14.58 -2.28 32.14
N GLY C 25 -13.58 -1.56 31.63
CA GLY C 25 -13.25 -0.23 32.11
C GLY C 25 -14.37 0.73 31.82
N GLU C 26 -14.76 0.80 30.55
CA GLU C 26 -15.84 1.67 30.09
C GLU C 26 -17.14 1.47 30.87
N ARG C 27 -17.36 0.24 31.33
CA ARG C 27 -18.56 -0.08 32.09
C ARG C 27 -18.44 0.23 33.57
N CYS C 28 -17.22 0.37 34.06
CA CYS C 28 -16.99 0.87 35.41
C CYS C 28 -17.18 2.38 35.46
N GLN C 29 -16.88 3.04 34.34
CA GLN C 29 -17.15 4.47 34.18
C GLN C 29 -18.64 4.77 34.23
N LEU C 30 -19.40 4.07 33.39
CA LEU C 30 -20.85 4.26 33.29
C LEU C 30 -21.57 3.99 34.61
N LEU C 31 -21.05 3.05 35.40
CA LEU C 31 -21.59 2.74 36.73
C LEU C 31 -21.12 3.68 37.85
N GLY C 32 -20.24 4.62 37.50
CA GLY C 32 -19.80 5.68 38.43
C GLY C 32 -18.59 5.34 39.28
N GLY C 33 -18.18 4.07 39.27
CA GLY C 33 -17.07 3.58 40.09
C GLY C 33 -15.73 4.13 39.66
N LYS C 34 -14.98 4.62 40.65
CA LYS C 34 -13.68 5.27 40.43
C LYS C 34 -12.49 4.35 40.73
N LYS C 35 -12.55 3.61 41.83
CA LYS C 35 -11.54 2.59 42.13
C LYS C 35 -12.17 1.20 42.24
N ALA C 36 -11.57 0.23 41.56
CA ALA C 36 -12.11 -1.12 41.51
C ALA C 36 -11.33 -2.12 42.35
N LEU C 37 -12.05 -2.92 43.14
CA LEU C 37 -11.49 -4.09 43.77
C LEU C 37 -11.58 -5.27 42.81
N LEU C 38 -10.48 -5.99 42.64
CA LEU C 38 -10.41 -7.11 41.72
C LEU C 38 -10.34 -8.43 42.50
N VAL C 39 -11.47 -9.15 42.50
CA VAL C 39 -11.59 -10.41 43.23
C VAL C 39 -11.32 -11.57 42.27
N THR C 40 -10.35 -12.42 42.60
CA THR C 40 -9.90 -13.45 41.67
C THR C 40 -9.26 -14.70 42.29
N ASP C 41 -9.11 -15.74 41.47
CA ASP C 41 -8.36 -16.95 41.81
C ASP C 41 -6.87 -16.62 41.91
N LYS C 42 -6.17 -17.35 42.76
CA LYS C 42 -4.70 -17.28 42.81
C LYS C 42 -4.09 -17.78 41.50
N GLY C 43 -4.68 -18.84 40.95
CA GLY C 43 -4.21 -19.46 39.72
C GLY C 43 -4.33 -18.54 38.51
N LEU C 44 -5.39 -17.75 38.49
CA LEU C 44 -5.61 -16.81 37.39
C LEU C 44 -4.85 -15.51 37.61
N ARG C 45 -4.67 -15.16 38.89
CA ARG C 45 -3.98 -13.93 39.30
C ARG C 45 -2.62 -13.76 38.66
N LYS C 48 -1.43 -14.33 36.40
CA LYS C 48 -0.33 -15.27 36.53
C LYS C 48 0.07 -15.77 35.14
N ASP C 49 -0.63 -15.25 34.13
CA ASP C 49 -0.38 -15.63 32.73
C ASP C 49 -0.79 -14.56 31.71
N GLY C 50 -2.06 -14.19 31.68
CA GLY C 50 -2.58 -13.21 30.71
C GLY C 50 -4.08 -13.34 30.44
N ALA C 51 -4.89 -13.24 31.49
CA ALA C 51 -6.35 -13.31 31.40
C ALA C 51 -7.03 -12.40 32.43
N VAL C 52 -6.34 -12.16 33.55
CA VAL C 52 -6.71 -11.10 34.48
C VAL C 52 -5.82 -9.88 34.22
N ASP C 53 -4.74 -10.11 33.47
CA ASP C 53 -3.94 -9.03 32.88
C ASP C 53 -4.81 -8.24 31.90
N LYS C 54 -5.75 -8.94 31.26
CA LYS C 54 -6.64 -8.35 30.27
C LYS C 54 -7.65 -7.38 30.90
N THR C 55 -8.29 -7.80 32.00
CA THR C 55 -9.21 -6.92 32.72
C THR C 55 -8.47 -5.79 33.43
N LEU C 56 -7.21 -6.04 33.80
CA LEU C 56 -6.35 -4.99 34.35
C LEU C 56 -5.85 -4.02 33.28
N HIS C 57 -5.73 -4.48 32.03
CA HIS C 57 -5.34 -3.61 30.91
C HIS C 57 -6.42 -2.58 30.58
N TYR C 58 -7.65 -3.07 30.38
CA TYR C 58 -8.76 -2.19 30.00
C TYR C 58 -9.23 -1.31 31.16
N LEU C 59 -8.98 -1.77 32.38
CA LEU C 59 -9.33 -1.02 33.58
C LEU C 59 -8.42 0.20 33.75
N ARG C 60 -7.13 0.04 33.41
CA ARG C 60 -6.15 1.14 33.46
C ARG C 60 -6.31 2.09 32.28
N GLU C 61 -6.68 1.54 31.12
CA GLU C 61 -6.83 2.30 29.89
C GLU C 61 -8.07 3.22 29.94
N ALA C 62 -8.99 2.92 30.84
CA ALA C 62 -10.20 3.75 31.03
C ALA C 62 -10.12 4.64 32.27
N GLY C 63 -8.96 4.67 32.91
CA GLY C 63 -8.69 5.59 34.03
C GLY C 63 -9.02 5.09 35.42
N ILE C 64 -9.53 3.85 35.52
CA ILE C 64 -9.92 3.27 36.81
C ILE C 64 -8.71 2.67 37.53
N GLU C 65 -8.45 3.14 38.74
CA GLU C 65 -7.41 2.57 39.60
C GLU C 65 -7.85 1.20 40.12
N VAL C 66 -6.89 0.32 40.36
CA VAL C 66 -7.20 -1.06 40.70
C VAL C 66 -6.50 -1.53 41.97
N ALA C 67 -7.26 -2.19 42.84
CA ALA C 67 -6.73 -2.90 44.00
C ALA C 67 -7.05 -4.38 43.84
N ILE C 68 -6.06 -5.22 44.09
CA ILE C 68 -6.13 -6.65 43.78
C ILE C 68 -6.34 -7.55 45.00
N PHE C 69 -7.32 -8.44 44.90
CA PHE C 69 -7.56 -9.46 45.92
C PHE C 69 -7.57 -10.84 45.28
N ASP C 70 -6.59 -11.65 45.65
CA ASP C 70 -6.41 -12.98 45.08
C ASP C 70 -6.57 -14.10 46.11
N GLY C 71 -6.86 -13.71 47.36
CA GLY C 71 -6.97 -14.66 48.46
C GLY C 71 -8.29 -15.44 48.47
N VAL C 72 -8.69 -15.91 47.30
CA VAL C 72 -9.95 -16.63 47.13
C VAL C 72 -9.70 -18.14 47.01
N GLU C 73 -10.31 -18.90 47.91
CA GLU C 73 -10.24 -20.36 47.89
C GLU C 73 -11.32 -20.94 46.97
N PRO C 74 -11.09 -22.17 46.46
CA PRO C 74 -12.22 -22.88 45.86
C PRO C 74 -13.19 -23.26 46.98
N ASN C 75 -14.48 -23.02 46.76
CA ASN C 75 -15.47 -22.97 47.86
C ASN C 75 -15.15 -21.76 48.73
N PRO C 76 -15.69 -20.59 48.37
CA PRO C 76 -15.31 -19.33 49.03
C PRO C 76 -15.77 -19.26 50.48
N LYS C 77 -14.83 -18.96 51.38
CA LYS C 77 -15.10 -18.98 52.83
C LYS C 77 -15.63 -17.66 53.36
N ASP C 78 -16.05 -17.66 54.63
CA ASP C 78 -16.45 -16.45 55.33
C ASP C 78 -15.25 -15.56 55.60
N THR C 79 -14.12 -16.18 55.95
CA THR C 79 -12.87 -15.48 56.19
C THR C 79 -12.32 -14.84 54.93
N ASN C 80 -12.65 -15.45 53.79
CA ASN C 80 -12.28 -14.92 52.47
C ASN C 80 -12.99 -13.61 52.18
N VAL C 81 -14.21 -13.46 52.70
CA VAL C 81 -15.01 -12.25 52.50
C VAL C 81 -14.47 -11.09 53.33
N ARG C 82 -14.29 -11.31 54.63
CA ARG C 82 -13.81 -10.25 55.52
C ARG C 82 -12.31 -9.96 55.40
N ASP C 83 -11.59 -10.80 54.68
CA ASP C 83 -10.21 -10.49 54.28
C ASP C 83 -10.21 -9.51 53.10
N GLY C 84 -11.10 -9.75 52.15
CA GLY C 84 -11.24 -8.89 50.97
C GLY C 84 -11.98 -7.60 51.27
N LEU C 85 -12.84 -7.64 52.28
CA LEU C 85 -13.59 -6.47 52.71
C LEU C 85 -12.65 -5.40 53.26
N ALA C 86 -11.67 -5.85 54.04
CA ALA C 86 -10.65 -4.96 54.60
C ALA C 86 -9.84 -4.30 53.50
N VAL C 87 -9.55 -5.06 52.44
CA VAL C 87 -8.85 -4.55 51.26
C VAL C 87 -9.72 -3.51 50.54
N PHE C 88 -11.02 -3.79 50.46
CA PHE C 88 -12.01 -2.89 49.85
C PHE C 88 -12.14 -1.54 50.60
N ARG C 89 -12.03 -1.58 51.92
CA ARG C 89 -12.19 -0.39 52.76
C ARG C 89 -10.88 0.33 53.04
N ARG C 90 -9.78 -0.41 53.16
CA ARG C 90 -8.46 0.15 53.41
C ARG C 90 -7.89 0.78 52.14
N GLU C 91 -7.97 0.06 51.03
CA GLU C 91 -7.54 0.60 49.73
C GLU C 91 -8.64 1.44 49.06
N GLN C 92 -9.75 1.63 49.77
CA GLN C 92 -10.85 2.51 49.36
C GLN C 92 -11.33 2.27 47.92
N CYS C 93 -12.29 1.36 47.77
CA CYS C 93 -12.78 0.98 46.46
C CYS C 93 -14.26 1.34 46.22
N ASP C 94 -14.61 1.52 44.96
CA ASP C 94 -15.89 2.09 44.55
C ASP C 94 -16.74 1.09 43.74
N ILE C 95 -16.08 0.09 43.15
CA ILE C 95 -16.73 -0.88 42.28
C ILE C 95 -16.03 -2.25 42.38
N ILE C 96 -16.82 -3.33 42.42
CA ILE C 96 -16.27 -4.68 42.52
C ILE C 96 -16.22 -5.37 41.16
N VAL C 97 -15.01 -5.72 40.73
CA VAL C 97 -14.85 -6.49 39.51
C VAL C 97 -14.36 -7.87 39.88
N THR C 98 -15.16 -8.88 39.53
CA THR C 98 -14.83 -10.26 39.83
C THR C 98 -14.45 -10.97 38.53
N VAL C 99 -13.37 -11.72 38.58
CA VAL C 99 -12.88 -12.45 37.40
C VAL C 99 -12.53 -13.88 37.76
N GLY C 100 -13.13 -14.82 37.03
CA GLY C 100 -12.94 -16.24 37.27
C GLY C 100 -14.20 -17.05 37.03
N GLY C 101 -14.27 -18.21 37.68
CA GLY C 101 -15.43 -19.07 37.58
C GLY C 101 -16.35 -18.89 38.77
N GLY C 102 -16.80 -19.99 39.34
CA GLY C 102 -17.79 -19.98 40.42
C GLY C 102 -17.35 -19.30 41.70
N SER C 103 -16.16 -19.64 42.18
CA SER C 103 -15.67 -19.10 43.45
C SER C 103 -15.52 -17.56 43.51
N PRO C 104 -14.75 -16.96 42.59
CA PRO C 104 -14.53 -15.50 42.59
C PRO C 104 -15.80 -14.62 42.51
N HIS C 105 -16.86 -15.13 41.90
CA HIS C 105 -18.10 -14.35 41.78
C HIS C 105 -18.90 -14.31 43.09
N ASP C 106 -19.01 -15.46 43.76
CA ASP C 106 -19.70 -15.55 45.05
C ASP C 106 -18.96 -14.75 46.13
N CYS C 107 -17.64 -14.83 46.13
CA CYS C 107 -16.83 -14.08 47.08
C CYS C 107 -16.96 -12.57 46.85
N GLY C 108 -17.00 -12.18 45.57
CA GLY C 108 -17.22 -10.78 45.19
C GLY C 108 -18.57 -10.27 45.65
N LYS C 109 -19.61 -11.07 45.41
CA LYS C 109 -20.94 -10.81 45.96
C LYS C 109 -20.86 -10.73 47.48
N GLY C 110 -20.22 -11.73 48.09
CA GLY C 110 -20.04 -11.81 49.54
C GLY C 110 -19.43 -10.56 50.13
N ILE C 111 -18.37 -10.06 49.50
CA ILE C 111 -17.75 -8.80 49.89
C ILE C 111 -18.77 -7.66 49.83
N GLY C 112 -19.45 -7.53 48.68
CA GLY C 112 -20.46 -6.49 48.49
C GLY C 112 -21.56 -6.46 49.52
N ILE C 113 -21.93 -7.63 50.03
CA ILE C 113 -22.95 -7.76 51.08
C ILE C 113 -22.44 -7.17 52.41
N ALA C 114 -21.30 -7.69 52.88
CA ALA C 114 -20.71 -7.29 54.16
C ALA C 114 -20.26 -5.82 54.15
N ALA C 115 -20.23 -5.22 52.95
CA ALA C 115 -19.82 -3.83 52.76
C ALA C 115 -20.96 -2.84 52.94
N THR C 116 -22.19 -3.29 52.67
CA THR C 116 -23.37 -2.42 52.74
C THR C 116 -24.40 -2.91 53.77
N HIS C 117 -24.05 -3.96 54.51
CA HIS C 117 -24.93 -4.51 55.54
C HIS C 117 -24.24 -4.66 56.89
N GLU C 118 -24.90 -4.12 57.92
CA GLU C 118 -24.38 -4.06 59.29
C GLU C 118 -23.99 -5.42 59.86
N GLY C 119 -22.76 -5.51 60.34
CA GLY C 119 -22.26 -6.68 61.10
C GLY C 119 -22.32 -8.05 60.42
N ASP C 120 -21.24 -8.82 60.57
CA ASP C 120 -21.18 -10.22 60.15
C ASP C 120 -21.63 -10.48 58.69
N LEU C 121 -22.08 -11.70 58.40
CA LEU C 121 -22.59 -12.08 57.07
C LEU C 121 -23.53 -13.30 57.11
N TYR C 122 -23.37 -14.13 58.13
CA TYR C 122 -24.18 -15.34 58.31
C TYR C 122 -25.64 -15.04 58.67
N GLN C 123 -25.87 -13.85 59.22
CA GLN C 123 -27.21 -13.39 59.61
C GLN C 123 -28.22 -13.42 58.46
N TYR C 124 -27.73 -13.19 57.23
CA TYR C 124 -28.58 -12.97 56.06
C TYR C 124 -28.83 -14.25 55.24
N ALA C 125 -28.45 -15.40 55.80
CA ALA C 125 -28.64 -16.69 55.14
C ALA C 125 -30.12 -17.03 54.98
N GLY C 126 -30.52 -17.28 53.74
CA GLY C 126 -31.91 -17.58 53.39
C GLY C 126 -32.42 -16.75 52.22
N ILE C 127 -33.73 -16.74 52.03
CA ILE C 127 -34.36 -16.00 50.93
C ILE C 127 -34.35 -14.48 51.14
N GLU C 128 -34.92 -13.75 50.20
CA GLU C 128 -34.80 -12.28 50.11
C GLU C 128 -34.75 -11.52 51.45
N THR C 129 -33.53 -11.23 51.90
CA THR C 129 -33.31 -10.57 53.20
C THR C 129 -32.33 -9.40 53.11
N LEU C 130 -32.17 -8.83 51.92
CA LEU C 130 -31.26 -7.70 51.72
C LEU C 130 -32.02 -6.39 51.49
N THR C 131 -31.65 -5.38 52.27
CA THR C 131 -32.38 -4.11 52.34
C THR C 131 -31.71 -2.99 51.53
N ASN C 132 -30.39 -3.04 51.42
CA ASN C 132 -29.61 -1.98 50.80
C ASN C 132 -28.91 -2.44 49.53
N PRO C 133 -28.81 -1.56 48.52
CA PRO C 133 -28.12 -1.93 47.28
C PRO C 133 -26.62 -2.13 47.50
N LEU C 134 -26.09 -3.21 46.92
CA LEU C 134 -24.66 -3.50 46.96
C LEU C 134 -23.89 -2.54 46.05
N PRO C 135 -22.55 -2.50 46.17
CA PRO C 135 -21.78 -1.67 45.25
C PRO C 135 -21.87 -2.25 43.83
N PRO C 136 -21.71 -1.40 42.79
CA PRO C 136 -21.72 -1.93 41.43
C PRO C 136 -20.75 -3.11 41.26
N ILE C 137 -21.22 -4.20 40.65
CA ILE C 137 -20.39 -5.38 40.44
C ILE C 137 -20.38 -5.79 38.97
N VAL C 138 -19.18 -5.82 38.38
CA VAL C 138 -19.00 -6.35 37.05
C VAL C 138 -18.36 -7.73 37.19
N ALA C 139 -19.03 -8.75 36.67
CA ALA C 139 -18.52 -10.12 36.73
C ALA C 139 -18.10 -10.62 35.37
N VAL C 140 -16.79 -10.79 35.19
CA VAL C 140 -16.25 -11.38 33.97
C VAL C 140 -15.99 -12.88 34.17
N ASN C 141 -16.75 -13.68 33.44
CA ASN C 141 -16.78 -15.12 33.62
C ASN C 141 -15.71 -15.83 32.81
N THR C 142 -15.02 -16.77 33.45
CA THR C 142 -13.88 -17.47 32.85
C THR C 142 -14.17 -18.97 32.63
N THR C 143 -15.40 -19.38 32.91
CA THR C 143 -15.77 -20.78 32.87
C THR C 143 -17.18 -20.99 32.29
N ALA C 144 -17.27 -21.77 31.22
CA ALA C 144 -18.57 -22.11 30.63
C ALA C 144 -19.21 -23.22 31.46
N GLY C 145 -19.57 -22.86 32.69
CA GLY C 145 -20.05 -23.80 33.68
C GLY C 145 -21.08 -23.28 34.64
N THR C 146 -20.67 -22.42 35.57
CA THR C 146 -21.50 -22.07 36.74
C THR C 146 -22.59 -21.03 36.45
N ALA C 147 -22.27 -20.04 35.62
CA ALA C 147 -23.17 -18.90 35.35
C ALA C 147 -23.46 -18.04 36.60
N SER C 148 -22.54 -18.06 37.56
CA SER C 148 -22.63 -17.24 38.78
C SER C 148 -22.55 -15.75 38.48
N GLU C 149 -22.18 -15.40 37.24
CA GLU C 149 -22.12 -14.00 36.83
C GLU C 149 -23.52 -13.44 36.53
N VAL C 150 -24.51 -14.33 36.52
CA VAL C 150 -25.84 -13.98 36.04
C VAL C 150 -26.92 -14.35 37.09
N THR C 151 -26.45 -14.62 38.30
CA THR C 151 -27.23 -15.32 39.32
C THR C 151 -27.54 -14.46 40.56
N ARG C 152 -28.63 -14.80 41.22
CA ARG C 152 -29.12 -14.11 42.42
C ARG C 152 -28.60 -14.79 43.69
N HIS C 153 -27.88 -15.90 43.52
CA HIS C 153 -27.41 -16.68 44.65
C HIS C 153 -26.01 -16.28 45.08
N CYS C 154 -25.78 -16.33 46.38
CA CYS C 154 -24.44 -16.13 46.95
C CYS C 154 -24.19 -17.26 47.94
N VAL C 155 -23.38 -18.23 47.53
CA VAL C 155 -23.07 -19.37 48.40
C VAL C 155 -21.62 -19.33 48.90
N LEU C 156 -21.47 -19.26 50.22
CA LEU C 156 -20.17 -19.29 50.88
C LEU C 156 -20.05 -20.53 51.77
N THR C 157 -19.01 -20.57 52.59
CA THR C 157 -18.81 -21.64 53.57
C THR C 157 -18.42 -21.06 54.93
N ASN C 158 -19.04 -21.59 56.00
CA ASN C 158 -18.65 -21.26 57.36
C ASN C 158 -17.42 -22.08 57.72
N THR C 159 -16.36 -21.41 58.17
CA THR C 159 -15.08 -22.07 58.47
C THR C 159 -15.17 -23.00 59.67
N GLU C 160 -15.75 -22.51 60.78
CA GLU C 160 -15.85 -23.30 62.01
C GLU C 160 -16.79 -24.50 61.88
N THR C 161 -17.88 -24.34 61.13
CA THR C 161 -18.90 -25.38 61.01
C THR C 161 -18.68 -26.34 59.84
N LYS C 162 -18.20 -25.81 58.72
CA LYS C 162 -18.10 -26.51 57.42
C LYS C 162 -19.41 -26.42 56.62
N VAL C 163 -20.52 -26.18 57.30
CA VAL C 163 -21.83 -26.09 56.66
C VAL C 163 -21.93 -24.86 55.75
N LYS C 164 -22.40 -25.08 54.53
CA LYS C 164 -22.57 -24.02 53.53
C LYS C 164 -23.86 -23.24 53.76
N PHE C 165 -23.82 -21.93 53.50
CA PHE C 165 -25.01 -21.09 53.55
C PHE C 165 -25.20 -20.28 52.25
N VAL C 166 -26.46 -20.05 51.89
CA VAL C 166 -26.79 -19.35 50.65
C VAL C 166 -27.61 -18.09 50.94
N ILE C 167 -27.22 -16.99 50.29
CA ILE C 167 -27.95 -15.73 50.37
C ILE C 167 -28.57 -15.41 49.00
N VAL C 168 -29.89 -15.28 48.98
CA VAL C 168 -30.65 -15.11 47.75
C VAL C 168 -31.33 -13.74 47.76
N SER C 169 -31.07 -12.94 46.72
CA SER C 169 -31.64 -11.60 46.60
C SER C 169 -31.45 -11.01 45.21
N TRP C 170 -32.40 -10.18 44.78
CA TRP C 170 -32.29 -9.45 43.51
C TRP C 170 -31.12 -8.46 43.49
N ARG C 171 -30.61 -8.15 44.68
CA ARG C 171 -29.47 -7.25 44.82
C ARG C 171 -28.13 -7.99 44.66
N ASN C 172 -28.18 -9.33 44.62
CA ASN C 172 -26.97 -10.12 44.39
C ASN C 172 -26.57 -10.19 42.91
N LEU C 173 -27.54 -9.91 42.04
CA LEU C 173 -27.33 -9.83 40.59
C LEU C 173 -26.26 -8.80 40.25
N PRO C 174 -25.10 -9.24 39.72
CA PRO C 174 -24.06 -8.31 39.32
C PRO C 174 -24.63 -7.25 38.38
N SER C 175 -24.13 -6.03 38.50
CA SER C 175 -24.59 -4.92 37.66
C SER C 175 -24.41 -5.27 36.18
N VAL C 176 -23.29 -5.93 35.89
CA VAL C 176 -22.91 -6.30 34.52
C VAL C 176 -22.29 -7.69 34.54
N SER C 177 -22.60 -8.49 33.51
CA SER C 177 -21.90 -9.75 33.29
C SER C 177 -21.15 -9.70 31.96
N ILE C 178 -19.99 -10.35 31.92
CA ILE C 178 -19.17 -10.41 30.70
C ILE C 178 -18.71 -11.84 30.45
N ASN C 179 -19.03 -12.35 29.25
CA ASN C 179 -18.71 -13.71 28.87
C ASN C 179 -17.83 -13.77 27.62
N ASP C 180 -16.52 -13.68 27.83
CA ASP C 180 -15.56 -13.69 26.75
C ASP C 180 -14.93 -15.08 26.57
N PRO C 181 -15.29 -15.78 25.49
CA PRO C 181 -14.77 -17.13 25.24
C PRO C 181 -13.25 -17.16 25.03
N LEU C 182 -12.68 -16.03 24.59
CA LEU C 182 -11.23 -15.91 24.41
C LEU C 182 -10.48 -16.07 25.73
N LEU C 183 -11.18 -15.76 26.83
CA LEU C 183 -10.62 -15.89 28.17
C LEU C 183 -10.83 -17.29 28.72
N MET C 184 -11.51 -18.13 27.93
CA MET C 184 -11.88 -19.48 28.35
C MET C 184 -11.09 -20.56 27.60
N ILE C 185 -10.19 -20.14 26.72
CA ILE C 185 -9.50 -21.06 25.83
C ILE C 185 -8.46 -21.94 26.56
N GLY C 186 -7.75 -21.36 27.52
CA GLY C 186 -6.71 -22.09 28.28
C GLY C 186 -7.19 -23.19 29.21
N LYS C 187 -8.47 -23.52 29.17
CA LYS C 187 -9.04 -24.57 30.02
C LYS C 187 -8.63 -25.98 29.58
N PRO C 188 -8.13 -26.81 30.52
CA PRO C 188 -7.79 -28.19 30.19
C PRO C 188 -9.04 -29.02 29.93
N ALA C 189 -8.90 -30.10 29.16
CA ALA C 189 -10.04 -30.89 28.69
C ALA C 189 -11.00 -31.32 29.81
N ALA C 190 -10.46 -31.93 30.85
CA ALA C 190 -11.27 -32.42 31.97
C ALA C 190 -12.12 -31.31 32.61
N LEU C 191 -11.51 -30.13 32.75
CA LEU C 191 -12.17 -28.96 33.32
C LEU C 191 -13.32 -28.47 32.45
N THR C 192 -13.13 -28.49 31.13
CA THR C 192 -14.19 -28.03 30.23
C THR C 192 -15.30 -29.09 30.13
N ALA C 193 -14.93 -30.36 30.34
CA ALA C 193 -15.89 -31.45 30.34
C ALA C 193 -16.82 -31.31 31.54
N ALA C 194 -16.24 -31.17 32.72
CA ALA C 194 -17.00 -31.04 33.97
C ALA C 194 -17.90 -29.80 33.98
N THR C 195 -17.35 -28.65 33.57
CA THR C 195 -18.09 -27.39 33.55
C THR C 195 -19.18 -27.42 32.49
N GLY C 196 -18.88 -28.08 31.37
CA GLY C 196 -19.88 -28.30 30.33
C GLY C 196 -21.05 -29.09 30.85
N MET C 197 -20.77 -30.19 31.55
CA MET C 197 -21.82 -31.01 32.15
C MET C 197 -22.59 -30.29 33.25
N ASP C 198 -21.88 -29.48 34.03
CA ASP C 198 -22.49 -28.59 35.01
C ASP C 198 -23.52 -27.68 34.33
N ALA C 199 -23.12 -27.09 33.20
CA ALA C 199 -24.04 -26.30 32.38
C ALA C 199 -25.25 -27.11 31.93
N LEU C 200 -25.01 -28.32 31.42
CA LEU C 200 -26.08 -29.21 30.94
C LEU C 200 -27.06 -29.50 32.06
N THR C 201 -26.52 -29.80 33.23
CA THR C 201 -27.35 -30.07 34.41
C THR C 201 -28.23 -28.88 34.72
N HIS C 202 -27.65 -27.68 34.70
CA HIS C 202 -28.44 -26.45 34.87
C HIS C 202 -29.56 -26.39 33.84
N ALA C 203 -29.22 -26.68 32.60
CA ALA C 203 -30.19 -26.61 31.51
C ALA C 203 -31.32 -27.64 31.63
N VAL C 204 -30.98 -28.90 31.91
CA VAL C 204 -32.01 -29.96 32.03
C VAL C 204 -32.85 -29.84 33.30
N GLU C 205 -32.20 -29.70 34.45
CA GLU C 205 -32.94 -29.56 35.70
C GLU C 205 -33.90 -28.38 35.69
N ALA C 206 -33.45 -27.25 35.11
CA ALA C 206 -34.29 -26.07 34.98
C ALA C 206 -35.42 -26.30 33.98
N TYR C 207 -35.18 -27.13 32.96
CA TYR C 207 -36.19 -27.44 31.96
C TYR C 207 -37.35 -28.29 32.53
N ILE C 208 -37.02 -29.21 33.43
CA ILE C 208 -38.02 -30.13 33.97
C ILE C 208 -38.49 -29.73 35.39
N SER C 209 -37.96 -28.61 35.88
CA SER C 209 -38.27 -28.13 37.23
C SER C 209 -39.76 -27.85 37.43
N LYS C 210 -40.23 -27.97 38.66
CA LYS C 210 -41.60 -27.65 39.04
C LYS C 210 -41.95 -26.20 38.75
N ASP C 211 -40.93 -25.34 38.83
CA ASP C 211 -41.09 -23.90 38.68
C ASP C 211 -40.80 -23.44 37.25
N ALA C 212 -40.50 -24.38 36.36
CA ALA C 212 -40.25 -24.09 34.95
C ALA C 212 -41.48 -23.51 34.24
N ASN C 213 -41.23 -22.64 33.27
CA ASN C 213 -42.27 -22.03 32.44
C ASN C 213 -41.75 -21.73 31.03
N PRO C 214 -42.65 -21.44 30.07
CA PRO C 214 -42.25 -21.12 28.69
C PRO C 214 -41.09 -20.12 28.49
N VAL C 215 -41.03 -19.06 29.30
CA VAL C 215 -39.95 -18.06 29.19
C VAL C 215 -38.62 -18.68 29.63
N THR C 216 -38.71 -19.51 30.66
CA THR C 216 -37.57 -20.19 31.25
C THR C 216 -37.12 -21.33 30.34
N ASP C 217 -38.09 -21.99 29.70
CA ASP C 217 -37.82 -23.10 28.79
C ASP C 217 -37.07 -22.64 27.55
N ALA C 218 -37.31 -21.40 27.14
CA ALA C 218 -36.65 -20.83 25.97
C ALA C 218 -35.14 -20.99 26.07
N ALA C 219 -34.57 -20.50 27.17
CA ALA C 219 -33.12 -20.52 27.37
C ALA C 219 -32.60 -21.93 27.66
N ALA C 220 -33.35 -22.71 28.43
CA ALA C 220 -32.93 -24.05 28.79
C ALA C 220 -32.85 -24.96 27.57
N MET C 221 -33.84 -24.86 26.68
CA MET C 221 -33.87 -25.69 25.47
C MET C 221 -32.70 -25.36 24.56
N GLN C 222 -32.45 -24.08 24.34
CA GLN C 222 -31.34 -23.64 23.49
C GLN C 222 -30.00 -24.06 24.08
N ALA C 223 -29.91 -24.01 25.41
CA ALA C 223 -28.71 -24.44 26.11
C ALA C 223 -28.43 -25.92 25.87
N ILE C 224 -29.47 -26.73 25.89
CA ILE C 224 -29.36 -28.18 25.67
C ILE C 224 -28.94 -28.45 24.21
N ARG C 225 -29.58 -27.75 23.27
CA ARG C 225 -29.25 -27.85 21.86
C ARG C 225 -27.80 -27.46 21.58
N LEU C 226 -27.32 -26.40 22.22
CA LEU C 226 -25.94 -25.95 22.05
C LEU C 226 -24.92 -26.92 22.66
N ILE C 227 -25.18 -27.42 23.86
CA ILE C 227 -24.25 -28.32 24.54
C ILE C 227 -24.07 -29.63 23.77
N ALA C 228 -25.18 -30.24 23.37
CA ALA C 228 -25.16 -31.43 22.51
C ALA C 228 -24.29 -31.22 21.28
N ARG C 229 -24.36 -30.03 20.68
CA ARG C 229 -23.69 -29.74 19.41
C ARG C 229 -22.27 -29.18 19.55
N ASN C 230 -21.83 -28.93 20.78
CA ASN C 230 -20.54 -28.25 20.99
C ASN C 230 -19.63 -28.78 22.11
N LEU C 231 -20.19 -29.44 23.11
CA LEU C 231 -19.38 -29.88 24.24
C LEU C 231 -18.29 -30.87 23.83
N ARG C 232 -18.68 -31.93 23.12
CA ARG C 232 -17.72 -32.91 22.61
C ARG C 232 -16.56 -32.25 21.88
N GLN C 233 -16.86 -31.21 21.11
CA GLN C 233 -15.86 -30.54 20.28
C GLN C 233 -14.94 -29.65 21.10
N ALA C 234 -15.50 -29.03 22.13
CA ALA C 234 -14.75 -28.14 23.01
C ALA C 234 -13.72 -28.89 23.85
N VAL C 235 -14.08 -30.05 24.40
CA VAL C 235 -13.10 -30.86 25.16
C VAL C 235 -12.09 -31.57 24.27
N ALA C 236 -12.44 -31.78 23.01
CA ALA C 236 -11.50 -32.37 22.05
C ALA C 236 -10.37 -31.40 21.73
N LEU C 237 -10.73 -30.11 21.58
CA LEU C 237 -9.76 -29.07 21.26
C LEU C 237 -10.15 -27.72 21.88
N GLY C 238 -9.38 -27.30 22.88
CA GLY C 238 -9.66 -26.07 23.62
C GLY C 238 -9.55 -24.82 22.79
N SER C 239 -8.61 -24.81 21.84
CA SER C 239 -8.40 -23.65 20.96
C SER C 239 -9.47 -23.50 19.89
N ASN C 240 -10.46 -24.40 19.88
CA ASN C 240 -11.57 -24.32 18.93
C ASN C 240 -12.49 -23.18 19.32
N LEU C 241 -12.29 -22.01 18.70
CA LEU C 241 -13.05 -20.80 19.04
C LEU C 241 -14.56 -20.95 18.88
N GLN C 242 -15.02 -21.62 17.82
CA GLN C 242 -16.45 -21.79 17.58
C GLN C 242 -17.10 -22.54 18.73
N ALA C 243 -16.50 -23.66 19.12
CA ALA C 243 -17.02 -24.49 20.21
C ALA C 243 -17.00 -23.76 21.56
N ARG C 244 -15.92 -23.01 21.81
CA ARG C 244 -15.80 -22.21 23.02
C ARG C 244 -16.90 -21.15 23.12
N GLU C 245 -17.15 -20.47 21.99
CA GLU C 245 -18.23 -19.48 21.88
C GLU C 245 -19.57 -20.05 22.29
N TYR C 246 -19.91 -21.19 21.68
CA TYR C 246 -21.21 -21.82 21.86
C TYR C 246 -21.39 -22.36 23.28
N MET C 247 -20.31 -22.92 23.85
CA MET C 247 -20.34 -23.35 25.24
C MET C 247 -20.55 -22.18 26.20
N ALA C 248 -19.95 -21.03 25.90
CA ALA C 248 -20.14 -19.81 26.70
C ALA C 248 -21.61 -19.35 26.70
N TYR C 249 -22.25 -19.43 25.54
CA TYR C 249 -23.63 -18.96 25.40
C TYR C 249 -24.58 -19.93 26.10
N ALA C 250 -24.36 -21.22 25.90
CA ALA C 250 -25.15 -22.27 26.55
C ALA C 250 -25.08 -22.16 28.06
N SER C 251 -23.88 -21.98 28.60
CA SER C 251 -23.69 -21.84 30.03
C SER C 251 -24.43 -20.61 30.55
N LEU C 252 -24.34 -19.51 29.82
CA LEU C 252 -25.09 -18.30 30.14
C LEU C 252 -26.58 -18.56 30.09
N LEU C 253 -27.04 -19.22 29.02
CA LEU C 253 -28.46 -19.48 28.81
C LEU C 253 -29.00 -20.44 29.87
N ALA C 254 -28.19 -21.42 30.26
CA ALA C 254 -28.55 -22.34 31.35
C ALA C 254 -28.69 -21.57 32.66
N GLY C 255 -27.84 -20.56 32.83
CA GLY C 255 -27.93 -19.65 33.95
C GLY C 255 -29.25 -18.89 33.98
N MET C 256 -29.54 -18.17 32.89
CA MET C 256 -30.79 -17.42 32.77
C MET C 256 -32.00 -18.31 33.00
N ALA C 257 -31.86 -19.58 32.64
CA ALA C 257 -32.90 -20.57 32.89
C ALA C 257 -33.00 -20.91 34.38
N PHE C 258 -31.91 -21.43 34.95
CA PHE C 258 -31.96 -21.99 36.31
C PHE C 258 -32.08 -20.95 37.42
N ASN C 259 -31.54 -19.75 37.18
CA ASN C 259 -31.69 -18.64 38.11
C ASN C 259 -33.15 -18.37 38.46
N ASN C 260 -34.06 -18.81 37.59
CA ASN C 260 -35.48 -18.50 37.72
C ASN C 260 -36.39 -19.73 37.74
N ALA C 261 -35.87 -20.86 37.28
CA ALA C 261 -36.63 -22.11 37.32
C ALA C 261 -36.17 -23.01 38.47
N ASN C 262 -34.96 -22.75 38.97
CA ASN C 262 -34.30 -23.59 39.98
C ASN C 262 -33.85 -24.93 39.43
N LEU C 263 -33.18 -25.73 40.26
CA LEU C 263 -32.62 -27.00 39.83
C LEU C 263 -33.40 -28.20 40.39
N GLY C 264 -32.72 -29.29 40.69
CA GLY C 264 -33.41 -30.46 41.25
C GLY C 264 -32.52 -31.36 42.09
N TYR C 265 -32.75 -32.66 41.96
CA TYR C 265 -32.06 -33.67 42.77
C TYR C 265 -30.58 -33.82 42.42
N VAL C 266 -30.22 -33.59 41.16
CA VAL C 266 -28.83 -33.74 40.72
C VAL C 266 -27.90 -32.84 41.55
N HIS C 267 -28.28 -31.57 41.69
CA HIS C 267 -27.51 -30.60 42.44
C HIS C 267 -27.63 -30.84 43.94
N ALA C 268 -28.82 -31.26 44.37
CA ALA C 268 -29.08 -31.58 45.77
C ALA C 268 -28.18 -32.72 46.24
N MET C 269 -28.01 -33.72 45.37
CA MET C 269 -27.16 -34.86 45.68
C MET C 269 -25.67 -34.54 45.49
N ALA C 270 -25.36 -33.69 44.52
CA ALA C 270 -23.98 -33.38 44.15
C ALA C 270 -23.30 -32.45 45.16
N HIS C 271 -24.08 -31.60 45.82
CA HIS C 271 -23.57 -30.76 46.89
C HIS C 271 -23.12 -31.63 48.07
N GLN C 272 -23.74 -32.80 48.20
CA GLN C 272 -23.37 -33.75 49.26
C GLN C 272 -22.03 -34.42 48.93
N LEU C 273 -21.85 -34.79 47.66
CA LEU C 273 -20.62 -35.41 47.22
C LEU C 273 -19.43 -34.46 47.37
N GLY C 274 -19.60 -33.22 46.92
CA GLY C 274 -18.58 -32.18 47.06
C GLY C 274 -18.39 -31.69 48.49
N GLY C 275 -19.17 -32.26 49.41
CA GLY C 275 -19.07 -31.93 50.82
C GLY C 275 -18.21 -32.94 51.55
N LEU C 276 -18.50 -34.23 51.33
CA LEU C 276 -17.80 -35.31 52.04
C LEU C 276 -16.50 -35.72 51.37
N TYR C 277 -16.33 -35.34 50.11
CA TYR C 277 -15.14 -35.71 49.35
C TYR C 277 -14.52 -34.53 48.61
N ASP C 278 -15.12 -33.35 48.77
CA ASP C 278 -14.76 -32.14 48.01
C ASP C 278 -14.46 -32.43 46.54
N MET C 279 -15.32 -33.28 45.97
CA MET C 279 -15.30 -33.65 44.55
C MET C 279 -15.66 -32.42 43.72
N PRO C 280 -15.02 -32.25 42.56
CA PRO C 280 -15.40 -31.13 41.68
C PRO C 280 -16.91 -31.10 41.42
N HIS C 281 -17.52 -29.94 41.58
CA HIS C 281 -18.98 -29.78 41.42
C HIS C 281 -19.49 -30.28 40.07
N GLY C 282 -18.69 -30.10 39.02
CA GLY C 282 -19.03 -30.53 37.67
C GLY C 282 -19.09 -32.03 37.45
N VAL C 283 -18.09 -32.76 37.95
CA VAL C 283 -18.03 -34.21 37.73
C VAL C 283 -19.07 -34.94 38.58
N ALA C 284 -19.38 -34.35 39.73
CA ALA C 284 -20.40 -34.85 40.62
C ALA C 284 -21.78 -34.73 39.99
N ASN C 285 -22.03 -33.57 39.38
CA ASN C 285 -23.24 -33.35 38.61
C ASN C 285 -23.30 -34.28 37.41
N ALA C 286 -22.18 -34.40 36.71
CA ALA C 286 -22.10 -35.22 35.51
C ALA C 286 -22.38 -36.69 35.80
N VAL C 287 -21.72 -37.24 36.81
CA VAL C 287 -21.82 -38.66 37.09
C VAL C 287 -23.24 -39.03 37.52
N LEU C 288 -23.91 -38.09 38.17
CA LEU C 288 -25.24 -38.31 38.70
C LEU C 288 -26.36 -38.09 37.69
N LEU C 289 -26.14 -37.13 36.78
CA LEU C 289 -27.17 -36.63 35.86
C LEU C 289 -28.07 -37.71 35.22
N PRO C 290 -27.49 -38.72 34.55
CA PRO C 290 -28.35 -39.66 33.82
C PRO C 290 -29.21 -40.49 34.78
N HIS C 291 -28.63 -40.90 35.90
CA HIS C 291 -29.31 -41.71 36.89
C HIS C 291 -30.49 -40.94 37.52
N VAL C 292 -30.28 -39.67 37.83
CA VAL C 292 -31.35 -38.83 38.39
C VAL C 292 -32.41 -38.49 37.33
N ALA C 293 -31.95 -38.23 36.10
CA ALA C 293 -32.84 -38.04 34.95
C ALA C 293 -33.77 -39.22 34.76
N ARG C 294 -33.21 -40.44 34.80
CA ARG C 294 -34.01 -41.67 34.67
C ARG C 294 -35.09 -41.71 35.74
N TYR C 295 -34.68 -41.41 36.96
CA TYR C 295 -35.57 -41.36 38.10
C TYR C 295 -36.67 -40.33 37.88
N ASN C 296 -36.33 -39.22 37.22
CA ASN C 296 -37.26 -38.12 36.97
C ASN C 296 -38.16 -38.30 35.73
N LEU C 297 -37.87 -39.31 34.92
CA LEU C 297 -38.57 -39.52 33.64
C LEU C 297 -40.10 -39.56 33.80
N ILE C 298 -40.58 -40.36 34.75
CA ILE C 298 -42.02 -40.53 34.98
C ILE C 298 -42.75 -39.24 35.39
N ALA C 299 -42.00 -38.24 35.84
CA ALA C 299 -42.58 -36.96 36.23
C ALA C 299 -43.01 -36.15 35.01
N ASN C 300 -42.23 -36.28 33.93
CA ASN C 300 -42.49 -35.57 32.68
C ASN C 300 -41.85 -36.25 31.47
N PRO C 301 -42.45 -37.37 30.99
CA PRO C 301 -41.90 -38.05 29.83
C PRO C 301 -41.86 -37.20 28.55
N GLU C 302 -42.87 -36.35 28.32
CA GLU C 302 -42.93 -35.50 27.12
C GLU C 302 -41.74 -34.55 27.02
N LYS C 303 -41.31 -34.04 28.17
CA LYS C 303 -40.15 -33.16 28.22
C LYS C 303 -38.83 -33.89 28.04
N PHE C 304 -38.74 -35.13 28.54
CA PHE C 304 -37.54 -35.95 28.26
C PHE C 304 -37.45 -36.35 26.79
N ALA C 305 -38.60 -36.57 26.15
CA ALA C 305 -38.67 -36.74 24.71
C ALA C 305 -38.18 -35.47 23.99
N ASP C 306 -38.58 -34.30 24.51
CA ASP C 306 -38.13 -33.01 24.00
C ASP C 306 -36.61 -32.93 24.04
N ILE C 307 -36.04 -33.38 25.16
CA ILE C 307 -34.60 -33.37 25.38
C ILE C 307 -33.87 -34.27 24.38
N ALA C 308 -34.41 -35.46 24.15
CA ALA C 308 -33.86 -36.37 23.16
C ALA C 308 -33.75 -35.72 21.77
N GLU C 309 -34.82 -35.04 21.35
CA GLU C 309 -34.86 -34.30 20.09
C GLU C 309 -33.85 -33.15 20.09
N LEU C 310 -33.76 -32.46 21.22
CA LEU C 310 -32.85 -31.33 21.40
C LEU C 310 -31.40 -31.76 21.38
N MET C 311 -31.17 -33.03 21.71
CA MET C 311 -29.82 -33.59 21.71
C MET C 311 -29.44 -34.32 20.41
N GLY C 312 -30.27 -34.16 19.38
CA GLY C 312 -29.97 -34.68 18.06
C GLY C 312 -30.43 -36.10 17.74
N GLU C 313 -31.14 -36.73 18.66
CA GLU C 313 -31.65 -38.09 18.45
C GLU C 313 -32.81 -38.11 17.45
N ASN C 314 -32.88 -39.18 16.65
CA ASN C 314 -34.05 -39.40 15.80
C ASN C 314 -35.16 -40.05 16.61
N ILE C 315 -36.36 -39.51 16.49
CA ILE C 315 -37.47 -39.80 17.41
C ILE C 315 -38.71 -40.29 16.64
N THR C 316 -38.70 -40.03 15.34
CA THR C 316 -39.83 -40.20 14.41
C THR C 316 -41.04 -41.03 14.87
N GLY C 317 -40.89 -42.34 14.92
CA GLY C 317 -42.04 -43.22 15.16
C GLY C 317 -42.07 -43.81 16.56
N LEU C 318 -41.38 -43.18 17.50
CA LEU C 318 -41.30 -43.70 18.86
C LEU C 318 -42.44 -43.20 19.74
N SER C 319 -42.89 -44.06 20.66
CA SER C 319 -43.82 -43.66 21.70
C SER C 319 -43.09 -42.65 22.59
N THR C 320 -43.84 -41.84 23.34
CA THR C 320 -43.23 -40.84 24.20
C THR C 320 -42.16 -41.48 25.10
N LEU C 321 -42.49 -42.65 25.66
CA LEU C 321 -41.58 -43.33 26.58
C LEU C 321 -40.25 -43.76 25.93
N ASP C 322 -40.33 -44.37 24.73
CA ASP C 322 -39.12 -44.74 23.99
C ASP C 322 -38.32 -43.50 23.60
N ALA C 323 -39.02 -42.45 23.22
CA ALA C 323 -38.38 -41.17 22.93
C ALA C 323 -37.69 -40.63 24.19
N ALA C 324 -38.37 -40.70 25.33
CA ALA C 324 -37.81 -40.28 26.61
C ALA C 324 -36.60 -41.11 27.03
N GLU C 325 -36.66 -42.42 26.81
CA GLU C 325 -35.51 -43.31 27.03
C GLU C 325 -34.26 -42.89 26.28
N LYS C 326 -34.43 -42.40 25.05
CA LYS C 326 -33.29 -41.98 24.23
C LYS C 326 -32.57 -40.75 24.78
N ALA C 327 -33.26 -39.95 25.58
CA ALA C 327 -32.63 -38.82 26.27
C ALA C 327 -31.64 -39.27 27.32
N ILE C 328 -31.98 -40.34 28.04
CA ILE C 328 -31.08 -40.88 29.06
C ILE C 328 -29.82 -41.38 28.38
N ALA C 329 -30.00 -42.16 27.31
CA ALA C 329 -28.89 -42.75 26.57
C ALA C 329 -28.03 -41.67 25.92
N ALA C 330 -28.65 -40.58 25.47
CA ALA C 330 -27.92 -39.48 24.84
C ALA C 330 -26.97 -38.81 25.82
N ILE C 331 -27.49 -38.50 27.02
CA ILE C 331 -26.70 -37.86 28.06
C ILE C 331 -25.50 -38.73 28.43
N THR C 332 -25.75 -40.01 28.72
CA THR C 332 -24.66 -40.92 29.11
C THR C 332 -23.65 -41.14 27.98
N ARG C 333 -24.11 -41.08 26.72
CA ARG C 333 -23.18 -41.14 25.58
C ARG C 333 -22.26 -39.91 25.57
N LEU C 334 -22.83 -38.73 25.85
CA LEU C 334 -22.04 -37.50 25.93
C LEU C 334 -21.04 -37.59 27.09
N SER C 335 -21.55 -37.98 28.26
CA SER C 335 -20.74 -38.18 29.46
C SER C 335 -19.54 -39.07 29.17
N MET C 336 -19.78 -40.16 28.46
CA MET C 336 -18.72 -41.12 28.16
C MET C 336 -17.73 -40.59 27.14
N ASP C 337 -18.24 -39.99 26.07
CA ASP C 337 -17.41 -39.45 24.99
C ASP C 337 -16.38 -38.43 25.50
N ILE C 338 -16.81 -37.57 26.41
CA ILE C 338 -15.98 -36.48 26.88
C ILE C 338 -15.08 -36.90 28.05
N GLY C 339 -15.17 -38.19 28.41
CA GLY C 339 -14.25 -38.79 29.39
C GLY C 339 -14.58 -38.60 30.85
N ILE C 340 -15.86 -38.36 31.15
CA ILE C 340 -16.34 -38.27 32.53
C ILE C 340 -16.26 -39.66 33.19
N PRO C 341 -15.74 -39.73 34.44
CA PRO C 341 -15.77 -41.01 35.18
C PRO C 341 -17.21 -41.47 35.43
N GLN C 342 -17.46 -42.77 35.27
CA GLN C 342 -18.82 -43.30 35.22
C GLN C 342 -19.36 -43.86 36.54
N HIS C 343 -18.46 -44.23 37.45
CA HIS C 343 -18.88 -44.90 38.67
C HIS C 343 -18.28 -44.25 39.92
N LEU C 344 -19.15 -43.90 40.86
CA LEU C 344 -18.74 -43.19 42.07
C LEU C 344 -17.66 -43.93 42.85
N ARG C 345 -17.57 -45.23 42.64
CA ARG C 345 -16.53 -46.07 43.21
C ARG C 345 -15.13 -45.60 42.81
N ASP C 346 -14.98 -45.14 41.57
CA ASP C 346 -13.71 -44.61 41.05
C ASP C 346 -13.32 -43.26 41.70
N LEU C 347 -14.31 -42.51 42.18
CA LEU C 347 -14.06 -41.19 42.76
C LEU C 347 -13.83 -41.20 44.27
N GLY C 348 -13.78 -42.40 44.85
CA GLY C 348 -13.52 -42.56 46.29
C GLY C 348 -14.74 -42.40 47.18
N VAL C 349 -15.91 -42.68 46.63
CA VAL C 349 -17.18 -42.65 47.37
C VAL C 349 -17.45 -44.04 47.96
N LYS C 350 -18.07 -44.07 49.14
CA LYS C 350 -18.38 -45.34 49.82
C LYS C 350 -19.87 -45.58 50.02
N GLU C 351 -20.30 -46.83 49.79
CA GLU C 351 -21.71 -47.24 49.86
C GLU C 351 -22.40 -46.99 51.21
N THR C 352 -21.59 -46.88 52.26
CA THR C 352 -22.09 -46.65 53.61
C THR C 352 -22.37 -45.18 53.91
N ASP C 353 -21.84 -44.30 53.07
CA ASP C 353 -22.08 -42.87 53.19
C ASP C 353 -23.40 -42.43 52.54
N PHE C 354 -24.16 -43.39 52.04
CA PHE C 354 -25.38 -43.07 51.29
C PHE C 354 -26.55 -42.57 52.14
N PRO C 355 -26.88 -43.28 53.25
CA PRO C 355 -28.01 -42.85 54.08
C PRO C 355 -27.95 -41.39 54.52
N TYR C 356 -26.79 -40.96 55.03
CA TYR C 356 -26.60 -39.59 55.50
C TYR C 356 -26.66 -38.55 54.37
N MET C 357 -26.08 -38.91 53.22
CA MET C 357 -26.09 -38.06 52.03
C MET C 357 -27.51 -37.84 51.50
N ALA C 358 -28.32 -38.90 51.56
CA ALA C 358 -29.72 -38.84 51.14
C ALA C 358 -30.51 -37.91 52.04
N GLU C 359 -30.27 -38.00 53.34
CA GLU C 359 -30.90 -37.14 54.33
C GLU C 359 -30.69 -35.66 54.01
N MET C 360 -29.42 -35.29 53.82
CA MET C 360 -29.05 -33.91 53.54
C MET C 360 -29.59 -33.43 52.19
N ALA C 361 -29.50 -34.29 51.18
CA ALA C 361 -29.98 -33.98 49.84
C ALA C 361 -31.46 -33.60 49.85
N LEU C 362 -32.22 -34.24 50.73
CA LEU C 362 -33.65 -33.96 50.86
C LEU C 362 -33.88 -32.57 51.46
N LYS C 363 -33.00 -32.16 52.38
CA LYS C 363 -33.08 -30.86 53.03
C LYS C 363 -32.50 -29.72 52.18
N ASP C 364 -31.73 -30.07 51.15
CA ASP C 364 -31.09 -29.08 50.27
C ASP C 364 -32.12 -28.23 49.54
N GLY C 365 -31.76 -26.99 49.25
CA GLY C 365 -32.67 -26.00 48.66
C GLY C 365 -33.14 -26.33 47.26
N ASN C 366 -32.26 -26.98 46.49
CA ASN C 366 -32.57 -27.41 45.13
C ASN C 366 -33.54 -28.58 45.05
N ALA C 367 -33.74 -29.27 46.17
CA ALA C 367 -34.62 -30.45 46.22
C ALA C 367 -36.09 -30.14 45.95
N PHE C 368 -36.56 -29.00 46.47
CA PHE C 368 -37.98 -28.65 46.38
C PHE C 368 -38.53 -28.62 44.96
N SER C 369 -37.75 -28.07 44.02
CA SER C 369 -38.24 -27.84 42.67
C SER C 369 -38.17 -29.08 41.75
N ASN C 370 -37.57 -30.16 42.26
CA ASN C 370 -37.47 -31.42 41.52
C ASN C 370 -38.87 -31.92 41.14
N PRO C 371 -39.07 -32.30 39.86
CA PRO C 371 -40.42 -32.64 39.40
C PRO C 371 -40.98 -33.92 40.04
N ARG C 372 -40.10 -34.71 40.65
CA ARG C 372 -40.52 -35.90 41.37
C ARG C 372 -40.22 -35.78 42.87
N LYS C 373 -41.24 -36.02 43.69
CA LYS C 373 -41.10 -35.99 45.15
C LYS C 373 -40.76 -37.38 45.69
N GLY C 374 -39.55 -37.53 46.19
CA GLY C 374 -39.09 -38.81 46.72
C GLY C 374 -38.83 -38.77 48.21
N ASN C 375 -38.03 -39.73 48.68
CA ASN C 375 -37.64 -39.81 50.08
C ASN C 375 -36.19 -40.26 50.26
N GLU C 376 -35.84 -40.68 51.48
CA GLU C 376 -34.47 -41.08 51.80
C GLU C 376 -34.03 -42.37 51.09
N GLN C 377 -34.92 -43.35 51.01
CA GLN C 377 -34.63 -44.63 50.35
C GLN C 377 -34.40 -44.46 48.86
N GLU C 378 -35.30 -43.71 48.22
CA GLU C 378 -35.28 -43.49 46.78
C GLU C 378 -34.01 -42.75 46.33
N ILE C 379 -33.61 -41.74 47.08
CA ILE C 379 -32.37 -41.01 46.81
C ILE C 379 -31.13 -41.90 47.00
N ALA C 380 -31.12 -42.68 48.09
CA ALA C 380 -30.04 -43.64 48.35
C ALA C 380 -29.91 -44.67 47.23
N ALA C 381 -31.04 -45.04 46.63
CA ALA C 381 -31.05 -45.96 45.49
C ALA C 381 -30.36 -45.36 44.27
N ILE C 382 -30.59 -44.05 44.04
CA ILE C 382 -29.95 -43.35 42.92
C ILE C 382 -28.43 -43.35 43.10
N PHE C 383 -27.98 -43.15 44.33
CA PHE C 383 -26.55 -43.24 44.65
C PHE C 383 -25.99 -44.60 44.28
N ARG C 384 -26.64 -45.66 44.74
CA ARG C 384 -26.22 -47.04 44.49
C ARG C 384 -26.19 -47.37 42.99
N GLN C 385 -27.17 -46.82 42.26
CA GLN C 385 -27.23 -46.97 40.80
C GLN C 385 -26.06 -46.26 40.11
N ALA C 386 -25.61 -45.16 40.70
CA ALA C 386 -24.49 -44.38 40.16
C ALA C 386 -23.15 -44.83 40.75
N PHE C 387 -23.18 -45.93 41.49
CA PHE C 387 -21.99 -46.49 42.11
C PHE C 387 -21.36 -47.55 41.21
N ARG D 4 -6.90 -18.60 9.88
CA ARG D 4 -7.57 -17.47 9.20
C ARG D 4 -7.26 -17.45 7.70
N MET D 5 -5.99 -17.66 7.36
CA MET D 5 -5.50 -17.61 5.99
C MET D 5 -4.80 -18.93 5.61
N PHE D 6 -4.77 -19.27 4.32
CA PHE D 6 -4.22 -20.57 3.88
C PHE D 6 -3.30 -20.50 2.66
N ASP D 7 -2.36 -21.45 2.58
CA ASP D 7 -1.60 -21.68 1.34
C ASP D 7 -2.00 -22.99 0.67
N TYR D 8 -1.70 -23.10 -0.62
CA TYR D 8 -1.98 -24.32 -1.38
C TYR D 8 -0.89 -24.51 -2.43
N LEU D 9 -0.04 -25.52 -2.22
CA LEU D 9 1.11 -25.79 -3.08
C LEU D 9 1.00 -27.15 -3.73
N VAL D 10 1.46 -27.20 -4.97
CA VAL D 10 1.32 -28.36 -5.84
C VAL D 10 2.31 -28.12 -7.00
N PRO D 11 2.86 -29.20 -7.59
CA PRO D 11 3.64 -29.02 -8.81
C PRO D 11 2.90 -28.20 -9.87
N ASN D 12 3.66 -27.35 -10.55
CA ASN D 12 3.17 -26.50 -11.63
C ASN D 12 2.36 -27.26 -12.70
N VAL D 13 2.91 -28.39 -13.14
CA VAL D 13 2.42 -29.17 -14.27
C VAL D 13 2.40 -30.64 -13.87
N ASN D 14 1.24 -31.28 -13.91
CA ASN D 14 1.09 -32.67 -13.52
C ASN D 14 0.50 -33.52 -14.61
N PHE D 15 1.00 -34.74 -14.77
CA PHE D 15 0.44 -35.69 -15.72
C PHE D 15 0.02 -36.95 -15.01
N PHE D 16 -1.07 -37.55 -15.48
CA PHE D 16 -1.57 -38.80 -14.93
C PHE D 16 -2.46 -39.52 -15.95
N GLY D 17 -2.61 -40.83 -15.76
CA GLY D 17 -3.33 -41.69 -16.70
C GLY D 17 -2.40 -42.68 -17.39
N PRO D 18 -2.97 -43.76 -17.98
CA PRO D 18 -2.15 -44.77 -18.67
C PRO D 18 -1.21 -44.18 -19.73
N ASN D 19 0.04 -44.60 -19.68
CA ASN D 19 1.12 -44.15 -20.55
C ASN D 19 1.50 -42.66 -20.44
N ALA D 20 1.24 -42.08 -19.26
CA ALA D 20 1.64 -40.69 -18.97
C ALA D 20 3.16 -40.58 -18.87
N ILE D 21 3.84 -41.71 -18.73
CA ILE D 21 5.30 -41.74 -18.71
C ILE D 21 5.88 -41.26 -20.03
N SER D 22 5.11 -41.41 -21.10
CA SER D 22 5.55 -41.01 -22.44
C SER D 22 5.95 -39.53 -22.59
N VAL D 23 5.75 -38.73 -21.55
CA VAL D 23 6.14 -37.31 -21.60
C VAL D 23 7.42 -36.94 -20.83
N VAL D 24 8.02 -37.88 -20.09
CA VAL D 24 9.21 -37.55 -19.27
C VAL D 24 10.29 -36.79 -20.03
N GLY D 25 10.68 -37.34 -21.18
CA GLY D 25 11.71 -36.72 -22.00
C GLY D 25 11.30 -35.35 -22.51
N GLU D 26 10.09 -35.28 -23.05
CA GLU D 26 9.56 -34.03 -23.61
C GLU D 26 9.53 -32.94 -22.54
N ARG D 27 9.20 -33.35 -21.32
CA ARG D 27 9.09 -32.42 -20.21
C ARG D 27 10.45 -31.92 -19.70
N CYS D 28 11.47 -32.76 -19.80
CA CYS D 28 12.84 -32.35 -19.52
C CYS D 28 13.36 -31.33 -20.54
N GLN D 29 13.03 -31.55 -21.82
CA GLN D 29 13.29 -30.58 -22.89
C GLN D 29 12.79 -29.18 -22.52
N LEU D 30 11.50 -29.09 -22.19
CA LEU D 30 10.83 -27.81 -21.92
C LEU D 30 11.39 -27.08 -20.70
N LEU D 31 11.94 -27.84 -19.75
CA LEU D 31 12.55 -27.26 -18.56
C LEU D 31 14.00 -26.84 -18.79
N GLY D 32 14.49 -27.06 -20.01
CA GLY D 32 15.85 -26.70 -20.39
C GLY D 32 16.92 -27.63 -19.85
N GLY D 33 16.54 -28.87 -19.60
CA GLY D 33 17.47 -29.90 -19.14
C GLY D 33 18.13 -30.64 -20.29
N LYS D 34 19.45 -30.82 -20.19
CA LYS D 34 20.25 -31.47 -21.24
C LYS D 34 20.76 -32.85 -20.81
N LYS D 35 20.94 -33.02 -19.50
CA LYS D 35 21.42 -34.28 -18.91
C LYS D 35 20.80 -34.50 -17.53
N ALA D 36 20.01 -35.57 -17.41
CA ALA D 36 19.25 -35.85 -16.20
C ALA D 36 19.98 -36.80 -15.25
N LEU D 37 19.74 -36.63 -13.95
CA LEU D 37 20.17 -37.62 -12.97
C LEU D 37 18.96 -38.44 -12.56
N LEU D 38 18.95 -39.69 -13.02
CA LEU D 38 17.90 -40.63 -12.68
C LEU D 38 18.16 -41.18 -11.28
N VAL D 39 17.23 -40.86 -10.37
CA VAL D 39 17.29 -41.31 -8.98
C VAL D 39 16.27 -42.43 -8.78
N THR D 40 16.72 -43.58 -8.29
CA THR D 40 15.84 -44.73 -8.10
C THR D 40 16.33 -45.72 -7.02
N ASP D 41 15.54 -46.77 -6.80
CA ASP D 41 15.87 -47.90 -5.92
C ASP D 41 16.68 -48.95 -6.66
N LYS D 42 17.44 -49.75 -5.92
CA LYS D 42 18.16 -50.91 -6.47
C LYS D 42 17.19 -51.97 -7.00
N GLY D 43 16.02 -52.08 -6.37
CA GLY D 43 14.98 -53.02 -6.77
C GLY D 43 14.30 -52.68 -8.09
N LEU D 44 14.07 -51.40 -8.33
CA LEU D 44 13.49 -50.94 -9.60
C LEU D 44 14.53 -50.85 -10.72
N ARG D 45 15.78 -50.62 -10.34
CA ARG D 45 16.89 -50.38 -11.27
C ARG D 45 17.16 -51.53 -12.23
N LYS D 48 15.04 -52.85 -13.87
CA LYS D 48 15.35 -54.20 -13.45
C LYS D 48 14.36 -55.17 -14.08
N ASP D 49 13.46 -54.61 -14.88
CA ASP D 49 12.38 -55.37 -15.51
C ASP D 49 11.80 -54.61 -16.71
N GLY D 50 11.39 -53.37 -16.46
CA GLY D 50 10.83 -52.49 -17.48
C GLY D 50 9.86 -51.48 -16.89
N ALA D 51 10.42 -50.42 -16.29
CA ALA D 51 9.67 -49.29 -15.67
C ALA D 51 10.58 -48.05 -15.47
N VAL D 52 11.80 -48.27 -15.00
CA VAL D 52 12.88 -47.28 -15.11
C VAL D 52 13.45 -47.37 -16.53
N ASP D 53 13.18 -48.48 -17.21
CA ASP D 53 13.52 -48.63 -18.62
C ASP D 53 12.60 -47.79 -19.49
N LYS D 54 11.32 -47.77 -19.15
CA LYS D 54 10.32 -46.98 -19.86
C LYS D 54 10.70 -45.50 -19.86
N THR D 55 11.14 -45.00 -18.70
CA THR D 55 11.56 -43.60 -18.61
C THR D 55 12.91 -43.35 -19.26
N LEU D 56 13.83 -44.30 -19.13
CA LEU D 56 15.10 -44.27 -19.88
C LEU D 56 14.90 -44.13 -21.38
N HIS D 57 13.87 -44.81 -21.90
CA HIS D 57 13.54 -44.81 -23.32
C HIS D 57 13.06 -43.44 -23.81
N TYR D 58 12.07 -42.88 -23.13
CA TYR D 58 11.51 -41.59 -23.51
C TYR D 58 12.48 -40.44 -23.22
N LEU D 59 13.29 -40.63 -22.18
CA LEU D 59 14.38 -39.72 -21.85
C LEU D 59 15.41 -39.71 -22.97
N ARG D 60 15.72 -40.88 -23.52
CA ARG D 60 16.71 -40.99 -24.59
C ARG D 60 16.19 -40.53 -25.95
N GLU D 61 14.89 -40.70 -26.17
CA GLU D 61 14.31 -40.39 -27.47
C GLU D 61 14.10 -38.89 -27.65
N ALA D 62 14.01 -38.17 -26.54
CA ALA D 62 13.89 -36.71 -26.56
C ALA D 62 15.24 -35.99 -26.54
N GLY D 63 16.32 -36.75 -26.69
CA GLY D 63 17.67 -36.19 -26.81
C GLY D 63 18.40 -35.93 -25.50
N ILE D 64 17.75 -36.25 -24.38
CA ILE D 64 18.33 -36.03 -23.05
C ILE D 64 19.30 -37.15 -22.64
N GLU D 65 20.56 -36.79 -22.45
CA GLU D 65 21.59 -37.71 -21.94
C GLU D 65 21.26 -38.02 -20.48
N VAL D 66 21.65 -39.22 -20.03
CA VAL D 66 21.23 -39.68 -18.69
C VAL D 66 22.31 -40.44 -17.92
N ALA D 67 22.47 -40.07 -16.66
CA ALA D 67 23.28 -40.82 -15.70
C ALA D 67 22.37 -41.27 -14.56
N ILE D 68 22.56 -42.50 -14.08
CA ILE D 68 21.63 -43.06 -13.09
C ILE D 68 22.28 -43.33 -11.73
N PHE D 69 21.55 -42.99 -10.67
CA PHE D 69 21.98 -43.23 -9.29
C PHE D 69 20.94 -44.12 -8.60
N ASP D 70 21.38 -45.29 -8.16
CA ASP D 70 20.48 -46.28 -7.55
C ASP D 70 20.76 -46.54 -6.06
N GLY D 71 21.57 -45.68 -5.45
CA GLY D 71 22.01 -45.88 -4.06
C GLY D 71 21.03 -45.41 -2.99
N VAL D 72 19.74 -45.49 -3.30
CA VAL D 72 18.70 -44.98 -2.42
C VAL D 72 18.17 -46.08 -1.51
N GLU D 73 18.43 -45.93 -0.22
CA GLU D 73 17.91 -46.85 0.78
C GLU D 73 16.44 -46.52 1.05
N PRO D 74 15.59 -47.55 1.26
CA PRO D 74 14.26 -47.27 1.81
C PRO D 74 14.44 -46.62 3.18
N ASN D 75 13.72 -45.53 3.43
CA ASN D 75 14.11 -44.56 4.46
C ASN D 75 15.42 -43.92 4.02
N PRO D 76 15.36 -42.88 3.16
CA PRO D 76 16.54 -42.28 2.54
C PRO D 76 17.51 -41.73 3.58
N LYS D 77 18.80 -41.86 3.32
CA LYS D 77 19.85 -41.38 4.21
C LYS D 77 20.47 -40.07 3.71
N ASP D 78 21.17 -39.38 4.60
CA ASP D 78 21.96 -38.20 4.22
C ASP D 78 23.16 -38.61 3.34
N THR D 79 23.76 -39.74 3.66
CA THR D 79 24.86 -40.30 2.87
C THR D 79 24.41 -40.71 1.47
N ASN D 80 23.12 -41.06 1.33
CA ASN D 80 22.54 -41.30 0.02
C ASN D 80 22.57 -40.02 -0.82
N VAL D 81 22.09 -38.92 -0.23
CA VAL D 81 22.10 -37.60 -0.86
C VAL D 81 23.51 -37.16 -1.27
N ARG D 82 24.47 -37.35 -0.36
CA ARG D 82 25.88 -37.03 -0.64
C ARG D 82 26.45 -37.77 -1.84
N ASP D 83 26.10 -39.06 -1.97
CA ASP D 83 26.60 -39.88 -3.09
C ASP D 83 25.94 -39.49 -4.41
N GLY D 84 24.64 -39.21 -4.36
CA GLY D 84 23.90 -38.76 -5.52
C GLY D 84 24.42 -37.43 -6.02
N LEU D 85 24.61 -36.50 -5.09
CA LEU D 85 25.17 -35.19 -5.36
C LEU D 85 26.50 -35.31 -6.12
N ALA D 86 27.35 -36.23 -5.68
CA ALA D 86 28.65 -36.46 -6.31
C ALA D 86 28.52 -36.82 -7.78
N VAL D 87 27.57 -37.72 -8.08
CA VAL D 87 27.29 -38.13 -9.46
C VAL D 87 26.72 -36.95 -10.27
N PHE D 88 25.83 -36.18 -9.64
CA PHE D 88 25.22 -35.00 -10.25
C PHE D 88 26.26 -33.98 -10.71
N ARG D 89 27.23 -33.69 -9.86
CA ARG D 89 28.28 -32.71 -10.17
C ARG D 89 29.32 -33.24 -11.15
N ARG D 90 29.67 -34.51 -11.01
CA ARG D 90 30.72 -35.13 -11.81
C ARG D 90 30.27 -35.47 -13.23
N GLU D 91 29.05 -36.02 -13.36
CA GLU D 91 28.48 -36.30 -14.67
C GLU D 91 27.86 -35.05 -15.30
N GLN D 92 28.01 -33.91 -14.60
CA GLN D 92 27.54 -32.59 -15.05
C GLN D 92 26.05 -32.60 -15.41
N CYS D 93 25.22 -32.91 -14.42
CA CYS D 93 23.79 -33.02 -14.62
C CYS D 93 23.08 -31.67 -14.55
N ASP D 94 21.84 -31.66 -15.03
CA ASP D 94 21.12 -30.45 -15.35
C ASP D 94 19.74 -30.48 -14.70
N ILE D 95 19.14 -31.66 -14.72
CA ILE D 95 17.77 -31.87 -14.30
C ILE D 95 17.74 -33.19 -13.53
N ILE D 96 16.78 -33.32 -12.61
CA ILE D 96 16.65 -34.52 -11.79
C ILE D 96 15.34 -35.26 -12.09
N VAL D 97 15.46 -36.48 -12.58
CA VAL D 97 14.30 -37.36 -12.75
C VAL D 97 14.32 -38.40 -11.64
N THR D 98 13.27 -38.43 -10.84
CA THR D 98 13.15 -39.43 -9.78
C THR D 98 12.07 -40.44 -10.15
N VAL D 99 12.43 -41.71 -10.25
CA VAL D 99 11.43 -42.76 -10.46
C VAL D 99 11.40 -43.74 -9.28
N GLY D 100 10.23 -43.88 -8.68
CA GLY D 100 10.04 -44.77 -7.55
C GLY D 100 8.83 -44.42 -6.69
N GLY D 101 8.84 -44.92 -5.45
CA GLY D 101 7.84 -44.58 -4.45
C GLY D 101 8.35 -43.42 -3.62
N GLY D 102 8.10 -43.45 -2.32
CA GLY D 102 8.54 -42.38 -1.41
C GLY D 102 10.03 -42.07 -1.44
N SER D 103 10.86 -43.11 -1.21
CA SER D 103 12.31 -42.95 -1.01
C SER D 103 13.10 -42.19 -2.09
N PRO D 104 13.02 -42.63 -3.37
CA PRO D 104 13.68 -41.89 -4.44
C PRO D 104 13.31 -40.41 -4.49
N HIS D 105 12.03 -40.11 -4.28
CA HIS D 105 11.55 -38.74 -4.35
C HIS D 105 12.17 -37.82 -3.29
N ASP D 106 12.22 -38.28 -2.05
CA ASP D 106 12.87 -37.53 -0.96
C ASP D 106 14.34 -37.28 -1.29
N CYS D 107 15.04 -38.34 -1.68
CA CYS D 107 16.46 -38.26 -2.01
C CYS D 107 16.71 -37.31 -3.18
N GLY D 108 15.86 -37.38 -4.19
CA GLY D 108 15.94 -36.52 -5.36
C GLY D 108 15.86 -35.05 -4.99
N LYS D 109 14.87 -34.73 -4.16
CA LYS D 109 14.73 -33.39 -3.59
C LYS D 109 15.99 -33.02 -2.79
N GLY D 110 16.52 -33.99 -2.04
CA GLY D 110 17.69 -33.76 -1.21
C GLY D 110 18.92 -33.39 -2.02
N ILE D 111 19.18 -34.17 -3.07
CA ILE D 111 20.29 -33.89 -3.99
C ILE D 111 20.13 -32.48 -4.57
N GLY D 112 18.90 -32.16 -5.02
CA GLY D 112 18.57 -30.82 -5.47
C GLY D 112 18.95 -29.74 -4.46
N ILE D 113 18.48 -29.91 -3.22
CA ILE D 113 18.84 -29.02 -2.12
C ILE D 113 20.35 -28.90 -1.98
N ALA D 114 21.01 -30.04 -1.81
CA ALA D 114 22.45 -30.10 -1.53
C ALA D 114 23.30 -29.55 -2.68
N ALA D 115 22.74 -29.57 -3.89
CA ALA D 115 23.43 -29.07 -5.08
C ALA D 115 23.35 -27.55 -5.21
N THR D 116 22.44 -26.93 -4.46
CA THR D 116 22.15 -25.50 -4.61
C THR D 116 22.29 -24.71 -3.30
N HIS D 117 22.59 -25.41 -2.20
CA HIS D 117 22.70 -24.78 -0.89
C HIS D 117 23.99 -25.14 -0.17
N GLU D 118 24.57 -24.14 0.50
CA GLU D 118 25.87 -24.25 1.21
C GLU D 118 26.06 -25.59 1.91
N GLY D 119 27.19 -26.23 1.63
CA GLY D 119 27.52 -27.57 2.10
C GLY D 119 26.86 -28.06 3.38
N ASP D 120 25.80 -28.84 3.22
CA ASP D 120 25.22 -29.71 4.26
C ASP D 120 23.75 -30.05 3.99
N LEU D 121 23.03 -30.42 5.05
CA LEU D 121 21.68 -30.99 4.95
C LEU D 121 20.86 -30.66 6.19
N TYR D 122 21.32 -31.19 7.32
CA TYR D 122 20.68 -31.03 8.62
C TYR D 122 20.61 -29.55 9.00
N GLN D 123 21.43 -28.75 8.32
CA GLN D 123 21.47 -27.29 8.49
C GLN D 123 20.14 -26.64 8.10
N TYR D 124 19.43 -27.25 7.15
CA TYR D 124 18.22 -26.67 6.58
C TYR D 124 16.93 -27.32 7.08
N ALA D 125 17.06 -28.16 8.11
CA ALA D 125 15.90 -28.77 8.75
C ALA D 125 15.01 -27.69 9.36
N GLY D 126 13.70 -27.84 9.20
CA GLY D 126 12.74 -26.84 9.67
C GLY D 126 11.83 -26.40 8.54
N ILE D 127 11.02 -25.37 8.79
CA ILE D 127 10.06 -24.87 7.78
C ILE D 127 10.78 -24.14 6.63
N GLU D 128 10.27 -22.99 6.20
CA GLU D 128 10.82 -22.31 5.01
C GLU D 128 12.24 -21.80 5.24
N THR D 129 13.22 -22.66 4.99
CA THR D 129 14.63 -22.39 5.30
C THR D 129 15.52 -22.40 4.05
N LEU D 130 14.88 -22.60 2.89
CA LEU D 130 15.59 -22.64 1.61
C LEU D 130 15.58 -21.28 0.93
N THR D 131 16.62 -21.01 0.15
CA THR D 131 16.84 -19.67 -0.43
C THR D 131 16.95 -19.68 -1.95
N ASN D 132 17.55 -20.72 -2.51
CA ASN D 132 17.84 -20.77 -3.93
C ASN D 132 17.03 -21.83 -4.66
N PRO D 133 16.63 -21.56 -5.92
CA PRO D 133 15.86 -22.57 -6.65
C PRO D 133 16.72 -23.80 -6.94
N LEU D 134 16.13 -24.98 -6.74
CA LEU D 134 16.78 -26.25 -7.03
C LEU D 134 16.89 -26.44 -8.54
N PRO D 135 17.61 -27.49 -8.98
CA PRO D 135 17.52 -27.82 -10.40
C PRO D 135 16.10 -28.29 -10.69
N PRO D 136 15.64 -28.21 -11.96
CA PRO D 136 14.31 -28.76 -12.26
C PRO D 136 14.20 -30.24 -11.86
N ILE D 137 13.03 -30.63 -11.34
CA ILE D 137 12.78 -32.00 -10.90
C ILE D 137 11.55 -32.61 -11.56
N VAL D 138 11.74 -33.73 -12.26
CA VAL D 138 10.62 -34.51 -12.77
C VAL D 138 10.46 -35.79 -11.94
N ALA D 139 9.37 -35.87 -11.21
CA ALA D 139 9.10 -37.01 -10.34
C ALA D 139 8.05 -37.95 -10.95
N VAL D 140 8.52 -39.12 -11.38
CA VAL D 140 7.63 -40.20 -11.82
C VAL D 140 7.36 -41.14 -10.64
N ASN D 141 6.08 -41.27 -10.30
CA ASN D 141 5.67 -42.03 -9.13
C ASN D 141 5.15 -43.43 -9.51
N THR D 142 5.42 -44.42 -8.65
CA THR D 142 5.12 -45.83 -8.98
C THR D 142 4.24 -46.56 -7.96
N THR D 143 3.76 -45.86 -6.94
CA THR D 143 2.84 -46.46 -5.97
C THR D 143 1.63 -45.58 -5.75
N ALA D 144 0.49 -46.21 -5.50
CA ALA D 144 -0.74 -45.47 -5.24
C ALA D 144 -0.92 -45.32 -3.74
N GLY D 145 -0.04 -44.52 -3.14
CA GLY D 145 -0.18 -44.22 -1.72
C GLY D 145 0.73 -43.22 -1.03
N THR D 146 1.67 -42.60 -1.74
CA THR D 146 2.64 -41.71 -1.06
C THR D 146 2.51 -40.23 -1.44
N ALA D 147 2.45 -39.96 -2.73
CA ALA D 147 2.25 -38.61 -3.26
C ALA D 147 3.43 -37.65 -3.04
N SER D 148 4.60 -38.18 -2.69
CA SER D 148 5.80 -37.38 -2.55
C SER D 148 6.16 -36.66 -3.86
N GLU D 149 5.62 -37.16 -4.97
CA GLU D 149 5.82 -36.55 -6.29
C GLU D 149 5.12 -35.18 -6.37
N VAL D 150 4.49 -34.80 -5.27
CA VAL D 150 3.52 -33.72 -5.25
C VAL D 150 3.67 -32.90 -3.96
N THR D 151 4.54 -33.38 -3.08
CA THR D 151 4.67 -32.85 -1.74
C THR D 151 5.82 -31.82 -1.57
N ARG D 152 5.70 -30.96 -0.57
CA ARG D 152 6.69 -29.93 -0.25
C ARG D 152 7.74 -30.42 0.75
N HIS D 153 7.59 -31.66 1.21
CA HIS D 153 8.46 -32.22 2.23
C HIS D 153 9.60 -33.05 1.66
N CYS D 154 10.77 -32.86 2.26
CA CYS D 154 11.90 -33.72 2.00
C CYS D 154 12.29 -34.33 3.35
N VAL D 155 11.97 -35.61 3.53
CA VAL D 155 12.27 -36.29 4.79
C VAL D 155 13.44 -37.28 4.64
N LEU D 156 14.52 -36.97 5.35
CA LEU D 156 15.77 -37.72 5.30
C LEU D 156 16.17 -38.22 6.69
N THR D 157 17.24 -39.01 6.74
CA THR D 157 17.72 -39.59 7.98
C THR D 157 19.19 -39.25 8.24
N ASN D 158 19.48 -38.74 9.43
CA ASN D 158 20.83 -38.44 9.87
C ASN D 158 21.50 -39.68 10.44
N THR D 159 22.47 -40.23 9.68
CA THR D 159 23.17 -41.46 10.09
C THR D 159 24.11 -41.22 11.28
N GLU D 160 24.36 -39.95 11.60
CA GLU D 160 25.14 -39.58 12.77
C GLU D 160 24.35 -39.80 14.07
N THR D 161 23.09 -39.36 14.08
CA THR D 161 22.23 -39.42 15.28
C THR D 161 21.01 -40.35 15.16
N LYS D 162 20.90 -41.03 14.01
CA LYS D 162 19.81 -41.98 13.72
C LYS D 162 18.38 -41.44 13.91
N VAL D 163 18.21 -40.14 13.73
CA VAL D 163 16.91 -39.48 13.87
C VAL D 163 16.56 -38.66 12.62
N LYS D 164 15.36 -38.89 12.08
CA LYS D 164 14.91 -38.25 10.83
C LYS D 164 14.75 -36.74 10.95
N PHE D 165 14.94 -36.05 9.82
CA PHE D 165 14.70 -34.60 9.74
C PHE D 165 13.90 -34.22 8.50
N VAL D 166 13.21 -33.09 8.57
CA VAL D 166 12.34 -32.66 7.47
C VAL D 166 12.68 -31.25 6.99
N ILE D 167 12.74 -31.08 5.67
CA ILE D 167 12.97 -29.79 5.04
C ILE D 167 11.72 -29.39 4.24
N VAL D 168 10.97 -28.42 4.78
CA VAL D 168 9.69 -28.02 4.22
C VAL D 168 9.79 -26.67 3.50
N SER D 169 9.51 -26.67 2.20
CA SER D 169 9.68 -25.49 1.36
C SER D 169 8.93 -25.61 0.05
N TRP D 170 8.45 -24.48 -0.46
CA TRP D 170 7.81 -24.43 -1.78
C TRP D 170 8.77 -24.81 -2.91
N ARG D 171 10.05 -24.54 -2.69
CA ARG D 171 11.10 -24.90 -3.65
C ARG D 171 11.35 -26.41 -3.75
N ASN D 172 10.79 -27.18 -2.81
CA ASN D 172 10.90 -28.64 -2.83
C ASN D 172 9.87 -29.36 -3.73
N LEU D 173 8.84 -28.62 -4.15
CA LEU D 173 7.85 -29.10 -5.11
C LEU D 173 8.53 -29.45 -6.42
N PRO D 174 8.29 -30.67 -6.93
CA PRO D 174 8.83 -31.04 -8.24
C PRO D 174 8.27 -30.17 -9.34
N SER D 175 9.06 -29.95 -10.39
CA SER D 175 8.62 -29.14 -11.52
C SER D 175 7.44 -29.79 -12.24
N VAL D 176 7.52 -31.12 -12.38
CA VAL D 176 6.50 -31.93 -13.03
C VAL D 176 6.34 -33.23 -12.24
N SER D 177 5.10 -33.63 -11.97
CA SER D 177 4.82 -34.96 -11.44
C SER D 177 4.20 -35.81 -12.54
N ILE D 178 4.44 -37.11 -12.50
CA ILE D 178 3.84 -38.06 -13.43
C ILE D 178 3.28 -39.27 -12.69
N ASN D 179 2.01 -39.56 -12.94
CA ASN D 179 1.31 -40.68 -12.31
C ASN D 179 0.72 -41.63 -13.35
N ASP D 180 1.54 -42.57 -13.80
CA ASP D 180 1.14 -43.50 -14.85
C ASP D 180 0.79 -44.87 -14.26
N PRO D 181 -0.52 -45.18 -14.10
CA PRO D 181 -1.01 -46.42 -13.49
C PRO D 181 -0.47 -47.70 -14.12
N LEU D 182 -0.04 -47.61 -15.38
CA LEU D 182 0.59 -48.72 -16.08
C LEU D 182 1.90 -49.15 -15.41
N LEU D 183 2.52 -48.23 -14.68
CA LEU D 183 3.76 -48.51 -13.96
C LEU D 183 3.50 -49.16 -12.60
N MET D 184 2.22 -49.29 -12.25
CA MET D 184 1.80 -49.78 -10.94
C MET D 184 1.10 -51.14 -11.02
N ILE D 185 0.86 -51.61 -12.25
CA ILE D 185 0.18 -52.89 -12.46
C ILE D 185 0.89 -54.05 -11.76
N GLY D 186 2.21 -53.93 -11.60
CA GLY D 186 3.01 -55.00 -11.04
C GLY D 186 3.00 -55.14 -9.52
N LYS D 187 2.45 -54.15 -8.83
CA LYS D 187 2.41 -54.13 -7.36
C LYS D 187 1.62 -55.32 -6.80
N PRO D 188 2.26 -56.13 -5.94
CA PRO D 188 1.59 -57.31 -5.35
C PRO D 188 0.51 -56.91 -4.35
N ALA D 189 -0.52 -57.76 -4.23
CA ALA D 189 -1.69 -57.52 -3.37
C ALA D 189 -1.37 -56.83 -2.05
N ALA D 190 -0.52 -57.46 -1.25
CA ALA D 190 -0.18 -56.95 0.08
C ALA D 190 0.28 -55.49 0.04
N LEU D 191 1.07 -55.18 -0.99
CA LEU D 191 1.62 -53.85 -1.18
C LEU D 191 0.58 -52.86 -1.73
N THR D 192 -0.39 -53.32 -2.51
CA THR D 192 -1.43 -52.40 -2.98
C THR D 192 -2.47 -52.12 -1.88
N ALA D 193 -2.65 -53.09 -0.99
CA ALA D 193 -3.46 -52.88 0.22
C ALA D 193 -2.84 -51.81 1.13
N ALA D 194 -1.56 -51.99 1.45
CA ALA D 194 -0.84 -51.09 2.35
C ALA D 194 -0.71 -49.67 1.81
N THR D 195 -0.39 -49.55 0.53
CA THR D 195 -0.26 -48.24 -0.12
C THR D 195 -1.61 -47.57 -0.28
N GLY D 196 -2.65 -48.35 -0.55
CA GLY D 196 -4.01 -47.84 -0.59
C GLY D 196 -4.47 -47.27 0.73
N MET D 197 -4.24 -48.03 1.80
CA MET D 197 -4.56 -47.60 3.17
C MET D 197 -3.79 -46.34 3.58
N ASP D 198 -2.55 -46.22 3.10
CA ASP D 198 -1.75 -45.01 3.29
C ASP D 198 -2.42 -43.82 2.60
N ALA D 199 -2.89 -44.06 1.37
CA ALA D 199 -3.65 -43.06 0.64
C ALA D 199 -4.96 -42.71 1.35
N LEU D 200 -5.59 -43.72 1.96
CA LEU D 200 -6.79 -43.49 2.76
C LEU D 200 -6.47 -42.65 4.00
N THR D 201 -5.38 -42.98 4.68
CA THR D 201 -4.95 -42.23 5.85
C THR D 201 -4.66 -40.77 5.53
N HIS D 202 -3.96 -40.51 4.42
CA HIS D 202 -3.74 -39.12 3.97
C HIS D 202 -5.07 -38.41 3.77
N ALA D 203 -6.03 -39.09 3.16
CA ALA D 203 -7.34 -38.52 2.88
C ALA D 203 -8.15 -38.19 4.14
N VAL D 204 -8.36 -39.16 5.02
CA VAL D 204 -9.21 -38.88 6.20
C VAL D 204 -8.54 -37.92 7.19
N GLU D 205 -7.22 -38.05 7.38
CA GLU D 205 -6.49 -37.14 8.27
C GLU D 205 -6.47 -35.70 7.76
N ALA D 206 -6.35 -35.52 6.44
CA ALA D 206 -6.39 -34.19 5.83
C ALA D 206 -7.78 -33.57 5.93
N TYR D 207 -8.80 -34.39 5.70
CA TYR D 207 -10.19 -33.91 5.76
C TYR D 207 -10.57 -33.45 7.15
N ILE D 208 -10.06 -34.11 8.20
CA ILE D 208 -10.45 -33.77 9.58
C ILE D 208 -9.46 -32.88 10.33
N SER D 209 -8.32 -32.59 9.69
CA SER D 209 -7.28 -31.72 10.26
C SER D 209 -7.75 -30.30 10.56
N LYS D 210 -7.10 -29.67 11.55
CA LYS D 210 -7.41 -28.29 11.93
C LYS D 210 -7.15 -27.33 10.77
N ASP D 211 -6.26 -27.73 9.87
CA ASP D 211 -5.87 -26.89 8.73
C ASP D 211 -6.66 -27.22 7.46
N ALA D 212 -7.72 -28.00 7.59
CA ALA D 212 -8.61 -28.28 6.46
C ALA D 212 -9.34 -27.01 6.03
N ASN D 213 -9.66 -26.94 4.74
CA ASN D 213 -10.53 -25.90 4.18
C ASN D 213 -11.33 -26.43 2.98
N PRO D 214 -12.39 -25.70 2.57
CA PRO D 214 -13.18 -26.18 1.43
C PRO D 214 -12.38 -26.54 0.16
N VAL D 215 -11.21 -25.94 -0.03
CA VAL D 215 -10.38 -26.27 -1.20
C VAL D 215 -9.67 -27.60 -0.98
N THR D 216 -9.10 -27.78 0.21
CA THR D 216 -8.44 -29.01 0.60
C THR D 216 -9.43 -30.18 0.64
N ASP D 217 -10.62 -29.90 1.17
CA ASP D 217 -11.70 -30.87 1.31
C ASP D 217 -12.08 -31.47 -0.04
N ALA D 218 -12.13 -30.63 -1.07
CA ALA D 218 -12.45 -31.08 -2.42
C ALA D 218 -11.64 -32.32 -2.81
N ALA D 219 -10.33 -32.25 -2.66
CA ALA D 219 -9.45 -33.37 -2.98
C ALA D 219 -9.61 -34.54 -2.00
N ALA D 220 -9.73 -34.22 -0.71
CA ALA D 220 -9.81 -35.24 0.33
C ALA D 220 -11.07 -36.07 0.20
N MET D 221 -12.20 -35.40 -0.07
CA MET D 221 -13.48 -36.09 -0.21
C MET D 221 -13.49 -37.03 -1.40
N GLN D 222 -12.96 -36.56 -2.53
CA GLN D 222 -12.90 -37.35 -3.76
C GLN D 222 -11.93 -38.51 -3.59
N ALA D 223 -10.86 -38.30 -2.85
CA ALA D 223 -9.92 -39.38 -2.55
C ALA D 223 -10.59 -40.52 -1.80
N ILE D 224 -11.40 -40.18 -0.78
CA ILE D 224 -12.06 -41.19 0.05
C ILE D 224 -13.07 -42.01 -0.78
N ARG D 225 -13.83 -41.31 -1.61
CA ARG D 225 -14.80 -41.93 -2.51
C ARG D 225 -14.14 -42.92 -3.48
N LEU D 226 -13.08 -42.49 -4.16
CA LEU D 226 -12.36 -43.35 -5.10
C LEU D 226 -11.80 -44.60 -4.43
N ILE D 227 -11.21 -44.42 -3.25
CA ILE D 227 -10.61 -45.54 -2.52
C ILE D 227 -11.65 -46.54 -2.08
N ALA D 228 -12.74 -46.05 -1.48
CA ALA D 228 -13.84 -46.90 -1.06
C ALA D 228 -14.39 -47.75 -2.20
N ARG D 229 -14.38 -47.21 -3.41
CA ARG D 229 -14.92 -47.90 -4.58
C ARG D 229 -13.90 -48.62 -5.44
N ASN D 230 -12.62 -48.63 -5.05
CA ASN D 230 -11.58 -49.17 -5.92
C ASN D 230 -10.48 -50.03 -5.30
N LEU D 231 -10.26 -49.88 -4.00
CA LEU D 231 -9.12 -50.54 -3.35
C LEU D 231 -9.32 -52.06 -3.28
N ARG D 232 -10.49 -52.48 -2.80
CA ARG D 232 -10.84 -53.90 -2.75
C ARG D 232 -10.51 -54.56 -4.09
N GLN D 233 -11.01 -53.96 -5.16
CA GLN D 233 -10.89 -54.51 -6.50
C GLN D 233 -9.44 -54.54 -6.98
N ALA D 234 -8.68 -53.49 -6.66
CA ALA D 234 -7.28 -53.41 -7.01
C ALA D 234 -6.42 -54.44 -6.28
N VAL D 235 -6.77 -54.77 -5.04
CA VAL D 235 -6.02 -55.80 -4.32
C VAL D 235 -6.43 -57.20 -4.77
N ALA D 236 -7.67 -57.33 -5.25
CA ALA D 236 -8.16 -58.61 -5.76
C ALA D 236 -7.51 -58.98 -7.07
N LEU D 237 -7.31 -57.98 -7.93
CA LEU D 237 -6.72 -58.17 -9.25
C LEU D 237 -5.87 -56.97 -9.61
N GLY D 238 -4.55 -57.14 -9.55
CA GLY D 238 -3.62 -56.06 -9.80
C GLY D 238 -3.67 -55.54 -11.23
N SER D 239 -4.08 -56.41 -12.15
CA SER D 239 -4.14 -56.06 -13.57
C SER D 239 -5.45 -55.39 -14.01
N ASN D 240 -6.35 -55.13 -13.05
CA ASN D 240 -7.56 -54.37 -13.31
C ASN D 240 -7.18 -52.90 -13.48
N LEU D 241 -7.03 -52.50 -14.74
CA LEU D 241 -6.57 -51.16 -15.06
C LEU D 241 -7.46 -50.06 -14.48
N GLN D 242 -8.78 -50.23 -14.58
CA GLN D 242 -9.72 -49.24 -14.05
C GLN D 242 -9.45 -48.90 -12.59
N ALA D 243 -9.39 -49.94 -11.75
CA ALA D 243 -9.13 -49.77 -10.33
C ALA D 243 -7.77 -49.11 -10.08
N ARG D 244 -6.75 -49.58 -10.80
CA ARG D 244 -5.39 -49.06 -10.72
C ARG D 244 -5.31 -47.57 -11.06
N GLU D 245 -6.08 -47.16 -12.07
CA GLU D 245 -6.22 -45.76 -12.45
C GLU D 245 -6.77 -44.94 -11.29
N TYR D 246 -7.93 -45.37 -10.79
CA TYR D 246 -8.64 -44.63 -9.76
C TYR D 246 -7.89 -44.58 -8.46
N MET D 247 -7.16 -45.64 -8.14
CA MET D 247 -6.28 -45.66 -6.98
C MET D 247 -5.16 -44.63 -7.11
N ALA D 248 -4.67 -44.44 -8.33
CA ALA D 248 -3.60 -43.49 -8.61
C ALA D 248 -4.12 -42.05 -8.54
N TYR D 249 -5.31 -41.81 -9.07
CA TYR D 249 -5.92 -40.49 -8.97
C TYR D 249 -6.22 -40.15 -7.52
N ALA D 250 -6.66 -41.17 -6.77
CA ALA D 250 -6.97 -41.03 -5.36
C ALA D 250 -5.72 -40.68 -4.56
N SER D 251 -4.65 -41.45 -4.75
CA SER D 251 -3.39 -41.21 -4.06
C SER D 251 -2.86 -39.81 -4.35
N LEU D 252 -3.11 -39.36 -5.58
CA LEU D 252 -2.72 -38.02 -6.01
C LEU D 252 -3.51 -36.94 -5.29
N LEU D 253 -4.82 -37.12 -5.20
CA LEU D 253 -5.69 -36.14 -4.57
C LEU D 253 -5.45 -36.07 -3.07
N ALA D 254 -5.31 -37.24 -2.44
CA ALA D 254 -4.98 -37.31 -1.02
C ALA D 254 -3.69 -36.54 -0.73
N GLY D 255 -2.72 -36.67 -1.64
CA GLY D 255 -1.51 -35.86 -1.61
C GLY D 255 -1.81 -34.38 -1.72
N MET D 256 -2.56 -33.98 -2.74
CA MET D 256 -2.90 -32.57 -2.93
C MET D 256 -3.58 -31.99 -1.69
N ALA D 257 -4.42 -32.81 -1.05
CA ALA D 257 -5.03 -32.45 0.23
C ALA D 257 -3.99 -32.38 1.35
N PHE D 258 -3.37 -33.50 1.71
CA PHE D 258 -2.53 -33.51 2.90
C PHE D 258 -1.32 -32.57 2.82
N ASN D 259 -0.74 -32.43 1.63
CA ASN D 259 0.36 -31.47 1.46
C ASN D 259 -0.01 -30.06 1.89
N ASN D 260 -1.31 -29.74 1.86
CA ASN D 260 -1.77 -28.39 2.19
C ASN D 260 -2.61 -28.28 3.45
N ALA D 261 -3.18 -29.39 3.93
CA ALA D 261 -3.95 -29.36 5.16
C ALA D 261 -3.26 -30.09 6.29
N ASN D 262 -2.14 -30.74 5.97
CA ASN D 262 -1.35 -31.57 6.91
C ASN D 262 -2.13 -32.78 7.40
N LEU D 263 -1.54 -33.52 8.33
CA LEU D 263 -2.07 -34.82 8.75
C LEU D 263 -2.49 -34.82 10.23
N GLY D 264 -2.18 -35.89 10.95
CA GLY D 264 -2.56 -36.01 12.36
C GLY D 264 -1.89 -37.17 13.08
N TYR D 265 -2.58 -37.68 14.09
CA TYR D 265 -2.03 -38.69 15.02
C TYR D 265 -1.76 -40.06 14.42
N VAL D 266 -2.47 -40.44 13.35
CA VAL D 266 -2.21 -41.74 12.74
C VAL D 266 -0.75 -41.80 12.32
N HIS D 267 -0.34 -40.83 11.50
CA HIS D 267 1.04 -40.75 11.02
C HIS D 267 2.04 -40.53 12.14
N ALA D 268 1.67 -39.72 13.14
CA ALA D 268 2.55 -39.43 14.26
C ALA D 268 2.91 -40.69 15.04
N MET D 269 1.94 -41.61 15.10
CA MET D 269 2.13 -42.90 15.78
C MET D 269 2.78 -43.94 14.86
N ALA D 270 2.40 -43.90 13.58
CA ALA D 270 2.91 -44.82 12.57
C ALA D 270 4.42 -44.69 12.34
N HIS D 271 4.93 -43.46 12.44
CA HIS D 271 6.36 -43.21 12.32
C HIS D 271 7.12 -43.82 13.48
N GLN D 272 6.44 -43.99 14.61
CA GLN D 272 7.03 -44.69 15.76
C GLN D 272 7.07 -46.18 15.48
N LEU D 273 5.94 -46.73 15.04
CA LEU D 273 5.88 -48.13 14.62
C LEU D 273 6.96 -48.41 13.57
N GLY D 274 7.07 -47.51 12.60
CA GLY D 274 8.13 -47.57 11.59
C GLY D 274 9.51 -47.32 12.16
N GLY D 275 9.58 -46.52 13.22
CA GLY D 275 10.86 -46.16 13.84
C GLY D 275 11.51 -47.29 14.62
N LEU D 276 10.74 -47.95 15.49
CA LEU D 276 11.27 -48.98 16.37
C LEU D 276 11.30 -50.37 15.77
N TYR D 277 10.30 -50.69 14.94
CA TYR D 277 10.15 -52.04 14.38
C TYR D 277 10.33 -52.07 12.86
N ASP D 278 10.67 -50.92 12.27
CA ASP D 278 10.72 -50.72 10.81
C ASP D 278 9.54 -51.32 10.02
N MET D 279 8.38 -51.38 10.68
CA MET D 279 7.14 -51.83 10.08
C MET D 279 6.83 -50.99 8.85
N PRO D 280 6.39 -51.62 7.75
CA PRO D 280 6.04 -50.85 6.56
C PRO D 280 5.10 -49.70 6.93
N HIS D 281 5.39 -48.51 6.43
CA HIS D 281 4.62 -47.31 6.73
C HIS D 281 3.13 -47.49 6.44
N GLY D 282 2.83 -48.17 5.34
CA GLY D 282 1.46 -48.39 4.91
C GLY D 282 0.65 -49.24 5.87
N VAL D 283 1.24 -50.32 6.39
CA VAL D 283 0.51 -51.22 7.28
C VAL D 283 0.42 -50.66 8.69
N ALA D 284 1.39 -49.79 9.03
CA ALA D 284 1.38 -49.04 10.28
C ALA D 284 0.17 -48.09 10.36
N ASN D 285 0.05 -47.21 9.37
CA ASN D 285 -1.12 -46.34 9.25
C ASN D 285 -2.42 -47.16 9.24
N ALA D 286 -2.43 -48.20 8.41
CA ALA D 286 -3.61 -49.06 8.21
C ALA D 286 -4.16 -49.62 9.52
N VAL D 287 -3.30 -50.23 10.33
CA VAL D 287 -3.75 -50.89 11.56
C VAL D 287 -4.24 -49.88 12.62
N LEU D 288 -3.60 -48.71 12.67
CA LEU D 288 -3.98 -47.63 13.59
C LEU D 288 -5.24 -46.86 13.18
N LEU D 289 -5.47 -46.75 11.86
CA LEU D 289 -6.47 -45.83 11.28
C LEU D 289 -7.82 -45.78 12.00
N PRO D 290 -8.47 -46.95 12.20
CA PRO D 290 -9.82 -46.88 12.77
C PRO D 290 -9.77 -46.45 14.24
N HIS D 291 -8.75 -46.92 14.96
CA HIS D 291 -8.60 -46.62 16.38
C HIS D 291 -8.31 -45.14 16.63
N VAL D 292 -7.47 -44.55 15.77
CA VAL D 292 -7.18 -43.12 15.85
C VAL D 292 -8.37 -42.30 15.36
N ALA D 293 -9.08 -42.81 14.34
CA ALA D 293 -10.29 -42.16 13.84
C ALA D 293 -11.38 -42.15 14.90
N ARG D 294 -11.56 -43.25 15.63
CA ARG D 294 -12.53 -43.28 16.73
C ARG D 294 -12.17 -42.23 17.78
N TYR D 295 -10.90 -42.20 18.17
CA TYR D 295 -10.42 -41.21 19.11
C TYR D 295 -10.75 -39.78 18.63
N ASN D 296 -10.56 -39.53 17.34
CA ASN D 296 -10.80 -38.22 16.75
C ASN D 296 -12.25 -37.89 16.44
N LEU D 297 -13.14 -38.87 16.59
CA LEU D 297 -14.56 -38.68 16.26
C LEU D 297 -15.13 -37.43 16.90
N ILE D 298 -14.99 -37.33 18.22
CA ILE D 298 -15.60 -36.24 19.00
C ILE D 298 -15.10 -34.85 18.62
N ALA D 299 -14.03 -34.79 17.83
CA ALA D 299 -13.51 -33.51 17.36
C ALA D 299 -14.39 -32.93 16.26
N ASN D 300 -14.97 -33.82 15.45
CA ASN D 300 -15.84 -33.41 14.35
C ASN D 300 -16.81 -34.53 13.94
N PRO D 301 -17.83 -34.79 14.77
CA PRO D 301 -18.78 -35.84 14.38
C PRO D 301 -19.37 -35.67 12.97
N GLU D 302 -19.60 -34.42 12.56
CA GLU D 302 -20.19 -34.12 11.25
C GLU D 302 -19.33 -34.55 10.05
N LYS D 303 -18.02 -34.36 10.16
CA LYS D 303 -17.12 -34.76 9.07
C LYS D 303 -16.92 -36.27 9.00
N PHE D 304 -17.11 -36.95 10.12
CA PHE D 304 -17.09 -38.42 10.10
C PHE D 304 -18.37 -38.96 9.49
N ALA D 305 -19.49 -38.28 9.72
CA ALA D 305 -20.75 -38.63 9.05
C ALA D 305 -20.56 -38.51 7.53
N ASP D 306 -19.95 -37.41 7.09
CA ASP D 306 -19.53 -37.23 5.70
C ASP D 306 -18.71 -38.42 5.19
N ILE D 307 -17.77 -38.90 6.01
CA ILE D 307 -16.92 -40.04 5.61
C ILE D 307 -17.75 -41.31 5.42
N ALA D 308 -18.70 -41.54 6.33
CA ALA D 308 -19.60 -42.68 6.20
C ALA D 308 -20.30 -42.63 4.84
N GLU D 309 -20.82 -41.46 4.49
CA GLU D 309 -21.53 -41.27 3.23
C GLU D 309 -20.60 -41.39 2.03
N LEU D 310 -19.41 -40.79 2.14
CA LEU D 310 -18.36 -40.89 1.12
C LEU D 310 -17.95 -42.34 0.83
N MET D 311 -17.96 -43.19 1.86
CA MET D 311 -17.57 -44.59 1.68
C MET D 311 -18.73 -45.52 1.32
N GLY D 312 -19.89 -44.94 0.99
CA GLY D 312 -21.02 -45.72 0.51
C GLY D 312 -22.00 -46.21 1.55
N GLU D 313 -21.84 -45.78 2.81
CA GLU D 313 -22.77 -46.17 3.88
C GLU D 313 -24.13 -45.45 3.78
N ASN D 314 -25.19 -46.13 4.19
CA ASN D 314 -26.51 -45.51 4.29
C ASN D 314 -26.70 -44.83 5.64
N ILE D 315 -26.97 -43.52 5.58
CA ILE D 315 -26.91 -42.62 6.73
C ILE D 315 -28.30 -42.03 7.05
N THR D 316 -29.28 -42.47 6.26
CA THR D 316 -30.60 -41.85 6.18
C THR D 316 -31.30 -41.50 7.50
N GLY D 317 -31.60 -42.49 8.33
CA GLY D 317 -32.39 -42.24 9.53
C GLY D 317 -31.57 -41.81 10.74
N LEU D 318 -30.27 -41.65 10.55
CA LEU D 318 -29.35 -41.64 11.67
C LEU D 318 -29.00 -40.26 12.22
N SER D 319 -28.75 -40.22 13.52
CA SER D 319 -28.16 -39.05 14.18
C SER D 319 -26.71 -38.91 13.70
N THR D 320 -26.15 -37.71 13.87
CA THR D 320 -24.77 -37.46 13.44
C THR D 320 -23.78 -38.42 14.09
N LEU D 321 -24.00 -38.72 15.36
CA LEU D 321 -23.11 -39.63 16.09
C LEU D 321 -23.21 -41.07 15.57
N ASP D 322 -24.43 -41.56 15.42
CA ASP D 322 -24.64 -42.90 14.84
C ASP D 322 -24.11 -43.00 13.40
N ALA D 323 -24.25 -41.93 12.62
CA ALA D 323 -23.68 -41.86 11.27
C ALA D 323 -22.16 -41.80 11.30
N ALA D 324 -21.60 -41.07 12.27
CA ALA D 324 -20.16 -41.03 12.47
C ALA D 324 -19.60 -42.40 12.82
N GLU D 325 -20.32 -43.16 13.66
CA GLU D 325 -19.96 -44.54 13.99
C GLU D 325 -19.72 -45.38 12.75
N LYS D 326 -20.58 -45.22 11.75
CA LYS D 326 -20.52 -46.01 10.52
C LYS D 326 -19.21 -45.83 9.76
N ALA D 327 -18.63 -44.64 9.83
CA ALA D 327 -17.33 -44.38 9.18
C ALA D 327 -16.23 -45.23 9.78
N ILE D 328 -16.22 -45.37 11.11
CA ILE D 328 -15.25 -46.22 11.77
C ILE D 328 -15.43 -47.65 11.31
N ALA D 329 -16.65 -48.15 11.36
CA ALA D 329 -16.96 -49.52 10.91
C ALA D 329 -16.62 -49.75 9.45
N ALA D 330 -16.86 -48.74 8.61
CA ALA D 330 -16.59 -48.82 7.17
C ALA D 330 -15.10 -48.96 6.91
N ILE D 331 -14.32 -48.11 7.57
CA ILE D 331 -12.86 -48.14 7.50
C ILE D 331 -12.33 -49.49 7.95
N THR D 332 -12.81 -49.99 9.09
CA THR D 332 -12.36 -51.31 9.58
C THR D 332 -12.86 -52.47 8.69
N ARG D 333 -14.02 -52.32 8.07
CA ARG D 333 -14.50 -53.33 7.10
C ARG D 333 -13.61 -53.42 5.86
N LEU D 334 -13.18 -52.27 5.35
CA LEU D 334 -12.30 -52.22 4.18
C LEU D 334 -10.96 -52.86 4.54
N SER D 335 -10.39 -52.40 5.66
CA SER D 335 -9.17 -52.94 6.25
C SER D 335 -9.14 -54.46 6.25
N MET D 336 -10.24 -55.07 6.70
CA MET D 336 -10.33 -56.53 6.75
C MET D 336 -10.52 -57.15 5.38
N ASP D 337 -11.33 -56.51 4.54
CA ASP D 337 -11.58 -57.02 3.19
C ASP D 337 -10.31 -57.23 2.37
N ILE D 338 -9.25 -56.50 2.70
CA ILE D 338 -8.00 -56.53 1.91
C ILE D 338 -6.81 -57.22 2.60
N GLY D 339 -7.05 -57.80 3.78
CA GLY D 339 -6.09 -58.65 4.44
C GLY D 339 -5.05 -57.96 5.29
N ILE D 340 -5.31 -56.71 5.65
CA ILE D 340 -4.47 -55.97 6.60
C ILE D 340 -4.53 -56.68 7.95
N PRO D 341 -3.37 -56.96 8.57
CA PRO D 341 -3.38 -57.53 9.93
C PRO D 341 -4.03 -56.55 10.93
N GLN D 342 -4.88 -57.08 11.81
CA GLN D 342 -5.75 -56.25 12.64
C GLN D 342 -5.22 -55.95 14.04
N HIS D 343 -4.15 -56.62 14.45
CA HIS D 343 -3.63 -56.47 15.80
C HIS D 343 -2.11 -56.33 15.84
N LEU D 344 -1.64 -55.18 16.31
CA LEU D 344 -0.21 -54.88 16.43
C LEU D 344 0.56 -56.01 17.09
N ARG D 345 -0.08 -56.68 18.04
CA ARG D 345 0.50 -57.84 18.73
C ARG D 345 1.20 -58.78 17.75
N ASP D 346 0.59 -58.98 16.60
CA ASP D 346 1.07 -59.90 15.59
C ASP D 346 2.21 -59.34 14.73
N LEU D 347 2.35 -58.02 14.69
CA LEU D 347 3.41 -57.37 13.92
C LEU D 347 4.74 -57.20 14.69
N GLY D 348 4.81 -57.78 15.88
CA GLY D 348 6.03 -57.74 16.70
C GLY D 348 6.11 -56.59 17.69
N VAL D 349 5.04 -55.80 17.79
CA VAL D 349 4.97 -54.64 18.69
C VAL D 349 4.86 -55.08 20.14
N LYS D 350 5.50 -54.33 21.04
CA LYS D 350 5.46 -54.63 22.47
C LYS D 350 4.73 -53.58 23.28
N GLU D 351 3.98 -54.05 24.28
CA GLU D 351 3.11 -53.20 25.12
C GLU D 351 3.92 -52.25 26.00
N THR D 352 5.07 -52.74 26.46
CA THR D 352 6.00 -51.96 27.28
C THR D 352 6.57 -50.76 26.53
N ASP D 353 6.60 -50.87 25.20
CA ASP D 353 7.11 -49.80 24.35
C ASP D 353 6.11 -48.69 24.08
N PHE D 354 4.88 -48.83 24.58
CA PHE D 354 3.83 -47.83 24.34
C PHE D 354 4.13 -46.42 24.89
N PRO D 355 4.53 -46.31 26.18
CA PRO D 355 4.80 -44.98 26.75
C PRO D 355 5.88 -44.19 26.01
N TYR D 356 6.96 -44.87 25.61
CA TYR D 356 8.02 -44.26 24.81
C TYR D 356 7.53 -43.80 23.43
N MET D 357 6.77 -44.66 22.76
CA MET D 357 6.22 -44.34 21.45
C MET D 357 5.24 -43.18 21.53
N ALA D 358 4.52 -43.12 22.65
CA ALA D 358 3.58 -42.04 22.93
C ALA D 358 4.31 -40.71 23.10
N GLU D 359 5.44 -40.72 23.81
CA GLU D 359 6.26 -39.53 24.03
C GLU D 359 6.67 -38.91 22.70
N MET D 360 7.13 -39.76 21.78
CA MET D 360 7.65 -39.33 20.49
C MET D 360 6.56 -38.90 19.51
N ALA D 361 5.41 -39.56 19.58
CA ALA D 361 4.27 -39.23 18.71
C ALA D 361 3.73 -37.82 18.97
N LEU D 362 3.77 -37.40 20.23
CA LEU D 362 3.28 -36.10 20.64
C LEU D 362 4.26 -34.99 20.25
N LYS D 363 5.43 -35.40 19.77
CA LYS D 363 6.49 -34.47 19.36
C LYS D 363 6.69 -34.48 17.85
N ASP D 364 6.09 -35.47 17.18
CA ASP D 364 6.13 -35.57 15.73
C ASP D 364 5.44 -34.37 15.07
N GLY D 365 6.00 -33.95 13.93
CA GLY D 365 5.46 -32.83 13.15
C GLY D 365 3.98 -32.93 12.83
N ASN D 366 3.52 -34.15 12.58
CA ASN D 366 2.12 -34.40 12.22
C ASN D 366 1.13 -34.23 13.38
N ALA D 367 1.61 -34.24 14.61
CA ALA D 367 0.74 -34.17 15.79
C ALA D 367 0.01 -32.84 15.96
N PHE D 368 0.65 -31.72 15.66
CA PHE D 368 0.03 -30.42 15.91
C PHE D 368 -1.24 -30.14 15.10
N SER D 369 -1.37 -30.75 13.92
CA SER D 369 -2.54 -30.52 13.08
C SER D 369 -3.73 -31.43 13.37
N ASN D 370 -3.56 -32.35 14.34
CA ASN D 370 -4.63 -33.26 14.72
C ASN D 370 -5.82 -32.50 15.29
N PRO D 371 -7.05 -32.91 14.92
CA PRO D 371 -8.26 -32.24 15.38
C PRO D 371 -8.53 -32.41 16.89
N ARG D 372 -7.99 -33.46 17.50
CA ARG D 372 -8.11 -33.64 18.94
C ARG D 372 -6.74 -33.56 19.63
N LYS D 373 -6.62 -32.62 20.58
CA LYS D 373 -5.39 -32.47 21.35
C LYS D 373 -5.40 -33.41 22.55
N GLY D 374 -4.46 -34.35 22.56
CA GLY D 374 -4.34 -35.30 23.66
C GLY D 374 -3.03 -35.15 24.38
N ASN D 375 -2.68 -36.20 25.12
CA ASN D 375 -1.39 -36.26 25.79
C ASN D 375 -0.85 -37.68 25.66
N GLU D 376 0.19 -37.99 26.42
CA GLU D 376 0.86 -39.28 26.30
C GLU D 376 0.01 -40.44 26.79
N GLN D 377 -0.79 -40.21 27.83
CA GLN D 377 -1.65 -41.25 28.40
C GLN D 377 -2.73 -41.69 27.41
N GLU D 378 -3.27 -40.72 26.67
CA GLU D 378 -4.35 -41.00 25.72
C GLU D 378 -3.86 -41.71 24.45
N ILE D 379 -2.61 -41.43 24.08
CA ILE D 379 -2.00 -42.05 22.90
C ILE D 379 -1.55 -43.48 23.22
N ALA D 380 -1.01 -43.68 24.41
CA ALA D 380 -0.69 -45.04 24.87
C ALA D 380 -1.96 -45.91 24.91
N ALA D 381 -3.10 -45.26 25.11
CA ALA D 381 -4.40 -45.95 25.16
C ALA D 381 -4.84 -46.40 23.76
N ILE D 382 -4.55 -45.58 22.76
CA ILE D 382 -4.83 -45.94 21.38
C ILE D 382 -3.93 -47.11 20.97
N PHE D 383 -2.64 -47.02 21.27
CA PHE D 383 -1.70 -48.12 20.98
C PHE D 383 -2.19 -49.44 21.58
N ARG D 384 -2.82 -49.35 22.75
CA ARG D 384 -3.36 -50.52 23.43
C ARG D 384 -4.61 -51.06 22.73
N GLN D 385 -5.42 -50.16 22.17
CA GLN D 385 -6.62 -50.55 21.44
C GLN D 385 -6.30 -51.29 20.15
N ALA D 386 -5.19 -50.92 19.52
CA ALA D 386 -4.76 -51.51 18.26
C ALA D 386 -3.89 -52.75 18.44
N PHE D 387 -3.56 -53.06 19.69
CA PHE D 387 -2.65 -54.16 20.02
C PHE D 387 -3.26 -55.55 19.71
N ARG E 4 84.40 50.96 -3.06
CA ARG E 4 84.55 49.48 -3.30
C ARG E 4 85.01 48.75 -2.04
N MET E 5 85.87 49.39 -1.27
CA MET E 5 86.24 48.94 0.06
C MET E 5 85.77 50.01 1.04
N PHE E 6 85.44 49.61 2.26
CA PHE E 6 84.85 50.55 3.23
C PHE E 6 85.46 50.46 4.62
N ASP E 7 85.46 51.59 5.32
CA ASP E 7 85.79 51.61 6.74
C ASP E 7 84.57 52.01 7.58
N TYR E 8 84.55 51.53 8.81
CA TYR E 8 83.44 51.78 9.71
C TYR E 8 84.00 52.06 11.10
N LEU E 9 83.93 53.33 11.49
CA LEU E 9 84.46 53.78 12.78
C LEU E 9 83.33 54.16 13.71
N VAL E 10 83.56 53.91 14.99
CA VAL E 10 82.55 54.10 16.03
C VAL E 10 83.26 53.89 17.37
N PRO E 11 82.89 54.67 18.41
CA PRO E 11 83.59 54.46 19.67
C PRO E 11 83.50 53.01 20.15
N ASN E 12 84.52 52.61 20.90
CA ASN E 12 84.67 51.26 21.43
C ASN E 12 83.46 50.80 22.24
N VAL E 13 83.00 51.67 23.14
CA VAL E 13 82.05 51.33 24.18
C VAL E 13 80.99 52.44 24.26
N ASN E 14 79.75 52.08 23.95
CA ASN E 14 78.68 53.06 23.93
C ASN E 14 77.59 52.75 24.93
N PHE E 15 77.15 53.77 25.64
CA PHE E 15 76.04 53.62 26.58
C PHE E 15 74.90 54.50 26.14
N PHE E 16 73.68 53.98 26.22
CA PHE E 16 72.48 54.75 25.93
C PHE E 16 71.28 54.16 26.65
N GLY E 17 70.24 54.99 26.83
CA GLY E 17 69.05 54.58 27.56
C GLY E 17 68.89 55.49 28.77
N PRO E 18 67.67 55.58 29.32
CA PRO E 18 67.46 56.45 30.47
C PRO E 18 68.37 56.09 31.64
N ASN E 19 69.00 57.11 32.22
CA ASN E 19 69.93 56.99 33.36
C ASN E 19 71.30 56.37 33.02
N ALA E 20 71.64 56.39 31.73
CA ALA E 20 72.93 55.93 31.24
C ALA E 20 74.09 56.79 31.78
N ILE E 21 73.74 57.96 32.32
CA ILE E 21 74.71 58.84 32.95
C ILE E 21 75.35 58.21 34.19
N SER E 22 74.70 57.20 34.76
CA SER E 22 75.15 56.63 36.03
C SER E 22 76.46 55.83 35.91
N VAL E 23 76.93 55.63 34.68
CA VAL E 23 78.17 54.89 34.44
C VAL E 23 79.40 55.78 34.20
N VAL E 24 79.23 57.11 34.19
CA VAL E 24 80.32 58.03 33.84
C VAL E 24 81.52 57.85 34.74
N GLY E 25 81.29 57.88 36.05
CA GLY E 25 82.35 57.73 37.02
C GLY E 25 83.05 56.41 36.83
N GLU E 26 82.25 55.35 36.76
CA GLU E 26 82.73 53.97 36.64
C GLU E 26 83.60 53.81 35.39
N ARG E 27 83.13 54.36 34.29
CA ARG E 27 83.84 54.27 33.01
C ARG E 27 85.16 55.04 32.98
N CYS E 28 85.26 56.10 33.78
CA CYS E 28 86.50 56.84 33.92
C CYS E 28 87.57 56.03 34.67
N GLN E 29 87.15 55.35 35.74
CA GLN E 29 88.03 54.45 36.49
C GLN E 29 88.67 53.42 35.58
N LEU E 30 87.86 52.79 34.72
CA LEU E 30 88.30 51.71 33.85
C LEU E 30 89.25 52.19 32.75
N LEU E 31 89.14 53.46 32.37
CA LEU E 31 90.08 54.06 31.44
C LEU E 31 91.35 54.54 32.17
N GLY E 32 91.37 54.39 33.49
CA GLY E 32 92.50 54.81 34.30
C GLY E 32 92.50 56.31 34.59
N GLY E 33 91.34 56.94 34.47
CA GLY E 33 91.18 58.36 34.78
C GLY E 33 91.24 58.62 36.28
N LYS E 34 91.98 59.65 36.68
CA LYS E 34 92.11 60.01 38.09
C LYS E 34 91.64 61.44 38.31
N LYS E 35 91.92 62.32 37.34
CA LYS E 35 91.38 63.68 37.38
C LYS E 35 90.81 64.06 36.02
N ALA E 36 89.54 64.44 36.01
CA ALA E 36 88.83 64.75 34.79
C ALA E 36 88.73 66.25 34.54
N LEU E 37 88.92 66.63 33.28
CA LEU E 37 88.50 67.93 32.80
C LEU E 37 87.07 67.79 32.24
N LEU E 38 86.12 68.44 32.90
CA LEU E 38 84.73 68.51 32.47
C LEU E 38 84.59 69.69 31.52
N VAL E 39 84.29 69.38 30.25
CA VAL E 39 84.18 70.40 29.21
C VAL E 39 82.71 70.61 28.86
N THR E 40 82.25 71.86 28.88
CA THR E 40 80.82 72.17 28.72
C THR E 40 80.54 73.66 28.38
N ASP E 41 79.27 73.98 28.19
CA ASP E 41 78.76 75.35 28.01
C ASP E 41 78.51 76.03 29.34
N LYS E 42 78.43 77.36 29.31
CA LYS E 42 77.93 78.16 30.44
C LYS E 42 76.43 77.93 30.65
N GLY E 43 75.73 77.66 29.55
CA GLY E 43 74.30 77.39 29.59
C GLY E 43 73.95 76.13 30.37
N LEU E 44 74.66 75.04 30.08
CA LEU E 44 74.46 73.76 30.78
C LEU E 44 75.05 73.74 32.20
N ARG E 45 76.15 74.45 32.41
CA ARG E 45 76.76 74.59 33.73
C ARG E 45 75.90 75.48 34.61
N LYS E 48 69.55 76.93 39.10
CA LYS E 48 69.65 76.64 37.67
C LYS E 48 69.07 75.26 37.27
N ASP E 49 69.75 74.17 37.66
CA ASP E 49 69.37 72.81 37.20
C ASP E 49 70.04 71.63 37.94
N GLY E 50 69.89 70.45 37.36
CA GLY E 50 70.78 69.30 37.58
C GLY E 50 70.93 68.52 36.27
N ALA E 51 72.11 68.56 35.64
CA ALA E 51 72.43 67.81 34.38
C ALA E 51 73.95 67.76 33.97
N VAL E 52 74.72 68.80 34.31
CA VAL E 52 76.19 68.65 34.42
C VAL E 52 76.49 68.33 35.88
N ASP E 53 75.46 68.48 36.71
CA ASP E 53 75.47 68.05 38.09
C ASP E 53 75.52 66.52 38.21
N LYS E 54 74.63 65.85 37.47
CA LYS E 54 74.58 64.39 37.49
C LYS E 54 75.96 63.81 37.22
N THR E 55 76.64 64.34 36.22
CA THR E 55 77.95 63.81 35.85
C THR E 55 79.02 64.15 36.88
N LEU E 56 78.95 65.35 37.45
CA LEU E 56 79.79 65.74 38.59
C LEU E 56 79.60 64.81 39.79
N HIS E 57 78.34 64.46 40.06
CA HIS E 57 77.98 63.58 41.17
C HIS E 57 78.54 62.18 40.99
N TYR E 58 78.44 61.65 39.76
CA TYR E 58 78.87 60.29 39.48
C TYR E 58 80.39 60.17 39.38
N LEU E 59 81.04 61.25 38.95
CA LEU E 59 82.49 61.34 38.97
C LEU E 59 83.00 61.32 40.42
N ARG E 60 82.42 62.15 41.28
CA ARG E 60 82.84 62.26 42.68
C ARG E 60 82.47 61.02 43.50
N GLU E 61 81.45 60.29 43.05
CA GLU E 61 81.08 59.00 43.64
C GLU E 61 82.18 57.96 43.35
N ALA E 62 82.87 58.14 42.23
CA ALA E 62 83.93 57.21 41.83
C ALA E 62 85.34 57.63 42.29
N GLY E 63 85.41 58.69 43.08
CA GLY E 63 86.69 59.19 43.59
C GLY E 63 87.53 59.91 42.56
N ILE E 64 86.91 60.32 41.46
CA ILE E 64 87.57 61.12 40.43
C ILE E 64 87.41 62.61 40.78
N GLU E 65 88.52 63.35 40.69
CA GLU E 65 88.48 64.80 40.87
C GLU E 65 88.28 65.52 39.55
N VAL E 66 87.63 66.68 39.62
CA VAL E 66 87.18 67.35 38.41
C VAL E 66 87.47 68.84 38.42
N ALA E 67 88.13 69.31 37.36
CA ALA E 67 88.23 70.72 37.06
C ALA E 67 87.32 70.92 35.87
N ILE E 68 86.49 71.95 35.91
CA ILE E 68 85.57 72.19 34.81
C ILE E 68 86.06 73.34 33.91
N PHE E 69 85.82 73.20 32.61
CA PHE E 69 86.03 74.29 31.66
C PHE E 69 84.74 74.53 30.91
N ASP E 70 84.15 75.71 31.11
CA ASP E 70 82.89 76.07 30.45
C ASP E 70 83.02 77.19 29.42
N GLY E 71 84.24 77.46 28.99
CA GLY E 71 84.51 78.54 28.05
C GLY E 71 84.21 78.23 26.59
N VAL E 72 83.41 77.19 26.35
CA VAL E 72 83.09 76.75 24.99
C VAL E 72 82.02 77.64 24.35
N GLU E 73 82.40 78.31 23.27
CA GLU E 73 81.47 79.15 22.52
C GLU E 73 80.57 78.31 21.62
N PRO E 74 79.34 78.78 21.32
CA PRO E 74 78.58 78.07 20.29
C PRO E 74 79.31 78.37 18.98
N ASN E 75 79.74 77.31 18.29
CA ASN E 75 80.85 77.39 17.31
C ASN E 75 82.18 77.46 18.05
N PRO E 76 82.73 76.29 18.40
CA PRO E 76 83.93 76.24 19.24
C PRO E 76 85.14 76.85 18.53
N LYS E 77 85.95 77.57 19.29
CA LYS E 77 87.07 78.32 18.73
C LYS E 77 88.43 77.71 19.08
N ASP E 78 89.42 78.06 18.29
CA ASP E 78 90.82 77.69 18.56
C ASP E 78 91.31 78.22 19.91
N THR E 79 90.88 79.44 20.26
CA THR E 79 91.22 80.06 21.56
C THR E 79 90.55 79.33 22.73
N ASN E 80 89.37 78.77 22.49
CA ASN E 80 88.68 77.95 23.49
C ASN E 80 89.50 76.71 23.83
N VAL E 81 90.03 76.08 22.79
CA VAL E 81 90.87 74.90 22.92
C VAL E 81 92.14 75.22 23.72
N ARG E 82 92.72 76.38 23.49
CA ARG E 82 93.91 76.79 24.23
C ARG E 82 93.63 77.17 25.67
N ASP E 83 92.50 77.83 25.91
CA ASP E 83 92.09 78.14 27.28
C ASP E 83 91.82 76.85 28.05
N GLY E 84 91.13 75.91 27.40
CA GLY E 84 90.83 74.59 27.99
C GLY E 84 92.07 73.75 28.27
N LEU E 85 93.02 73.77 27.33
CA LEU E 85 94.30 73.11 27.48
C LEU E 85 95.08 73.67 28.66
N ALA E 86 94.95 74.99 28.88
CA ALA E 86 95.63 75.65 29.99
C ALA E 86 95.07 75.21 31.34
N VAL E 87 93.81 74.76 31.34
CA VAL E 87 93.17 74.21 32.54
C VAL E 87 93.50 72.72 32.67
N PHE E 88 93.50 72.02 31.54
CA PHE E 88 93.92 70.62 31.50
C PHE E 88 95.31 70.45 32.13
N ARG E 89 96.20 71.41 31.88
CA ARG E 89 97.59 71.33 32.34
C ARG E 89 97.84 71.93 33.73
N ARG E 90 97.26 73.09 34.02
CA ARG E 90 97.42 73.72 35.34
C ARG E 90 96.83 72.83 36.43
N GLU E 91 95.71 72.19 36.12
CA GLU E 91 95.05 71.31 37.07
C GLU E 91 95.52 69.85 36.92
N GLN E 92 96.43 69.64 35.96
CA GLN E 92 97.08 68.34 35.71
C GLN E 92 96.05 67.23 35.54
N CYS E 93 95.40 67.20 34.39
CA CYS E 93 94.30 66.28 34.16
C CYS E 93 94.71 64.98 33.47
N ASP E 94 93.81 64.01 33.56
CA ASP E 94 94.08 62.64 33.18
C ASP E 94 93.14 62.21 32.06
N ILE E 95 91.92 62.72 32.10
CA ILE E 95 90.84 62.27 31.25
C ILE E 95 89.95 63.47 30.91
N ILE E 96 89.25 63.40 29.79
CA ILE E 96 88.32 64.47 29.39
C ILE E 96 86.89 63.94 29.38
N VAL E 97 86.00 64.69 30.03
CA VAL E 97 84.59 64.38 30.03
C VAL E 97 83.86 65.57 29.43
N THR E 98 83.39 65.39 28.20
CA THR E 98 82.58 66.42 27.56
C THR E 98 81.11 66.18 27.87
N VAL E 99 80.43 67.21 28.38
CA VAL E 99 78.97 67.14 28.52
C VAL E 99 78.27 68.26 27.75
N GLY E 100 77.40 67.86 26.83
CA GLY E 100 76.65 68.82 26.04
C GLY E 100 76.29 68.35 24.65
N GLY E 101 76.11 69.33 23.75
CA GLY E 101 75.86 69.05 22.34
C GLY E 101 77.19 69.00 21.61
N GLY E 102 77.16 69.34 20.33
CA GLY E 102 78.33 69.25 19.47
C GLY E 102 79.52 70.11 19.85
N SER E 103 79.26 71.29 20.39
CA SER E 103 80.34 72.23 20.72
C SER E 103 81.34 71.72 21.76
N PRO E 104 80.87 71.28 22.95
CA PRO E 104 81.83 70.71 23.88
C PRO E 104 82.53 69.45 23.34
N HIS E 105 81.82 68.64 22.54
CA HIS E 105 82.42 67.43 21.98
C HIS E 105 83.60 67.74 21.06
N ASP E 106 83.44 68.72 20.18
CA ASP E 106 84.52 69.17 19.32
C ASP E 106 85.65 69.87 20.10
N CYS E 107 85.27 70.68 21.09
CA CYS E 107 86.24 71.38 21.91
C CYS E 107 87.06 70.40 22.74
N GLY E 108 86.38 69.43 23.37
CA GLY E 108 87.02 68.37 24.12
C GLY E 108 88.01 67.58 23.27
N LYS E 109 87.57 67.22 22.07
CA LYS E 109 88.43 66.54 21.10
C LYS E 109 89.62 67.41 20.73
N GLY E 110 89.35 68.72 20.60
CA GLY E 110 90.38 69.70 20.25
C GLY E 110 91.43 69.81 21.33
N ILE E 111 90.97 70.01 22.56
CA ILE E 111 91.85 70.02 23.72
C ILE E 111 92.68 68.73 23.77
N GLY E 112 92.01 67.58 23.62
CA GLY E 112 92.67 66.28 23.58
C GLY E 112 93.80 66.23 22.59
N ILE E 113 93.52 66.67 21.36
CA ILE E 113 94.53 66.75 20.29
C ILE E 113 95.72 67.61 20.71
N ALA E 114 95.43 68.83 21.16
CA ALA E 114 96.46 69.81 21.50
C ALA E 114 97.33 69.37 22.69
N ALA E 115 96.81 68.44 23.48
CA ALA E 115 97.52 67.92 24.65
C ALA E 115 98.57 66.87 24.32
N THR E 116 98.44 66.23 23.15
CA THR E 116 99.30 65.11 22.79
C THR E 116 100.02 65.28 21.44
N HIS E 117 99.78 66.40 20.76
CA HIS E 117 100.43 66.68 19.49
C HIS E 117 101.17 68.01 19.46
N GLU E 118 102.39 67.98 18.95
CA GLU E 118 103.28 69.15 18.82
C GLU E 118 102.52 70.46 18.62
N GLY E 119 102.82 71.43 19.46
CA GLY E 119 102.20 72.77 19.50
C GLY E 119 101.39 73.27 18.31
N ASP E 120 100.17 73.71 18.61
CA ASP E 120 99.22 74.31 17.66
C ASP E 120 98.16 73.30 17.23
N LEU E 121 97.33 73.69 16.26
CA LEU E 121 96.13 72.91 15.95
C LEU E 121 95.72 72.97 14.48
N TYR E 122 95.71 74.19 13.93
CA TYR E 122 95.39 74.44 12.53
C TYR E 122 96.35 73.65 11.65
N GLN E 123 97.54 73.43 12.19
CA GLN E 123 98.58 72.58 11.61
C GLN E 123 98.05 71.22 11.18
N TYR E 124 97.13 70.66 11.96
CA TYR E 124 96.66 69.29 11.75
C TYR E 124 95.36 69.15 10.95
N ALA E 125 94.92 70.23 10.30
CA ALA E 125 93.73 70.18 9.45
C ALA E 125 93.95 69.27 8.25
N GLY E 126 92.95 68.45 7.96
CA GLY E 126 93.02 67.47 6.88
C GLY E 126 92.58 66.10 7.35
N ILE E 127 93.00 65.06 6.62
CA ILE E 127 92.62 63.69 6.97
C ILE E 127 93.46 63.12 8.12
N GLU E 128 94.03 61.93 7.97
CA GLU E 128 94.73 61.27 9.07
C GLU E 128 96.07 61.95 9.31
N THR E 129 96.06 62.93 10.20
CA THR E 129 97.24 63.75 10.46
C THR E 129 97.78 63.52 11.88
N LEU E 130 97.02 62.77 12.68
CA LEU E 130 97.39 62.48 14.07
C LEU E 130 98.15 61.17 14.19
N THR E 131 99.16 61.15 15.04
CA THR E 131 99.98 59.95 15.26
C THR E 131 99.86 59.38 16.69
N ASN E 132 99.53 60.24 17.65
CA ASN E 132 99.55 59.86 19.07
C ASN E 132 98.16 59.73 19.66
N PRO E 133 97.95 58.71 20.51
CA PRO E 133 96.63 58.60 21.14
C PRO E 133 96.33 59.83 21.99
N LEU E 134 95.09 60.29 21.93
CA LEU E 134 94.61 61.38 22.78
C LEU E 134 94.42 60.85 24.20
N PRO E 135 94.23 61.76 25.19
CA PRO E 135 93.80 61.29 26.50
C PRO E 135 92.42 60.65 26.37
N PRO E 136 92.07 59.72 27.28
CA PRO E 136 90.74 59.12 27.25
C PRO E 136 89.66 60.20 27.29
N ILE E 137 88.66 60.07 26.42
CA ILE E 137 87.54 61.00 26.37
C ILE E 137 86.23 60.25 26.60
N VAL E 138 85.42 60.74 27.54
CA VAL E 138 84.07 60.24 27.72
C VAL E 138 83.08 61.34 27.32
N ALA E 139 82.33 61.09 26.25
CA ALA E 139 81.43 62.08 25.71
C ALA E 139 79.99 61.83 26.16
N VAL E 140 79.49 62.67 27.05
CA VAL E 140 78.09 62.62 27.48
C VAL E 140 77.25 63.58 26.63
N ASN E 141 76.44 62.99 25.77
CA ASN E 141 75.67 63.74 24.80
C ASN E 141 74.31 64.14 25.35
N THR E 142 73.87 65.33 24.93
CA THR E 142 72.78 66.05 25.57
C THR E 142 71.75 66.52 24.54
N THR E 143 72.06 66.25 23.27
CA THR E 143 71.29 66.76 22.15
C THR E 143 71.05 65.62 21.16
N ALA E 144 69.78 65.44 20.78
CA ALA E 144 69.43 64.42 19.80
C ALA E 144 69.51 65.01 18.40
N GLY E 145 70.72 65.42 18.03
CA GLY E 145 71.01 66.12 16.81
C GLY E 145 72.34 65.81 16.14
N THR E 146 73.45 66.19 16.78
CA THR E 146 74.74 66.18 16.07
C THR E 146 75.45 64.82 15.99
N ALA E 147 75.47 64.07 17.09
CA ALA E 147 76.15 62.78 17.15
C ALA E 147 77.68 62.90 17.07
N SER E 148 78.20 64.04 17.53
CA SER E 148 79.63 64.25 17.59
C SER E 148 80.32 63.35 18.60
N GLU E 149 79.55 62.85 19.56
CA GLU E 149 80.06 61.92 20.56
C GLU E 149 80.46 60.58 19.96
N VAL E 150 80.06 60.36 18.71
CA VAL E 150 80.24 59.07 18.08
C VAL E 150 81.11 59.19 16.81
N THR E 151 81.68 60.38 16.63
CA THR E 151 82.23 60.86 15.36
C THR E 151 83.79 60.90 15.29
N ARG E 152 84.33 60.79 14.08
CA ARG E 152 85.79 60.87 13.85
C ARG E 152 86.24 62.32 13.60
N HIS E 153 85.28 63.21 13.41
CA HIS E 153 85.55 64.58 13.02
C HIS E 153 85.78 65.47 14.23
N CYS E 154 86.65 66.46 14.05
CA CYS E 154 86.78 67.55 14.99
C CYS E 154 86.79 68.85 14.17
N VAL E 155 85.79 69.70 14.38
CA VAL E 155 85.75 70.98 13.68
C VAL E 155 85.74 72.17 14.65
N LEU E 156 86.72 73.06 14.46
CA LEU E 156 86.87 74.29 15.23
C LEU E 156 87.00 75.46 14.26
N THR E 157 86.89 76.67 14.79
CA THR E 157 87.04 77.87 13.98
C THR E 157 88.40 78.50 14.21
N ASN E 158 89.11 78.75 13.11
CA ASN E 158 90.34 79.53 13.12
C ASN E 158 89.95 80.99 13.25
N THR E 159 90.39 81.64 14.33
CA THR E 159 89.98 83.02 14.63
C THR E 159 90.79 84.08 13.86
N GLU E 160 92.02 83.73 13.50
CA GLU E 160 92.87 84.61 12.69
C GLU E 160 92.31 84.72 11.26
N THR E 161 91.80 83.61 10.73
CA THR E 161 91.23 83.57 9.39
C THR E 161 89.71 83.68 9.40
N LYS E 162 89.11 83.43 10.57
CA LYS E 162 87.65 83.40 10.75
C LYS E 162 86.97 82.23 10.00
N VAL E 163 87.79 81.35 9.41
CA VAL E 163 87.32 80.17 8.68
C VAL E 163 87.30 78.93 9.58
N LYS E 164 86.45 77.97 9.26
CA LYS E 164 86.39 76.70 9.99
C LYS E 164 87.40 75.70 9.42
N PHE E 165 88.04 74.92 10.30
CA PHE E 165 88.87 73.81 9.84
C PHE E 165 88.39 72.48 10.42
N VAL E 166 88.85 71.38 9.84
CA VAL E 166 88.39 70.06 10.23
C VAL E 166 89.58 69.11 10.36
N ILE E 167 89.65 68.43 11.49
CA ILE E 167 90.57 67.33 11.68
C ILE E 167 89.76 66.04 11.66
N VAL E 168 90.14 65.11 10.79
CA VAL E 168 89.43 63.85 10.60
C VAL E 168 90.39 62.71 10.98
N SER E 169 90.04 61.91 11.98
CA SER E 169 90.95 60.89 12.49
C SER E 169 90.28 59.82 13.36
N TRP E 170 90.72 58.58 13.17
CA TRP E 170 90.26 57.47 14.02
C TRP E 170 90.61 57.70 15.48
N ARG E 171 91.51 58.65 15.73
CA ARG E 171 91.90 58.99 17.08
C ARG E 171 90.98 60.05 17.71
N ASN E 172 90.03 60.60 16.93
CA ASN E 172 89.07 61.56 17.46
C ASN E 172 87.83 60.91 18.06
N LEU E 173 87.67 59.61 17.80
CA LEU E 173 86.57 58.82 18.34
C LEU E 173 86.67 58.80 19.84
N PRO E 174 85.68 59.36 20.56
CA PRO E 174 85.74 59.32 22.01
C PRO E 174 85.90 57.89 22.53
N SER E 175 86.61 57.71 23.64
CA SER E 175 86.77 56.40 24.27
C SER E 175 85.41 55.77 24.58
N VAL E 176 84.47 56.61 25.04
CA VAL E 176 83.13 56.17 25.42
C VAL E 176 82.12 57.27 25.08
N SER E 177 80.93 56.85 24.64
CA SER E 177 79.82 57.76 24.45
C SER E 177 78.66 57.38 25.36
N ILE E 178 77.99 58.38 25.90
CA ILE E 178 76.82 58.18 26.76
C ILE E 178 75.68 59.01 26.20
N ASN E 179 74.56 58.36 25.88
CA ASN E 179 73.35 59.05 25.40
C ASN E 179 72.16 58.81 26.33
N ASP E 180 71.99 59.70 27.31
CA ASP E 180 70.93 59.59 28.30
C ASP E 180 69.76 60.53 28.00
N PRO E 181 68.65 59.98 27.46
CA PRO E 181 67.44 60.73 27.13
C PRO E 181 66.91 61.59 28.28
N LEU E 182 67.11 61.14 29.52
CA LEU E 182 66.73 61.93 30.70
C LEU E 182 67.46 63.27 30.80
N LEU E 183 68.64 63.33 30.21
CA LEU E 183 69.43 64.56 30.22
C LEU E 183 68.96 65.57 29.18
N MET E 184 68.07 65.12 28.29
CA MET E 184 67.66 65.88 27.11
C MET E 184 66.26 66.44 27.24
N ILE E 185 65.59 66.08 28.33
CA ILE E 185 64.20 66.43 28.54
C ILE E 185 63.95 67.94 28.48
N GLY E 186 64.94 68.73 28.91
CA GLY E 186 64.76 70.19 29.03
C GLY E 186 64.91 71.02 27.77
N LYS E 187 65.22 70.39 26.64
CA LYS E 187 65.36 71.10 25.36
C LYS E 187 64.04 71.70 24.89
N PRO E 188 64.01 73.04 24.63
CA PRO E 188 62.81 73.72 24.13
C PRO E 188 62.37 73.15 22.78
N ALA E 189 61.07 73.24 22.50
CA ALA E 189 60.49 72.69 21.28
C ALA E 189 61.28 73.05 20.01
N ALA E 190 61.68 74.31 19.89
CA ALA E 190 62.40 74.78 18.70
C ALA E 190 63.77 74.11 18.56
N LEU E 191 64.44 73.89 19.70
CA LEU E 191 65.74 73.22 19.70
C LEU E 191 65.60 71.76 19.30
N THR E 192 64.56 71.08 19.81
CA THR E 192 64.38 69.66 19.48
C THR E 192 63.90 69.45 18.03
N ALA E 193 63.17 70.43 17.48
CA ALA E 193 62.78 70.38 16.07
C ALA E 193 64.03 70.45 15.18
N ALA E 194 64.82 71.50 15.38
CA ALA E 194 66.01 71.73 14.60
C ALA E 194 67.00 70.57 14.72
N THR E 195 67.34 70.21 15.96
CA THR E 195 68.27 69.09 16.20
C THR E 195 67.74 67.79 15.60
N GLY E 196 66.43 67.58 15.68
CA GLY E 196 65.78 66.42 15.08
C GLY E 196 65.95 66.39 13.57
N MET E 197 65.79 67.54 12.93
CA MET E 197 66.00 67.66 11.48
C MET E 197 67.48 67.52 11.08
N ASP E 198 68.37 67.87 12.01
CA ASP E 198 69.80 67.65 11.83
C ASP E 198 70.09 66.15 11.72
N ALA E 199 69.61 65.39 12.72
CA ALA E 199 69.63 63.92 12.68
C ALA E 199 68.99 63.35 11.40
N LEU E 200 67.77 63.81 11.07
CA LEU E 200 67.11 63.39 9.83
C LEU E 200 67.99 63.59 8.59
N THR E 201 68.67 64.75 8.52
CA THR E 201 69.54 65.06 7.40
C THR E 201 70.75 64.11 7.39
N HIS E 202 71.35 63.87 8.54
CA HIS E 202 72.43 62.89 8.60
C HIS E 202 71.98 61.55 7.97
N ALA E 203 70.79 61.09 8.33
CA ALA E 203 70.32 59.79 7.89
C ALA E 203 70.04 59.72 6.39
N VAL E 204 69.38 60.72 5.82
CA VAL E 204 69.03 60.59 4.41
C VAL E 204 70.24 60.87 3.54
N GLU E 205 71.02 61.89 3.92
CA GLU E 205 72.27 62.18 3.22
C GLU E 205 73.18 60.97 3.23
N ALA E 206 73.29 60.31 4.39
CA ALA E 206 74.10 59.10 4.52
C ALA E 206 73.53 57.92 3.75
N TYR E 207 72.19 57.85 3.67
CA TYR E 207 71.53 56.73 3.00
C TYR E 207 71.77 56.77 1.48
N ILE E 208 71.79 57.98 0.92
CA ILE E 208 71.93 58.16 -0.53
C ILE E 208 73.35 58.53 -1.00
N SER E 209 74.27 58.70 -0.05
CA SER E 209 75.66 59.02 -0.36
C SER E 209 76.32 58.04 -1.33
N LYS E 210 77.32 58.52 -2.06
CA LYS E 210 78.13 57.67 -2.94
C LYS E 210 78.87 56.62 -2.12
N ASP E 211 79.13 56.94 -0.85
CA ASP E 211 79.86 56.05 0.04
C ASP E 211 78.95 55.17 0.92
N ALA E 212 77.65 55.16 0.60
CA ALA E 212 76.70 54.29 1.28
C ALA E 212 76.94 52.80 1.01
N ASN E 213 76.64 51.97 2.01
CA ASN E 213 76.70 50.51 1.88
C ASN E 213 75.69 49.82 2.80
N PRO E 214 75.42 48.51 2.61
CA PRO E 214 74.48 47.79 3.47
C PRO E 214 74.66 47.98 4.99
N VAL E 215 75.91 48.07 5.47
CA VAL E 215 76.17 48.22 6.92
C VAL E 215 75.76 49.61 7.39
N THR E 216 76.20 50.61 6.64
CA THR E 216 75.79 52.00 6.81
C THR E 216 74.28 52.14 6.75
N ASP E 217 73.68 51.52 5.73
CA ASP E 217 72.25 51.65 5.50
C ASP E 217 71.42 51.16 6.69
N ALA E 218 71.91 50.13 7.38
CA ALA E 218 71.24 49.61 8.57
C ALA E 218 70.94 50.71 9.59
N ALA E 219 71.95 51.50 9.92
CA ALA E 219 71.79 52.59 10.87
C ALA E 219 70.89 53.71 10.33
N ALA E 220 71.11 54.11 9.08
CA ALA E 220 70.38 55.23 8.48
C ALA E 220 68.89 54.92 8.32
N MET E 221 68.58 53.72 7.86
CA MET E 221 67.20 53.31 7.63
C MET E 221 66.39 53.36 8.94
N GLN E 222 66.95 52.79 10.00
CA GLN E 222 66.32 52.80 11.30
C GLN E 222 66.17 54.24 11.81
N ALA E 223 67.20 55.05 11.63
CA ALA E 223 67.15 56.45 12.04
C ALA E 223 65.95 57.18 11.42
N ILE E 224 65.75 57.01 10.11
CA ILE E 224 64.64 57.65 9.39
C ILE E 224 63.30 57.13 9.93
N ARG E 225 63.21 55.82 10.09
CA ARG E 225 62.01 55.15 10.64
C ARG E 225 61.68 55.74 12.02
N LEU E 226 62.68 55.81 12.90
CA LEU E 226 62.52 56.32 14.26
C LEU E 226 62.14 57.80 14.30
N ILE E 227 62.77 58.61 13.46
CA ILE E 227 62.51 60.06 13.43
C ILE E 227 61.12 60.35 12.88
N ALA E 228 60.69 59.60 11.87
CA ALA E 228 59.34 59.77 11.35
C ALA E 228 58.27 59.42 12.38
N ARG E 229 58.60 58.57 13.34
CA ARG E 229 57.61 58.09 14.32
C ARG E 229 57.66 58.81 15.65
N ASN E 230 58.63 59.71 15.80
CA ASN E 230 58.92 60.28 17.11
C ASN E 230 59.16 61.78 17.17
N LEU E 231 59.68 62.37 16.09
CA LEU E 231 60.04 63.78 16.12
C LEU E 231 58.84 64.66 16.49
N ARG E 232 57.75 64.57 15.74
CA ARG E 232 56.52 65.31 16.04
C ARG E 232 56.15 65.23 17.52
N GLN E 233 56.13 64.02 18.05
CA GLN E 233 55.83 63.76 19.45
C GLN E 233 56.81 64.44 20.39
N ALA E 234 58.09 64.38 20.02
CA ALA E 234 59.16 64.99 20.81
C ALA E 234 59.04 66.51 20.86
N VAL E 235 58.76 67.16 19.74
CA VAL E 235 58.66 68.62 19.77
C VAL E 235 57.36 69.08 20.44
N ALA E 236 56.32 68.25 20.36
CA ALA E 236 55.02 68.58 20.98
C ALA E 236 55.16 68.61 22.50
N LEU E 237 55.85 67.61 23.04
CA LEU E 237 56.02 67.49 24.49
C LEU E 237 57.37 66.91 24.81
N GLY E 238 58.26 67.76 25.33
CA GLY E 238 59.63 67.39 25.61
C GLY E 238 59.78 66.42 26.76
N SER E 239 58.71 66.23 27.53
CA SER E 239 58.71 65.31 28.67
C SER E 239 58.14 63.96 28.28
N ASN E 240 57.82 63.78 27.01
CA ASN E 240 57.50 62.48 26.47
C ASN E 240 58.79 61.66 26.39
N LEU E 241 59.03 60.86 27.42
CA LEU E 241 60.28 60.09 27.55
C LEU E 241 60.46 59.12 26.38
N GLN E 242 59.38 58.45 25.98
CA GLN E 242 59.43 57.47 24.90
C GLN E 242 59.93 58.15 23.62
N ALA E 243 59.37 59.33 23.32
CA ALA E 243 59.81 60.10 22.18
C ALA E 243 61.25 60.55 22.33
N ARG E 244 61.62 61.03 23.52
CA ARG E 244 63.00 61.42 23.80
C ARG E 244 64.00 60.26 23.61
N GLU E 245 63.74 59.13 24.28
CA GLU E 245 64.50 57.88 24.09
C GLU E 245 64.76 57.57 22.61
N TYR E 246 63.67 57.56 21.85
CA TYR E 246 63.69 57.26 20.43
C TYR E 246 64.47 58.24 19.57
N MET E 247 64.29 59.54 19.82
CA MET E 247 65.09 60.55 19.15
C MET E 247 66.58 60.41 19.46
N ALA E 248 66.90 60.07 20.70
CA ALA E 248 68.27 59.81 21.13
C ALA E 248 68.89 58.67 20.32
N TYR E 249 68.15 57.57 20.19
CA TYR E 249 68.64 56.42 19.43
C TYR E 249 68.76 56.76 17.94
N ALA E 250 67.81 57.51 17.41
CA ALA E 250 67.81 57.87 16.00
C ALA E 250 69.04 58.70 15.66
N SER E 251 69.33 59.67 16.52
CA SER E 251 70.43 60.59 16.29
C SER E 251 71.79 59.89 16.39
N LEU E 252 71.88 58.94 17.32
CA LEU E 252 73.07 58.11 17.47
C LEU E 252 73.27 57.22 16.24
N LEU E 253 72.18 56.64 15.73
CA LEU E 253 72.26 55.80 14.54
C LEU E 253 72.60 56.61 13.30
N ALA E 254 71.95 57.76 13.13
CA ALA E 254 72.30 58.66 12.01
C ALA E 254 73.79 59.00 12.05
N GLY E 255 74.32 59.14 13.26
CA GLY E 255 75.74 59.36 13.48
C GLY E 255 76.62 58.23 13.01
N MET E 256 76.30 57.02 13.46
CA MET E 256 77.04 55.82 13.05
C MET E 256 76.99 55.63 11.53
N ALA E 257 75.91 56.09 10.91
CA ALA E 257 75.80 56.08 9.45
C ALA E 257 76.70 57.14 8.83
N PHE E 258 76.48 58.41 9.18
CA PHE E 258 77.14 59.49 8.48
C PHE E 258 78.65 59.56 8.74
N ASN E 259 79.07 59.26 9.96
CA ASN E 259 80.48 59.18 10.28
C ASN E 259 81.23 58.29 9.28
N ASN E 260 80.52 57.34 8.69
CA ASN E 260 81.14 56.33 7.85
C ASN E 260 80.72 56.39 6.38
N ALA E 261 79.55 56.95 6.12
CA ALA E 261 79.06 57.06 4.74
C ALA E 261 79.18 58.48 4.20
N ASN E 262 79.41 59.45 5.09
CA ASN E 262 79.46 60.88 4.72
C ASN E 262 78.11 61.48 4.33
N LEU E 263 78.11 62.78 4.04
CA LEU E 263 76.86 63.53 3.81
C LEU E 263 76.72 63.97 2.36
N GLY E 264 76.16 65.16 2.12
CA GLY E 264 75.99 65.65 0.75
C GLY E 264 75.81 67.16 0.67
N TYR E 265 75.05 67.60 -0.34
CA TYR E 265 74.84 69.01 -0.62
C TYR E 265 74.07 69.76 0.47
N VAL E 266 73.25 69.06 1.26
CA VAL E 266 72.47 69.76 2.30
C VAL E 266 73.42 70.38 3.31
N HIS E 267 74.33 69.57 3.85
CA HIS E 267 75.36 70.05 4.78
C HIS E 267 76.34 71.01 4.13
N ALA E 268 76.73 70.72 2.89
CA ALA E 268 77.65 71.58 2.16
C ALA E 268 77.07 72.97 1.96
N MET E 269 75.77 73.04 1.69
CA MET E 269 75.06 74.31 1.57
C MET E 269 74.73 74.93 2.93
N ALA E 270 74.36 74.10 3.90
CA ALA E 270 74.01 74.57 5.23
C ALA E 270 75.17 75.27 5.94
N HIS E 271 76.38 74.75 5.78
CA HIS E 271 77.56 75.37 6.39
C HIS E 271 77.76 76.82 5.94
N GLN E 272 77.38 77.11 4.69
CA GLN E 272 77.53 78.45 4.14
C GLN E 272 76.50 79.37 4.74
N LEU E 273 75.26 78.89 4.85
CA LEU E 273 74.22 79.59 5.60
C LEU E 273 74.71 79.92 7.00
N GLY E 274 75.35 78.93 7.64
CA GLY E 274 75.97 79.11 8.96
C GLY E 274 77.17 80.05 8.96
N GLY E 275 77.84 80.18 7.83
CA GLY E 275 79.00 81.05 7.73
C GLY E 275 78.64 82.53 7.65
N LEU E 276 77.53 82.84 6.99
CA LEU E 276 77.15 84.24 6.73
C LEU E 276 76.12 84.80 7.71
N TYR E 277 75.23 83.95 8.21
CA TYR E 277 74.13 84.40 9.06
C TYR E 277 74.13 83.71 10.42
N ASP E 278 75.17 82.89 10.68
CA ASP E 278 75.10 81.79 11.65
C ASP E 278 73.67 81.41 12.02
N MET E 279 72.98 80.91 11.01
CA MET E 279 71.69 80.27 11.16
C MET E 279 71.95 79.00 11.96
N PRO E 280 71.07 78.71 12.93
CA PRO E 280 71.21 77.44 13.63
C PRO E 280 71.39 76.31 12.62
N HIS E 281 72.49 75.56 12.77
CA HIS E 281 72.85 74.45 11.87
C HIS E 281 71.66 73.56 11.50
N GLY E 282 70.92 73.13 12.50
CA GLY E 282 69.74 72.31 12.30
C GLY E 282 68.67 72.94 11.42
N VAL E 283 68.40 74.25 11.58
CA VAL E 283 67.33 74.86 10.78
C VAL E 283 67.78 75.09 9.34
N ALA E 284 69.07 75.35 9.17
CA ALA E 284 69.68 75.47 7.85
C ALA E 284 69.50 74.17 7.09
N ASN E 285 69.82 73.05 7.74
CA ASN E 285 69.63 71.73 7.15
C ASN E 285 68.16 71.45 6.83
N ALA E 286 67.28 71.78 7.77
CA ALA E 286 65.84 71.53 7.63
C ALA E 286 65.19 72.28 6.46
N VAL E 287 65.44 73.59 6.36
CA VAL E 287 64.80 74.39 5.33
C VAL E 287 65.26 73.91 3.95
N LEU E 288 66.46 73.34 3.91
CA LEU E 288 67.14 72.94 2.67
C LEU E 288 66.82 71.51 2.23
N LEU E 289 66.68 70.60 3.19
CA LEU E 289 66.48 69.17 2.95
C LEU E 289 65.56 68.82 1.76
N PRO E 290 64.29 69.29 1.78
CA PRO E 290 63.35 68.81 0.75
C PRO E 290 63.76 69.26 -0.64
N HIS E 291 64.41 70.42 -0.71
CA HIS E 291 64.85 70.98 -1.99
C HIS E 291 66.07 70.27 -2.57
N VAL E 292 67.07 70.00 -1.72
CA VAL E 292 68.22 69.18 -2.12
C VAL E 292 67.79 67.72 -2.37
N ALA E 293 66.84 67.23 -1.59
CA ALA E 293 66.33 65.89 -1.81
C ALA E 293 65.68 65.73 -3.20
N ARG E 294 64.90 66.73 -3.63
CA ARG E 294 64.28 66.68 -4.96
C ARG E 294 65.34 66.75 -6.05
N TYR E 295 66.40 67.49 -5.77
CA TYR E 295 67.50 67.64 -6.70
C TYR E 295 68.21 66.30 -6.87
N ASN E 296 68.43 65.61 -5.74
CA ASN E 296 69.12 64.31 -5.70
C ASN E 296 68.28 63.12 -6.13
N LEU E 297 66.96 63.31 -6.25
CA LEU E 297 66.05 62.22 -6.61
C LEU E 297 66.50 61.42 -7.83
N ILE E 298 66.91 62.10 -8.90
CA ILE E 298 67.32 61.40 -10.14
C ILE E 298 68.58 60.54 -9.97
N ALA E 299 69.34 60.79 -8.91
CA ALA E 299 70.54 59.99 -8.63
C ALA E 299 70.21 58.54 -8.23
N ASN E 300 69.09 58.36 -7.54
CA ASN E 300 68.73 57.07 -6.96
C ASN E 300 67.24 57.00 -6.56
N PRO E 301 66.33 56.98 -7.55
CA PRO E 301 64.89 57.01 -7.23
C PRO E 301 64.43 55.87 -6.32
N GLU E 302 65.13 54.73 -6.38
CA GLU E 302 64.78 53.57 -5.57
C GLU E 302 64.95 53.81 -4.08
N LYS E 303 66.06 54.45 -3.70
CA LYS E 303 66.31 54.74 -2.31
C LYS E 303 65.35 55.81 -1.78
N PHE E 304 64.94 56.74 -2.63
CA PHE E 304 63.91 57.71 -2.24
C PHE E 304 62.54 57.06 -2.00
N ALA E 305 62.21 56.08 -2.82
CA ALA E 305 61.07 55.20 -2.58
C ALA E 305 61.20 54.48 -1.23
N ASP E 306 62.40 53.95 -0.93
CA ASP E 306 62.70 53.36 0.39
C ASP E 306 62.39 54.35 1.50
N ILE E 307 62.88 55.59 1.35
CA ILE E 307 62.67 56.66 2.35
C ILE E 307 61.18 56.95 2.56
N ALA E 308 60.41 57.05 1.48
CA ALA E 308 58.97 57.24 1.58
C ALA E 308 58.34 56.17 2.50
N GLU E 309 58.62 54.91 2.17
CA GLU E 309 58.12 53.76 2.91
C GLU E 309 58.60 53.76 4.37
N LEU E 310 59.87 54.09 4.57
CA LEU E 310 60.47 54.22 5.90
C LEU E 310 59.70 55.23 6.76
N MET E 311 59.26 56.31 6.14
CA MET E 311 58.58 57.39 6.84
C MET E 311 57.06 57.19 6.97
N GLY E 312 56.61 55.98 6.65
CA GLY E 312 55.21 55.58 6.92
C GLY E 312 54.20 55.77 5.81
N GLU E 313 54.70 56.09 4.61
CA GLU E 313 53.85 56.36 3.46
C GLU E 313 53.38 55.08 2.82
N ASN E 314 52.17 55.13 2.26
CA ASN E 314 51.64 54.03 1.49
C ASN E 314 52.12 54.10 0.04
N ILE E 315 52.72 53.01 -0.43
CA ILE E 315 53.51 53.00 -1.67
C ILE E 315 52.94 51.99 -2.67
N THR E 316 51.97 51.22 -2.19
CA THR E 316 51.46 50.00 -2.83
C THR E 316 51.37 49.94 -4.37
N GLY E 317 50.63 50.85 -4.99
CA GLY E 317 50.41 50.73 -6.44
C GLY E 317 51.31 51.60 -7.30
N LEU E 318 52.36 52.14 -6.70
CA LEU E 318 53.08 53.26 -7.31
C LEU E 318 54.34 52.87 -8.07
N SER E 319 54.59 53.60 -9.16
CA SER E 319 55.86 53.52 -9.86
C SER E 319 56.96 54.02 -8.93
N THR E 320 58.19 53.59 -9.17
CA THR E 320 59.30 53.98 -8.32
C THR E 320 59.41 55.50 -8.21
N LEU E 321 59.20 56.17 -9.33
CA LEU E 321 59.26 57.61 -9.36
C LEU E 321 58.18 58.25 -8.50
N ASP E 322 56.93 57.81 -8.65
CA ASP E 322 55.82 58.30 -7.81
C ASP E 322 56.08 58.03 -6.32
N ALA E 323 56.65 56.88 -6.01
CA ALA E 323 57.00 56.56 -4.61
C ALA E 323 58.06 57.50 -4.06
N ALA E 324 59.03 57.87 -4.90
CA ALA E 324 60.08 58.83 -4.54
C ALA E 324 59.55 60.26 -4.34
N GLU E 325 58.59 60.68 -5.18
CA GLU E 325 57.81 61.90 -4.92
C GLU E 325 57.29 61.97 -3.48
N LYS E 326 56.76 60.85 -2.98
CA LYS E 326 56.11 60.84 -1.67
C LYS E 326 57.07 61.11 -0.54
N ALA E 327 58.33 60.71 -0.73
CA ALA E 327 59.37 60.96 0.26
C ALA E 327 59.61 62.45 0.41
N ILE E 328 59.67 63.17 -0.71
CA ILE E 328 59.90 64.61 -0.69
C ILE E 328 58.79 65.27 0.09
N ALA E 329 57.53 64.97 -0.30
CA ALA E 329 56.36 65.47 0.41
C ALA E 329 56.36 65.12 1.92
N ALA E 330 56.76 63.88 2.26
CA ALA E 330 56.82 63.45 3.66
C ALA E 330 57.80 64.27 4.49
N ILE E 331 58.96 64.54 3.91
CA ILE E 331 59.95 65.37 4.56
C ILE E 331 59.42 66.78 4.74
N THR E 332 58.83 67.35 3.70
CA THR E 332 58.30 68.71 3.86
C THR E 332 57.09 68.75 4.79
N ARG E 333 56.30 67.68 4.85
CA ARG E 333 55.18 67.62 5.81
C ARG E 333 55.68 67.62 7.26
N LEU E 334 56.72 66.84 7.53
CA LEU E 334 57.29 66.76 8.86
C LEU E 334 57.85 68.12 9.28
N SER E 335 58.56 68.76 8.34
CA SER E 335 59.17 70.07 8.56
C SER E 335 58.13 71.15 8.95
N MET E 336 57.01 71.18 8.24
CA MET E 336 55.91 72.09 8.58
C MET E 336 55.25 71.73 9.91
N ASP E 337 54.98 70.44 10.10
CA ASP E 337 54.25 69.98 11.28
C ASP E 337 54.95 70.37 12.57
N ILE E 338 56.27 70.49 12.53
CA ILE E 338 57.05 70.83 13.73
C ILE E 338 57.53 72.29 13.80
N GLY E 339 57.14 73.09 12.80
CA GLY E 339 57.32 74.53 12.86
C GLY E 339 58.66 75.07 12.39
N ILE E 340 59.33 74.33 11.52
CA ILE E 340 60.54 74.79 10.84
C ILE E 340 60.11 75.87 9.85
N PRO E 341 60.83 77.01 9.81
CA PRO E 341 60.51 78.03 8.82
C PRO E 341 60.73 77.48 7.42
N GLN E 342 59.85 77.82 6.49
CA GLN E 342 59.84 77.20 5.17
C GLN E 342 60.55 78.00 4.09
N HIS E 343 60.89 79.25 4.39
CA HIS E 343 61.45 80.15 3.40
C HIS E 343 62.65 80.92 3.96
N LEU E 344 63.82 80.69 3.36
CA LEU E 344 65.07 81.31 3.77
C LEU E 344 64.97 82.84 3.86
N ARG E 345 64.14 83.43 3.00
CA ARG E 345 63.80 84.85 3.02
C ARG E 345 63.40 85.33 4.42
N ASP E 346 62.60 84.52 5.11
CA ASP E 346 62.12 84.87 6.45
C ASP E 346 63.22 84.75 7.53
N LEU E 347 64.41 84.32 7.12
CA LEU E 347 65.54 84.12 8.03
C LEU E 347 66.71 85.08 7.79
N GLY E 348 66.45 86.18 7.08
CA GLY E 348 67.46 87.20 6.80
C GLY E 348 68.43 86.86 5.68
N VAL E 349 68.19 85.74 4.99
CA VAL E 349 69.01 85.33 3.85
C VAL E 349 68.82 86.28 2.66
N LYS E 350 69.93 86.59 1.98
CA LYS E 350 69.87 87.52 0.85
C LYS E 350 70.23 86.84 -0.46
N GLU E 351 69.39 87.07 -1.47
CA GLU E 351 69.54 86.47 -2.80
C GLU E 351 70.91 86.65 -3.44
N THR E 352 71.56 87.78 -3.18
CA THR E 352 72.84 88.07 -3.82
C THR E 352 74.03 87.47 -3.07
N ASP E 353 73.74 86.64 -2.08
CA ASP E 353 74.76 85.84 -1.42
C ASP E 353 74.78 84.41 -1.96
N PHE E 354 73.85 84.12 -2.88
CA PHE E 354 73.74 82.81 -3.52
C PHE E 354 74.99 82.39 -4.30
N PRO E 355 75.50 83.26 -5.21
CA PRO E 355 76.71 82.90 -5.95
C PRO E 355 77.88 82.47 -5.07
N TYR E 356 78.15 83.22 -4.00
CA TYR E 356 79.27 82.91 -3.10
C TYR E 356 79.01 81.65 -2.31
N MET E 357 77.79 81.50 -1.81
CA MET E 357 77.37 80.30 -1.08
C MET E 357 77.46 79.06 -1.95
N ALA E 358 77.00 79.18 -3.19
CA ALA E 358 77.06 78.10 -4.18
C ALA E 358 78.50 77.71 -4.44
N GLU E 359 79.37 78.72 -4.53
CA GLU E 359 80.77 78.52 -4.81
C GLU E 359 81.43 77.75 -3.68
N MET E 360 81.16 78.19 -2.46
CA MET E 360 81.76 77.59 -1.27
C MET E 360 81.19 76.22 -0.97
N ALA E 361 79.90 76.04 -1.25
CA ALA E 361 79.24 74.75 -1.07
C ALA E 361 79.94 73.63 -1.86
N LEU E 362 80.36 73.94 -3.08
CA LEU E 362 80.96 72.94 -3.97
C LEU E 362 82.34 72.52 -3.47
N LYS E 363 83.05 73.45 -2.84
CA LYS E 363 84.40 73.21 -2.32
C LYS E 363 84.37 72.50 -0.97
N ASP E 364 83.22 72.60 -0.30
CA ASP E 364 83.03 71.98 1.02
C ASP E 364 83.15 70.47 0.88
N GLY E 365 83.84 69.85 1.85
CA GLY E 365 84.17 68.43 1.79
C GLY E 365 82.99 67.49 1.80
N ASN E 366 81.82 67.97 2.23
CA ASN E 366 80.61 67.14 2.21
C ASN E 366 80.01 67.01 0.83
N ALA E 367 80.38 67.91 -0.07
CA ALA E 367 79.80 67.96 -1.40
C ALA E 367 80.27 66.82 -2.27
N PHE E 368 81.46 66.31 -1.98
CA PHE E 368 82.11 65.31 -2.83
C PHE E 368 81.34 63.99 -2.84
N SER E 369 80.68 63.65 -1.74
CA SER E 369 79.94 62.40 -1.63
C SER E 369 78.44 62.52 -1.96
N ASN E 370 78.02 63.69 -2.46
CA ASN E 370 76.65 63.86 -2.95
C ASN E 370 76.37 62.95 -4.15
N PRO E 371 75.24 62.23 -4.14
CA PRO E 371 74.99 61.24 -5.19
C PRO E 371 74.81 61.84 -6.58
N ARG E 372 74.57 63.15 -6.65
CA ARG E 372 74.45 63.86 -7.93
C ARG E 372 75.52 64.95 -8.02
N LYS E 373 76.33 64.90 -9.06
CA LYS E 373 77.38 65.89 -9.27
C LYS E 373 76.79 67.08 -10.01
N GLY E 374 76.82 68.24 -9.35
CA GLY E 374 76.33 69.48 -9.96
C GLY E 374 77.41 70.50 -10.20
N ASN E 375 76.99 71.76 -10.25
CA ASN E 375 77.91 72.88 -10.34
C ASN E 375 77.41 74.03 -9.47
N GLU E 376 77.97 75.22 -9.65
CA GLU E 376 77.54 76.37 -8.86
C GLU E 376 76.14 76.86 -9.28
N GLN E 377 75.90 76.97 -10.59
CA GLN E 377 74.57 77.30 -11.13
C GLN E 377 73.43 76.52 -10.45
N GLU E 378 73.60 75.20 -10.36
CA GLU E 378 72.55 74.31 -9.88
C GLU E 378 72.33 74.41 -8.39
N ILE E 379 73.43 74.56 -7.64
CA ILE E 379 73.35 74.74 -6.20
C ILE E 379 72.66 76.08 -5.90
N ALA E 380 73.01 77.10 -6.66
CA ALA E 380 72.35 78.41 -6.54
C ALA E 380 70.86 78.32 -6.82
N ALA E 381 70.47 77.48 -7.78
CA ALA E 381 69.06 77.25 -8.09
C ALA E 381 68.33 76.63 -6.91
N ILE E 382 68.98 75.66 -6.24
CA ILE E 382 68.41 75.06 -5.04
C ILE E 382 68.15 76.12 -3.96
N PHE E 383 69.15 76.98 -3.72
CA PHE E 383 68.99 78.11 -2.80
C PHE E 383 67.77 78.93 -3.18
N ARG E 384 67.63 79.20 -4.48
CA ARG E 384 66.52 79.99 -5.01
C ARG E 384 65.18 79.29 -4.79
N GLN E 385 65.15 77.97 -4.93
CA GLN E 385 63.93 77.18 -4.68
C GLN E 385 63.51 77.19 -3.21
N ALA E 386 64.49 77.37 -2.31
CA ALA E 386 64.24 77.39 -0.87
C ALA E 386 64.07 78.78 -0.30
N PHE E 387 64.19 79.80 -1.14
CA PHE E 387 64.13 81.19 -0.67
C PHE E 387 62.71 81.65 -0.37
N ARG F 4 -18.91 -9.33 16.10
CA ARG F 4 -18.06 -10.26 16.91
C ARG F 4 -18.41 -10.21 18.39
N MET F 5 -18.90 -9.06 18.84
CA MET F 5 -19.30 -8.86 20.24
C MET F 5 -20.75 -8.41 20.32
N PHE F 6 -21.46 -8.87 21.36
CA PHE F 6 -22.89 -8.58 21.51
C PHE F 6 -23.21 -8.04 22.90
N ASP F 7 -24.23 -7.19 22.97
CA ASP F 7 -24.82 -6.81 24.25
C ASP F 7 -26.17 -7.48 24.45
N TYR F 8 -26.62 -7.57 25.70
CA TYR F 8 -27.90 -8.18 26.01
C TYR F 8 -28.51 -7.45 27.20
N LEU F 9 -29.42 -6.54 26.90
CA LEU F 9 -30.03 -5.70 27.91
C LEU F 9 -31.45 -6.19 28.17
N VAL F 10 -31.83 -6.16 29.44
CA VAL F 10 -33.13 -6.65 29.88
C VAL F 10 -33.36 -6.04 31.26
N PRO F 11 -34.63 -5.75 31.62
CA PRO F 11 -34.85 -5.28 32.99
C PRO F 11 -34.33 -6.24 34.04
N ASN F 12 -33.76 -5.67 35.10
CA ASN F 12 -33.23 -6.40 36.24
C ASN F 12 -34.21 -7.46 36.76
N VAL F 13 -35.43 -7.02 37.04
CA VAL F 13 -36.47 -7.85 37.63
C VAL F 13 -37.74 -7.84 36.77
N ASN F 14 -38.20 -9.04 36.39
CA ASN F 14 -39.43 -9.17 35.61
C ASN F 14 -40.44 -10.11 36.25
N PHE F 15 -41.71 -9.75 36.15
CA PHE F 15 -42.81 -10.57 36.65
C PHE F 15 -43.77 -10.90 35.52
N PHE F 16 -44.30 -12.12 35.54
CA PHE F 16 -45.26 -12.58 34.53
C PHE F 16 -46.13 -13.72 35.04
N GLY F 17 -47.29 -13.89 34.41
CA GLY F 17 -48.23 -14.95 34.79
C GLY F 17 -49.49 -14.39 35.44
N PRO F 18 -50.56 -15.21 35.50
CA PRO F 18 -51.81 -14.79 36.13
C PRO F 18 -51.63 -14.11 37.49
N ASN F 19 -52.28 -12.97 37.64
CA ASN F 19 -52.30 -12.18 38.88
C ASN F 19 -50.94 -11.61 39.33
N ALA F 20 -50.03 -11.45 38.37
CA ALA F 20 -48.68 -10.90 38.62
C ALA F 20 -48.71 -9.40 38.94
N ILE F 21 -49.87 -8.78 38.76
CA ILE F 21 -50.09 -7.38 39.12
C ILE F 21 -50.02 -7.17 40.64
N SER F 22 -50.21 -8.25 41.39
CA SER F 22 -50.27 -8.20 42.87
C SER F 22 -48.99 -7.71 43.54
N VAL F 23 -47.88 -7.73 42.81
CA VAL F 23 -46.57 -7.36 43.38
C VAL F 23 -46.17 -5.90 43.16
N VAL F 24 -46.94 -5.13 42.38
CA VAL F 24 -46.62 -3.72 42.09
C VAL F 24 -46.16 -2.92 43.30
N GLY F 25 -46.94 -2.98 44.38
CA GLY F 25 -46.66 -2.22 45.60
C GLY F 25 -45.44 -2.71 46.33
N GLU F 26 -45.37 -4.03 46.53
CA GLU F 26 -44.21 -4.69 47.14
C GLU F 26 -42.94 -4.36 46.36
N ARG F 27 -43.09 -4.16 45.05
CA ARG F 27 -41.95 -3.87 44.18
C ARG F 27 -41.68 -2.37 44.01
N CYS F 28 -42.32 -1.57 44.85
CA CYS F 28 -42.02 -0.14 44.97
C CYS F 28 -41.39 0.16 46.31
N GLN F 29 -41.75 -0.63 47.32
CA GLN F 29 -41.13 -0.56 48.65
C GLN F 29 -39.66 -0.95 48.58
N LEU F 30 -39.36 -1.94 47.74
CA LEU F 30 -38.00 -2.42 47.56
C LEU F 30 -37.16 -1.45 46.72
N LEU F 31 -37.80 -0.77 45.77
CA LEU F 31 -37.17 0.30 45.00
C LEU F 31 -37.10 1.61 45.78
N GLY F 32 -37.88 1.70 46.85
CA GLY F 32 -37.89 2.87 47.73
C GLY F 32 -38.65 4.05 47.15
N GLY F 33 -39.85 3.78 46.63
CA GLY F 33 -40.69 4.82 46.04
C GLY F 33 -41.87 5.16 46.92
N LYS F 34 -41.86 6.39 47.46
CA LYS F 34 -42.88 6.83 48.41
C LYS F 34 -44.16 7.30 47.74
N LYS F 35 -44.01 7.96 46.59
CA LYS F 35 -45.15 8.47 45.82
C LYS F 35 -44.97 8.12 44.36
N ALA F 36 -46.04 7.57 43.76
CA ALA F 36 -46.01 7.06 42.40
C ALA F 36 -46.73 7.96 41.42
N LEU F 37 -46.19 8.04 40.20
CA LEU F 37 -46.85 8.69 39.09
C LEU F 37 -47.37 7.63 38.13
N LEU F 38 -48.68 7.69 37.84
CA LEU F 38 -49.35 6.69 37.01
C LEU F 38 -49.55 7.23 35.59
N VAL F 39 -48.79 6.67 34.65
CA VAL F 39 -48.84 7.08 33.24
C VAL F 39 -49.70 6.10 32.44
N THR F 40 -50.83 6.56 31.92
CA THR F 40 -51.77 5.67 31.23
C THR F 40 -52.62 6.31 30.11
N ASP F 41 -53.35 5.47 29.37
CA ASP F 41 -54.29 5.91 28.32
C ASP F 41 -55.62 6.38 28.91
N LYS F 42 -56.45 7.00 28.07
CA LYS F 42 -57.79 7.41 28.45
C LYS F 42 -58.75 6.22 28.49
N GLY F 43 -58.67 5.38 27.45
CA GLY F 43 -59.49 4.17 27.34
C GLY F 43 -59.33 3.19 28.50
N LEU F 44 -58.09 2.93 28.88
CA LEU F 44 -57.79 2.07 30.04
C LEU F 44 -58.26 2.69 31.35
N ARG F 45 -58.11 4.01 31.46
CA ARG F 45 -58.52 4.77 32.65
C ARG F 45 -60.04 4.83 32.78
N LYS F 48 -61.36 2.08 34.38
CA LYS F 48 -62.74 2.18 33.92
C LYS F 48 -63.45 0.83 34.07
N ASP F 49 -62.70 -0.16 34.54
CA ASP F 49 -63.16 -1.55 34.59
C ASP F 49 -62.38 -2.38 35.61
N GLY F 50 -61.14 -2.74 35.27
CA GLY F 50 -60.27 -3.54 36.13
C GLY F 50 -58.78 -3.30 35.90
N ALA F 51 -58.38 -3.11 34.64
CA ALA F 51 -56.97 -3.00 34.25
C ALA F 51 -56.14 -1.94 34.99
N VAL F 52 -56.66 -0.72 35.10
CA VAL F 52 -56.02 0.34 35.89
C VAL F 52 -56.50 0.37 37.34
N ASP F 53 -57.67 -0.22 37.59
CA ASP F 53 -58.22 -0.36 38.94
C ASP F 53 -57.36 -1.28 39.82
N LYS F 54 -56.81 -2.33 39.21
CA LYS F 54 -56.00 -3.31 39.94
C LYS F 54 -54.67 -2.72 40.42
N THR F 55 -54.01 -1.98 39.54
CA THR F 55 -52.72 -1.36 39.86
C THR F 55 -52.84 -0.21 40.87
N LEU F 56 -54.05 0.34 41.02
CA LEU F 56 -54.34 1.33 42.05
C LEU F 56 -54.63 0.67 43.40
N HIS F 57 -55.05 -0.60 43.35
CA HIS F 57 -55.44 -1.35 44.54
C HIS F 57 -54.23 -1.80 45.36
N TYR F 58 -53.30 -2.51 44.71
CA TYR F 58 -52.11 -3.06 45.38
C TYR F 58 -51.08 -1.98 45.76
N LEU F 59 -51.21 -0.81 45.14
CA LEU F 59 -50.33 0.31 45.41
C LEU F 59 -50.67 0.98 46.75
N ARG F 60 -51.95 1.22 46.98
CA ARG F 60 -52.44 1.78 48.24
C ARG F 60 -52.44 0.74 49.36
N GLU F 61 -52.44 -0.54 48.97
CA GLU F 61 -52.35 -1.66 49.90
C GLU F 61 -50.97 -1.73 50.56
N ALA F 62 -49.96 -1.17 49.89
CA ALA F 62 -48.59 -1.20 50.37
C ALA F 62 -48.07 0.18 50.79
N GLY F 63 -48.99 1.10 51.06
CA GLY F 63 -48.66 2.42 51.57
C GLY F 63 -48.10 3.42 50.55
N ILE F 64 -48.20 3.08 49.27
CA ILE F 64 -47.75 3.99 48.20
C ILE F 64 -48.88 4.93 47.77
N GLU F 65 -48.59 6.22 47.71
CA GLU F 65 -49.51 7.22 47.17
C GLU F 65 -49.36 7.33 45.66
N VAL F 66 -50.37 7.85 44.99
CA VAL F 66 -50.36 7.93 43.53
C VAL F 66 -51.03 9.19 42.97
N ALA F 67 -50.57 9.61 41.79
CA ALA F 67 -51.23 10.65 41.02
C ALA F 67 -51.37 10.19 39.57
N ILE F 68 -52.62 10.10 39.11
CA ILE F 68 -52.95 9.60 37.77
C ILE F 68 -52.70 10.61 36.65
N PHE F 69 -52.13 10.12 35.54
CA PHE F 69 -51.91 10.92 34.34
C PHE F 69 -52.41 10.15 33.11
N ASP F 70 -53.58 10.53 32.62
CA ASP F 70 -54.24 9.82 31.50
C ASP F 70 -54.13 10.53 30.15
N GLY F 71 -53.23 11.53 30.09
CA GLY F 71 -53.06 12.35 28.89
C GLY F 71 -52.01 11.83 27.92
N VAL F 72 -51.96 10.50 27.75
CA VAL F 72 -51.06 9.85 26.80
C VAL F 72 -51.80 9.54 25.51
N GLU F 73 -51.34 10.12 24.40
CA GLU F 73 -51.97 9.92 23.09
C GLU F 73 -51.49 8.64 22.43
N PRO F 74 -52.36 8.02 21.59
CA PRO F 74 -51.89 6.96 20.68
C PRO F 74 -50.83 7.56 19.74
N ASN F 75 -49.63 6.98 19.75
CA ASN F 75 -48.41 7.65 19.28
C ASN F 75 -48.08 8.81 20.22
N PRO F 76 -47.32 8.53 21.30
CA PRO F 76 -47.07 9.51 22.37
C PRO F 76 -46.35 10.76 21.86
N LYS F 77 -46.84 11.92 22.27
CA LYS F 77 -46.28 13.21 21.85
C LYS F 77 -45.22 13.68 22.84
N ASP F 78 -44.47 14.71 22.44
CA ASP F 78 -43.47 15.34 23.32
C ASP F 78 -44.12 16.26 24.35
N THR F 79 -45.24 16.88 23.99
CA THR F 79 -45.99 17.74 24.91
C THR F 79 -46.67 16.92 26.01
N ASN F 80 -46.87 15.63 25.73
CA ASN F 80 -47.35 14.68 26.73
C ASN F 80 -46.32 14.47 27.84
N VAL F 81 -45.05 14.46 27.45
CA VAL F 81 -43.94 14.32 28.40
C VAL F 81 -43.86 15.52 29.34
N ARG F 82 -44.11 16.72 28.81
CA ARG F 82 -44.10 17.94 29.62
C ARG F 82 -45.29 18.06 30.58
N ASP F 83 -46.45 17.54 30.17
CA ASP F 83 -47.64 17.53 31.02
C ASP F 83 -47.46 16.59 32.22
N GLY F 84 -46.95 15.40 31.93
CA GLY F 84 -46.69 14.38 32.94
C GLY F 84 -45.53 14.72 33.86
N LEU F 85 -44.58 15.51 33.36
CA LEU F 85 -43.44 15.94 34.16
C LEU F 85 -43.89 16.96 35.21
N ALA F 86 -44.76 17.87 34.80
CA ALA F 86 -45.32 18.91 35.67
C ALA F 86 -46.07 18.30 36.86
N VAL F 87 -46.72 17.15 36.61
CA VAL F 87 -47.39 16.42 37.68
C VAL F 87 -46.35 15.71 38.57
N PHE F 88 -45.27 15.21 37.95
CA PHE F 88 -44.18 14.53 38.66
C PHE F 88 -43.47 15.45 39.67
N ARG F 89 -43.42 16.74 39.35
CA ARG F 89 -42.75 17.73 40.19
C ARG F 89 -43.66 18.35 41.25
N ARG F 90 -44.91 18.67 40.86
CA ARG F 90 -45.87 19.30 41.77
C ARG F 90 -46.36 18.32 42.84
N GLU F 91 -46.59 17.07 42.45
CA GLU F 91 -47.02 16.03 43.39
C GLU F 91 -45.83 15.39 44.12
N GLN F 92 -44.63 15.89 43.84
CA GLN F 92 -43.38 15.39 44.45
C GLN F 92 -43.23 13.88 44.29
N CYS F 93 -43.42 13.40 43.05
CA CYS F 93 -43.39 11.97 42.77
C CYS F 93 -41.97 11.39 42.86
N ASP F 94 -41.91 10.12 43.23
CA ASP F 94 -40.65 9.46 43.56
C ASP F 94 -40.36 8.34 42.53
N ILE F 95 -41.42 7.73 42.03
CA ILE F 95 -41.34 6.56 41.15
C ILE F 95 -42.35 6.70 40.01
N ILE F 96 -42.11 5.96 38.91
CA ILE F 96 -43.01 5.99 37.74
C ILE F 96 -43.59 4.62 37.43
N VAL F 97 -44.92 4.52 37.47
CA VAL F 97 -45.63 3.31 37.09
C VAL F 97 -46.43 3.55 35.80
N THR F 98 -46.05 2.83 34.74
CA THR F 98 -46.73 2.95 33.46
C THR F 98 -47.64 1.74 33.28
N VAL F 99 -48.90 1.99 32.94
CA VAL F 99 -49.85 0.91 32.68
C VAL F 99 -50.55 1.10 31.32
N GLY F 100 -50.30 0.18 30.41
CA GLY F 100 -50.91 0.21 29.08
C GLY F 100 -50.23 -0.69 28.07
N GLY F 101 -50.53 -0.44 26.80
CA GLY F 101 -49.88 -1.12 25.69
C GLY F 101 -48.50 -0.52 25.44
N GLY F 102 -48.31 0.04 24.25
CA GLY F 102 -47.03 0.66 23.88
C GLY F 102 -46.92 2.11 24.33
N SER F 103 -47.94 2.91 24.01
CA SER F 103 -47.93 4.35 24.28
C SER F 103 -47.51 4.76 25.69
N PRO F 104 -48.21 4.25 26.73
CA PRO F 104 -47.89 4.70 28.10
C PRO F 104 -46.46 4.38 28.56
N HIS F 105 -45.87 3.32 28.01
CA HIS F 105 -44.51 2.95 28.36
C HIS F 105 -43.46 3.95 27.86
N ASP F 106 -43.59 4.37 26.60
CA ASP F 106 -42.69 5.37 26.02
C ASP F 106 -42.82 6.72 26.72
N CYS F 107 -44.06 7.16 26.92
CA CYS F 107 -44.34 8.43 27.57
C CYS F 107 -43.85 8.45 29.01
N GLY F 108 -43.88 7.27 29.65
CA GLY F 108 -43.40 7.12 31.03
C GLY F 108 -41.88 7.18 31.17
N LYS F 109 -41.18 6.51 30.25
CA LYS F 109 -39.72 6.58 30.17
C LYS F 109 -39.27 8.02 29.89
N GLY F 110 -39.91 8.64 28.92
CA GLY F 110 -39.63 10.03 28.53
C GLY F 110 -39.74 11.01 29.68
N ILE F 111 -40.73 10.81 30.55
CA ILE F 111 -40.90 11.62 31.76
C ILE F 111 -39.72 11.43 32.73
N GLY F 112 -39.29 10.18 32.90
CA GLY F 112 -38.12 9.87 33.72
C GLY F 112 -36.86 10.57 33.27
N ILE F 113 -36.66 10.64 31.95
CA ILE F 113 -35.50 11.29 31.34
C ILE F 113 -35.51 12.80 31.61
N ALA F 114 -36.63 13.45 31.28
CA ALA F 114 -36.79 14.89 31.45
C ALA F 114 -36.64 15.34 32.91
N ALA F 115 -36.85 14.42 33.85
CA ALA F 115 -36.73 14.70 35.27
C ALA F 115 -35.27 14.65 35.76
N THR F 116 -34.41 13.95 35.04
CA THR F 116 -33.02 13.74 35.47
C THR F 116 -31.97 14.31 34.51
N HIS F 117 -32.42 14.88 33.40
CA HIS F 117 -31.52 15.46 32.39
C HIS F 117 -31.88 16.92 32.08
N GLU F 118 -30.87 17.67 31.63
CA GLU F 118 -31.02 19.11 31.35
C GLU F 118 -32.22 19.36 30.43
N GLY F 119 -33.18 20.11 30.97
CA GLY F 119 -34.50 20.32 30.35
C GLY F 119 -34.56 20.42 28.85
N ASP F 120 -35.06 19.34 28.22
CA ASP F 120 -35.36 19.29 26.79
C ASP F 120 -35.77 17.88 26.37
N LEU F 121 -35.87 17.66 25.06
CA LEU F 121 -36.47 16.44 24.51
C LEU F 121 -35.72 15.94 23.28
N TYR F 122 -35.79 16.74 22.21
CA TYR F 122 -35.23 16.45 20.90
C TYR F 122 -33.71 16.31 20.98
N GLN F 123 -33.11 17.02 21.94
CA GLN F 123 -31.66 17.07 22.12
C GLN F 123 -31.02 15.71 22.38
N TYR F 124 -31.73 14.86 23.13
CA TYR F 124 -31.17 13.57 23.55
C TYR F 124 -31.44 12.42 22.57
N ALA F 125 -31.93 12.75 21.38
CA ALA F 125 -32.17 11.77 20.33
C ALA F 125 -30.86 11.16 19.83
N GLY F 126 -30.91 9.87 19.50
CA GLY F 126 -29.73 9.14 19.04
C GLY F 126 -29.48 7.90 19.88
N ILE F 127 -28.24 7.41 19.84
CA ILE F 127 -27.85 6.21 20.60
C ILE F 127 -27.68 6.48 22.10
N GLU F 128 -26.58 6.02 22.68
CA GLU F 128 -26.34 6.17 24.13
C GLU F 128 -26.01 7.62 24.48
N THR F 129 -27.05 8.42 24.75
CA THR F 129 -26.91 9.86 25.04
C THR F 129 -27.20 10.21 26.49
N LEU F 130 -27.95 9.35 27.16
CA LEU F 130 -28.36 9.57 28.55
C LEU F 130 -27.20 9.38 29.53
N THR F 131 -27.09 10.30 30.48
CA THR F 131 -25.99 10.33 31.44
C THR F 131 -26.43 9.94 32.86
N ASN F 132 -27.65 10.33 33.24
CA ASN F 132 -28.15 10.13 34.61
C ASN F 132 -29.16 8.99 34.74
N PRO F 133 -29.15 8.27 35.89
CA PRO F 133 -30.17 7.24 36.14
C PRO F 133 -31.55 7.84 36.33
N LEU F 134 -32.55 7.27 35.67
CA LEU F 134 -33.93 7.77 35.74
C LEU F 134 -34.55 7.41 37.10
N PRO F 135 -35.65 8.08 37.47
CA PRO F 135 -36.44 7.57 38.60
C PRO F 135 -36.97 6.18 38.28
N PRO F 136 -37.07 5.29 39.29
CA PRO F 136 -37.48 3.91 39.04
C PRO F 136 -38.77 3.83 38.22
N ILE F 137 -38.81 2.91 37.25
CA ILE F 137 -39.97 2.73 36.37
C ILE F 137 -40.46 1.29 36.40
N VAL F 138 -41.56 1.05 37.11
CA VAL F 138 -42.23 -0.24 37.03
C VAL F 138 -43.16 -0.20 35.83
N ALA F 139 -42.95 -1.14 34.90
CA ALA F 139 -43.71 -1.18 33.66
C ALA F 139 -44.72 -2.32 33.69
N VAL F 140 -45.99 -1.98 33.91
CA VAL F 140 -47.07 -2.97 33.86
C VAL F 140 -47.72 -2.99 32.48
N ASN F 141 -47.51 -4.10 31.78
CA ASN F 141 -47.90 -4.26 30.39
C ASN F 141 -49.28 -4.92 30.19
N THR F 142 -50.02 -4.40 29.21
CA THR F 142 -51.43 -4.76 29.00
C THR F 142 -51.70 -5.38 27.62
N THR F 143 -50.66 -5.46 26.79
CA THR F 143 -50.80 -5.92 25.40
C THR F 143 -49.73 -6.95 25.03
N ALA F 144 -50.15 -8.03 24.38
CA ALA F 144 -49.20 -9.04 23.90
C ALA F 144 -48.74 -8.70 22.48
N GLY F 145 -47.93 -7.64 22.37
CA GLY F 145 -47.51 -7.12 21.08
C GLY F 145 -46.25 -6.27 21.01
N THR F 146 -46.09 -5.32 21.93
CA THR F 146 -45.02 -4.31 21.83
C THR F 146 -43.75 -4.64 22.60
N ALA F 147 -43.90 -5.18 23.80
CA ALA F 147 -42.79 -5.48 24.71
C ALA F 147 -41.91 -4.26 25.04
N SER F 148 -42.54 -3.08 25.06
CA SER F 148 -41.85 -1.84 25.46
C SER F 148 -41.48 -1.84 26.93
N GLU F 149 -42.18 -2.66 27.71
CA GLU F 149 -41.92 -2.82 29.14
C GLU F 149 -40.56 -3.47 29.41
N VAL F 150 -39.91 -3.92 28.34
CA VAL F 150 -38.70 -4.72 28.45
C VAL F 150 -37.60 -4.14 27.55
N THR F 151 -37.95 -3.06 26.85
CA THR F 151 -37.18 -2.48 25.75
C THR F 151 -36.28 -1.28 26.16
N ARG F 152 -35.22 -1.02 25.40
CA ARG F 152 -34.26 0.06 25.68
C ARG F 152 -34.59 1.36 24.94
N HIS F 153 -35.62 1.30 24.09
CA HIS F 153 -35.99 2.39 23.23
C HIS F 153 -37.13 3.21 23.82
N CYS F 154 -36.96 4.53 23.83
CA CYS F 154 -38.06 5.45 24.08
C CYS F 154 -38.31 6.22 22.79
N VAL F 155 -39.58 6.29 22.38
CA VAL F 155 -39.94 6.96 21.13
C VAL F 155 -41.15 7.87 21.30
N LEU F 156 -40.93 9.15 21.01
CA LEU F 156 -41.98 10.17 21.03
C LEU F 156 -42.09 10.86 19.66
N THR F 157 -43.21 11.55 19.45
CA THR F 157 -43.45 12.32 18.23
C THR F 157 -43.22 13.81 18.50
N ASN F 158 -42.18 14.35 17.87
CA ASN F 158 -41.86 15.77 17.95
C ASN F 158 -42.92 16.62 17.25
N THR F 159 -43.70 17.38 18.02
CA THR F 159 -44.80 18.18 17.49
C THR F 159 -44.32 19.33 16.60
N GLU F 160 -43.11 19.83 16.90
CA GLU F 160 -42.48 20.89 16.11
C GLU F 160 -42.21 20.45 14.66
N THR F 161 -41.84 19.17 14.47
CA THR F 161 -41.49 18.65 13.15
C THR F 161 -42.52 17.66 12.58
N LYS F 162 -43.25 16.98 13.46
CA LYS F 162 -44.23 15.93 13.11
C LYS F 162 -43.62 14.55 12.86
N VAL F 163 -42.29 14.46 12.88
CA VAL F 163 -41.57 13.20 12.69
C VAL F 163 -41.06 12.65 14.02
N LYS F 164 -41.10 11.33 14.17
CA LYS F 164 -40.71 10.67 15.43
C LYS F 164 -39.20 10.61 15.65
N PHE F 165 -38.79 10.62 16.92
CA PHE F 165 -37.39 10.47 17.28
C PHE F 165 -37.20 9.38 18.35
N VAL F 166 -36.03 8.77 18.39
CA VAL F 166 -35.74 7.66 19.29
C VAL F 166 -34.59 7.99 20.23
N ILE F 167 -34.74 7.65 21.50
CA ILE F 167 -33.65 7.68 22.46
C ILE F 167 -33.37 6.26 22.95
N VAL F 168 -32.18 5.74 22.62
CA VAL F 168 -31.79 4.36 22.93
C VAL F 168 -30.73 4.29 24.03
N SER F 169 -31.07 3.67 25.15
CA SER F 169 -30.17 3.64 26.31
C SER F 169 -30.50 2.55 27.33
N TRP F 170 -29.46 2.09 28.04
CA TRP F 170 -29.61 1.10 29.11
C TRP F 170 -30.32 1.68 30.34
N ARG F 171 -30.33 3.00 30.43
CA ARG F 171 -31.02 3.67 31.53
C ARG F 171 -32.52 3.80 31.24
N ASN F 172 -32.92 3.47 30.01
CA ASN F 172 -34.33 3.43 29.61
C ASN F 172 -35.03 2.13 29.99
N LEU F 173 -34.23 1.11 30.31
CA LEU F 173 -34.72 -0.17 30.79
C LEU F 173 -35.49 0.05 32.08
N PRO F 174 -36.81 -0.28 32.09
CA PRO F 174 -37.56 -0.22 33.32
C PRO F 174 -36.91 -1.04 34.43
N SER F 175 -37.09 -0.62 35.68
CA SER F 175 -36.54 -1.33 36.83
C SER F 175 -37.19 -2.70 36.95
N VAL F 176 -38.48 -2.76 36.62
CA VAL F 176 -39.30 -3.97 36.72
C VAL F 176 -40.30 -3.98 35.56
N SER F 177 -40.59 -5.17 35.05
CA SER F 177 -41.66 -5.35 34.07
C SER F 177 -42.73 -6.32 34.62
N ILE F 178 -43.99 -6.04 34.31
CA ILE F 178 -45.09 -6.90 34.73
C ILE F 178 -46.00 -7.27 33.57
N ASN F 179 -46.06 -8.57 33.29
CA ASN F 179 -46.94 -9.12 32.26
C ASN F 179 -48.00 -10.01 32.89
N ASP F 180 -49.11 -9.40 33.32
CA ASP F 180 -50.23 -10.16 33.83
C ASP F 180 -51.26 -10.38 32.70
N PRO F 181 -51.35 -11.63 32.21
CA PRO F 181 -52.30 -11.97 31.14
C PRO F 181 -53.77 -11.85 31.59
N LEU F 182 -54.00 -11.77 32.89
CA LEU F 182 -55.34 -11.49 33.41
C LEU F 182 -55.80 -10.09 33.01
N LEU F 183 -54.85 -9.19 32.78
CA LEU F 183 -55.11 -7.81 32.37
C LEU F 183 -55.34 -7.66 30.86
N MET F 184 -55.24 -8.76 30.12
CA MET F 184 -55.29 -8.72 28.65
C MET F 184 -56.50 -9.43 28.05
N ILE F 185 -57.39 -9.94 28.90
CA ILE F 185 -58.55 -10.70 28.45
C ILE F 185 -59.57 -9.85 27.68
N GLY F 186 -59.70 -8.58 28.07
CA GLY F 186 -60.66 -7.66 27.45
C GLY F 186 -60.37 -7.24 26.02
N LYS F 187 -59.20 -7.64 25.50
CA LYS F 187 -58.78 -7.29 24.14
C LYS F 187 -59.69 -7.86 23.03
N PRO F 188 -60.19 -6.98 22.14
CA PRO F 188 -61.00 -7.38 20.97
C PRO F 188 -60.16 -8.18 19.97
N ALA F 189 -60.79 -9.15 19.31
CA ALA F 189 -60.09 -10.10 18.41
C ALA F 189 -59.16 -9.45 17.38
N ALA F 190 -59.63 -8.39 16.73
CA ALA F 190 -58.85 -7.66 15.72
C ALA F 190 -57.56 -7.06 16.30
N LEU F 191 -57.64 -6.62 17.56
CA LEU F 191 -56.49 -6.07 18.27
C LEU F 191 -55.50 -7.16 18.63
N THR F 192 -55.97 -8.23 19.29
CA THR F 192 -55.08 -9.31 19.74
C THR F 192 -54.38 -10.01 18.56
N ALA F 193 -55.02 -9.98 17.40
CA ALA F 193 -54.43 -10.49 16.16
C ALA F 193 -53.29 -9.60 15.67
N ALA F 194 -53.54 -8.30 15.61
CA ALA F 194 -52.54 -7.32 15.14
C ALA F 194 -51.34 -7.27 16.08
N THR F 195 -51.61 -7.23 17.38
CA THR F 195 -50.55 -7.24 18.39
C THR F 195 -49.83 -8.58 18.42
N GLY F 196 -50.56 -9.65 18.12
CA GLY F 196 -49.99 -10.98 18.03
C GLY F 196 -49.02 -11.09 16.88
N MET F 197 -49.40 -10.57 15.73
CA MET F 197 -48.54 -10.54 14.54
C MET F 197 -47.33 -9.61 14.71
N ASP F 198 -47.53 -8.50 15.43
CA ASP F 198 -46.44 -7.59 15.76
C ASP F 198 -45.36 -8.29 16.60
N ALA F 199 -45.79 -9.11 17.55
CA ALA F 199 -44.86 -9.95 18.32
C ALA F 199 -44.20 -11.02 17.46
N LEU F 200 -44.93 -11.56 16.49
CA LEU F 200 -44.39 -12.55 15.54
C LEU F 200 -43.29 -11.91 14.69
N THR F 201 -43.54 -10.68 14.25
CA THR F 201 -42.61 -9.94 13.42
C THR F 201 -41.34 -9.62 14.20
N HIS F 202 -41.50 -9.27 15.47
CA HIS F 202 -40.37 -9.09 16.38
C HIS F 202 -39.53 -10.35 16.42
N ALA F 203 -40.20 -11.50 16.49
CA ALA F 203 -39.53 -12.78 16.61
C ALA F 203 -38.75 -13.15 15.34
N VAL F 204 -39.41 -13.09 14.18
CA VAL F 204 -38.75 -13.53 12.94
C VAL F 204 -37.68 -12.54 12.50
N GLU F 205 -37.93 -11.24 12.68
CA GLU F 205 -36.95 -10.23 12.30
C GLU F 205 -35.71 -10.34 13.18
N ALA F 206 -35.91 -10.54 14.48
CA ALA F 206 -34.80 -10.75 15.41
C ALA F 206 -34.02 -12.01 15.09
N TYR F 207 -34.72 -13.06 14.67
CA TYR F 207 -34.11 -14.35 14.37
C TYR F 207 -33.20 -14.31 13.15
N ILE F 208 -33.59 -13.53 12.14
CA ILE F 208 -32.85 -13.50 10.89
C ILE F 208 -31.90 -12.31 10.76
N SER F 209 -31.94 -11.43 11.77
CA SER F 209 -31.12 -10.23 11.80
C SER F 209 -29.63 -10.52 11.67
N LYS F 210 -28.89 -9.52 11.18
CA LYS F 210 -27.44 -9.56 11.14
C LYS F 210 -26.87 -9.62 12.56
N ASP F 211 -27.61 -9.07 13.51
CA ASP F 211 -27.13 -8.95 14.89
C ASP F 211 -27.56 -10.11 15.78
N ALA F 212 -28.22 -11.09 15.18
CA ALA F 212 -28.64 -12.30 15.89
C ALA F 212 -27.45 -13.14 16.33
N ASN F 213 -27.64 -13.84 17.45
CA ASN F 213 -26.68 -14.80 18.00
C ASN F 213 -27.47 -15.90 18.73
N PRO F 214 -26.80 -17.00 19.15
CA PRO F 214 -27.51 -18.06 19.88
C PRO F 214 -28.32 -17.62 21.10
N VAL F 215 -27.83 -16.65 21.88
CA VAL F 215 -28.54 -16.17 23.06
C VAL F 215 -29.87 -15.55 22.64
N THR F 216 -29.80 -14.65 21.67
CA THR F 216 -30.98 -14.01 21.09
C THR F 216 -31.95 -15.01 20.46
N ASP F 217 -31.39 -15.96 19.71
CA ASP F 217 -32.16 -16.95 18.98
C ASP F 217 -33.08 -17.71 19.93
N ALA F 218 -32.55 -18.03 21.12
CA ALA F 218 -33.31 -18.73 22.16
C ALA F 218 -34.70 -18.12 22.38
N ALA F 219 -34.75 -16.80 22.59
CA ALA F 219 -36.02 -16.11 22.82
C ALA F 219 -36.91 -16.11 21.58
N ALA F 220 -36.33 -15.82 20.43
CA ALA F 220 -37.05 -15.70 19.15
C ALA F 220 -37.70 -17.01 18.72
N MET F 221 -36.93 -18.11 18.79
CA MET F 221 -37.42 -19.44 18.40
C MET F 221 -38.61 -19.85 19.27
N GLN F 222 -38.49 -19.59 20.58
CA GLN F 222 -39.56 -19.94 21.49
C GLN F 222 -40.79 -19.08 21.23
N ALA F 223 -40.54 -17.81 20.93
CA ALA F 223 -41.61 -16.85 20.65
C ALA F 223 -42.45 -17.32 19.46
N ILE F 224 -41.76 -17.68 18.37
CA ILE F 224 -42.42 -18.18 17.17
C ILE F 224 -43.21 -19.44 17.50
N ARG F 225 -42.56 -20.37 18.20
CA ARG F 225 -43.19 -21.61 18.63
C ARG F 225 -44.52 -21.32 19.36
N LEU F 226 -44.46 -20.45 20.37
CA LEU F 226 -45.65 -20.10 21.15
C LEU F 226 -46.72 -19.43 20.30
N ILE F 227 -46.31 -18.53 19.40
CA ILE F 227 -47.25 -17.78 18.58
C ILE F 227 -48.00 -18.68 17.60
N ALA F 228 -47.27 -19.56 16.93
CA ALA F 228 -47.85 -20.53 16.02
C ALA F 228 -48.63 -21.63 16.75
N ARG F 229 -48.72 -21.56 18.08
CA ARG F 229 -49.50 -22.54 18.83
C ARG F 229 -50.64 -21.93 19.62
N ASN F 230 -50.71 -20.60 19.64
CA ASN F 230 -51.66 -19.90 20.51
C ASN F 230 -52.37 -18.69 19.95
N LEU F 231 -51.79 -18.04 18.94
CA LEU F 231 -52.40 -16.81 18.41
C LEU F 231 -53.82 -17.07 17.87
N ARG F 232 -53.96 -18.07 17.01
CA ARG F 232 -55.27 -18.48 16.50
C ARG F 232 -56.30 -18.61 17.62
N GLN F 233 -55.93 -19.36 18.66
CA GLN F 233 -56.82 -19.64 19.78
C GLN F 233 -57.09 -18.42 20.66
N ALA F 234 -56.15 -17.47 20.62
CA ALA F 234 -56.28 -16.23 21.36
C ALA F 234 -57.23 -15.27 20.65
N VAL F 235 -57.27 -15.30 19.32
CA VAL F 235 -58.18 -14.42 18.58
C VAL F 235 -59.58 -14.99 18.40
N ALA F 236 -59.72 -16.30 18.62
CA ALA F 236 -60.99 -16.99 18.52
C ALA F 236 -61.77 -16.78 19.81
N LEU F 237 -61.07 -16.90 20.93
CA LEU F 237 -61.62 -16.63 22.24
C LEU F 237 -60.60 -15.86 23.06
N GLY F 238 -60.99 -14.66 23.49
CA GLY F 238 -60.11 -13.81 24.29
C GLY F 238 -60.07 -14.24 25.74
N SER F 239 -61.13 -14.89 26.20
CA SER F 239 -61.22 -15.37 27.58
C SER F 239 -60.50 -16.72 27.75
N ASN F 240 -59.88 -17.18 26.68
CA ASN F 240 -59.07 -18.39 26.73
C ASN F 240 -57.78 -18.09 27.46
N LEU F 241 -57.78 -18.31 28.78
CA LEU F 241 -56.63 -18.00 29.65
C LEU F 241 -55.32 -18.61 29.17
N GLN F 242 -55.34 -19.90 28.83
CA GLN F 242 -54.13 -20.61 28.40
C GLN F 242 -53.50 -19.94 27.17
N ALA F 243 -54.32 -19.62 26.16
CA ALA F 243 -53.86 -18.92 24.97
C ALA F 243 -53.28 -17.54 25.31
N ARG F 244 -53.94 -16.82 26.23
CA ARG F 244 -53.49 -15.50 26.67
C ARG F 244 -52.14 -15.50 27.40
N GLU F 245 -51.92 -16.48 28.27
CA GLU F 245 -50.64 -16.62 28.95
C GLU F 245 -49.51 -16.75 27.95
N TYR F 246 -49.64 -17.73 27.05
CA TYR F 246 -48.59 -18.01 26.09
C TYR F 246 -48.30 -16.85 25.14
N MET F 247 -49.33 -16.07 24.83
CA MET F 247 -49.14 -14.90 23.98
C MET F 247 -48.34 -13.83 24.72
N ALA F 248 -48.69 -13.63 25.99
CA ALA F 248 -47.90 -12.76 26.86
C ALA F 248 -46.42 -13.18 26.88
N TYR F 249 -46.18 -14.45 27.22
CA TYR F 249 -44.82 -14.98 27.27
C TYR F 249 -44.12 -14.85 25.92
N ALA F 250 -44.87 -15.10 24.85
CA ALA F 250 -44.34 -14.96 23.49
C ALA F 250 -43.95 -13.53 23.20
N SER F 251 -44.82 -12.58 23.57
CA SER F 251 -44.57 -11.17 23.32
C SER F 251 -43.39 -10.66 24.13
N LEU F 252 -43.29 -11.12 25.38
CA LEU F 252 -42.17 -10.80 26.25
C LEU F 252 -40.85 -11.37 25.72
N LEU F 253 -40.85 -12.63 25.31
CA LEU F 253 -39.65 -13.28 24.77
C LEU F 253 -39.21 -12.62 23.48
N ALA F 254 -40.15 -12.33 22.59
CA ALA F 254 -39.86 -11.64 21.34
C ALA F 254 -39.29 -10.24 21.62
N GLY F 255 -39.76 -9.62 22.69
CA GLY F 255 -39.20 -8.35 23.14
C GLY F 255 -37.74 -8.52 23.51
N MET F 256 -37.46 -9.54 24.32
CA MET F 256 -36.10 -9.83 24.80
C MET F 256 -35.17 -10.16 23.66
N ALA F 257 -35.73 -10.63 22.55
CA ALA F 257 -34.94 -10.96 21.38
C ALA F 257 -34.60 -9.70 20.59
N PHE F 258 -35.62 -9.01 20.11
CA PHE F 258 -35.42 -7.88 19.20
C PHE F 258 -34.82 -6.66 19.90
N ASN F 259 -34.97 -6.58 21.22
CA ASN F 259 -34.30 -5.55 22.01
C ASN F 259 -32.79 -5.60 21.84
N ASN F 260 -32.29 -6.81 21.59
CA ASN F 260 -30.86 -7.07 21.59
C ASN F 260 -30.28 -7.56 20.26
N ALA F 261 -31.17 -7.94 19.33
CA ALA F 261 -30.75 -8.37 18.00
C ALA F 261 -31.32 -7.47 16.90
N ASN F 262 -32.22 -6.56 17.30
CA ASN F 262 -32.87 -5.61 16.38
C ASN F 262 -33.84 -6.24 15.39
N LEU F 263 -34.38 -5.41 14.51
CA LEU F 263 -35.41 -5.85 13.56
C LEU F 263 -34.90 -5.82 12.12
N GLY F 264 -35.77 -5.48 11.18
CA GLY F 264 -35.38 -5.42 9.77
C GLY F 264 -36.36 -4.65 8.92
N TYR F 265 -36.50 -5.08 7.66
CA TYR F 265 -37.28 -4.36 6.65
C TYR F 265 -38.78 -4.26 6.93
N VAL F 266 -39.35 -5.21 7.68
CA VAL F 266 -40.78 -5.20 7.93
C VAL F 266 -41.14 -3.96 8.73
N HIS F 267 -40.43 -3.73 9.83
CA HIS F 267 -40.64 -2.54 10.63
C HIS F 267 -40.21 -1.26 9.92
N ALA F 268 -39.18 -1.36 9.10
CA ALA F 268 -38.69 -0.25 8.31
C ALA F 268 -39.78 0.24 7.35
N MET F 269 -40.53 -0.69 6.77
CA MET F 269 -41.63 -0.34 5.89
C MET F 269 -42.92 -0.02 6.65
N ALA F 270 -43.14 -0.72 7.78
CA ALA F 270 -44.33 -0.53 8.60
C ALA F 270 -44.41 0.84 9.27
N HIS F 271 -43.27 1.35 9.73
CA HIS F 271 -43.21 2.68 10.31
C HIS F 271 -43.61 3.75 9.29
N GLN F 272 -43.31 3.50 8.02
CA GLN F 272 -43.68 4.40 6.93
C GLN F 272 -45.16 4.30 6.59
N LEU F 273 -45.74 3.13 6.81
CA LEU F 273 -47.19 2.94 6.68
C LEU F 273 -47.94 3.59 7.84
N GLY F 274 -47.32 3.59 9.02
CA GLY F 274 -47.83 4.34 10.17
C GLY F 274 -47.57 5.82 10.02
N GLY F 275 -46.58 6.17 9.21
CA GLY F 275 -46.21 7.56 8.95
C GLY F 275 -47.21 8.30 8.08
N LEU F 276 -47.81 7.60 7.12
CA LEU F 276 -48.70 8.24 6.14
C LEU F 276 -50.20 8.07 6.41
N TYR F 277 -50.59 6.90 6.92
CA TYR F 277 -52.02 6.62 7.13
C TYR F 277 -52.39 6.34 8.59
N ASP F 278 -51.45 6.64 9.50
CA ASP F 278 -51.51 6.16 10.90
C ASP F 278 -52.20 4.80 11.06
N MET F 279 -51.80 3.88 10.21
CA MET F 279 -52.21 2.48 10.25
C MET F 279 -51.73 1.87 11.58
N PRO F 280 -52.59 1.06 12.22
CA PRO F 280 -52.10 0.38 13.43
C PRO F 280 -50.77 -0.32 13.15
N HIS F 281 -49.86 -0.23 14.10
CA HIS F 281 -48.53 -0.81 13.98
C HIS F 281 -48.58 -2.31 13.70
N GLY F 282 -49.47 -3.02 14.38
CA GLY F 282 -49.59 -4.46 14.25
C GLY F 282 -50.08 -4.95 12.90
N VAL F 283 -51.11 -4.28 12.36
CA VAL F 283 -51.70 -4.67 11.07
C VAL F 283 -50.80 -4.30 9.89
N ALA F 284 -50.00 -3.25 10.06
CA ALA F 284 -49.01 -2.84 9.06
C ALA F 284 -47.90 -3.87 8.92
N ASN F 285 -47.45 -4.42 10.04
CA ASN F 285 -46.47 -5.50 10.05
C ASN F 285 -47.03 -6.79 9.48
N ALA F 286 -48.29 -7.07 9.82
CA ALA F 286 -48.94 -8.32 9.45
C ALA F 286 -49.11 -8.48 7.94
N VAL F 287 -49.41 -7.37 7.26
CA VAL F 287 -49.64 -7.41 5.84
C VAL F 287 -48.29 -7.51 5.09
N LEU F 288 -47.26 -6.92 5.67
CA LEU F 288 -45.92 -6.90 5.09
C LEU F 288 -45.10 -8.17 5.32
N LEU F 289 -45.24 -8.76 6.52
CA LEU F 289 -44.41 -9.91 6.96
C LEU F 289 -44.11 -10.94 5.87
N PRO F 290 -45.14 -11.56 5.26
CA PRO F 290 -44.82 -12.66 4.35
C PRO F 290 -44.06 -12.23 3.10
N HIS F 291 -44.29 -11.00 2.64
CA HIS F 291 -43.64 -10.50 1.43
C HIS F 291 -42.20 -10.06 1.69
N VAL F 292 -41.97 -9.46 2.86
CA VAL F 292 -40.60 -9.17 3.32
C VAL F 292 -39.85 -10.45 3.70
N ALA F 293 -40.55 -11.38 4.35
CA ALA F 293 -39.96 -12.68 4.67
C ALA F 293 -39.50 -13.37 3.40
N ARG F 294 -40.37 -13.42 2.38
CA ARG F 294 -40.00 -13.98 1.08
C ARG F 294 -38.76 -13.31 0.50
N TYR F 295 -38.71 -11.98 0.61
CA TYR F 295 -37.61 -11.18 0.08
C TYR F 295 -36.30 -11.52 0.81
N ASN F 296 -36.37 -11.67 2.13
CA ASN F 296 -35.21 -12.00 2.98
C ASN F 296 -34.72 -13.46 2.89
N LEU F 297 -35.58 -14.33 2.36
CA LEU F 297 -35.32 -15.76 2.29
C LEU F 297 -33.89 -16.04 1.83
N ILE F 298 -33.49 -15.42 0.73
CA ILE F 298 -32.20 -15.72 0.10
C ILE F 298 -30.99 -15.37 0.96
N ALA F 299 -31.20 -14.57 2.00
CA ALA F 299 -30.11 -14.23 2.92
C ALA F 299 -29.81 -15.35 3.91
N ASN F 300 -30.81 -16.20 4.17
CA ASN F 300 -30.68 -17.29 5.11
C ASN F 300 -31.78 -18.33 4.92
N PRO F 301 -31.68 -19.16 3.85
CA PRO F 301 -32.65 -20.23 3.68
C PRO F 301 -32.74 -21.14 4.91
N GLU F 302 -31.59 -21.49 5.49
CA GLU F 302 -31.55 -22.41 6.64
C GLU F 302 -32.40 -21.96 7.83
N LYS F 303 -32.33 -20.67 8.17
CA LYS F 303 -33.07 -20.16 9.30
C LYS F 303 -34.56 -20.03 8.98
N PHE F 304 -34.90 -19.95 7.69
CA PHE F 304 -36.30 -19.95 7.29
C PHE F 304 -36.89 -21.36 7.32
N ALA F 305 -36.03 -22.35 7.12
CA ALA F 305 -36.40 -23.75 7.35
C ALA F 305 -36.73 -23.96 8.82
N ASP F 306 -35.99 -23.28 9.70
CA ASP F 306 -36.23 -23.35 11.14
C ASP F 306 -37.61 -22.76 11.46
N ILE F 307 -37.85 -21.54 11.02
CA ILE F 307 -39.16 -20.90 11.17
C ILE F 307 -40.28 -21.89 10.80
N ALA F 308 -40.18 -22.50 9.61
CA ALA F 308 -41.18 -23.47 9.16
C ALA F 308 -41.39 -24.60 10.16
N GLU F 309 -40.28 -25.18 10.65
CA GLU F 309 -40.32 -26.28 11.61
C GLU F 309 -40.94 -25.83 12.95
N LEU F 310 -40.59 -24.62 13.38
CA LEU F 310 -41.11 -24.02 14.62
C LEU F 310 -42.60 -23.71 14.54
N MET F 311 -43.12 -23.55 13.32
CA MET F 311 -44.53 -23.23 13.12
C MET F 311 -45.40 -24.46 12.90
N GLY F 312 -44.83 -25.64 13.14
CA GLY F 312 -45.57 -26.88 13.09
C GLY F 312 -45.56 -27.63 11.76
N GLU F 313 -44.85 -27.09 10.77
CA GLU F 313 -44.78 -27.67 9.43
C GLU F 313 -43.91 -28.92 9.37
N ASN F 314 -44.31 -29.86 8.51
CA ASN F 314 -43.50 -31.04 8.27
C ASN F 314 -42.46 -30.82 7.17
N ILE F 315 -41.20 -31.02 7.55
CA ILE F 315 -40.03 -30.60 6.78
C ILE F 315 -39.24 -31.82 6.30
N THR F 316 -39.75 -33.01 6.63
CA THR F 316 -39.02 -34.28 6.53
C THR F 316 -38.24 -34.50 5.23
N GLY F 317 -38.94 -34.55 4.10
CA GLY F 317 -38.26 -34.93 2.85
C GLY F 317 -37.69 -33.78 2.03
N LEU F 318 -37.59 -32.60 2.63
CA LEU F 318 -37.42 -31.38 1.83
C LEU F 318 -36.00 -30.79 1.77
N SER F 319 -35.66 -30.23 0.62
CA SER F 319 -34.45 -29.44 0.46
C SER F 319 -34.60 -28.20 1.34
N THR F 320 -33.50 -27.64 1.80
CA THR F 320 -33.55 -26.41 2.58
C THR F 320 -34.51 -25.36 1.98
N LEU F 321 -34.51 -25.24 0.65
CA LEU F 321 -35.31 -24.22 -0.02
C LEU F 321 -36.81 -24.50 0.00
N ASP F 322 -37.20 -25.76 -0.21
CA ASP F 322 -38.60 -26.16 -0.11
C ASP F 322 -39.09 -26.05 1.33
N ALA F 323 -38.20 -26.38 2.26
CA ALA F 323 -38.43 -26.17 3.68
C ALA F 323 -38.61 -24.67 3.98
N ALA F 324 -37.72 -23.85 3.44
CA ALA F 324 -37.79 -22.40 3.60
C ALA F 324 -39.09 -21.84 3.00
N GLU F 325 -39.49 -22.36 1.84
CA GLU F 325 -40.76 -22.01 1.23
C GLU F 325 -41.95 -22.17 2.19
N LYS F 326 -41.92 -23.25 2.97
CA LYS F 326 -43.04 -23.55 3.87
C LYS F 326 -43.23 -22.54 5.00
N ALA F 327 -42.16 -21.84 5.38
CA ALA F 327 -42.27 -20.76 6.36
C ALA F 327 -43.14 -19.63 5.82
N ILE F 328 -42.87 -19.20 4.59
CA ILE F 328 -43.64 -18.13 3.94
C ILE F 328 -45.11 -18.54 3.88
N ALA F 329 -45.34 -19.78 3.48
CA ALA F 329 -46.70 -20.34 3.43
C ALA F 329 -47.35 -20.41 4.82
N ALA F 330 -46.58 -20.80 5.83
CA ALA F 330 -47.11 -20.93 7.20
C ALA F 330 -47.56 -19.58 7.75
N ILE F 331 -46.73 -18.56 7.53
CA ILE F 331 -47.01 -17.21 7.95
C ILE F 331 -48.21 -16.66 7.18
N THR F 332 -48.26 -16.93 5.88
CA THR F 332 -49.38 -16.44 5.09
C THR F 332 -50.71 -17.09 5.53
N ARG F 333 -50.67 -18.36 5.94
CA ARG F 333 -51.87 -19.09 6.39
C ARG F 333 -52.41 -18.54 7.72
N LEU F 334 -51.53 -18.43 8.72
CA LEU F 334 -51.89 -17.88 10.01
C LEU F 334 -52.58 -16.52 9.85
N SER F 335 -51.97 -15.65 9.04
CA SER F 335 -52.46 -14.30 8.78
C SER F 335 -53.89 -14.29 8.23
N MET F 336 -54.17 -15.18 7.29
CA MET F 336 -55.51 -15.32 6.73
C MET F 336 -56.49 -15.91 7.75
N ASP F 337 -56.03 -16.88 8.53
CA ASP F 337 -56.88 -17.56 9.52
C ASP F 337 -57.37 -16.62 10.60
N ILE F 338 -56.53 -15.65 10.98
CA ILE F 338 -56.89 -14.68 12.03
C ILE F 338 -57.46 -13.36 11.51
N GLY F 339 -57.86 -13.34 10.24
CA GLY F 339 -58.61 -12.22 9.69
C GLY F 339 -57.84 -10.94 9.47
N ILE F 340 -56.54 -11.07 9.23
CA ILE F 340 -55.71 -9.94 8.82
C ILE F 340 -56.02 -9.62 7.35
N PRO F 341 -56.28 -8.33 7.04
CA PRO F 341 -56.44 -7.91 5.65
C PRO F 341 -55.17 -8.18 4.84
N GLN F 342 -55.34 -8.77 3.66
CA GLN F 342 -54.22 -9.32 2.89
C GLN F 342 -53.63 -8.35 1.86
N HIS F 343 -54.33 -7.23 1.64
CA HIS F 343 -53.92 -6.25 0.64
C HIS F 343 -53.97 -4.81 1.13
N LEU F 344 -52.87 -4.10 0.92
CA LEU F 344 -52.76 -2.67 1.26
C LEU F 344 -53.76 -1.82 0.48
N ARG F 345 -54.22 -2.34 -0.65
CA ARG F 345 -55.27 -1.72 -1.47
C ARG F 345 -56.56 -1.50 -0.66
N ASP F 346 -56.79 -2.39 0.30
CA ASP F 346 -57.99 -2.34 1.11
C ASP F 346 -57.85 -1.53 2.41
N LEU F 347 -56.61 -1.16 2.74
CA LEU F 347 -56.35 -0.27 3.89
C LEU F 347 -56.17 1.21 3.52
N GLY F 348 -56.47 1.55 2.27
CA GLY F 348 -56.42 2.94 1.82
C GLY F 348 -55.05 3.42 1.35
N VAL F 349 -54.12 2.49 1.15
CA VAL F 349 -52.79 2.81 0.64
C VAL F 349 -52.86 3.17 -0.85
N LYS F 350 -51.98 4.06 -1.28
CA LYS F 350 -51.88 4.45 -2.68
C LYS F 350 -50.54 4.02 -3.30
N GLU F 351 -50.57 3.75 -4.61
CA GLU F 351 -49.40 3.22 -5.34
C GLU F 351 -48.32 4.26 -5.57
N THR F 352 -48.72 5.51 -5.83
CA THR F 352 -47.78 6.59 -6.10
C THR F 352 -46.98 6.99 -4.86
N ASP F 353 -47.41 6.49 -3.71
CA ASP F 353 -46.71 6.73 -2.45
C ASP F 353 -45.57 5.74 -2.19
N PHE F 354 -45.42 4.76 -3.08
CA PHE F 354 -44.37 3.74 -2.91
C PHE F 354 -42.94 4.29 -3.00
N PRO F 355 -42.60 5.04 -4.08
CA PRO F 355 -41.24 5.60 -4.19
C PRO F 355 -40.78 6.36 -2.95
N TYR F 356 -41.66 7.23 -2.42
CA TYR F 356 -41.37 8.01 -1.23
C TYR F 356 -41.21 7.16 0.05
N MET F 357 -42.15 6.23 0.25
CA MET F 357 -42.11 5.32 1.40
C MET F 357 -40.86 4.44 1.42
N ALA F 358 -40.44 3.99 0.23
CA ALA F 358 -39.23 3.20 0.08
C ALA F 358 -37.99 3.96 0.54
N GLU F 359 -37.90 5.22 0.12
CA GLU F 359 -36.75 6.08 0.42
C GLU F 359 -36.60 6.32 1.92
N MET F 360 -37.73 6.50 2.60
CA MET F 360 -37.75 6.71 4.05
C MET F 360 -37.50 5.40 4.80
N ALA F 361 -38.01 4.30 4.26
CA ALA F 361 -37.83 2.97 4.85
C ALA F 361 -36.36 2.61 4.94
N LEU F 362 -35.60 2.95 3.90
CA LEU F 362 -34.16 2.68 3.88
C LEU F 362 -33.39 3.52 4.91
N LYS F 363 -33.86 4.74 5.17
CA LYS F 363 -33.24 5.61 6.17
C LYS F 363 -33.64 5.27 7.60
N ASP F 364 -34.72 4.51 7.76
CA ASP F 364 -35.17 4.05 9.09
C ASP F 364 -34.11 3.19 9.79
N GLY F 365 -33.91 3.45 11.08
CA GLY F 365 -32.89 2.78 11.88
C GLY F 365 -33.04 1.28 12.04
N ASN F 366 -34.16 0.72 11.59
CA ASN F 366 -34.36 -0.72 11.55
C ASN F 366 -33.76 -1.38 10.31
N ALA F 367 -33.57 -0.59 9.26
CA ALA F 367 -33.10 -1.07 7.97
C ALA F 367 -31.69 -1.66 7.97
N PHE F 368 -30.83 -1.17 8.86
CA PHE F 368 -29.42 -1.58 8.85
C PHE F 368 -29.18 -2.99 9.38
N SER F 369 -30.20 -3.58 10.03
CA SER F 369 -30.04 -4.92 10.60
C SER F 369 -30.71 -6.00 9.77
N ASN F 370 -31.40 -5.60 8.71
CA ASN F 370 -32.03 -6.53 7.78
C ASN F 370 -30.99 -7.38 7.06
N PRO F 371 -31.20 -8.71 7.00
CA PRO F 371 -30.20 -9.61 6.45
C PRO F 371 -29.99 -9.49 4.93
N ARG F 372 -30.91 -8.81 4.24
CA ARG F 372 -30.70 -8.50 2.83
C ARG F 372 -30.60 -7.00 2.63
N LYS F 373 -29.46 -6.57 2.08
CA LYS F 373 -29.24 -5.17 1.78
C LYS F 373 -29.88 -4.88 0.42
N GLY F 374 -30.92 -4.05 0.44
CA GLY F 374 -31.63 -3.67 -0.78
C GLY F 374 -31.57 -2.19 -1.09
N ASN F 375 -32.33 -1.77 -2.09
CA ASN F 375 -32.41 -0.37 -2.47
C ASN F 375 -33.86 0.08 -2.64
N GLU F 376 -34.05 1.32 -3.05
CA GLU F 376 -35.39 1.93 -3.16
C GLU F 376 -36.30 1.25 -4.16
N GLN F 377 -35.76 0.83 -5.32
CA GLN F 377 -36.53 0.10 -6.32
C GLN F 377 -37.08 -1.20 -5.71
N GLU F 378 -36.21 -1.90 -4.99
CA GLU F 378 -36.54 -3.21 -4.40
C GLU F 378 -37.54 -3.12 -3.25
N ILE F 379 -37.45 -2.08 -2.43
CA ILE F 379 -38.37 -1.92 -1.30
C ILE F 379 -39.76 -1.49 -1.79
N ALA F 380 -39.79 -0.61 -2.79
CA ALA F 380 -41.03 -0.25 -3.47
C ALA F 380 -41.65 -1.44 -4.20
N ALA F 381 -40.81 -2.39 -4.61
CA ALA F 381 -41.27 -3.60 -5.27
C ALA F 381 -42.02 -4.52 -4.30
N ILE F 382 -41.62 -4.49 -3.02
CA ILE F 382 -42.28 -5.27 -1.97
C ILE F 382 -43.64 -4.68 -1.61
N PHE F 383 -43.70 -3.35 -1.58
CA PHE F 383 -44.96 -2.63 -1.40
C PHE F 383 -45.97 -3.00 -2.48
N ARG F 384 -45.49 -3.13 -3.71
CA ARG F 384 -46.35 -3.48 -4.85
C ARG F 384 -46.84 -4.93 -4.76
N GLN F 385 -46.05 -5.79 -4.15
CA GLN F 385 -46.43 -7.18 -3.94
C GLN F 385 -47.42 -7.32 -2.79
N ALA F 386 -47.29 -6.46 -1.79
CA ALA F 386 -48.21 -6.45 -0.64
C ALA F 386 -49.51 -5.72 -0.99
N PHE F 387 -49.48 -4.97 -2.09
CA PHE F 387 -50.64 -4.25 -2.57
C PHE F 387 -51.60 -5.21 -3.25
N ARG G 4 56.38 41.60 -45.13
CA ARG G 4 56.23 40.11 -45.14
C ARG G 4 57.55 39.38 -44.87
N MET G 5 58.66 39.99 -45.27
CA MET G 5 59.98 39.38 -45.12
C MET G 5 60.98 40.39 -44.59
N PHE G 6 61.90 39.93 -43.75
CA PHE G 6 62.83 40.83 -43.08
C PHE G 6 64.29 40.39 -43.19
N ASP G 7 65.18 41.38 -43.25
CA ASP G 7 66.61 41.17 -43.08
C ASP G 7 67.04 41.66 -41.69
N TYR G 8 68.15 41.15 -41.20
CA TYR G 8 68.65 41.54 -39.88
C TYR G 8 70.17 41.53 -39.93
N LEU G 9 70.76 42.72 -39.92
CA LEU G 9 72.21 42.89 -40.08
C LEU G 9 72.83 43.46 -38.82
N VAL G 10 74.04 42.98 -38.53
CA VAL G 10 74.78 43.32 -37.31
C VAL G 10 76.20 42.77 -37.44
N PRO G 11 77.22 43.53 -36.99
CA PRO G 11 78.60 43.05 -37.07
C PRO G 11 78.75 41.60 -36.62
N ASN G 12 79.62 40.89 -37.32
CA ASN G 12 79.97 39.50 -37.05
C ASN G 12 80.29 39.26 -35.57
N VAL G 13 81.22 40.07 -35.06
CA VAL G 13 81.74 39.94 -33.72
C VAL G 13 81.57 41.27 -32.98
N ASN G 14 80.99 41.24 -31.79
CA ASN G 14 80.82 42.44 -30.97
C ASN G 14 81.30 42.22 -29.54
N PHE G 15 82.13 43.14 -29.07
CA PHE G 15 82.55 43.12 -27.68
C PHE G 15 81.95 44.30 -26.93
N PHE G 16 81.54 44.04 -25.69
CA PHE G 16 81.00 45.07 -24.83
C PHE G 16 81.24 44.67 -23.38
N GLY G 17 81.14 45.65 -22.48
CA GLY G 17 81.44 45.44 -21.07
C GLY G 17 82.69 46.18 -20.66
N PRO G 18 82.85 46.42 -19.34
CA PRO G 18 84.01 47.15 -18.85
C PRO G 18 85.33 46.53 -19.28
N ASN G 19 86.21 47.36 -19.81
CA ASN G 19 87.53 46.96 -20.28
C ASN G 19 87.46 46.02 -21.48
N ALA G 20 86.53 46.30 -22.40
CA ALA G 20 86.40 45.51 -23.62
C ALA G 20 87.42 45.95 -24.67
N ILE G 21 88.00 47.13 -24.46
CA ILE G 21 88.99 47.67 -25.37
C ILE G 21 90.24 46.81 -25.41
N SER G 22 90.47 46.03 -24.34
CA SER G 22 91.67 45.22 -24.20
C SER G 22 91.85 44.17 -25.30
N VAL G 23 90.88 44.11 -26.22
CA VAL G 23 90.95 43.19 -27.36
C VAL G 23 91.09 43.82 -28.76
N VAL G 24 91.29 45.15 -28.85
CA VAL G 24 91.48 45.79 -30.17
C VAL G 24 92.64 45.17 -30.96
N GLY G 25 93.82 45.12 -30.35
CA GLY G 25 95.00 44.56 -30.98
C GLY G 25 94.78 43.10 -31.35
N GLU G 26 94.37 42.32 -30.36
CA GLU G 26 94.11 40.89 -30.50
C GLU G 26 93.18 40.63 -31.70
N ARG G 27 92.13 41.44 -31.81
CA ARG G 27 91.15 41.27 -32.87
C ARG G 27 91.60 41.81 -34.22
N CYS G 28 92.67 42.60 -34.22
CA CYS G 28 93.28 43.08 -35.46
C CYS G 28 94.17 41.99 -36.07
N GLN G 29 94.77 41.17 -35.21
CA GLN G 29 95.61 40.04 -35.65
C GLN G 29 94.78 38.98 -36.36
N LEU G 30 93.54 38.80 -35.88
CA LEU G 30 92.65 37.76 -36.42
C LEU G 30 92.03 38.16 -37.76
N LEU G 31 91.74 39.45 -37.92
CA LEU G 31 91.19 39.97 -39.17
C LEU G 31 92.23 40.12 -40.27
N GLY G 32 93.50 39.99 -39.90
CA GLY G 32 94.61 40.03 -40.87
C GLY G 32 95.36 41.36 -40.93
N GLY G 33 94.90 42.34 -40.16
CA GLY G 33 95.47 43.69 -40.19
C GLY G 33 96.86 43.80 -39.61
N LYS G 34 97.78 44.35 -40.41
CA LYS G 34 99.17 44.50 -40.01
C LYS G 34 99.53 45.95 -39.66
N LYS G 35 98.88 46.90 -40.31
CA LYS G 35 99.05 48.33 -40.01
C LYS G 35 97.70 49.04 -39.95
N ALA G 36 97.42 49.70 -38.82
CA ALA G 36 96.09 50.25 -38.55
C ALA G 36 96.00 51.76 -38.75
N LEU G 37 94.89 52.20 -39.33
CA LEU G 37 94.56 53.62 -39.42
C LEU G 37 93.60 53.99 -38.30
N LEU G 38 94.11 54.80 -37.36
CA LEU G 38 93.33 55.26 -36.23
C LEU G 38 92.54 56.50 -36.64
N VAL G 39 91.23 56.36 -36.75
CA VAL G 39 90.34 57.46 -37.13
C VAL G 39 89.65 58.02 -35.88
N THR G 40 89.90 59.29 -35.57
CA THR G 40 89.43 59.89 -34.32
C THR G 40 89.28 61.43 -34.34
N ASP G 41 88.62 61.97 -33.31
CA ASP G 41 88.53 63.41 -33.09
C ASP G 41 89.87 63.96 -32.61
N LYS G 42 90.05 65.28 -32.69
CA LYS G 42 91.22 65.93 -32.11
C LYS G 42 91.12 65.94 -30.58
N GLY G 43 89.91 66.19 -30.09
CA GLY G 43 89.61 66.21 -28.66
C GLY G 43 89.87 64.88 -27.97
N LEU G 44 89.60 63.79 -28.68
CA LEU G 44 89.89 62.47 -28.16
C LEU G 44 91.38 62.16 -28.26
N ARG G 45 91.98 62.57 -29.38
CA ARG G 45 93.40 62.37 -29.64
C ARG G 45 94.26 63.09 -28.62
N LYS G 48 96.31 63.06 -25.63
CA LYS G 48 95.62 64.19 -25.01
C LYS G 48 95.07 63.85 -23.62
N ASP G 49 94.46 62.68 -23.48
CA ASP G 49 93.88 62.24 -22.21
C ASP G 49 94.10 60.76 -21.82
N GLY G 50 93.38 59.86 -22.48
CA GLY G 50 93.51 58.43 -22.19
C GLY G 50 92.32 57.59 -22.60
N ALA G 51 92.00 57.62 -23.89
CA ALA G 51 90.94 56.81 -24.50
C ALA G 51 91.38 56.31 -25.88
N VAL G 52 91.99 57.19 -26.66
CA VAL G 52 92.71 56.79 -27.87
C VAL G 52 94.08 56.22 -27.49
N ASP G 53 94.54 56.58 -26.30
CA ASP G 53 95.78 56.04 -25.75
C ASP G 53 95.60 54.55 -25.47
N LYS G 54 94.41 54.20 -24.97
CA LYS G 54 94.06 52.82 -24.66
C LYS G 54 94.11 51.96 -25.92
N THR G 55 93.48 52.43 -27.00
CA THR G 55 93.49 51.70 -28.27
C THR G 55 94.85 51.70 -28.97
N LEU G 56 95.72 52.66 -28.58
CA LEU G 56 97.09 52.68 -29.06
C LEU G 56 97.97 51.67 -28.32
N HIS G 57 97.83 51.61 -27.00
CA HIS G 57 98.59 50.71 -26.15
C HIS G 57 98.38 49.25 -26.52
N TYR G 58 97.12 48.85 -26.66
CA TYR G 58 96.77 47.46 -26.97
C TYR G 58 97.07 47.08 -28.42
N LEU G 59 97.13 48.08 -29.28
CA LEU G 59 97.50 47.90 -30.67
C LEU G 59 99.00 47.60 -30.72
N ARG G 60 99.80 48.40 -30.02
CA ARG G 60 101.25 48.20 -29.94
C ARG G 60 101.63 46.88 -29.26
N GLU G 61 100.90 46.51 -28.21
CA GLU G 61 101.17 45.29 -27.45
C GLU G 61 101.00 44.02 -28.29
N ALA G 62 100.06 44.07 -29.23
CA ALA G 62 99.80 42.94 -30.13
C ALA G 62 100.76 42.90 -31.32
N GLY G 63 101.48 43.99 -31.55
CA GLY G 63 102.46 44.08 -32.65
C GLY G 63 101.92 44.74 -33.91
N ILE G 64 100.98 45.66 -33.74
CA ILE G 64 100.38 46.40 -34.85
C ILE G 64 100.86 47.84 -34.86
N GLU G 65 101.48 48.26 -35.95
CA GLU G 65 101.90 49.64 -36.13
C GLU G 65 100.68 50.51 -36.48
N VAL G 66 100.75 51.78 -36.10
CA VAL G 66 99.60 52.66 -36.28
C VAL G 66 99.96 54.03 -36.84
N ALA G 67 99.18 54.46 -37.82
CA ALA G 67 99.11 55.84 -38.24
C ALA G 67 97.76 56.38 -37.77
N ILE G 68 97.75 57.59 -37.22
CA ILE G 68 96.49 58.21 -36.77
C ILE G 68 96.04 59.35 -37.67
N PHE G 69 94.74 59.42 -37.92
CA PHE G 69 94.13 60.55 -38.62
C PHE G 69 93.09 61.18 -37.72
N ASP G 70 93.26 62.47 -37.44
CA ASP G 70 92.38 63.19 -36.53
C ASP G 70 91.62 64.36 -37.17
N GLY G 71 91.48 64.33 -38.49
CA GLY G 71 90.77 65.38 -39.22
C GLY G 71 89.28 65.13 -39.37
N VAL G 72 88.69 64.45 -38.38
CA VAL G 72 87.28 64.14 -38.36
C VAL G 72 86.49 65.28 -37.72
N GLU G 73 85.60 65.88 -38.50
CA GLU G 73 84.74 66.96 -38.01
C GLU G 73 83.45 66.38 -37.44
N PRO G 74 82.91 67.03 -36.39
CA PRO G 74 81.49 66.81 -36.07
C PRO G 74 80.68 67.17 -37.32
N ASN G 75 79.87 66.23 -37.79
CA ASN G 75 79.38 66.22 -39.18
C ASN G 75 80.55 65.89 -40.11
N PRO G 76 80.71 64.59 -40.44
CA PRO G 76 81.82 64.16 -41.29
C PRO G 76 81.64 64.61 -42.75
N LYS G 77 82.68 65.23 -43.29
CA LYS G 77 82.66 65.75 -44.67
C LYS G 77 83.34 64.77 -45.62
N ASP G 78 83.08 64.94 -46.91
CA ASP G 78 83.74 64.17 -47.96
C ASP G 78 85.23 64.48 -48.05
N THR G 79 85.59 65.71 -47.66
CA THR G 79 86.99 66.14 -47.60
C THR G 79 87.74 65.40 -46.49
N ASN G 80 87.05 65.11 -45.39
CA ASN G 80 87.62 64.36 -44.27
C ASN G 80 88.02 62.94 -44.70
N VAL G 81 87.23 62.36 -45.59
CA VAL G 81 87.49 61.03 -46.14
C VAL G 81 88.70 61.06 -47.07
N ARG G 82 88.67 61.96 -48.06
CA ARG G 82 89.76 62.09 -49.01
C ARG G 82 91.11 62.41 -48.37
N ASP G 83 91.07 63.12 -47.23
CA ASP G 83 92.27 63.37 -46.44
C ASP G 83 92.69 62.11 -45.69
N GLY G 84 91.70 61.41 -45.13
CA GLY G 84 91.94 60.18 -44.38
C GLY G 84 92.39 59.05 -45.28
N LEU G 85 91.88 59.03 -46.50
CA LEU G 85 92.29 58.07 -47.51
C LEU G 85 93.74 58.29 -47.94
N ALA G 86 94.15 59.56 -47.98
CA ALA G 86 95.52 59.95 -48.33
C ALA G 86 96.55 59.45 -47.32
N VAL G 87 96.16 59.39 -46.05
CA VAL G 87 97.00 58.82 -45.00
C VAL G 87 97.00 57.29 -45.13
N PHE G 88 95.83 56.72 -45.41
CA PHE G 88 95.65 55.29 -45.56
C PHE G 88 96.58 54.70 -46.64
N ARG G 89 96.66 55.36 -47.79
CA ARG G 89 97.41 54.84 -48.94
C ARG G 89 98.91 55.14 -48.90
N ARG G 90 99.30 56.25 -48.27
CA ARG G 90 100.72 56.61 -48.19
C ARG G 90 101.42 55.98 -46.98
N GLU G 91 100.67 55.71 -45.92
CA GLU G 91 101.20 55.03 -44.73
C GLU G 91 101.06 53.51 -44.81
N GLN G 92 100.48 53.02 -45.91
CA GLN G 92 100.27 51.58 -46.15
C GLN G 92 99.50 50.91 -45.02
N CYS G 93 98.21 51.23 -44.92
CA CYS G 93 97.38 50.68 -43.85
C CYS G 93 96.57 49.48 -44.32
N ASP G 94 96.44 48.50 -43.43
CA ASP G 94 95.85 47.21 -43.74
C ASP G 94 94.45 47.11 -43.13
N ILE G 95 94.28 47.74 -41.97
CA ILE G 95 93.04 47.68 -41.21
C ILE G 95 92.67 49.07 -40.68
N ILE G 96 91.37 49.35 -40.54
CA ILE G 96 90.88 50.63 -40.03
C ILE G 96 90.31 50.49 -38.62
N VAL G 97 90.78 51.33 -37.70
CA VAL G 97 90.24 51.39 -36.34
C VAL G 97 89.63 52.76 -36.07
N THR G 98 88.34 52.78 -35.75
CA THR G 98 87.66 54.04 -35.45
C THR G 98 87.36 54.14 -33.95
N VAL G 99 87.75 55.27 -33.34
CA VAL G 99 87.46 55.51 -31.93
C VAL G 99 86.76 56.87 -31.74
N GLY G 100 85.62 56.85 -31.04
CA GLY G 100 84.84 58.05 -30.81
C GLY G 100 83.33 57.85 -30.97
N GLY G 101 82.64 58.92 -31.33
CA GLY G 101 81.20 58.88 -31.51
C GLY G 101 80.79 58.54 -32.93
N GLY G 102 79.66 59.07 -33.36
CA GLY G 102 79.12 58.81 -34.70
C GLY G 102 79.99 59.27 -35.85
N SER G 103 80.60 60.45 -35.70
CA SER G 103 81.45 61.03 -36.74
C SER G 103 82.67 60.16 -37.16
N PRO G 104 83.55 59.81 -36.20
CA PRO G 104 84.69 58.94 -36.53
C PRO G 104 84.30 57.61 -37.18
N HIS G 105 83.15 57.04 -36.80
CA HIS G 105 82.73 55.76 -37.36
C HIS G 105 82.29 55.87 -38.83
N ASP G 106 81.52 56.91 -39.14
CA ASP G 106 81.04 57.13 -40.51
C ASP G 106 82.17 57.62 -41.44
N CYS G 107 83.08 58.41 -40.89
CA CYS G 107 84.26 58.85 -41.62
C CYS G 107 85.17 57.67 -41.95
N GLY G 108 85.33 56.76 -41.00
CA GLY G 108 86.10 55.52 -41.19
C GLY G 108 85.46 54.58 -42.20
N LYS G 109 84.14 54.59 -42.25
CA LYS G 109 83.39 53.85 -43.26
C LYS G 109 83.60 54.48 -44.62
N GLY G 110 83.60 55.81 -44.65
CA GLY G 110 83.85 56.57 -45.87
C GLY G 110 85.20 56.24 -46.48
N ILE G 111 86.24 56.25 -45.63
CA ILE G 111 87.60 55.87 -46.03
C ILE G 111 87.61 54.42 -46.54
N GLY G 112 86.88 53.55 -45.85
CA GLY G 112 86.69 52.17 -46.28
C GLY G 112 86.06 52.05 -47.66
N ILE G 113 84.97 52.78 -47.87
CA ILE G 113 84.27 52.82 -49.18
C ILE G 113 85.20 53.34 -50.29
N ALA G 114 85.81 54.50 -50.05
CA ALA G 114 86.66 55.17 -51.03
C ALA G 114 87.92 54.39 -51.39
N ALA G 115 88.40 53.58 -50.44
CA ALA G 115 89.60 52.76 -50.64
C ALA G 115 89.35 51.52 -51.48
N THR G 116 88.08 51.10 -51.57
CA THR G 116 87.72 49.84 -52.23
C THR G 116 86.95 50.03 -53.54
N HIS G 117 86.47 51.25 -53.77
CA HIS G 117 85.64 51.52 -54.94
C HIS G 117 86.14 52.68 -55.79
N GLU G 118 85.91 52.57 -57.10
CA GLU G 118 86.26 53.59 -58.09
C GLU G 118 86.03 55.00 -57.52
N GLY G 119 87.02 55.87 -57.69
CA GLY G 119 87.06 57.20 -57.09
C GLY G 119 85.74 57.92 -56.83
N ASP G 120 85.72 58.74 -55.78
CA ASP G 120 84.57 59.56 -55.40
C ASP G 120 83.43 58.73 -54.77
N LEU G 121 83.15 59.02 -53.50
CA LEU G 121 82.16 58.23 -52.74
C LEU G 121 80.72 58.73 -52.93
N TYR G 122 80.57 60.01 -53.26
CA TYR G 122 79.25 60.61 -53.49
C TYR G 122 78.48 59.93 -54.61
N GLN G 123 79.23 59.34 -55.54
CA GLN G 123 78.66 58.56 -56.65
C GLN G 123 77.84 57.38 -56.13
N TYR G 124 78.27 56.82 -55.01
CA TYR G 124 77.65 55.63 -54.43
C TYR G 124 76.56 55.96 -53.40
N ALA G 125 76.03 57.18 -53.48
CA ALA G 125 74.95 57.60 -52.60
C ALA G 125 73.65 56.88 -52.97
N GLY G 126 73.07 56.19 -51.99
CA GLY G 126 71.82 55.46 -52.20
C GLY G 126 71.77 54.18 -51.40
N ILE G 127 70.89 53.26 -51.82
CA ILE G 127 70.75 51.96 -51.15
C ILE G 127 71.91 51.01 -51.48
N GLU G 128 71.64 49.70 -51.56
CA GLU G 128 72.71 48.72 -51.71
C GLU G 128 73.47 48.85 -53.03
N THR G 129 74.45 49.76 -53.04
CA THR G 129 75.17 50.14 -54.25
C THR G 129 76.65 49.75 -54.22
N LEU G 130 77.04 48.98 -53.22
CA LEU G 130 78.45 48.60 -53.03
C LEU G 130 78.77 47.20 -53.50
N THR G 131 79.93 47.03 -54.12
CA THR G 131 80.30 45.78 -54.81
C THR G 131 81.43 45.01 -54.12
N ASN G 132 82.34 45.71 -53.47
CA ASN G 132 83.58 45.12 -52.95
C ASN G 132 83.70 45.16 -51.42
N PRO G 133 84.26 44.09 -50.82
CA PRO G 133 84.41 44.07 -49.36
C PRO G 133 85.41 45.12 -48.88
N LEU G 134 85.01 45.94 -47.91
CA LEU G 134 85.84 47.02 -47.39
C LEU G 134 87.06 46.48 -46.64
N PRO G 135 88.03 47.36 -46.33
CA PRO G 135 89.09 46.93 -45.42
C PRO G 135 88.45 46.58 -44.07
N PRO G 136 88.99 45.56 -43.37
CA PRO G 136 88.46 45.18 -42.05
C PRO G 136 88.37 46.40 -41.12
N ILE G 137 87.20 46.60 -40.50
CA ILE G 137 86.96 47.75 -39.64
C ILE G 137 86.66 47.34 -38.20
N VAL G 138 87.47 47.85 -37.27
CA VAL G 138 87.20 47.68 -35.85
C VAL G 138 86.72 49.03 -35.33
N ALA G 139 85.50 49.06 -34.79
CA ALA G 139 84.88 50.32 -34.35
C ALA G 139 84.69 50.39 -32.84
N VAL G 140 85.61 51.06 -32.16
CA VAL G 140 85.49 51.25 -30.72
C VAL G 140 84.66 52.49 -30.43
N ASN G 141 83.53 52.26 -29.77
CA ASN G 141 82.56 53.31 -29.51
C ASN G 141 82.74 53.97 -28.16
N THR G 142 82.61 55.30 -28.15
CA THR G 142 82.88 56.15 -26.99
C THR G 142 81.61 56.81 -26.43
N THR G 143 80.59 56.90 -27.28
CA THR G 143 79.33 57.54 -26.90
C THR G 143 78.19 56.54 -26.86
N ALA G 144 77.37 56.62 -25.81
CA ALA G 144 76.20 55.78 -25.69
C ALA G 144 74.98 56.51 -26.24
N GLY G 145 74.93 56.58 -27.57
CA GLY G 145 73.84 57.25 -28.27
C GLY G 145 73.66 56.86 -29.72
N THR G 146 74.75 56.86 -30.49
CA THR G 146 74.69 56.79 -31.95
C THR G 146 74.49 55.39 -32.52
N ALA G 147 75.31 54.45 -32.06
CA ALA G 147 75.25 53.05 -32.51
C ALA G 147 75.75 52.84 -33.95
N SER G 148 76.53 53.80 -34.45
CA SER G 148 77.11 53.68 -35.80
C SER G 148 78.12 52.55 -35.89
N GLU G 149 78.61 52.09 -34.74
CA GLU G 149 79.54 50.98 -34.66
C GLU G 149 78.86 49.64 -34.97
N VAL G 150 77.55 49.68 -35.24
CA VAL G 150 76.76 48.47 -35.40
C VAL G 150 75.78 48.63 -36.58
N THR G 151 75.98 49.71 -37.35
CA THR G 151 75.01 50.12 -38.37
C THR G 151 75.48 49.84 -39.81
N ARG G 152 74.50 49.69 -40.70
CA ARG G 152 74.75 49.47 -42.14
C ARG G 152 74.93 50.81 -42.86
N HIS G 153 74.75 51.90 -42.12
CA HIS G 153 74.67 53.25 -42.68
C HIS G 153 76.00 54.00 -42.65
N CYS G 154 76.21 54.81 -43.68
CA CYS G 154 77.35 55.70 -43.76
C CYS G 154 76.86 57.06 -44.26
N VAL G 155 76.76 58.03 -43.35
CA VAL G 155 76.28 59.35 -43.70
C VAL G 155 77.39 60.40 -43.61
N LEU G 156 77.77 60.94 -44.77
CA LEU G 156 78.73 62.03 -44.87
C LEU G 156 78.01 63.29 -45.37
N THR G 157 78.76 64.39 -45.44
CA THR G 157 78.26 65.65 -45.99
C THR G 157 78.98 65.98 -47.30
N ASN G 158 78.21 66.45 -48.28
CA ASN G 158 78.77 66.95 -49.52
C ASN G 158 79.01 68.45 -49.41
N THR G 159 80.28 68.84 -49.29
CA THR G 159 80.66 70.25 -49.12
C THR G 159 80.41 71.05 -50.40
N GLU G 160 80.30 70.34 -51.53
CA GLU G 160 79.97 70.94 -52.82
C GLU G 160 78.51 71.44 -52.85
N THR G 161 77.60 70.66 -52.25
CA THR G 161 76.16 70.97 -52.28
C THR G 161 75.56 71.26 -50.91
N LYS G 162 76.40 71.34 -49.89
CA LYS G 162 75.99 71.61 -48.50
C LYS G 162 74.98 70.59 -47.89
N VAL G 163 74.59 69.59 -48.68
CA VAL G 163 73.63 68.58 -48.23
C VAL G 163 74.33 67.29 -47.80
N LYS G 164 73.60 66.45 -47.05
CA LYS G 164 74.11 65.15 -46.58
C LYS G 164 73.65 64.02 -47.49
N PHE G 165 74.51 63.05 -47.70
CA PHE G 165 74.17 61.85 -48.47
C PHE G 165 74.41 60.58 -47.65
N VAL G 166 73.63 59.54 -47.93
CA VAL G 166 73.72 58.28 -47.18
C VAL G 166 74.08 57.11 -48.10
N ILE G 167 74.94 56.22 -47.58
CA ILE G 167 75.33 55.00 -48.30
C ILE G 167 74.92 53.78 -47.47
N VAL G 168 73.79 53.19 -47.84
CA VAL G 168 73.20 52.04 -47.13
C VAL G 168 73.69 50.74 -47.75
N SER G 169 74.44 49.94 -46.98
CA SER G 169 75.01 48.69 -47.48
C SER G 169 75.47 47.74 -46.38
N TRP G 170 75.30 46.44 -46.64
CA TRP G 170 75.68 45.38 -45.71
C TRP G 170 77.19 45.29 -45.47
N ARG G 171 77.97 45.88 -46.38
CA ARG G 171 79.42 45.88 -46.25
C ARG G 171 79.92 46.99 -45.34
N ASN G 172 79.06 47.98 -45.09
CA ASN G 172 79.38 49.07 -44.16
C ASN G 172 79.37 48.62 -42.69
N LEU G 173 78.88 47.41 -42.46
CA LEU G 173 79.01 46.74 -41.18
C LEU G 173 80.47 46.63 -40.81
N PRO G 174 80.86 47.15 -39.63
CA PRO G 174 82.22 46.89 -39.18
C PRO G 174 82.41 45.39 -38.95
N SER G 175 83.64 44.94 -39.06
CA SER G 175 84.00 43.55 -38.77
C SER G 175 83.76 43.26 -37.30
N VAL G 176 84.36 44.10 -36.45
CA VAL G 176 84.23 43.99 -35.01
C VAL G 176 83.74 45.32 -34.45
N SER G 177 82.83 45.27 -33.48
CA SER G 177 82.44 46.47 -32.73
C SER G 177 82.88 46.35 -31.28
N ILE G 178 83.26 47.47 -30.67
CA ILE G 178 83.67 47.48 -29.27
C ILE G 178 82.97 48.58 -28.45
N ASN G 179 82.18 48.15 -27.46
CA ASN G 179 81.47 49.06 -26.55
C ASN G 179 81.95 48.95 -25.11
N ASP G 180 82.98 49.71 -24.78
CA ASP G 180 83.58 49.70 -23.45
C ASP G 180 83.09 50.91 -22.67
N PRO G 181 82.24 50.68 -21.66
CA PRO G 181 81.66 51.77 -20.85
C PRO G 181 82.70 52.53 -20.02
N LEU G 182 83.89 51.95 -19.84
CA LEU G 182 84.97 52.61 -19.10
C LEU G 182 85.52 53.82 -19.85
N LEU G 183 85.24 53.85 -21.16
CA LEU G 183 85.70 54.91 -22.04
C LEU G 183 84.66 56.03 -22.13
N MET G 184 83.49 55.81 -21.55
CA MET G 184 82.38 56.75 -21.67
C MET G 184 82.13 57.54 -20.36
N ILE G 185 82.89 57.21 -19.33
CA ILE G 185 82.75 57.83 -18.00
C ILE G 185 82.98 59.36 -18.01
N GLY G 186 83.72 59.84 -19.01
CA GLY G 186 84.10 61.26 -19.08
C GLY G 186 83.09 62.21 -19.71
N LYS G 187 82.00 61.66 -20.26
CA LYS G 187 80.96 62.49 -20.88
C LYS G 187 80.22 63.35 -19.86
N PRO G 188 80.12 64.67 -20.10
CA PRO G 188 79.36 65.61 -19.25
C PRO G 188 77.83 65.40 -19.26
N ALA G 189 77.19 65.74 -18.13
CA ALA G 189 75.76 65.50 -17.90
C ALA G 189 74.82 65.81 -19.08
N ALA G 190 75.01 66.97 -19.70
CA ALA G 190 74.15 67.39 -20.81
C ALA G 190 74.32 66.46 -22.01
N LEU G 191 75.57 66.08 -22.29
CA LEU G 191 75.89 65.20 -23.40
C LEU G 191 75.32 63.80 -23.18
N THR G 192 75.39 63.30 -21.94
CA THR G 192 74.87 61.96 -21.66
C THR G 192 73.34 61.94 -21.69
N ALA G 193 72.73 63.07 -21.33
CA ALA G 193 71.29 63.22 -21.42
C ALA G 193 70.84 63.21 -22.88
N ALA G 194 71.53 63.98 -23.72
CA ALA G 194 71.17 64.08 -25.13
C ALA G 194 71.41 62.78 -25.90
N THR G 195 72.51 62.10 -25.62
CA THR G 195 72.83 60.82 -26.27
C THR G 195 71.91 59.72 -25.79
N GLY G 196 71.49 59.79 -24.53
CA GLY G 196 70.54 58.83 -23.96
C GLY G 196 69.20 58.92 -24.66
N MET G 197 68.69 60.16 -24.80
CA MET G 197 67.44 60.43 -25.50
C MET G 197 67.47 60.02 -26.98
N ASP G 198 68.64 60.17 -27.60
CA ASP G 198 68.90 59.70 -28.96
C ASP G 198 68.70 58.18 -29.01
N ALA G 199 69.36 57.48 -28.07
CA ALA G 199 69.22 56.03 -27.92
C ALA G 199 67.78 55.61 -27.63
N LEU G 200 67.06 56.44 -26.87
CA LEU G 200 65.65 56.15 -26.57
C LEU G 200 64.82 56.29 -27.84
N THR G 201 65.09 57.35 -28.59
CA THR G 201 64.34 57.63 -29.81
C THR G 201 64.53 56.49 -30.79
N HIS G 202 65.79 56.04 -30.93
CA HIS G 202 66.10 54.87 -31.74
C HIS G 202 65.24 53.69 -31.31
N ALA G 203 65.17 53.47 -30.00
CA ALA G 203 64.42 52.36 -29.46
C ALA G 203 62.91 52.44 -29.71
N VAL G 204 62.27 53.57 -29.37
CA VAL G 204 60.81 53.64 -29.54
C VAL G 204 60.42 53.64 -31.01
N GLU G 205 61.16 54.39 -31.84
CA GLU G 205 60.86 54.48 -33.26
C GLU G 205 61.03 53.14 -33.97
N ALA G 206 62.01 52.36 -33.52
CA ALA G 206 62.24 51.01 -34.04
C ALA G 206 61.14 50.05 -33.60
N TYR G 207 60.55 50.33 -32.43
CA TYR G 207 59.52 49.48 -31.85
C TYR G 207 58.16 49.65 -32.52
N ILE G 208 57.88 50.87 -32.97
CA ILE G 208 56.57 51.20 -33.55
C ILE G 208 56.60 51.32 -35.07
N SER G 209 57.79 51.21 -35.66
CA SER G 209 57.98 51.27 -37.12
C SER G 209 57.10 50.31 -37.91
N LYS G 210 56.86 50.64 -39.18
CA LYS G 210 56.12 49.76 -40.08
C LYS G 210 56.88 48.46 -40.36
N ASP G 211 58.21 48.55 -40.27
CA ASP G 211 59.10 47.43 -40.54
C ASP G 211 59.50 46.67 -39.26
N ALA G 212 58.88 47.02 -38.14
CA ALA G 212 59.11 46.34 -36.87
C ALA G 212 58.70 44.87 -36.94
N ASN G 213 59.43 44.04 -36.20
CA ASN G 213 59.13 42.61 -36.09
C ASN G 213 59.61 42.10 -34.73
N PRO G 214 59.11 40.92 -34.28
CA PRO G 214 59.45 40.40 -32.96
C PRO G 214 60.94 40.28 -32.66
N VAL G 215 61.77 39.99 -33.66
CA VAL G 215 63.23 39.94 -33.46
C VAL G 215 63.78 41.34 -33.13
N THR G 216 63.38 42.30 -33.96
CA THR G 216 63.74 43.69 -33.77
C THR G 216 63.22 44.21 -32.43
N ASP G 217 61.99 43.83 -32.10
CA ASP G 217 61.33 44.29 -30.87
C ASP G 217 62.09 43.84 -29.63
N ALA G 218 62.64 42.63 -29.67
CA ALA G 218 63.43 42.09 -28.56
C ALA G 218 64.43 43.11 -28.06
N ALA G 219 65.26 43.59 -28.98
CA ALA G 219 66.26 44.63 -28.70
C ALA G 219 65.62 45.98 -28.30
N ALA G 220 64.62 46.42 -29.06
CA ALA G 220 64.00 47.72 -28.77
C ALA G 220 63.42 47.76 -27.37
N MET G 221 62.69 46.70 -27.01
CA MET G 221 62.03 46.62 -25.72
C MET G 221 63.00 46.69 -24.54
N GLN G 222 64.07 45.89 -24.60
CA GLN G 222 65.09 45.88 -23.55
C GLN G 222 65.84 47.20 -23.49
N ALA G 223 66.04 47.84 -24.65
CA ALA G 223 66.63 49.18 -24.69
C ALA G 223 65.80 50.19 -23.89
N ILE G 224 64.50 50.23 -24.18
CA ILE G 224 63.57 51.13 -23.50
C ILE G 224 63.57 50.88 -21.98
N ARG G 225 63.50 49.62 -21.59
CA ARG G 225 63.56 49.23 -20.18
C ARG G 225 64.82 49.78 -19.53
N LEU G 226 65.98 49.48 -20.12
CA LEU G 226 67.27 49.89 -19.58
C LEU G 226 67.41 51.41 -19.43
N ILE G 227 67.05 52.14 -20.49
CA ILE G 227 67.13 53.59 -20.49
C ILE G 227 66.23 54.19 -19.39
N ALA G 228 65.03 53.64 -19.24
CA ALA G 228 64.08 54.11 -18.24
C ALA G 228 64.59 53.90 -16.81
N ARG G 229 65.40 52.86 -16.62
CA ARG G 229 65.91 52.51 -15.30
C ARG G 229 67.30 53.06 -15.00
N ASN G 230 67.94 53.67 -15.99
CA ASN G 230 69.34 54.09 -15.86
C ASN G 230 69.71 55.50 -16.31
N LEU G 231 69.01 56.05 -17.29
CA LEU G 231 69.38 57.35 -17.84
C LEU G 231 69.46 58.45 -16.77
N ARG G 232 68.45 58.55 -15.90
CA ARG G 232 68.47 59.54 -14.83
C ARG G 232 69.72 59.39 -13.96
N GLN G 233 70.06 58.15 -13.61
CA GLN G 233 71.22 57.85 -12.78
C GLN G 233 72.51 58.21 -13.49
N ALA G 234 72.53 58.00 -14.80
CA ALA G 234 73.70 58.30 -15.63
C ALA G 234 73.97 59.79 -15.68
N VAL G 235 72.93 60.61 -15.86
CA VAL G 235 73.14 62.05 -15.98
C VAL G 235 73.46 62.69 -14.63
N ALA G 236 72.98 62.08 -13.54
CA ALA G 236 73.22 62.60 -12.20
C ALA G 236 74.69 62.43 -11.79
N LEU G 237 75.26 61.29 -12.12
CA LEU G 237 76.62 60.98 -11.74
C LEU G 237 77.28 60.18 -12.85
N GLY G 238 78.08 60.86 -13.67
CA GLY G 238 78.77 60.24 -14.79
C GLY G 238 79.75 59.14 -14.42
N SER G 239 80.14 59.09 -13.14
CA SER G 239 81.07 58.06 -12.67
C SER G 239 80.37 56.81 -12.13
N ASN G 240 79.04 56.79 -12.19
CA ASN G 240 78.22 55.64 -11.81
C ASN G 240 78.40 54.53 -12.84
N LEU G 241 79.37 53.64 -12.59
CA LEU G 241 79.77 52.63 -13.57
C LEU G 241 78.60 51.77 -14.03
N GLN G 242 77.78 51.34 -13.08
CA GLN G 242 76.63 50.50 -13.39
C GLN G 242 75.66 51.18 -14.38
N ALA G 243 75.46 52.49 -14.22
CA ALA G 243 74.60 53.27 -15.12
C ALA G 243 75.19 53.44 -16.51
N ARG G 244 76.50 53.69 -16.57
CA ARG G 244 77.21 53.77 -17.85
C ARG G 244 77.12 52.46 -18.64
N GLU G 245 77.44 51.34 -17.97
CA GLU G 245 77.29 50.00 -18.52
C GLU G 245 75.93 49.80 -19.16
N TYR G 246 74.87 50.00 -18.39
CA TYR G 246 73.50 49.80 -18.86
C TYR G 246 73.10 50.70 -20.01
N MET G 247 73.51 51.96 -19.97
CA MET G 247 73.30 52.86 -21.09
C MET G 247 74.04 52.39 -22.33
N ALA G 248 75.28 51.94 -22.16
CA ALA G 248 76.08 51.38 -23.26
C ALA G 248 75.37 50.21 -23.93
N TYR G 249 74.93 49.23 -23.14
CA TYR G 249 74.16 48.07 -23.64
C TYR G 249 72.83 48.50 -24.28
N ALA G 250 72.15 49.45 -23.65
CA ALA G 250 70.90 49.99 -24.16
C ALA G 250 71.11 50.62 -25.53
N SER G 251 72.13 51.47 -25.65
CA SER G 251 72.45 52.14 -26.89
C SER G 251 72.84 51.15 -27.99
N LEU G 252 73.48 50.06 -27.60
CA LEU G 252 73.82 48.99 -28.53
C LEU G 252 72.56 48.28 -29.02
N LEU G 253 71.70 47.90 -28.07
CA LEU G 253 70.43 47.24 -28.38
C LEU G 253 69.53 48.08 -29.28
N ALA G 254 69.45 49.38 -28.98
CA ALA G 254 68.67 50.30 -29.81
C ALA G 254 69.20 50.34 -31.25
N GLY G 255 70.52 50.23 -31.38
CA GLY G 255 71.18 50.14 -32.68
C GLY G 255 70.80 48.87 -33.42
N MET G 256 70.93 47.73 -32.74
CA MET G 256 70.52 46.44 -33.29
C MET G 256 69.03 46.45 -33.66
N ALA G 257 68.26 47.34 -33.01
CA ALA G 257 66.85 47.50 -33.33
C ALA G 257 66.64 48.35 -34.58
N PHE G 258 67.13 49.58 -34.55
CA PHE G 258 66.84 50.54 -35.64
C PHE G 258 67.59 50.26 -36.94
N ASN G 259 68.79 49.72 -36.83
CA ASN G 259 69.53 49.27 -38.02
C ASN G 259 68.69 48.34 -38.90
N ASN G 260 67.67 47.73 -38.31
CA ASN G 260 66.87 46.73 -39.01
C ASN G 260 65.37 47.02 -39.11
N ALA G 261 64.85 47.80 -38.16
CA ALA G 261 63.44 48.20 -38.18
C ALA G 261 63.27 49.63 -38.66
N ASN G 262 64.36 50.38 -38.67
CA ASN G 262 64.37 51.80 -39.07
C ASN G 262 63.67 52.71 -38.08
N LEU G 263 63.55 53.98 -38.44
CA LEU G 263 63.08 55.00 -37.51
C LEU G 263 61.74 55.57 -37.97
N GLY G 264 61.48 56.84 -37.67
CA GLY G 264 60.21 57.46 -38.03
C GLY G 264 60.34 58.97 -38.08
N TYR G 265 59.23 59.65 -37.81
CA TYR G 265 59.14 61.10 -37.99
C TYR G 265 60.07 61.91 -37.10
N VAL G 266 60.36 61.42 -35.90
CA VAL G 266 61.23 62.15 -34.96
C VAL G 266 62.57 62.44 -35.64
N HIS G 267 63.23 61.38 -36.09
CA HIS G 267 64.49 61.52 -36.82
C HIS G 267 64.35 62.29 -38.12
N ALA G 268 63.18 62.18 -38.75
CA ALA G 268 62.91 62.90 -40.00
C ALA G 268 62.86 64.40 -39.75
N MET G 269 62.21 64.81 -38.66
CA MET G 269 62.14 66.22 -38.28
C MET G 269 63.44 66.68 -37.62
N ALA G 270 64.04 65.80 -36.81
CA ALA G 270 65.26 66.15 -36.05
C ALA G 270 66.45 66.49 -36.95
N HIS G 271 66.48 65.91 -38.15
CA HIS G 271 67.54 66.23 -39.09
C HIS G 271 67.36 67.63 -39.66
N GLN G 272 66.13 68.10 -39.67
CA GLN G 272 65.81 69.42 -40.21
C GLN G 272 66.23 70.51 -39.23
N LEU G 273 66.05 70.24 -37.94
CA LEU G 273 66.54 71.13 -36.89
C LEU G 273 68.07 71.16 -36.91
N GLY G 274 68.66 70.00 -37.23
CA GLY G 274 70.10 69.88 -37.42
C GLY G 274 70.58 70.56 -38.69
N GLY G 275 69.74 70.53 -39.72
CA GLY G 275 70.06 71.12 -41.02
C GLY G 275 70.09 72.64 -41.02
N LEU G 276 69.18 73.26 -40.26
CA LEU G 276 69.05 74.72 -40.25
C LEU G 276 69.86 75.44 -39.18
N TYR G 277 69.80 74.95 -37.95
CA TYR G 277 70.42 75.62 -36.80
C TYR G 277 71.61 74.86 -36.21
N ASP G 278 72.05 73.81 -36.90
CA ASP G 278 73.03 72.83 -36.38
C ASP G 278 72.82 72.47 -34.89
N MET G 279 71.56 72.36 -34.50
CA MET G 279 71.17 71.89 -33.17
C MET G 279 71.63 70.45 -33.02
N PRO G 280 72.24 70.10 -31.86
CA PRO G 280 72.72 68.74 -31.63
C PRO G 280 71.65 67.69 -31.94
N HIS G 281 72.06 66.62 -32.60
CA HIS G 281 71.16 65.52 -32.97
C HIS G 281 70.37 65.00 -31.77
N GLY G 282 71.07 64.85 -30.64
CA GLY G 282 70.46 64.31 -29.43
C GLY G 282 69.32 65.13 -28.86
N VAL G 283 69.57 66.42 -28.62
CA VAL G 283 68.53 67.29 -28.06
C VAL G 283 67.38 67.46 -29.04
N ALA G 284 67.69 67.50 -30.34
CA ALA G 284 66.66 67.64 -31.36
C ALA G 284 65.64 66.49 -31.28
N ASN G 285 66.13 65.26 -31.17
CA ASN G 285 65.25 64.10 -30.98
C ASN G 285 64.48 64.18 -29.66
N ALA G 286 65.17 64.59 -28.60
CA ALA G 286 64.60 64.65 -27.25
C ALA G 286 63.38 65.58 -27.17
N VAL G 287 63.57 66.84 -27.55
CA VAL G 287 62.48 67.82 -27.52
C VAL G 287 61.29 67.40 -28.40
N LEU G 288 61.58 66.77 -29.54
CA LEU G 288 60.57 66.28 -30.46
C LEU G 288 59.87 64.98 -30.01
N LEU G 289 60.62 64.10 -29.33
CA LEU G 289 60.17 62.72 -29.03
C LEU G 289 58.70 62.55 -28.62
N PRO G 290 58.25 63.26 -27.56
CA PRO G 290 56.90 62.99 -27.06
C PRO G 290 55.81 63.52 -27.99
N HIS G 291 56.09 64.64 -28.66
CA HIS G 291 55.10 65.26 -29.52
C HIS G 291 54.83 64.41 -30.77
N VAL G 292 55.88 63.75 -31.27
CA VAL G 292 55.76 62.83 -32.38
C VAL G 292 55.12 61.54 -31.87
N ALA G 293 55.60 61.07 -30.72
CA ALA G 293 55.03 59.89 -30.07
C ALA G 293 53.53 60.03 -29.92
N ARG G 294 53.07 61.16 -29.39
CA ARG G 294 51.64 61.43 -29.27
C ARG G 294 50.96 61.32 -30.64
N TYR G 295 51.56 61.95 -31.64
CA TYR G 295 51.04 61.93 -33.00
C TYR G 295 50.89 60.49 -33.50
N ASN G 296 51.91 59.68 -33.23
CA ASN G 296 51.94 58.28 -33.65
C ASN G 296 51.01 57.35 -32.85
N LEU G 297 50.65 57.77 -31.64
CA LEU G 297 49.87 56.92 -30.73
C LEU G 297 48.70 56.16 -31.39
N ILE G 298 47.92 56.84 -32.23
CA ILE G 298 46.74 56.25 -32.87
C ILE G 298 47.06 55.13 -33.88
N ALA G 299 48.34 55.01 -34.25
CA ALA G 299 48.78 53.96 -35.17
C ALA G 299 48.91 52.61 -34.49
N ASN G 300 49.20 52.64 -33.18
CA ASN G 300 49.39 51.41 -32.41
C ASN G 300 49.33 51.69 -30.91
N PRO G 301 48.11 51.93 -30.38
CA PRO G 301 48.01 52.22 -28.95
C PRO G 301 48.59 51.09 -28.11
N GLU G 302 48.38 49.85 -28.54
CA GLU G 302 48.85 48.65 -27.82
C GLU G 302 50.35 48.66 -27.54
N LYS G 303 51.14 49.07 -28.53
CA LYS G 303 52.59 49.14 -28.35
C LYS G 303 53.00 50.34 -27.50
N PHE G 304 52.18 51.39 -27.50
CA PHE G 304 52.45 52.50 -26.60
C PHE G 304 52.14 52.11 -25.16
N ALA G 305 51.05 51.34 -24.97
CA ALA G 305 50.77 50.70 -23.69
C ALA G 305 51.96 49.85 -23.25
N ASP G 306 52.55 49.14 -24.21
CA ASP G 306 53.75 48.39 -23.96
C ASP G 306 54.86 49.31 -23.48
N ILE G 307 55.10 50.39 -24.21
CA ILE G 307 56.15 51.35 -23.86
C ILE G 307 55.95 51.91 -22.46
N ALA G 308 54.72 52.27 -22.13
CA ALA G 308 54.40 52.72 -20.78
C ALA G 308 54.86 51.70 -19.74
N GLU G 309 54.51 50.43 -19.97
CA GLU G 309 54.84 49.34 -19.05
C GLU G 309 56.36 49.17 -18.96
N LEU G 310 57.00 49.15 -20.13
CA LEU G 310 58.45 49.05 -20.22
C LEU G 310 59.17 50.14 -19.41
N MET G 311 58.52 51.29 -19.27
CA MET G 311 59.13 52.44 -18.62
C MET G 311 58.85 52.52 -17.11
N GLY G 312 58.27 51.45 -16.54
CA GLY G 312 58.04 51.34 -15.10
C GLY G 312 56.68 51.80 -14.58
N GLU G 313 55.78 52.19 -15.48
CA GLU G 313 54.46 52.69 -15.10
C GLU G 313 53.52 51.56 -14.67
N ASN G 314 52.68 51.86 -13.68
CA ASN G 314 51.59 50.96 -13.31
C ASN G 314 50.43 51.15 -14.28
N ILE G 315 49.99 50.04 -14.86
CA ILE G 315 49.08 50.01 -16.00
C ILE G 315 47.82 49.18 -15.67
N THR G 316 47.80 48.62 -14.46
CA THR G 316 46.84 47.62 -14.00
C THR G 316 45.39 47.73 -14.49
N GLY G 317 44.70 48.79 -14.12
CA GLY G 317 43.27 48.86 -14.38
C GLY G 317 42.88 49.57 -15.66
N LEU G 318 43.89 50.02 -16.41
CA LEU G 318 43.65 51.01 -17.46
C LEU G 318 43.20 50.41 -18.77
N SER G 319 42.35 51.15 -19.49
CA SER G 319 42.10 50.87 -20.89
C SER G 319 43.40 51.09 -21.68
N THR G 320 43.51 50.45 -22.84
CA THR G 320 44.71 50.54 -23.66
C THR G 320 45.10 51.98 -24.01
N LEU G 321 44.10 52.86 -24.15
CA LEU G 321 44.37 54.26 -24.49
C LEU G 321 44.96 55.03 -23.31
N ASP G 322 44.39 54.82 -22.12
CA ASP G 322 44.94 55.39 -20.89
C ASP G 322 46.33 54.82 -20.59
N ALA G 323 46.56 53.57 -20.94
CA ALA G 323 47.89 52.99 -20.85
C ALA G 323 48.86 53.63 -21.85
N ALA G 324 48.41 53.78 -23.11
CA ALA G 324 49.18 54.47 -24.14
C ALA G 324 49.51 55.91 -23.75
N GLU G 325 48.49 56.63 -23.27
CA GLU G 325 48.66 57.99 -22.74
C GLU G 325 49.78 58.11 -21.71
N LYS G 326 50.00 57.05 -20.93
CA LYS G 326 51.05 57.06 -19.91
C LYS G 326 52.45 56.93 -20.49
N ALA G 327 52.57 56.35 -21.69
CA ALA G 327 53.85 56.33 -22.36
C ALA G 327 54.30 57.77 -22.67
N ILE G 328 53.39 58.58 -23.19
CA ILE G 328 53.70 59.96 -23.53
C ILE G 328 54.15 60.74 -22.30
N ALA G 329 53.41 60.63 -21.20
CA ALA G 329 53.74 61.31 -19.95
C ALA G 329 55.10 60.87 -19.41
N ALA G 330 55.39 59.58 -19.53
CA ALA G 330 56.62 58.98 -19.01
C ALA G 330 57.85 59.55 -19.70
N ILE G 331 57.81 59.57 -21.03
CA ILE G 331 58.88 60.11 -21.85
C ILE G 331 59.14 61.57 -21.46
N THR G 332 58.08 62.38 -21.42
CA THR G 332 58.23 63.79 -21.04
C THR G 332 58.76 63.98 -19.62
N ARG G 333 58.30 63.19 -18.65
CA ARG G 333 58.84 63.25 -17.29
C ARG G 333 60.35 62.97 -17.26
N LEU G 334 60.78 62.01 -18.07
CA LEU G 334 62.20 61.64 -18.18
C LEU G 334 62.99 62.77 -18.84
N SER G 335 62.42 63.33 -19.91
CA SER G 335 63.01 64.47 -20.60
C SER G 335 63.28 65.65 -19.63
N MET G 336 62.27 66.03 -18.87
CA MET G 336 62.37 67.10 -17.87
C MET G 336 63.33 66.78 -16.72
N ASP G 337 63.23 65.56 -16.19
CA ASP G 337 64.08 65.10 -15.08
C ASP G 337 65.57 65.22 -15.37
N ILE G 338 65.97 65.10 -16.65
CA ILE G 338 67.38 65.11 -17.03
C ILE G 338 67.83 66.43 -17.68
N GLY G 339 66.98 67.45 -17.62
CA GLY G 339 67.36 68.80 -18.04
C GLY G 339 67.32 69.08 -19.52
N ILE G 340 66.60 68.24 -20.27
CA ILE G 340 66.38 68.49 -21.69
C ILE G 340 65.49 69.72 -21.85
N PRO G 341 65.90 70.67 -22.72
CA PRO G 341 65.09 71.90 -22.88
C PRO G 341 63.77 71.58 -23.54
N GLN G 342 62.69 72.13 -23.00
CA GLN G 342 61.34 71.69 -23.35
C GLN G 342 60.75 72.32 -24.61
N HIS G 343 61.23 73.49 -24.99
CA HIS G 343 60.63 74.26 -26.07
C HIS G 343 61.65 74.63 -27.15
N LEU G 344 61.31 74.37 -28.40
CA LEU G 344 62.16 74.72 -29.55
C LEU G 344 62.42 76.22 -29.59
N ARG G 345 61.41 76.99 -29.19
CA ARG G 345 61.50 78.44 -29.01
C ARG G 345 62.81 78.88 -28.35
N ASP G 346 63.23 78.10 -27.35
CA ASP G 346 64.41 78.43 -26.55
C ASP G 346 65.72 78.01 -27.22
N LEU G 347 65.65 77.16 -28.24
CA LEU G 347 66.86 76.73 -28.94
C LEU G 347 67.15 77.53 -30.21
N GLY G 348 66.43 78.64 -30.40
CA GLY G 348 66.65 79.52 -31.55
C GLY G 348 65.88 79.16 -32.80
N VAL G 349 64.90 78.24 -32.65
CA VAL G 349 64.03 77.83 -33.75
C VAL G 349 62.99 78.92 -34.01
N LYS G 350 62.60 79.09 -35.27
CA LYS G 350 61.58 80.07 -35.63
C LYS G 350 60.39 79.47 -36.36
N GLU G 351 59.20 79.95 -36.00
CA GLU G 351 57.93 79.44 -36.53
C GLU G 351 57.82 79.52 -38.05
N THR G 352 58.48 80.52 -38.62
CA THR G 352 58.46 80.75 -40.06
C THR G 352 59.24 79.70 -40.85
N ASP G 353 60.06 78.94 -40.14
CA ASP G 353 60.87 77.87 -40.75
C ASP G 353 60.14 76.53 -40.79
N PHE G 354 58.96 76.46 -40.18
CA PHE G 354 58.19 75.22 -40.09
C PHE G 354 57.77 74.61 -41.44
N PRO G 355 57.16 75.41 -42.34
CA PRO G 355 56.79 74.86 -43.65
C PRO G 355 57.93 74.16 -44.37
N TYR G 356 59.07 74.85 -44.49
CA TYR G 356 60.26 74.31 -45.17
C TYR G 356 60.75 73.01 -44.52
N MET G 357 60.81 73.01 -43.19
CA MET G 357 61.28 71.84 -42.43
C MET G 357 60.36 70.63 -42.56
N ALA G 358 59.06 70.89 -42.66
CA ALA G 358 58.08 69.84 -42.84
C ALA G 358 58.19 69.24 -44.24
N GLU G 359 58.53 70.07 -45.22
CA GLU G 359 58.70 69.62 -46.59
C GLU G 359 59.89 68.67 -46.68
N MET G 360 60.98 69.06 -46.03
CA MET G 360 62.22 68.29 -46.07
C MET G 360 62.13 67.01 -45.24
N ALA G 361 61.37 67.06 -44.15
CA ALA G 361 61.19 65.90 -43.27
C ALA G 361 60.36 64.81 -43.92
N LEU G 362 59.39 65.19 -44.76
CA LEU G 362 58.55 64.24 -45.48
C LEU G 362 59.35 63.47 -46.54
N LYS G 363 60.41 64.11 -47.04
CA LYS G 363 61.29 63.50 -48.06
C LYS G 363 62.40 62.65 -47.45
N ASP G 364 62.62 62.79 -46.14
CA ASP G 364 63.68 62.07 -45.43
C ASP G 364 63.44 60.56 -45.46
N GLY G 365 64.53 59.79 -45.51
CA GLY G 365 64.48 58.33 -45.54
C GLY G 365 63.80 57.70 -44.33
N ASN G 366 63.84 58.39 -43.21
CA ASN G 366 63.22 57.88 -41.99
C ASN G 366 61.72 58.10 -41.91
N ALA G 367 61.20 58.92 -42.82
CA ALA G 367 59.77 59.24 -42.85
C ALA G 367 58.91 58.09 -43.35
N PHE G 368 59.46 57.25 -44.23
CA PHE G 368 58.69 56.17 -44.83
C PHE G 368 58.29 55.09 -43.82
N SER G 369 59.17 54.81 -42.86
CA SER G 369 58.92 53.76 -41.87
C SER G 369 58.07 54.21 -40.67
N ASN G 370 57.60 55.45 -40.69
CA ASN G 370 56.69 55.95 -39.66
C ASN G 370 55.36 55.22 -39.67
N PRO G 371 54.87 54.77 -38.50
CA PRO G 371 53.62 54.01 -38.45
C PRO G 371 52.37 54.82 -38.84
N ARG G 372 52.48 56.15 -38.84
CA ARG G 372 51.39 57.01 -39.27
C ARG G 372 51.82 57.85 -40.47
N LYS G 373 51.08 57.72 -41.57
CA LYS G 373 51.37 58.49 -42.77
C LYS G 373 50.69 59.85 -42.69
N GLY G 374 51.50 60.91 -42.75
CA GLY G 374 51.00 62.27 -42.66
C GLY G 374 51.32 63.11 -43.87
N ASN G 375 51.25 64.42 -43.67
CA ASN G 375 51.56 65.40 -44.70
C ASN G 375 52.28 66.60 -44.09
N GLU G 376 52.69 67.54 -44.93
CA GLU G 376 53.46 68.70 -44.48
C GLU G 376 52.73 69.54 -43.43
N GLN G 377 51.42 69.73 -43.58
CA GLN G 377 50.60 70.47 -42.61
C GLN G 377 50.65 69.81 -41.23
N GLU G 378 50.48 68.49 -41.20
CA GLU G 378 50.51 67.72 -39.96
C GLU G 378 51.90 67.73 -39.31
N ILE G 379 52.94 67.71 -40.14
CA ILE G 379 54.32 67.78 -39.62
C ILE G 379 54.64 69.18 -39.09
N ALA G 380 54.05 70.20 -39.72
CA ALA G 380 54.15 71.57 -39.25
C ALA G 380 53.47 71.72 -37.88
N ALA G 381 52.37 70.99 -37.70
CA ALA G 381 51.61 71.02 -36.45
C ALA G 381 52.39 70.42 -35.28
N ILE G 382 53.14 69.34 -35.54
CA ILE G 382 54.00 68.73 -34.52
C ILE G 382 55.15 69.66 -34.15
N PHE G 383 55.71 70.35 -35.15
CA PHE G 383 56.72 71.37 -34.89
C PHE G 383 56.14 72.43 -33.95
N ARG G 384 54.89 72.81 -34.21
CA ARG G 384 54.21 73.84 -33.43
C ARG G 384 54.00 73.44 -31.96
N GLN G 385 53.57 72.21 -31.74
CA GLN G 385 53.29 71.72 -30.38
C GLN G 385 54.55 71.64 -29.50
N ALA G 386 55.71 71.67 -30.14
CA ALA G 386 57.01 71.54 -29.46
C ALA G 386 57.78 72.87 -29.38
N PHE G 387 57.25 73.91 -30.02
CA PHE G 387 57.93 75.21 -30.14
C PHE G 387 58.21 75.89 -28.80
N ARG H 4 15.17 47.64 30.72
CA ARG H 4 15.08 49.04 30.23
C ARG H 4 15.95 49.98 31.08
N MET H 5 16.13 49.61 32.35
CA MET H 5 16.90 50.41 33.29
C MET H 5 18.11 49.63 33.85
N PHE H 6 19.22 50.33 34.09
CA PHE H 6 20.48 49.69 34.48
C PHE H 6 21.14 50.30 35.73
N ASP H 7 21.80 49.44 36.51
CA ASP H 7 22.72 49.93 37.53
C ASP H 7 24.16 49.64 37.15
N TYR H 8 25.08 50.37 37.78
CA TYR H 8 26.51 50.22 37.53
C TYR H 8 27.21 50.50 38.85
N LEU H 9 27.85 49.47 39.38
CA LEU H 9 28.51 49.58 40.68
C LEU H 9 29.99 49.35 40.51
N VAL H 10 30.77 50.15 41.21
CA VAL H 10 32.22 50.05 41.22
C VAL H 10 32.71 50.77 42.48
N PRO H 11 33.80 50.28 43.11
CA PRO H 11 34.40 50.98 44.24
C PRO H 11 34.69 52.46 43.96
N ASN H 12 34.59 53.26 45.03
CA ASN H 12 34.74 54.70 45.02
C ASN H 12 36.08 55.16 44.46
N VAL H 13 37.12 54.52 44.96
CA VAL H 13 38.49 54.92 44.69
C VAL H 13 39.23 53.67 44.24
N ASN H 14 39.84 53.75 43.07
CA ASN H 14 40.59 52.61 42.53
C ASN H 14 41.99 53.07 42.12
N PHE H 15 42.99 52.28 42.47
CA PHE H 15 44.36 52.58 42.06
C PHE H 15 44.91 51.47 41.20
N PHE H 16 45.66 51.84 40.18
CA PHE H 16 46.29 50.87 39.30
C PHE H 16 47.54 51.44 38.65
N GLY H 17 48.39 50.55 38.17
CA GLY H 17 49.68 50.94 37.60
C GLY H 17 50.81 50.40 38.45
N PRO H 18 52.03 50.39 37.91
CA PRO H 18 53.17 49.91 38.69
C PRO H 18 53.37 50.73 39.97
N ASN H 19 53.60 50.01 41.07
CA ASN H 19 53.83 50.57 42.40
C ASN H 19 52.61 51.19 43.10
N ALA H 20 51.41 50.90 42.60
CA ALA H 20 50.19 51.38 43.23
C ALA H 20 50.00 50.89 44.67
N ILE H 21 50.75 49.84 45.05
CA ILE H 21 50.71 49.34 46.43
C ILE H 21 51.15 50.40 47.44
N SER H 22 51.96 51.36 46.98
CA SER H 22 52.52 52.40 47.86
C SER H 22 51.47 53.25 48.59
N VAL H 23 50.21 53.15 48.18
CA VAL H 23 49.14 53.91 48.83
C VAL H 23 48.27 53.13 49.83
N VAL H 24 48.51 51.81 49.99
CA VAL H 24 47.68 51.00 50.92
C VAL H 24 47.58 51.62 52.32
N GLY H 25 48.74 51.96 52.88
CA GLY H 25 48.83 52.55 54.21
C GLY H 25 48.07 53.85 54.29
N GLU H 26 48.37 54.75 53.35
CA GLU H 26 47.69 56.05 53.25
C GLU H 26 46.16 55.93 53.13
N ARG H 27 45.73 54.91 52.40
CA ARG H 27 44.29 54.70 52.17
C ARG H 27 43.57 54.24 53.43
N CYS H 28 44.25 53.43 54.23
CA CYS H 28 43.73 53.03 55.54
C CYS H 28 43.61 54.24 56.46
N GLN H 29 44.63 55.09 56.46
CA GLN H 29 44.61 56.35 57.20
C GLN H 29 43.31 57.11 56.86
N LEU H 30 43.08 57.33 55.57
CA LEU H 30 41.93 58.14 55.11
C LEU H 30 40.58 57.53 55.46
N LEU H 31 40.56 56.22 55.66
CA LEU H 31 39.34 55.51 56.02
C LEU H 31 39.22 55.38 57.55
N GLY H 32 40.16 56.01 58.27
CA GLY H 32 40.17 56.00 59.73
C GLY H 32 40.43 54.63 60.35
N GLY H 33 41.30 53.85 59.73
CA GLY H 33 41.63 52.52 60.23
C GLY H 33 42.92 52.50 61.02
N LYS H 34 42.83 52.09 62.29
CA LYS H 34 44.00 52.02 63.15
C LYS H 34 44.71 50.67 63.02
N LYS H 35 43.92 49.58 62.97
CA LYS H 35 44.48 48.23 62.92
C LYS H 35 43.80 47.38 61.85
N ALA H 36 44.60 46.83 60.94
CA ALA H 36 44.09 46.10 59.79
C ALA H 36 44.17 44.58 59.95
N LEU H 37 43.18 43.89 59.40
CA LEU H 37 43.24 42.45 59.21
C LEU H 37 43.73 42.14 57.79
N LEU H 38 44.96 41.64 57.70
CA LEU H 38 45.56 41.25 56.44
C LEU H 38 45.10 39.84 56.06
N VAL H 39 44.13 39.78 55.14
CA VAL H 39 43.52 38.52 54.73
C VAL H 39 44.19 38.00 53.46
N THR H 40 44.82 36.84 53.55
CA THR H 40 45.63 36.32 52.46
C THR H 40 45.77 34.79 52.42
N ASP H 41 46.52 34.30 51.43
CA ASP H 41 46.85 32.89 51.28
C ASP H 41 48.10 32.55 52.08
N LYS H 42 48.23 31.28 52.45
CA LYS H 42 49.49 30.77 53.00
C LYS H 42 50.58 30.77 51.92
N GLY H 43 50.16 30.71 50.65
CA GLY H 43 51.07 30.72 49.51
C GLY H 43 51.74 32.06 49.28
N LEU H 44 50.93 33.12 49.29
CA LEU H 44 51.43 34.50 49.11
C LEU H 44 52.23 34.98 50.31
N ARG H 45 51.73 34.67 51.51
CA ARG H 45 52.54 34.73 52.71
C ARG H 45 53.13 33.35 52.90
N LYS H 48 55.62 34.46 51.97
CA LYS H 48 56.65 33.49 51.65
C LYS H 48 57.54 34.10 50.56
N ASP H 49 57.31 35.38 50.28
CA ASP H 49 57.95 36.02 49.13
C ASP H 49 58.45 37.45 49.43
N GLY H 50 57.63 38.42 49.04
CA GLY H 50 57.95 39.85 49.04
C GLY H 50 56.89 40.54 48.20
N ALA H 51 55.62 40.43 48.64
CA ALA H 51 54.44 41.03 47.99
C ALA H 51 53.20 41.19 48.93
N VAL H 52 53.08 40.35 49.96
CA VAL H 52 52.26 40.71 51.14
C VAL H 52 53.19 41.44 52.11
N ASP H 53 54.49 41.28 51.89
CA ASP H 53 55.52 42.05 52.59
C ASP H 53 55.44 43.54 52.24
N LYS H 54 55.21 43.83 50.96
CA LYS H 54 55.09 45.22 50.50
C LYS H 54 53.93 45.93 51.20
N THR H 55 52.78 45.28 51.24
CA THR H 55 51.61 45.88 51.90
C THR H 55 51.84 46.04 53.40
N LEU H 56 52.55 45.08 54.01
CA LEU H 56 53.00 45.15 55.39
C LEU H 56 53.90 46.36 55.64
N HIS H 57 54.77 46.64 54.68
CA HIS H 57 55.71 47.74 54.74
C HIS H 57 55.01 49.10 54.77
N TYR H 58 54.08 49.30 53.84
CA TYR H 58 53.35 50.57 53.75
C TYR H 58 52.29 50.71 54.85
N LEU H 59 51.87 49.59 55.40
CA LEU H 59 51.03 49.59 56.60
C LEU H 59 51.82 50.02 57.84
N ARG H 60 53.11 49.67 57.88
CA ARG H 60 54.00 50.12 58.96
C ARG H 60 54.30 51.60 58.85
N GLU H 61 54.70 52.02 57.65
CA GLU H 61 55.11 53.41 57.41
C GLU H 61 53.97 54.39 57.66
N ALA H 62 52.74 53.91 57.56
CA ALA H 62 51.56 54.71 57.81
C ALA H 62 51.04 54.55 59.24
N GLY H 63 51.77 53.80 60.05
CA GLY H 63 51.44 53.60 61.45
C GLY H 63 50.18 52.77 61.71
N ILE H 64 49.77 52.00 60.71
CA ILE H 64 48.63 51.09 60.88
C ILE H 64 49.12 49.75 61.44
N GLU H 65 48.61 49.40 62.62
CA GLU H 65 48.88 48.11 63.24
C GLU H 65 48.26 46.99 62.43
N VAL H 66 48.89 45.81 62.44
CA VAL H 66 48.43 44.73 61.57
C VAL H 66 48.35 43.36 62.26
N ALA H 67 47.31 42.60 61.92
CA ALA H 67 47.19 41.19 62.29
C ALA H 67 46.83 40.42 61.03
N ILE H 68 47.59 39.37 60.75
CA ILE H 68 47.41 38.68 59.48
C ILE H 68 46.66 37.36 59.67
N PHE H 69 45.73 37.09 58.76
CA PHE H 69 45.03 35.82 58.71
C PHE H 69 45.31 35.17 57.35
N ASP H 70 45.89 33.96 57.38
CA ASP H 70 46.20 33.25 56.13
C ASP H 70 45.51 31.89 55.97
N GLY H 71 44.42 31.69 56.72
CA GLY H 71 43.63 30.46 56.61
C GLY H 71 42.57 30.54 55.53
N VAL H 72 42.96 31.06 54.36
CA VAL H 72 42.06 31.12 53.20
C VAL H 72 42.37 29.98 52.23
N GLU H 73 41.42 29.08 52.09
CA GLU H 73 41.53 28.00 51.12
C GLU H 73 41.25 28.52 49.70
N PRO H 74 41.87 27.90 48.68
CA PRO H 74 41.62 28.25 47.28
C PRO H 74 40.22 27.79 46.90
N ASN H 75 39.22 28.47 47.47
CA ASN H 75 37.82 28.02 47.57
C ASN H 75 37.39 28.33 49.01
N PRO H 76 37.13 29.63 49.29
CA PRO H 76 36.94 30.05 50.66
C PRO H 76 35.74 29.34 51.26
N LYS H 77 35.89 28.92 52.51
CA LYS H 77 34.84 28.20 53.23
C LYS H 77 34.18 29.15 54.22
N ASP H 78 32.96 28.80 54.62
CA ASP H 78 32.26 29.52 55.68
C ASP H 78 33.07 29.50 56.98
N THR H 79 33.71 28.37 57.28
CA THR H 79 34.56 28.24 58.47
C THR H 79 35.82 29.11 58.35
N ASN H 80 36.25 29.35 57.11
CA ASN H 80 37.37 30.25 56.82
C ASN H 80 37.04 31.67 57.29
N VAL H 81 35.82 32.10 57.00
CA VAL H 81 35.31 33.38 57.46
C VAL H 81 35.15 33.35 58.97
N ARG H 82 34.63 32.24 59.49
CA ARG H 82 34.42 32.07 60.92
C ARG H 82 35.73 32.28 61.69
N ASP H 83 36.78 31.60 61.26
CA ASP H 83 38.11 31.71 61.87
C ASP H 83 38.71 33.11 61.68
N GLY H 84 38.48 33.69 60.50
CA GLY H 84 38.96 35.03 60.18
C GLY H 84 38.30 36.10 61.04
N LEU H 85 37.01 35.92 61.29
CA LEU H 85 36.23 36.80 62.16
C LEU H 85 36.78 36.79 63.58
N ALA H 86 37.18 35.60 64.04
CA ALA H 86 37.76 35.44 65.38
C ALA H 86 39.03 36.27 65.54
N VAL H 87 39.86 36.30 64.49
CA VAL H 87 41.09 37.08 64.50
C VAL H 87 40.76 38.58 64.37
N PHE H 88 39.80 38.91 63.51
CA PHE H 88 39.30 40.28 63.39
C PHE H 88 38.88 40.82 64.75
N ARG H 89 38.13 40.01 65.51
CA ARG H 89 37.61 40.44 66.79
C ARG H 89 38.63 40.34 67.93
N ARG H 90 39.32 39.22 68.06
CA ARG H 90 40.31 39.01 69.12
C ARG H 90 41.43 40.06 69.06
N GLU H 91 41.85 40.41 67.85
CA GLU H 91 42.91 41.39 67.64
C GLU H 91 42.42 42.84 67.53
N GLN H 92 41.15 43.07 67.86
CA GLN H 92 40.55 44.41 67.86
C GLN H 92 40.80 45.16 66.55
N CYS H 93 40.59 44.45 65.44
CA CYS H 93 40.81 45.04 64.12
C CYS H 93 39.75 46.05 63.72
N ASP H 94 40.14 46.92 62.80
CA ASP H 94 39.44 48.15 62.49
C ASP H 94 39.04 48.17 61.03
N ILE H 95 39.94 47.67 60.19
CA ILE H 95 39.82 47.72 58.74
C ILE H 95 40.28 46.37 58.20
N ILE H 96 39.82 46.01 57.00
CA ILE H 96 40.21 44.75 56.36
C ILE H 96 41.02 45.03 55.08
N VAL H 97 42.22 44.48 55.02
CA VAL H 97 43.03 44.56 53.81
C VAL H 97 43.20 43.16 53.24
N THR H 98 42.58 42.92 52.08
CA THR H 98 42.70 41.62 51.42
C THR H 98 43.84 41.69 50.42
N VAL H 99 44.69 40.66 50.42
CA VAL H 99 45.74 40.60 49.40
C VAL H 99 45.90 39.22 48.73
N GLY H 100 45.63 39.23 47.43
CA GLY H 100 45.74 38.03 46.60
C GLY H 100 44.79 38.04 45.42
N GLY H 101 44.40 36.84 44.99
CA GLY H 101 43.39 36.67 43.96
C GLY H 101 42.00 36.67 44.57
N GLY H 102 41.05 36.05 43.87
CA GLY H 102 39.65 36.07 44.26
C GLY H 102 39.35 35.55 45.66
N SER H 103 39.91 34.38 45.98
CA SER H 103 39.65 33.72 47.26
C SER H 103 39.80 34.63 48.50
N PRO H 104 40.98 35.27 48.68
CA PRO H 104 41.14 36.25 49.75
C PRO H 104 40.12 37.41 49.73
N HIS H 105 39.71 37.86 48.54
CA HIS H 105 38.76 38.97 48.46
C HIS H 105 37.35 38.56 48.91
N ASP H 106 36.92 37.36 48.51
CA ASP H 106 35.63 36.84 48.93
C ASP H 106 35.60 36.57 50.44
N CYS H 107 36.66 35.93 50.95
CA CYS H 107 36.77 35.65 52.38
C CYS H 107 36.82 36.92 53.20
N GLY H 108 37.51 37.94 52.68
CA GLY H 108 37.61 39.24 53.32
C GLY H 108 36.28 39.95 53.39
N LYS H 109 35.51 39.86 52.31
CA LYS H 109 34.15 40.38 52.27
C LYS H 109 33.26 39.61 53.25
N GLY H 110 33.38 38.29 53.24
CA GLY H 110 32.64 37.43 54.17
C GLY H 110 32.89 37.85 55.61
N ILE H 111 34.16 37.95 55.97
CA ILE H 111 34.57 38.43 57.29
C ILE H 111 33.95 39.81 57.57
N GLY H 112 33.89 40.66 56.53
CA GLY H 112 33.30 41.99 56.64
C GLY H 112 31.82 41.95 56.96
N ILE H 113 31.09 41.07 56.27
CA ILE H 113 29.65 40.91 56.48
C ILE H 113 29.34 40.35 57.86
N ALA H 114 30.08 39.32 58.26
CA ALA H 114 29.86 38.62 59.53
C ALA H 114 30.17 39.51 60.74
N ALA H 115 31.10 40.43 60.57
CA ALA H 115 31.45 41.41 61.60
C ALA H 115 30.37 42.46 61.81
N THR H 116 29.42 42.55 60.87
CA THR H 116 28.41 43.60 60.91
C THR H 116 26.95 43.12 60.84
N HIS H 117 26.75 41.83 60.60
CA HIS H 117 25.40 41.28 60.50
C HIS H 117 25.17 40.09 61.43
N GLU H 118 23.94 39.97 61.93
CA GLU H 118 23.54 38.93 62.90
C GLU H 118 24.06 37.55 62.46
N GLY H 119 24.88 36.95 63.31
CA GLY H 119 25.75 35.81 62.96
C GLY H 119 25.22 34.68 62.10
N ASP H 120 26.02 34.31 61.12
CA ASP H 120 25.90 33.06 60.33
C ASP H 120 25.59 33.22 58.83
N LEU H 121 26.64 33.51 58.08
CA LEU H 121 26.76 33.23 56.63
C LEU H 121 25.47 33.04 55.81
N TYR H 122 25.05 31.77 55.73
CA TYR H 122 24.02 31.26 54.84
C TYR H 122 22.72 32.06 54.85
N GLN H 123 22.48 32.74 55.96
CA GLN H 123 21.30 33.56 56.19
C GLN H 123 21.09 34.64 55.14
N TYR H 124 22.16 35.29 54.73
CA TYR H 124 22.08 36.47 53.85
C TYR H 124 22.31 36.18 52.37
N ALA H 125 22.32 34.91 51.98
CA ALA H 125 22.46 34.53 50.59
C ALA H 125 21.30 35.04 49.72
N GLY H 126 21.64 35.57 48.54
CA GLY H 126 20.66 36.19 47.64
C GLY H 126 21.05 37.62 47.30
N ILE H 127 20.18 38.29 46.56
CA ILE H 127 20.42 39.68 46.13
C ILE H 127 20.06 40.71 47.19
N GLU H 128 20.88 41.75 47.28
CA GLU H 128 20.69 42.91 48.18
C GLU H 128 19.98 42.59 49.53
N THR H 129 20.70 41.92 50.42
CA THR H 129 20.16 41.42 51.69
C THR H 129 20.87 42.00 52.91
N LEU H 130 21.80 42.91 52.68
CA LEU H 130 22.63 43.50 53.73
C LEU H 130 22.10 44.88 54.14
N THR H 131 21.91 45.07 55.43
CA THR H 131 21.34 46.30 55.97
C THR H 131 22.41 47.30 56.40
N ASN H 132 23.58 46.77 56.76
CA ASN H 132 24.61 47.56 57.43
C ASN H 132 25.90 47.69 56.62
N PRO H 133 26.61 48.83 56.77
CA PRO H 133 27.88 48.97 56.07
C PRO H 133 28.93 48.03 56.67
N LEU H 134 29.82 47.51 55.83
CA LEU H 134 30.90 46.64 56.29
C LEU H 134 32.01 47.48 56.90
N PRO H 135 32.98 46.84 57.58
CA PRO H 135 34.18 47.60 57.92
C PRO H 135 34.87 48.03 56.62
N PRO H 136 35.61 49.16 56.66
CA PRO H 136 36.29 49.55 55.42
C PRO H 136 37.16 48.38 54.94
N ILE H 137 37.07 48.08 53.64
CA ILE H 137 37.85 47.02 53.02
C ILE H 137 38.70 47.61 51.92
N VAL H 138 40.01 47.37 51.99
CA VAL H 138 40.92 47.76 50.93
C VAL H 138 41.41 46.49 50.27
N ALA H 139 41.14 46.33 48.98
CA ALA H 139 41.43 45.08 48.29
C ALA H 139 42.64 45.20 47.37
N VAL H 140 43.73 44.53 47.74
CA VAL H 140 44.93 44.54 46.90
C VAL H 140 45.03 43.26 46.09
N ASN H 141 44.81 43.42 44.79
CA ASN H 141 44.62 42.31 43.86
C ASN H 141 45.93 41.91 43.17
N THR H 142 46.17 40.59 43.13
CA THR H 142 47.45 40.03 42.76
C THR H 142 47.32 39.14 41.52
N THR H 143 46.15 39.17 40.92
CA THR H 143 45.84 38.28 39.82
C THR H 143 45.04 39.02 38.75
N ALA H 144 45.50 38.90 37.51
CA ALA H 144 44.81 39.51 36.37
C ALA H 144 43.76 38.52 35.90
N GLY H 145 42.74 38.33 36.74
CA GLY H 145 41.79 37.26 36.55
C GLY H 145 40.40 37.46 37.09
N THR H 146 40.25 37.53 38.42
CA THR H 146 38.91 37.41 39.01
C THR H 146 38.15 38.74 39.13
N ALA H 147 38.88 39.81 39.45
CA ALA H 147 38.31 41.15 39.64
C ALA H 147 37.30 41.24 40.80
N SER H 148 37.50 40.40 41.81
CA SER H 148 36.66 40.46 43.00
C SER H 148 36.85 41.76 43.77
N GLU H 149 37.97 42.44 43.54
CA GLU H 149 38.25 43.69 44.24
C GLU H 149 37.37 44.84 43.74
N VAL H 150 36.52 44.56 42.77
CA VAL H 150 35.75 45.60 42.12
C VAL H 150 34.28 45.16 42.06
N THR H 151 34.01 44.06 42.74
CA THR H 151 32.82 43.24 42.56
C THR H 151 31.86 43.37 43.75
N ARG H 152 30.56 43.25 43.49
CA ARG H 152 29.52 43.34 44.51
C ARG H 152 29.24 41.97 45.17
N HIS H 153 29.92 40.95 44.66
CA HIS H 153 29.67 39.57 45.05
C HIS H 153 30.60 39.07 46.14
N CYS H 154 30.07 38.21 46.99
CA CYS H 154 30.85 37.43 47.91
C CYS H 154 30.40 35.98 47.76
N VAL H 155 31.25 35.14 47.17
CA VAL H 155 30.92 33.71 47.04
C VAL H 155 31.78 32.81 47.93
N LEU H 156 31.13 32.19 48.91
CA LEU H 156 31.74 31.19 49.78
C LEU H 156 31.13 29.81 49.59
N THR H 157 31.82 28.78 50.09
CA THR H 157 31.31 27.42 50.08
C THR H 157 30.75 27.06 51.45
N ASN H 158 29.52 26.55 51.47
CA ASN H 158 28.87 26.03 52.68
C ASN H 158 29.40 24.62 52.98
N THR H 159 30.11 24.47 54.09
CA THR H 159 30.74 23.19 54.46
C THR H 159 29.73 22.08 54.82
N GLU H 160 28.60 22.46 55.41
CA GLU H 160 27.54 21.51 55.79
C GLU H 160 26.91 20.78 54.59
N THR H 161 26.75 21.49 53.47
CA THR H 161 26.05 20.97 52.30
C THR H 161 26.96 20.68 51.10
N LYS H 162 28.20 21.19 51.15
CA LYS H 162 29.14 21.20 50.02
C LYS H 162 28.81 22.25 48.95
N VAL H 163 27.61 22.82 49.03
CA VAL H 163 27.13 23.80 48.05
C VAL H 163 27.80 25.16 48.19
N LYS H 164 27.80 25.95 47.11
CA LYS H 164 28.25 27.35 47.13
C LYS H 164 27.08 28.29 47.34
N PHE H 165 27.33 29.40 48.02
CA PHE H 165 26.31 30.44 48.18
C PHE H 165 26.88 31.82 47.86
N VAL H 166 25.99 32.73 47.45
CA VAL H 166 26.41 34.05 46.99
C VAL H 166 25.68 35.14 47.76
N ILE H 167 26.45 36.12 48.23
CA ILE H 167 25.87 37.34 48.79
C ILE H 167 26.13 38.48 47.82
N VAL H 168 25.06 39.03 47.26
CA VAL H 168 25.15 40.09 46.23
C VAL H 168 24.67 41.41 46.86
N SER H 169 25.59 42.38 47.00
CA SER H 169 25.27 43.64 47.69
C SER H 169 26.20 44.79 47.33
N TRP H 170 25.64 45.99 47.20
CA TRP H 170 26.43 47.20 47.00
C TRP H 170 27.36 47.46 48.20
N ARG H 171 27.01 46.85 49.32
CA ARG H 171 27.82 46.96 50.53
C ARG H 171 29.05 46.06 50.48
N ASN H 172 29.06 45.10 49.56
CA ASN H 172 30.22 44.23 49.33
C ASN H 172 31.30 44.85 48.48
N LEU H 173 31.01 46.01 47.89
CA LEU H 173 32.01 46.76 47.12
C LEU H 173 33.11 47.21 48.07
N PRO H 174 34.37 46.82 47.80
CA PRO H 174 35.48 47.31 48.61
C PRO H 174 35.52 48.83 48.66
N SER H 175 36.08 49.38 49.73
CA SER H 175 36.27 50.82 49.83
C SER H 175 37.23 51.27 48.73
N VAL H 176 38.31 50.51 48.56
CA VAL H 176 39.38 50.84 47.64
C VAL H 176 39.86 49.57 46.97
N SER H 177 40.08 49.64 45.66
CA SER H 177 40.78 48.58 44.94
C SER H 177 42.16 49.06 44.56
N ILE H 178 43.12 48.14 44.54
CA ILE H 178 44.49 48.43 44.14
C ILE H 178 44.98 47.35 43.18
N ASN H 179 45.43 47.78 42.00
CA ASN H 179 45.93 46.88 40.96
C ASN H 179 47.35 47.21 40.53
N ASP H 180 48.31 46.60 41.23
CA ASP H 180 49.72 46.83 40.97
C ASP H 180 50.32 45.64 40.21
N PRO H 181 50.61 45.83 38.89
CA PRO H 181 51.18 44.75 38.07
C PRO H 181 52.54 44.26 38.56
N LEU H 182 53.29 45.13 39.24
CA LEU H 182 54.55 44.75 39.86
C LEU H 182 54.39 43.60 40.86
N LEU H 183 53.20 43.49 41.44
CA LEU H 183 52.85 42.45 42.38
C LEU H 183 52.46 41.14 41.72
N MET H 184 52.20 41.19 40.41
CA MET H 184 51.76 40.01 39.66
C MET H 184 52.88 39.33 38.87
N ILE H 185 54.05 39.97 38.82
CA ILE H 185 55.17 39.47 38.04
C ILE H 185 55.56 38.02 38.38
N GLY H 186 55.45 37.64 39.64
CA GLY H 186 55.80 36.29 40.10
C GLY H 186 54.89 35.14 39.70
N LYS H 187 53.71 35.45 39.14
CA LYS H 187 52.75 34.44 38.71
C LYS H 187 53.31 33.50 37.64
N PRO H 188 53.25 32.17 37.89
CA PRO H 188 53.71 31.21 36.87
C PRO H 188 52.86 31.23 35.60
N ALA H 189 53.45 30.81 34.49
CA ALA H 189 52.83 30.83 33.17
C ALA H 189 51.41 30.27 33.15
N ALA H 190 51.23 29.08 33.70
CA ALA H 190 49.93 28.39 33.68
C ALA H 190 48.83 29.17 34.42
N LEU H 191 49.19 29.71 35.58
CA LEU H 191 48.31 30.58 36.36
C LEU H 191 47.94 31.84 35.59
N THR H 192 48.90 32.48 34.93
CA THR H 192 48.57 33.70 34.20
C THR H 192 47.70 33.41 32.98
N ALA H 193 47.88 32.22 32.40
CA ALA H 193 47.04 31.77 31.29
C ALA H 193 45.59 31.57 31.74
N ALA H 194 45.41 30.82 32.82
CA ALA H 194 44.08 30.52 33.34
C ALA H 194 43.36 31.79 33.80
N THR H 195 44.09 32.65 34.51
CA THR H 195 43.51 33.89 35.03
C THR H 195 43.13 34.82 33.90
N GLY H 196 43.99 34.90 32.88
CA GLY H 196 43.72 35.72 31.69
C GLY H 196 42.48 35.25 30.95
N MET H 197 42.32 33.93 30.82
CA MET H 197 41.13 33.34 30.22
C MET H 197 39.86 33.56 31.05
N ASP H 198 39.99 33.56 32.37
CA ASP H 198 38.89 33.94 33.27
C ASP H 198 38.49 35.39 32.97
N ALA H 199 39.48 36.29 32.93
CA ALA H 199 39.22 37.68 32.58
C ALA H 199 38.58 37.80 31.20
N LEU H 200 39.08 37.03 30.23
CA LEU H 200 38.53 37.06 28.87
C LEU H 200 37.06 36.64 28.91
N THR H 201 36.81 35.52 29.60
CA THR H 201 35.47 35.00 29.80
C THR H 201 34.56 36.08 30.38
N HIS H 202 35.02 36.78 31.42
CA HIS H 202 34.24 37.89 31.96
C HIS H 202 33.87 38.88 30.85
N ALA H 203 34.87 39.29 30.07
CA ALA H 203 34.67 40.29 29.04
C ALA H 203 33.67 39.86 27.96
N VAL H 204 33.79 38.64 27.42
CA VAL H 204 32.88 38.27 26.34
C VAL H 204 31.49 37.94 26.87
N GLU H 205 31.41 37.38 28.08
CA GLU H 205 30.11 37.05 28.68
C GLU H 205 29.35 38.33 29.00
N ALA H 206 30.05 39.32 29.55
CA ALA H 206 29.45 40.62 29.85
C ALA H 206 29.02 41.37 28.59
N TYR H 207 29.83 41.27 27.54
CA TYR H 207 29.55 41.95 26.29
C TYR H 207 28.34 41.40 25.52
N ILE H 208 28.09 40.10 25.63
CA ILE H 208 27.00 39.48 24.89
C ILE H 208 25.75 39.25 25.76
N SER H 209 25.92 39.45 27.07
CA SER H 209 24.86 39.30 28.07
C SER H 209 23.54 39.97 27.73
N LYS H 210 22.46 39.42 28.30
CA LYS H 210 21.11 40.02 28.21
C LYS H 210 21.02 41.38 28.89
N ASP H 211 21.92 41.62 29.85
CA ASP H 211 21.89 42.85 30.65
C ASP H 211 22.93 43.89 30.19
N ALA H 212 23.62 43.56 29.09
CA ALA H 212 24.62 44.45 28.50
C ALA H 212 24.02 45.79 28.11
N ASN H 213 24.83 46.85 28.22
CA ASN H 213 24.47 48.18 27.71
C ASN H 213 25.72 48.92 27.22
N PRO H 214 25.55 50.03 26.47
CA PRO H 214 26.71 50.79 25.98
C PRO H 214 27.80 51.12 27.02
N VAL H 215 27.41 51.55 28.23
CA VAL H 215 28.37 51.88 29.30
C VAL H 215 29.19 50.65 29.69
N THR H 216 28.46 49.57 29.94
CA THR H 216 29.01 48.27 30.26
C THR H 216 29.91 47.76 29.13
N ASP H 217 29.44 47.90 27.89
CA ASP H 217 30.19 47.50 26.71
C ASP H 217 31.55 48.20 26.60
N ALA H 218 31.61 49.48 27.00
CA ALA H 218 32.86 50.24 26.94
C ALA H 218 34.01 49.51 27.64
N ALA H 219 33.76 48.98 28.84
CA ALA H 219 34.78 48.24 29.58
C ALA H 219 35.07 46.89 28.94
N ALA H 220 34.01 46.18 28.55
CA ALA H 220 34.14 44.84 27.97
C ALA H 220 34.95 44.86 26.67
N MET H 221 34.58 45.75 25.76
CA MET H 221 35.24 45.86 24.47
C MET H 221 36.75 46.08 24.61
N GLN H 222 37.11 47.03 25.48
CA GLN H 222 38.52 47.34 25.71
C GLN H 222 39.26 46.17 26.35
N ALA H 223 38.62 45.48 27.29
CA ALA H 223 39.27 44.37 27.97
C ALA H 223 39.63 43.30 26.96
N ILE H 224 38.70 43.02 26.03
CA ILE H 224 38.92 42.04 24.96
C ILE H 224 40.09 42.47 24.08
N ARG H 225 40.10 43.75 23.73
CA ARG H 225 41.19 44.29 22.93
C ARG H 225 42.53 44.09 23.66
N LEU H 226 42.57 44.44 24.95
CA LEU H 226 43.80 44.36 25.72
C LEU H 226 44.30 42.92 25.87
N ILE H 227 43.41 42.03 26.26
CA ILE H 227 43.74 40.61 26.41
C ILE H 227 44.28 39.98 25.12
N ALA H 228 43.61 40.26 23.99
CA ALA H 228 44.04 39.75 22.69
C ALA H 228 45.46 40.20 22.33
N ARG H 229 45.84 41.40 22.78
CA ARG H 229 47.13 41.98 22.44
C ARG H 229 48.22 41.75 23.48
N ASN H 230 47.86 41.17 24.63
CA ASN H 230 48.81 41.05 25.73
C ASN H 230 48.90 39.71 26.46
N LEU H 231 47.83 38.92 26.43
CA LEU H 231 47.83 37.67 27.20
C LEU H 231 48.96 36.73 26.79
N ARG H 232 49.06 36.44 25.50
CA ARG H 232 50.16 35.66 24.96
C ARG H 232 51.50 36.13 25.52
N GLN H 233 51.75 37.42 25.44
CA GLN H 233 53.02 37.99 25.87
C GLN H 233 53.22 37.81 27.36
N ALA H 234 52.14 37.93 28.12
CA ALA H 234 52.21 37.79 29.58
C ALA H 234 52.50 36.37 30.03
N VAL H 235 51.96 35.36 29.33
CA VAL H 235 52.28 33.97 29.70
C VAL H 235 53.68 33.54 29.27
N ALA H 236 54.16 34.13 28.17
CA ALA H 236 55.49 33.80 27.63
C ALA H 236 56.61 34.31 28.52
N LEU H 237 56.45 35.53 29.03
CA LEU H 237 57.40 36.09 29.99
C LEU H 237 56.69 36.95 31.02
N GLY H 238 56.63 36.44 32.25
CA GLY H 238 55.99 37.11 33.36
C GLY H 238 56.69 38.34 33.87
N SER H 239 57.96 38.53 33.49
CA SER H 239 58.69 39.72 33.89
C SER H 239 58.48 40.88 32.91
N ASN H 240 57.82 40.59 31.80
CA ASN H 240 57.37 41.60 30.84
C ASN H 240 56.35 42.54 31.50
N LEU H 241 56.85 43.65 32.04
CA LEU H 241 56.05 44.62 32.77
C LEU H 241 54.89 45.15 31.94
N GLN H 242 55.15 45.44 30.68
CA GLN H 242 54.15 46.02 29.79
C GLN H 242 52.94 45.09 29.65
N ALA H 243 53.21 43.80 29.45
CA ALA H 243 52.13 42.80 29.32
C ALA H 243 51.37 42.63 30.63
N ARG H 244 52.11 42.64 31.74
CA ARG H 244 51.55 42.61 33.09
C ARG H 244 50.61 43.80 33.33
N GLU H 245 51.06 44.99 32.97
CA GLU H 245 50.23 46.20 33.07
C GLU H 245 48.92 46.08 32.31
N TYR H 246 48.98 45.73 31.03
CA TYR H 246 47.78 45.67 30.22
C TYR H 246 46.85 44.58 30.70
N MET H 247 47.41 43.42 31.04
CA MET H 247 46.62 42.32 31.58
C MET H 247 45.86 42.74 32.84
N ALA H 248 46.56 43.45 33.73
CA ALA H 248 45.95 43.97 34.96
C ALA H 248 44.83 44.98 34.71
N TYR H 249 44.99 45.82 33.69
CA TYR H 249 43.90 46.74 33.32
C TYR H 249 42.76 45.98 32.64
N ALA H 250 43.11 45.01 31.79
CA ALA H 250 42.09 44.20 31.12
C ALA H 250 41.18 43.54 32.15
N SER H 251 41.80 42.88 33.12
CA SER H 251 41.09 42.13 34.14
C SER H 251 40.17 43.04 34.95
N LEU H 252 40.69 44.20 35.33
CA LEU H 252 39.93 45.19 36.07
C LEU H 252 38.73 45.64 35.23
N LEU H 253 38.99 46.02 33.97
CA LEU H 253 37.93 46.44 33.07
C LEU H 253 36.86 45.36 32.91
N ALA H 254 37.31 44.12 32.74
CA ALA H 254 36.41 42.96 32.68
C ALA H 254 35.49 42.90 33.90
N GLY H 255 36.05 43.18 35.07
CA GLY H 255 35.28 43.23 36.31
C GLY H 255 34.26 44.36 36.35
N MET H 256 34.67 45.56 35.93
CA MET H 256 33.76 46.69 35.83
C MET H 256 32.57 46.38 34.90
N ALA H 257 32.84 45.58 33.86
CA ALA H 257 31.79 45.15 32.95
C ALA H 257 30.87 44.09 33.57
N PHE H 258 31.41 42.92 33.94
CA PHE H 258 30.54 41.82 34.38
C PHE H 258 29.80 42.05 35.70
N ASN H 259 30.43 42.78 36.61
CA ASN H 259 29.80 43.17 37.87
C ASN H 259 28.42 43.78 37.64
N ASN H 260 28.20 44.28 36.43
CA ASN H 260 27.07 45.13 36.09
C ASN H 260 26.25 44.66 34.89
N ALA H 261 26.87 43.83 34.05
CA ALA H 261 26.18 43.23 32.91
C ALA H 261 25.94 41.74 33.14
N ASN H 262 26.61 41.19 34.15
CA ASN H 262 26.52 39.76 34.50
C ASN H 262 27.22 38.84 33.50
N LEU H 263 27.18 37.54 33.78
CA LEU H 263 27.87 36.54 32.95
C LEU H 263 26.90 35.67 32.16
N GLY H 264 27.17 34.36 32.09
CA GLY H 264 26.32 33.44 31.34
C GLY H 264 26.70 31.98 31.51
N TYR H 265 26.37 31.19 30.48
CA TYR H 265 26.52 29.74 30.52
C TYR H 265 27.95 29.23 30.74
N VAL H 266 28.97 29.98 30.31
CA VAL H 266 30.35 29.53 30.52
C VAL H 266 30.62 29.39 32.00
N HIS H 267 30.25 30.40 32.77
CA HIS H 267 30.44 30.37 34.22
C HIS H 267 29.51 29.39 34.92
N ALA H 268 28.26 29.32 34.46
CA ALA H 268 27.30 28.36 34.99
C ALA H 268 27.83 26.93 34.84
N MET H 269 28.38 26.63 33.66
CA MET H 269 28.95 25.32 33.37
C MET H 269 30.29 25.09 34.06
N ALA H 270 31.12 26.14 34.12
CA ALA H 270 32.44 26.07 34.74
C ALA H 270 32.36 25.77 36.23
N HIS H 271 31.35 26.31 36.90
CA HIS H 271 31.18 26.05 38.34
C HIS H 271 30.89 24.59 38.64
N GLN H 272 30.18 23.92 37.73
CA GLN H 272 29.84 22.51 37.88
C GLN H 272 31.06 21.62 37.70
N LEU H 273 31.96 22.02 36.80
CA LEU H 273 33.28 21.40 36.70
C LEU H 273 34.07 21.62 37.97
N GLY H 274 33.99 22.85 38.51
CA GLY H 274 34.61 23.21 39.78
C GLY H 274 34.04 22.45 40.99
N GLY H 275 32.75 22.15 40.95
CA GLY H 275 32.10 21.39 42.02
C GLY H 275 32.51 19.93 42.04
N LEU H 276 32.62 19.32 40.86
CA LEU H 276 32.79 17.87 40.75
C LEU H 276 34.23 17.35 40.67
N TYR H 277 35.15 18.16 40.17
CA TYR H 277 36.56 17.75 40.07
C TYR H 277 37.47 18.83 40.63
N ASP H 278 36.87 19.75 41.39
CA ASP H 278 37.45 21.07 41.70
C ASP H 278 38.59 21.51 40.78
N MET H 279 38.23 21.54 39.49
CA MET H 279 39.08 22.02 38.42
C MET H 279 39.24 23.51 38.60
N PRO H 280 40.47 24.03 38.40
CA PRO H 280 40.73 25.48 38.47
C PRO H 280 39.68 26.28 37.71
N HIS H 281 39.19 27.34 38.35
CA HIS H 281 38.13 28.19 37.80
C HIS H 281 38.47 28.69 36.40
N GLY H 282 39.72 29.13 36.24
CA GLY H 282 40.20 29.69 34.99
C GLY H 282 40.21 28.71 33.83
N VAL H 283 40.72 27.50 34.07
CA VAL H 283 40.83 26.51 33.00
C VAL H 283 39.46 25.98 32.58
N ALA H 284 38.57 25.82 33.55
CA ALA H 284 37.21 25.35 33.29
C ALA H 284 36.48 26.32 32.37
N ASN H 285 36.56 27.62 32.65
CA ASN H 285 36.09 28.65 31.73
C ASN H 285 36.83 28.55 30.40
N ALA H 286 38.14 28.32 30.46
CA ALA H 286 39.00 28.42 29.27
C ALA H 286 38.65 27.38 28.23
N VAL H 287 38.46 26.14 28.67
CA VAL H 287 38.21 25.05 27.75
C VAL H 287 36.77 25.09 27.23
N LEU H 288 35.90 25.75 28.00
CA LEU H 288 34.47 25.88 27.67
C LEU H 288 34.15 27.09 26.80
N LEU H 289 34.92 28.16 26.93
CA LEU H 289 34.62 29.43 26.29
C LEU H 289 34.24 29.31 24.80
N PRO H 290 35.14 28.75 23.96
CA PRO H 290 34.84 28.75 22.53
C PRO H 290 33.57 27.96 22.18
N HIS H 291 33.29 26.91 22.96
CA HIS H 291 32.10 26.09 22.76
C HIS H 291 30.80 26.76 23.19
N VAL H 292 30.81 27.44 24.33
CA VAL H 292 29.63 28.17 24.78
C VAL H 292 29.42 29.37 23.86
N ALA H 293 30.52 30.03 23.48
CA ALA H 293 30.48 31.12 22.52
C ALA H 293 29.76 30.73 21.23
N ARG H 294 30.20 29.64 20.58
CA ARG H 294 29.57 29.17 19.35
C ARG H 294 28.08 28.90 19.57
N TYR H 295 27.77 28.28 20.70
CA TYR H 295 26.39 28.05 21.09
C TYR H 295 25.62 29.39 21.17
N ASN H 296 26.23 30.38 21.82
CA ASN H 296 25.63 31.70 22.02
C ASN H 296 25.58 32.57 20.78
N LEU H 297 26.32 32.16 19.75
CA LEU H 297 26.53 32.94 18.54
C LEU H 297 25.22 33.42 17.89
N ILE H 298 24.24 32.53 17.76
CA ILE H 298 22.97 32.90 17.11
C ILE H 298 22.20 34.00 17.84
N ALA H 299 22.51 34.20 19.11
CA ALA H 299 21.80 35.17 19.94
C ALA H 299 22.16 36.59 19.54
N ASN H 300 23.36 36.76 19.00
CA ASN H 300 23.85 38.06 18.58
C ASN H 300 25.10 37.88 17.71
N PRO H 301 24.91 37.56 16.43
CA PRO H 301 26.09 37.42 15.57
C PRO H 301 26.89 38.73 15.44
N GLU H 302 26.20 39.88 15.45
CA GLU H 302 26.86 41.18 15.29
C GLU H 302 27.92 41.44 16.36
N LYS H 303 27.57 41.16 17.61
CA LYS H 303 28.53 41.36 18.70
C LYS H 303 29.70 40.37 18.64
N PHE H 304 29.50 39.25 17.97
CA PHE H 304 30.59 38.31 17.74
C PHE H 304 31.49 38.77 16.58
N ALA H 305 30.88 39.38 15.58
CA ALA H 305 31.65 40.05 14.53
C ALA H 305 32.53 41.13 15.16
N ASP H 306 31.95 41.91 16.08
CA ASP H 306 32.68 42.91 16.86
C ASP H 306 33.86 42.28 17.60
N ILE H 307 33.60 41.18 18.31
CA ILE H 307 34.63 40.49 19.08
C ILE H 307 35.83 40.07 18.20
N ALA H 308 35.51 39.52 17.02
CA ALA H 308 36.54 39.15 16.05
C ALA H 308 37.45 40.33 15.73
N GLU H 309 36.84 41.47 15.43
CA GLU H 309 37.59 42.66 15.10
C GLU H 309 38.44 43.12 16.28
N LEU H 310 37.84 43.13 17.48
CA LEU H 310 38.55 43.47 18.71
C LEU H 310 39.82 42.65 18.91
N MET H 311 39.77 41.39 18.49
CA MET H 311 40.87 40.45 18.71
C MET H 311 41.86 40.43 17.56
N GLY H 312 41.79 41.44 16.69
CA GLY H 312 42.77 41.62 15.64
C GLY H 312 42.51 40.90 14.33
N GLU H 313 41.34 40.26 14.20
CA GLU H 313 40.99 39.58 12.96
C GLU H 313 40.60 40.55 11.84
N ASN H 314 40.94 40.17 10.62
CA ASN H 314 40.52 40.88 9.43
C ASN H 314 39.12 40.39 9.02
N ILE H 315 38.20 41.33 8.97
CA ILE H 315 36.77 41.09 8.87
C ILE H 315 36.26 41.73 7.57
N THR H 316 37.21 42.26 6.78
CA THR H 316 36.91 43.08 5.62
C THR H 316 35.90 42.50 4.62
N GLY H 317 36.17 41.31 4.09
CA GLY H 317 35.32 40.81 3.02
C GLY H 317 33.99 40.19 3.44
N LEU H 318 33.76 40.10 4.75
CA LEU H 318 32.90 39.05 5.31
C LEU H 318 31.46 39.42 5.63
N SER H 319 30.58 38.44 5.50
CA SER H 319 29.23 38.51 6.04
C SER H 319 29.35 38.50 7.56
N THR H 320 28.30 38.96 8.24
CA THR H 320 28.30 39.00 9.70
C THR H 320 28.57 37.62 10.31
N LEU H 321 27.94 36.59 9.76
CA LEU H 321 28.13 35.24 10.26
C LEU H 321 29.55 34.75 10.04
N ASP H 322 30.11 35.03 8.87
CA ASP H 322 31.50 34.66 8.61
C ASP H 322 32.47 35.42 9.51
N ALA H 323 32.17 36.70 9.74
CA ALA H 323 32.92 37.50 10.71
C ALA H 323 32.83 36.91 12.12
N ALA H 324 31.62 36.53 12.55
CA ALA H 324 31.40 35.94 13.88
C ALA H 324 32.14 34.61 14.08
N GLU H 325 32.18 33.78 13.04
CA GLU H 325 32.98 32.57 13.01
C GLU H 325 34.42 32.82 13.45
N LYS H 326 34.99 33.90 12.93
CA LYS H 326 36.39 34.21 13.18
C LYS H 326 36.66 34.50 14.65
N ALA H 327 35.68 35.11 15.32
CA ALA H 327 35.79 35.34 16.76
C ALA H 327 36.00 34.01 17.49
N ILE H 328 35.22 32.99 17.11
CA ILE H 328 35.34 31.69 17.73
C ILE H 328 36.75 31.16 17.45
N ALA H 329 37.12 31.08 16.17
CA ALA H 329 38.47 30.65 15.79
C ALA H 329 39.55 31.45 16.52
N ALA H 330 39.31 32.73 16.75
CA ALA H 330 40.27 33.58 17.47
C ALA H 330 40.50 33.13 18.91
N ILE H 331 39.40 32.79 19.60
CA ILE H 331 39.44 32.42 21.00
C ILE H 331 40.14 31.07 21.20
N THR H 332 39.76 30.08 20.40
CA THR H 332 40.40 28.79 20.46
C THR H 332 41.89 28.88 20.12
N ARG H 333 42.25 29.77 19.19
CA ARG H 333 43.66 29.98 18.79
C ARG H 333 44.52 30.54 19.93
N LEU H 334 43.95 31.44 20.73
CA LEU H 334 44.65 32.03 21.87
C LEU H 334 44.84 30.97 22.97
N SER H 335 43.73 30.31 23.31
CA SER H 335 43.70 29.17 24.21
C SER H 335 44.82 28.17 23.92
N MET H 336 44.97 27.78 22.65
CA MET H 336 46.01 26.83 22.27
C MET H 336 47.40 27.43 22.43
N ASP H 337 47.58 28.65 21.94
CA ASP H 337 48.85 29.36 21.98
C ASP H 337 49.43 29.45 23.37
N ILE H 338 48.57 29.61 24.38
CA ILE H 338 49.01 29.81 25.76
C ILE H 338 48.95 28.50 26.58
N GLY H 339 48.62 27.39 25.92
CA GLY H 339 48.78 26.06 26.51
C GLY H 339 47.63 25.58 27.39
N ILE H 340 46.48 26.25 27.29
CA ILE H 340 45.25 25.75 27.88
C ILE H 340 44.96 24.36 27.31
N PRO H 341 44.65 23.37 28.19
CA PRO H 341 44.25 22.06 27.69
C PRO H 341 42.90 22.13 26.97
N GLN H 342 42.79 21.41 25.84
CA GLN H 342 41.68 21.61 24.89
C GLN H 342 40.52 20.64 25.05
N HIS H 343 40.73 19.53 25.76
CA HIS H 343 39.69 18.51 25.89
C HIS H 343 39.46 18.12 27.36
N LEU H 344 38.22 18.30 27.81
CA LEU H 344 37.79 17.95 29.17
C LEU H 344 38.16 16.52 29.56
N ARG H 345 38.18 15.63 28.57
CA ARG H 345 38.63 14.24 28.72
C ARG H 345 40.01 14.16 29.40
N ASP H 346 40.85 15.15 29.13
CA ASP H 346 42.19 15.24 29.71
C ASP H 346 42.21 15.97 31.07
N LEU H 347 41.04 16.33 31.59
CA LEU H 347 40.93 16.93 32.92
C LEU H 347 40.16 16.04 33.90
N GLY H 348 40.03 14.75 33.56
CA GLY H 348 39.39 13.77 34.44
C GLY H 348 37.88 13.86 34.52
N VAL H 349 37.27 14.56 33.55
CA VAL H 349 35.83 14.68 33.44
C VAL H 349 35.27 13.37 32.84
N LYS H 350 34.07 12.98 33.28
CA LYS H 350 33.45 11.75 32.78
C LYS H 350 32.10 12.07 32.10
N GLU H 351 31.89 11.49 30.91
CA GLU H 351 30.69 11.72 30.10
C GLU H 351 29.39 11.46 30.85
N THR H 352 29.40 10.45 31.71
CA THR H 352 28.27 10.10 32.58
C THR H 352 27.86 11.23 33.53
N ASP H 353 28.72 12.23 33.71
CA ASP H 353 28.44 13.36 34.61
C ASP H 353 27.74 14.53 33.95
N PHE H 354 27.60 14.48 32.62
CA PHE H 354 27.03 15.59 31.85
C PHE H 354 25.56 15.91 32.14
N PRO H 355 24.69 14.89 32.28
CA PRO H 355 23.30 15.20 32.62
C PRO H 355 23.14 15.98 33.93
N TYR H 356 23.82 15.54 34.98
CA TYR H 356 23.76 16.19 36.30
C TYR H 356 24.32 17.62 36.24
N MET H 357 25.46 17.76 35.57
CA MET H 357 26.13 19.04 35.40
C MET H 357 25.26 20.05 34.67
N ALA H 358 24.57 19.59 33.64
CA ALA H 358 23.62 20.40 32.89
C ALA H 358 22.43 20.81 33.76
N GLU H 359 22.01 19.90 34.63
CA GLU H 359 20.90 20.17 35.53
C GLU H 359 21.24 21.29 36.50
N MET H 360 22.45 21.25 37.05
CA MET H 360 22.90 22.22 38.04
C MET H 360 23.29 23.56 37.41
N ALA H 361 23.72 23.51 36.15
CA ALA H 361 24.17 24.71 35.43
C ALA H 361 23.02 25.65 35.10
N LEU H 362 21.87 25.08 34.71
CA LEU H 362 20.70 25.87 34.32
C LEU H 362 20.03 26.49 35.55
N LYS H 363 20.50 26.11 36.73
CA LYS H 363 20.00 26.64 37.99
C LYS H 363 20.91 27.70 38.60
N ASP H 364 22.17 27.73 38.14
CA ASP H 364 23.19 28.63 38.67
C ASP H 364 22.81 30.09 38.38
N GLY H 365 23.14 30.97 39.33
CA GLY H 365 22.83 32.40 39.24
C GLY H 365 23.37 33.14 38.03
N ASN H 366 24.37 32.56 37.37
CA ASN H 366 24.96 33.15 36.16
C ASN H 366 24.18 32.78 34.90
N ALA H 367 23.41 31.70 34.97
CA ALA H 367 22.69 31.17 33.81
C ALA H 367 21.61 32.10 33.26
N PHE H 368 20.93 32.85 34.13
CA PHE H 368 19.76 33.66 33.71
C PHE H 368 20.08 34.78 32.73
N SER H 369 21.31 35.29 32.77
CA SER H 369 21.69 36.42 31.94
C SER H 369 22.29 36.01 30.59
N ASN H 370 22.40 34.70 30.36
CA ASN H 370 22.94 34.18 29.11
C ASN H 370 22.01 34.55 27.95
N PRO H 371 22.58 35.04 26.84
CA PRO H 371 21.69 35.57 25.78
C PRO H 371 20.85 34.49 25.09
N ARG H 372 21.28 33.23 25.17
CA ARG H 372 20.50 32.15 24.59
C ARG H 372 19.89 31.30 25.71
N LYS H 373 18.57 31.26 25.77
CA LYS H 373 17.88 30.43 26.74
C LYS H 373 17.85 29.00 26.21
N GLY H 374 18.59 28.12 26.88
CA GLY H 374 18.65 26.73 26.50
C GLY H 374 18.01 25.80 27.52
N ASN H 375 18.30 24.52 27.38
CA ASN H 375 17.84 23.47 28.29
C ASN H 375 18.95 22.45 28.57
N GLU H 376 18.66 21.53 29.49
CA GLU H 376 19.61 20.51 29.90
C GLU H 376 20.21 19.69 28.76
N GLN H 377 19.39 19.32 27.78
CA GLN H 377 19.87 18.57 26.61
C GLN H 377 20.87 19.37 25.78
N GLU H 378 20.67 20.68 25.71
CA GLU H 378 21.54 21.55 24.94
C GLU H 378 22.85 21.86 25.67
N ILE H 379 22.77 21.99 27.00
CA ILE H 379 23.96 22.23 27.81
C ILE H 379 24.88 21.00 27.83
N ALA H 380 24.29 19.82 28.02
CA ALA H 380 25.03 18.56 27.92
C ALA H 380 25.70 18.41 26.55
N ALA H 381 25.03 18.88 25.50
CA ALA H 381 25.57 18.81 24.15
C ALA H 381 26.84 19.65 24.04
N ILE H 382 26.83 20.81 24.71
CA ILE H 382 28.02 21.67 24.80
C ILE H 382 29.18 20.96 25.51
N PHE H 383 28.90 20.29 26.63
CA PHE H 383 29.92 19.50 27.32
C PHE H 383 30.57 18.48 26.40
N ARG H 384 29.74 17.81 25.60
CA ARG H 384 30.19 16.75 24.68
C ARG H 384 31.10 17.31 23.57
N GLN H 385 30.85 18.55 23.17
CA GLN H 385 31.66 19.23 22.16
C GLN H 385 33.00 19.69 22.75
N ALA H 386 33.01 19.97 24.05
CA ALA H 386 34.22 20.40 24.73
C ALA H 386 35.02 19.21 25.28
N PHE H 387 34.53 17.99 25.00
CA PHE H 387 35.08 16.77 25.57
C PHE H 387 36.43 16.36 24.97
N ARG I 4 66.24 48.82 31.21
CA ARG I 4 66.10 50.30 31.11
C ARG I 4 67.32 51.00 30.47
N MET I 5 68.52 50.45 30.70
CA MET I 5 69.75 51.04 30.19
C MET I 5 70.57 50.00 29.41
N PHE I 6 71.19 50.42 28.32
CA PHE I 6 71.91 49.50 27.44
C PHE I 6 73.37 49.90 27.18
N ASP I 7 74.21 48.89 26.96
CA ASP I 7 75.56 49.12 26.46
C ASP I 7 75.67 48.59 25.04
N TYR I 8 76.67 49.04 24.31
CA TYR I 8 76.81 48.67 22.90
C TYR I 8 78.28 48.74 22.56
N LEU I 9 78.88 47.59 22.37
CA LEU I 9 80.32 47.47 22.15
C LEU I 9 80.62 46.99 20.74
N VAL I 10 81.70 47.52 20.18
CA VAL I 10 82.10 47.29 18.81
C VAL I 10 83.56 47.72 18.68
N PRO I 11 84.37 47.02 17.88
CA PRO I 11 85.71 47.54 17.63
C PRO I 11 85.73 48.97 17.08
N ASN I 12 86.68 49.76 17.57
CA ASN I 12 86.98 51.11 17.07
C ASN I 12 86.90 51.24 15.55
N VAL I 13 87.70 50.44 14.87
CA VAL I 13 87.94 50.56 13.45
C VAL I 13 87.59 49.24 12.78
N ASN I 14 86.61 49.25 11.89
CA ASN I 14 86.30 48.06 11.09
C ASN I 14 86.46 48.32 9.60
N PHE I 15 86.98 47.31 8.90
CA PHE I 15 87.08 47.37 7.45
C PHE I 15 86.29 46.23 6.83
N PHE I 16 85.60 46.50 5.73
CA PHE I 16 84.89 45.46 5.00
C PHE I 16 84.78 45.77 3.52
N GLY I 17 84.56 44.71 2.73
CA GLY I 17 84.44 44.85 1.30
C GLY I 17 85.57 44.15 0.56
N PRO I 18 85.40 43.94 -0.76
CA PRO I 18 86.40 43.29 -1.57
C PRO I 18 87.76 43.97 -1.43
N ASN I 19 88.78 43.16 -1.11
CA ASN I 19 90.16 43.60 -1.00
C ASN I 19 90.51 44.41 0.24
N ALA I 20 89.65 44.34 1.26
CA ALA I 20 89.88 45.04 2.52
C ALA I 20 91.13 44.53 3.24
N ILE I 21 91.58 43.34 2.87
CA ILE I 21 92.78 42.74 3.47
C ILE I 21 94.03 43.59 3.21
N SER I 22 93.94 44.50 2.24
CA SER I 22 95.09 45.32 1.84
C SER I 22 95.56 46.30 2.91
N VAL I 23 94.78 46.45 3.98
CA VAL I 23 95.10 47.42 5.04
C VAL I 23 95.72 46.81 6.31
N VAL I 24 95.85 45.48 6.35
CA VAL I 24 96.31 44.79 7.58
C VAL I 24 97.68 45.24 8.09
N GLY I 25 98.64 45.35 7.18
CA GLY I 25 99.97 45.87 7.51
C GLY I 25 99.88 47.29 8.03
N GLU I 26 99.33 48.17 7.19
CA GLU I 26 99.11 49.57 7.53
C GLU I 26 98.46 49.74 8.91
N ARG I 27 97.51 48.87 9.23
CA ARG I 27 96.79 48.93 10.49
C ARG I 27 97.63 48.50 11.70
N CYS I 28 98.51 47.53 11.51
CA CYS I 28 99.45 47.16 12.55
C CYS I 28 100.46 48.28 12.83
N GLN I 29 100.85 49.00 11.78
CA GLN I 29 101.70 50.19 11.89
C GLN I 29 101.13 51.24 12.82
N LEU I 30 99.83 51.52 12.68
CA LEU I 30 99.18 52.56 13.47
C LEU I 30 98.94 52.16 14.91
N LEU I 31 98.82 50.86 15.15
CA LEU I 31 98.71 50.31 16.51
C LEU I 31 100.06 50.13 17.21
N GLY I 32 101.14 50.52 16.54
CA GLY I 32 102.47 50.46 17.12
C GLY I 32 103.11 49.08 17.08
N GLY I 33 102.48 48.15 16.36
CA GLY I 33 102.98 46.79 16.20
C GLY I 33 104.27 46.72 15.39
N LYS I 34 105.20 45.89 15.84
CA LYS I 34 106.47 45.68 15.14
C LYS I 34 106.55 44.24 14.63
N LYS I 35 106.17 43.30 15.49
CA LYS I 35 106.14 41.89 15.13
C LYS I 35 104.79 41.27 15.46
N ALA I 36 104.26 40.49 14.53
CA ALA I 36 102.95 39.89 14.68
C ALA I 36 102.97 38.41 15.04
N LEU I 37 101.95 37.99 15.79
CA LEU I 37 101.63 36.60 15.95
C LEU I 37 100.43 36.32 15.06
N LEU I 38 100.65 35.50 14.03
CA LEU I 38 99.60 35.15 13.08
C LEU I 38 98.88 33.87 13.53
N VAL I 39 97.78 34.07 14.27
CA VAL I 39 97.01 32.96 14.85
C VAL I 39 95.99 32.43 13.85
N THR I 40 96.07 31.13 13.55
CA THR I 40 95.23 30.51 12.50
C THR I 40 95.14 28.96 12.63
N ASP I 41 94.28 28.39 11.75
CA ASP I 41 94.11 26.94 11.64
C ASP I 41 95.24 26.30 10.87
N LYS I 42 95.38 24.98 10.99
CA LYS I 42 96.29 24.21 10.15
C LYS I 42 95.74 24.17 8.72
N GLY I 43 94.42 24.02 8.60
CA GLY I 43 93.74 23.97 7.30
C GLY I 43 93.91 25.23 6.47
N LEU I 44 93.94 26.37 7.14
CA LEU I 44 94.11 27.66 6.47
C LEU I 44 95.59 28.02 6.24
N ARG I 45 96.46 27.60 7.15
CA ARG I 45 97.90 27.81 7.05
C ARG I 45 98.50 26.97 5.93
N LYS I 48 97.55 27.81 3.23
CA LYS I 48 97.78 26.53 2.56
C LYS I 48 97.64 26.70 1.05
N ASP I 49 97.23 27.89 0.63
CA ASP I 49 96.85 28.14 -0.75
C ASP I 49 96.99 29.62 -1.13
N GLY I 50 96.73 30.50 -0.17
CA GLY I 50 96.70 31.92 -0.40
C GLY I 50 95.46 32.53 0.19
N ALA I 51 95.42 32.61 1.52
CA ALA I 51 94.37 33.29 2.27
C ALA I 51 94.98 33.82 3.58
N VAL I 52 95.82 32.99 4.21
CA VAL I 52 96.73 33.45 5.27
C VAL I 52 98.03 33.97 4.65
N ASP I 53 98.25 33.66 3.37
CA ASP I 53 99.35 34.26 2.59
C ASP I 53 98.96 35.71 2.27
N LYS I 54 97.71 35.92 1.90
CA LYS I 54 97.20 37.26 1.60
C LYS I 54 97.46 38.25 2.76
N THR I 55 97.15 37.84 4.00
CA THR I 55 97.47 38.66 5.17
C THR I 55 98.99 38.81 5.34
N LEU I 56 99.72 37.71 5.14
CA LEU I 56 101.18 37.71 5.22
C LEU I 56 101.82 38.75 4.31
N HIS I 57 101.33 38.77 3.03
CA HIS I 57 101.89 39.67 2.02
C HIS I 57 101.82 41.13 2.43
N TYR I 58 100.63 41.60 2.81
CA TYR I 58 100.43 43.00 3.20
C TYR I 58 101.06 43.36 4.53
N LEU I 59 101.28 42.36 5.38
CA LEU I 59 101.92 42.55 6.68
C LEU I 59 103.42 42.81 6.50
N ARG I 60 104.04 42.07 5.56
CA ARG I 60 105.47 42.19 5.26
C ARG I 60 105.78 43.37 4.35
N GLU I 61 104.80 43.79 3.54
CA GLU I 61 104.92 44.95 2.66
C GLU I 61 104.95 46.24 3.47
N ALA I 62 104.39 46.19 4.68
CA ALA I 62 104.34 47.35 5.57
C ALA I 62 105.45 47.34 6.63
N GLY I 63 106.33 46.35 6.55
CA GLY I 63 107.52 46.28 7.41
C GLY I 63 107.33 45.62 8.76
N ILE I 64 106.23 44.89 8.93
CA ILE I 64 105.97 44.16 10.16
C ILE I 64 106.53 42.73 10.03
N GLU I 65 107.39 42.35 10.97
CA GLU I 65 107.90 41.00 11.05
C GLU I 65 106.82 40.08 11.64
N VAL I 66 106.90 38.79 11.34
CA VAL I 66 105.82 37.87 11.70
C VAL I 66 106.32 36.49 12.15
N ALA I 67 105.68 35.95 13.19
CA ALA I 67 105.80 34.52 13.52
C ALA I 67 104.36 33.93 13.41
N ILE I 68 104.28 32.69 12.87
CA ILE I 68 102.98 32.02 12.62
C ILE I 68 102.64 31.06 13.79
N PHE I 69 101.34 30.91 14.06
CA PHE I 69 100.86 29.86 14.97
C PHE I 69 99.65 29.12 14.40
N ASP I 70 99.88 27.80 14.11
CA ASP I 70 98.86 26.95 13.48
C ASP I 70 98.27 25.88 14.39
N GLY I 71 98.56 26.01 15.73
CA GLY I 71 98.06 25.05 16.71
C GLY I 71 96.63 25.27 17.20
N VAL I 72 95.79 25.92 16.38
CA VAL I 72 94.40 26.19 16.79
C VAL I 72 93.45 25.05 16.42
N GLU I 73 92.87 24.41 17.43
CA GLU I 73 91.90 23.33 17.22
C GLU I 73 90.53 23.91 16.91
N PRO I 74 89.74 23.21 16.07
CA PRO I 74 88.31 23.55 15.92
C PRO I 74 87.64 23.29 17.28
N ASN I 75 87.02 24.32 17.85
CA ASN I 75 86.75 24.36 19.30
C ASN I 75 88.09 24.48 20.03
N PRO I 76 88.58 25.72 20.23
CA PRO I 76 89.93 25.95 20.73
C PRO I 76 90.08 25.57 22.19
N LYS I 77 91.24 25.02 22.54
CA LYS I 77 91.51 24.57 23.90
C LYS I 77 92.35 25.61 24.63
N ASP I 78 92.53 25.40 25.92
CA ASP I 78 93.37 26.27 26.74
C ASP I 78 94.86 26.05 26.48
N THR I 79 95.23 24.80 26.14
CA THR I 79 96.60 24.45 25.79
C THR I 79 97.04 25.09 24.47
N ASN I 80 96.07 25.36 23.60
CA ASN I 80 96.33 26.09 22.36
C ASN I 80 96.75 27.53 22.66
N VAL I 81 96.15 28.12 23.69
CA VAL I 81 96.54 29.45 24.17
C VAL I 81 97.90 29.36 24.85
N ARG I 82 98.08 28.36 25.71
CA ARG I 82 99.35 28.13 26.40
C ARG I 82 100.55 27.96 25.46
N ASP I 83 100.32 27.26 24.33
CA ASP I 83 101.31 27.14 23.27
C ASP I 83 101.42 28.43 22.47
N GLY I 84 100.27 29.03 22.16
CA GLY I 84 100.18 30.29 21.42
C GLY I 84 100.84 31.48 22.11
N LEU I 85 100.89 31.36 23.50
CA LEU I 85 101.59 32.33 24.32
C LEU I 85 103.09 31.98 24.45
N ALA I 86 103.42 30.70 24.55
CA ALA I 86 104.82 30.26 24.62
C ALA I 86 105.61 30.69 23.34
N VAL I 87 104.60 31.01 22.21
CA VAL I 87 105.15 31.47 20.92
C VAL I 87 105.32 33.00 21.00
N PHE I 88 104.23 33.66 21.33
CA PHE I 88 104.17 35.12 21.50
C PHE I 88 105.38 35.63 22.29
N ARG I 89 105.60 35.03 23.46
CA ARG I 89 106.68 35.41 24.36
C ARG I 89 108.06 35.18 23.75
N ARG I 90 108.30 33.94 23.27
CA ARG I 90 109.62 33.53 22.72
C ARG I 90 110.04 34.35 21.49
N GLU I 91 109.10 34.62 20.59
CA GLU I 91 109.39 35.33 19.34
C GLU I 91 109.21 36.87 19.45
N GLN I 92 108.97 37.34 20.69
CA GLN I 92 108.87 38.78 21.00
C GLN I 92 107.84 39.53 20.16
N CYS I 93 106.60 39.07 20.18
CA CYS I 93 105.55 39.71 19.39
C CYS I 93 105.01 40.97 20.08
N ASP I 94 104.48 41.88 19.25
CA ASP I 94 104.00 43.18 19.69
C ASP I 94 102.51 43.31 19.40
N ILE I 95 101.99 42.44 18.55
CA ILE I 95 100.63 42.53 18.04
C ILE I 95 100.10 41.14 17.64
N ILE I 96 98.79 40.95 17.76
CA ILE I 96 98.17 39.69 17.35
C ILE I 96 97.26 39.90 16.14
N VAL I 97 97.56 39.17 15.06
CA VAL I 97 96.68 39.14 13.90
C VAL I 97 96.08 37.76 13.76
N THR I 98 94.77 37.68 13.90
CA THR I 98 94.06 36.40 13.78
C THR I 98 93.40 36.28 12.41
N VAL I 99 93.60 35.14 11.75
CA VAL I 99 92.92 34.90 10.49
C VAL I 99 92.11 33.60 10.55
N GLY I 100 90.87 33.67 10.04
CA GLY I 100 89.97 32.51 9.98
C GLY I 100 88.56 32.79 10.46
N GLY I 101 87.93 31.77 11.04
CA GLY I 101 86.59 31.90 11.60
C GLY I 101 86.63 32.11 13.09
N GLY I 102 85.60 31.62 13.79
CA GLY I 102 85.50 31.77 15.24
C GLY I 102 86.72 31.32 16.02
N SER I 103 87.22 30.11 15.72
CA SER I 103 88.28 29.46 16.51
C SER I 103 89.60 30.24 16.67
N PRO I 104 90.24 30.67 15.55
CA PRO I 104 91.44 31.50 15.67
C PRO I 104 91.21 32.86 16.33
N HIS I 105 89.99 33.40 16.21
CA HIS I 105 89.65 34.66 16.88
C HIS I 105 89.58 34.51 18.40
N ASP I 106 88.89 33.46 18.87
CA ASP I 106 88.78 33.17 20.30
C ASP I 106 90.13 32.82 20.89
N CYS I 107 90.94 32.08 20.13
CA CYS I 107 92.28 31.70 20.56
C CYS I 107 93.21 32.91 20.54
N GLY I 108 92.97 33.82 19.59
CA GLY I 108 93.70 35.08 19.51
C GLY I 108 93.50 35.93 20.74
N LYS I 109 92.22 36.17 21.07
CA LYS I 109 91.84 36.87 22.29
C LYS I 109 92.40 36.16 23.52
N GLY I 110 92.28 34.83 23.51
CA GLY I 110 92.78 33.97 24.58
C GLY I 110 94.24 34.19 24.94
N ILE I 111 95.11 34.15 23.93
CA ILE I 111 96.54 34.45 24.12
C ILE I 111 96.71 35.86 24.64
N GLY I 112 96.00 36.81 24.00
CA GLY I 112 96.02 38.21 24.43
C GLY I 112 95.70 38.41 25.89
N ILE I 113 94.69 37.70 26.39
CA ILE I 113 94.31 37.77 27.81
C ILE I 113 95.44 37.24 28.70
N ALA I 114 95.94 36.04 28.36
CA ALA I 114 96.96 35.35 29.17
C ALA I 114 98.34 36.02 29.13
N ALA I 115 98.51 36.99 28.23
CA ALA I 115 99.77 37.71 28.10
C ALA I 115 99.81 39.00 28.93
N THR I 116 98.65 39.41 29.44
CA THR I 116 98.57 40.66 30.19
C THR I 116 97.98 40.50 31.60
N HIS I 117 97.44 39.33 31.91
CA HIS I 117 96.84 39.05 33.23
C HIS I 117 97.53 37.90 33.95
N GLU I 118 97.67 38.05 35.27
CA GLU I 118 98.33 37.04 36.11
C GLU I 118 98.10 35.61 35.63
N GLY I 119 99.21 34.93 35.34
CA GLY I 119 99.23 33.60 34.73
C GLY I 119 98.05 32.69 34.97
N ASP I 120 97.30 32.44 33.90
CA ASP I 120 96.31 31.35 33.77
C ASP I 120 95.02 31.77 33.07
N LEU I 121 94.07 30.83 33.00
CA LEU I 121 92.92 30.92 32.09
C LEU I 121 91.60 30.96 32.85
N TYR I 122 91.20 29.79 33.35
CA TYR I 122 89.95 29.55 34.07
C TYR I 122 89.67 30.60 35.15
N GLN I 123 90.75 31.10 35.74
CA GLN I 123 90.71 32.15 36.77
C GLN I 123 89.88 33.38 36.37
N TYR I 124 89.65 33.55 35.06
CA TYR I 124 88.95 34.74 34.57
C TYR I 124 87.61 34.47 33.89
N ALA I 125 87.07 33.25 34.07
CA ALA I 125 85.75 32.90 33.54
C ALA I 125 84.67 33.78 34.16
N GLY I 126 83.71 34.19 33.34
CA GLY I 126 82.63 35.05 33.77
C GLY I 126 82.65 36.39 33.10
N ILE I 127 81.81 37.31 33.61
CA ILE I 127 81.68 38.66 33.02
C ILE I 127 82.91 39.53 33.29
N GLU I 128 82.74 40.85 33.29
CA GLU I 128 83.86 41.78 33.22
C GLU I 128 84.88 41.61 34.35
N THR I 129 85.85 40.72 34.13
CA THR I 129 86.83 40.34 35.16
C THR I 129 88.25 40.71 34.76
N LEU I 130 88.41 41.23 33.55
CA LEU I 130 89.69 41.68 33.02
C LEU I 130 90.05 43.08 33.52
N THR I 131 91.31 43.26 33.87
CA THR I 131 91.81 44.52 34.42
C THR I 131 92.63 45.29 33.38
N ASN I 132 93.49 44.59 32.66
CA ASN I 132 94.49 45.22 31.81
C ASN I 132 94.19 45.14 30.32
N PRO I 133 94.64 46.14 29.53
CA PRO I 133 94.46 46.11 28.09
C PRO I 133 95.31 45.03 27.43
N LEU I 134 94.70 44.25 26.54
CA LEU I 134 95.41 43.19 25.84
C LEU I 134 96.40 43.83 24.85
N PRO I 135 97.27 43.01 24.22
CA PRO I 135 97.98 43.54 23.06
C PRO I 135 96.99 43.84 21.92
N PRO I 136 97.27 44.84 21.07
CA PRO I 136 96.40 45.10 19.94
C PRO I 136 96.07 43.83 19.15
N ILE I 137 94.79 43.66 18.80
CA ILE I 137 94.33 42.50 18.03
C ILE I 137 93.67 42.97 16.74
N VAL I 138 94.23 42.56 15.60
CA VAL I 138 93.60 42.78 14.32
C VAL I 138 93.02 41.45 13.86
N ALA I 139 91.70 41.38 13.75
CA ALA I 139 91.02 40.14 13.36
C ALA I 139 90.53 40.18 11.93
N VAL I 140 91.10 39.31 11.09
CA VAL I 140 90.66 39.15 9.70
C VAL I 140 89.78 37.92 9.53
N ASN I 141 88.52 38.16 9.17
CA ASN I 141 87.50 37.12 9.18
C ASN I 141 87.27 36.49 7.81
N THR I 142 86.99 35.19 7.83
CA THR I 142 86.95 34.35 6.62
C THR I 142 85.63 33.58 6.51
N THR I 143 84.71 33.88 7.42
CA THR I 143 83.46 33.15 7.53
C THR I 143 82.28 34.11 7.73
N ALA I 144 81.28 34.02 6.86
CA ALA I 144 80.07 34.80 7.02
C ALA I 144 79.11 34.08 7.98
N GLY I 145 79.53 34.00 9.24
CA GLY I 145 78.82 33.21 10.24
C GLY I 145 78.97 33.64 11.68
N THR I 146 80.17 33.52 12.25
CA THR I 146 80.34 33.69 13.70
C THR I 146 80.42 35.14 14.20
N ALA I 147 81.05 36.00 13.41
CA ALA I 147 81.32 37.39 13.80
C ALA I 147 82.08 37.54 15.14
N SER I 148 82.99 36.62 15.42
CA SER I 148 83.85 36.69 16.62
C SER I 148 84.88 37.82 16.51
N GLU I 149 85.06 38.34 15.31
CA GLU I 149 85.94 39.48 15.05
C GLU I 149 85.39 40.79 15.59
N VAL I 150 84.12 40.80 16.01
CA VAL I 150 83.44 42.03 16.43
C VAL I 150 82.85 41.88 17.85
N THR I 151 83.37 40.90 18.59
CA THR I 151 82.71 40.36 19.76
C THR I 151 83.53 40.56 21.05
N ARG I 152 82.82 40.66 22.18
CA ARG I 152 83.44 40.85 23.51
C ARG I 152 83.73 39.52 24.21
N HIS I 153 83.37 38.43 23.55
CA HIS I 153 83.46 37.09 24.14
C HIS I 153 84.73 36.37 23.70
N CYS I 154 85.31 35.64 24.65
CA CYS I 154 86.35 34.66 24.39
C CYS I 154 85.83 33.35 24.95
N VAL I 155 85.62 32.36 24.09
CA VAL I 155 85.15 31.05 24.54
C VAL I 155 86.12 29.91 24.20
N LEU I 156 86.74 29.37 25.24
CA LEU I 156 87.66 28.23 25.12
C LEU I 156 87.10 26.98 25.81
N THR I 157 87.80 25.87 25.60
CA THR I 157 87.49 24.59 26.23
C THR I 157 88.57 24.25 27.25
N ASN I 158 88.15 23.87 28.45
CA ASN I 158 89.05 23.49 29.52
C ASN I 158 89.31 21.99 29.52
N THR I 159 90.56 21.59 29.32
CA THR I 159 90.95 20.19 29.17
C THR I 159 90.81 19.38 30.48
N GLU I 160 91.00 20.04 31.62
CA GLU I 160 90.84 19.43 32.94
C GLU I 160 89.39 19.06 33.25
N THR I 161 88.49 20.06 33.22
CA THR I 161 87.08 19.85 33.55
C THR I 161 86.28 19.22 32.40
N LYS I 162 86.74 19.46 31.18
CA LYS I 162 86.08 19.04 29.93
C LYS I 162 85.09 20.07 29.38
N VAL I 163 84.49 20.86 30.26
CA VAL I 163 83.47 21.85 29.88
C VAL I 163 84.05 23.19 29.40
N LYS I 164 83.30 23.87 28.54
CA LYS I 164 83.69 25.18 28.00
C LYS I 164 83.51 26.32 29.01
N PHE I 165 84.23 27.41 28.79
CA PHE I 165 84.07 28.61 29.61
C PHE I 165 84.18 29.91 28.80
N VAL I 166 83.44 30.93 29.21
CA VAL I 166 83.45 32.23 28.52
C VAL I 166 84.16 33.32 29.35
N ILE I 167 84.86 34.21 28.65
CA ILE I 167 85.44 35.40 29.25
C ILE I 167 84.84 36.60 28.51
N VAL I 168 83.99 37.36 29.21
CA VAL I 168 83.23 38.46 28.61
C VAL I 168 83.84 39.78 29.05
N SER I 169 84.35 40.57 28.10
CA SER I 169 84.98 41.86 28.41
C SER I 169 85.09 42.82 27.23
N TRP I 170 84.99 44.13 27.51
CA TRP I 170 85.22 45.15 26.47
C TRP I 170 86.65 45.12 25.95
N ARG I 171 87.58 44.66 26.78
CA ARG I 171 88.98 44.53 26.40
C ARG I 171 89.21 43.36 25.42
N ASN I 172 88.17 42.55 25.19
CA ASN I 172 88.24 41.44 24.24
C ASN I 172 87.95 41.85 22.81
N LEU I 173 87.36 43.04 22.67
CA LEU I 173 87.08 43.62 21.35
C LEU I 173 88.39 43.78 20.60
N PRO I 174 88.49 43.17 19.40
CA PRO I 174 89.69 43.42 18.58
C PRO I 174 89.90 44.90 18.31
N SER I 175 91.15 45.33 18.20
CA SER I 175 91.46 46.70 17.84
C SER I 175 90.83 47.04 16.49
N VAL I 176 90.90 46.08 15.57
CA VAL I 176 90.41 46.24 14.20
C VAL I 176 89.83 44.93 13.68
N SER I 177 88.70 45.01 12.99
CA SER I 177 88.17 43.86 12.25
C SER I 177 88.27 44.07 10.74
N ILE I 178 88.53 43.00 10.01
CA ILE I 178 88.59 43.06 8.56
C ILE I 178 87.69 41.99 7.97
N ASN I 179 86.73 42.42 7.14
CA ASN I 179 85.79 41.51 6.52
C ASN I 179 85.86 41.53 5.00
N ASP I 180 86.79 40.76 4.46
CA ASP I 180 87.03 40.72 3.03
C ASP I 180 86.30 39.52 2.42
N PRO I 181 85.24 39.77 1.64
CA PRO I 181 84.50 38.69 0.99
C PRO I 181 85.34 37.90 0.01
N LEU I 182 86.28 38.57 -0.66
CA LEU I 182 87.21 37.90 -1.59
C LEU I 182 87.96 36.74 -0.94
N LEU I 183 88.10 36.79 0.38
CA LEU I 183 88.74 35.72 1.16
C LEU I 183 87.78 34.58 1.52
N MET I 184 86.52 34.69 1.09
CA MET I 184 85.48 33.72 1.47
C MET I 184 84.95 32.87 0.31
N ILE I 185 85.27 33.25 -0.93
CA ILE I 185 84.83 32.53 -2.13
C ILE I 185 85.03 31.00 -2.05
N GLY I 186 86.14 30.58 -1.47
CA GLY I 186 86.51 29.16 -1.42
C GLY I 186 85.69 28.26 -0.51
N LYS I 187 84.70 28.82 0.18
CA LYS I 187 83.82 28.06 1.08
C LYS I 187 82.85 27.17 0.30
N PRO I 188 82.80 25.86 0.64
CA PRO I 188 81.89 24.92 -0.02
C PRO I 188 80.43 25.13 0.37
N ALA I 189 79.53 24.81 -0.55
CA ALA I 189 78.09 25.09 -0.43
C ALA I 189 77.50 24.76 0.95
N ALA I 190 77.82 23.58 1.46
CA ALA I 190 77.31 23.12 2.75
C ALA I 190 77.77 24.02 3.90
N LEU I 191 79.02 24.46 3.82
CA LEU I 191 79.63 25.30 4.86
C LEU I 191 79.09 26.73 4.85
N THR I 192 78.83 27.27 3.66
CA THR I 192 78.27 28.61 3.56
C THR I 192 76.79 28.61 3.93
N ALA I 193 76.15 27.46 3.75
CA ALA I 193 74.76 27.25 4.20
C ALA I 193 74.69 27.21 5.71
N ALA I 194 75.60 26.47 6.33
CA ALA I 194 75.65 26.31 7.78
C ALA I 194 76.00 27.63 8.49
N THR I 195 77.03 28.30 8.00
CA THR I 195 77.46 29.56 8.59
C THR I 195 76.49 30.70 8.27
N GLY I 196 75.81 30.60 7.13
CA GLY I 196 74.76 31.54 6.77
C GLY I 196 73.62 31.48 7.77
N MET I 197 73.24 30.25 8.14
CA MET I 197 72.18 30.03 9.12
C MET I 197 72.57 30.47 10.54
N ASP I 198 73.85 30.29 10.89
CA ASP I 198 74.43 30.83 12.13
C ASP I 198 74.11 32.33 12.24
N ALA I 199 74.53 33.07 11.21
CA ALA I 199 74.25 34.50 11.10
C ALA I 199 72.77 34.82 11.20
N LEU I 200 71.92 34.00 10.57
CA LEU I 200 70.47 34.22 10.63
C LEU I 200 70.01 34.08 12.07
N THR I 201 70.50 33.04 12.74
CA THR I 201 70.16 32.78 14.13
C THR I 201 70.64 33.92 15.03
N HIS I 202 71.83 34.44 14.77
CA HIS I 202 72.31 35.63 15.47
C HIS I 202 71.32 36.77 15.30
N ALA I 203 70.90 37.00 14.06
CA ALA I 203 70.03 38.13 13.78
C ALA I 203 68.64 38.01 14.39
N VAL I 204 67.96 36.86 14.25
CA VAL I 204 66.59 36.81 14.79
C VAL I 204 66.60 36.76 16.31
N GLU I 205 67.56 36.05 16.90
CA GLU I 205 67.64 35.95 18.35
C GLU I 205 67.95 37.30 18.98
N ALA I 206 68.87 38.04 18.38
CA ALA I 206 69.19 39.40 18.82
C ALA I 206 67.97 40.31 18.66
N TYR I 207 67.23 40.11 17.57
CA TYR I 207 66.08 40.94 17.29
C TYR I 207 64.97 40.72 18.30
N ILE I 208 64.69 39.47 18.63
CA ILE I 208 63.60 39.15 19.57
C ILE I 208 64.02 39.05 21.05
N SER I 209 65.31 39.19 21.32
CA SER I 209 65.85 39.10 22.68
C SER I 209 65.20 40.09 23.66
N LYS I 210 65.19 39.72 24.95
CA LYS I 210 64.74 40.61 26.02
C LYS I 210 65.55 41.91 26.07
N ASP I 211 66.78 41.85 25.56
CA ASP I 211 67.73 42.95 25.64
C ASP I 211 67.81 43.75 24.35
N ALA I 212 66.93 43.43 23.40
CA ALA I 212 66.81 44.18 22.15
C ALA I 212 66.45 45.63 22.39
N ASN I 213 66.96 46.50 21.53
CA ASN I 213 66.59 47.93 21.50
C ASN I 213 66.71 48.47 20.08
N PRO I 214 66.13 49.66 19.80
CA PRO I 214 66.17 50.22 18.45
C PRO I 214 67.54 50.29 17.77
N VAL I 215 68.60 50.52 18.55
CA VAL I 215 69.97 50.55 18.00
C VAL I 215 70.41 49.15 17.54
N THR I 216 70.18 48.18 18.41
CA THR I 216 70.39 46.76 18.14
C THR I 216 69.54 46.29 16.95
N ASP I 217 68.25 46.60 17.00
CA ASP I 217 67.30 46.24 15.96
C ASP I 217 67.75 46.69 14.58
N ALA I 218 68.39 47.86 14.50
CA ALA I 218 68.93 48.33 13.22
C ALA I 218 69.84 47.29 12.57
N ALA I 219 70.79 46.75 13.33
CA ALA I 219 71.70 45.74 12.79
C ALA I 219 70.98 44.43 12.46
N ALA I 220 70.13 43.96 13.35
CA ALA I 220 69.47 42.66 13.17
C ALA I 220 68.50 42.65 11.98
N MET I 221 67.72 43.71 11.83
CA MET I 221 66.77 43.85 10.72
C MET I 221 67.45 43.83 9.35
N GLN I 222 68.53 44.60 9.19
CA GLN I 222 69.28 44.56 7.94
C GLN I 222 69.92 43.19 7.68
N ALA I 223 70.47 42.60 8.73
CA ALA I 223 71.04 41.25 8.65
C ALA I 223 70.01 40.26 8.07
N ILE I 224 68.80 40.28 8.62
CA ILE I 224 67.76 39.34 8.19
C ILE I 224 67.38 39.58 6.73
N ARG I 225 67.16 40.83 6.39
CA ARG I 225 66.89 41.26 5.03
C ARG I 225 67.97 40.80 4.04
N LEU I 226 69.23 41.05 4.39
CA LEU I 226 70.36 40.65 3.54
C LEU I 226 70.46 39.12 3.38
N ILE I 227 70.29 38.39 4.48
CA ILE I 227 70.37 36.94 4.45
C ILE I 227 69.25 36.37 3.58
N ALA I 228 68.04 36.89 3.75
CA ALA I 228 66.90 36.49 2.94
C ALA I 228 67.06 36.78 1.46
N ARG I 229 67.90 37.77 1.12
CA ARG I 229 68.09 38.13 -0.28
C ARG I 229 69.34 37.55 -0.93
N ASN I 230 70.17 36.89 -0.13
CA ASN I 230 71.49 36.46 -0.59
C ASN I 230 71.97 35.06 -0.23
N LEU I 231 71.44 34.48 0.85
CA LEU I 231 71.92 33.18 1.30
C LEU I 231 71.71 32.08 0.24
N ARG I 232 70.49 31.95 -0.27
CA ARG I 232 70.18 31.02 -1.35
C ARG I 232 71.20 31.15 -2.50
N GLN I 233 71.51 32.39 -2.86
CA GLN I 233 72.38 32.68 -4.00
C GLN I 233 73.84 32.35 -3.70
N ALA I 234 74.23 32.55 -2.45
CA ALA I 234 75.60 32.32 -2.00
C ALA I 234 75.96 30.83 -1.96
N VAL I 235 75.02 30.00 -1.51
CA VAL I 235 75.25 28.55 -1.48
C VAL I 235 75.16 27.92 -2.88
N ALA I 236 74.36 28.54 -3.76
CA ALA I 236 74.20 28.07 -5.13
C ALA I 236 75.47 28.27 -5.93
N LEU I 237 76.16 29.37 -5.67
CA LEU I 237 77.40 29.68 -6.35
C LEU I 237 78.31 30.47 -5.42
N GLY I 238 79.39 29.84 -4.99
CA GLY I 238 80.34 30.47 -4.08
C GLY I 238 81.13 31.57 -4.75
N SER I 239 81.10 31.60 -6.08
CA SER I 239 81.88 32.56 -6.86
C SER I 239 81.10 33.83 -7.15
N ASN I 240 79.80 33.80 -6.85
CA ASN I 240 78.95 34.99 -6.87
C ASN I 240 79.46 35.99 -5.84
N LEU I 241 80.11 37.05 -6.32
CA LEU I 241 80.74 38.03 -5.45
C LEU I 241 79.72 38.89 -4.70
N GLN I 242 78.73 39.38 -5.43
CA GLN I 242 77.67 40.23 -4.89
C GLN I 242 77.02 39.57 -3.69
N ALA I 243 76.64 38.30 -3.85
CA ALA I 243 76.05 37.48 -2.77
C ALA I 243 76.99 37.27 -1.59
N ARG I 244 78.29 37.11 -1.87
CA ARG I 244 79.32 36.90 -0.86
C ARG I 244 79.57 38.16 -0.03
N GLU I 245 79.54 39.32 -0.68
CA GLU I 245 79.63 40.63 -0.02
C GLU I 245 78.52 40.77 1.02
N TYR I 246 77.29 40.57 0.57
CA TYR I 246 76.10 40.77 1.39
C TYR I 246 76.01 39.79 2.56
N MET I 247 76.52 38.59 2.37
CA MET I 247 76.62 37.63 3.46
C MET I 247 77.66 38.08 4.50
N ALA I 248 78.80 38.57 4.03
CA ALA I 248 79.80 39.14 4.92
C ALA I 248 79.21 40.31 5.73
N TYR I 249 78.57 41.25 5.03
CA TYR I 249 77.90 42.37 5.68
C TYR I 249 76.82 41.93 6.67
N ALA I 250 75.99 40.97 6.26
CA ALA I 250 74.93 40.43 7.11
C ALA I 250 75.48 39.80 8.38
N SER I 251 76.50 38.97 8.22
CA SER I 251 77.13 38.31 9.36
C SER I 251 77.73 39.32 10.33
N LEU I 252 78.37 40.35 9.77
CA LEU I 252 78.96 41.43 10.55
C LEU I 252 77.90 42.19 11.33
N LEU I 253 76.80 42.55 10.65
CA LEU I 253 75.68 43.25 11.30
C LEU I 253 75.03 42.39 12.38
N ALA I 254 74.82 41.10 12.09
CA ALA I 254 74.30 40.17 13.09
C ALA I 254 75.18 40.17 14.33
N GLY I 255 76.50 40.22 14.13
CA GLY I 255 77.45 40.42 15.23
C GLY I 255 77.16 41.67 16.03
N MET I 256 77.13 42.81 15.35
CA MET I 256 76.84 44.10 15.98
C MET I 256 75.53 44.06 16.78
N ALA I 257 74.56 43.32 16.26
CA ALA I 257 73.31 43.14 16.99
C ALA I 257 73.54 42.27 18.24
N PHE I 258 73.93 41.01 18.05
CA PHE I 258 73.90 40.04 19.14
C PHE I 258 74.97 40.24 20.23
N ASN I 259 76.09 40.83 19.85
CA ASN I 259 77.12 41.16 20.83
C ASN I 259 76.52 42.01 21.93
N ASN I 260 75.42 42.67 21.58
CA ASN I 260 74.82 43.70 22.42
C ASN I 260 73.41 43.41 22.85
N ALA I 261 72.66 42.68 22.04
CA ALA I 261 71.31 42.27 22.41
C ALA I 261 71.25 40.82 22.94
N ASN I 262 72.34 40.08 22.77
CA ASN I 262 72.43 38.66 23.17
C ASN I 262 71.52 37.75 22.33
N LEU I 263 71.62 36.45 22.61
CA LEU I 263 70.93 35.41 21.85
C LEU I 263 69.75 34.81 22.64
N GLY I 264 69.47 33.51 22.44
CA GLY I 264 68.39 32.83 23.16
C GLY I 264 68.49 31.32 23.22
N TYR I 265 67.32 30.68 23.25
CA TYR I 265 67.19 29.22 23.37
C TYR I 265 67.82 28.43 22.24
N VAL I 266 67.88 29.00 21.03
CA VAL I 266 68.48 28.27 19.91
C VAL I 266 69.93 27.93 20.27
N HIS I 267 70.68 28.96 20.64
CA HIS I 267 72.07 28.77 21.03
C HIS I 267 72.21 27.97 22.32
N ALA I 268 71.30 28.22 23.25
CA ALA I 268 71.27 27.44 24.47
C ALA I 268 71.22 25.96 24.12
N MET I 269 70.33 25.59 23.19
CA MET I 269 70.14 24.20 22.80
C MET I 269 71.21 23.69 21.84
N ALA I 270 71.67 24.58 20.96
CA ALA I 270 72.67 24.24 19.94
C ALA I 270 74.06 23.94 20.50
N HIS I 271 74.39 24.51 21.68
CA HIS I 271 75.67 24.22 22.33
C HIS I 271 75.67 22.81 22.91
N GLN I 272 74.47 22.28 23.17
CA GLN I 272 74.31 20.93 23.71
C GLN I 272 74.46 19.90 22.60
N LEU I 273 73.95 20.23 21.43
CA LEU I 273 74.16 19.43 20.23
C LEU I 273 75.63 19.44 19.83
N GLY I 274 76.30 20.55 20.14
CA GLY I 274 77.75 20.65 19.97
C GLY I 274 78.51 19.86 21.03
N GLY I 275 78.05 19.94 22.27
CA GLY I 275 78.70 19.26 23.40
C GLY I 275 78.59 17.75 23.39
N LEU I 276 77.54 17.24 22.78
CA LEU I 276 77.27 15.79 22.82
C LEU I 276 77.57 15.04 21.52
N TYR I 277 77.69 15.77 20.41
CA TYR I 277 77.94 15.15 19.11
C TYR I 277 78.98 15.92 18.28
N ASP I 278 79.55 16.96 18.88
CA ASP I 278 80.30 18.01 18.16
C ASP I 278 79.75 18.30 16.76
N MET I 279 78.43 18.39 16.69
CA MET I 279 77.69 18.78 15.50
C MET I 279 78.13 20.18 15.09
N PRO I 280 78.39 20.40 13.79
CA PRO I 280 78.73 21.75 13.32
C PRO I 280 77.78 22.79 13.90
N HIS I 281 78.32 23.73 14.67
CA HIS I 281 77.53 24.79 15.32
C HIS I 281 76.48 25.41 14.39
N GLY I 282 76.84 25.58 13.12
CA GLY I 282 75.92 26.12 12.13
C GLY I 282 74.69 25.27 11.91
N VAL I 283 74.89 23.95 11.75
CA VAL I 283 73.76 23.05 11.46
C VAL I 283 72.87 22.81 12.68
N ALA I 284 73.47 22.80 13.87
CA ALA I 284 72.69 22.70 15.13
C ALA I 284 71.71 23.85 15.27
N ASN I 285 72.14 25.05 14.86
CA ASN I 285 71.29 26.24 14.87
C ASN I 285 70.22 26.21 13.80
N ALA I 286 70.60 25.75 12.61
CA ALA I 286 69.72 25.77 11.43
C ALA I 286 68.56 24.81 11.59
N VAL I 287 68.83 23.66 12.21
CA VAL I 287 67.81 22.64 12.40
C VAL I 287 66.90 22.99 13.57
N LEU I 288 67.38 23.87 14.45
CA LEU I 288 66.62 24.27 15.63
C LEU I 288 65.82 25.54 15.42
N LEU I 289 66.41 26.50 14.72
CA LEU I 289 65.83 27.83 14.51
C LEU I 289 64.30 27.84 14.37
N PRO I 290 63.74 27.13 13.36
CA PRO I 290 62.30 27.20 13.11
C PRO I 290 61.45 26.76 14.30
N HIS I 291 61.89 25.72 15.00
CA HIS I 291 61.13 25.20 16.14
C HIS I 291 61.21 26.10 17.36
N VAL I 292 62.40 26.63 17.63
CA VAL I 292 62.56 27.60 18.71
C VAL I 292 61.79 28.88 18.40
N ALA I 293 61.85 29.33 17.14
CA ALA I 293 61.08 30.51 16.71
C ALA I 293 59.57 30.33 16.88
N ARG I 294 59.02 29.20 16.45
CA ARG I 294 57.60 28.92 16.66
C ARG I 294 57.25 29.00 18.15
N TYR I 295 58.10 28.39 18.98
CA TYR I 295 57.93 28.40 20.42
C TYR I 295 57.98 29.81 21.01
N ASN I 296 58.81 30.66 20.42
CA ASN I 296 59.02 32.03 20.87
C ASN I 296 58.02 33.04 20.35
N LEU I 297 57.22 32.62 19.36
CA LEU I 297 56.29 33.52 18.67
C LEU I 297 55.35 34.28 19.64
N ILE I 298 54.79 33.56 20.61
CA ILE I 298 53.85 34.18 21.56
C ILE I 298 54.46 35.31 22.41
N ALA I 299 55.80 35.35 22.50
CA ALA I 299 56.47 36.37 23.28
C ALA I 299 56.42 37.76 22.61
N ASN I 300 56.51 37.77 21.28
CA ASN I 300 56.44 39.01 20.52
C ASN I 300 55.90 38.79 19.10
N PRO I 301 54.59 38.50 18.96
CA PRO I 301 54.02 38.27 17.64
C PRO I 301 54.32 39.40 16.65
N GLU I 302 54.36 40.63 17.14
CA GLU I 302 54.63 41.80 16.29
C GLU I 302 56.01 41.74 15.62
N LYS I 303 57.03 41.31 16.37
CA LYS I 303 58.40 41.24 15.83
C LYS I 303 58.61 40.03 14.91
N PHE I 304 57.77 39.00 15.04
CA PHE I 304 57.78 37.93 14.05
C PHE I 304 57.11 38.36 12.74
N ALA I 305 56.03 39.12 12.86
CA ALA I 305 55.44 39.78 11.69
C ALA I 305 56.47 40.62 10.95
N ASP I 306 57.29 41.37 11.69
CA ASP I 306 58.38 42.15 11.08
C ASP I 306 59.33 41.23 10.31
N ILE I 307 59.75 40.14 10.95
CA ILE I 307 60.67 39.16 10.35
C ILE I 307 60.13 38.63 9.02
N ALA I 308 58.84 38.29 8.97
CA ALA I 308 58.20 37.83 7.73
C ALA I 308 58.39 38.85 6.60
N GLU I 309 58.10 40.11 6.90
CA GLU I 309 58.22 41.19 5.95
C GLU I 309 59.69 41.36 5.56
N LEU I 310 60.56 41.41 6.57
CA LEU I 310 62.01 41.47 6.35
C LEU I 310 62.47 40.40 5.37
N MET I 311 61.92 39.20 5.50
CA MET I 311 62.31 38.08 4.64
C MET I 311 61.61 38.03 3.27
N GLY I 312 60.76 39.02 2.99
CA GLY I 312 60.17 39.15 1.67
C GLY I 312 58.75 38.64 1.53
N GLU I 313 58.16 38.17 2.64
CA GLU I 313 56.78 37.68 2.62
C GLU I 313 55.77 38.83 2.45
N ASN I 314 54.71 38.57 1.69
CA ASN I 314 53.60 39.51 1.56
C ASN I 314 52.65 39.41 2.75
N ILE I 315 52.48 40.54 3.42
CA ILE I 315 51.81 40.62 4.72
C ILE I 315 50.53 41.47 4.63
N THR I 316 50.34 42.12 3.48
CA THR I 316 49.28 43.11 3.26
C THR I 316 48.00 42.96 4.10
N GLY I 317 47.23 41.90 3.87
CA GLY I 317 45.91 41.83 4.49
C GLY I 317 45.81 41.07 5.81
N LEU I 318 46.94 40.75 6.42
CA LEU I 318 46.93 39.73 7.47
C LEU I 318 46.90 40.27 8.91
N SER I 319 46.21 39.54 9.78
CA SER I 319 46.36 39.72 11.21
C SER I 319 47.82 39.50 11.61
N THR I 320 48.24 40.16 12.68
CA THR I 320 49.61 40.04 13.18
C THR I 320 50.02 38.57 13.36
N LEU I 321 49.12 37.76 13.91
CA LEU I 321 49.35 36.34 14.12
C LEU I 321 49.57 35.58 12.81
N ASP I 322 48.68 35.79 11.83
CA ASP I 322 48.85 35.15 10.53
C ASP I 322 50.19 35.58 9.90
N ALA I 323 50.54 36.85 10.10
CA ALA I 323 51.80 37.40 9.57
C ALA I 323 53.01 36.80 10.28
N ALA I 324 52.91 36.64 11.60
CA ALA I 324 53.92 35.97 12.40
C ALA I 324 54.18 34.52 11.95
N GLU I 325 53.11 33.81 11.57
CA GLU I 325 53.21 32.43 11.04
C GLU I 325 54.08 32.36 9.80
N LYS I 326 53.98 33.38 8.95
CA LYS I 326 54.72 33.42 7.68
C LYS I 326 56.22 33.51 7.87
N ALA I 327 56.66 34.13 8.98
CA ALA I 327 58.08 34.15 9.35
C ALA I 327 58.60 32.73 9.58
N ILE I 328 57.83 31.93 10.32
CA ILE I 328 58.20 30.54 10.56
C ILE I 328 58.32 29.78 9.24
N ALA I 329 57.27 29.83 8.42
CA ALA I 329 57.28 29.22 7.08
C ALA I 329 58.47 29.70 6.24
N ALA I 330 58.79 30.99 6.32
CA ALA I 330 59.86 31.57 5.52
C ALA I 330 61.23 31.02 5.94
N ILE I 331 61.43 30.94 7.25
CA ILE I 331 62.67 30.41 7.83
C ILE I 331 62.82 28.94 7.46
N THR I 332 61.76 28.14 7.65
CA THR I 332 61.86 26.73 7.25
C THR I 332 62.02 26.53 5.73
N ARG I 333 61.42 27.41 4.92
CA ARG I 333 61.59 27.36 3.46
C ARG I 333 63.06 27.58 3.06
N LEU I 334 63.69 28.60 3.65
CA LEU I 334 65.08 28.92 3.34
C LEU I 334 65.99 27.77 3.73
N SER I 335 65.73 27.22 4.92
CA SER I 335 66.47 26.07 5.44
C SER I 335 66.43 24.88 4.47
N MET I 336 65.23 24.54 4.01
CA MET I 336 65.06 23.46 3.05
C MET I 336 65.76 23.77 1.74
N ASP I 337 65.55 24.99 1.25
CA ASP I 337 66.07 25.42 -0.05
C ASP I 337 67.59 25.30 -0.16
N ILE I 338 68.30 25.48 0.97
CA ILE I 338 69.76 25.42 0.96
C ILE I 338 70.34 24.08 1.46
N GLY I 339 69.47 23.07 1.52
CA GLY I 339 69.90 21.70 1.81
C GLY I 339 70.31 21.39 3.24
N ILE I 340 69.88 22.23 4.18
CA ILE I 340 70.10 21.96 5.60
C ILE I 340 69.27 20.74 5.96
N PRO I 341 69.88 19.76 6.67
CA PRO I 341 69.10 18.60 7.12
C PRO I 341 67.98 19.02 8.08
N GLN I 342 66.76 18.54 7.82
CA GLN I 342 65.55 19.06 8.46
C GLN I 342 65.19 18.38 9.79
N HIS I 343 65.76 17.20 10.02
CA HIS I 343 65.42 16.41 11.20
C HIS I 343 66.68 15.98 11.93
N LEU I 344 66.76 16.29 13.22
CA LEU I 344 67.87 15.87 14.09
C LEU I 344 68.06 14.35 14.05
N ARG I 345 66.98 13.65 13.73
CA ARG I 345 66.94 12.21 13.48
C ARG I 345 68.05 11.75 12.53
N ASP I 346 68.32 12.56 11.52
CA ASP I 346 69.32 12.23 10.50
C ASP I 346 70.76 12.59 10.90
N LEU I 347 70.91 13.55 11.82
CA LEU I 347 72.23 13.93 12.33
C LEU I 347 72.75 13.03 13.46
N GLY I 348 71.97 12.01 13.83
CA GLY I 348 72.39 11.00 14.79
C GLY I 348 72.11 11.33 16.25
N VAL I 349 71.11 12.17 16.49
CA VAL I 349 70.71 12.55 17.85
C VAL I 349 69.87 11.43 18.47
N LYS I 350 70.01 11.24 19.79
CA LYS I 350 69.24 10.22 20.51
C LYS I 350 68.20 10.85 21.43
N GLU I 351 66.99 10.30 21.41
CA GLU I 351 65.83 10.87 22.09
C GLU I 351 65.88 10.92 23.62
N THR I 352 66.69 10.06 24.23
CA THR I 352 66.82 10.08 25.69
C THR I 352 68.07 10.84 26.15
N ASP I 353 68.62 11.62 25.23
CA ASP I 353 69.62 12.64 25.57
C ASP I 353 68.92 13.97 25.82
N PHE I 354 67.64 14.02 25.46
CA PHE I 354 66.82 15.23 25.62
C PHE I 354 66.73 15.77 27.05
N PRO I 355 66.39 14.91 28.05
CA PRO I 355 66.28 15.44 29.42
C PRO I 355 67.56 16.13 29.86
N TYR I 356 68.69 15.47 29.64
CA TYR I 356 70.02 15.98 29.99
C TYR I 356 70.35 17.27 29.22
N MET I 357 70.11 17.26 27.91
CA MET I 357 70.32 18.42 27.05
C MET I 357 69.47 19.64 27.43
N ALA I 358 68.22 19.40 27.79
CA ALA I 358 67.33 20.45 28.27
C ALA I 358 67.86 21.06 29.56
N GLU I 359 68.22 20.18 30.50
CA GLU I 359 68.75 20.58 31.81
C GLU I 359 69.92 21.56 31.67
N MET I 360 70.79 21.28 30.70
CA MET I 360 71.98 22.09 30.44
C MET I 360 71.65 23.37 29.67
N ALA I 361 70.77 23.27 28.68
CA ALA I 361 70.39 24.41 27.87
C ALA I 361 69.81 25.55 28.71
N LEU I 362 69.10 25.18 29.77
CA LEU I 362 68.49 26.15 30.67
C LEU I 362 69.57 26.86 31.49
N LYS I 363 70.70 26.20 31.68
CA LYS I 363 71.81 26.77 32.46
C LYS I 363 72.79 27.56 31.59
N ASP I 364 72.68 27.38 30.28
CA ASP I 364 73.55 28.08 29.33
C ASP I 364 73.34 29.59 29.40
N GLY I 365 74.43 30.34 29.31
CA GLY I 365 74.38 31.80 29.39
C GLY I 365 73.34 32.41 28.47
N ASN I 366 73.32 31.93 27.23
CA ASN I 366 72.41 32.41 26.18
C ASN I 366 70.91 32.28 26.50
N ALA I 367 70.58 31.43 27.47
CA ALA I 367 69.18 31.16 27.82
C ALA I 367 68.49 32.32 28.48
N PHE I 368 69.22 33.12 29.24
CA PHE I 368 68.61 34.13 30.10
C PHE I 368 67.93 35.26 29.31
N SER I 369 68.39 35.49 28.09
CA SER I 369 67.89 36.59 27.26
C SER I 369 66.74 36.16 26.33
N ASN I 370 66.43 34.87 26.32
CA ASN I 370 65.32 34.34 25.53
C ASN I 370 63.99 35.04 25.91
N PRO I 371 63.25 35.54 24.92
CA PRO I 371 62.04 36.31 25.24
C PRO I 371 60.93 35.50 25.92
N ARG I 372 61.02 34.18 25.84
CA ARG I 372 60.07 33.31 26.52
C ARG I 372 60.80 32.48 27.58
N LYS I 373 60.36 32.62 28.82
CA LYS I 373 60.94 31.81 29.90
C LYS I 373 60.27 30.45 29.92
N GLY I 374 61.07 29.43 29.67
CA GLY I 374 60.57 28.06 29.67
C GLY I 374 61.12 27.28 30.83
N ASN I 375 61.15 25.97 30.67
CA ASN I 375 61.70 25.05 31.65
C ASN I 375 62.18 23.79 30.94
N GLU I 376 62.78 22.86 31.69
CA GLU I 376 63.35 21.65 31.10
C GLU I 376 62.35 20.88 30.22
N GLN I 377 61.12 20.69 30.71
CA GLN I 377 60.07 19.99 29.97
C GLN I 377 59.82 20.59 28.58
N GLU I 378 59.67 21.91 28.52
CA GLU I 378 59.34 22.60 27.28
C GLU I 378 60.49 22.61 26.28
N ILE I 379 61.72 22.74 26.78
CA ILE I 379 62.91 22.64 25.94
C ILE I 379 63.13 21.21 25.42
N ALA I 380 62.80 20.21 26.25
CA ALA I 380 62.81 18.83 25.80
C ALA I 380 61.77 18.62 24.68
N ALA I 381 60.63 19.28 24.81
CA ALA I 381 59.55 19.18 23.84
C ALA I 381 59.87 19.90 22.53
N ILE I 382 60.66 20.97 22.61
CA ILE I 382 61.15 21.66 21.41
C ILE I 382 62.12 20.73 20.65
N PHE I 383 63.03 20.10 21.39
CA PHE I 383 63.95 19.10 20.83
C PHE I 383 63.24 18.02 20.03
N ARG I 384 62.15 17.50 20.59
CA ARG I 384 61.35 16.43 19.95
C ARG I 384 60.72 16.90 18.63
N GLN I 385 60.30 18.15 18.57
CA GLN I 385 59.77 18.75 17.33
C GLN I 385 60.82 18.86 16.24
N ALA I 386 62.08 19.07 16.64
CA ALA I 386 63.18 19.14 15.70
C ALA I 386 63.72 17.75 15.35
N PHE I 387 63.35 16.75 16.15
CA PHE I 387 63.77 15.38 15.92
C PHE I 387 63.05 14.81 14.69
N ARG J 4 -77.74 -59.45 24.42
CA ARG J 4 -78.40 -58.77 23.27
C ARG J 4 -78.93 -57.39 23.66
N MET J 5 -79.37 -57.26 24.91
CA MET J 5 -79.86 -55.99 25.47
C MET J 5 -79.07 -55.64 26.72
N PHE J 6 -78.89 -54.35 26.98
CA PHE J 6 -78.07 -53.91 28.11
C PHE J 6 -78.73 -52.81 28.93
N ASP J 7 -78.39 -52.78 30.22
CA ASP J 7 -78.72 -51.65 31.08
C ASP J 7 -77.46 -50.85 31.42
N TYR J 8 -77.65 -49.57 31.69
CA TYR J 8 -76.56 -48.66 31.99
C TYR J 8 -76.98 -47.75 33.15
N LEU J 9 -76.45 -48.03 34.33
CA LEU J 9 -76.80 -47.32 35.55
C LEU J 9 -75.69 -46.38 35.96
N VAL J 10 -76.09 -45.24 36.52
CA VAL J 10 -75.16 -44.18 36.91
C VAL J 10 -75.96 -43.17 37.73
N PRO J 11 -75.37 -42.66 38.84
CA PRO J 11 -76.03 -41.62 39.63
C PRO J 11 -76.62 -40.49 38.80
N ASN J 12 -77.77 -40.01 39.25
CA ASN J 12 -78.54 -38.92 38.64
C ASN J 12 -77.67 -37.70 38.32
N VAL J 13 -76.96 -37.23 39.33
CA VAL J 13 -76.21 -35.99 39.27
C VAL J 13 -74.78 -36.26 39.74
N ASN J 14 -73.81 -35.85 38.93
CA ASN J 14 -72.40 -36.05 39.27
C ASN J 14 -71.60 -34.77 39.18
N PHE J 15 -70.65 -34.59 40.10
CA PHE J 15 -69.79 -33.41 40.13
C PHE J 15 -68.30 -33.79 40.12
N PHE J 16 -67.53 -33.15 39.24
CA PHE J 16 -66.09 -33.33 39.21
C PHE J 16 -65.36 -32.03 38.84
N GLY J 17 -64.06 -31.99 39.16
CA GLY J 17 -63.25 -30.79 38.95
C GLY J 17 -62.80 -30.22 40.28
N PRO J 18 -61.70 -29.44 40.29
CA PRO J 18 -61.23 -28.85 41.54
C PRO J 18 -62.29 -27.95 42.18
N ASN J 19 -62.46 -28.12 43.50
CA ASN J 19 -63.39 -27.35 44.32
C ASN J 19 -64.85 -27.84 44.25
N ALA J 20 -65.06 -28.98 43.61
CA ALA J 20 -66.37 -29.63 43.54
C ALA J 20 -67.00 -29.88 44.91
N ILE J 21 -66.16 -30.05 45.92
CA ILE J 21 -66.64 -30.23 47.31
C ILE J 21 -67.60 -29.13 47.76
N SER J 22 -67.49 -27.94 47.16
CA SER J 22 -68.30 -26.78 47.56
C SER J 22 -69.81 -26.95 47.34
N VAL J 23 -70.21 -28.02 46.66
CA VAL J 23 -71.64 -28.27 46.39
C VAL J 23 -72.34 -29.20 47.38
N VAL J 24 -71.58 -29.92 48.21
CA VAL J 24 -72.16 -30.89 49.15
C VAL J 24 -73.37 -30.35 49.88
N GLY J 25 -73.19 -29.21 50.56
CA GLY J 25 -74.26 -28.58 51.32
C GLY J 25 -75.47 -28.21 50.47
N GLU J 26 -75.21 -27.57 49.33
CA GLU J 26 -76.28 -27.12 48.42
C GLU J 26 -77.11 -28.27 47.87
N ARG J 27 -76.45 -29.39 47.57
CA ARG J 27 -77.11 -30.55 46.99
C ARG J 27 -77.90 -31.37 48.01
N CYS J 28 -77.70 -31.06 49.29
CA CYS J 28 -78.52 -31.64 50.35
C CYS J 28 -79.84 -30.89 50.48
N GLN J 29 -79.78 -29.57 50.34
CA GLN J 29 -80.97 -28.71 50.34
C GLN J 29 -81.93 -29.09 49.21
N LEU J 30 -81.36 -29.48 48.06
CA LEU J 30 -82.14 -29.84 46.89
C LEU J 30 -82.76 -31.22 47.02
N LEU J 31 -82.07 -32.11 47.74
CA LEU J 31 -82.56 -33.47 47.95
C LEU J 31 -83.62 -33.54 49.03
N GLY J 32 -83.61 -32.56 49.94
CA GLY J 32 -84.59 -32.48 51.02
C GLY J 32 -84.01 -32.85 52.38
N GLY J 33 -82.69 -33.02 52.44
CA GLY J 33 -82.01 -33.43 53.66
C GLY J 33 -81.81 -32.32 54.69
N LYS J 34 -82.38 -32.53 55.87
CA LYS J 34 -82.27 -31.56 56.96
C LYS J 34 -81.01 -31.86 57.77
N LYS J 35 -80.80 -33.13 58.09
CA LYS J 35 -79.68 -33.57 58.92
C LYS J 35 -78.91 -34.70 58.23
N ALA J 36 -77.58 -34.60 58.25
CA ALA J 36 -76.74 -35.54 57.52
C ALA J 36 -75.93 -36.46 58.43
N LEU J 37 -75.94 -37.76 58.10
CA LEU J 37 -74.99 -38.69 58.68
C LEU J 37 -73.75 -38.74 57.80
N LEU J 38 -72.66 -38.20 58.32
CA LEU J 38 -71.38 -38.18 57.64
C LEU J 38 -70.65 -39.48 57.95
N VAL J 39 -70.43 -40.29 56.92
CA VAL J 39 -69.81 -41.60 57.08
C VAL J 39 -68.38 -41.56 56.58
N THR J 40 -67.43 -41.85 57.46
CA THR J 40 -66.01 -41.76 57.09
C THR J 40 -65.06 -42.67 57.89
N ASP J 41 -63.76 -42.53 57.61
CA ASP J 41 -62.70 -43.31 58.23
C ASP J 41 -62.18 -42.69 59.52
N LYS J 42 -61.58 -43.53 60.37
CA LYS J 42 -60.81 -43.05 61.51
C LYS J 42 -59.60 -42.25 61.00
N GLY J 43 -58.97 -42.77 59.94
CA GLY J 43 -57.80 -42.15 59.34
C GLY J 43 -58.10 -40.76 58.79
N LEU J 44 -59.13 -40.66 57.95
CA LEU J 44 -59.44 -39.42 57.24
C LEU J 44 -60.01 -38.31 58.11
N ARG J 45 -60.59 -38.68 59.25
CA ARG J 45 -61.09 -37.72 60.21
C ARG J 45 -59.95 -36.94 60.85
N LYS J 48 -58.68 -34.59 60.18
CA LYS J 48 -57.50 -34.19 60.93
C LYS J 48 -56.60 -33.34 60.05
N ASP J 49 -57.23 -32.66 59.10
CA ASP J 49 -56.51 -31.92 58.06
C ASP J 49 -57.43 -30.95 57.30
N GLY J 50 -58.11 -31.48 56.28
CA GLY J 50 -59.01 -30.71 55.45
C GLY J 50 -59.61 -31.55 54.33
N ALA J 51 -60.25 -32.65 54.71
CA ALA J 51 -60.90 -33.55 53.75
C ALA J 51 -62.36 -33.74 54.14
N VAL J 52 -62.58 -34.37 55.30
CA VAL J 52 -63.90 -34.40 55.93
C VAL J 52 -64.26 -32.99 56.41
N ASP J 53 -63.23 -32.23 56.76
CA ASP J 53 -63.36 -30.86 57.28
C ASP J 53 -64.02 -29.91 56.29
N LYS J 54 -63.71 -30.09 55.01
CA LYS J 54 -64.27 -29.24 53.96
C LYS J 54 -65.77 -29.46 53.78
N THR J 55 -66.18 -30.73 53.66
CA THR J 55 -67.61 -31.07 53.53
C THR J 55 -68.37 -30.70 54.81
N LEU J 56 -67.70 -30.83 55.95
CA LEU J 56 -68.22 -30.40 57.24
C LEU J 56 -68.42 -28.88 57.28
N HIS J 57 -67.58 -28.15 56.55
CA HIS J 57 -67.68 -26.70 56.46
C HIS J 57 -68.87 -26.27 55.58
N TYR J 58 -69.04 -26.94 54.44
CA TYR J 58 -70.12 -26.59 53.50
C TYR J 58 -71.48 -27.07 53.97
N LEU J 59 -71.50 -28.08 54.83
CA LEU J 59 -72.73 -28.61 55.42
C LEU J 59 -73.33 -27.63 56.44
N ARG J 60 -72.49 -27.07 57.31
CA ARG J 60 -72.94 -26.11 58.32
C ARG J 60 -73.23 -24.74 57.72
N GLU J 61 -72.58 -24.44 56.59
CA GLU J 61 -72.78 -23.18 55.87
C GLU J 61 -74.14 -23.16 55.17
N ALA J 62 -74.55 -24.31 54.65
CA ALA J 62 -75.85 -24.46 54.00
C ALA J 62 -76.96 -24.75 55.01
N GLY J 63 -76.59 -24.81 56.29
CA GLY J 63 -77.54 -25.00 57.38
C GLY J 63 -78.03 -26.42 57.50
N ILE J 64 -77.12 -27.37 57.30
CA ILE J 64 -77.42 -28.80 57.49
C ILE J 64 -76.71 -29.30 58.74
N GLU J 65 -77.49 -29.78 59.70
CA GLU J 65 -76.95 -30.41 60.91
C GLU J 65 -76.25 -31.71 60.57
N VAL J 66 -75.24 -32.07 61.38
CA VAL J 66 -74.38 -33.19 61.04
C VAL J 66 -73.88 -34.02 62.24
N ALA J 67 -74.31 -35.28 62.28
CA ALA J 67 -73.77 -36.26 63.21
C ALA J 67 -72.85 -37.18 62.43
N ILE J 68 -71.61 -37.33 62.90
CA ILE J 68 -70.62 -38.09 62.14
C ILE J 68 -70.42 -39.53 62.65
N PHE J 69 -70.19 -40.45 61.71
CA PHE J 69 -69.85 -41.84 62.03
C PHE J 69 -68.52 -42.20 61.38
N ASP J 70 -67.48 -42.28 62.21
CA ASP J 70 -66.13 -42.59 61.74
C ASP J 70 -65.73 -44.04 62.00
N GLY J 71 -66.71 -44.87 62.37
CA GLY J 71 -66.45 -46.25 62.77
C GLY J 71 -66.43 -47.26 61.63
N VAL J 72 -65.90 -46.83 60.48
CA VAL J 72 -65.83 -47.66 59.28
C VAL J 72 -64.43 -48.25 59.11
N GLU J 73 -64.35 -49.58 59.19
CA GLU J 73 -63.09 -50.32 59.05
C GLU J 73 -62.71 -50.48 57.58
N PRO J 74 -61.38 -50.58 57.29
CA PRO J 74 -60.97 -51.02 55.95
C PRO J 74 -61.48 -52.44 55.75
N ASN J 75 -62.24 -52.66 54.67
CA ASN J 75 -63.14 -53.81 54.55
C ASN J 75 -64.36 -53.59 55.46
N PRO J 76 -65.40 -52.93 54.93
CA PRO J 76 -66.56 -52.54 55.73
C PRO J 76 -67.29 -53.75 56.30
N LYS J 77 -67.53 -53.74 57.61
CA LYS J 77 -68.19 -54.85 58.29
C LYS J 77 -69.70 -54.62 58.40
N ASP J 78 -70.43 -55.70 58.65
CA ASP J 78 -71.88 -55.62 58.85
C ASP J 78 -72.23 -55.00 60.20
N THR J 79 -71.34 -55.16 61.17
CA THR J 79 -71.47 -54.53 62.48
C THR J 79 -71.16 -53.03 62.36
N ASN J 80 -70.35 -52.67 61.37
CA ASN J 80 -70.10 -51.27 61.03
C ASN J 80 -71.39 -50.59 60.55
N VAL J 81 -72.22 -51.35 59.87
CA VAL J 81 -73.54 -50.90 59.45
C VAL J 81 -74.48 -50.89 60.65
N ARG J 82 -74.36 -51.90 61.52
CA ARG J 82 -75.19 -52.00 62.72
C ARG J 82 -74.97 -50.80 63.63
N ASP J 83 -73.70 -50.53 63.94
CA ASP J 83 -73.32 -49.38 64.77
C ASP J 83 -73.60 -48.07 64.06
N GLY J 84 -73.43 -48.07 62.74
CA GLY J 84 -73.71 -46.89 61.91
C GLY J 84 -75.18 -46.52 61.88
N LEU J 85 -76.04 -47.53 61.75
CA LEU J 85 -77.49 -47.32 61.75
C LEU J 85 -78.01 -46.85 63.11
N ALA J 86 -77.31 -47.22 64.18
CA ALA J 86 -77.65 -46.76 65.53
C ALA J 86 -77.53 -45.25 65.66
N VAL J 87 -76.58 -44.65 64.92
CA VAL J 87 -76.39 -43.20 64.91
C VAL J 87 -77.49 -42.52 64.08
N PHE J 88 -77.69 -43.01 62.85
CA PHE J 88 -78.75 -42.53 61.94
C PHE J 88 -80.13 -42.48 62.61
N ARG J 89 -80.40 -43.44 63.49
CA ARG J 89 -81.70 -43.54 64.15
C ARG J 89 -81.77 -42.75 65.46
N ARG J 90 -80.70 -42.79 66.24
CA ARG J 90 -80.64 -42.09 67.53
C ARG J 90 -80.55 -40.56 67.35
N GLU J 91 -79.82 -40.13 66.33
CA GLU J 91 -79.64 -38.72 66.02
C GLU J 91 -80.67 -38.20 65.02
N GLN J 92 -81.48 -39.12 64.48
CA GLN J 92 -82.50 -38.81 63.47
C GLN J 92 -81.96 -38.06 62.26
N CYS J 93 -81.22 -38.77 61.42
CA CYS J 93 -80.64 -38.18 60.23
C CYS J 93 -81.57 -38.33 59.02
N ASP J 94 -81.43 -37.39 58.09
CA ASP J 94 -82.31 -37.27 56.95
C ASP J 94 -81.60 -37.77 55.70
N ILE J 95 -80.29 -37.52 55.63
CA ILE J 95 -79.48 -37.76 54.45
C ILE J 95 -78.12 -38.37 54.83
N ILE J 96 -77.52 -39.14 53.92
CA ILE J 96 -76.21 -39.79 54.14
C ILE J 96 -75.13 -39.16 53.26
N VAL J 97 -74.06 -38.70 53.89
CA VAL J 97 -72.92 -38.13 53.17
C VAL J 97 -71.69 -38.97 53.45
N THR J 98 -71.31 -39.81 52.48
CA THR J 98 -70.12 -40.65 52.62
C THR J 98 -68.91 -39.90 52.07
N VAL J 99 -67.84 -39.87 52.85
CA VAL J 99 -66.60 -39.21 52.43
C VAL J 99 -65.38 -40.10 52.66
N GLY J 100 -64.75 -40.51 51.56
CA GLY J 100 -63.57 -41.37 51.61
C GLY J 100 -63.40 -42.21 50.36
N GLY J 101 -62.71 -43.34 50.52
CA GLY J 101 -62.56 -44.31 49.45
C GLY J 101 -63.76 -45.25 49.40
N GLY J 102 -63.54 -46.46 48.91
CA GLY J 102 -64.60 -47.47 48.81
C GLY J 102 -65.34 -47.76 50.10
N SER J 103 -64.59 -47.97 51.19
CA SER J 103 -65.15 -48.38 52.49
C SER J 103 -66.29 -47.50 53.03
N PRO J 104 -66.06 -46.17 53.17
CA PRO J 104 -67.14 -45.25 53.54
C PRO J 104 -68.36 -45.30 52.61
N HIS J 105 -68.12 -45.51 51.33
CA HIS J 105 -69.22 -45.58 50.35
C HIS J 105 -70.03 -46.86 50.54
N ASP J 106 -69.33 -48.00 50.60
CA ASP J 106 -69.97 -49.30 50.82
C ASP J 106 -70.78 -49.35 52.11
N CYS J 107 -70.29 -48.66 53.14
CA CYS J 107 -70.94 -48.62 54.44
C CYS J 107 -72.18 -47.72 54.46
N GLY J 108 -72.06 -46.54 53.87
CA GLY J 108 -73.17 -45.59 53.77
C GLY J 108 -74.37 -46.15 53.05
N LYS J 109 -74.12 -46.94 51.99
CA LYS J 109 -75.18 -47.62 51.26
C LYS J 109 -75.85 -48.67 52.15
N GLY J 110 -75.02 -49.46 52.84
CA GLY J 110 -75.51 -50.48 53.77
C GLY J 110 -76.45 -49.88 54.80
N ILE J 111 -76.03 -48.76 55.39
CA ILE J 111 -76.86 -48.01 56.34
C ILE J 111 -78.16 -47.60 55.66
N GLY J 112 -78.06 -47.09 54.43
CA GLY J 112 -79.23 -46.71 53.65
C GLY J 112 -80.19 -47.88 53.44
N ILE J 113 -79.64 -49.03 53.11
CA ILE J 113 -80.42 -50.26 52.93
C ILE J 113 -81.08 -50.69 54.25
N ALA J 114 -80.26 -50.85 55.28
CA ALA J 114 -80.71 -51.35 56.59
C ALA J 114 -81.67 -50.40 57.30
N ALA J 115 -81.65 -49.12 56.94
CA ALA J 115 -82.55 -48.13 57.52
C ALA J 115 -83.90 -48.11 56.81
N THR J 116 -83.95 -48.72 55.63
CA THR J 116 -85.10 -48.62 54.76
C THR J 116 -85.76 -49.97 54.50
N HIS J 117 -85.01 -51.06 54.71
CA HIS J 117 -85.52 -52.40 54.49
C HIS J 117 -85.63 -53.19 55.78
N GLU J 118 -86.73 -53.94 55.92
CA GLU J 118 -87.08 -54.71 57.11
C GLU J 118 -85.87 -55.35 57.78
N GLY J 119 -85.87 -55.32 59.11
CA GLY J 119 -84.78 -55.85 59.96
C GLY J 119 -83.80 -56.84 59.36
N ASP J 120 -82.56 -56.77 59.84
CA ASP J 120 -81.42 -57.56 59.33
C ASP J 120 -80.91 -57.00 58.00
N LEU J 121 -79.84 -57.59 57.48
CA LEU J 121 -78.99 -56.96 56.47
C LEU J 121 -78.49 -57.95 55.42
N TYR J 122 -78.06 -59.12 55.89
CA TYR J 122 -77.45 -60.15 55.06
C TYR J 122 -78.45 -60.85 54.14
N GLN J 123 -79.74 -60.78 54.48
CA GLN J 123 -80.79 -61.49 53.74
C GLN J 123 -81.12 -60.92 52.35
N TYR J 124 -80.74 -59.67 52.12
CA TYR J 124 -81.02 -59.00 50.86
C TYR J 124 -79.91 -59.17 49.82
N ALA J 125 -78.93 -60.03 50.15
CA ALA J 125 -77.82 -60.32 49.25
C ALA J 125 -78.28 -60.96 47.94
N GLY J 126 -77.73 -60.47 46.84
CA GLY J 126 -78.06 -60.99 45.51
C GLY J 126 -78.34 -59.89 44.51
N ILE J 127 -79.09 -60.21 43.46
CA ILE J 127 -79.42 -59.25 42.40
C ILE J 127 -80.46 -58.21 42.85
N GLU J 128 -81.21 -57.66 41.89
CA GLU J 128 -82.19 -56.61 42.17
C GLU J 128 -83.25 -57.10 43.17
N THR J 129 -82.90 -57.04 44.45
CA THR J 129 -83.71 -57.61 45.54
C THR J 129 -84.16 -56.56 46.57
N LEU J 130 -84.00 -55.29 46.22
CA LEU J 130 -84.41 -54.19 47.10
C LEU J 130 -85.72 -53.59 46.60
N THR J 131 -86.59 -53.25 47.55
CA THR J 131 -87.97 -52.87 47.26
C THR J 131 -88.23 -51.36 47.35
N ASN J 132 -87.73 -50.73 48.42
CA ASN J 132 -87.98 -49.31 48.68
C ASN J 132 -86.73 -48.45 48.48
N PRO J 133 -86.90 -47.18 48.07
CA PRO J 133 -85.74 -46.29 47.88
C PRO J 133 -84.96 -46.06 49.17
N LEU J 134 -83.64 -45.99 49.07
CA LEU J 134 -82.79 -45.66 50.21
C LEU J 134 -82.95 -44.17 50.56
N PRO J 135 -82.48 -43.76 51.76
CA PRO J 135 -82.37 -42.33 52.01
C PRO J 135 -81.32 -41.73 51.08
N PRO J 136 -81.54 -40.48 50.61
CA PRO J 136 -80.59 -39.82 49.71
C PRO J 136 -79.13 -39.95 50.17
N ILE J 137 -78.25 -40.28 49.22
CA ILE J 137 -76.82 -40.41 49.52
C ILE J 137 -76.00 -39.47 48.64
N VAL J 138 -75.23 -38.60 49.29
CA VAL J 138 -74.27 -37.74 48.61
C VAL J 138 -72.86 -38.27 48.87
N ALA J 139 -72.34 -39.03 47.91
CA ALA J 139 -71.06 -39.72 48.06
C ALA J 139 -69.87 -38.90 47.55
N VAL J 140 -69.17 -38.24 48.49
CA VAL J 140 -67.96 -37.48 48.15
C VAL J 140 -66.73 -38.40 48.17
N ASN J 141 -66.13 -38.59 47.00
CA ASN J 141 -65.06 -39.56 46.81
C ASN J 141 -63.66 -38.97 46.91
N THR J 142 -62.79 -39.73 47.58
CA THR J 142 -61.46 -39.26 47.98
C THR J 142 -60.33 -39.98 47.27
N THR J 143 -60.66 -41.03 46.52
CA THR J 143 -59.68 -41.92 45.94
C THR J 143 -59.91 -42.14 44.44
N ALA J 144 -58.84 -42.02 43.66
CA ALA J 144 -58.91 -42.25 42.22
C ALA J 144 -58.64 -43.73 41.92
N GLY J 145 -59.57 -44.58 42.36
CA GLY J 145 -59.41 -46.02 42.28
C GLY J 145 -60.69 -46.82 42.18
N THR J 146 -61.51 -46.80 43.24
CA THR J 146 -62.64 -47.74 43.34
C THR J 146 -63.87 -47.35 42.54
N ALA J 147 -64.15 -46.05 42.47
CA ALA J 147 -65.38 -45.52 41.83
C ALA J 147 -66.70 -46.00 42.44
N SER J 148 -66.65 -46.40 43.72
CA SER J 148 -67.84 -46.89 44.43
C SER J 148 -68.97 -45.86 44.49
N GLU J 149 -68.61 -44.58 44.42
CA GLU J 149 -69.56 -43.47 44.48
C GLU J 149 -70.49 -43.43 43.25
N VAL J 150 -70.19 -44.29 42.29
CA VAL J 150 -70.90 -44.31 41.01
C VAL J 150 -71.52 -45.68 40.74
N THR J 151 -71.36 -46.60 41.70
CA THR J 151 -71.68 -48.00 41.49
C THR J 151 -73.03 -48.46 42.10
N ARG J 152 -73.55 -49.55 41.54
CA ARG J 152 -74.79 -50.19 41.99
C ARG J 152 -74.49 -51.17 43.11
N HIS J 153 -73.20 -51.38 43.37
CA HIS J 153 -72.73 -52.44 44.25
C HIS J 153 -72.59 -51.98 45.69
N CYS J 154 -73.03 -52.84 46.59
CA CYS J 154 -72.79 -52.69 48.01
C CYS J 154 -72.17 -53.99 48.50
N VAL J 155 -70.90 -53.93 48.90
CA VAL J 155 -70.20 -55.10 49.41
C VAL J 155 -69.73 -54.89 50.85
N LEU J 156 -70.30 -55.69 51.74
CA LEU J 156 -69.90 -55.73 53.15
C LEU J 156 -69.26 -57.09 53.49
N THR J 157 -68.60 -57.15 54.64
CA THR J 157 -68.03 -58.38 55.15
C THR J 157 -68.83 -58.88 56.33
N ASN J 158 -69.21 -60.15 56.30
CA ASN J 158 -69.94 -60.81 57.37
C ASN J 158 -69.01 -61.11 58.55
N THR J 159 -69.51 -60.90 59.76
CA THR J 159 -68.77 -61.20 60.99
C THR J 159 -68.96 -62.66 61.37
N GLU J 160 -70.14 -63.19 61.06
CA GLU J 160 -70.52 -64.58 61.40
C GLU J 160 -69.76 -65.60 60.55
N THR J 161 -69.74 -65.39 59.24
CA THR J 161 -69.14 -66.36 58.31
C THR J 161 -67.72 -65.99 57.89
N LYS J 162 -67.32 -64.74 58.17
CA LYS J 162 -66.04 -64.17 57.72
C LYS J 162 -65.88 -64.13 56.20
N VAL J 163 -67.01 -64.13 55.50
CA VAL J 163 -67.04 -64.08 54.04
C VAL J 163 -67.88 -62.89 53.57
N LYS J 164 -67.37 -62.19 52.56
CA LYS J 164 -68.05 -61.01 52.01
C LYS J 164 -69.34 -61.36 51.29
N PHE J 165 -70.31 -60.44 51.32
CA PHE J 165 -71.53 -60.59 50.52
C PHE J 165 -71.76 -59.36 49.65
N VAL J 166 -72.49 -59.55 48.55
CA VAL J 166 -72.79 -58.44 47.64
C VAL J 166 -74.30 -58.20 47.54
N ILE J 167 -74.69 -56.93 47.49
CA ILE J 167 -76.07 -56.52 47.22
C ILE J 167 -76.07 -55.61 46.00
N VAL J 168 -76.62 -56.12 44.90
CA VAL J 168 -76.60 -55.43 43.60
C VAL J 168 -77.97 -54.85 43.29
N SER J 169 -78.13 -53.53 43.45
CA SER J 169 -79.40 -52.87 43.16
C SER J 169 -79.24 -51.47 42.60
N TRP J 170 -80.11 -51.10 41.66
CA TRP J 170 -80.16 -49.76 41.10
C TRP J 170 -80.44 -48.72 42.18
N ARG J 171 -80.99 -49.16 43.30
CA ARG J 171 -81.32 -48.28 44.43
C ARG J 171 -80.09 -47.92 45.29
N ASN J 172 -79.00 -48.67 45.10
CA ASN J 172 -77.74 -48.39 45.78
C ASN J 172 -76.92 -47.30 45.09
N LEU J 173 -77.31 -46.95 43.87
CA LEU J 173 -76.75 -45.81 43.15
C LEU J 173 -76.92 -44.55 43.98
N PRO J 174 -75.80 -43.93 44.39
CA PRO J 174 -75.89 -42.71 45.19
C PRO J 174 -76.70 -41.64 44.47
N SER J 175 -77.33 -40.75 45.23
CA SER J 175 -78.15 -39.68 44.66
C SER J 175 -77.26 -38.71 43.91
N VAL J 176 -76.15 -38.31 44.53
CA VAL J 176 -75.17 -37.44 43.92
C VAL J 176 -73.76 -37.98 44.18
N SER J 177 -72.89 -37.89 43.17
CA SER J 177 -71.47 -38.21 43.36
C SER J 177 -70.62 -36.95 43.22
N ILE J 178 -69.58 -36.87 44.05
CA ILE J 178 -68.61 -35.77 44.01
C ILE J 178 -67.19 -36.29 43.94
N ASN J 179 -66.47 -35.85 42.90
CA ASN J 179 -65.09 -36.22 42.65
C ASN J 179 -64.21 -34.98 42.54
N ASP J 180 -63.71 -34.52 43.69
CA ASP J 180 -62.86 -33.34 43.77
C ASP J 180 -61.39 -33.71 43.95
N PRO J 181 -60.58 -33.49 42.90
CA PRO J 181 -59.13 -33.79 42.90
C PRO J 181 -58.32 -33.06 43.97
N LEU J 182 -58.79 -31.90 44.43
CA LEU J 182 -58.12 -31.15 45.50
C LEU J 182 -58.09 -31.93 46.81
N LEU J 183 -59.11 -32.77 47.00
CA LEU J 183 -59.21 -33.66 48.15
C LEU J 183 -58.28 -34.86 48.04
N MET J 184 -57.65 -35.03 46.87
CA MET J 184 -56.85 -36.22 46.60
C MET J 184 -55.33 -35.99 46.63
N ILE J 185 -54.91 -34.72 46.64
CA ILE J 185 -53.48 -34.36 46.62
C ILE J 185 -52.64 -35.07 47.70
N GLY J 186 -53.22 -35.27 48.87
CA GLY J 186 -52.49 -35.85 50.00
C GLY J 186 -52.22 -37.34 49.94
N LYS J 187 -52.64 -37.99 48.87
CA LYS J 187 -52.40 -39.42 48.69
C LYS J 187 -50.91 -39.70 48.47
N PRO J 188 -50.30 -40.52 49.35
CA PRO J 188 -48.90 -40.96 49.16
C PRO J 188 -48.72 -41.71 47.85
N ALA J 189 -47.56 -41.55 47.22
CA ALA J 189 -47.23 -42.16 45.92
C ALA J 189 -47.65 -43.62 45.78
N ALA J 190 -47.26 -44.45 46.76
CA ALA J 190 -47.59 -45.88 46.75
C ALA J 190 -49.09 -46.11 46.65
N LEU J 191 -49.86 -45.32 47.40
CA LEU J 191 -51.30 -45.42 47.43
C LEU J 191 -51.95 -44.96 46.11
N THR J 192 -51.42 -43.89 45.51
CA THR J 192 -52.00 -43.38 44.26
C THR J 192 -51.72 -44.34 43.11
N ALA J 193 -50.65 -45.12 43.26
CA ALA J 193 -50.25 -46.12 42.27
C ALA J 193 -51.19 -47.32 42.31
N ALA J 194 -51.47 -47.81 43.52
CA ALA J 194 -52.35 -48.97 43.71
C ALA J 194 -53.77 -48.67 43.26
N THR J 195 -54.30 -47.52 43.70
CA THR J 195 -55.63 -47.06 43.28
C THR J 195 -55.68 -46.80 41.77
N GLY J 196 -54.55 -46.36 41.22
CA GLY J 196 -54.44 -46.09 39.79
C GLY J 196 -54.55 -47.34 38.94
N MET J 197 -53.92 -48.42 39.40
CA MET J 197 -53.93 -49.69 38.70
C MET J 197 -55.29 -50.38 38.86
N ASP J 198 -55.92 -50.18 40.02
CA ASP J 198 -57.29 -50.60 40.25
C ASP J 198 -58.20 -49.98 39.18
N ALA J 199 -58.02 -48.69 38.94
CA ALA J 199 -58.78 -47.97 37.91
C ALA J 199 -58.49 -48.52 36.51
N LEU J 200 -57.22 -48.79 36.22
CA LEU J 200 -56.82 -49.40 34.96
C LEU J 200 -57.52 -50.74 34.81
N THR J 201 -57.40 -51.58 35.84
CA THR J 201 -58.01 -52.91 35.85
C THR J 201 -59.51 -52.82 35.56
N HIS J 202 -60.20 -51.90 36.22
CA HIS J 202 -61.61 -51.65 35.92
C HIS J 202 -61.82 -51.38 34.42
N ALA J 203 -60.99 -50.52 33.83
CA ALA J 203 -61.13 -50.13 32.44
C ALA J 203 -60.89 -51.28 31.44
N VAL J 204 -59.79 -52.01 31.57
CA VAL J 204 -59.51 -53.08 30.60
C VAL J 204 -60.47 -54.26 30.75
N GLU J 205 -60.80 -54.62 31.99
CA GLU J 205 -61.69 -55.73 32.21
C GLU J 205 -63.08 -55.41 31.67
N ALA J 206 -63.53 -54.17 31.88
CA ALA J 206 -64.79 -53.68 31.32
C ALA J 206 -64.72 -53.60 29.80
N TYR J 207 -63.57 -53.20 29.29
CA TYR J 207 -63.38 -53.11 27.85
C TYR J 207 -63.47 -54.48 27.16
N ILE J 208 -62.93 -55.51 27.80
CA ILE J 208 -62.87 -56.86 27.21
C ILE J 208 -63.96 -57.83 27.70
N SER J 209 -64.78 -57.37 28.63
CA SER J 209 -65.87 -58.16 29.22
C SER J 209 -66.83 -58.72 28.17
N LYS J 210 -67.47 -59.84 28.48
CA LYS J 210 -68.50 -60.43 27.61
C LYS J 210 -69.71 -59.49 27.49
N ASP J 211 -69.89 -58.64 28.49
CA ASP J 211 -70.99 -57.68 28.54
C ASP J 211 -70.62 -56.29 28.01
N ALA J 212 -69.41 -56.17 27.49
CA ALA J 212 -68.98 -54.95 26.83
C ALA J 212 -69.92 -54.60 25.67
N ASN J 213 -70.22 -53.31 25.56
CA ASN J 213 -70.99 -52.73 24.46
C ASN J 213 -70.37 -51.38 24.07
N PRO J 214 -70.72 -50.83 22.89
CA PRO J 214 -70.20 -49.52 22.49
C PRO J 214 -70.34 -48.39 23.51
N VAL J 215 -71.43 -48.35 24.27
CA VAL J 215 -71.65 -47.30 25.27
C VAL J 215 -70.64 -47.40 26.42
N THR J 216 -70.47 -48.62 26.95
CA THR J 216 -69.49 -48.89 27.99
C THR J 216 -68.06 -48.68 27.48
N ASP J 217 -67.80 -49.13 26.27
CA ASP J 217 -66.49 -48.95 25.65
C ASP J 217 -66.10 -47.49 25.68
N ALA J 218 -67.05 -46.59 25.40
CA ALA J 218 -66.78 -45.16 25.36
C ALA J 218 -66.01 -44.70 26.59
N ALA J 219 -66.46 -45.14 27.76
CA ALA J 219 -65.84 -44.76 29.02
C ALA J 219 -64.52 -45.50 29.32
N ALA J 220 -64.51 -46.81 29.08
CA ALA J 220 -63.32 -47.63 29.32
C ALA J 220 -62.11 -47.15 28.49
N MET J 221 -62.32 -46.91 27.20
CA MET J 221 -61.25 -46.47 26.30
C MET J 221 -60.62 -45.17 26.79
N GLN J 222 -61.47 -44.21 27.14
CA GLN J 222 -61.00 -42.91 27.64
C GLN J 222 -60.23 -43.06 28.94
N ALA J 223 -60.74 -43.90 29.83
CA ALA J 223 -60.05 -44.19 31.09
C ALA J 223 -58.64 -44.74 30.85
N ILE J 224 -58.53 -45.76 30.00
CA ILE J 224 -57.24 -46.36 29.70
C ILE J 224 -56.28 -45.30 29.19
N ARG J 225 -56.75 -44.48 28.25
CA ARG J 225 -55.99 -43.38 27.66
C ARG J 225 -55.50 -42.37 28.72
N LEU J 226 -56.42 -41.88 29.54
CA LEU J 226 -56.11 -40.93 30.60
C LEU J 226 -55.11 -41.48 31.60
N ILE J 227 -55.30 -42.75 31.99
CA ILE J 227 -54.42 -43.39 32.95
C ILE J 227 -53.02 -43.50 32.37
N ALA J 228 -52.93 -43.91 31.10
CA ALA J 228 -51.65 -44.08 30.43
C ALA J 228 -50.88 -42.78 30.28
N ARG J 229 -51.59 -41.66 30.20
CA ARG J 229 -50.95 -40.35 30.08
C ARG J 229 -50.75 -39.61 31.41
N ASN J 230 -51.27 -40.15 32.51
CA ASN J 230 -51.30 -39.41 33.77
C ASN J 230 -50.91 -40.15 35.03
N LEU J 231 -51.06 -41.47 35.06
CA LEU J 231 -50.78 -42.23 36.27
C LEU J 231 -49.33 -42.05 36.72
N ARG J 232 -48.40 -42.16 35.79
CA ARG J 232 -46.98 -41.99 36.09
C ARG J 232 -46.72 -40.64 36.76
N GLN J 233 -47.24 -39.57 36.18
CA GLN J 233 -47.01 -38.21 36.65
C GLN J 233 -47.69 -37.93 38.00
N ALA J 234 -48.80 -38.60 38.26
CA ALA J 234 -49.51 -38.47 39.53
C ALA J 234 -48.76 -39.15 40.68
N VAL J 235 -48.14 -40.30 40.42
CA VAL J 235 -47.36 -40.96 41.47
C VAL J 235 -45.99 -40.30 41.64
N ALA J 236 -45.52 -39.64 40.57
CA ALA J 236 -44.25 -38.91 40.60
C ALA J 236 -44.34 -37.74 41.58
N LEU J 237 -45.34 -36.88 41.35
CA LEU J 237 -45.58 -35.72 42.19
C LEU J 237 -47.06 -35.64 42.55
N GLY J 238 -47.37 -35.88 43.82
CA GLY J 238 -48.76 -35.87 44.29
C GLY J 238 -49.45 -34.52 44.20
N SER J 239 -48.66 -33.44 44.24
CA SER J 239 -49.21 -32.08 44.17
C SER J 239 -49.52 -31.61 42.74
N ASN J 240 -49.22 -32.46 41.76
CA ASN J 240 -49.54 -32.20 40.35
C ASN J 240 -51.05 -32.29 40.14
N LEU J 241 -51.70 -31.12 40.04
CA LEU J 241 -53.16 -31.03 39.97
C LEU J 241 -53.71 -31.60 38.64
N GLN J 242 -53.08 -31.22 37.54
CA GLN J 242 -53.51 -31.67 36.22
C GLN J 242 -53.56 -33.19 36.17
N ALA J 243 -52.52 -33.84 36.70
CA ALA J 243 -52.46 -35.31 36.78
C ALA J 243 -53.54 -35.89 37.68
N ARG J 244 -53.73 -35.29 38.85
CA ARG J 244 -54.79 -35.70 39.78
C ARG J 244 -56.19 -35.61 39.16
N GLU J 245 -56.49 -34.47 38.54
CA GLU J 245 -57.73 -34.27 37.80
C GLU J 245 -58.01 -35.42 36.86
N TYR J 246 -57.07 -35.66 35.94
CA TYR J 246 -57.22 -36.72 34.95
C TYR J 246 -57.34 -38.10 35.58
N MET J 247 -56.59 -38.36 36.65
CA MET J 247 -56.73 -39.63 37.36
C MET J 247 -58.13 -39.77 37.94
N ALA J 248 -58.66 -38.67 38.47
CA ALA J 248 -60.00 -38.65 39.04
C ALA J 248 -61.06 -38.93 37.98
N TYR J 249 -60.98 -38.24 36.84
CA TYR J 249 -61.91 -38.46 35.73
C TYR J 249 -61.80 -39.90 35.21
N ALA J 250 -60.57 -40.37 35.02
CA ALA J 250 -60.28 -41.74 34.61
C ALA J 250 -60.99 -42.77 35.50
N SER J 251 -60.80 -42.62 36.81
CA SER J 251 -61.38 -43.55 37.76
C SER J 251 -62.91 -43.52 37.74
N LEU J 252 -63.47 -42.31 37.61
CA LEU J 252 -64.93 -42.14 37.49
C LEU J 252 -65.46 -42.77 36.19
N LEU J 253 -64.68 -42.64 35.12
CA LEU J 253 -65.03 -43.21 33.82
C LEU J 253 -64.94 -44.73 33.84
N ALA J 254 -63.86 -45.25 34.43
CA ALA J 254 -63.66 -46.68 34.62
C ALA J 254 -64.86 -47.28 35.37
N GLY J 255 -65.35 -46.54 36.35
CA GLY J 255 -66.52 -46.93 37.13
C GLY J 255 -67.79 -46.98 36.32
N MET J 256 -68.06 -45.92 35.55
CA MET J 256 -69.21 -45.89 34.67
C MET J 256 -69.21 -47.09 33.73
N ALA J 257 -68.00 -47.52 33.36
CA ALA J 257 -67.80 -48.65 32.47
C ALA J 257 -68.05 -50.00 33.16
N PHE J 258 -67.27 -50.30 34.21
CA PHE J 258 -67.38 -51.60 34.89
C PHE J 258 -68.66 -51.79 35.71
N ASN J 259 -69.33 -50.69 36.06
CA ASN J 259 -70.63 -50.80 36.72
C ASN J 259 -71.66 -51.46 35.80
N ASN J 260 -71.45 -51.32 34.49
CA ASN J 260 -72.43 -51.77 33.50
C ASN J 260 -71.94 -52.88 32.58
N ALA J 261 -70.63 -53.07 32.55
CA ALA J 261 -70.05 -54.14 31.72
C ALA J 261 -69.49 -55.26 32.58
N ASN J 262 -69.36 -54.98 33.88
CA ASN J 262 -68.72 -55.91 34.83
C ASN J 262 -67.22 -56.07 34.57
N LEU J 263 -66.57 -56.89 35.40
CA LEU J 263 -65.12 -57.09 35.33
C LEU J 263 -64.80 -58.50 34.82
N GLY J 264 -63.65 -59.05 35.21
CA GLY J 264 -63.25 -60.40 34.82
C GLY J 264 -62.46 -61.17 35.88
N TYR J 265 -61.51 -61.99 35.41
CA TYR J 265 -60.67 -62.83 36.28
C TYR J 265 -59.71 -62.07 37.18
N VAL J 266 -59.33 -60.85 36.79
CA VAL J 266 -58.34 -60.08 37.57
C VAL J 266 -58.86 -59.79 38.98
N HIS J 267 -60.11 -59.35 39.05
CA HIS J 267 -60.78 -59.17 40.32
C HIS J 267 -61.16 -60.49 40.98
N ALA J 268 -61.57 -61.46 40.16
CA ALA J 268 -61.93 -62.78 40.67
C ALA J 268 -60.76 -63.39 41.45
N MET J 269 -59.54 -63.12 40.98
CA MET J 269 -58.33 -63.61 41.63
C MET J 269 -57.80 -62.68 42.72
N ALA J 270 -57.92 -61.37 42.51
CA ALA J 270 -57.49 -60.37 43.48
C ALA J 270 -58.29 -60.41 44.78
N HIS J 271 -59.59 -60.69 44.68
CA HIS J 271 -60.44 -60.82 45.87
C HIS J 271 -59.98 -61.97 46.76
N GLN J 272 -59.36 -62.98 46.15
CA GLN J 272 -58.85 -64.13 46.88
C GLN J 272 -57.55 -63.78 47.60
N LEU J 273 -56.66 -63.05 46.92
CA LEU J 273 -55.46 -62.51 47.55
C LEU J 273 -55.81 -61.60 48.72
N GLY J 274 -56.91 -60.87 48.57
CA GLY J 274 -57.45 -60.02 49.64
C GLY J 274 -58.08 -60.85 50.75
N GLY J 275 -58.70 -61.97 50.36
CA GLY J 275 -59.30 -62.90 51.32
C GLY J 275 -58.26 -63.58 52.20
N LEU J 276 -57.25 -64.18 51.59
CA LEU J 276 -56.25 -64.97 52.32
C LEU J 276 -55.11 -64.18 52.97
N TYR J 277 -54.74 -63.04 52.39
CA TYR J 277 -53.57 -62.30 52.87
C TYR J 277 -53.86 -60.85 53.23
N ASP J 278 -55.12 -60.45 53.14
CA ASP J 278 -55.53 -59.04 53.15
C ASP J 278 -54.48 -58.11 52.51
N MET J 279 -54.07 -58.49 51.31
CA MET J 279 -53.27 -57.67 50.42
C MET J 279 -54.17 -56.53 49.93
N PRO J 280 -53.60 -55.31 49.79
CA PRO J 280 -54.43 -54.20 49.32
C PRO J 280 -55.02 -54.48 47.93
N HIS J 281 -56.33 -54.35 47.81
CA HIS J 281 -57.07 -54.60 46.57
C HIS J 281 -56.38 -54.00 45.34
N GLY J 282 -55.80 -52.81 45.53
CA GLY J 282 -55.10 -52.11 44.46
C GLY J 282 -53.89 -52.85 43.92
N VAL J 283 -53.01 -53.29 44.82
CA VAL J 283 -51.79 -53.97 44.38
C VAL J 283 -52.09 -55.36 43.83
N ALA J 284 -53.05 -56.05 44.45
CA ALA J 284 -53.48 -57.38 44.00
C ALA J 284 -53.90 -57.37 42.53
N ASN J 285 -54.65 -56.34 42.14
CA ASN J 285 -55.04 -56.16 40.73
C ASN J 285 -53.86 -55.82 39.85
N ALA J 286 -52.94 -55.02 40.38
CA ALA J 286 -51.78 -54.55 39.61
C ALA J 286 -50.86 -55.69 39.20
N VAL J 287 -50.43 -56.49 40.18
CA VAL J 287 -49.46 -57.57 39.94
C VAL J 287 -50.03 -58.68 39.05
N LEU J 288 -51.35 -58.85 39.07
CA LEU J 288 -52.06 -59.86 38.29
C LEU J 288 -52.44 -59.38 36.89
N LEU J 289 -52.79 -58.11 36.78
CA LEU J 289 -53.31 -57.54 35.52
C LEU J 289 -52.64 -58.08 34.24
N PRO J 290 -51.33 -57.86 34.07
CA PRO J 290 -50.74 -58.23 32.77
C PRO J 290 -50.68 -59.74 32.54
N HIS J 291 -50.63 -60.53 33.61
CA HIS J 291 -50.66 -62.00 33.51
C HIS J 291 -52.01 -62.56 33.06
N VAL J 292 -53.09 -62.04 33.64
CA VAL J 292 -54.44 -62.38 33.22
C VAL J 292 -54.72 -61.80 31.83
N ALA J 293 -54.21 -60.59 31.57
CA ALA J 293 -54.44 -59.93 30.29
C ALA J 293 -53.89 -60.76 29.15
N ARG J 294 -52.69 -61.31 29.34
CA ARG J 294 -52.07 -62.21 28.37
C ARG J 294 -52.90 -63.47 28.16
N TYR J 295 -53.44 -63.99 29.25
CA TYR J 295 -54.27 -65.19 29.22
C TYR J 295 -55.58 -64.91 28.49
N ASN J 296 -56.13 -63.72 28.69
CA ASN J 296 -57.36 -63.30 28.00
C ASN J 296 -57.13 -62.95 26.52
N LEU J 297 -55.89 -62.69 26.16
CA LEU J 297 -55.54 -62.17 24.82
C LEU J 297 -56.18 -62.94 23.66
N ILE J 298 -56.12 -64.27 23.70
CA ILE J 298 -56.67 -65.10 22.63
C ILE J 298 -58.18 -64.91 22.45
N ALA J 299 -58.85 -64.38 23.47
CA ALA J 299 -60.30 -64.17 23.42
C ALA J 299 -60.72 -62.96 22.57
N ASN J 300 -59.86 -61.94 22.50
CA ASN J 300 -60.14 -60.76 21.70
C ASN J 300 -58.85 -59.97 21.38
N PRO J 301 -57.97 -60.52 20.53
CA PRO J 301 -56.72 -59.80 20.25
C PRO J 301 -56.93 -58.42 19.60
N GLU J 302 -58.07 -58.22 18.95
CA GLU J 302 -58.35 -56.95 18.29
C GLU J 302 -58.53 -55.82 19.31
N LYS J 303 -59.20 -56.13 20.41
CA LYS J 303 -59.38 -55.15 21.48
C LYS J 303 -58.11 -54.93 22.29
N PHE J 304 -57.25 -55.94 22.33
CA PHE J 304 -55.95 -55.76 22.96
C PHE J 304 -55.02 -54.92 22.09
N ALA J 305 -55.10 -55.10 20.78
CA ALA J 305 -54.49 -54.17 19.82
C ALA J 305 -54.94 -52.74 20.09
N ASP J 306 -56.25 -52.57 20.36
CA ASP J 306 -56.82 -51.26 20.73
C ASP J 306 -56.21 -50.67 21.99
N ILE J 307 -56.05 -51.51 23.02
CA ILE J 307 -55.50 -51.09 24.30
C ILE J 307 -54.08 -50.54 24.13
N ALA J 308 -53.27 -51.24 23.33
CA ALA J 308 -51.89 -50.81 23.09
C ALA J 308 -51.90 -49.39 22.53
N GLU J 309 -52.68 -49.19 21.48
CA GLU J 309 -52.83 -47.90 20.82
C GLU J 309 -53.25 -46.82 21.81
N LEU J 310 -54.32 -47.11 22.56
CA LEU J 310 -54.81 -46.26 23.64
C LEU J 310 -53.73 -45.86 24.65
N MET J 311 -52.77 -46.76 24.89
CA MET J 311 -51.70 -46.49 25.84
C MET J 311 -50.48 -45.81 25.22
N GLY J 312 -50.63 -45.33 23.99
CA GLY J 312 -49.57 -44.58 23.32
C GLY J 312 -48.64 -45.36 22.42
N GLU J 313 -48.76 -46.70 22.42
CA GLU J 313 -47.88 -47.57 21.65
C GLU J 313 -47.99 -47.34 20.14
N ASN J 314 -46.87 -47.46 19.43
CA ASN J 314 -46.88 -47.42 17.97
C ASN J 314 -47.21 -48.80 17.41
N ILE J 315 -48.18 -48.84 16.51
CA ILE J 315 -48.90 -50.05 16.15
C ILE J 315 -48.92 -50.26 14.65
N THR J 316 -48.33 -49.29 13.94
CA THR J 316 -48.44 -49.13 12.48
C THR J 316 -48.32 -50.40 11.60
N GLY J 317 -47.15 -51.02 11.55
CA GLY J 317 -46.93 -52.10 10.59
C GLY J 317 -47.08 -53.48 11.18
N LEU J 318 -47.95 -53.61 12.19
CA LEU J 318 -48.03 -54.80 13.01
C LEU J 318 -49.28 -55.64 12.76
N SER J 319 -49.13 -56.96 12.79
CA SER J 319 -50.28 -57.86 12.78
C SER J 319 -51.05 -57.58 14.07
N THR J 320 -52.33 -57.98 14.10
CA THR J 320 -53.15 -57.73 15.27
C THR J 320 -52.58 -58.40 16.52
N LEU J 321 -52.05 -59.61 16.37
CA LEU J 321 -51.47 -60.34 17.48
C LEU J 321 -50.26 -59.61 18.09
N ASP J 322 -49.42 -59.06 17.21
CA ASP J 322 -48.24 -58.29 17.62
C ASP J 322 -48.63 -56.98 18.29
N ALA J 323 -49.70 -56.36 17.84
CA ALA J 323 -50.18 -55.13 18.43
C ALA J 323 -50.78 -55.46 19.79
N ALA J 324 -51.45 -56.60 19.88
CA ALA J 324 -51.98 -57.10 21.15
C ALA J 324 -50.87 -57.32 22.17
N GLU J 325 -49.77 -57.94 21.72
CA GLU J 325 -48.57 -58.13 22.55
C GLU J 325 -48.11 -56.83 23.21
N LYS J 326 -48.11 -55.75 22.44
CA LYS J 326 -47.63 -54.46 22.94
C LYS J 326 -48.46 -53.93 24.09
N ALA J 327 -49.76 -54.27 24.10
CA ALA J 327 -50.63 -53.88 25.21
C ALA J 327 -50.15 -54.51 26.50
N ILE J 328 -49.82 -55.80 26.46
CA ILE J 328 -49.28 -56.50 27.63
C ILE J 328 -48.04 -55.78 28.10
N ALA J 329 -47.02 -55.71 27.25
CA ALA J 329 -45.78 -54.98 27.56
C ALA J 329 -46.05 -53.57 28.12
N ALA J 330 -46.97 -52.85 27.48
CA ALA J 330 -47.30 -51.49 27.90
C ALA J 330 -47.82 -51.44 29.34
N ILE J 331 -48.58 -52.46 29.72
CA ILE J 331 -49.14 -52.56 31.06
C ILE J 331 -48.06 -52.90 32.09
N THR J 332 -47.15 -53.82 31.76
CA THR J 332 -46.08 -54.17 32.70
C THR J 332 -45.05 -53.02 32.82
N ARG J 333 -44.84 -52.26 31.75
CA ARG J 333 -43.95 -51.10 31.79
C ARG J 333 -44.50 -50.03 32.73
N LEU J 334 -45.81 -49.79 32.67
CA LEU J 334 -46.46 -48.83 33.55
C LEU J 334 -46.39 -49.31 35.00
N SER J 335 -46.67 -50.60 35.18
CA SER J 335 -46.63 -51.26 36.49
C SER J 335 -45.25 -51.10 37.14
N MET J 336 -44.20 -51.37 36.37
CA MET J 336 -42.82 -51.30 36.84
C MET J 336 -42.33 -49.89 37.11
N ASP J 337 -42.83 -48.93 36.32
CA ASP J 337 -42.42 -47.53 36.43
C ASP J 337 -42.95 -46.89 37.70
N ILE J 338 -44.15 -47.28 38.10
CA ILE J 338 -44.83 -46.66 39.25
C ILE J 338 -44.64 -47.42 40.57
N GLY J 339 -43.66 -48.32 40.60
CA GLY J 339 -43.22 -48.94 41.85
C GLY J 339 -43.82 -50.30 42.17
N ILE J 340 -44.98 -50.59 41.59
CA ILE J 340 -45.72 -51.84 41.85
C ILE J 340 -44.79 -53.06 41.93
N PRO J 341 -44.89 -53.85 43.01
CA PRO J 341 -44.10 -55.08 43.15
C PRO J 341 -44.54 -56.12 42.14
N GLN J 342 -43.57 -56.70 41.44
CA GLN J 342 -43.84 -57.47 40.23
C GLN J 342 -44.11 -58.96 40.47
N HIS J 343 -43.83 -59.45 41.68
CA HIS J 343 -43.97 -60.87 42.02
C HIS J 343 -44.73 -61.09 43.32
N LEU J 344 -45.72 -61.98 43.28
CA LEU J 344 -46.51 -62.37 44.46
C LEU J 344 -45.65 -62.98 45.57
N ARG J 345 -44.56 -63.63 45.16
CA ARG J 345 -43.53 -64.16 46.06
C ARG J 345 -43.14 -63.17 47.17
N ASP J 346 -43.10 -61.89 46.81
CA ASP J 346 -42.68 -60.82 47.73
C ASP J 346 -43.84 -60.24 48.56
N LEU J 347 -45.07 -60.45 48.10
CA LEU J 347 -46.25 -59.98 48.84
C LEU J 347 -46.72 -60.94 49.95
N GLY J 348 -45.92 -61.98 50.21
CA GLY J 348 -46.20 -62.94 51.28
C GLY J 348 -46.91 -64.20 50.80
N VAL J 349 -47.41 -64.16 49.56
CA VAL J 349 -48.16 -65.25 48.94
C VAL J 349 -47.35 -66.55 48.91
N LYS J 350 -48.06 -67.67 49.02
CA LYS J 350 -47.43 -68.99 48.99
C LYS J 350 -48.10 -69.91 47.97
N GLU J 351 -47.30 -70.80 47.40
CA GLU J 351 -47.71 -71.63 46.26
C GLU J 351 -48.78 -72.68 46.60
N THR J 352 -48.82 -73.11 47.85
CA THR J 352 -49.79 -74.12 48.32
C THR J 352 -51.23 -73.62 48.33
N ASP J 353 -51.39 -72.30 48.39
CA ASP J 353 -52.72 -71.68 48.44
C ASP J 353 -53.32 -71.45 47.05
N PHE J 354 -52.61 -71.86 46.00
CA PHE J 354 -53.08 -71.67 44.63
C PHE J 354 -54.35 -72.47 44.29
N PRO J 355 -54.34 -73.80 44.54
CA PRO J 355 -55.56 -74.57 44.25
C PRO J 355 -56.83 -73.99 44.90
N TYR J 356 -56.76 -73.68 46.19
CA TYR J 356 -57.91 -73.11 46.92
C TYR J 356 -58.36 -71.78 46.34
N MET J 357 -57.41 -70.88 46.11
CA MET J 357 -57.70 -69.57 45.54
C MET J 357 -58.32 -69.69 44.16
N ALA J 358 -57.79 -70.60 43.35
CA ALA J 358 -58.27 -70.82 41.99
C ALA J 358 -59.70 -71.33 42.03
N GLU J 359 -59.97 -72.27 42.93
CA GLU J 359 -61.29 -72.82 43.14
C GLU J 359 -62.28 -71.70 43.46
N MET J 360 -61.89 -70.85 44.41
CA MET J 360 -62.71 -69.73 44.84
C MET J 360 -62.91 -68.71 43.73
N ALA J 361 -61.88 -68.51 42.90
CA ALA J 361 -61.90 -67.53 41.83
C ALA J 361 -62.98 -67.79 40.77
N LEU J 362 -63.15 -69.05 40.39
CA LEU J 362 -64.22 -69.44 39.46
C LEU J 362 -65.62 -69.20 40.04
N LYS J 363 -65.73 -69.29 41.37
CA LYS J 363 -67.01 -69.12 42.05
C LYS J 363 -67.32 -67.65 42.37
N ASP J 364 -66.32 -66.79 42.22
CA ASP J 364 -66.47 -65.35 42.42
C ASP J 364 -67.40 -64.76 41.36
N GLY J 365 -68.19 -63.75 41.75
CA GLY J 365 -69.15 -63.11 40.86
C GLY J 365 -68.58 -62.53 39.58
N ASN J 366 -67.34 -62.04 39.65
CA ASN J 366 -66.66 -61.39 38.53
C ASN J 366 -66.17 -62.34 37.43
N ALA J 367 -66.07 -63.62 37.75
CA ALA J 367 -65.54 -64.60 36.82
C ALA J 367 -66.44 -64.83 35.60
N PHE J 368 -67.74 -64.65 35.79
CA PHE J 368 -68.73 -64.99 34.76
C PHE J 368 -68.58 -64.15 33.50
N SER J 369 -68.14 -62.90 33.65
CA SER J 369 -68.04 -61.98 32.53
C SER J 369 -66.66 -61.95 31.87
N ASN J 370 -65.74 -62.78 32.38
CA ASN J 370 -64.42 -62.89 31.78
C ASN J 370 -64.53 -63.44 30.37
N PRO J 371 -63.85 -62.78 29.40
CA PRO J 371 -63.96 -63.18 27.99
C PRO J 371 -63.53 -64.61 27.71
N ARG J 372 -62.66 -65.15 28.57
CA ARG J 372 -62.18 -66.52 28.40
C ARG J 372 -62.69 -67.41 29.53
N LYS J 373 -63.38 -68.48 29.14
CA LYS J 373 -63.87 -69.43 30.14
C LYS J 373 -62.74 -70.38 30.46
N GLY J 374 -62.23 -70.28 31.67
CA GLY J 374 -61.13 -71.12 32.10
C GLY J 374 -61.61 -72.24 32.99
N ASN J 375 -60.66 -72.83 33.71
CA ASN J 375 -60.97 -73.79 34.77
C ASN J 375 -60.07 -73.50 35.96
N GLU J 376 -60.09 -74.39 36.94
CA GLU J 376 -59.31 -74.22 38.15
C GLU J 376 -57.80 -74.37 37.92
N GLN J 377 -57.41 -75.20 36.96
CA GLN J 377 -55.99 -75.41 36.64
C GLN J 377 -55.36 -74.21 35.92
N GLU J 378 -56.12 -73.63 34.98
CA GLU J 378 -55.67 -72.49 34.19
C GLU J 378 -55.53 -71.23 35.03
N ILE J 379 -56.33 -71.13 36.11
CA ILE J 379 -56.22 -70.00 37.03
C ILE J 379 -54.99 -70.14 37.93
N ALA J 380 -54.74 -71.37 38.38
CA ALA J 380 -53.57 -71.71 39.18
C ALA J 380 -52.26 -71.43 38.43
N ALA J 381 -52.30 -71.59 37.11
CA ALA J 381 -51.15 -71.30 36.26
C ALA J 381 -50.94 -69.79 36.10
N ILE J 382 -52.01 -69.01 36.17
CA ILE J 382 -51.91 -67.55 36.11
C ILE J 382 -51.24 -67.03 37.40
N PHE J 383 -51.67 -67.56 38.54
CA PHE J 383 -51.05 -67.25 39.83
C PHE J 383 -49.55 -67.55 39.81
N ARG J 384 -49.18 -68.72 39.29
CA ARG J 384 -47.78 -69.16 39.27
C ARG J 384 -46.92 -68.30 38.35
N GLN J 385 -47.53 -67.79 37.27
CA GLN J 385 -46.85 -66.86 36.36
C GLN J 385 -46.60 -65.51 37.02
N ALA J 386 -47.48 -65.14 37.95
CA ALA J 386 -47.38 -63.89 38.68
C ALA J 386 -46.65 -64.02 40.02
N PHE J 387 -46.23 -65.24 40.38
CA PHE J 387 -45.61 -65.49 41.68
C PHE J 387 -44.18 -64.96 41.78
N ARG K 4 53.00 57.14 35.71
CA ARG K 4 53.40 55.76 36.11
C ARG K 4 52.30 54.99 36.86
N MET K 5 51.58 55.70 37.73
CA MET K 5 50.52 55.13 38.55
C MET K 5 49.26 56.00 38.52
N PHE K 6 48.09 55.37 38.49
CA PHE K 6 46.83 56.10 38.27
C PHE K 6 45.78 55.83 39.33
N ASP K 7 44.93 56.84 39.58
CA ASP K 7 43.70 56.63 40.32
C ASP K 7 42.51 56.75 39.38
N TYR K 8 41.39 56.17 39.79
CA TYR K 8 40.17 56.20 39.00
C TYR K 8 39.03 56.33 39.99
N LEU K 9 38.42 57.50 40.02
CA LEU K 9 37.29 57.75 40.92
C LEU K 9 35.97 57.83 40.17
N VAL K 10 34.90 57.43 40.86
CA VAL K 10 33.56 57.33 40.31
C VAL K 10 32.61 56.93 41.45
N PRO K 11 31.38 57.48 41.49
CA PRO K 11 30.43 57.10 42.55
C PRO K 11 30.19 55.58 42.71
N ASN K 12 30.13 55.12 43.95
CA ASN K 12 29.73 53.77 44.32
C ASN K 12 28.67 53.18 43.40
N VAL K 13 27.54 53.88 43.30
CA VAL K 13 26.34 53.35 42.67
C VAL K 13 25.84 54.34 41.63
N ASN K 14 25.60 53.82 40.42
CA ASN K 14 25.13 54.67 39.31
C ASN K 14 23.96 54.04 38.58
N PHE K 15 22.91 54.82 38.36
CA PHE K 15 21.73 54.36 37.64
C PHE K 15 21.55 55.15 36.37
N PHE K 16 21.25 54.43 35.29
CA PHE K 16 21.03 55.06 33.99
C PHE K 16 20.08 54.24 33.13
N GLY K 17 19.48 54.91 32.15
CA GLY K 17 18.49 54.29 31.27
C GLY K 17 17.14 54.89 31.56
N PRO K 18 16.19 54.74 30.61
CA PRO K 18 14.85 55.28 30.77
C PRO K 18 14.20 54.88 32.08
N ASN K 19 13.57 55.85 32.74
CA ASN K 19 12.80 55.68 33.98
C ASN K 19 13.65 55.41 35.24
N ALA K 20 14.95 55.72 35.16
CA ALA K 20 15.87 55.53 36.27
C ALA K 20 15.60 56.48 37.45
N ILE K 21 14.78 57.49 37.23
CA ILE K 21 14.41 58.40 38.31
C ILE K 21 13.62 57.67 39.40
N SER K 22 12.90 56.61 39.02
CA SER K 22 12.05 55.86 39.94
C SER K 22 12.79 55.28 41.17
N VAL K 23 14.13 55.30 41.14
CA VAL K 23 14.91 54.85 42.29
C VAL K 23 15.38 55.93 43.28
N VAL K 24 15.23 57.23 42.95
CA VAL K 24 15.70 58.30 43.86
C VAL K 24 15.29 58.06 45.31
N GLY K 25 14.00 57.81 45.52
CA GLY K 25 13.46 57.61 46.85
C GLY K 25 14.08 56.40 47.53
N GLU K 26 13.95 55.24 46.90
CA GLU K 26 14.51 53.99 47.45
C GLU K 26 15.99 54.15 47.80
N ARG K 27 16.72 54.89 46.97
CA ARG K 27 18.15 55.11 47.18
C ARG K 27 18.50 56.08 48.30
N CYS K 28 17.61 57.04 48.58
CA CYS K 28 17.81 57.93 49.72
C CYS K 28 17.66 57.16 51.01
N GLN K 29 16.64 56.29 51.04
CA GLN K 29 16.39 55.38 52.16
C GLN K 29 17.66 54.61 52.48
N LEU K 30 18.20 53.94 51.46
CA LEU K 30 19.37 53.07 51.63
C LEU K 30 20.58 53.80 52.23
N LEU K 31 20.68 55.10 51.94
CA LEU K 31 21.74 55.95 52.48
C LEU K 31 21.42 56.56 53.86
N GLY K 32 20.26 56.20 54.41
CA GLY K 32 19.85 56.69 55.72
C GLY K 32 19.20 58.07 55.70
N GLY K 33 18.79 58.52 54.51
CA GLY K 33 18.17 59.82 54.35
C GLY K 33 16.73 59.84 54.85
N LYS K 34 16.42 60.83 55.69
CA LYS K 34 15.08 61.03 56.21
C LYS K 34 14.45 62.23 55.53
N LYS K 35 15.21 63.32 55.43
CA LYS K 35 14.73 64.56 54.82
C LYS K 35 15.72 65.08 53.80
N ALA K 36 15.23 65.34 52.60
CA ALA K 36 16.08 65.73 51.48
C ALA K 36 16.11 67.23 51.21
N LEU K 37 17.29 67.74 50.92
CA LEU K 37 17.43 69.07 50.35
C LEU K 37 17.50 68.91 48.84
N LEU K 38 16.47 69.39 48.16
CA LEU K 38 16.39 69.33 46.72
C LEU K 38 17.05 70.59 46.12
N VAL K 39 18.29 70.41 45.64
CA VAL K 39 19.04 71.50 45.04
C VAL K 39 18.75 71.55 43.53
N THR K 40 18.28 72.70 43.06
CA THR K 40 17.88 72.83 41.65
C THR K 40 17.88 74.26 41.07
N ASP K 41 17.49 74.32 39.80
CA ASP K 41 17.39 75.55 39.01
C ASP K 41 16.00 76.10 39.14
N LYS K 42 15.85 77.42 39.10
CA LYS K 42 14.54 78.06 38.96
C LYS K 42 13.81 77.61 37.68
N GLY K 43 14.55 77.58 36.57
CA GLY K 43 14.03 77.16 35.27
C GLY K 43 13.43 75.76 35.26
N LEU K 44 14.16 74.80 35.82
CA LEU K 44 13.69 73.41 35.91
C LEU K 44 12.57 73.22 36.92
N ARG K 45 12.71 73.89 38.07
CA ARG K 45 11.72 73.84 39.13
C ARG K 45 10.41 74.49 38.71
N LYS K 48 7.58 74.10 37.25
CA LYS K 48 7.86 74.77 35.99
C LYS K 48 7.88 73.78 34.83
N ASP K 49 7.63 72.51 35.14
CA ASP K 49 7.25 71.48 34.14
C ASP K 49 7.03 70.09 34.78
N GLY K 50 8.09 69.31 34.92
CA GLY K 50 8.02 67.94 35.45
C GLY K 50 9.24 67.04 35.33
N ALA K 51 10.36 67.49 35.90
CA ALA K 51 11.55 66.64 36.10
C ALA K 51 12.02 66.77 37.56
N VAL K 52 11.74 67.91 38.16
CA VAL K 52 11.79 68.06 39.61
C VAL K 52 10.54 67.40 40.21
N ASP K 53 9.45 67.42 39.44
CA ASP K 53 8.18 66.84 39.87
C ASP K 53 8.27 65.33 39.97
N LYS K 54 9.05 64.72 39.08
CA LYS K 54 9.29 63.27 39.11
C LYS K 54 10.10 62.85 40.32
N THR K 55 11.22 63.53 40.57
CA THR K 55 12.04 63.23 41.76
C THR K 55 11.37 63.67 43.05
N LEU K 56 10.52 64.69 42.98
CA LEU K 56 9.61 65.04 44.08
C LEU K 56 8.65 63.90 44.39
N HIS K 57 8.02 63.36 43.34
CA HIS K 57 7.05 62.27 43.45
C HIS K 57 7.64 61.01 44.09
N TYR K 58 8.79 60.58 43.60
CA TYR K 58 9.41 59.34 44.07
C TYR K 58 10.03 59.48 45.46
N LEU K 59 10.37 60.72 45.83
CA LEU K 59 10.83 61.01 47.18
C LEU K 59 9.70 60.90 48.21
N ARG K 60 8.52 61.40 47.86
CA ARG K 60 7.35 61.35 48.75
C ARG K 60 6.81 59.93 48.89
N GLU K 61 6.72 59.23 47.76
CA GLU K 61 6.32 57.82 47.72
C GLU K 61 7.22 56.96 48.63
N ALA K 62 8.51 57.28 48.67
CA ALA K 62 9.46 56.57 49.55
C ALA K 62 9.57 57.15 50.97
N GLY K 63 8.67 58.07 51.30
CA GLY K 63 8.59 58.63 52.65
C GLY K 63 9.71 59.57 53.06
N ILE K 64 10.29 60.24 52.07
CA ILE K 64 11.30 61.26 52.33
C ILE K 64 10.66 62.64 52.22
N GLU K 65 10.69 63.39 53.32
CA GLU K 65 10.29 64.79 53.31
C GLU K 65 11.33 65.63 52.56
N VAL K 66 10.89 66.75 51.99
CA VAL K 66 11.78 67.52 51.11
C VAL K 66 11.61 69.03 51.19
N ALA K 67 12.73 69.72 51.43
CA ALA K 67 12.82 71.16 51.27
C ALA K 67 13.53 71.43 49.93
N ILE K 68 12.92 72.29 49.11
CA ILE K 68 13.54 72.59 47.82
C ILE K 68 14.37 73.86 47.90
N PHE K 69 15.53 73.84 47.24
CA PHE K 69 16.34 75.03 47.05
C PHE K 69 16.58 75.27 45.56
N ASP K 70 16.09 76.41 45.07
CA ASP K 70 16.17 76.72 43.64
C ASP K 70 16.93 78.02 43.33
N GLY K 71 17.71 78.48 44.31
CA GLY K 71 18.50 79.70 44.17
C GLY K 71 19.84 79.48 43.50
N VAL K 72 19.92 78.49 42.61
CA VAL K 72 21.15 78.19 41.88
C VAL K 72 21.23 78.97 40.57
N GLU K 73 22.24 79.83 40.46
CA GLU K 73 22.49 80.60 39.24
C GLU K 73 23.27 79.76 38.22
N PRO K 74 23.10 80.06 36.91
CA PRO K 74 24.00 79.45 35.92
C PRO K 74 25.40 80.03 36.16
N ASN K 75 26.38 79.15 36.36
CA ASN K 75 27.62 79.52 37.09
C ASN K 75 27.24 79.68 38.56
N PRO K 76 27.30 78.58 39.33
CA PRO K 76 26.91 78.60 40.75
C PRO K 76 27.79 79.55 41.56
N LYS K 77 27.15 80.35 42.40
CA LYS K 77 27.86 81.33 43.23
C LYS K 77 28.12 80.81 44.64
N ASP K 78 29.11 81.40 45.31
CA ASP K 78 29.41 81.10 46.71
C ASP K 78 28.26 81.46 47.64
N THR K 79 27.55 82.56 47.32
CA THR K 79 26.35 82.99 48.07
C THR K 79 25.19 82.02 47.87
N ASN K 80 25.18 81.32 46.74
CA ASN K 80 24.19 80.28 46.47
C ASN K 80 24.33 79.09 47.42
N VAL K 81 25.57 78.75 47.75
CA VAL K 81 25.86 77.71 48.73
C VAL K 81 25.45 78.18 50.13
N ARG K 82 25.77 79.43 50.45
CA ARG K 82 25.38 80.01 51.75
C ARG K 82 23.88 79.90 51.99
N ASP K 83 23.09 80.23 50.97
CA ASP K 83 21.63 80.21 51.08
C ASP K 83 21.10 78.78 51.16
N GLY K 84 21.67 77.89 50.34
CA GLY K 84 21.32 76.46 50.35
C GLY K 84 21.66 75.78 51.66
N LEU K 85 22.76 76.20 52.28
CA LEU K 85 23.16 75.71 53.60
C LEU K 85 22.21 76.21 54.69
N ALA K 86 21.79 77.47 54.58
CA ALA K 86 20.80 78.03 55.50
C ALA K 86 19.48 77.24 55.44
N VAL K 87 19.05 76.89 54.23
CA VAL K 87 17.85 76.07 54.05
C VAL K 87 18.10 74.65 54.58
N PHE K 88 19.30 74.13 54.32
CA PHE K 88 19.71 72.80 54.78
C PHE K 88 19.63 72.67 56.29
N ARG K 89 20.14 73.67 57.01
CA ARG K 89 20.18 73.62 58.48
C ARG K 89 18.86 73.98 59.16
N ARG K 90 18.20 75.04 58.68
CA ARG K 90 16.91 75.48 59.23
C ARG K 90 15.85 74.40 59.07
N GLU K 91 15.82 73.75 57.90
CA GLU K 91 14.86 72.67 57.63
C GLU K 91 15.35 71.31 58.13
N GLN K 92 16.57 71.29 58.68
CA GLN K 92 17.19 70.08 59.24
C GLN K 92 17.27 68.91 58.26
N CYS K 93 17.86 69.17 57.10
CA CYS K 93 17.95 68.16 56.05
C CYS K 93 19.03 67.12 56.34
N ASP K 94 18.80 65.92 55.84
CA ASP K 94 19.64 64.76 56.09
C ASP K 94 20.49 64.41 54.89
N ILE K 95 19.93 64.67 53.71
CA ILE K 95 20.50 64.23 52.44
C ILE K 95 20.29 65.33 51.37
N ILE K 96 21.13 65.33 50.34
CA ILE K 96 21.03 66.29 49.24
C ILE K 96 20.71 65.58 47.93
N VAL K 97 19.64 66.03 47.27
CA VAL K 97 19.31 65.56 45.94
C VAL K 97 19.41 66.73 44.96
N THR K 98 20.32 66.60 44.00
CA THR K 98 20.51 67.63 43.00
C THR K 98 19.84 67.19 41.70
N VAL K 99 19.03 68.07 41.11
CA VAL K 99 18.45 67.79 39.79
C VAL K 99 18.71 68.92 38.79
N GLY K 100 19.26 68.54 37.64
CA GLY K 100 19.59 69.49 36.58
C GLY K 100 20.89 69.17 35.86
N GLY K 101 21.44 70.18 35.19
CA GLY K 101 22.75 70.05 34.55
C GLY K 101 23.88 70.22 35.55
N GLY K 102 24.96 70.87 35.11
CA GLY K 102 26.15 71.10 35.96
C GLY K 102 25.91 71.93 37.21
N SER K 103 25.29 73.10 37.04
CA SER K 103 25.09 74.04 38.16
C SER K 103 24.57 73.40 39.45
N PRO K 104 23.36 72.80 39.44
CA PRO K 104 22.85 72.24 40.68
C PRO K 104 23.79 71.22 41.32
N HIS K 105 24.53 70.48 40.51
CA HIS K 105 25.47 69.48 41.05
C HIS K 105 26.63 70.10 41.81
N ASP K 106 27.22 71.16 41.23
CA ASP K 106 28.33 71.88 41.86
C ASP K 106 27.90 72.53 43.17
N CYS K 107 26.74 73.18 43.13
CA CYS K 107 26.17 73.82 44.31
C CYS K 107 25.80 72.81 45.39
N GLY K 108 25.23 71.68 44.97
CA GLY K 108 24.91 70.57 45.88
C GLY K 108 26.13 70.07 46.64
N LYS K 109 27.19 69.76 45.89
CA LYS K 109 28.47 69.38 46.48
C LYS K 109 29.01 70.46 47.42
N GLY K 110 28.95 71.72 46.99
CA GLY K 110 29.43 72.86 47.77
C GLY K 110 28.68 73.06 49.08
N ILE K 111 27.37 72.78 49.07
CA ILE K 111 26.55 72.82 50.27
C ILE K 111 26.94 71.69 51.22
N GLY K 112 27.18 70.50 50.67
CA GLY K 112 27.61 69.34 51.45
C GLY K 112 28.96 69.54 52.09
N ILE K 113 29.85 70.22 51.38
CA ILE K 113 31.17 70.58 51.92
C ILE K 113 31.03 71.54 53.09
N ALA K 114 30.27 72.61 52.87
CA ALA K 114 30.10 73.68 53.87
C ALA K 114 29.24 73.23 55.05
N ALA K 115 28.62 72.06 54.94
CA ALA K 115 27.84 71.48 56.04
C ALA K 115 28.69 70.55 56.91
N THR K 116 29.94 70.31 56.49
CA THR K 116 30.80 69.35 57.19
C THR K 116 32.25 69.83 57.37
N HIS K 117 32.55 71.05 56.93
CA HIS K 117 33.91 71.57 57.03
C HIS K 117 33.95 73.01 57.53
N GLU K 118 34.92 73.28 58.42
CA GLU K 118 35.13 74.60 59.04
C GLU K 118 34.72 75.74 58.12
N GLY K 119 33.69 76.48 58.54
CA GLY K 119 32.99 77.45 57.71
C GLY K 119 33.79 78.31 56.75
N ASP K 120 33.33 78.33 55.50
CA ASP K 120 33.73 79.28 54.44
C ASP K 120 34.29 78.64 53.17
N LEU K 121 33.67 79.01 52.05
CA LEU K 121 33.98 78.57 50.69
C LEU K 121 35.46 78.44 50.30
N TYR K 122 36.01 79.56 49.82
CA TYR K 122 37.35 79.73 49.28
C TYR K 122 38.46 78.95 49.99
N GLN K 123 38.33 78.81 51.30
CA GLN K 123 39.32 78.20 52.19
C GLN K 123 39.85 76.83 51.72
N TYR K 124 38.98 76.03 51.11
CA TYR K 124 39.30 74.65 50.79
C TYR K 124 39.65 74.38 49.32
N ALA K 125 39.83 75.46 48.55
CA ALA K 125 40.27 75.37 47.17
C ALA K 125 41.62 74.66 47.08
N GLY K 126 41.72 73.71 46.17
CA GLY K 126 42.93 72.89 46.02
C GLY K 126 42.60 71.42 45.92
N ILE K 127 43.63 70.58 45.96
CA ILE K 127 43.46 69.12 45.81
C ILE K 127 42.87 68.48 47.07
N GLU K 128 43.39 67.33 47.48
CA GLU K 128 42.78 66.57 48.58
C GLU K 128 42.84 67.35 49.89
N THR K 129 41.86 68.25 50.06
CA THR K 129 41.81 69.20 51.18
C THR K 129 40.69 68.86 52.18
N LEU K 130 39.73 68.07 51.72
CA LEU K 130 38.60 67.66 52.55
C LEU K 130 38.97 66.52 53.52
N THR K 131 38.46 66.59 54.74
CA THR K 131 38.81 65.61 55.77
C THR K 131 37.60 64.79 56.23
N ASN K 132 36.41 65.35 56.07
CA ASN K 132 35.18 64.74 56.56
C ASN K 132 34.24 64.33 55.42
N PRO K 133 33.43 63.26 55.64
CA PRO K 133 32.42 62.90 54.63
C PRO K 133 31.30 63.93 54.57
N LEU K 134 30.89 64.28 53.36
CA LEU K 134 29.74 65.16 53.15
C LEU K 134 28.48 64.38 53.46
N PRO K 135 27.32 65.08 53.56
CA PRO K 135 26.07 64.32 53.59
C PRO K 135 25.95 63.43 52.35
N PRO K 136 25.20 62.32 52.43
CA PRO K 136 24.94 61.55 51.21
C PRO K 136 24.38 62.46 50.12
N ILE K 137 24.94 62.35 48.91
CA ILE K 137 24.45 63.13 47.78
C ILE K 137 23.96 62.20 46.66
N VAL K 138 22.69 62.33 46.31
CA VAL K 138 22.16 61.67 45.12
C VAL K 138 22.03 62.72 43.99
N ALA K 139 22.73 62.48 42.89
CA ALA K 139 22.79 63.46 41.81
C ALA K 139 22.02 63.01 40.57
N VAL K 140 20.86 63.63 40.35
CA VAL K 140 20.07 63.36 39.14
C VAL K 140 20.39 64.38 38.06
N ASN K 141 20.82 63.86 36.91
CA ASN K 141 21.32 64.64 35.80
C ASN K 141 20.26 64.77 34.70
N THR K 142 20.24 65.92 34.02
CA THR K 142 19.15 66.29 33.12
C THR K 142 19.66 66.77 31.76
N THR K 143 20.98 66.74 31.61
CA THR K 143 21.65 67.25 30.42
C THR K 143 22.74 66.27 30.00
N ALA K 144 22.82 66.00 28.69
CA ALA K 144 23.84 65.07 28.17
C ALA K 144 25.08 65.87 27.80
N GLY K 145 25.67 66.48 28.82
CA GLY K 145 26.75 67.42 28.64
C GLY K 145 27.86 67.35 29.65
N THR K 146 27.59 67.79 30.88
CA THR K 146 28.65 68.10 31.84
C THR K 146 29.28 66.90 32.54
N ALA K 147 28.46 65.94 32.94
CA ALA K 147 28.89 64.78 33.73
C ALA K 147 29.32 65.12 35.16
N SER K 148 28.86 66.27 35.66
CA SER K 148 29.15 66.69 37.04
C SER K 148 28.64 65.72 38.10
N GLU K 149 27.62 64.93 37.75
CA GLU K 149 27.04 63.97 38.68
C GLU K 149 27.97 62.81 39.00
N VAL K 150 29.11 62.75 38.31
CA VAL K 150 29.99 61.58 38.37
C VAL K 150 31.44 62.00 38.63
N THR K 151 31.59 63.26 39.04
CA THR K 151 32.86 63.97 39.04
C THR K 151 33.40 64.24 40.46
N ARG K 152 34.72 64.46 40.58
CA ARG K 152 35.39 64.72 41.87
C ARG K 152 35.49 66.23 42.18
N HIS K 153 35.15 67.05 41.19
CA HIS K 153 35.33 68.49 41.28
C HIS K 153 34.10 69.22 41.79
N CYS K 154 34.34 70.26 42.56
CA CYS K 154 33.33 71.23 42.90
C CYS K 154 33.85 72.60 42.46
N VAL K 155 33.16 73.26 41.54
CA VAL K 155 33.60 74.56 41.03
C VAL K 155 32.57 75.67 41.24
N LEU K 156 32.92 76.61 42.11
CA LEU K 156 32.08 77.77 42.39
C LEU K 156 32.76 79.08 41.97
N THR K 157 31.95 80.11 41.77
CA THR K 157 32.45 81.45 41.53
C THR K 157 32.46 82.22 42.85
N ASN K 158 33.60 82.85 43.13
CA ASN K 158 33.75 83.76 44.25
C ASN K 158 33.13 85.11 43.88
N THR K 159 32.25 85.64 44.74
CA THR K 159 31.58 86.93 44.47
C THR K 159 32.52 88.11 44.75
N GLU K 160 33.34 87.98 45.80
CA GLU K 160 34.34 88.99 46.15
C GLU K 160 35.43 89.10 45.08
N THR K 161 36.15 88.01 44.81
CA THR K 161 37.26 88.06 43.86
C THR K 161 36.81 87.97 42.39
N LYS K 162 35.62 87.42 42.16
CA LYS K 162 35.01 87.25 40.82
C LYS K 162 35.59 86.11 39.96
N VAL K 163 36.73 85.55 40.38
CA VAL K 163 37.34 84.41 39.73
C VAL K 163 36.81 83.10 40.30
N LYS K 164 36.83 82.03 39.49
CA LYS K 164 36.34 80.71 39.88
C LYS K 164 37.33 79.96 40.78
N PHE K 165 36.82 79.03 41.58
CA PHE K 165 37.68 78.14 42.37
C PHE K 165 37.20 76.69 42.35
N VAL K 166 38.12 75.78 42.66
CA VAL K 166 37.84 74.36 42.52
C VAL K 166 38.24 73.61 43.78
N ILE K 167 37.37 72.71 44.23
CA ILE K 167 37.68 71.77 45.30
C ILE K 167 37.66 70.34 44.75
N VAL K 168 38.84 69.75 44.67
CA VAL K 168 39.04 68.42 44.06
C VAL K 168 39.24 67.37 45.16
N SER K 169 38.27 66.49 45.35
CA SER K 169 38.34 65.47 46.40
C SER K 169 37.50 64.24 46.16
N TRP K 170 37.99 63.10 46.62
CA TRP K 170 37.25 61.83 46.55
C TRP K 170 35.97 61.88 47.38
N ARG K 171 35.89 62.85 48.28
CA ARG K 171 34.70 63.03 49.08
C ARG K 171 33.59 63.80 48.34
N ASN K 172 33.94 64.44 47.23
CA ASN K 172 32.96 65.15 46.36
C ASN K 172 32.20 64.25 45.38
N LEU K 173 32.64 63.01 45.25
CA LEU K 173 31.90 61.99 44.52
C LEU K 173 30.52 61.84 45.15
N PRO K 174 29.44 62.12 44.37
CA PRO K 174 28.11 61.84 44.88
C PRO K 174 28.00 60.38 45.30
N SER K 175 27.04 60.09 46.17
CA SER K 175 26.84 58.72 46.62
C SER K 175 26.22 57.89 45.51
N VAL K 176 25.32 58.52 44.75
CA VAL K 176 24.59 57.86 43.67
C VAL K 176 24.40 58.87 42.55
N SER K 177 24.57 58.42 41.31
CA SER K 177 24.21 59.24 40.15
C SER K 177 23.04 58.62 39.39
N ILE K 178 22.14 59.48 38.92
CA ILE K 178 21.01 59.05 38.08
C ILE K 178 21.01 59.81 36.74
N ASN K 179 20.93 59.05 35.64
CA ASN K 179 20.88 59.60 34.29
C ASN K 179 19.70 59.00 33.54
N ASP K 180 18.54 59.64 33.65
CA ASP K 180 17.31 59.17 33.01
C ASP K 180 17.05 59.99 31.74
N PRO K 181 17.34 59.41 30.56
CA PRO K 181 17.16 60.10 29.28
C PRO K 181 15.75 60.63 29.05
N LEU K 182 14.74 60.00 29.65
CA LEU K 182 13.35 60.48 29.59
C LEU K 182 13.21 61.90 30.16
N LEU K 183 14.12 62.26 31.07
CA LEU K 183 14.14 63.59 31.67
C LEU K 183 14.82 64.63 30.77
N MET K 184 15.42 64.17 29.67
CA MET K 184 16.24 65.02 28.80
C MET K 184 15.55 65.41 27.49
N ILE K 185 14.43 64.75 27.16
CA ILE K 185 13.75 64.92 25.88
C ILE K 185 13.24 66.34 25.57
N GLY K 186 12.95 67.11 26.62
CA GLY K 186 12.52 68.51 26.46
C GLY K 186 13.58 69.48 25.96
N LYS K 187 14.85 69.06 25.97
CA LYS K 187 15.97 69.91 25.51
C LYS K 187 15.85 70.34 24.05
N PRO K 188 15.90 71.66 23.78
CA PRO K 188 15.90 72.21 22.41
C PRO K 188 17.13 71.79 21.60
N ALA K 189 17.01 71.80 20.28
CA ALA K 189 18.08 71.38 19.37
C ALA K 189 19.43 72.06 19.63
N ALA K 190 19.43 73.39 19.76
CA ALA K 190 20.66 74.15 20.00
C ALA K 190 21.40 73.70 21.28
N LEU K 191 20.64 73.41 22.33
CA LEU K 191 21.20 73.03 23.62
C LEU K 191 21.74 71.60 23.57
N THR K 192 21.01 70.69 22.93
CA THR K 192 21.49 69.31 22.80
C THR K 192 22.73 69.21 21.89
N ALA K 193 22.82 70.11 20.90
CA ALA K 193 24.02 70.22 20.07
C ALA K 193 25.19 70.73 20.90
N ALA K 194 24.97 71.81 21.63
CA ALA K 194 25.99 72.38 22.52
C ALA K 194 26.48 71.38 23.58
N THR K 195 25.56 70.73 24.28
CA THR K 195 25.91 69.77 25.34
C THR K 195 26.53 68.49 24.79
N GLY K 196 26.10 68.09 23.59
CA GLY K 196 26.66 66.93 22.91
C GLY K 196 28.13 67.19 22.62
N MET K 197 28.40 68.40 22.13
CA MET K 197 29.77 68.81 21.79
C MET K 197 30.65 68.99 23.03
N ASP K 198 30.04 69.49 24.11
CA ASP K 198 30.69 69.51 25.42
C ASP K 198 31.15 68.10 25.78
N ALA K 199 30.27 67.12 25.59
CA ALA K 199 30.59 65.72 25.90
C ALA K 199 31.64 65.14 24.95
N LEU K 200 31.56 65.54 23.68
CA LEU K 200 32.54 65.08 22.69
C LEU K 200 33.92 65.59 23.10
N THR K 201 34.00 66.87 23.47
CA THR K 201 35.22 67.50 23.93
C THR K 201 35.79 66.79 25.14
N HIS K 202 34.93 66.44 26.09
CA HIS K 202 35.36 65.66 27.25
C HIS K 202 36.02 64.36 26.82
N ALA K 203 35.42 63.67 25.86
CA ALA K 203 35.92 62.38 25.40
C ALA K 203 37.29 62.48 24.69
N VAL K 204 37.39 63.38 23.71
CA VAL K 204 38.65 63.47 22.96
C VAL K 204 39.80 64.00 23.79
N GLU K 205 39.55 65.04 24.58
CA GLU K 205 40.57 65.60 25.48
C GLU K 205 41.05 64.55 26.48
N ALA K 206 40.12 63.79 27.06
CA ALA K 206 40.47 62.69 27.94
C ALA K 206 41.25 61.61 27.20
N TYR K 207 40.85 61.32 25.97
CA TYR K 207 41.50 60.28 25.20
C TYR K 207 42.96 60.60 24.93
N ILE K 208 43.23 61.87 24.67
CA ILE K 208 44.57 62.30 24.25
C ILE K 208 45.39 62.96 25.36
N SER K 209 44.81 63.04 26.56
CA SER K 209 45.46 63.68 27.71
C SER K 209 46.80 63.03 28.06
N LYS K 210 47.70 63.82 28.67
CA LYS K 210 48.95 63.28 29.22
C LYS K 210 48.69 62.22 30.28
N ASP K 211 47.50 62.29 30.89
CA ASP K 211 47.11 61.42 31.99
C ASP K 211 46.24 60.25 31.54
N ALA K 212 46.06 60.08 30.23
CA ALA K 212 45.29 58.96 29.69
C ALA K 212 45.99 57.63 29.95
N ASN K 213 45.18 56.60 30.21
CA ASN K 213 45.65 55.23 30.39
C ASN K 213 44.57 54.29 29.82
N PRO K 214 44.91 53.01 29.58
CA PRO K 214 43.96 52.08 28.99
C PRO K 214 42.57 51.96 29.63
N VAL K 215 42.47 52.13 30.94
CA VAL K 215 41.19 51.98 31.67
C VAL K 215 40.27 53.16 31.36
N THR K 216 40.87 54.33 31.43
CA THR K 216 40.17 55.58 31.18
C THR K 216 39.82 55.71 29.69
N ASP K 217 40.72 55.18 28.84
CA ASP K 217 40.53 55.18 27.40
C ASP K 217 39.27 54.42 27.01
N ALA K 218 39.02 53.29 27.67
CA ALA K 218 37.85 52.46 27.43
C ALA K 218 36.56 53.29 27.37
N ALA K 219 36.39 54.18 28.34
CA ALA K 219 35.20 55.02 28.38
C ALA K 219 35.22 56.09 27.29
N ALA K 220 36.36 56.75 27.09
CA ALA K 220 36.47 57.84 26.11
C ALA K 220 36.22 57.34 24.70
N MET K 221 36.78 56.18 24.38
CA MET K 221 36.60 55.59 23.05
C MET K 221 35.11 55.37 22.77
N GLN K 222 34.41 54.70 23.68
CA GLN K 222 32.99 54.43 23.49
C GLN K 222 32.19 55.73 23.44
N ALA K 223 32.56 56.71 24.25
CA ALA K 223 31.89 58.02 24.21
C ALA K 223 31.95 58.63 22.81
N ILE K 224 33.13 58.64 22.21
CA ILE K 224 33.34 59.19 20.87
C ILE K 224 32.49 58.44 19.83
N ARG K 225 32.46 57.12 19.95
CA ARG K 225 31.70 56.26 19.06
C ARG K 225 30.21 56.58 19.17
N LEU K 226 29.71 56.62 20.40
CA LEU K 226 28.30 56.91 20.64
C LEU K 226 27.92 58.30 20.11
N ILE K 227 28.75 59.31 20.39
CA ILE K 227 28.44 60.66 19.98
C ILE K 227 28.38 60.78 18.45
N ALA K 228 29.37 60.20 17.77
CA ALA K 228 29.42 60.17 16.32
C ALA K 228 28.20 59.50 15.69
N ARG K 229 27.60 58.55 16.41
CA ARG K 229 26.45 57.78 15.90
C ARG K 229 25.09 58.29 16.36
N ASN K 230 25.08 59.25 17.28
CA ASN K 230 23.82 59.65 17.89
C ASN K 230 23.53 61.16 17.96
N LEU K 231 24.57 61.98 17.99
CA LEU K 231 24.37 63.43 18.15
C LEU K 231 23.50 64.02 17.03
N ARG K 232 23.84 63.74 15.77
CA ARG K 232 23.04 64.21 14.64
C ARG K 232 21.56 63.90 14.83
N GLN K 233 21.26 62.68 15.25
CA GLN K 233 19.88 62.20 15.36
C GLN K 233 19.20 62.83 16.56
N ALA K 234 19.98 63.06 17.61
CA ALA K 234 19.49 63.71 18.81
C ALA K 234 19.13 65.17 18.58
N VAL K 235 19.92 65.90 17.81
CA VAL K 235 19.58 67.32 17.56
C VAL K 235 18.50 67.46 16.51
N ALA K 236 18.40 66.47 15.62
CA ALA K 236 17.44 66.53 14.52
C ALA K 236 16.01 66.31 15.01
N LEU K 237 15.87 65.44 16.01
CA LEU K 237 14.59 65.16 16.64
C LEU K 237 14.80 64.85 18.12
N GLY K 238 14.49 65.83 18.97
CA GLY K 238 14.70 65.69 20.41
C GLY K 238 13.90 64.59 21.08
N SER K 239 12.84 64.13 20.43
CA SER K 239 11.99 63.10 21.01
C SER K 239 12.40 61.68 20.58
N ASN K 240 13.52 61.57 19.87
CA ASN K 240 14.09 60.29 19.52
C ASN K 240 14.78 59.71 20.75
N LEU K 241 14.09 58.77 21.41
CA LEU K 241 14.54 58.22 22.67
C LEU K 241 15.85 57.43 22.55
N GLN K 242 16.04 56.72 21.44
CA GLN K 242 17.24 55.94 21.20
C GLN K 242 18.46 56.84 21.23
N ALA K 243 18.37 57.95 20.49
CA ALA K 243 19.47 58.90 20.40
C ALA K 243 19.69 59.56 21.74
N ARG K 244 18.59 59.88 22.43
CA ARG K 244 18.64 60.52 23.73
C ARG K 244 19.36 59.61 24.75
N GLU K 245 18.97 58.34 24.78
CA GLU K 245 19.62 57.32 25.59
C GLU K 245 21.13 57.24 25.34
N TYR K 246 21.49 57.03 24.08
CA TYR K 246 22.89 56.86 23.70
C TYR K 246 23.75 58.10 24.02
N MET K 247 23.19 59.29 23.80
CA MET K 247 23.86 60.54 24.19
C MET K 247 24.08 60.61 25.69
N ALA K 248 23.09 60.18 26.47
CA ALA K 248 23.18 60.21 27.93
C ALA K 248 24.32 59.33 28.40
N TYR K 249 24.40 58.12 27.84
CA TYR K 249 25.45 57.17 28.17
C TYR K 249 26.82 57.72 27.77
N ALA K 250 26.87 58.31 26.59
CA ALA K 250 28.09 58.93 26.08
C ALA K 250 28.62 59.95 27.07
N SER K 251 27.74 60.87 27.46
CA SER K 251 28.09 61.93 28.39
C SER K 251 28.57 61.38 29.74
N LEU K 252 27.85 60.37 30.23
CA LEU K 252 28.25 59.69 31.45
C LEU K 252 29.63 59.04 31.31
N LEU K 253 29.86 58.38 30.17
CA LEU K 253 31.15 57.76 29.90
C LEU K 253 32.28 58.77 29.77
N ALA K 254 32.06 59.82 28.97
CA ALA K 254 33.02 60.91 28.82
C ALA K 254 33.44 61.44 30.19
N GLY K 255 32.47 61.53 31.11
CA GLY K 255 32.73 61.98 32.47
C GLY K 255 33.58 61.01 33.25
N MET K 256 33.28 59.73 33.14
CA MET K 256 34.13 58.71 33.75
C MET K 256 35.56 58.81 33.22
N ALA K 257 35.68 59.24 31.97
CA ALA K 257 36.98 59.42 31.33
C ALA K 257 37.74 60.63 31.84
N PHE K 258 37.15 61.82 31.73
CA PHE K 258 37.88 63.05 32.03
C PHE K 258 38.07 63.30 33.52
N ASN K 259 37.15 62.80 34.34
CA ASN K 259 37.27 62.89 35.79
C ASN K 259 38.57 62.25 36.26
N ASN K 260 39.15 61.42 35.40
CA ASN K 260 40.25 60.57 35.79
C ASN K 260 41.47 60.69 34.92
N ALA K 261 41.25 61.15 33.70
CA ALA K 261 42.33 61.39 32.75
C ALA K 261 42.55 62.88 32.50
N ASN K 262 41.62 63.70 32.98
CA ASN K 262 41.67 65.17 32.79
C ASN K 262 41.45 65.65 31.35
N LEU K 263 41.53 66.96 31.13
CA LEU K 263 41.22 67.58 29.84
C LEU K 263 42.45 68.25 29.18
N GLY K 264 42.24 69.38 28.50
CA GLY K 264 43.34 70.06 27.81
C GLY K 264 43.01 71.46 27.35
N TYR K 265 43.72 71.90 26.32
CA TYR K 265 43.63 73.29 25.84
C TYR K 265 42.22 73.73 25.43
N VAL K 266 41.39 72.81 24.94
CA VAL K 266 40.04 73.19 24.53
C VAL K 266 39.30 73.80 25.72
N HIS K 267 39.32 73.09 26.85
CA HIS K 267 38.68 73.59 28.05
C HIS K 267 39.36 74.83 28.62
N ALA K 268 40.70 74.85 28.60
CA ALA K 268 41.43 76.01 29.11
C ALA K 268 41.03 77.28 28.36
N MET K 269 40.82 77.14 27.05
CA MET K 269 40.43 78.26 26.19
C MET K 269 38.93 78.56 26.26
N ALA K 270 38.12 77.52 26.44
CA ALA K 270 36.67 77.66 26.53
C ALA K 270 36.28 78.49 27.74
N HIS K 271 36.96 78.24 28.87
CA HIS K 271 36.71 78.99 30.10
C HIS K 271 36.94 80.49 29.96
N GLN K 272 37.90 80.86 29.12
CA GLN K 272 38.19 82.28 28.86
C GLN K 272 37.08 82.89 28.03
N LEU K 273 36.64 82.17 27.00
CA LEU K 273 35.50 82.60 26.19
C LEU K 273 34.26 82.73 27.06
N GLY K 274 34.15 81.88 28.08
CA GLY K 274 33.07 81.97 29.06
C GLY K 274 33.24 83.13 30.03
N GLY K 275 34.49 83.43 30.40
CA GLY K 275 34.78 84.50 31.33
C GLY K 275 34.51 85.89 30.78
N LEU K 276 34.78 86.08 29.50
CA LEU K 276 34.76 87.42 28.88
C LEU K 276 33.46 87.78 28.19
N TYR K 277 32.81 86.79 27.58
CA TYR K 277 31.61 87.03 26.79
C TYR K 277 30.42 86.23 27.31
N ASP K 278 30.61 85.61 28.48
CA ASP K 278 29.74 84.55 29.00
C ASP K 278 29.08 83.74 27.88
N MET K 279 29.93 83.12 27.07
CA MET K 279 29.52 82.32 25.94
C MET K 279 29.21 80.92 26.46
N PRO K 280 28.10 80.32 26.00
CA PRO K 280 27.78 78.99 26.51
C PRO K 280 29.00 78.05 26.47
N HIS K 281 29.25 77.38 27.59
CA HIS K 281 30.39 76.46 27.73
C HIS K 281 30.42 75.45 26.59
N GLY K 282 29.25 74.90 26.27
CA GLY K 282 29.10 73.95 25.19
C GLY K 282 29.53 74.48 23.84
N VAL K 283 28.99 75.64 23.45
CA VAL K 283 29.32 76.20 22.14
C VAL K 283 30.78 76.65 22.10
N ALA K 284 31.27 77.17 23.22
CA ALA K 284 32.68 77.59 23.35
C ALA K 284 33.61 76.45 23.00
N ASN K 285 33.36 75.28 23.60
CA ASN K 285 34.15 74.07 23.35
C ASN K 285 34.03 73.65 21.89
N ALA K 286 32.84 73.81 21.34
CA ALA K 286 32.51 73.29 20.01
C ALA K 286 33.30 73.96 18.90
N VAL K 287 33.28 75.30 18.86
CA VAL K 287 33.93 76.06 17.80
C VAL K 287 35.46 75.95 17.88
N LEU K 288 35.97 75.68 19.09
CA LEU K 288 37.40 75.56 19.33
C LEU K 288 37.93 74.16 19.03
N LEU K 289 37.08 73.16 19.21
CA LEU K 289 37.51 71.76 19.24
C LEU K 289 38.44 71.34 18.09
N PRO K 290 37.97 71.48 16.82
CA PRO K 290 38.80 71.01 15.71
C PRO K 290 40.11 71.81 15.53
N HIS K 291 40.11 73.06 15.97
CA HIS K 291 41.30 73.90 15.88
C HIS K 291 42.35 73.53 16.93
N VAL K 292 41.90 73.26 18.14
CA VAL K 292 42.78 72.74 19.17
C VAL K 292 43.19 71.31 18.81
N ALA K 293 42.25 70.55 18.26
CA ALA K 293 42.54 69.20 17.84
C ALA K 293 43.66 69.17 16.80
N ARG K 294 43.55 69.99 15.76
CA ARG K 294 44.61 70.06 14.76
C ARG K 294 45.95 70.40 15.40
N TYR K 295 45.93 71.40 16.29
CA TYR K 295 47.12 71.82 17.00
C TYR K 295 47.72 70.67 17.80
N ASN K 296 46.86 69.88 18.45
CA ASN K 296 47.31 68.78 19.29
C ASN K 296 47.80 67.55 18.51
N LEU K 297 47.44 67.47 17.23
CA LEU K 297 47.67 66.29 16.38
C LEU K 297 49.09 65.72 16.41
N ILE K 298 50.11 66.58 16.38
CA ILE K 298 51.49 66.09 16.39
C ILE K 298 51.87 65.39 17.70
N ALA K 299 51.08 65.60 18.75
CA ALA K 299 51.34 64.96 20.04
C ALA K 299 51.09 63.44 20.00
N ASN K 300 50.02 63.05 19.31
CA ASN K 300 49.65 61.64 19.20
C ASN K 300 48.91 61.35 17.89
N PRO K 301 49.64 61.35 16.76
CA PRO K 301 48.97 61.08 15.49
C PRO K 301 48.16 59.78 15.50
N GLU K 302 48.66 58.76 16.19
CA GLU K 302 48.00 57.47 16.27
C GLU K 302 46.64 57.49 16.98
N LYS K 303 46.53 58.24 18.07
CA LYS K 303 45.24 58.34 18.74
C LYS K 303 44.26 59.17 17.93
N PHE K 304 44.76 60.02 17.06
CA PHE K 304 43.86 60.74 16.16
C PHE K 304 43.35 59.81 15.06
N ALA K 305 44.21 58.91 14.60
CA ALA K 305 43.82 57.85 13.69
C ALA K 305 42.71 56.99 14.30
N ASP K 306 42.88 56.62 15.57
CA ASP K 306 41.84 55.92 16.30
C ASP K 306 40.53 56.72 16.29
N ILE K 307 40.63 58.02 16.53
CA ILE K 307 39.44 58.87 16.61
C ILE K 307 38.65 58.89 15.29
N ALA K 308 39.35 58.98 14.16
CA ALA K 308 38.72 58.94 12.84
C ALA K 308 37.87 57.70 12.70
N GLU K 309 38.49 56.55 13.00
CA GLU K 309 37.87 55.23 12.96
C GLU K 309 36.64 55.17 13.88
N LEU K 310 36.82 55.63 15.11
CA LEU K 310 35.77 55.68 16.12
C LEU K 310 34.57 56.50 15.68
N MET K 311 34.83 57.49 14.83
CA MET K 311 33.78 58.34 14.30
C MET K 311 33.28 57.83 12.96
N GLY K 312 33.71 56.62 12.61
CA GLY K 312 33.17 55.91 11.46
C GLY K 312 33.74 56.30 10.11
N GLU K 313 34.91 56.95 10.11
CA GLU K 313 35.64 57.23 8.88
C GLU K 313 36.32 55.96 8.36
N ASN K 314 36.54 55.90 7.04
CA ASN K 314 37.31 54.82 6.43
C ASN K 314 38.80 55.19 6.34
N ILE K 315 39.62 54.37 6.99
CA ILE K 315 41.02 54.65 7.29
C ILE K 315 41.94 53.66 6.54
N THR K 316 41.31 52.79 5.74
CA THR K 316 41.93 51.60 5.18
C THR K 316 43.26 51.81 4.44
N GLY K 317 43.28 52.66 3.42
CA GLY K 317 44.51 52.78 2.64
C GLY K 317 45.61 53.60 3.31
N LEU K 318 45.25 54.26 4.41
CA LEU K 318 45.89 55.49 4.83
C LEU K 318 47.08 55.38 5.78
N SER K 319 48.06 56.28 5.58
CA SER K 319 49.12 56.51 6.54
C SER K 319 48.53 57.05 7.85
N THR K 320 49.26 56.88 8.95
CA THR K 320 48.79 57.40 10.24
C THR K 320 48.40 58.88 10.14
N LEU K 321 49.24 59.68 9.48
CA LEU K 321 49.00 61.12 9.40
C LEU K 321 47.74 61.46 8.63
N ASP K 322 47.50 60.74 7.54
CA ASP K 322 46.31 60.99 6.73
C ASP K 322 45.03 60.57 7.46
N ALA K 323 45.11 59.48 8.24
CA ALA K 323 44.00 59.04 9.09
C ALA K 323 43.75 60.06 10.20
N ALA K 324 44.83 60.60 10.77
CA ALA K 324 44.73 61.66 11.76
C ALA K 324 43.99 62.86 11.18
N GLU K 325 44.37 63.28 9.97
CA GLU K 325 43.65 64.30 9.21
C GLU K 325 42.14 64.06 9.19
N LYS K 326 41.74 62.81 9.06
CA LYS K 326 40.33 62.49 8.88
C LYS K 326 39.53 62.71 10.15
N ALA K 327 40.19 62.63 11.31
CA ALA K 327 39.56 62.98 12.58
C ALA K 327 39.15 64.45 12.61
N ILE K 328 40.08 65.34 12.24
CA ILE K 328 39.79 66.76 12.26
C ILE K 328 38.62 67.04 11.34
N ALA K 329 38.66 66.50 10.12
CA ALA K 329 37.56 66.65 9.18
C ALA K 329 36.22 66.13 9.71
N ALA K 330 36.26 65.01 10.43
CA ALA K 330 35.03 64.39 10.96
C ALA K 330 34.40 65.23 12.08
N ILE K 331 35.26 65.87 12.89
CA ILE K 331 34.81 66.69 13.98
C ILE K 331 34.14 67.94 13.43
N THR K 332 34.74 68.54 12.41
CA THR K 332 34.15 69.76 11.87
C THR K 332 32.86 69.49 11.05
N ARG K 333 32.79 68.32 10.42
CA ARG K 333 31.59 67.90 9.69
C ARG K 333 30.39 67.76 10.64
N LEU K 334 30.64 67.16 11.80
CA LEU K 334 29.61 66.96 12.82
C LEU K 334 29.18 68.28 13.42
N SER K 335 30.16 69.15 13.67
CA SER K 335 29.93 70.51 14.12
C SER K 335 29.05 71.30 13.15
N MET K 336 29.32 71.21 11.85
CA MET K 336 28.52 71.91 10.85
C MET K 336 27.11 71.31 10.73
N ASP K 337 27.03 69.98 10.68
CA ASP K 337 25.78 69.27 10.48
C ASP K 337 24.75 69.63 11.53
N ILE K 338 25.21 69.92 12.74
CA ILE K 338 24.31 70.18 13.88
C ILE K 338 24.15 71.68 14.15
N GLY K 339 24.69 72.50 13.25
CA GLY K 339 24.46 73.95 13.28
C GLY K 339 25.19 74.73 14.36
N ILE K 340 26.28 74.17 14.88
CA ILE K 340 27.22 74.88 15.72
C ILE K 340 27.82 76.03 14.89
N PRO K 341 27.95 77.23 15.49
CA PRO K 341 28.56 78.35 14.75
C PRO K 341 30.06 78.12 14.57
N GLN K 342 30.54 78.39 13.35
CA GLN K 342 31.88 77.99 12.96
C GLN K 342 32.93 79.07 13.21
N HIS K 343 32.47 80.27 13.55
CA HIS K 343 33.36 81.44 13.69
C HIS K 343 33.10 82.27 14.94
N LEU K 344 34.12 82.40 15.78
CA LEU K 344 34.09 83.25 16.97
C LEU K 344 33.71 84.68 16.65
N ARG K 345 34.02 85.11 15.42
CA ARG K 345 33.70 86.43 14.92
C ARG K 345 32.21 86.75 15.06
N ASP K 346 31.36 85.75 14.87
CA ASP K 346 29.91 85.92 14.94
C ASP K 346 29.35 85.74 16.35
N LEU K 347 30.19 85.30 17.27
CA LEU K 347 29.80 85.21 18.68
C LEU K 347 30.28 86.44 19.46
N GLY K 348 30.65 87.50 18.73
CA GLY K 348 31.04 88.76 19.35
C GLY K 348 32.42 88.75 20.00
N VAL K 349 33.24 87.75 19.68
CA VAL K 349 34.62 87.69 20.16
C VAL K 349 35.46 88.74 19.43
N LYS K 350 36.39 89.36 20.17
CA LYS K 350 37.24 90.39 19.62
C LYS K 350 38.71 89.97 19.59
N GLU K 351 39.36 90.22 18.47
CA GLU K 351 40.76 89.81 18.26
C GLU K 351 41.73 90.43 19.27
N THR K 352 41.42 91.65 19.71
CA THR K 352 42.23 92.36 20.70
C THR K 352 42.26 91.67 22.06
N ASP K 353 41.32 90.76 22.29
CA ASP K 353 41.23 90.04 23.55
C ASP K 353 42.07 88.77 23.59
N PHE K 354 42.63 88.38 22.44
CA PHE K 354 43.38 87.12 22.33
C PHE K 354 44.57 87.00 23.29
N PRO K 355 45.45 88.02 23.37
CA PRO K 355 46.63 87.86 24.21
C PRO K 355 46.27 87.61 25.67
N TYR K 356 45.28 88.36 26.16
CA TYR K 356 44.82 88.23 27.55
C TYR K 356 44.26 86.84 27.80
N MET K 357 43.39 86.39 26.90
CA MET K 357 42.80 85.06 26.96
C MET K 357 43.84 83.96 26.86
N ALA K 358 44.86 84.17 26.03
CA ALA K 358 45.96 83.22 25.90
C ALA K 358 46.68 83.05 27.23
N GLU K 359 46.96 84.18 27.89
CA GLU K 359 47.64 84.19 29.19
C GLU K 359 46.85 83.42 30.25
N MET K 360 45.56 83.76 30.39
CA MET K 360 44.70 83.08 31.35
C MET K 360 44.53 81.60 31.02
N ALA K 361 44.38 81.27 29.74
CA ALA K 361 44.23 79.88 29.31
C ALA K 361 45.42 79.00 29.73
N LEU K 362 46.63 79.55 29.59
CA LEU K 362 47.84 78.84 29.96
C LEU K 362 47.92 78.57 31.46
N LYS K 363 47.12 79.29 32.25
CA LYS K 363 47.15 79.17 33.72
C LYS K 363 45.99 78.35 34.26
N ASP K 364 45.02 78.05 33.40
CA ASP K 364 43.85 77.25 33.76
C ASP K 364 44.28 75.83 34.16
N GLY K 365 43.56 75.24 35.13
CA GLY K 365 43.85 73.89 35.60
C GLY K 365 43.83 72.80 34.54
N ASN K 366 43.01 72.97 33.51
CA ASN K 366 42.94 72.02 32.40
C ASN K 366 44.14 72.04 31.47
N ALA K 367 44.91 73.12 31.49
CA ALA K 367 46.03 73.30 30.58
C ALA K 367 47.14 72.27 30.79
N PHE K 368 47.38 71.86 32.03
CA PHE K 368 48.55 71.02 32.33
C PHE K 368 48.51 69.58 31.78
N SER K 369 47.33 69.06 31.49
CA SER K 369 47.21 67.70 30.97
C SER K 369 47.15 67.65 29.44
N ASN K 370 47.23 68.81 28.80
CA ASN K 370 47.21 68.88 27.34
C ASN K 370 48.48 68.20 26.79
N PRO K 371 48.31 67.31 25.79
CA PRO K 371 49.43 66.51 25.29
C PRO K 371 50.55 67.30 24.60
N ARG K 372 50.23 68.47 24.07
CA ARG K 372 51.21 69.37 23.48
C ARG K 372 51.42 70.56 24.41
N LYS K 373 52.68 70.82 24.79
CA LYS K 373 52.98 71.95 25.66
C LYS K 373 53.22 73.20 24.82
N GLY K 374 52.31 74.16 24.96
CA GLY K 374 52.36 75.37 24.17
C GLY K 374 52.81 76.59 24.95
N ASN K 375 52.55 77.76 24.38
CA ASN K 375 52.78 79.03 25.07
C ASN K 375 51.74 80.04 24.65
N GLU K 376 51.84 81.26 25.17
CA GLU K 376 50.86 82.31 24.89
C GLU K 376 50.70 82.68 23.42
N GLN K 377 51.80 82.68 22.66
CA GLN K 377 51.74 83.02 21.25
C GLN K 377 50.92 81.97 20.48
N GLU K 378 51.19 80.69 20.77
CA GLU K 378 50.54 79.57 20.10
C GLU K 378 49.05 79.45 20.39
N ILE K 379 48.67 79.72 21.64
CA ILE K 379 47.26 79.70 22.04
C ILE K 379 46.53 80.91 21.42
N ALA K 380 47.20 82.04 21.34
CA ALA K 380 46.65 83.18 20.62
C ALA K 380 46.41 82.82 19.14
N ALA K 381 47.30 82.02 18.57
CA ALA K 381 47.17 81.61 17.17
C ALA K 381 45.98 80.67 16.96
N ILE K 382 45.75 79.76 17.91
CA ILE K 382 44.58 78.88 17.84
C ILE K 382 43.28 79.69 17.85
N PHE K 383 43.18 80.66 18.74
CA PHE K 383 42.04 81.57 18.77
C PHE K 383 41.84 82.20 17.39
N ARG K 384 42.92 82.67 16.79
CA ARG K 384 42.91 83.31 15.47
C ARG K 384 42.41 82.37 14.37
N GLN K 385 42.77 81.09 14.48
CA GLN K 385 42.30 80.06 13.54
C GLN K 385 40.79 79.84 13.65
N ALA K 386 40.24 80.04 14.84
CA ALA K 386 38.81 79.83 15.10
C ALA K 386 37.95 81.07 14.87
N PHE K 387 38.59 82.19 14.55
CA PHE K 387 37.91 83.49 14.48
C PHE K 387 36.86 83.56 13.37
N ARG L 4 0.10 38.12 -17.13
CA ARG L 4 0.18 39.51 -17.64
C ARG L 4 -0.68 40.49 -16.83
N MET L 5 -1.62 39.96 -16.06
CA MET L 5 -2.45 40.76 -15.15
C MET L 5 -2.54 40.08 -13.78
N PHE L 6 -2.47 40.86 -12.71
CA PHE L 6 -2.44 40.29 -11.36
C PHE L 6 -3.52 40.84 -10.45
N ASP L 7 -3.91 40.04 -9.46
CA ASP L 7 -4.73 40.54 -8.36
C ASP L 7 -3.87 40.64 -7.11
N TYR L 8 -4.33 41.45 -6.15
CA TYR L 8 -3.62 41.68 -4.89
C TYR L 8 -4.66 41.92 -3.81
N LEU L 9 -4.90 40.87 -3.04
CA LEU L 9 -5.92 40.89 -2.00
C LEU L 9 -5.24 40.87 -0.64
N VAL L 10 -5.81 41.63 0.29
CA VAL L 10 -5.27 41.79 1.65
C VAL L 10 -6.36 42.43 2.53
N PRO L 11 -6.45 42.04 3.82
CA PRO L 11 -7.44 42.67 4.68
C PRO L 11 -7.39 44.20 4.61
N ASN L 12 -8.56 44.80 4.61
CA ASN L 12 -8.74 46.25 4.56
C ASN L 12 -7.88 46.98 5.58
N VAL L 13 -7.96 46.51 6.83
CA VAL L 13 -7.40 47.19 7.99
C VAL L 13 -6.50 46.23 8.75
N ASN L 14 -5.23 46.59 8.91
CA ASN L 14 -4.26 45.74 9.59
C ASN L 14 -3.56 46.49 10.71
N PHE L 15 -3.50 45.87 11.89
CA PHE L 15 -2.82 46.44 13.03
C PHE L 15 -1.67 45.53 13.40
N PHE L 16 -0.53 46.13 13.74
CA PHE L 16 0.65 45.37 14.18
C PHE L 16 1.58 46.20 15.04
N GLY L 17 2.49 45.50 15.75
CA GLY L 17 3.39 46.13 16.70
C GLY L 17 2.99 45.78 18.11
N PRO L 18 3.88 46.01 19.09
CA PRO L 18 3.58 45.55 20.44
C PRO L 18 2.38 46.27 21.04
N ASN L 19 1.52 45.54 21.76
CA ASN L 19 0.34 46.10 22.41
C ASN L 19 -0.79 46.44 21.40
N ALA L 20 -0.74 45.81 20.23
CA ALA L 20 -1.73 46.02 19.19
C ALA L 20 -3.07 45.34 19.50
N ILE L 21 -3.07 44.40 20.43
CA ILE L 21 -4.31 43.73 20.86
C ILE L 21 -5.35 44.73 21.39
N SER L 22 -4.87 45.88 21.86
CA SER L 22 -5.73 46.85 22.54
C SER L 22 -6.86 47.40 21.67
N VAL L 23 -6.74 47.24 20.35
CA VAL L 23 -7.73 47.78 19.42
C VAL L 23 -8.89 46.84 19.07
N VAL L 24 -8.76 45.54 19.36
CA VAL L 24 -9.77 44.53 19.00
C VAL L 24 -11.21 44.94 19.32
N GLY L 25 -11.43 45.47 20.53
CA GLY L 25 -12.77 45.83 20.98
C GLY L 25 -13.30 47.04 20.25
N GLU L 26 -12.45 48.07 20.12
CA GLU L 26 -12.77 49.26 19.36
C GLU L 26 -13.08 48.87 17.92
N ARG L 27 -12.35 47.88 17.42
CA ARG L 27 -12.50 47.40 16.06
C ARG L 27 -13.80 46.66 15.79
N CYS L 28 -14.30 45.93 16.79
CA CYS L 28 -15.59 45.27 16.69
C CYS L 28 -16.74 46.28 16.71
N GLN L 29 -16.60 47.29 17.57
CA GLN L 29 -17.55 48.41 17.60
C GLN L 29 -17.72 49.02 16.22
N LEU L 30 -16.59 49.20 15.52
CA LEU L 30 -16.56 49.85 14.21
C LEU L 30 -17.13 48.98 13.10
N LEU L 31 -17.00 47.66 13.24
CA LEU L 31 -17.61 46.71 12.32
C LEU L 31 -19.05 46.35 12.70
N GLY L 32 -19.57 47.04 13.72
CA GLY L 32 -20.95 46.86 14.20
C GLY L 32 -21.19 45.54 14.90
N GLY L 33 -20.18 45.04 15.61
CA GLY L 33 -20.26 43.77 16.30
C GLY L 33 -20.82 43.91 17.71
N LYS L 34 -22.00 43.33 17.92
CA LYS L 34 -22.68 43.41 19.22
C LYS L 34 -22.20 42.30 20.16
N LYS L 35 -21.99 41.11 19.61
CA LYS L 35 -21.55 39.96 20.39
C LYS L 35 -20.61 39.07 19.58
N ALA L 36 -19.48 38.71 20.18
CA ALA L 36 -18.40 38.03 19.46
C ALA L 36 -18.28 36.55 19.78
N LEU L 37 -18.05 35.75 18.73
CA LEU L 37 -17.67 34.35 18.87
C LEU L 37 -16.15 34.28 18.87
N LEU L 38 -15.59 33.84 19.99
CA LEU L 38 -14.16 33.74 20.17
C LEU L 38 -13.68 32.36 19.75
N VAL L 39 -13.04 32.28 18.58
CA VAL L 39 -12.60 30.99 18.04
C VAL L 39 -11.12 30.73 18.34
N THR L 40 -10.85 29.69 19.13
CA THR L 40 -9.49 29.40 19.62
C THR L 40 -9.24 27.92 19.98
N ASP L 41 -8.00 27.63 20.38
CA ASP L 41 -7.59 26.31 20.86
C ASP L 41 -7.90 26.16 22.34
N LYS L 42 -7.90 24.92 22.82
CA LYS L 42 -7.96 24.63 24.25
C LYS L 42 -6.66 25.08 24.94
N GLY L 43 -5.54 24.86 24.25
CA GLY L 43 -4.20 25.23 24.75
C GLY L 43 -4.02 26.70 25.03
N LEU L 44 -4.39 27.54 24.07
CA LEU L 44 -4.36 29.00 24.26
C LEU L 44 -5.37 29.44 25.33
N ARG L 45 -6.60 28.94 25.22
CA ARG L 45 -7.64 29.16 26.23
C ARG L 45 -7.17 28.72 27.61
N LYS L 48 -6.67 33.41 33.24
CA LYS L 48 -5.91 32.16 33.22
C LYS L 48 -4.42 32.37 32.89
N ASP L 49 -4.10 33.28 31.98
CA ASP L 49 -2.71 33.59 31.64
C ASP L 49 -2.47 35.02 31.10
N GLY L 50 -2.85 35.26 29.84
CA GLY L 50 -2.68 36.58 29.24
C GLY L 50 -2.41 36.53 27.74
N ALA L 51 -3.37 35.99 26.99
CA ALA L 51 -3.30 35.88 25.53
C ALA L 51 -4.72 35.89 24.94
N VAL L 52 -5.53 34.91 25.35
CA VAL L 52 -6.97 34.95 25.10
C VAL L 52 -7.65 35.83 26.14
N ASP L 53 -6.97 36.03 27.27
CA ASP L 53 -7.45 36.91 28.33
C ASP L 53 -7.42 38.37 27.89
N LYS L 54 -6.33 38.79 27.24
CA LYS L 54 -6.16 40.18 26.82
C LYS L 54 -7.28 40.59 25.87
N THR L 55 -7.54 39.75 24.88
CA THR L 55 -8.59 40.03 23.90
C THR L 55 -9.96 40.07 24.56
N LEU L 56 -10.19 39.15 25.49
CA LEU L 56 -11.40 39.12 26.32
C LEU L 56 -11.55 40.39 27.15
N HIS L 57 -10.44 40.88 27.70
CA HIS L 57 -10.43 42.10 28.50
C HIS L 57 -10.84 43.35 27.72
N TYR L 58 -10.22 43.56 26.55
CA TYR L 58 -10.53 44.71 25.70
C TYR L 58 -11.90 44.58 25.04
N LEU L 59 -12.31 43.35 24.75
CA LEU L 59 -13.62 43.07 24.18
C LEU L 59 -14.73 43.41 25.18
N ARG L 60 -14.49 43.15 26.47
CA ARG L 60 -15.44 43.48 27.52
C ARG L 60 -15.34 44.95 27.97
N GLU L 61 -14.16 45.53 27.84
CA GLU L 61 -13.94 46.93 28.20
C GLU L 61 -14.60 47.87 27.17
N ALA L 62 -14.75 47.37 25.94
CA ALA L 62 -15.36 48.13 24.85
C ALA L 62 -16.88 47.96 24.79
N GLY L 63 -17.42 47.05 25.60
CA GLY L 63 -18.86 46.84 25.69
C GLY L 63 -19.40 45.69 24.83
N ILE L 64 -18.50 44.87 24.32
CA ILE L 64 -18.89 43.71 23.49
C ILE L 64 -18.92 42.43 24.33
N GLU L 65 -20.07 41.75 24.30
CA GLU L 65 -20.20 40.44 24.94
C GLU L 65 -19.53 39.35 24.12
N VAL L 66 -19.12 38.28 24.79
CA VAL L 66 -18.33 37.24 24.14
C VAL L 66 -18.77 35.83 24.53
N ALA L 67 -18.98 35.00 23.51
CA ALA L 67 -19.14 33.56 23.68
C ALA L 67 -17.85 32.90 23.19
N ILE L 68 -17.37 31.92 23.96
CA ILE L 68 -16.13 31.21 23.64
C ILE L 68 -16.39 29.93 22.86
N PHE L 69 -15.61 29.73 21.81
CA PHE L 69 -15.52 28.41 21.17
C PHE L 69 -14.06 27.99 21.09
N ASP L 70 -13.71 26.99 21.88
CA ASP L 70 -12.33 26.50 21.96
C ASP L 70 -12.20 25.07 21.44
N GLY L 71 -13.16 24.67 20.60
CA GLY L 71 -13.20 23.30 20.09
C GLY L 71 -12.48 23.10 18.78
N VAL L 72 -11.42 23.89 18.56
CA VAL L 72 -10.63 23.81 17.33
C VAL L 72 -9.50 22.81 17.53
N GLU L 73 -9.39 21.87 16.60
CA GLU L 73 -8.31 20.89 16.62
C GLU L 73 -7.08 21.44 15.91
N PRO L 74 -5.87 20.99 16.32
CA PRO L 74 -4.73 21.22 15.42
C PRO L 74 -5.03 20.45 14.14
N ASN L 75 -5.03 21.15 13.01
CA ASN L 75 -5.65 20.65 11.78
C ASN L 75 -7.18 20.72 11.91
N PRO L 76 -7.76 21.94 11.78
CA PRO L 76 -9.19 22.16 12.01
C PRO L 76 -10.09 21.27 11.15
N LYS L 77 -11.09 20.67 11.77
CA LYS L 77 -11.98 19.73 11.10
C LYS L 77 -13.33 20.37 10.76
N ASP L 78 -14.02 19.78 9.78
CA ASP L 78 -15.31 20.30 9.33
C ASP L 78 -16.40 20.21 10.41
N THR L 79 -16.23 19.26 11.33
CA THR L 79 -17.12 19.11 12.50
C THR L 79 -16.88 20.23 13.52
N ASN L 80 -15.68 20.79 13.53
CA ASN L 80 -15.35 21.93 14.39
C ASN L 80 -16.08 23.19 13.93
N VAL L 81 -16.28 23.30 12.62
CA VAL L 81 -17.06 24.39 12.03
C VAL L 81 -18.54 24.25 12.42
N ARG L 82 -19.09 23.05 12.26
CA ARG L 82 -20.49 22.78 12.60
C ARG L 82 -20.79 22.93 14.09
N ASP L 83 -19.83 22.61 14.95
CA ASP L 83 -19.99 22.78 16.39
C ASP L 83 -19.91 24.25 16.77
N GLY L 84 -18.99 24.97 16.13
CA GLY L 84 -18.81 26.41 16.36
C GLY L 84 -19.99 27.20 15.84
N LEU L 85 -20.54 26.76 14.71
CA LEU L 85 -21.71 27.40 14.11
C LEU L 85 -22.91 27.35 15.06
N ALA L 86 -23.03 26.24 15.80
CA ALA L 86 -24.10 26.07 16.78
C ALA L 86 -23.95 27.04 17.95
N VAL L 87 -22.71 27.41 18.26
CA VAL L 87 -22.44 28.38 19.31
C VAL L 87 -22.72 29.79 18.78
N PHE L 88 -22.39 30.00 17.51
CA PHE L 88 -22.65 31.26 16.82
C PHE L 88 -24.15 31.59 16.74
N ARG L 89 -24.98 30.55 16.64
CA ARG L 89 -26.42 30.74 16.51
C ARG L 89 -27.17 30.71 17.84
N ARG L 90 -26.77 29.80 18.72
CA ARG L 90 -27.39 29.66 20.04
C ARG L 90 -27.09 30.86 20.94
N GLU L 91 -25.86 31.38 20.86
CA GLU L 91 -25.48 32.54 21.65
C GLU L 91 -25.74 33.86 20.90
N GLN L 92 -26.43 33.77 19.77
CA GLN L 92 -26.86 34.93 18.97
C GLN L 92 -25.73 35.91 18.66
N CYS L 93 -24.71 35.43 17.93
CA CYS L 93 -23.51 36.21 17.65
C CYS L 93 -23.61 37.04 16.37
N ASP L 94 -22.79 38.08 16.31
CA ASP L 94 -22.84 39.09 15.26
C ASP L 94 -21.50 39.14 14.53
N ILE L 95 -20.42 38.93 15.27
CA ILE L 95 -19.04 39.06 14.77
C ILE L 95 -18.17 37.86 15.20
N ILE L 96 -17.08 37.62 14.48
CA ILE L 96 -16.15 36.53 14.81
C ILE L 96 -14.74 37.05 15.11
N VAL L 97 -14.28 36.79 16.33
CA VAL L 97 -12.89 37.08 16.71
C VAL L 97 -12.11 35.77 16.86
N THR L 98 -11.11 35.57 16.01
CA THR L 98 -10.27 34.37 16.09
C THR L 98 -8.90 34.70 16.68
N VAL L 99 -8.54 34.03 17.77
CA VAL L 99 -7.23 34.23 18.38
C VAL L 99 -6.37 32.97 18.36
N GLY L 100 -5.19 33.08 17.76
CA GLY L 100 -4.23 31.97 17.69
C GLY L 100 -3.49 31.90 16.37
N GLY L 101 -2.86 30.75 16.11
CA GLY L 101 -2.17 30.51 14.84
C GLY L 101 -3.11 30.08 13.73
N GLY L 102 -2.62 29.25 12.82
CA GLY L 102 -3.36 28.80 11.63
C GLY L 102 -4.74 28.22 11.89
N SER L 103 -4.79 27.18 12.71
CA SER L 103 -6.03 26.47 13.05
C SER L 103 -7.25 27.39 13.33
N PRO L 104 -7.20 28.17 14.43
CA PRO L 104 -8.36 29.00 14.79
C PRO L 104 -8.82 29.94 13.67
N HIS L 105 -7.90 30.41 12.84
CA HIS L 105 -8.26 31.30 11.74
C HIS L 105 -9.14 30.61 10.67
N ASP L 106 -8.64 29.52 10.09
CA ASP L 106 -9.39 28.77 9.07
C ASP L 106 -10.75 28.30 9.60
N CYS L 107 -10.79 27.93 10.88
CA CYS L 107 -12.04 27.56 11.55
C CYS L 107 -13.02 28.73 11.64
N GLY L 108 -12.57 29.85 12.18
CA GLY L 108 -13.37 31.07 12.27
C GLY L 108 -13.93 31.45 10.91
N LYS L 109 -13.06 31.49 9.91
CA LYS L 109 -13.45 31.73 8.52
C LYS L 109 -14.53 30.77 8.05
N GLY L 110 -14.32 29.48 8.33
CA GLY L 110 -15.28 28.43 7.97
C GLY L 110 -16.64 28.62 8.62
N ILE L 111 -16.62 28.97 9.91
CA ILE L 111 -17.83 29.28 10.67
C ILE L 111 -18.56 30.47 10.03
N GLY L 112 -17.80 31.44 9.54
CA GLY L 112 -18.35 32.58 8.80
C GLY L 112 -19.00 32.19 7.49
N ILE L 113 -18.35 31.31 6.73
CA ILE L 113 -18.90 30.85 5.45
C ILE L 113 -20.18 30.06 5.65
N ALA L 114 -20.13 29.08 6.54
CA ALA L 114 -21.25 28.18 6.81
C ALA L 114 -22.43 28.84 7.51
N ALA L 115 -22.27 30.10 7.89
CA ALA L 115 -23.34 30.89 8.50
C ALA L 115 -23.97 31.85 7.48
N THR L 116 -23.42 31.87 6.27
CA THR L 116 -23.84 32.82 5.25
C THR L 116 -24.14 32.14 3.91
N HIS L 117 -23.86 30.84 3.84
CA HIS L 117 -24.06 30.05 2.61
C HIS L 117 -24.78 28.72 2.91
N GLU L 118 -25.33 28.09 1.87
CA GLU L 118 -26.23 26.92 2.02
C GLU L 118 -25.65 25.79 2.88
N GLY L 119 -26.44 25.40 3.88
CA GLY L 119 -26.04 24.45 4.92
C GLY L 119 -25.19 23.26 4.57
N ASP L 120 -23.89 23.50 4.35
CA ASP L 120 -22.90 22.45 4.19
C ASP L 120 -21.48 22.98 4.42
N LEU L 121 -20.54 22.59 3.55
CA LEU L 121 -19.12 22.93 3.70
C LEU L 121 -18.33 22.58 2.43
N TYR L 122 -18.02 21.28 2.31
CA TYR L 122 -17.33 20.66 1.18
C TYR L 122 -17.90 21.06 -0.17
N GLN L 123 -19.14 21.56 -0.15
CA GLN L 123 -19.85 22.02 -1.34
C GLN L 123 -19.16 23.20 -2.01
N TYR L 124 -18.48 24.02 -1.22
CA TYR L 124 -17.89 25.27 -1.71
C TYR L 124 -16.38 25.20 -1.98
N ALA L 125 -15.84 23.99 -2.05
CA ALA L 125 -14.42 23.78 -2.35
C ALA L 125 -14.05 24.23 -3.75
N GLY L 126 -12.96 24.98 -3.88
CA GLY L 126 -12.55 25.57 -5.16
C GLY L 126 -12.37 27.07 -5.08
N ILE L 127 -12.18 27.71 -6.24
CA ILE L 127 -11.92 29.16 -6.31
C ILE L 127 -13.16 30.03 -6.00
N GLU L 128 -13.17 31.26 -6.51
CA GLU L 128 -14.22 32.25 -6.22
C GLU L 128 -15.64 31.68 -6.36
N THR L 129 -16.11 31.01 -5.31
CA THR L 129 -17.39 30.32 -5.32
C THR L 129 -18.32 30.77 -4.18
N LEU L 130 -18.02 31.95 -3.63
CA LEU L 130 -18.77 32.49 -2.51
C LEU L 130 -19.52 33.77 -2.93
N THR L 131 -20.84 33.75 -2.76
CA THR L 131 -21.68 34.84 -3.26
C THR L 131 -21.92 35.96 -2.23
N ASN L 132 -22.07 35.58 -0.96
CA ASN L 132 -22.48 36.52 0.09
C ASN L 132 -21.35 36.85 1.07
N PRO L 133 -21.34 38.10 1.60
CA PRO L 133 -20.29 38.47 2.55
C PRO L 133 -20.47 37.77 3.88
N LEU L 134 -19.39 37.21 4.42
CA LEU L 134 -19.40 36.55 5.73
C LEU L 134 -19.66 37.60 6.82
N PRO L 135 -19.89 37.15 8.07
CA PRO L 135 -19.90 38.13 9.15
C PRO L 135 -18.49 38.68 9.37
N PRO L 136 -18.38 39.93 9.85
CA PRO L 136 -17.05 40.52 10.01
C PRO L 136 -16.15 39.66 10.89
N ILE L 137 -14.91 39.47 10.44
CA ILE L 137 -13.93 38.67 11.17
C ILE L 137 -12.77 39.55 11.62
N VAL L 138 -12.51 39.53 12.93
CA VAL L 138 -11.32 40.16 13.48
C VAL L 138 -10.33 39.06 13.84
N ALA L 139 -9.27 38.95 13.04
CA ALA L 139 -8.28 37.88 13.20
C ALA L 139 -7.07 38.33 14.00
N VAL L 140 -6.90 37.74 15.18
CA VAL L 140 -5.71 37.99 16.01
C VAL L 140 -4.76 36.80 15.96
N ASN L 141 -3.54 37.09 15.52
CA ASN L 141 -2.52 36.09 15.22
C ASN L 141 -1.47 36.01 16.32
N THR L 142 -1.11 34.79 16.70
CA THR L 142 -0.20 34.54 17.83
C THR L 142 1.06 33.78 17.38
N THR L 143 1.23 33.65 16.07
CA THR L 143 2.33 32.85 15.51
C THR L 143 3.00 33.57 14.35
N ALA L 144 4.33 33.66 14.40
CA ALA L 144 5.08 34.31 13.33
C ALA L 144 5.40 33.28 12.25
N GLY L 145 4.33 32.71 11.68
CA GLY L 145 4.46 31.59 10.77
C GLY L 145 3.52 31.53 9.58
N THR L 146 2.21 31.42 9.84
CA THR L 146 1.27 31.00 8.80
C THR L 146 0.67 32.14 7.98
N ALA L 147 0.31 33.23 8.66
CA ALA L 147 -0.29 34.41 8.04
C ALA L 147 -1.66 34.13 7.40
N SER L 148 -2.39 33.20 8.01
CA SER L 148 -3.77 32.90 7.61
C SER L 148 -4.67 34.10 7.84
N GLU L 149 -4.31 34.93 8.83
CA GLU L 149 -5.11 36.10 9.20
C GLU L 149 -5.11 37.21 8.15
N VAL L 150 -4.36 37.01 7.06
CA VAL L 150 -4.20 38.03 6.02
C VAL L 150 -4.55 37.45 4.63
N THR L 151 -5.20 36.29 4.66
CA THR L 151 -5.27 35.39 3.51
C THR L 151 -6.69 35.06 2.99
N ARG L 152 -6.76 34.62 1.73
CA ARG L 152 -8.03 34.32 1.04
C ARG L 152 -8.42 32.84 1.14
N HIS L 153 -7.59 32.06 1.84
CA HIS L 153 -7.78 30.62 1.91
C HIS L 153 -8.45 30.20 3.21
N CYS L 154 -9.34 29.22 3.09
CA CYS L 154 -9.90 28.50 4.22
C CYS L 154 -9.67 27.03 3.92
N VAL L 155 -8.88 26.36 4.76
CA VAL L 155 -8.55 24.95 4.54
C VAL L 155 -8.98 24.06 5.71
N LEU L 156 -10.06 23.31 5.48
CA LEU L 156 -10.55 22.34 6.45
C LEU L 156 -10.26 20.90 6.00
N THR L 157 -10.37 19.98 6.94
CA THR L 157 -10.29 18.55 6.65
C THR L 157 -11.70 17.97 6.66
N ASN L 158 -11.99 17.09 5.70
CA ASN L 158 -13.27 16.41 5.64
C ASN L 158 -13.19 15.09 6.39
N THR L 159 -14.08 14.92 7.38
CA THR L 159 -14.07 13.74 8.24
C THR L 159 -14.47 12.46 7.49
N GLU L 160 -15.29 12.63 6.45
CA GLU L 160 -15.77 11.50 5.65
C GLU L 160 -14.67 10.93 4.75
N THR L 161 -13.99 11.79 4.00
CA THR L 161 -12.97 11.35 3.04
C THR L 161 -11.55 11.29 3.63
N LYS L 162 -11.37 11.90 4.81
CA LYS L 162 -10.05 12.02 5.45
C LYS L 162 -9.02 12.73 4.54
N VAL L 163 -9.48 13.81 3.90
CA VAL L 163 -8.66 14.63 3.01
C VAL L 163 -9.06 16.11 3.12
N LYS L 164 -8.06 16.99 3.11
CA LYS L 164 -8.29 18.44 3.23
C LYS L 164 -8.88 19.06 1.96
N PHE L 165 -9.69 20.11 2.14
CA PHE L 165 -10.22 20.88 1.02
C PHE L 165 -10.04 22.39 1.23
N VAL L 166 -10.05 23.14 0.14
CA VAL L 166 -9.79 24.57 0.20
C VAL L 166 -10.91 25.38 -0.44
N ILE L 167 -11.34 26.43 0.26
CA ILE L 167 -12.23 27.45 -0.28
C ILE L 167 -11.42 28.72 -0.48
N VAL L 168 -11.29 29.15 -1.72
CA VAL L 168 -10.50 30.34 -2.08
C VAL L 168 -11.43 31.46 -2.52
N SER L 169 -11.36 32.60 -1.83
CA SER L 169 -12.26 33.72 -2.09
C SER L 169 -11.80 35.01 -1.43
N TRP L 170 -12.14 36.13 -2.06
CA TRP L 170 -11.89 37.46 -1.49
C TRP L 170 -12.75 37.72 -0.26
N ARG L 171 -13.74 36.85 -0.05
CA ARG L 171 -14.65 37.00 1.08
C ARG L 171 -14.10 36.34 2.34
N ASN L 172 -13.06 35.51 2.16
CA ASN L 172 -12.35 34.89 3.27
C ASN L 172 -11.36 35.83 3.96
N LEU L 173 -10.97 36.89 3.25
CA LEU L 173 -10.17 37.97 3.82
C LEU L 173 -10.81 38.47 5.11
N PRO L 174 -10.10 38.35 6.25
CA PRO L 174 -10.59 38.95 7.49
C PRO L 174 -10.79 40.45 7.32
N SER L 175 -11.70 41.02 8.11
CA SER L 175 -11.99 42.44 8.08
C SER L 175 -10.82 43.21 8.70
N VAL L 176 -10.33 42.69 9.82
CA VAL L 176 -9.22 43.30 10.54
C VAL L 176 -8.26 42.21 10.97
N SER L 177 -6.98 42.39 10.66
CA SER L 177 -5.94 41.48 11.12
C SER L 177 -5.13 42.19 12.20
N ILE L 178 -4.65 41.42 13.17
CA ILE L 178 -3.89 41.97 14.29
C ILE L 178 -2.68 41.10 14.61
N ASN L 179 -1.49 41.70 14.51
CA ASN L 179 -0.24 41.04 14.81
C ASN L 179 0.54 41.71 15.94
N ASP L 180 0.18 41.35 17.17
CA ASP L 180 0.82 41.88 18.37
C ASP L 180 1.92 40.92 18.80
N PRO L 181 3.19 41.31 18.61
CA PRO L 181 4.34 40.48 19.02
C PRO L 181 4.41 40.18 20.51
N LEU L 182 3.74 40.99 21.33
CA LEU L 182 3.67 40.73 22.76
C LEU L 182 2.93 39.43 23.08
N LEU L 183 2.13 38.95 22.12
CA LEU L 183 1.33 37.76 22.30
C LEU L 183 2.08 36.50 21.90
N MET L 184 3.26 36.69 21.30
CA MET L 184 4.04 35.59 20.72
C MET L 184 5.29 35.20 21.52
N ILE L 185 5.58 35.94 22.58
CA ILE L 185 6.81 35.77 23.36
C ILE L 185 6.92 34.39 24.04
N GLY L 186 5.77 33.78 24.34
CA GLY L 186 5.72 32.48 25.01
C GLY L 186 5.99 31.25 24.17
N LYS L 187 6.23 31.45 22.87
CA LYS L 187 6.54 30.34 21.96
C LYS L 187 7.89 29.69 22.30
N PRO L 188 7.90 28.35 22.46
CA PRO L 188 9.14 27.61 22.72
C PRO L 188 10.10 27.64 21.53
N ALA L 189 11.40 27.49 21.79
CA ALA L 189 12.45 27.65 20.78
C ALA L 189 12.16 26.89 19.48
N ALA L 190 11.79 25.61 19.61
CA ALA L 190 11.51 24.75 18.46
C ALA L 190 10.32 25.26 17.64
N LEU L 191 9.31 25.76 18.34
CA LEU L 191 8.09 26.26 17.72
C LEU L 191 8.35 27.54 16.93
N THR L 192 9.16 28.44 17.47
CA THR L 192 9.54 29.67 16.77
C THR L 192 10.51 29.40 15.61
N ALA L 193 11.30 28.34 15.71
CA ALA L 193 12.16 27.92 14.60
C ALA L 193 11.35 27.38 13.40
N ALA L 194 10.41 26.49 13.68
CA ALA L 194 9.56 25.90 12.66
C ALA L 194 8.66 26.93 11.98
N THR L 195 8.02 27.79 12.77
CA THR L 195 7.11 28.80 12.26
C THR L 195 7.86 29.88 11.47
N GLY L 196 9.08 30.16 11.91
CA GLY L 196 9.94 31.10 11.22
C GLY L 196 10.35 30.60 9.85
N MET L 197 10.61 29.29 9.76
CA MET L 197 11.02 28.67 8.50
C MET L 197 9.84 28.50 7.55
N ASP L 198 8.66 28.29 8.13
CA ASP L 198 7.39 28.36 7.41
C ASP L 198 7.26 29.71 6.71
N ALA L 199 7.57 30.79 7.45
CA ALA L 199 7.51 32.15 6.91
C ALA L 199 8.56 32.41 5.84
N LEU L 200 9.77 31.90 6.04
CA LEU L 200 10.84 32.03 5.03
C LEU L 200 10.40 31.37 3.74
N THR L 201 9.85 30.16 3.87
CA THR L 201 9.34 29.39 2.74
C THR L 201 8.27 30.19 1.98
N HIS L 202 7.32 30.79 2.70
CA HIS L 202 6.33 31.65 2.07
C HIS L 202 7.01 32.75 1.24
N ALA L 203 8.07 33.33 1.78
CA ALA L 203 8.77 34.43 1.15
C ALA L 203 9.54 33.99 -0.09
N VAL L 204 10.39 32.96 0.03
CA VAL L 204 11.17 32.54 -1.14
C VAL L 204 10.30 31.93 -2.23
N GLU L 205 9.28 31.16 -1.85
CA GLU L 205 8.39 30.56 -2.83
C GLU L 205 7.56 31.59 -3.57
N ALA L 206 7.08 32.61 -2.85
CA ALA L 206 6.37 33.73 -3.46
C ALA L 206 7.28 34.59 -4.34
N TYR L 207 8.55 34.69 -3.97
CA TYR L 207 9.52 35.49 -4.74
C TYR L 207 9.86 34.86 -6.09
N ILE L 208 10.05 33.54 -6.11
CA ILE L 208 10.43 32.82 -7.33
C ILE L 208 9.26 32.23 -8.14
N SER L 209 8.06 32.30 -7.57
CA SER L 209 6.85 31.75 -8.20
C SER L 209 6.58 32.29 -9.61
N LYS L 210 5.98 31.45 -10.44
CA LYS L 210 5.52 31.87 -11.77
C LYS L 210 4.63 33.10 -11.68
N ASP L 211 3.94 33.24 -10.56
CA ASP L 211 2.95 34.28 -10.34
C ASP L 211 3.52 35.55 -9.67
N ALA L 212 4.83 35.57 -9.44
CA ALA L 212 5.50 36.71 -8.82
C ALA L 212 5.43 37.97 -9.69
N ASN L 213 5.23 39.11 -9.03
CA ASN L 213 5.28 40.43 -9.69
C ASN L 213 5.99 41.44 -8.78
N PRO L 214 6.38 42.61 -9.33
CA PRO L 214 7.08 43.64 -8.52
C PRO L 214 6.37 44.16 -7.25
N VAL L 215 5.05 44.02 -7.16
CA VAL L 215 4.31 44.43 -5.95
C VAL L 215 4.39 43.34 -4.88
N THR L 216 4.28 42.09 -5.32
CA THR L 216 4.48 40.91 -4.49
C THR L 216 5.90 40.86 -3.96
N ASP L 217 6.88 41.09 -4.83
CA ASP L 217 8.27 40.93 -4.50
C ASP L 217 8.71 41.85 -3.37
N ALA L 218 8.10 43.04 -3.31
CA ALA L 218 8.38 44.00 -2.25
C ALA L 218 8.19 43.34 -0.90
N ALA L 219 7.01 42.74 -0.69
CA ALA L 219 6.72 42.03 0.54
C ALA L 219 7.67 40.83 0.73
N ALA L 220 7.87 40.05 -0.33
CA ALA L 220 8.73 38.86 -0.27
C ALA L 220 10.18 39.19 0.09
N MET L 221 10.76 40.14 -0.65
CA MET L 221 12.14 40.57 -0.44
C MET L 221 12.43 41.02 0.99
N GLN L 222 11.56 41.90 1.50
CA GLN L 222 11.72 42.42 2.86
C GLN L 222 11.58 41.32 3.90
N ALA L 223 10.67 40.38 3.67
CA ALA L 223 10.46 39.27 4.59
C ALA L 223 11.73 38.43 4.75
N ILE L 224 12.42 38.18 3.63
CA ILE L 224 13.64 37.38 3.62
C ILE L 224 14.76 38.08 4.41
N ARG L 225 14.91 39.37 4.13
CA ARG L 225 15.83 40.27 4.82
C ARG L 225 15.65 40.19 6.33
N LEU L 226 14.41 40.33 6.79
CA LEU L 226 14.10 40.36 8.23
C LEU L 226 14.37 39.04 8.92
N ILE L 227 14.03 37.92 8.26
CA ILE L 227 14.20 36.60 8.84
C ILE L 227 15.68 36.24 8.96
N ALA L 228 16.46 36.64 7.96
CA ALA L 228 17.91 36.45 7.97
C ALA L 228 18.58 37.28 9.08
N ARG L 229 17.93 38.38 9.47
CA ARG L 229 18.49 39.27 10.50
C ARG L 229 17.84 39.06 11.87
N ASN L 230 16.85 38.16 11.95
CA ASN L 230 16.08 38.05 13.18
C ASN L 230 15.65 36.68 13.68
N LEU L 231 15.59 35.68 12.79
CA LEU L 231 15.12 34.36 13.23
C LEU L 231 16.10 33.70 14.20
N ARG L 232 17.38 33.68 13.85
CA ARG L 232 18.44 33.17 14.74
C ARG L 232 18.31 33.72 16.16
N GLN L 233 18.09 35.02 16.25
CA GLN L 233 17.98 35.73 17.51
C GLN L 233 16.68 35.41 18.25
N ALA L 234 15.63 35.17 17.48
CA ALA L 234 14.32 34.87 18.06
C ALA L 234 14.24 33.48 18.69
N VAL L 235 14.86 32.47 18.06
CA VAL L 235 14.83 31.12 18.65
C VAL L 235 15.77 31.07 19.86
N ALA L 236 16.86 31.83 19.78
CA ALA L 236 17.84 31.91 20.87
C ALA L 236 17.21 32.44 22.15
N LEU L 237 16.41 33.49 22.01
CA LEU L 237 15.73 34.13 23.14
C LEU L 237 14.35 34.62 22.72
N GLY L 238 13.32 33.91 23.19
CA GLY L 238 11.94 34.24 22.84
C GLY L 238 11.45 35.53 23.48
N SER L 239 12.21 36.04 24.43
CA SER L 239 11.83 37.28 25.13
C SER L 239 12.51 38.51 24.55
N ASN L 240 13.38 38.29 23.56
CA ASN L 240 13.92 39.38 22.72
C ASN L 240 12.81 40.04 21.92
N LEU L 241 12.23 41.11 22.46
CA LEU L 241 11.07 41.78 21.87
C LEU L 241 11.34 42.30 20.44
N GLN L 242 12.54 42.83 20.22
CA GLN L 242 12.94 43.32 18.91
C GLN L 242 12.86 42.20 17.87
N ALA L 243 13.37 41.02 18.24
CA ALA L 243 13.36 39.86 17.36
C ALA L 243 11.94 39.37 17.08
N ARG L 244 11.10 39.33 18.11
CA ARG L 244 9.69 38.93 17.96
C ARG L 244 8.96 39.86 17.00
N GLU L 245 9.14 41.16 17.20
CA GLU L 245 8.57 42.17 16.32
C GLU L 245 8.91 41.93 14.86
N TYR L 246 10.21 41.92 14.55
CA TYR L 246 10.65 41.75 13.18
C TYR L 246 10.17 40.44 12.55
N MET L 247 10.18 39.37 13.34
CA MET L 247 9.63 38.10 12.91
C MET L 247 8.14 38.20 12.57
N ALA L 248 7.40 38.89 13.44
CA ALA L 248 5.98 39.10 13.24
C ALA L 248 5.73 39.90 11.97
N TYR L 249 6.52 40.96 11.77
CA TYR L 249 6.43 41.78 10.56
C TYR L 249 6.85 40.97 9.31
N ALA L 250 7.87 40.14 9.46
CA ALA L 250 8.32 39.29 8.37
C ALA L 250 7.21 38.34 7.93
N SER L 251 6.63 37.63 8.90
CA SER L 251 5.56 36.67 8.64
C SER L 251 4.33 37.32 8.01
N LEU L 252 3.99 38.53 8.48
CA LEU L 252 2.93 39.31 7.86
C LEU L 252 3.24 39.64 6.40
N LEU L 253 4.46 40.10 6.14
CA LEU L 253 4.84 40.45 4.76
C LEU L 253 4.85 39.22 3.83
N ALA L 254 5.44 38.12 4.29
CA ALA L 254 5.48 36.89 3.50
C ALA L 254 4.07 36.40 3.17
N GLY L 255 3.12 36.71 4.06
CA GLY L 255 1.71 36.40 3.88
C GLY L 255 1.08 37.27 2.81
N MET L 256 1.40 38.56 2.85
CA MET L 256 0.97 39.50 1.82
C MET L 256 1.57 39.13 0.45
N ALA L 257 2.72 38.47 0.46
CA ALA L 257 3.37 38.02 -0.77
C ALA L 257 2.78 36.72 -1.30
N PHE L 258 2.59 35.72 -0.44
CA PHE L 258 2.17 34.40 -0.90
C PHE L 258 0.68 34.31 -1.22
N ASN L 259 -0.13 35.04 -0.45
CA ASN L 259 -1.57 35.12 -0.70
C ASN L 259 -1.86 35.62 -2.11
N ASN L 260 -0.87 36.30 -2.69
CA ASN L 260 -1.02 36.95 -3.99
C ASN L 260 -0.15 36.39 -5.11
N ALA L 261 0.97 35.79 -4.75
CA ALA L 261 1.85 35.19 -5.75
C ALA L 261 1.94 33.66 -5.64
N ASN L 262 1.29 33.11 -4.61
CA ASN L 262 1.21 31.65 -4.38
C ASN L 262 2.55 31.05 -3.92
N LEU L 263 2.59 29.72 -3.80
CA LEU L 263 3.76 29.02 -3.25
C LEU L 263 4.41 28.11 -4.30
N GLY L 264 4.81 26.89 -3.92
CA GLY L 264 5.48 26.00 -4.86
C GLY L 264 5.64 24.56 -4.38
N TYR L 265 6.69 23.89 -4.86
CA TYR L 265 6.95 22.48 -4.55
C TYR L 265 7.32 22.24 -3.09
N VAL L 266 7.85 23.25 -2.41
CA VAL L 266 8.15 23.09 -0.97
C VAL L 266 6.86 22.78 -0.22
N HIS L 267 5.87 23.66 -0.35
CA HIS L 267 4.55 23.45 0.27
C HIS L 267 3.80 22.23 -0.27
N ALA L 268 3.94 21.97 -1.58
CA ALA L 268 3.28 20.83 -2.20
C ALA L 268 3.77 19.52 -1.62
N MET L 269 5.09 19.45 -1.37
CA MET L 269 5.69 18.27 -0.77
C MET L 269 5.48 18.22 0.74
N ALA L 270 5.56 19.39 1.39
CA ALA L 270 5.35 19.49 2.83
C ALA L 270 3.95 19.05 3.27
N HIS L 271 2.94 19.37 2.45
CA HIS L 271 1.57 18.96 2.71
C HIS L 271 1.43 17.44 2.68
N GLN L 272 2.34 16.78 1.98
CA GLN L 272 2.33 15.33 1.90
C GLN L 272 2.99 14.69 3.12
N LEU L 273 4.04 15.32 3.64
CA LEU L 273 4.69 14.86 4.87
C LEU L 273 3.76 14.97 6.07
N GLY L 274 3.03 16.07 6.16
CA GLY L 274 2.03 16.27 7.21
C GLY L 274 0.80 15.40 7.03
N GLY L 275 0.73 14.71 5.89
CA GLY L 275 -0.38 13.81 5.57
C GLY L 275 -0.11 12.37 5.95
N LEU L 276 1.16 11.96 5.94
CA LEU L 276 1.53 10.59 6.27
C LEU L 276 2.11 10.40 7.68
N TYR L 277 2.65 11.48 8.27
CA TYR L 277 3.26 11.40 9.59
C TYR L 277 2.81 12.53 10.50
N ASP L 278 1.73 13.21 10.13
CA ASP L 278 1.27 14.45 10.76
C ASP L 278 2.43 15.28 11.33
N MET L 279 3.44 15.48 10.49
CA MET L 279 4.61 16.28 10.84
C MET L 279 4.20 17.74 11.04
N PRO L 280 4.81 18.44 12.01
CA PRO L 280 4.52 19.87 12.11
C PRO L 280 4.76 20.54 10.76
N HIS L 281 3.79 21.30 10.29
CA HIS L 281 3.87 21.95 8.97
C HIS L 281 5.15 22.76 8.83
N GLY L 282 5.55 23.43 9.92
CA GLY L 282 6.74 24.25 9.95
C GLY L 282 8.02 23.50 9.63
N VAL L 283 8.25 22.38 10.33
CA VAL L 283 9.49 21.63 10.12
C VAL L 283 9.48 20.87 8.81
N ALA L 284 8.27 20.61 8.28
CA ALA L 284 8.12 19.93 7.00
C ALA L 284 8.62 20.80 5.84
N ASN L 285 8.24 22.08 5.85
CA ASN L 285 8.76 23.04 4.88
C ASN L 285 10.26 23.25 5.03
N ALA L 286 10.71 23.42 6.28
CA ALA L 286 12.10 23.75 6.61
C ALA L 286 13.12 22.71 6.15
N VAL L 287 12.87 21.44 6.42
CA VAL L 287 13.82 20.40 6.03
C VAL L 287 13.85 20.22 4.51
N LEU L 288 12.74 20.57 3.86
CA LEU L 288 12.61 20.50 2.41
C LEU L 288 13.18 21.73 1.69
N LEU L 289 13.00 22.91 2.30
CA LEU L 289 13.30 24.22 1.67
C LEU L 289 14.59 24.31 0.83
N PRO L 290 15.76 23.93 1.39
CA PRO L 290 17.02 24.10 0.65
C PRO L 290 17.10 23.18 -0.56
N HIS L 291 16.60 21.95 -0.40
CA HIS L 291 16.69 20.95 -1.45
C HIS L 291 15.80 21.28 -2.63
N VAL L 292 14.59 21.74 -2.35
CA VAL L 292 13.68 22.27 -3.36
C VAL L 292 14.26 23.55 -3.95
N ALA L 293 14.92 24.33 -3.11
CA ALA L 293 15.54 25.57 -3.56
C ALA L 293 16.59 25.29 -4.62
N ARG L 294 17.43 24.28 -4.39
CA ARG L 294 18.44 23.88 -5.36
C ARG L 294 17.79 23.35 -6.62
N TYR L 295 16.66 22.66 -6.45
CA TYR L 295 15.91 22.13 -7.56
C TYR L 295 15.40 23.29 -8.43
N ASN L 296 14.87 24.32 -7.78
CA ASN L 296 14.33 25.49 -8.48
C ASN L 296 15.39 26.45 -9.01
N LEU L 297 16.63 26.31 -8.56
CA LEU L 297 17.70 27.24 -8.93
C LEU L 297 17.74 27.56 -10.42
N ILE L 298 17.77 26.51 -11.23
CA ILE L 298 17.91 26.68 -12.69
C ILE L 298 16.78 27.48 -13.35
N ALA L 299 15.66 27.63 -12.65
CA ALA L 299 14.51 28.38 -13.18
C ALA L 299 14.74 29.89 -13.17
N ASN L 300 15.46 30.36 -12.17
CA ASN L 300 15.71 31.78 -12.01
C ASN L 300 16.98 32.02 -11.21
N PRO L 301 18.14 31.80 -11.84
CA PRO L 301 19.41 32.00 -11.12
C PRO L 301 19.57 33.44 -10.62
N GLU L 302 19.07 34.41 -11.38
CA GLU L 302 19.16 35.83 -11.02
C GLU L 302 18.42 36.14 -9.72
N LYS L 303 17.26 35.52 -9.51
CA LYS L 303 16.48 35.76 -8.30
C LYS L 303 17.05 35.05 -7.07
N PHE L 304 17.76 33.94 -7.30
CA PHE L 304 18.45 33.26 -6.20
C PHE L 304 19.68 34.03 -5.78
N ALA L 305 20.31 34.70 -6.74
CA ALA L 305 21.40 35.63 -6.43
C ALA L 305 20.87 36.74 -5.52
N ASP L 306 19.66 37.20 -5.82
CA ASP L 306 18.98 38.22 -5.03
C ASP L 306 18.78 37.76 -3.60
N ILE L 307 18.36 36.51 -3.43
CA ILE L 307 18.11 35.93 -2.11
C ILE L 307 19.39 35.90 -1.27
N ALA L 308 20.47 35.38 -1.86
CA ALA L 308 21.76 35.36 -1.17
C ALA L 308 22.08 36.74 -0.60
N GLU L 309 21.96 37.76 -1.46
CA GLU L 309 22.27 39.12 -1.08
C GLU L 309 21.31 39.59 0.02
N LEU L 310 20.01 39.47 -0.25
CA LEU L 310 18.97 39.72 0.74
C LEU L 310 19.30 39.10 2.11
N MET L 311 19.95 37.94 2.10
CA MET L 311 20.23 37.22 3.34
C MET L 311 21.59 37.52 3.95
N GLY L 312 22.20 38.62 3.53
CA GLY L 312 23.46 39.06 4.12
C GLY L 312 24.74 38.55 3.48
N GLU L 313 24.64 37.79 2.39
CA GLU L 313 25.81 37.21 1.72
C GLU L 313 26.60 38.23 0.89
N ASN L 314 27.91 38.03 0.83
CA ASN L 314 28.79 38.80 -0.04
C ASN L 314 28.88 38.19 -1.44
N ILE L 315 28.35 38.93 -2.42
CA ILE L 315 28.14 38.45 -3.79
C ILE L 315 29.18 39.04 -4.74
N THR L 316 29.90 40.04 -4.24
CA THR L 316 30.70 40.98 -5.05
C THR L 316 31.49 40.40 -6.22
N GLY L 317 32.35 39.42 -5.99
CA GLY L 317 33.15 38.89 -7.10
C GLY L 317 32.42 37.95 -8.06
N LEU L 318 31.25 37.49 -7.68
CA LEU L 318 30.70 36.23 -8.17
C LEU L 318 29.88 36.29 -9.47
N SER L 319 29.88 35.18 -10.20
CA SER L 319 28.98 35.01 -11.33
C SER L 319 27.56 34.86 -10.80
N THR L 320 26.56 35.04 -11.65
CA THR L 320 25.17 34.88 -11.22
C THR L 320 24.99 33.51 -10.54
N LEU L 321 25.54 32.46 -11.15
CA LEU L 321 25.40 31.10 -10.66
C LEU L 321 26.06 30.86 -9.29
N ASP L 322 27.28 31.37 -9.12
CA ASP L 322 27.97 31.22 -7.83
C ASP L 322 27.25 32.01 -6.73
N ALA L 323 26.71 33.16 -7.09
CA ALA L 323 25.91 33.96 -6.18
C ALA L 323 24.63 33.20 -5.80
N ALA L 324 23.98 32.59 -6.79
CA ALA L 324 22.80 31.76 -6.52
C ALA L 324 23.11 30.59 -5.57
N GLU L 325 24.20 29.87 -5.82
CA GLU L 325 24.70 28.84 -4.89
C GLU L 325 24.75 29.34 -3.44
N LYS L 326 25.16 30.60 -3.25
CA LYS L 326 25.22 31.16 -1.91
C LYS L 326 23.87 31.24 -1.20
N ALA L 327 22.79 31.44 -1.97
CA ALA L 327 21.44 31.43 -1.40
C ALA L 327 21.13 30.07 -0.79
N ILE L 328 21.48 29.01 -1.52
CA ILE L 328 21.24 27.65 -1.05
C ILE L 328 22.00 27.44 0.27
N ALA L 329 23.32 27.63 0.23
CA ALA L 329 24.18 27.60 1.43
C ALA L 329 23.62 28.46 2.58
N ALA L 330 23.20 29.69 2.30
CA ALA L 330 22.68 30.59 3.33
C ALA L 330 21.45 30.02 4.03
N ILE L 331 20.56 29.41 3.23
CA ILE L 331 19.32 28.84 3.74
C ILE L 331 19.60 27.66 4.68
N THR L 332 20.39 26.70 4.21
CA THR L 332 20.74 25.55 5.03
C THR L 332 21.54 25.96 6.26
N ARG L 333 22.40 26.97 6.14
CA ARG L 333 23.14 27.48 7.30
C ARG L 333 22.17 27.96 8.39
N LEU L 334 21.12 28.68 7.97
CA LEU L 334 20.09 29.16 8.90
C LEU L 334 19.39 28.00 9.58
N SER L 335 18.91 27.06 8.76
CA SER L 335 18.27 25.82 9.20
C SER L 335 19.10 25.07 10.25
N MET L 336 20.40 24.91 10.01
CA MET L 336 21.28 24.27 10.99
C MET L 336 21.45 25.12 12.25
N ASP L 337 21.61 26.43 12.08
CA ASP L 337 21.85 27.33 13.21
C ASP L 337 20.74 27.27 14.26
N ILE L 338 19.51 27.04 13.81
CA ILE L 338 18.36 27.08 14.70
C ILE L 338 17.84 25.69 15.13
N GLY L 339 18.62 24.66 14.83
CA GLY L 339 18.32 23.29 15.28
C GLY L 339 17.17 22.61 14.55
N ILE L 340 16.96 22.98 13.29
CA ILE L 340 16.00 22.30 12.43
C ILE L 340 16.62 20.98 11.96
N PRO L 341 15.92 19.84 12.18
CA PRO L 341 16.50 18.54 11.89
C PRO L 341 16.74 18.37 10.39
N GLN L 342 17.94 17.89 10.02
CA GLN L 342 18.40 17.98 8.64
C GLN L 342 17.99 16.82 7.74
N HIS L 343 17.59 15.70 8.34
CA HIS L 343 17.26 14.49 7.59
C HIS L 343 15.88 13.97 7.96
N LEU L 344 15.07 13.71 6.92
CA LEU L 344 13.71 13.18 7.10
C LEU L 344 13.72 11.79 7.76
N ARG L 345 14.84 11.08 7.57
CA ARG L 345 15.07 9.78 8.17
C ARG L 345 14.86 9.78 9.69
N ASP L 346 15.21 10.90 10.32
CA ASP L 346 15.13 11.03 11.77
C ASP L 346 13.76 11.53 12.24
N LEU L 347 12.90 11.88 11.28
CA LEU L 347 11.52 12.29 11.58
C LEU L 347 10.51 11.14 11.50
N GLY L 348 10.96 9.96 11.07
CA GLY L 348 10.08 8.80 10.94
C GLY L 348 9.59 8.52 9.54
N VAL L 349 10.16 9.22 8.56
CA VAL L 349 9.82 9.04 7.15
C VAL L 349 10.48 7.78 6.59
N LYS L 350 9.82 7.15 5.60
CA LYS L 350 10.36 5.96 4.94
C LYS L 350 10.36 6.03 3.41
N GLU L 351 11.53 5.61 2.84
CA GLU L 351 11.85 5.78 1.42
C GLU L 351 10.82 5.26 0.40
N THR L 352 10.04 4.27 0.82
CA THR L 352 9.02 3.68 -0.06
C THR L 352 7.72 4.49 -0.06
N ASP L 353 7.66 5.53 0.76
CA ASP L 353 6.53 6.46 0.76
C ASP L 353 6.74 7.58 -0.24
N PHE L 354 7.91 7.61 -0.88
CA PHE L 354 8.27 8.70 -1.78
C PHE L 354 7.43 8.77 -3.05
N PRO L 355 7.29 7.64 -3.79
CA PRO L 355 6.51 7.68 -5.03
C PRO L 355 5.10 8.19 -4.83
N TYR L 356 4.45 7.75 -3.75
CA TYR L 356 3.10 8.20 -3.42
C TYR L 356 3.07 9.70 -3.11
N MET L 357 3.97 10.15 -2.25
CA MET L 357 4.08 11.55 -1.89
C MET L 357 4.40 12.42 -3.09
N ALA L 358 5.20 11.89 -4.01
CA ALA L 358 5.52 12.57 -5.26
C ALA L 358 4.29 12.72 -6.16
N GLU L 359 3.48 11.67 -6.24
CA GLU L 359 2.23 11.68 -7.00
C GLU L 359 1.29 12.74 -6.45
N MET L 360 1.09 12.69 -5.14
CA MET L 360 0.14 13.56 -4.46
C MET L 360 0.58 15.03 -4.47
N ALA L 361 1.89 15.25 -4.33
CA ALA L 361 2.47 16.58 -4.35
C ALA L 361 2.22 17.29 -5.67
N LEU L 362 2.28 16.55 -6.77
CA LEU L 362 2.09 17.12 -8.10
C LEU L 362 0.64 17.56 -8.33
N LYS L 363 -0.29 16.95 -7.59
CA LYS L 363 -1.71 17.29 -7.68
C LYS L 363 -2.16 18.31 -6.63
N ASP L 364 -1.19 18.84 -5.89
CA ASP L 364 -1.43 19.86 -4.87
C ASP L 364 -1.58 21.25 -5.50
N GLY L 365 -2.44 22.07 -4.90
CA GLY L 365 -2.71 23.42 -5.39
C GLY L 365 -1.46 24.25 -5.63
N ASN L 366 -0.48 24.10 -4.75
CA ASN L 366 0.75 24.89 -4.80
C ASN L 366 1.76 24.48 -5.88
N ALA L 367 1.59 23.28 -6.43
CA ALA L 367 2.49 22.77 -7.46
C ALA L 367 2.45 23.59 -8.75
N PHE L 368 1.27 24.11 -9.08
CA PHE L 368 1.05 24.85 -10.33
C PHE L 368 1.91 26.12 -10.45
N SER L 369 2.18 26.76 -9.32
CA SER L 369 2.89 28.06 -9.33
C SER L 369 4.41 27.94 -9.23
N ASN L 370 4.91 26.71 -9.08
CA ASN L 370 6.35 26.47 -9.04
C ASN L 370 7.06 26.90 -10.33
N PRO L 371 8.21 27.56 -10.21
CA PRO L 371 8.92 28.01 -11.40
C PRO L 371 9.54 26.87 -12.24
N ARG L 372 9.75 25.70 -11.62
CA ARG L 372 10.27 24.54 -12.36
C ARG L 372 9.20 23.47 -12.52
N LYS L 373 8.88 23.15 -13.78
CA LYS L 373 7.93 22.10 -14.08
C LYS L 373 8.62 20.74 -14.06
N GLY L 374 8.25 19.93 -13.08
CA GLY L 374 8.82 18.59 -12.94
C GLY L 374 7.78 17.48 -12.96
N ASN L 375 8.24 16.26 -12.71
CA ASN L 375 7.36 15.10 -12.65
C ASN L 375 7.49 14.35 -11.32
N GLU L 376 6.87 13.17 -11.25
CA GLU L 376 6.87 12.35 -10.04
C GLU L 376 8.27 11.79 -9.72
N GLN L 377 9.05 11.49 -10.75
CA GLN L 377 10.44 11.02 -10.60
C GLN L 377 11.35 12.10 -9.99
N GLU L 378 11.21 13.34 -10.46
CA GLU L 378 12.07 14.44 -10.02
C GLU L 378 11.74 14.92 -8.61
N ILE L 379 10.46 14.91 -8.25
CA ILE L 379 10.00 15.23 -6.90
C ILE L 379 10.44 14.13 -5.94
N ALA L 380 10.40 12.88 -6.41
CA ALA L 380 10.89 11.76 -5.62
C ALA L 380 12.36 11.97 -5.30
N ALA L 381 13.14 12.36 -6.32
CA ALA L 381 14.57 12.60 -6.14
C ALA L 381 14.87 13.63 -5.06
N ILE L 382 14.03 14.68 -4.98
CA ILE L 382 14.18 15.71 -3.95
C ILE L 382 13.94 15.14 -2.55
N PHE L 383 12.95 14.26 -2.41
CA PHE L 383 12.71 13.57 -1.14
C PHE L 383 13.92 12.76 -0.68
N ARG L 384 14.52 12.02 -1.60
CA ARG L 384 15.70 11.22 -1.32
C ARG L 384 16.88 12.12 -0.95
N GLN L 385 16.98 13.28 -1.59
CA GLN L 385 18.03 14.26 -1.32
C GLN L 385 17.93 14.83 0.10
N ALA L 386 16.72 14.83 0.65
CA ALA L 386 16.45 15.35 2.00
C ALA L 386 16.25 14.26 3.06
N PHE L 387 16.37 13.00 2.65
CA PHE L 387 16.03 11.87 3.53
C PHE L 387 16.95 11.70 4.74
N ARG M 4 4.92 53.12 18.70
CA ARG M 4 5.14 51.70 19.15
C ARG M 4 4.19 50.70 18.48
N MET M 5 2.96 51.10 18.22
CA MET M 5 1.98 50.29 17.49
C MET M 5 1.59 50.99 16.18
N PHE M 6 1.27 50.22 15.15
CA PHE M 6 0.97 50.78 13.82
C PHE M 6 -0.30 50.20 13.22
N ASP M 7 -0.87 50.93 12.26
CA ASP M 7 -1.94 50.40 11.42
C ASP M 7 -1.52 50.43 9.95
N TYR M 8 -2.27 49.72 9.11
CA TYR M 8 -1.90 49.57 7.70
C TYR M 8 -3.17 49.34 6.90
N LEU M 9 -3.56 50.35 6.14
CA LEU M 9 -4.80 50.31 5.38
C LEU M 9 -4.51 50.28 3.89
N VAL M 10 -5.33 49.52 3.17
CA VAL M 10 -5.23 49.34 1.73
C VAL M 10 -6.54 48.72 1.26
N PRO M 11 -7.02 49.06 0.04
CA PRO M 11 -8.23 48.39 -0.45
C PRO M 11 -8.15 46.86 -0.33
N ASN M 12 -9.28 46.25 -0.01
CA ASN M 12 -9.45 44.80 0.02
C ASN M 12 -8.92 44.10 -1.21
N VAL M 13 -9.27 44.64 -2.37
CA VAL M 13 -8.99 44.04 -3.66
C VAL M 13 -8.30 45.05 -4.56
N ASN M 14 -7.15 44.67 -5.09
CA ASN M 14 -6.41 45.53 -6.01
C ASN M 14 -6.03 44.78 -7.30
N PHE M 15 -6.15 45.48 -8.42
CA PHE M 15 -5.81 44.90 -9.72
C PHE M 15 -4.76 45.75 -10.41
N PHE M 16 -3.81 45.10 -11.08
CA PHE M 16 -2.77 45.80 -11.82
C PHE M 16 -2.15 44.95 -12.93
N GLY M 17 -1.35 45.60 -13.78
CA GLY M 17 -0.82 44.97 -14.98
C GLY M 17 -1.67 45.34 -16.18
N PRO M 18 -1.11 45.21 -17.39
CA PRO M 18 -1.80 45.60 -18.62
C PRO M 18 -3.16 44.92 -18.78
N ASN M 19 -4.14 45.72 -19.18
CA ASN M 19 -5.51 45.24 -19.42
C ASN M 19 -6.32 44.93 -18.16
N ALA M 20 -5.80 45.32 -16.99
CA ALA M 20 -6.49 45.12 -15.71
C ALA M 20 -7.87 45.77 -15.70
N ILE M 21 -8.09 46.73 -16.60
CA ILE M 21 -9.37 47.42 -16.73
C ILE M 21 -10.51 46.47 -17.10
N SER M 22 -10.17 45.35 -17.74
CA SER M 22 -11.16 44.40 -18.23
C SER M 22 -12.05 43.81 -17.13
N VAL M 23 -11.74 44.14 -15.88
CA VAL M 23 -12.46 43.60 -14.72
C VAL M 23 -13.38 44.60 -13.99
N VAL M 24 -13.46 45.85 -14.48
CA VAL M 24 -14.33 46.85 -13.83
C VAL M 24 -15.76 46.36 -13.69
N GLY M 25 -16.32 45.87 -14.79
CA GLY M 25 -17.71 45.42 -14.83
C GLY M 25 -17.95 44.26 -13.90
N GLU M 26 -17.07 43.27 -13.96
CA GLU M 26 -17.19 42.07 -13.15
C GLU M 26 -17.12 42.38 -11.65
N ARG M 27 -16.31 43.38 -11.29
CA ARG M 27 -16.13 43.76 -9.89
C ARG M 27 -17.33 44.49 -9.29
N CYS M 28 -17.99 45.32 -10.10
CA CYS M 28 -19.22 45.98 -9.69
C CYS M 28 -20.33 44.97 -9.43
N GLN M 29 -20.40 43.95 -10.29
CA GLN M 29 -21.31 42.83 -10.10
C GLN M 29 -21.15 42.22 -8.71
N LEU M 30 -19.89 42.01 -8.30
CA LEU M 30 -19.57 41.33 -7.04
C LEU M 30 -19.86 42.16 -5.81
N LEU M 31 -19.84 43.48 -5.95
CA LEU M 31 -20.18 44.40 -4.85
C LEU M 31 -21.65 44.81 -4.90
N GLY M 32 -22.42 44.20 -5.80
CA GLY M 32 -23.86 44.42 -5.90
C GLY M 32 -24.28 45.73 -6.55
N GLY M 33 -23.50 46.19 -7.52
CA GLY M 33 -23.80 47.42 -8.25
C GLY M 33 -24.74 47.19 -9.42
N LYS M 34 -25.82 47.97 -9.48
CA LYS M 34 -26.76 47.87 -10.59
C LYS M 34 -26.52 49.00 -11.59
N LYS M 35 -26.41 50.22 -11.08
CA LYS M 35 -26.09 51.39 -11.90
C LYS M 35 -24.90 52.14 -11.30
N ALA M 36 -23.88 52.38 -12.11
CA ALA M 36 -22.66 53.03 -11.66
C ALA M 36 -22.66 54.53 -11.92
N LEU M 37 -22.01 55.28 -11.03
CA LEU M 37 -21.72 56.69 -11.28
C LEU M 37 -20.26 56.82 -11.68
N LEU M 38 -20.05 57.07 -12.95
CA LEU M 38 -18.73 57.29 -13.52
C LEU M 38 -18.28 58.72 -13.19
N VAL M 39 -17.17 58.84 -12.47
CA VAL M 39 -16.62 60.14 -12.05
C VAL M 39 -15.33 60.39 -12.82
N THR M 40 -15.23 61.51 -13.53
CA THR M 40 -14.06 61.77 -14.37
C THR M 40 -13.82 63.24 -14.75
N ASP M 41 -12.76 63.48 -15.52
CA ASP M 41 -12.40 64.80 -16.02
C ASP M 41 -13.16 65.14 -17.29
N LYS M 42 -13.34 66.43 -17.54
CA LYS M 42 -13.82 66.92 -18.84
C LYS M 42 -12.79 66.58 -19.93
N GLY M 43 -11.52 66.69 -19.58
CA GLY M 43 -10.41 66.38 -20.49
C GLY M 43 -10.32 64.92 -20.87
N LEU M 44 -10.42 64.05 -19.87
CA LEU M 44 -10.34 62.59 -20.07
C LEU M 44 -11.56 62.01 -20.79
N ARG M 45 -12.70 62.68 -20.65
CA ARG M 45 -13.95 62.26 -21.30
C ARG M 45 -14.20 63.07 -22.56
N LYS M 48 -12.27 60.91 -24.09
CA LYS M 48 -12.20 61.80 -25.25
C LYS M 48 -11.51 61.10 -26.42
N ASP M 49 -11.12 59.84 -26.21
CA ASP M 49 -10.31 59.09 -27.17
C ASP M 49 -10.44 57.56 -27.01
N GLY M 50 -10.14 57.06 -25.82
CA GLY M 50 -10.25 55.63 -25.51
C GLY M 50 -9.66 55.19 -24.18
N ALA M 51 -10.14 55.81 -23.08
CA ALA M 51 -9.69 55.45 -21.72
C ALA M 51 -10.86 55.34 -20.74
N VAL M 52 -11.73 56.35 -20.73
CA VAL M 52 -13.02 56.23 -20.03
C VAL M 52 -13.99 55.41 -20.89
N ASP M 53 -13.70 55.32 -22.19
CA ASP M 53 -14.45 54.49 -23.11
C ASP M 53 -14.23 53.00 -22.81
N LYS M 54 -12.99 52.66 -22.43
CA LYS M 54 -12.63 51.29 -22.08
C LYS M 54 -13.43 50.80 -20.87
N THR M 55 -13.50 51.64 -19.84
CA THR M 55 -14.28 51.29 -18.65
C THR M 55 -15.78 51.31 -18.95
N LEU M 56 -16.20 52.20 -19.85
CA LEU M 56 -17.56 52.23 -20.35
C LEU M 56 -17.94 50.97 -21.14
N HIS M 57 -16.96 50.41 -21.86
CA HIS M 57 -17.17 49.20 -22.64
C HIS M 57 -17.37 47.96 -21.75
N TYR M 58 -16.51 47.79 -20.75
CA TYR M 58 -16.57 46.65 -19.83
C TYR M 58 -17.70 46.76 -18.80
N LEU M 59 -18.20 47.98 -18.61
CA LEU M 59 -19.29 48.25 -17.69
C LEU M 59 -20.64 47.82 -18.28
N ARG M 60 -20.87 48.20 -19.54
CA ARG M 60 -22.07 47.78 -20.27
C ARG M 60 -22.04 46.29 -20.62
N GLU M 61 -20.84 45.75 -20.81
CA GLU M 61 -20.65 44.33 -21.14
C GLU M 61 -21.15 43.44 -19.99
N ALA M 62 -20.88 43.87 -18.76
CA ALA M 62 -21.31 43.13 -17.58
C ALA M 62 -22.72 43.52 -17.14
N GLY M 63 -23.38 44.35 -17.95
CA GLY M 63 -24.77 44.71 -17.74
C GLY M 63 -25.01 45.80 -16.71
N ILE M 64 -23.97 46.56 -16.38
CA ILE M 64 -24.06 47.68 -15.45
C ILE M 64 -24.40 48.96 -16.21
N GLU M 65 -25.50 49.61 -15.81
CA GLU M 65 -25.91 50.88 -16.42
C GLU M 65 -25.04 52.00 -15.87
N VAL M 66 -24.84 53.05 -16.66
CA VAL M 66 -23.89 54.10 -16.29
C VAL M 66 -24.39 55.52 -16.55
N ALA M 67 -24.41 56.31 -15.49
CA ALA M 67 -24.54 57.75 -15.58
C ALA M 67 -23.15 58.32 -15.35
N ILE M 68 -22.72 59.24 -16.20
CA ILE M 68 -21.37 59.79 -16.08
C ILE M 68 -21.37 61.24 -15.61
N PHE M 69 -20.48 61.54 -14.66
CA PHE M 69 -20.31 62.89 -14.12
C PHE M 69 -18.86 63.33 -14.30
N ASP M 70 -18.68 64.40 -15.06
CA ASP M 70 -17.36 64.89 -15.40
C ASP M 70 -17.08 66.32 -14.90
N GLY M 71 -17.83 66.74 -13.90
CA GLY M 71 -17.69 68.09 -13.33
C GLY M 71 -16.56 68.21 -12.33
N VAL M 72 -15.55 67.36 -12.48
CA VAL M 72 -14.38 67.33 -11.60
C VAL M 72 -13.33 68.33 -12.08
N GLU M 73 -12.85 69.15 -11.16
CA GLU M 73 -11.81 70.14 -11.46
C GLU M 73 -10.45 69.68 -10.93
N PRO M 74 -9.36 70.13 -11.58
CA PRO M 74 -8.03 69.98 -10.95
C PRO M 74 -8.08 70.79 -9.64
N ASN M 75 -7.79 70.12 -8.53
CA ASN M 75 -8.19 70.57 -7.19
C ASN M 75 -9.73 70.49 -7.05
N PRO M 76 -10.25 69.30 -6.69
CA PRO M 76 -11.68 69.06 -6.61
C PRO M 76 -12.35 69.97 -5.58
N LYS M 77 -13.58 70.36 -5.86
CA LYS M 77 -14.29 71.33 -5.02
C LYS M 77 -15.41 70.66 -4.25
N ASP M 78 -15.81 71.27 -3.13
CA ASP M 78 -16.99 70.82 -2.39
C ASP M 78 -18.26 70.91 -3.26
N THR M 79 -18.28 71.91 -4.15
CA THR M 79 -19.38 72.11 -5.11
C THR M 79 -19.38 71.04 -6.20
N ASN M 80 -18.20 70.47 -6.49
CA ASN M 80 -18.09 69.34 -7.41
C ASN M 80 -18.82 68.14 -6.82
N VAL M 81 -18.58 67.89 -5.52
CA VAL M 81 -19.22 66.81 -4.78
C VAL M 81 -20.74 66.98 -4.73
N ARG M 82 -21.20 68.20 -4.45
CA ARG M 82 -22.63 68.50 -4.41
C ARG M 82 -23.30 68.27 -5.76
N ASP M 83 -22.61 68.61 -6.85
CA ASP M 83 -23.13 68.42 -8.21
C ASP M 83 -23.09 66.94 -8.59
N GLY M 84 -22.02 66.27 -8.18
CA GLY M 84 -21.85 64.84 -8.43
C GLY M 84 -22.83 64.00 -7.65
N LEU M 85 -23.13 64.44 -6.43
CA LEU M 85 -24.12 63.80 -5.57
C LEU M 85 -25.52 63.87 -6.16
N ALA M 86 -25.84 65.02 -6.76
CA ALA M 86 -27.16 65.26 -7.36
C ALA M 86 -27.45 64.30 -8.51
N VAL M 87 -26.41 63.92 -9.25
CA VAL M 87 -26.55 62.96 -10.35
C VAL M 87 -26.69 61.55 -9.77
N PHE M 88 -25.90 61.25 -8.73
CA PHE M 88 -25.94 59.96 -8.03
C PHE M 88 -27.34 59.62 -7.49
N ARG M 89 -28.07 60.64 -7.07
CA ARG M 89 -29.40 60.46 -6.50
C ARG M 89 -30.53 60.54 -7.54
N ARG M 90 -30.35 61.39 -8.55
CA ARG M 90 -31.33 61.56 -9.61
C ARG M 90 -31.34 60.34 -10.54
N GLU M 91 -30.16 59.91 -10.98
CA GLU M 91 -30.05 58.71 -11.82
C GLU M 91 -30.12 57.42 -11.01
N GLN M 92 -30.19 57.56 -9.68
CA GLN M 92 -30.37 56.44 -8.73
C GLN M 92 -29.21 55.43 -8.78
N CYS M 93 -27.99 55.95 -8.78
CA CYS M 93 -26.81 55.11 -8.87
C CYS M 93 -26.58 54.31 -7.59
N ASP M 94 -25.85 53.20 -7.74
CA ASP M 94 -25.70 52.20 -6.70
C ASP M 94 -24.24 52.11 -6.28
N ILE M 95 -23.36 52.36 -7.24
CA ILE M 95 -21.91 52.16 -7.08
C ILE M 95 -21.16 53.30 -7.77
N ILE M 96 -19.93 53.58 -7.31
CA ILE M 96 -19.12 54.65 -7.90
C ILE M 96 -17.87 54.12 -8.59
N VAL M 97 -17.64 54.57 -9.82
CA VAL M 97 -16.45 54.22 -10.57
C VAL M 97 -15.74 55.51 -10.96
N THR M 98 -14.62 55.76 -10.30
CA THR M 98 -13.80 56.93 -10.59
C THR M 98 -12.71 56.51 -11.54
N VAL M 99 -12.47 57.32 -12.57
CA VAL M 99 -11.47 57.01 -13.58
C VAL M 99 -10.64 58.23 -13.98
N GLY M 100 -9.35 58.17 -13.68
CA GLY M 100 -8.42 59.26 -13.97
C GLY M 100 -7.33 59.35 -12.94
N GLY M 101 -6.74 60.54 -12.82
CA GLY M 101 -5.66 60.78 -11.86
C GLY M 101 -6.16 61.00 -10.45
N GLY M 102 -5.49 61.90 -9.73
CA GLY M 102 -5.81 62.17 -8.32
C GLY M 102 -7.17 62.79 -8.06
N SER M 103 -7.55 63.76 -8.89
CA SER M 103 -8.77 64.55 -8.69
C SER M 103 -10.05 63.71 -8.64
N PRO M 104 -10.39 63.00 -9.75
CA PRO M 104 -11.64 62.23 -9.76
C PRO M 104 -11.73 61.21 -8.64
N HIS M 105 -10.60 60.77 -8.10
CA HIS M 105 -10.62 59.81 -7.00
C HIS M 105 -11.11 60.44 -5.70
N ASP M 106 -10.62 61.64 -5.39
CA ASP M 106 -11.04 62.36 -4.19
C ASP M 106 -12.49 62.84 -4.32
N CYS M 107 -12.83 63.33 -5.51
CA CYS M 107 -14.19 63.76 -5.83
C CYS M 107 -15.20 62.62 -5.69
N GLY M 108 -14.81 61.44 -6.17
CA GLY M 108 -15.60 60.23 -6.04
C GLY M 108 -15.81 59.81 -4.59
N LYS M 109 -14.73 59.87 -3.81
CA LYS M 109 -14.80 59.58 -2.39
C LYS M 109 -15.73 60.57 -1.70
N GLY M 110 -15.59 61.84 -2.07
CA GLY M 110 -16.47 62.91 -1.59
C GLY M 110 -17.94 62.58 -1.80
N ILE M 111 -18.31 62.28 -3.04
CA ILE M 111 -19.68 61.89 -3.37
C ILE M 111 -20.15 60.73 -2.51
N GLY M 112 -19.28 59.73 -2.35
CA GLY M 112 -19.54 58.58 -1.48
C GLY M 112 -19.81 58.98 -0.04
N ILE M 113 -18.98 59.87 0.49
CA ILE M 113 -19.17 60.41 1.84
C ILE M 113 -20.49 61.16 1.93
N ALA M 114 -20.71 62.09 1.01
CA ALA M 114 -21.88 62.97 1.00
C ALA M 114 -23.22 62.25 0.81
N ALA M 115 -23.19 61.12 0.10
CA ALA M 115 -24.38 60.30 -0.11
C ALA M 115 -24.72 59.46 1.12
N THR M 116 -23.74 59.31 2.00
CA THR M 116 -23.85 58.40 3.13
C THR M 116 -24.00 59.14 4.47
N HIS M 117 -23.65 60.42 4.47
CA HIS M 117 -23.59 61.21 5.72
C HIS M 117 -24.41 62.52 5.70
N GLU M 118 -24.79 62.97 6.89
CA GLU M 118 -25.83 64.00 7.11
C GLU M 118 -25.61 65.36 6.43
N GLY M 119 -25.39 65.36 5.12
CA GLY M 119 -25.36 66.58 4.30
C GLY M 119 -24.37 67.67 4.68
N ASP M 120 -23.22 67.69 4.00
CA ASP M 120 -22.24 68.80 4.03
C ASP M 120 -20.83 68.43 4.51
N LEU M 121 -20.09 67.85 3.57
CA LEU M 121 -18.62 67.90 3.50
C LEU M 121 -17.83 68.31 4.74
N TYR M 122 -17.75 69.63 4.95
CA TYR M 122 -16.81 70.31 5.84
C TYR M 122 -16.86 69.83 7.27
N GLN M 123 -18.08 69.58 7.73
CA GLN M 123 -18.39 69.03 9.04
C GLN M 123 -17.52 67.82 9.41
N TYR M 124 -17.18 67.00 8.40
CA TYR M 124 -16.47 65.74 8.64
C TYR M 124 -14.96 65.79 8.41
N ALA M 125 -14.39 67.00 8.38
CA ALA M 125 -12.95 67.17 8.26
C ALA M 125 -12.20 66.67 9.51
N GLY M 126 -11.08 65.99 9.30
CA GLY M 126 -10.28 65.45 10.40
C GLY M 126 -10.16 63.94 10.39
N ILE M 127 -9.64 63.39 11.49
CA ILE M 127 -9.32 61.97 11.55
C ILE M 127 -10.46 61.14 12.15
N GLU M 128 -10.85 60.08 11.44
CA GLU M 128 -11.86 59.10 11.89
C GLU M 128 -13.22 59.71 12.24
N THR M 129 -13.71 60.60 11.37
CA THR M 129 -14.94 61.35 11.62
C THR M 129 -16.16 60.70 10.93
N LEU M 130 -15.89 59.64 10.19
CA LEU M 130 -16.94 58.91 9.48
C LEU M 130 -17.51 57.78 10.32
N THR M 131 -18.75 57.38 10.02
CA THR M 131 -19.49 56.43 10.86
C THR M 131 -20.14 55.34 10.03
N ASN M 132 -20.66 55.70 8.86
CA ASN M 132 -21.38 54.77 7.99
C ASN M 132 -20.57 54.37 6.76
N PRO M 133 -20.84 53.16 6.22
CA PRO M 133 -20.11 52.71 5.03
C PRO M 133 -20.52 53.47 3.76
N LEU M 134 -19.54 53.99 3.06
CA LEU M 134 -19.77 54.64 1.76
C LEU M 134 -20.32 53.61 0.78
N PRO M 135 -20.90 54.06 -0.34
CA PRO M 135 -21.25 53.05 -1.33
C PRO M 135 -19.97 52.45 -1.89
N PRO M 136 -20.03 51.22 -2.45
CA PRO M 136 -18.82 50.60 -2.99
C PRO M 136 -18.16 51.49 -4.06
N ILE M 137 -16.85 51.64 -3.98
CA ILE M 137 -16.10 52.48 -4.92
C ILE M 137 -15.04 51.68 -5.66
N VAL M 138 -15.16 51.66 -6.99
CA VAL M 138 -14.14 51.06 -7.85
C VAL M 138 -13.33 52.17 -8.51
N ALA M 139 -12.05 52.25 -8.15
CA ALA M 139 -11.19 53.34 -8.63
C ALA M 139 -10.17 52.87 -9.66
N VAL M 140 -10.36 53.30 -10.91
CA VAL M 140 -9.42 53.03 -11.99
C VAL M 140 -8.46 54.21 -12.17
N ASN M 141 -7.18 53.94 -11.97
CA ASN M 141 -6.14 54.95 -11.94
C ASN M 141 -5.37 55.09 -13.27
N THR M 142 -5.22 56.33 -13.73
CA THR M 142 -4.73 56.63 -15.07
C THR M 142 -3.39 57.39 -15.04
N THR M 143 -2.82 57.52 -13.86
CA THR M 143 -1.61 58.31 -13.67
C THR M 143 -0.70 57.65 -12.63
N ALA M 144 0.55 57.43 -13.00
CA ALA M 144 1.50 56.79 -12.09
C ALA M 144 2.15 57.84 -11.21
N GLY M 145 1.33 58.44 -10.34
CA GLY M 145 1.74 59.55 -9.50
C GLY M 145 1.16 59.60 -8.10
N THR M 146 -0.15 59.88 -8.01
CA THR M 146 -0.75 60.29 -6.74
C THR M 146 -1.09 59.16 -5.78
N ALA M 147 -1.52 58.02 -6.33
CA ALA M 147 -1.89 56.84 -5.56
C ALA M 147 -3.12 57.02 -4.65
N SER M 148 -4.04 57.91 -5.02
CA SER M 148 -5.25 58.15 -4.22
C SER M 148 -6.30 57.03 -4.31
N GLU M 149 -6.14 56.15 -5.29
CA GLU M 149 -7.00 54.96 -5.45
C GLU M 149 -6.76 53.92 -4.34
N VAL M 150 -5.81 54.22 -3.45
CA VAL M 150 -5.32 53.28 -2.46
C VAL M 150 -5.31 53.93 -1.08
N THR M 151 -5.46 55.25 -1.10
CA THR M 151 -5.30 56.11 0.05
C THR M 151 -6.56 56.22 0.93
N ARG M 152 -6.36 56.52 2.22
CA ARG M 152 -7.44 56.73 3.20
C ARG M 152 -7.94 58.19 3.25
N HIS M 153 -7.32 59.06 2.46
CA HIS M 153 -7.58 60.48 2.50
C HIS M 153 -8.60 60.89 1.43
N CYS M 154 -9.48 61.82 1.82
CA CYS M 154 -10.31 62.55 0.88
C CYS M 154 -9.99 64.02 1.13
N VAL M 155 -9.41 64.67 0.13
CA VAL M 155 -9.01 66.07 0.26
C VAL M 155 -9.71 66.94 -0.77
N LEU M 156 -10.48 67.89 -0.29
CA LEU M 156 -11.25 68.81 -1.13
C LEU M 156 -10.86 70.25 -0.86
N THR M 157 -11.40 71.16 -1.67
CA THR M 157 -11.28 72.59 -1.43
C THR M 157 -12.63 73.13 -0.97
N ASN M 158 -12.64 73.84 0.14
CA ASN M 158 -13.83 74.55 0.60
C ASN M 158 -13.96 75.86 -0.18
N THR M 159 -15.08 76.02 -0.88
CA THR M 159 -15.30 77.18 -1.75
C THR M 159 -15.52 78.47 -0.94
N GLU M 160 -16.22 78.35 0.19
CA GLU M 160 -16.55 79.50 1.04
C GLU M 160 -15.31 80.10 1.70
N THR M 161 -14.42 79.24 2.19
CA THR M 161 -13.21 79.67 2.90
C THR M 161 -11.98 79.80 2.00
N LYS M 162 -11.99 79.04 0.90
CA LYS M 162 -10.88 78.95 -0.08
C LYS M 162 -9.70 78.05 0.32
N VAL M 163 -9.74 77.48 1.52
CA VAL M 163 -8.66 76.59 2.01
C VAL M 163 -9.05 75.13 1.88
N LYS M 164 -8.04 74.27 1.69
CA LYS M 164 -8.28 72.82 1.56
C LYS M 164 -8.59 72.17 2.90
N PHE M 165 -9.38 71.10 2.86
CA PHE M 165 -9.60 70.28 4.04
C PHE M 165 -9.45 68.79 3.72
N VAL M 166 -9.25 67.98 4.76
CA VAL M 166 -9.03 66.55 4.60
C VAL M 166 -10.00 65.73 5.45
N ILE M 167 -10.50 64.63 4.86
CA ILE M 167 -11.26 63.63 5.61
C ILE M 167 -10.48 62.31 5.63
N VAL M 168 -10.11 61.86 6.82
CA VAL M 168 -9.29 60.65 6.98
C VAL M 168 -10.07 59.54 7.67
N SER M 169 -10.43 58.50 6.91
CA SER M 169 -11.11 57.34 7.48
C SER M 169 -10.79 56.06 6.71
N TRP M 170 -10.90 54.92 7.39
CA TRP M 170 -10.79 53.62 6.74
C TRP M 170 -11.95 53.38 5.77
N ARG M 171 -13.04 54.11 5.98
CA ARG M 171 -14.21 54.01 5.11
C ARG M 171 -13.98 54.68 3.76
N ASN M 172 -12.92 55.48 3.66
CA ASN M 172 -12.54 56.15 2.42
C ASN M 172 -11.75 55.27 1.44
N LEU M 173 -11.19 54.17 1.96
CA LEU M 173 -10.53 53.17 1.13
C LEU M 173 -11.50 52.65 0.07
N PRO M 174 -11.12 52.79 -1.22
CA PRO M 174 -11.93 52.20 -2.29
C PRO M 174 -12.08 50.70 -2.11
N SER M 175 -13.18 50.16 -2.62
CA SER M 175 -13.44 48.74 -2.51
C SER M 175 -12.45 47.97 -3.40
N VAL M 176 -12.17 48.52 -4.58
CA VAL M 176 -11.25 47.93 -5.54
C VAL M 176 -10.44 49.03 -6.22
N SER M 177 -9.14 48.82 -6.32
CA SER M 177 -8.30 49.71 -7.12
C SER M 177 -7.88 48.98 -8.39
N ILE M 178 -7.76 49.73 -9.49
CA ILE M 178 -7.30 49.16 -10.76
C ILE M 178 -6.21 50.02 -11.37
N ASN M 179 -5.04 49.43 -11.55
CA ASN M 179 -3.87 50.13 -12.11
C ASN M 179 -3.44 49.51 -13.44
N ASP M 180 -4.05 49.97 -14.52
CA ASP M 180 -3.73 49.49 -15.87
C ASP M 180 -2.78 50.44 -16.60
N PRO M 181 -1.50 50.03 -16.77
CA PRO M 181 -0.51 50.86 -17.45
C PRO M 181 -0.84 51.19 -18.90
N LEU M 182 -1.67 50.36 -19.54
CA LEU M 182 -2.12 50.60 -20.92
C LEU M 182 -2.94 51.87 -21.03
N LEU M 183 -3.59 52.25 -19.93
CA LEU M 183 -4.37 53.48 -19.86
C LEU M 183 -3.46 54.69 -19.67
N MET M 184 -2.20 54.44 -19.30
CA MET M 184 -1.27 55.49 -18.91
C MET M 184 -0.23 55.86 -19.99
N ILE M 185 -0.35 55.25 -21.16
CA ILE M 185 0.67 55.40 -22.21
C ILE M 185 0.67 56.77 -22.88
N GLY M 186 -0.49 57.43 -22.89
CA GLY M 186 -0.67 58.72 -23.56
C GLY M 186 -0.15 59.95 -22.83
N LYS M 187 0.40 59.77 -21.64
CA LYS M 187 0.96 60.88 -20.85
C LYS M 187 2.24 61.39 -21.48
N PRO M 188 2.28 62.70 -21.84
CA PRO M 188 3.51 63.30 -22.37
C PRO M 188 4.66 63.33 -21.34
N ALA M 189 5.89 63.31 -21.84
CA ALA M 189 7.12 63.22 -21.03
C ALA M 189 7.14 64.07 -19.76
N ALA M 190 6.74 65.33 -19.88
CA ALA M 190 6.75 66.27 -18.76
C ALA M 190 5.84 65.84 -17.62
N LEU M 191 4.68 65.29 -17.97
CA LEU M 191 3.69 64.80 -17.00
C LEU M 191 4.24 63.55 -16.32
N THR M 192 4.67 62.58 -17.12
CA THR M 192 5.21 61.35 -16.55
C THR M 192 6.42 61.65 -15.66
N ALA M 193 7.17 62.70 -15.99
CA ALA M 193 8.33 63.11 -15.19
C ALA M 193 7.92 63.69 -13.84
N ALA M 194 6.94 64.59 -13.86
CA ALA M 194 6.42 65.21 -12.64
C ALA M 194 5.74 64.19 -11.73
N THR M 195 4.91 63.34 -12.31
CA THR M 195 4.21 62.29 -11.55
C THR M 195 5.21 61.23 -11.07
N GLY M 196 6.21 60.95 -11.90
CA GLY M 196 7.27 60.03 -11.51
C GLY M 196 7.95 60.48 -10.24
N MET M 197 8.26 61.77 -10.17
CA MET M 197 8.91 62.36 -9.01
C MET M 197 7.98 62.51 -7.81
N ASP M 198 6.68 62.65 -8.07
CA ASP M 198 5.67 62.65 -7.01
C ASP M 198 5.70 61.32 -6.30
N ALA M 199 5.72 60.24 -7.08
CA ALA M 199 5.83 58.88 -6.54
C ALA M 199 7.14 58.68 -5.75
N LEU M 200 8.25 59.21 -6.27
CA LEU M 200 9.55 59.08 -5.59
C LEU M 200 9.52 59.79 -4.25
N THR M 201 8.90 60.97 -4.24
CA THR M 201 8.76 61.74 -3.02
C THR M 201 7.92 60.98 -2.00
N HIS M 202 6.86 60.31 -2.46
CA HIS M 202 6.02 59.49 -1.58
C HIS M 202 6.84 58.37 -0.99
N ALA M 203 7.65 57.76 -1.84
CA ALA M 203 8.48 56.65 -1.46
C ALA M 203 9.54 57.03 -0.44
N VAL M 204 10.30 58.11 -0.69
CA VAL M 204 11.38 58.49 0.24
C VAL M 204 10.89 59.17 1.52
N GLU M 205 9.81 59.96 1.43
CA GLU M 205 9.28 60.57 2.64
C GLU M 205 8.66 59.50 3.53
N ALA M 206 8.10 58.46 2.91
CA ALA M 206 7.54 57.33 3.64
C ALA M 206 8.63 56.51 4.31
N TYR M 207 9.80 56.45 3.67
CA TYR M 207 10.89 55.60 4.12
C TYR M 207 11.58 56.14 5.37
N ILE M 208 11.70 57.48 5.43
CA ILE M 208 12.42 58.15 6.51
C ILE M 208 11.50 58.79 7.57
N SER M 209 10.20 58.71 7.32
CA SER M 209 9.16 59.17 8.25
C SER M 209 9.35 58.62 9.67
N LYS M 210 8.94 59.41 10.67
CA LYS M 210 8.92 58.96 12.07
C LYS M 210 7.99 57.78 12.27
N ASP M 211 7.06 57.60 11.32
CA ASP M 211 6.04 56.57 11.38
C ASP M 211 6.36 55.34 10.54
N ALA M 212 7.51 55.37 9.87
CA ALA M 212 8.04 54.21 9.13
C ALA M 212 8.21 53.00 10.03
N ASN M 213 7.95 51.82 9.48
CA ASN M 213 8.18 50.52 10.11
C ASN M 213 8.57 49.52 9.02
N PRO M 214 9.06 48.32 9.42
CA PRO M 214 9.49 47.35 8.40
C PRO M 214 8.44 46.99 7.32
N VAL M 215 7.15 46.97 7.67
CA VAL M 215 6.10 46.65 6.68
C VAL M 215 5.97 47.78 5.66
N THR M 216 5.94 49.00 6.17
CA THR M 216 5.93 50.20 5.37
C THR M 216 7.15 50.26 4.44
N ASP M 217 8.34 50.04 5.04
CA ASP M 217 9.60 50.11 4.33
C ASP M 217 9.60 49.19 3.11
N ALA M 218 8.96 48.02 3.23
CA ALA M 218 8.88 47.07 2.13
C ALA M 218 8.44 47.74 0.82
N ALA M 219 7.30 48.41 0.84
CA ALA M 219 6.77 49.04 -0.37
C ALA M 219 7.62 50.24 -0.80
N ALA M 220 8.04 51.06 0.16
CA ALA M 220 8.85 52.25 -0.14
C ALA M 220 10.19 51.90 -0.80
N MET M 221 10.88 50.89 -0.28
CA MET M 221 12.18 50.45 -0.83
C MET M 221 12.07 49.94 -2.29
N GLN M 222 11.05 49.13 -2.56
CA GLN M 222 10.84 48.62 -3.91
C GLN M 222 10.41 49.74 -4.87
N ALA M 223 9.55 50.64 -4.39
CA ALA M 223 9.17 51.82 -5.16
C ALA M 223 10.38 52.64 -5.59
N ILE M 224 11.30 52.89 -4.66
CA ILE M 224 12.51 53.65 -4.95
C ILE M 224 13.34 52.91 -6.00
N ARG M 225 13.55 51.63 -5.77
CA ARG M 225 14.25 50.75 -6.70
C ARG M 225 13.64 50.81 -8.11
N LEU M 226 12.32 50.59 -8.21
CA LEU M 226 11.61 50.63 -9.49
C LEU M 226 11.71 51.97 -10.21
N ILE M 227 11.61 53.06 -9.46
CA ILE M 227 11.66 54.39 -10.02
C ILE M 227 13.06 54.68 -10.59
N ALA M 228 14.10 54.38 -9.82
CA ALA M 228 15.48 54.57 -10.28
C ALA M 228 15.79 53.75 -11.53
N ARG M 229 15.12 52.62 -11.68
CA ARG M 229 15.35 51.75 -12.83
C ARG M 229 14.45 52.03 -14.04
N ASN M 230 13.42 52.86 -13.84
CA ASN M 230 12.39 53.00 -14.87
C ASN M 230 11.89 54.38 -15.27
N LEU M 231 12.09 55.39 -14.42
CA LEU M 231 11.56 56.72 -14.72
C LEU M 231 12.20 57.32 -15.97
N ARG M 232 13.52 57.37 -16.03
CA ARG M 232 14.25 57.85 -17.21
C ARG M 232 13.72 57.24 -18.52
N GLN M 233 13.42 55.94 -18.48
CA GLN M 233 12.98 55.20 -19.66
C GLN M 233 11.55 55.57 -20.02
N ALA M 234 10.72 55.83 -19.01
CA ALA M 234 9.33 56.18 -19.20
C ALA M 234 9.18 57.58 -19.82
N VAL M 235 9.98 58.53 -19.33
CA VAL M 235 9.89 59.89 -19.87
C VAL M 235 10.52 59.98 -21.27
N ALA M 236 11.50 59.12 -21.53
CA ALA M 236 12.18 59.13 -22.82
C ALA M 236 11.24 58.62 -23.90
N LEU M 237 10.51 57.56 -23.56
CA LEU M 237 9.55 56.94 -24.48
C LEU M 237 8.28 56.53 -23.73
N GLY M 238 7.25 57.33 -23.92
CA GLY M 238 5.94 57.07 -23.32
C GLY M 238 5.31 55.74 -23.71
N SER M 239 5.71 55.22 -24.87
CA SER M 239 5.18 53.94 -25.35
C SER M 239 6.00 52.72 -24.89
N ASN M 240 6.99 52.93 -24.00
CA ASN M 240 7.74 51.83 -23.42
C ASN M 240 6.92 51.13 -22.34
N LEU M 241 6.20 50.08 -22.74
CA LEU M 241 5.25 49.41 -21.85
C LEU M 241 5.88 48.90 -20.56
N GLN M 242 7.02 48.22 -20.69
CA GLN M 242 7.69 47.64 -19.53
C GLN M 242 7.97 48.73 -18.49
N ALA M 243 8.50 49.86 -18.95
CA ALA M 243 8.79 50.99 -18.07
C ALA M 243 7.52 51.59 -17.49
N ARG M 244 6.45 51.60 -18.29
CA ARG M 244 5.18 52.12 -17.86
C ARG M 244 4.59 51.22 -16.75
N GLU M 245 4.64 49.90 -16.99
CA GLU M 245 4.26 48.89 -15.98
C GLU M 245 4.92 49.16 -14.63
N TYR M 246 6.25 49.28 -14.64
CA TYR M 246 6.99 49.39 -13.39
C TYR M 246 6.75 50.72 -12.69
N MET M 247 6.55 51.79 -13.45
CA MET M 247 6.12 53.06 -12.89
C MET M 247 4.77 52.93 -12.21
N ALA M 248 3.87 52.16 -12.83
CA ALA M 248 2.55 51.95 -12.24
C ALA M 248 2.66 51.15 -10.94
N TYR M 249 3.48 50.11 -10.93
CA TYR M 249 3.67 49.31 -9.72
C TYR M 249 4.33 50.12 -8.62
N ALA M 250 5.31 50.95 -9.01
CA ALA M 250 6.04 51.80 -8.06
C ALA M 250 5.13 52.84 -7.41
N SER M 251 4.31 53.51 -8.23
CA SER M 251 3.41 54.52 -7.70
C SER M 251 2.40 53.93 -6.73
N LEU M 252 1.96 52.72 -7.05
CA LEU M 252 1.10 51.94 -6.18
C LEU M 252 1.81 51.61 -4.86
N LEU M 253 3.03 51.08 -4.93
CA LEU M 253 3.78 50.71 -3.73
C LEU M 253 4.07 51.91 -2.83
N ALA M 254 4.53 53.01 -3.44
CA ALA M 254 4.75 54.26 -2.73
C ALA M 254 3.49 54.71 -2.00
N GLY M 255 2.34 54.49 -2.66
CA GLY M 255 1.04 54.79 -2.07
C GLY M 255 0.76 53.91 -0.88
N MET M 256 1.04 52.62 -1.01
CA MET M 256 0.87 51.68 0.08
C MET M 256 1.78 52.06 1.24
N ALA M 257 2.92 52.68 0.93
CA ALA M 257 3.83 53.09 1.97
C ALA M 257 3.32 54.36 2.65
N PHE M 258 3.12 55.43 1.89
CA PHE M 258 2.83 56.73 2.49
C PHE M 258 1.43 56.79 3.14
N ASN M 259 0.47 56.06 2.57
CA ASN M 259 -0.83 55.91 3.22
C ASN M 259 -0.75 55.52 4.69
N ASN M 260 0.34 54.83 5.05
CA ASN M 260 0.47 54.20 6.36
C ASN M 260 1.66 54.67 7.18
N ALA M 261 2.64 55.28 6.51
CA ALA M 261 3.84 55.80 7.17
C ALA M 261 3.89 57.32 7.11
N ASN M 262 3.02 57.91 6.28
CA ASN M 262 2.93 59.37 6.11
C ASN M 262 4.09 59.99 5.34
N LEU M 263 4.06 61.31 5.19
CA LEU M 263 5.05 62.02 4.37
C LEU M 263 5.94 62.91 5.24
N GLY M 264 6.26 64.11 4.76
CA GLY M 264 7.07 65.06 5.53
C GLY M 264 7.17 66.44 4.91
N TYR M 265 8.29 67.11 5.17
CA TYR M 265 8.51 68.50 4.79
C TYR M 265 8.39 68.81 3.29
N VAL M 266 8.71 67.85 2.42
CA VAL M 266 8.62 68.09 0.97
C VAL M 266 7.19 68.42 0.58
N HIS M 267 6.25 67.56 0.99
CA HIS M 267 4.83 67.79 0.74
C HIS M 267 4.27 69.00 1.46
N ALA M 268 4.70 69.20 2.70
CA ALA M 268 4.35 70.38 3.47
C ALA M 268 4.79 71.65 2.73
N MET M 269 6.03 71.63 2.23
CA MET M 269 6.57 72.75 1.48
C MET M 269 5.95 72.84 0.08
N ALA M 270 5.75 71.69 -0.55
CA ALA M 270 5.20 71.64 -1.89
C ALA M 270 3.80 72.20 -1.95
N HIS M 271 2.97 71.88 -0.95
CA HIS M 271 1.58 72.34 -0.94
C HIS M 271 1.47 73.85 -0.98
N GLN M 272 2.47 74.53 -0.43
CA GLN M 272 2.51 75.99 -0.40
C GLN M 272 2.74 76.55 -1.79
N LEU M 273 3.61 75.89 -2.54
CA LEU M 273 3.86 76.27 -3.93
C LEU M 273 2.60 76.09 -4.77
N GLY M 274 1.85 75.02 -4.52
CA GLY M 274 0.57 74.78 -5.18
C GLY M 274 -0.46 75.84 -4.83
N GLY M 275 -0.50 76.18 -3.54
CA GLY M 275 -1.46 77.16 -3.02
C GLY M 275 -1.18 78.60 -3.41
N LEU M 276 0.08 78.89 -3.77
CA LEU M 276 0.46 80.25 -4.14
C LEU M 276 0.65 80.45 -5.64
N TYR M 277 1.13 79.43 -6.33
CA TYR M 277 1.51 79.59 -7.73
C TYR M 277 0.73 78.70 -8.70
N ASP M 278 -0.15 77.86 -8.16
CA ASP M 278 -0.80 76.77 -8.92
C ASP M 278 0.24 75.91 -9.64
N MET M 279 1.41 75.78 -9.01
CA MET M 279 2.48 74.96 -9.56
C MET M 279 2.11 73.48 -9.44
N PRO M 280 2.33 72.71 -10.54
CA PRO M 280 2.05 71.28 -10.50
C PRO M 280 2.68 70.58 -9.29
N HIS M 281 1.86 69.82 -8.58
CA HIS M 281 2.24 69.07 -7.39
C HIS M 281 3.51 68.28 -7.60
N GLY M 282 3.63 67.66 -8.76
CA GLY M 282 4.76 66.80 -9.09
C GLY M 282 6.08 67.55 -9.19
N VAL M 283 6.08 68.69 -9.91
CA VAL M 283 7.32 69.44 -10.11
C VAL M 283 7.73 70.20 -8.85
N ALA M 284 6.72 70.63 -8.09
CA ALA M 284 6.92 71.27 -6.79
C ALA M 284 7.68 70.32 -5.86
N ASN M 285 7.30 69.04 -5.87
CA ASN M 285 7.99 68.01 -5.11
C ASN M 285 9.41 67.77 -5.64
N ALA M 286 9.50 67.59 -6.95
CA ALA M 286 10.75 67.25 -7.62
C ALA M 286 11.84 68.30 -7.40
N VAL M 287 11.43 69.56 -7.30
CA VAL M 287 12.39 70.64 -7.16
C VAL M 287 12.90 70.72 -5.71
N LEU M 288 12.02 70.42 -4.76
CA LEU M 288 12.31 70.47 -3.34
C LEU M 288 13.04 69.22 -2.83
N LEU M 289 12.69 68.07 -3.39
CA LEU M 289 13.11 66.76 -2.86
C LEU M 289 14.56 66.66 -2.36
N PRO M 290 15.56 67.01 -3.20
CA PRO M 290 16.94 66.77 -2.73
C PRO M 290 17.35 67.75 -1.64
N HIS M 291 16.80 68.97 -1.71
CA HIS M 291 17.08 70.01 -0.72
C HIS M 291 16.48 69.69 0.65
N VAL M 292 15.32 69.04 0.67
CA VAL M 292 14.71 68.58 1.92
C VAL M 292 15.38 67.27 2.37
N ALA M 293 15.74 66.43 1.40
CA ALA M 293 16.49 65.22 1.70
C ALA M 293 17.79 65.56 2.43
N ARG M 294 18.54 66.51 1.89
CA ARG M 294 19.79 66.95 2.50
C ARG M 294 19.57 67.46 3.92
N TYR M 295 18.47 68.20 4.11
CA TYR M 295 18.13 68.73 5.42
C TYR M 295 17.79 67.62 6.41
N ASN M 296 17.05 66.62 5.94
CA ASN M 296 16.61 65.50 6.77
C ASN M 296 17.71 64.47 6.99
N LEU M 297 18.78 64.59 6.20
CA LEU M 297 19.87 63.62 6.23
C LEU M 297 20.35 63.29 7.65
N ILE M 298 20.58 64.32 8.46
CA ILE M 298 21.06 64.09 9.83
C ILE M 298 20.08 63.29 10.69
N ALA M 299 18.82 63.25 10.29
CA ALA M 299 17.80 62.56 11.07
C ALA M 299 18.02 61.04 11.06
N ASN M 300 18.54 60.53 9.94
CA ASN M 300 18.74 59.10 9.75
C ASN M 300 19.73 58.83 8.61
N PRO M 301 21.03 59.10 8.85
CA PRO M 301 22.02 58.85 7.79
C PRO M 301 21.94 57.44 7.21
N GLU M 302 21.73 56.44 8.06
CA GLU M 302 21.67 55.03 7.63
C GLU M 302 20.65 54.80 6.51
N LYS M 303 19.47 55.41 6.64
CA LYS M 303 18.41 55.21 5.65
C LYS M 303 18.68 55.93 4.34
N PHE M 304 19.49 56.99 4.38
CA PHE M 304 19.90 57.65 3.15
C PHE M 304 20.98 56.87 2.43
N ALA M 305 21.83 56.19 3.19
CA ALA M 305 22.77 55.23 2.62
C ALA M 305 21.98 54.13 1.91
N ASP M 306 20.91 53.66 2.54
CA ASP M 306 20.00 52.70 1.93
C ASP M 306 19.46 53.21 0.60
N ILE M 307 18.92 54.44 0.62
CA ILE M 307 18.33 55.00 -0.60
C ILE M 307 19.34 54.98 -1.76
N ALA M 308 20.58 55.39 -1.47
CA ALA M 308 21.64 55.41 -2.47
C ALA M 308 21.85 54.05 -3.13
N GLU M 309 21.89 53.01 -2.30
CA GLU M 309 22.08 51.64 -2.78
C GLU M 309 20.87 51.21 -3.61
N LEU M 310 19.68 51.56 -3.15
CA LEU M 310 18.42 51.34 -3.87
C LEU M 310 18.36 52.00 -5.24
N MET M 311 19.07 53.13 -5.40
CA MET M 311 19.13 53.81 -6.69
C MET M 311 20.35 53.38 -7.52
N GLY M 312 20.99 52.30 -7.10
CA GLY M 312 22.06 51.67 -7.86
C GLY M 312 23.42 52.35 -7.78
N GLU M 313 23.67 53.08 -6.70
CA GLU M 313 24.97 53.70 -6.51
C GLU M 313 25.94 52.74 -5.83
N ASN M 314 27.21 52.86 -6.18
CA ASN M 314 28.26 52.14 -5.49
C ASN M 314 28.60 52.85 -4.19
N ILE M 315 28.41 52.11 -3.10
CA ILE M 315 28.46 52.60 -1.73
C ILE M 315 29.62 51.91 -0.98
N THR M 316 30.46 51.21 -1.74
CA THR M 316 31.42 50.26 -1.16
C THR M 316 32.42 50.84 -0.14
N GLY M 317 33.26 51.78 -0.56
CA GLY M 317 34.36 52.19 0.34
C GLY M 317 33.99 53.25 1.37
N LEU M 318 32.70 53.51 1.50
CA LEU M 318 32.26 54.75 2.09
C LEU M 318 31.75 54.64 3.52
N SER M 319 32.03 55.68 4.30
CA SER M 319 31.36 55.94 5.56
C SER M 319 29.88 56.10 5.27
N THR M 320 29.06 55.98 6.31
CA THR M 320 27.63 56.11 6.17
C THR M 320 27.27 57.49 5.62
N LEU M 321 28.01 58.51 6.05
CA LEU M 321 27.72 59.89 5.66
C LEU M 321 27.97 60.15 4.18
N ASP M 322 29.15 59.74 3.69
CA ASP M 322 29.50 59.83 2.28
C ASP M 322 28.51 59.03 1.44
N ALA M 323 28.10 57.87 1.96
CA ALA M 323 27.11 57.02 1.28
C ALA M 323 25.76 57.72 1.19
N ALA M 324 25.35 58.33 2.30
CA ALA M 324 24.14 59.13 2.36
C ALA M 324 24.20 60.31 1.38
N GLU M 325 25.38 60.94 1.25
CA GLU M 325 25.54 62.02 0.29
C GLU M 325 25.23 61.56 -1.13
N LYS M 326 25.59 60.32 -1.44
CA LYS M 326 25.32 59.78 -2.77
C LYS M 326 23.82 59.71 -3.08
N ALA M 327 22.99 59.50 -2.06
CA ALA M 327 21.53 59.54 -2.22
C ALA M 327 21.04 60.90 -2.74
N ILE M 328 21.58 61.99 -2.18
CA ILE M 328 21.22 63.33 -2.65
C ILE M 328 21.67 63.52 -4.10
N ALA M 329 22.94 63.26 -4.40
CA ALA M 329 23.45 63.38 -5.76
C ALA M 329 22.62 62.57 -6.76
N ALA M 330 22.19 61.40 -6.34
CA ALA M 330 21.46 60.48 -7.21
C ALA M 330 20.06 60.99 -7.51
N ILE M 331 19.39 61.51 -6.48
CA ILE M 331 18.08 62.10 -6.64
C ILE M 331 18.17 63.27 -7.61
N THR M 332 19.13 64.17 -7.38
CA THR M 332 19.26 65.33 -8.27
C THR M 332 19.80 64.98 -9.67
N ARG M 333 20.50 63.84 -9.80
CA ARG M 333 20.91 63.36 -11.12
C ARG M 333 19.70 62.90 -11.92
N LEU M 334 18.76 62.21 -11.26
CA LEU M 334 17.55 61.75 -11.90
C LEU M 334 16.67 62.92 -12.31
N SER M 335 16.48 63.85 -11.38
CA SER M 335 15.67 65.06 -11.59
C SER M 335 16.12 65.84 -12.83
N MET M 336 17.43 66.03 -12.95
CA MET M 336 18.02 66.69 -14.12
C MET M 336 17.77 65.91 -15.41
N ASP M 337 18.17 64.64 -15.40
CA ASP M 337 18.02 63.75 -16.55
C ASP M 337 16.63 63.81 -17.18
N ILE M 338 15.60 63.88 -16.35
CA ILE M 338 14.22 63.86 -16.83
C ILE M 338 13.61 65.24 -17.09
N GLY M 339 14.43 66.28 -16.95
CA GLY M 339 14.03 67.64 -17.35
C GLY M 339 13.20 68.42 -16.34
N ILE M 340 13.24 68.00 -15.08
CA ILE M 340 12.66 68.75 -13.97
C ILE M 340 13.48 70.02 -13.82
N PRO M 341 12.81 71.19 -13.79
CA PRO M 341 13.56 72.45 -13.59
C PRO M 341 14.13 72.53 -12.17
N GLN M 342 15.37 73.01 -12.08
CA GLN M 342 16.18 72.90 -10.87
C GLN M 342 16.10 74.09 -9.91
N HIS M 343 15.54 75.21 -10.37
CA HIS M 343 15.51 76.42 -9.56
C HIS M 343 14.11 77.01 -9.55
N LEU M 344 13.60 77.27 -8.34
CA LEU M 344 12.26 77.84 -8.14
C LEU M 344 12.13 79.21 -8.80
N ARG M 345 13.27 79.90 -8.94
CA ARG M 345 13.39 81.16 -9.65
C ARG M 345 12.79 81.08 -11.07
N ASP M 346 13.00 79.95 -11.73
CA ASP M 346 12.51 79.71 -13.08
C ASP M 346 11.03 79.34 -13.11
N LEU M 347 10.39 79.26 -11.95
CA LEU M 347 8.97 78.94 -11.87
C LEU M 347 8.11 80.11 -11.38
N GLY M 348 8.70 81.30 -11.36
CA GLY M 348 8.02 82.50 -10.86
C GLY M 348 7.82 82.54 -9.34
N VAL M 349 8.56 81.71 -8.61
CA VAL M 349 8.56 81.76 -7.15
C VAL M 349 9.32 83.01 -6.70
N LYS M 350 8.84 83.65 -5.65
CA LYS M 350 9.42 84.89 -5.18
C LYS M 350 9.95 84.76 -3.76
N GLU M 351 11.20 85.21 -3.56
CA GLU M 351 11.91 85.14 -2.28
C GLU M 351 11.13 85.71 -1.09
N THR M 352 10.36 86.77 -1.34
CA THR M 352 9.60 87.45 -0.30
C THR M 352 8.37 86.67 0.18
N ASP M 353 8.12 85.52 -0.46
CA ASP M 353 7.01 84.66 -0.07
C ASP M 353 7.48 83.52 0.82
N PHE M 354 8.79 83.47 1.08
CA PHE M 354 9.38 82.39 1.86
C PHE M 354 8.92 82.39 3.32
N PRO M 355 8.93 83.57 4.00
CA PRO M 355 8.44 83.55 5.37
C PRO M 355 7.01 83.04 5.51
N TYR M 356 6.12 83.50 4.63
CA TYR M 356 4.72 83.11 4.67
C TYR M 356 4.51 81.62 4.36
N MET M 357 5.22 81.13 3.36
CA MET M 357 5.14 79.73 2.97
C MET M 357 5.69 78.82 4.05
N ALA M 358 6.78 79.24 4.69
CA ALA M 358 7.37 78.51 5.79
C ALA M 358 6.42 78.35 6.98
N GLU M 359 5.71 79.43 7.33
CA GLU M 359 4.74 79.39 8.40
C GLU M 359 3.62 78.40 8.08
N MET M 360 3.14 78.46 6.85
CA MET M 360 2.10 77.54 6.40
C MET M 360 2.59 76.09 6.39
N ALA M 361 3.78 75.87 5.85
CA ALA M 361 4.36 74.54 5.73
C ALA M 361 4.51 73.82 7.08
N LEU M 362 4.89 74.57 8.10
CA LEU M 362 5.01 74.02 9.45
C LEU M 362 3.66 73.56 10.00
N LYS M 363 2.58 74.16 9.52
CA LYS M 363 1.22 73.87 9.99
C LYS M 363 0.52 72.76 9.21
N ASP M 364 1.00 72.52 7.99
CA ASP M 364 0.49 71.47 7.13
C ASP M 364 0.51 70.11 7.85
N GLY M 365 -0.54 69.32 7.64
CA GLY M 365 -0.69 68.01 8.27
C GLY M 365 0.51 67.08 8.09
N ASN M 366 1.10 67.08 6.90
CA ASN M 366 2.26 66.24 6.58
C ASN M 366 3.54 66.60 7.34
N ALA M 367 3.60 67.80 7.91
CA ALA M 367 4.80 68.28 8.60
C ALA M 367 5.17 67.48 9.84
N PHE M 368 4.18 66.96 10.56
CA PHE M 368 4.47 66.37 11.87
C PHE M 368 5.11 64.98 11.83
N SER M 369 5.23 64.38 10.66
CA SER M 369 5.82 63.06 10.51
C SER M 369 7.25 63.12 9.94
N ASN M 370 7.70 64.34 9.63
CA ASN M 370 9.05 64.57 9.17
C ASN M 370 10.08 64.14 10.23
N PRO M 371 11.13 63.43 9.81
CA PRO M 371 12.07 62.89 10.82
C PRO M 371 12.93 63.96 11.52
N ARG M 372 12.97 65.17 10.98
CA ARG M 372 13.66 66.28 11.64
C ARG M 372 12.66 67.39 12.00
N LYS M 373 12.70 67.82 13.26
CA LYS M 373 11.77 68.84 13.75
C LYS M 373 12.36 70.23 13.55
N GLY M 374 11.86 70.94 12.55
CA GLY M 374 12.42 72.24 12.21
C GLY M 374 11.63 73.42 12.77
N ASN M 375 11.93 74.59 12.22
CA ASN M 375 11.13 75.78 12.47
C ASN M 375 11.02 76.60 11.18
N GLU M 376 10.31 77.71 11.24
CA GLU M 376 10.05 78.55 10.07
C GLU M 376 11.33 79.03 9.41
N GLN M 377 12.31 79.42 10.22
CA GLN M 377 13.61 79.87 9.74
C GLN M 377 14.26 78.83 8.84
N GLU M 378 14.26 77.57 9.30
CA GLU M 378 14.90 76.47 8.58
C GLU M 378 14.17 76.08 7.30
N ILE M 379 12.84 76.09 7.35
CA ILE M 379 12.05 75.81 6.15
C ILE M 379 12.32 76.90 5.12
N ALA M 380 12.32 78.15 5.56
CA ALA M 380 12.66 79.27 4.69
C ALA M 380 14.05 79.10 4.07
N ALA M 381 15.01 78.64 4.88
CA ALA M 381 16.37 78.40 4.40
C ALA M 381 16.43 77.28 3.34
N ILE M 382 15.55 76.28 3.47
CA ILE M 382 15.43 75.23 2.44
C ILE M 382 14.87 75.81 1.15
N PHE M 383 13.82 76.64 1.26
CA PHE M 383 13.26 77.36 0.10
C PHE M 383 14.34 78.16 -0.63
N ARG M 384 15.14 78.87 0.15
CA ARG M 384 16.27 79.65 -0.35
C ARG M 384 17.28 78.76 -1.11
N GLN M 385 17.52 77.56 -0.60
CA GLN M 385 18.45 76.61 -1.22
C GLN M 385 17.98 76.07 -2.57
N ALA M 386 16.66 76.05 -2.79
CA ALA M 386 16.07 75.55 -4.01
C ALA M 386 15.70 76.67 -5.00
N PHE M 387 16.01 77.91 -4.65
CA PHE M 387 15.59 79.07 -5.43
C PHE M 387 16.34 79.20 -6.74
N ARG N 4 -63.88 -24.60 35.61
CA ARG N 4 -63.00 -25.24 36.63
C ARG N 4 -63.70 -26.44 37.26
N MET N 5 -65.02 -26.33 37.41
CA MET N 5 -65.84 -27.37 37.98
C MET N 5 -66.92 -27.75 36.96
N PHE N 6 -67.38 -29.00 37.03
CA PHE N 6 -68.33 -29.50 36.06
C PHE N 6 -69.42 -30.32 36.71
N ASP N 7 -70.64 -30.27 36.17
CA ASP N 7 -71.69 -31.22 36.53
C ASP N 7 -71.93 -32.21 35.39
N TYR N 8 -72.39 -33.41 35.75
CA TYR N 8 -72.66 -34.45 34.76
C TYR N 8 -73.96 -35.15 35.12
N LEU N 9 -75.00 -34.82 34.35
CA LEU N 9 -76.33 -35.36 34.58
C LEU N 9 -76.69 -36.39 33.51
N VAL N 10 -77.37 -37.43 33.96
CA VAL N 10 -77.78 -38.55 33.10
C VAL N 10 -78.93 -39.24 33.82
N PRO N 11 -79.93 -39.74 33.07
CA PRO N 11 -80.96 -40.56 33.72
C PRO N 11 -80.36 -41.68 34.55
N ASN N 12 -80.90 -41.87 35.75
CA ASN N 12 -80.49 -42.90 36.70
C ASN N 12 -80.26 -44.27 36.06
N VAL N 13 -81.27 -44.73 35.30
CA VAL N 13 -81.33 -46.07 34.76
C VAL N 13 -81.59 -46.00 33.25
N ASN N 14 -80.74 -46.66 32.47
CA ASN N 14 -80.89 -46.64 31.00
C ASN N 14 -80.84 -48.02 30.38
N PHE N 15 -81.71 -48.26 29.40
CA PHE N 15 -81.74 -49.51 28.67
C PHE N 15 -81.54 -49.27 27.18
N PHE N 16 -80.71 -50.08 26.56
CA PHE N 16 -80.49 -50.03 25.11
C PHE N 16 -80.15 -51.42 24.57
N GLY N 17 -80.29 -51.57 23.26
CA GLY N 17 -80.12 -52.86 22.60
C GLY N 17 -81.44 -53.34 22.04
N PRO N 18 -81.40 -54.27 21.06
CA PRO N 18 -82.62 -54.85 20.51
C PRO N 18 -83.55 -55.45 21.59
N ASN N 19 -84.84 -55.13 21.47
CA ASN N 19 -85.89 -55.60 22.38
C ASN N 19 -85.92 -54.94 23.77
N ALA N 20 -85.24 -53.80 23.91
CA ALA N 20 -85.18 -53.09 25.18
C ALA N 20 -86.52 -52.52 25.61
N ILE N 21 -87.51 -52.58 24.71
CA ILE N 21 -88.87 -52.17 25.02
C ILE N 21 -89.53 -53.08 26.07
N SER N 22 -89.05 -54.32 26.16
CA SER N 22 -89.67 -55.35 26.99
C SER N 22 -89.64 -55.06 28.50
N VAL N 23 -88.87 -54.04 28.89
CA VAL N 23 -88.77 -53.68 30.30
C VAL N 23 -89.69 -52.53 30.78
N VAL N 24 -90.37 -51.83 29.85
CA VAL N 24 -91.18 -50.64 30.21
C VAL N 24 -92.18 -50.88 31.32
N GLY N 25 -92.95 -51.95 31.18
CA GLY N 25 -93.96 -52.31 32.18
C GLY N 25 -93.32 -52.61 33.51
N GLU N 26 -92.30 -53.47 33.49
CA GLU N 26 -91.55 -53.85 34.69
C GLU N 26 -90.95 -52.62 35.37
N ARG N 27 -90.45 -51.69 34.57
CA ARG N 27 -89.82 -50.47 35.08
C ARG N 27 -90.80 -49.48 35.70
N CYS N 28 -92.02 -49.44 35.17
CA CYS N 28 -93.08 -48.64 35.79
C CYS N 28 -93.48 -49.22 37.14
N GLN N 29 -93.57 -50.55 37.22
CA GLN N 29 -93.86 -51.26 38.48
C GLN N 29 -92.90 -50.86 39.60
N LEU N 30 -91.61 -50.78 39.27
CA LEU N 30 -90.55 -50.48 40.25
C LEU N 30 -90.59 -49.02 40.70
N LEU N 31 -91.14 -48.15 39.87
CA LEU N 31 -91.29 -46.73 40.20
C LEU N 31 -92.63 -46.41 40.87
N GLY N 32 -93.49 -47.42 41.01
CA GLY N 32 -94.76 -47.28 41.74
C GLY N 32 -95.99 -46.93 40.93
N GLY N 33 -95.79 -46.68 39.63
CA GLY N 33 -96.87 -46.26 38.73
C GLY N 33 -97.98 -47.27 38.55
N LYS N 34 -99.19 -46.90 38.99
CA LYS N 34 -100.37 -47.75 38.83
C LYS N 34 -101.04 -47.50 37.47
N LYS N 35 -101.17 -46.24 37.08
CA LYS N 35 -101.76 -45.86 35.80
C LYS N 35 -100.86 -44.90 35.03
N ALA N 36 -100.60 -45.23 33.77
CA ALA N 36 -99.65 -44.48 32.94
C ALA N 36 -100.32 -43.50 31.99
N LEU N 37 -99.66 -42.38 31.76
CA LEU N 37 -99.98 -41.51 30.65
C LEU N 37 -98.97 -41.73 29.53
N LEU N 38 -99.49 -42.20 28.39
CA LEU N 38 -98.68 -42.48 27.20
C LEU N 38 -98.69 -41.25 26.30
N VAL N 39 -97.55 -40.56 26.23
CA VAL N 39 -97.41 -39.32 25.46
C VAL N 39 -96.71 -39.63 24.15
N THR N 40 -97.39 -39.38 23.02
CA THR N 40 -96.86 -39.76 21.72
C THR N 40 -97.38 -38.90 20.55
N ASP N 41 -97.02 -39.30 19.33
CA ASP N 41 -97.43 -38.62 18.10
C ASP N 41 -98.68 -39.25 17.48
N LYS N 42 -99.42 -38.45 16.72
CA LYS N 42 -100.51 -38.96 15.89
C LYS N 42 -99.98 -39.96 14.85
N GLY N 43 -98.84 -39.60 14.25
CA GLY N 43 -98.17 -40.45 13.26
C GLY N 43 -97.63 -41.77 13.82
N LEU N 44 -97.28 -41.77 15.10
CA LEU N 44 -96.77 -42.98 15.75
C LEU N 44 -97.86 -43.82 16.42
N ARG N 45 -98.96 -43.16 16.80
CA ARG N 45 -100.08 -43.80 17.51
C ARG N 45 -100.50 -45.14 16.89
N LYS N 48 -102.69 -49.91 15.23
CA LYS N 48 -102.03 -49.29 14.09
C LYS N 48 -100.91 -50.21 13.55
N ASP N 49 -99.66 -49.80 13.72
CA ASP N 49 -98.50 -50.55 13.22
C ASP N 49 -97.91 -51.51 14.26
N GLY N 50 -96.87 -51.06 14.97
CA GLY N 50 -96.21 -51.87 15.99
C GLY N 50 -94.99 -51.19 16.56
N ALA N 51 -95.22 -50.16 17.37
CA ALA N 51 -94.15 -49.37 17.99
C ALA N 51 -94.62 -48.77 19.33
N VAL N 52 -95.76 -48.07 19.30
CA VAL N 52 -96.44 -47.62 20.52
C VAL N 52 -97.38 -48.71 21.03
N ASP N 53 -97.68 -49.68 20.16
CA ASP N 53 -98.47 -50.85 20.51
C ASP N 53 -97.64 -51.81 21.38
N LYS N 54 -96.32 -51.84 21.14
CA LYS N 54 -95.41 -52.66 21.94
C LYS N 54 -95.31 -52.13 23.36
N THR N 55 -95.05 -50.83 23.51
CA THR N 55 -95.02 -50.21 24.83
C THR N 55 -96.40 -50.25 25.49
N LEU N 56 -97.44 -50.28 24.67
CA LEU N 56 -98.82 -50.44 25.14
C LEU N 56 -99.09 -51.90 25.53
N HIS N 57 -98.36 -52.82 24.90
CA HIS N 57 -98.48 -54.24 25.20
C HIS N 57 -97.80 -54.62 26.53
N TYR N 58 -96.52 -54.27 26.67
CA TYR N 58 -95.74 -54.63 27.85
C TYR N 58 -96.22 -53.93 29.12
N LEU N 59 -96.88 -52.78 28.93
CA LEU N 59 -97.47 -52.02 30.02
C LEU N 59 -98.75 -52.71 30.49
N ARG N 60 -99.44 -53.36 29.55
CA ARG N 60 -100.69 -54.08 29.82
C ARG N 60 -100.40 -55.44 30.45
N GLU N 61 -99.26 -56.04 30.10
CA GLU N 61 -98.88 -57.36 30.63
C GLU N 61 -98.29 -57.25 32.04
N ALA N 62 -97.78 -56.07 32.37
CA ALA N 62 -97.28 -55.79 33.72
C ALA N 62 -98.39 -55.24 34.62
N GLY N 63 -99.58 -55.04 34.05
CA GLY N 63 -100.75 -54.66 34.82
C GLY N 63 -100.93 -53.17 35.06
N ILE N 64 -100.30 -52.35 34.21
CA ILE N 64 -100.46 -50.90 34.28
C ILE N 64 -101.56 -50.42 33.32
N GLU N 65 -102.53 -49.69 33.87
CA GLU N 65 -103.59 -49.08 33.06
C GLU N 65 -103.00 -47.89 32.30
N VAL N 66 -103.60 -47.53 31.17
CA VAL N 66 -103.01 -46.50 30.31
C VAL N 66 -104.01 -45.54 29.67
N ALA N 67 -103.71 -44.25 29.79
CA ALA N 67 -104.38 -43.22 29.03
C ALA N 67 -103.39 -42.63 28.03
N ILE N 68 -103.76 -42.65 26.75
CA ILE N 68 -102.88 -42.16 25.69
C ILE N 68 -103.16 -40.69 25.36
N PHE N 69 -102.10 -39.93 25.13
CA PHE N 69 -102.22 -38.57 24.65
C PHE N 69 -101.35 -38.41 23.42
N ASP N 70 -101.98 -38.41 22.24
CA ASP N 70 -101.26 -38.27 20.98
C ASP N 70 -101.39 -36.88 20.36
N GLY N 71 -101.73 -35.90 21.20
CA GLY N 71 -101.92 -34.52 20.75
C GLY N 71 -100.65 -33.70 20.73
N VAL N 72 -99.51 -34.37 20.54
CA VAL N 72 -98.20 -33.72 20.52
C VAL N 72 -97.83 -33.29 19.09
N GLU N 73 -97.57 -31.99 18.94
CA GLU N 73 -97.13 -31.41 17.68
C GLU N 73 -95.63 -31.53 17.49
N PRO N 74 -95.16 -31.64 16.22
CA PRO N 74 -93.72 -31.64 15.88
C PRO N 74 -92.88 -30.59 16.62
N ASN N 75 -93.45 -29.40 16.84
CA ASN N 75 -92.88 -28.42 17.76
C ASN N 75 -93.76 -28.31 19.01
N PRO N 76 -93.44 -29.09 20.06
CA PRO N 76 -94.26 -29.18 21.27
C PRO N 76 -94.71 -27.82 21.78
N LYS N 77 -96.03 -27.66 21.94
CA LYS N 77 -96.62 -26.38 22.31
C LYS N 77 -97.06 -26.33 23.77
N ASP N 78 -97.16 -25.12 24.30
CA ASP N 78 -97.68 -24.91 25.66
C ASP N 78 -99.12 -25.41 25.81
N THR N 79 -99.89 -25.34 24.71
CA THR N 79 -101.25 -25.89 24.68
C THR N 79 -101.26 -27.42 24.60
N ASN N 80 -100.19 -27.99 24.07
CA ASN N 80 -100.01 -29.45 24.07
C ASN N 80 -99.79 -29.98 25.49
N VAL N 81 -99.02 -29.24 26.28
CA VAL N 81 -98.79 -29.57 27.68
C VAL N 81 -100.09 -29.48 28.48
N ARG N 82 -100.80 -28.36 28.31
CA ARG N 82 -102.09 -28.14 28.96
C ARG N 82 -103.11 -29.24 28.69
N ASP N 83 -103.33 -29.53 27.40
CA ASP N 83 -104.31 -30.54 26.99
C ASP N 83 -103.94 -31.94 27.50
N GLY N 84 -102.64 -32.26 27.47
CA GLY N 84 -102.13 -33.52 27.98
C GLY N 84 -102.16 -33.62 29.50
N LEU N 85 -102.02 -32.47 30.16
CA LEU N 85 -102.11 -32.39 31.63
C LEU N 85 -103.52 -32.71 32.12
N ALA N 86 -104.53 -32.22 31.40
CA ALA N 86 -105.92 -32.51 31.71
C ALA N 86 -106.19 -34.02 31.68
N VAL N 87 -105.62 -34.70 30.68
CA VAL N 87 -105.72 -36.16 30.58
C VAL N 87 -104.98 -36.85 31.74
N PHE N 88 -103.83 -36.31 32.11
CA PHE N 88 -103.09 -36.78 33.30
C PHE N 88 -103.94 -36.62 34.57
N ARG N 89 -104.59 -35.46 34.69
CA ARG N 89 -105.39 -35.13 35.88
C ARG N 89 -106.72 -35.88 35.92
N ARG N 90 -107.45 -35.87 34.81
CA ARG N 90 -108.79 -36.45 34.75
C ARG N 90 -108.76 -37.98 34.81
N GLU N 91 -107.83 -38.58 34.07
CA GLU N 91 -107.66 -40.04 34.08
C GLU N 91 -106.91 -40.51 35.32
N GLN N 92 -106.39 -39.56 36.09
CA GLN N 92 -105.66 -39.79 37.34
C GLN N 92 -104.45 -40.71 37.19
N CYS N 93 -103.47 -40.24 36.42
CA CYS N 93 -102.27 -41.02 36.12
C CYS N 93 -101.18 -40.82 37.16
N ASP N 94 -100.33 -41.82 37.28
CA ASP N 94 -99.32 -41.91 38.33
C ASP N 94 -97.92 -41.71 37.74
N ILE N 95 -97.77 -42.10 36.48
CA ILE N 95 -96.46 -42.15 35.82
C ILE N 95 -96.60 -41.72 34.35
N ILE N 96 -95.52 -41.20 33.78
CA ILE N 96 -95.52 -40.73 32.38
C ILE N 96 -94.61 -41.59 31.50
N VAL N 97 -95.21 -42.22 30.48
CA VAL N 97 -94.44 -42.94 29.46
C VAL N 97 -94.47 -42.12 28.16
N THR N 98 -93.30 -41.71 27.70
CA THR N 98 -93.20 -40.95 26.47
C THR N 98 -92.57 -41.81 25.40
N VAL N 99 -93.27 -41.97 24.27
CA VAL N 99 -92.73 -42.70 23.14
C VAL N 99 -92.68 -41.85 21.87
N GLY N 100 -91.50 -41.80 21.26
CA GLY N 100 -91.25 -41.02 20.05
C GLY N 100 -89.88 -40.37 19.99
N GLY N 101 -89.78 -39.32 19.19
CA GLY N 101 -88.57 -38.50 19.10
C GLY N 101 -88.64 -37.36 20.10
N GLY N 102 -88.05 -36.23 19.74
CA GLY N 102 -87.93 -35.07 20.65
C GLY N 102 -89.23 -34.51 21.19
N SER N 103 -90.25 -34.42 20.33
CA SER N 103 -91.52 -33.79 20.70
C SER N 103 -92.21 -34.44 21.91
N PRO N 104 -92.52 -35.76 21.84
CA PRO N 104 -93.13 -36.44 22.99
C PRO N 104 -92.31 -36.32 24.28
N HIS N 105 -91.00 -36.29 24.18
CA HIS N 105 -90.13 -36.21 25.35
C HIS N 105 -90.18 -34.82 26.01
N ASP N 106 -90.13 -33.76 25.19
CA ASP N 106 -90.27 -32.39 25.68
C ASP N 106 -91.64 -32.19 26.32
N CYS N 107 -92.70 -32.45 25.55
CA CYS N 107 -94.07 -32.32 26.00
C CYS N 107 -94.34 -33.15 27.26
N GLY N 108 -93.80 -34.36 27.29
CA GLY N 108 -93.83 -35.23 28.47
C GLY N 108 -93.25 -34.58 29.71
N LYS N 109 -92.05 -34.03 29.59
CA LYS N 109 -91.39 -33.29 30.68
C LYS N 109 -92.21 -32.09 31.12
N GLY N 110 -92.70 -31.32 30.15
CA GLY N 110 -93.55 -30.16 30.41
C GLY N 110 -94.81 -30.55 31.17
N ILE N 111 -95.41 -31.67 30.77
CA ILE N 111 -96.57 -32.22 31.47
C ILE N 111 -96.19 -32.54 32.92
N GLY N 112 -95.04 -33.18 33.09
CA GLY N 112 -94.49 -33.48 34.41
C GLY N 112 -94.29 -32.25 35.29
N ILE N 113 -93.73 -31.19 34.69
CA ILE N 113 -93.52 -29.92 35.39
C ILE N 113 -94.84 -29.29 35.83
N ALA N 114 -95.75 -29.11 34.87
CA ALA N 114 -97.03 -28.41 35.09
C ALA N 114 -97.91 -29.10 36.12
N ALA N 115 -97.81 -30.43 36.20
CA ALA N 115 -98.58 -31.23 37.16
C ALA N 115 -98.02 -31.11 38.59
N THR N 116 -96.91 -30.38 38.71
CA THR N 116 -96.13 -30.34 39.93
C THR N 116 -95.79 -28.92 40.39
N HIS N 117 -95.91 -27.96 39.47
CA HIS N 117 -95.54 -26.58 39.76
C HIS N 117 -96.64 -25.59 39.38
N GLU N 118 -96.95 -24.67 40.30
CA GLU N 118 -98.00 -23.64 40.15
C GLU N 118 -98.33 -23.33 38.69
N GLY N 119 -99.39 -23.98 38.20
CA GLY N 119 -99.76 -23.99 36.78
C GLY N 119 -99.34 -22.79 35.94
N ASP N 120 -98.43 -23.04 34.99
CA ASP N 120 -98.01 -22.06 33.99
C ASP N 120 -96.77 -22.55 33.23
N LEU N 121 -96.70 -22.14 31.96
CA LEU N 121 -95.58 -22.48 31.09
C LEU N 121 -94.35 -21.63 31.39
N TYR N 122 -94.37 -20.41 30.83
CA TYR N 122 -93.31 -19.40 30.94
C TYR N 122 -92.72 -19.21 32.33
N GLN N 123 -93.60 -19.20 33.34
CA GLN N 123 -93.25 -18.87 34.73
C GLN N 123 -91.99 -19.56 35.24
N TYR N 124 -91.68 -20.75 34.69
CA TYR N 124 -90.55 -21.54 35.17
C TYR N 124 -89.39 -21.64 34.17
N ALA N 125 -89.46 -20.89 33.08
CA ALA N 125 -88.39 -20.85 32.07
C ALA N 125 -87.10 -20.30 32.65
N GLY N 126 -85.97 -20.79 32.15
CA GLY N 126 -84.65 -20.42 32.66
C GLY N 126 -83.90 -21.62 33.18
N ILE N 127 -82.96 -21.40 34.09
CA ILE N 127 -82.14 -22.47 34.66
C ILE N 127 -82.87 -23.26 35.75
N GLU N 128 -82.13 -23.64 36.80
CA GLU N 128 -82.67 -24.44 37.90
C GLU N 128 -83.75 -23.67 38.67
N THR N 129 -84.99 -23.81 38.21
CA THR N 129 -86.12 -23.06 38.76
C THR N 129 -87.17 -23.99 39.37
N LEU N 130 -86.93 -25.30 39.28
CA LEU N 130 -87.84 -26.32 39.79
C LEU N 130 -87.56 -26.66 41.25
N THR N 131 -88.63 -26.73 42.04
CA THR N 131 -88.51 -26.97 43.48
C THR N 131 -88.90 -28.39 43.86
N ASN N 132 -89.83 -28.97 43.12
CA ASN N 132 -90.46 -30.25 43.49
C ASN N 132 -90.22 -31.35 42.45
N PRO N 133 -90.12 -32.62 42.90
CA PRO N 133 -89.88 -33.73 41.97
C PRO N 133 -91.07 -33.93 41.02
N LEU N 134 -90.78 -34.26 39.77
CA LEU N 134 -91.81 -34.52 38.77
C LEU N 134 -92.44 -35.90 39.02
N PRO N 135 -93.58 -36.18 38.36
CA PRO N 135 -94.00 -37.58 38.31
C PRO N 135 -92.93 -38.38 37.57
N PRO N 136 -92.72 -39.65 37.97
CA PRO N 136 -91.70 -40.44 37.29
C PRO N 136 -91.91 -40.47 35.77
N ILE N 137 -90.83 -40.32 35.01
CA ILE N 137 -90.93 -40.37 33.54
C ILE N 137 -90.10 -41.51 32.97
N VAL N 138 -90.74 -42.37 32.19
CA VAL N 138 -90.03 -43.36 31.40
C VAL N 138 -90.13 -42.88 29.96
N ALA N 139 -88.98 -42.83 29.29
CA ALA N 139 -88.92 -42.27 27.95
C ALA N 139 -88.42 -43.28 26.93
N VAL N 140 -89.31 -43.70 26.05
CA VAL N 140 -88.93 -44.59 24.95
C VAL N 140 -88.66 -43.80 23.68
N ASN N 141 -87.39 -43.83 23.27
CA ASN N 141 -86.88 -43.06 22.16
C ASN N 141 -86.82 -43.90 20.87
N THR N 142 -87.37 -43.33 19.79
CA THR N 142 -87.58 -44.03 18.51
C THR N 142 -86.75 -43.40 17.39
N THR N 143 -85.86 -42.50 17.77
CA THR N 143 -85.08 -41.76 16.80
C THR N 143 -83.59 -41.73 17.20
N ALA N 144 -82.71 -42.01 16.24
CA ALA N 144 -81.27 -41.88 16.47
C ALA N 144 -80.84 -40.48 16.11
N GLY N 145 -81.39 -39.51 16.84
CA GLY N 145 -81.20 -38.09 16.57
C GLY N 145 -81.10 -37.17 17.77
N THR N 146 -82.19 -37.05 18.54
CA THR N 146 -82.32 -35.95 19.52
C THR N 146 -81.69 -36.22 20.89
N ALA N 147 -81.85 -37.43 21.41
CA ALA N 147 -81.40 -37.78 22.77
C ALA N 147 -82.11 -37.02 23.90
N SER N 148 -83.32 -36.55 23.62
CA SER N 148 -84.11 -35.82 24.62
C SER N 148 -84.49 -36.69 25.83
N GLU N 149 -84.45 -38.01 25.64
CA GLU N 149 -84.71 -38.97 26.71
C GLU N 149 -83.59 -38.99 27.74
N VAL N 150 -82.52 -38.28 27.44
CA VAL N 150 -81.31 -38.27 28.26
C VAL N 150 -81.01 -36.84 28.73
N THR N 151 -81.83 -35.92 28.25
CA THR N 151 -81.60 -34.48 28.36
C THR N 151 -82.29 -33.83 29.55
N ARG N 152 -81.71 -32.75 30.06
CA ARG N 152 -82.24 -31.99 31.20
C ARG N 152 -83.14 -30.84 30.74
N HIS N 153 -83.20 -30.66 29.42
CA HIS N 153 -83.90 -29.56 28.82
C HIS N 153 -85.35 -29.94 28.53
N CYS N 154 -86.19 -28.93 28.53
CA CYS N 154 -87.59 -29.04 28.14
C CYS N 154 -87.90 -27.82 27.27
N VAL N 155 -87.95 -28.04 25.96
CA VAL N 155 -88.17 -26.94 25.01
C VAL N 155 -89.57 -26.97 24.38
N LEU N 156 -90.39 -25.99 24.78
CA LEU N 156 -91.72 -25.81 24.22
C LEU N 156 -91.78 -24.52 23.42
N THR N 157 -92.90 -24.31 22.71
CA THR N 157 -93.17 -23.06 22.02
C THR N 157 -94.32 -22.37 22.73
N ASN N 158 -94.22 -21.05 22.87
CA ASN N 158 -95.27 -20.25 23.46
C ASN N 158 -96.17 -19.69 22.36
N THR N 159 -97.43 -20.11 22.35
CA THR N 159 -98.40 -19.65 21.34
C THR N 159 -98.76 -18.17 21.55
N GLU N 160 -98.64 -17.70 22.80
CA GLU N 160 -98.84 -16.30 23.16
C GLU N 160 -97.82 -15.38 22.47
N THR N 161 -96.56 -15.82 22.41
CA THR N 161 -95.47 -15.00 21.85
C THR N 161 -94.92 -15.50 20.51
N LYS N 162 -95.38 -16.68 20.09
CA LYS N 162 -94.88 -17.37 18.87
C LYS N 162 -93.38 -17.68 18.91
N VAL N 163 -92.81 -17.68 20.11
CA VAL N 163 -91.38 -17.93 20.33
C VAL N 163 -91.13 -18.97 21.42
N LYS N 164 -90.11 -19.80 21.22
CA LYS N 164 -89.80 -20.90 22.13
C LYS N 164 -89.18 -20.46 23.46
N PHE N 165 -89.29 -21.31 24.47
CA PHE N 165 -88.65 -21.11 25.76
C PHE N 165 -88.08 -22.43 26.29
N VAL N 166 -87.13 -22.33 27.21
CA VAL N 166 -86.44 -23.52 27.73
C VAL N 166 -86.51 -23.59 29.26
N ILE N 167 -86.67 -24.79 29.78
CA ILE N 167 -86.52 -25.04 31.22
C ILE N 167 -85.42 -26.07 31.45
N VAL N 168 -84.43 -25.68 32.25
CA VAL N 168 -83.24 -26.49 32.50
C VAL N 168 -83.24 -26.93 33.96
N SER N 169 -83.34 -28.23 34.20
CA SER N 169 -83.33 -28.74 35.57
C SER N 169 -82.90 -30.21 35.65
N TRP N 170 -82.25 -30.56 36.76
CA TRP N 170 -81.90 -31.94 37.04
C TRP N 170 -83.16 -32.80 37.28
N ARG N 171 -84.29 -32.12 37.47
CA ARG N 171 -85.56 -32.80 37.69
C ARG N 171 -86.26 -33.12 36.37
N ASN N 172 -85.78 -32.54 35.28
CA ASN N 172 -86.31 -32.84 33.94
C ASN N 172 -85.82 -34.18 33.40
N LEU N 173 -84.71 -34.66 33.98
CA LEU N 173 -84.13 -35.95 33.67
C LEU N 173 -85.12 -37.08 33.86
N PRO N 174 -85.49 -37.78 32.78
CA PRO N 174 -86.34 -38.96 32.91
C PRO N 174 -85.83 -39.94 33.97
N SER N 175 -86.74 -40.75 34.51
CA SER N 175 -86.39 -41.73 35.52
C SER N 175 -85.71 -42.91 34.84
N VAL N 176 -86.17 -43.24 33.64
CA VAL N 176 -85.62 -44.32 32.82
C VAL N 176 -85.66 -43.91 31.35
N SER N 177 -84.60 -44.24 30.61
CA SER N 177 -84.57 -44.05 29.16
C SER N 177 -84.47 -45.42 28.48
N ILE N 178 -85.07 -45.54 27.29
CA ILE N 178 -85.02 -46.78 26.53
C ILE N 178 -84.73 -46.51 25.05
N ASN N 179 -83.68 -47.13 24.54
CA ASN N 179 -83.25 -46.99 23.15
C ASN N 179 -83.23 -48.34 22.42
N ASP N 180 -84.39 -48.72 21.88
CA ASP N 180 -84.57 -50.00 21.20
C ASP N 180 -84.46 -49.80 19.70
N PRO N 181 -83.33 -50.23 19.10
CA PRO N 181 -83.11 -50.05 17.67
C PRO N 181 -84.17 -50.74 16.80
N LEU N 182 -84.77 -51.81 17.30
CA LEU N 182 -85.86 -52.49 16.60
C LEU N 182 -87.04 -51.56 16.29
N LEU N 183 -87.25 -50.57 17.15
CA LEU N 183 -88.30 -49.57 16.96
C LEU N 183 -87.92 -48.55 15.89
N MET N 184 -86.62 -48.34 15.71
CA MET N 184 -86.10 -47.33 14.79
C MET N 184 -86.01 -47.83 13.35
N ILE N 185 -86.13 -49.13 13.16
CA ILE N 185 -85.92 -49.77 11.87
C ILE N 185 -86.81 -49.21 10.74
N GLY N 186 -88.03 -48.82 11.09
CA GLY N 186 -88.99 -48.27 10.12
C GLY N 186 -88.71 -46.86 9.62
N LYS N 187 -87.64 -46.24 10.13
CA LYS N 187 -87.26 -44.89 9.71
C LYS N 187 -86.80 -44.84 8.25
N PRO N 188 -87.46 -43.97 7.43
CA PRO N 188 -87.11 -43.79 6.02
C PRO N 188 -85.71 -43.21 5.85
N ALA N 189 -85.05 -43.54 4.74
CA ALA N 189 -83.64 -43.17 4.49
C ALA N 189 -83.27 -41.73 4.81
N ALA N 190 -84.01 -40.78 4.23
CA ALA N 190 -83.73 -39.34 4.41
C ALA N 190 -83.84 -38.91 5.87
N LEU N 191 -84.79 -39.51 6.60
CA LEU N 191 -84.99 -39.19 8.01
C LEU N 191 -83.80 -39.65 8.85
N THR N 192 -83.22 -40.80 8.52
CA THR N 192 -82.09 -41.30 9.30
C THR N 192 -80.82 -40.53 8.97
N ALA N 193 -80.73 -40.05 7.73
CA ALA N 193 -79.64 -39.18 7.31
C ALA N 193 -79.64 -37.89 8.14
N ALA N 194 -80.81 -37.28 8.30
CA ALA N 194 -80.94 -36.04 9.04
C ALA N 194 -80.73 -36.23 10.54
N THR N 195 -81.37 -37.26 11.11
CA THR N 195 -81.24 -37.56 12.54
C THR N 195 -79.81 -37.95 12.91
N GLY N 196 -79.14 -38.64 11.99
CA GLY N 196 -77.75 -39.02 12.19
C GLY N 196 -76.88 -37.79 12.33
N MET N 197 -77.09 -36.83 11.43
CA MET N 197 -76.31 -35.61 11.38
C MET N 197 -76.58 -34.70 12.57
N ASP N 198 -77.81 -34.74 13.08
CA ASP N 198 -78.16 -34.11 14.35
C ASP N 198 -77.25 -34.64 15.47
N ALA N 199 -77.17 -35.98 15.57
CA ALA N 199 -76.27 -36.63 16.52
C ALA N 199 -74.81 -36.28 16.27
N LEU N 200 -74.39 -36.32 15.00
CA LEU N 200 -73.03 -35.95 14.60
C LEU N 200 -72.74 -34.54 15.09
N THR N 201 -73.71 -33.65 14.88
CA THR N 201 -73.60 -32.26 15.30
C THR N 201 -73.53 -32.15 16.82
N HIS N 202 -74.33 -32.94 17.53
CA HIS N 202 -74.29 -32.99 18.98
C HIS N 202 -72.90 -33.38 19.46
N ALA N 203 -72.31 -34.36 18.78
CA ALA N 203 -71.03 -34.92 19.19
C ALA N 203 -69.86 -33.97 19.00
N VAL N 204 -69.79 -33.28 17.85
CA VAL N 204 -68.65 -32.39 17.61
C VAL N 204 -68.79 -31.07 18.36
N GLU N 205 -70.00 -30.51 18.40
CA GLU N 205 -70.24 -29.28 19.16
C GLU N 205 -69.92 -29.49 20.64
N ALA N 206 -70.36 -30.62 21.19
CA ALA N 206 -70.04 -31.01 22.56
C ALA N 206 -68.54 -31.20 22.79
N TYR N 207 -67.87 -31.80 21.80
CA TYR N 207 -66.45 -32.10 21.90
C TYR N 207 -65.56 -30.86 21.88
N ILE N 208 -65.94 -29.86 21.10
CA ILE N 208 -65.12 -28.64 20.97
C ILE N 208 -65.65 -27.50 21.82
N SER N 209 -66.71 -27.78 22.57
CA SER N 209 -67.36 -26.80 23.42
C SER N 209 -66.43 -26.27 24.50
N LYS N 210 -66.62 -25.00 24.88
CA LYS N 210 -65.88 -24.39 25.98
C LYS N 210 -66.06 -25.17 27.30
N ASP N 211 -67.14 -25.93 27.39
CA ASP N 211 -67.48 -26.66 28.62
C ASP N 211 -67.09 -28.14 28.59
N ALA N 212 -66.44 -28.56 27.51
CA ALA N 212 -65.97 -29.94 27.35
C ALA N 212 -64.96 -30.34 28.42
N ASN N 213 -64.92 -31.62 28.75
CA ASN N 213 -63.94 -32.18 29.70
C ASN N 213 -63.69 -33.66 29.43
N PRO N 214 -62.59 -34.24 29.97
CA PRO N 214 -62.29 -35.64 29.71
C PRO N 214 -63.49 -36.61 29.80
N VAL N 215 -64.39 -36.40 30.76
CA VAL N 215 -65.55 -37.28 30.95
C VAL N 215 -66.58 -37.11 29.81
N THR N 216 -66.95 -35.87 29.57
CA THR N 216 -67.79 -35.48 28.45
C THR N 216 -67.26 -36.03 27.13
N ASP N 217 -65.94 -35.92 26.98
CA ASP N 217 -65.26 -36.24 25.72
C ASP N 217 -65.29 -37.71 25.40
N ALA N 218 -65.30 -38.55 26.44
CA ALA N 218 -65.41 -40.00 26.27
C ALA N 218 -66.61 -40.36 25.43
N ALA N 219 -67.75 -39.73 25.72
CA ALA N 219 -68.99 -39.97 25.00
C ALA N 219 -68.99 -39.35 23.60
N ALA N 220 -68.51 -38.11 23.50
CA ALA N 220 -68.47 -37.40 22.22
C ALA N 220 -67.61 -38.13 21.19
N MET N 221 -66.41 -38.53 21.60
CA MET N 221 -65.46 -39.20 20.72
C MET N 221 -66.01 -40.50 20.14
N GLN N 222 -66.51 -41.38 21.01
CA GLN N 222 -67.06 -42.66 20.57
C GLN N 222 -68.23 -42.46 19.59
N ALA N 223 -69.06 -41.45 19.85
CA ALA N 223 -70.21 -41.15 19.01
C ALA N 223 -69.79 -40.73 17.59
N ILE N 224 -68.74 -39.92 17.49
CA ILE N 224 -68.19 -39.53 16.19
C ILE N 224 -67.65 -40.76 15.45
N ARG N 225 -66.92 -41.61 16.16
CA ARG N 225 -66.42 -42.85 15.61
C ARG N 225 -67.55 -43.77 15.14
N LEU N 226 -68.59 -43.89 15.97
CA LEU N 226 -69.74 -44.72 15.64
C LEU N 226 -70.51 -44.22 14.42
N ILE N 227 -70.73 -42.91 14.35
CA ILE N 227 -71.49 -42.30 13.25
C ILE N 227 -70.70 -42.42 11.94
N ALA N 228 -69.41 -42.12 12.00
CA ALA N 228 -68.50 -42.21 10.86
C ALA N 228 -68.47 -43.60 10.25
N ARG N 229 -68.78 -44.61 11.07
CA ARG N 229 -68.71 -45.99 10.66
C ARG N 229 -70.06 -46.59 10.32
N ASN N 230 -71.14 -45.93 10.72
CA ASN N 230 -72.45 -46.54 10.60
C ASN N 230 -73.53 -45.76 9.83
N LEU N 231 -73.46 -44.43 9.84
CA LEU N 231 -74.54 -43.62 9.25
C LEU N 231 -74.80 -43.93 7.78
N ARG N 232 -73.73 -43.99 6.98
CA ARG N 232 -73.82 -44.36 5.57
C ARG N 232 -74.58 -45.65 5.40
N GLN N 233 -74.16 -46.67 6.13
CA GLN N 233 -74.74 -48.01 6.05
C GLN N 233 -76.22 -48.00 6.41
N ALA N 234 -76.57 -47.17 7.38
CA ALA N 234 -77.92 -47.11 7.92
C ALA N 234 -78.88 -46.40 6.99
N VAL N 235 -78.40 -45.40 6.25
CA VAL N 235 -79.28 -44.70 5.31
C VAL N 235 -79.44 -45.52 4.03
N ALA N 236 -78.45 -46.35 3.73
CA ALA N 236 -78.51 -47.22 2.55
C ALA N 236 -79.55 -48.31 2.75
N LEU N 237 -79.66 -48.79 3.99
CA LEU N 237 -80.51 -49.92 4.31
C LEU N 237 -80.97 -49.87 5.76
N GLY N 238 -82.21 -49.41 5.96
CA GLY N 238 -82.79 -49.26 7.28
C GLY N 238 -82.91 -50.57 8.04
N SER N 239 -83.09 -51.67 7.32
CA SER N 239 -83.24 -52.99 7.93
C SER N 239 -81.92 -53.56 8.46
N ASN N 240 -80.82 -52.88 8.16
CA ASN N 240 -79.51 -53.24 8.70
C ASN N 240 -79.52 -53.00 10.21
N LEU N 241 -79.72 -54.08 10.96
CA LEU N 241 -79.82 -54.02 12.41
C LEU N 241 -78.53 -53.53 13.05
N GLN N 242 -77.39 -54.02 12.56
CA GLN N 242 -76.10 -53.66 13.16
C GLN N 242 -75.86 -52.14 13.11
N ALA N 243 -76.07 -51.53 11.95
CA ALA N 243 -75.93 -50.09 11.79
C ALA N 243 -76.96 -49.33 12.64
N ARG N 244 -78.19 -49.85 12.68
CA ARG N 244 -79.25 -49.28 13.51
C ARG N 244 -78.87 -49.26 14.98
N GLU N 245 -78.36 -50.39 15.46
CA GLU N 245 -77.82 -50.52 16.81
C GLU N 245 -76.82 -49.41 17.12
N TYR N 246 -75.78 -49.31 16.30
CA TYR N 246 -74.69 -48.38 16.55
C TYR N 246 -75.14 -46.92 16.50
N MET N 247 -76.06 -46.61 15.59
CA MET N 247 -76.62 -45.27 15.50
C MET N 247 -77.35 -44.90 16.78
N ALA N 248 -78.07 -45.86 17.36
CA ALA N 248 -78.80 -45.65 18.60
C ALA N 248 -77.86 -45.33 19.76
N TYR N 249 -76.76 -46.09 19.86
CA TYR N 249 -75.75 -45.84 20.89
C TYR N 249 -75.05 -44.52 20.61
N ALA N 250 -74.77 -44.25 19.33
CA ALA N 250 -74.12 -43.01 18.91
C ALA N 250 -74.93 -41.79 19.30
N SER N 251 -76.23 -41.84 19.00
CA SER N 251 -77.13 -40.75 19.36
C SER N 251 -77.22 -40.59 20.86
N LEU N 252 -77.27 -41.72 21.57
CA LEU N 252 -77.34 -41.74 23.04
C LEU N 252 -76.09 -41.15 23.69
N LEU N 253 -74.92 -41.60 23.24
CA LEU N 253 -73.67 -41.07 23.75
C LEU N 253 -73.53 -39.58 23.47
N ALA N 254 -73.89 -39.17 22.25
CA ALA N 254 -73.84 -37.76 21.85
C ALA N 254 -74.72 -36.94 22.77
N GLY N 255 -75.79 -37.57 23.27
CA GLY N 255 -76.69 -36.93 24.23
C GLY N 255 -76.06 -36.79 25.60
N MET N 256 -75.32 -37.82 26.02
CA MET N 256 -74.60 -37.80 27.30
C MET N 256 -73.51 -36.74 27.27
N ALA N 257 -73.04 -36.43 26.06
CA ALA N 257 -72.03 -35.40 25.86
C ALA N 257 -72.61 -33.99 25.90
N PHE N 258 -73.52 -33.68 24.96
CA PHE N 258 -74.02 -32.31 24.82
C PHE N 258 -74.98 -31.89 25.94
N ASN N 259 -75.50 -32.87 26.67
CA ASN N 259 -76.33 -32.59 27.84
C ASN N 259 -75.50 -31.93 28.92
N ASN N 260 -74.19 -32.17 28.88
CA ASN N 260 -73.30 -31.73 29.94
C ASN N 260 -72.16 -30.83 29.48
N ALA N 261 -71.87 -30.84 28.18
CA ALA N 261 -70.87 -29.93 27.62
C ALA N 261 -71.50 -28.84 26.78
N ASN N 262 -72.81 -28.96 26.54
CA ASN N 262 -73.55 -28.00 25.72
C ASN N 262 -73.12 -28.01 24.27
N LEU N 263 -73.61 -27.05 23.49
CA LEU N 263 -73.40 -27.04 22.05
C LEU N 263 -72.61 -25.82 21.58
N GLY N 264 -73.02 -25.22 20.46
CA GLY N 264 -72.34 -24.06 19.90
C GLY N 264 -73.12 -23.42 18.77
N TYR N 265 -72.41 -22.86 17.80
CA TYR N 265 -73.01 -22.02 16.76
C TYR N 265 -73.88 -22.79 15.76
N VAL N 266 -73.60 -24.08 15.56
CA VAL N 266 -74.40 -24.86 14.60
C VAL N 266 -75.85 -24.86 15.05
N HIS N 267 -76.11 -25.24 16.29
CA HIS N 267 -77.47 -25.24 16.83
C HIS N 267 -78.02 -23.83 16.97
N ALA N 268 -77.19 -22.90 17.40
CA ALA N 268 -77.57 -21.49 17.51
C ALA N 268 -78.07 -20.96 16.16
N MET N 269 -77.44 -21.42 15.08
CA MET N 269 -77.83 -21.02 13.73
C MET N 269 -78.97 -21.86 13.16
N ALA N 270 -79.04 -23.13 13.58
CA ALA N 270 -80.04 -24.07 13.07
C ALA N 270 -81.45 -23.75 13.57
N HIS N 271 -81.55 -23.37 14.84
CA HIS N 271 -82.82 -22.96 15.45
C HIS N 271 -83.45 -21.76 14.73
N GLN N 272 -82.61 -20.93 14.11
CA GLN N 272 -83.09 -19.76 13.36
C GLN N 272 -83.69 -20.16 12.02
N LEU N 273 -83.07 -21.13 11.35
CA LEU N 273 -83.62 -21.73 10.13
C LEU N 273 -84.95 -22.42 10.42
N GLY N 274 -84.99 -23.15 11.54
CA GLY N 274 -86.21 -23.81 12.01
C GLY N 274 -87.22 -22.84 12.58
N GLY N 275 -86.78 -21.62 12.89
CA GLY N 275 -87.66 -20.58 13.40
C GLY N 275 -88.41 -19.87 12.30
N LEU N 276 -87.81 -19.82 11.11
CA LEU N 276 -88.41 -19.11 9.98
C LEU N 276 -89.02 -20.06 8.94
N TYR N 277 -88.15 -20.75 8.19
CA TYR N 277 -88.60 -21.63 7.13
C TYR N 277 -89.10 -22.96 7.70
N ASP N 278 -89.28 -23.00 9.02
CA ASP N 278 -89.46 -24.24 9.80
C ASP N 278 -88.80 -25.47 9.13
N MET N 279 -87.49 -25.34 8.95
CA MET N 279 -86.66 -26.37 8.36
C MET N 279 -86.44 -27.48 9.38
N PRO N 280 -86.62 -28.75 8.97
CA PRO N 280 -86.29 -29.89 9.84
C PRO N 280 -84.97 -29.66 10.57
N HIS N 281 -84.97 -29.91 11.88
CA HIS N 281 -83.82 -29.63 12.72
C HIS N 281 -82.56 -30.38 12.27
N GLY N 282 -82.75 -31.65 11.87
CA GLY N 282 -81.66 -32.49 11.39
C GLY N 282 -80.99 -31.94 10.15
N VAL N 283 -81.78 -31.52 9.17
CA VAL N 283 -81.21 -31.01 7.92
C VAL N 283 -80.56 -29.63 8.09
N ALA N 284 -81.11 -28.84 9.00
CA ALA N 284 -80.57 -27.51 9.28
C ALA N 284 -79.19 -27.63 9.92
N ASN N 285 -79.02 -28.61 10.79
CA ASN N 285 -77.71 -28.90 11.38
C ASN N 285 -76.75 -29.43 10.32
N ALA N 286 -77.20 -30.41 9.56
CA ALA N 286 -76.36 -31.10 8.58
C ALA N 286 -75.72 -30.13 7.59
N VAL N 287 -76.54 -29.25 7.01
CA VAL N 287 -76.09 -28.34 5.96
C VAL N 287 -75.08 -27.30 6.49
N LEU N 288 -75.27 -26.91 7.74
CA LEU N 288 -74.45 -25.88 8.40
C LEU N 288 -73.17 -26.41 9.05
N LEU N 289 -73.17 -27.70 9.39
CA LEU N 289 -72.07 -28.32 10.16
C LEU N 289 -70.67 -28.02 9.60
N PRO N 290 -70.40 -28.40 8.33
CA PRO N 290 -69.04 -28.23 7.83
C PRO N 290 -68.57 -26.78 7.90
N HIS N 291 -69.46 -25.86 7.57
CA HIS N 291 -69.14 -24.45 7.51
C HIS N 291 -68.88 -23.83 8.88
N VAL N 292 -69.62 -24.28 9.89
CA VAL N 292 -69.39 -23.80 11.26
C VAL N 292 -68.17 -24.49 11.85
N ALA N 293 -67.94 -25.73 11.44
CA ALA N 293 -66.73 -26.44 11.82
C ALA N 293 -65.49 -25.66 11.37
N ARG N 294 -65.43 -25.32 10.08
CA ARG N 294 -64.30 -24.55 9.53
C ARG N 294 -64.10 -23.19 10.22
N TYR N 295 -65.20 -22.56 10.61
CA TYR N 295 -65.17 -21.33 11.38
C TYR N 295 -64.53 -21.56 12.75
N ASN N 296 -64.94 -22.64 13.42
CA ASN N 296 -64.46 -22.98 14.75
C ASN N 296 -63.06 -23.57 14.78
N LEU N 297 -62.59 -24.03 13.63
CA LEU N 297 -61.29 -24.68 13.48
C LEU N 297 -60.18 -23.98 14.29
N ILE N 298 -60.02 -22.67 14.08
CA ILE N 298 -58.96 -21.89 14.72
C ILE N 298 -59.08 -21.78 16.24
N ALA N 299 -60.21 -22.19 16.80
CA ALA N 299 -60.38 -22.23 18.25
C ALA N 299 -59.72 -23.46 18.89
N ASN N 300 -59.64 -24.55 18.12
CA ASN N 300 -59.06 -25.79 18.61
C ASN N 300 -58.66 -26.73 17.47
N PRO N 301 -57.53 -26.44 16.79
CA PRO N 301 -57.04 -27.30 15.72
C PRO N 301 -56.76 -28.74 16.15
N GLU N 302 -56.19 -28.92 17.34
CA GLU N 302 -55.81 -30.25 17.84
C GLU N 302 -57.00 -31.19 17.98
N LYS N 303 -58.13 -30.64 18.40
CA LYS N 303 -59.34 -31.44 18.58
C LYS N 303 -60.02 -31.73 17.25
N PHE N 304 -59.84 -30.85 16.28
CA PHE N 304 -60.33 -31.11 14.93
C PHE N 304 -59.47 -32.15 14.21
N ALA N 305 -58.19 -32.21 14.59
CA ALA N 305 -57.31 -33.30 14.15
C ALA N 305 -57.82 -34.63 14.70
N ASP N 306 -58.22 -34.62 15.98
CA ASP N 306 -58.82 -35.78 16.65
C ASP N 306 -60.05 -36.26 15.88
N ILE N 307 -60.90 -35.32 15.48
CA ILE N 307 -62.13 -35.64 14.75
C ILE N 307 -61.83 -36.36 13.44
N ALA N 308 -60.85 -35.86 12.68
CA ALA N 308 -60.42 -36.51 11.44
C ALA N 308 -60.04 -37.98 11.69
N GLU N 309 -59.17 -38.18 12.66
CA GLU N 309 -58.73 -39.51 13.09
C GLU N 309 -59.93 -40.38 13.45
N LEU N 310 -60.82 -39.84 14.28
CA LEU N 310 -62.05 -40.51 14.70
C LEU N 310 -62.98 -40.87 13.54
N MET N 311 -62.99 -40.03 12.51
CA MET N 311 -63.80 -40.30 11.34
C MET N 311 -63.11 -41.21 10.32
N GLY N 312 -61.93 -41.70 10.67
CA GLY N 312 -61.26 -42.74 9.88
C GLY N 312 -60.26 -42.26 8.86
N GLU N 313 -59.89 -40.97 8.94
CA GLU N 313 -58.91 -40.38 8.04
C GLU N 313 -57.48 -40.77 8.41
N ASN N 314 -56.61 -40.85 7.40
CA ASN N 314 -55.17 -41.03 7.62
C ASN N 314 -54.48 -39.68 7.82
N ILE N 315 -53.86 -39.51 8.98
CA ILE N 315 -53.29 -38.25 9.44
C ILE N 315 -51.76 -38.32 9.61
N THR N 316 -51.21 -39.51 9.38
CA THR N 316 -49.82 -39.85 9.73
C THR N 316 -48.79 -38.71 9.73
N GLY N 317 -48.59 -38.06 8.57
CA GLY N 317 -47.46 -37.14 8.42
C GLY N 317 -47.82 -35.67 8.33
N LEU N 318 -49.06 -35.34 8.66
CA LEU N 318 -49.59 -34.02 8.44
C LEU N 318 -49.39 -33.10 9.64
N SER N 319 -49.33 -31.80 9.37
CA SER N 319 -49.37 -30.80 10.43
C SER N 319 -50.78 -30.78 11.01
N THR N 320 -50.88 -30.39 12.28
CA THR N 320 -52.18 -30.30 12.95
C THR N 320 -53.24 -29.60 12.09
N LEU N 321 -52.85 -28.46 11.50
CA LEU N 321 -53.75 -27.67 10.66
C LEU N 321 -54.27 -28.44 9.44
N ASP N 322 -53.35 -29.12 8.74
CA ASP N 322 -53.71 -30.04 7.65
C ASP N 322 -54.64 -31.17 8.12
N ALA N 323 -54.39 -31.70 9.31
CA ALA N 323 -55.20 -32.76 9.87
C ALA N 323 -56.59 -32.23 10.24
N ALA N 324 -56.63 -31.00 10.73
CA ALA N 324 -57.89 -30.33 11.04
C ALA N 324 -58.72 -30.16 9.76
N GLU N 325 -58.05 -29.76 8.67
CA GLU N 325 -58.68 -29.65 7.34
C GLU N 325 -59.41 -30.92 6.93
N LYS N 326 -58.79 -32.07 7.20
CA LYS N 326 -59.33 -33.35 6.79
C LYS N 326 -60.63 -33.69 7.52
N ALA N 327 -60.77 -33.20 8.74
CA ALA N 327 -62.00 -33.38 9.52
C ALA N 327 -63.18 -32.68 8.88
N ILE N 328 -62.93 -31.49 8.33
CA ILE N 328 -63.97 -30.75 7.59
C ILE N 328 -64.31 -31.49 6.30
N ALA N 329 -63.28 -31.86 5.53
CA ALA N 329 -63.49 -32.66 4.32
C ALA N 329 -64.32 -33.91 4.63
N ALA N 330 -63.92 -34.64 5.67
CA ALA N 330 -64.59 -35.89 6.05
C ALA N 330 -66.06 -35.68 6.33
N ILE N 331 -66.37 -34.63 7.10
CA ILE N 331 -67.75 -34.25 7.40
C ILE N 331 -68.56 -33.96 6.13
N THR N 332 -68.01 -33.15 5.22
CA THR N 332 -68.76 -32.89 3.97
C THR N 332 -68.88 -34.11 3.04
N ARG N 333 -67.86 -34.97 3.00
CA ARG N 333 -67.99 -36.25 2.26
C ARG N 333 -69.18 -37.06 2.80
N LEU N 334 -69.24 -37.23 4.11
CA LEU N 334 -70.30 -37.98 4.77
C LEU N 334 -71.65 -37.34 4.51
N SER N 335 -71.68 -36.01 4.53
CA SER N 335 -72.90 -35.25 4.29
C SER N 335 -73.43 -35.51 2.88
N MET N 336 -72.54 -35.48 1.89
CA MET N 336 -72.94 -35.70 0.49
C MET N 336 -73.35 -37.14 0.24
N ASP N 337 -72.61 -38.07 0.82
CA ASP N 337 -72.84 -39.50 0.64
C ASP N 337 -74.25 -39.95 1.02
N ILE N 338 -74.77 -39.39 2.12
CA ILE N 338 -76.07 -39.78 2.66
C ILE N 338 -77.25 -38.97 2.08
N GLY N 339 -76.96 -38.00 1.23
CA GLY N 339 -77.98 -37.31 0.45
C GLY N 339 -78.48 -35.99 0.99
N ILE N 340 -77.74 -35.40 1.93
CA ILE N 340 -78.04 -34.06 2.45
C ILE N 340 -77.88 -33.01 1.35
N PRO N 341 -78.86 -32.10 1.21
CA PRO N 341 -78.70 -30.96 0.30
C PRO N 341 -77.57 -30.06 0.78
N GLN N 342 -76.67 -29.70 -0.14
CA GLN N 342 -75.43 -29.00 0.22
C GLN N 342 -75.57 -27.48 0.32
N HIS N 343 -76.66 -26.95 -0.25
CA HIS N 343 -76.86 -25.51 -0.32
C HIS N 343 -78.20 -25.09 0.24
N LEU N 344 -78.18 -24.12 1.16
CA LEU N 344 -79.38 -23.56 1.76
C LEU N 344 -80.34 -23.00 0.70
N ARG N 345 -79.76 -22.52 -0.40
CA ARG N 345 -80.51 -21.93 -1.52
C ARG N 345 -81.65 -22.84 -2.00
N ASP N 346 -81.41 -24.15 -1.98
CA ASP N 346 -82.37 -25.13 -2.48
C ASP N 346 -83.48 -25.46 -1.47
N LEU N 347 -83.20 -25.22 -0.20
CA LEU N 347 -84.19 -25.39 0.88
C LEU N 347 -85.12 -24.19 1.02
N GLY N 348 -85.09 -23.29 0.04
CA GLY N 348 -85.96 -22.11 0.04
C GLY N 348 -85.50 -20.96 0.92
N VAL N 349 -84.27 -21.05 1.43
CA VAL N 349 -83.67 -19.98 2.24
C VAL N 349 -83.39 -18.76 1.37
N LYS N 350 -83.56 -17.57 1.95
CA LYS N 350 -83.35 -16.31 1.22
C LYS N 350 -82.30 -15.43 1.90
N GLU N 351 -81.46 -14.81 1.08
CA GLU N 351 -80.28 -14.08 1.55
C GLU N 351 -80.60 -12.83 2.37
N THR N 352 -81.74 -12.22 2.09
CA THR N 352 -82.21 -11.04 2.80
C THR N 352 -82.49 -11.31 4.29
N ASP N 353 -82.70 -12.58 4.63
CA ASP N 353 -82.98 -12.99 6.00
C ASP N 353 -81.73 -13.21 6.86
N PHE N 354 -80.55 -13.18 6.22
CA PHE N 354 -79.29 -13.45 6.92
C PHE N 354 -78.99 -12.54 8.12
N PRO N 355 -79.11 -11.21 7.95
CA PRO N 355 -78.76 -10.31 9.06
C PRO N 355 -79.57 -10.57 10.33
N TYR N 356 -80.89 -10.66 10.16
CA TYR N 356 -81.81 -10.94 11.25
C TYR N 356 -81.54 -12.31 11.91
N MET N 357 -81.32 -13.33 11.08
CA MET N 357 -80.98 -14.66 11.57
C MET N 357 -79.71 -14.71 12.42
N ALA N 358 -78.71 -13.92 12.04
CA ALA N 358 -77.44 -13.85 12.75
C ALA N 358 -77.64 -13.22 14.14
N GLU N 359 -78.36 -12.11 14.17
CA GLU N 359 -78.69 -11.41 15.42
C GLU N 359 -79.28 -12.36 16.46
N MET N 360 -80.28 -13.14 16.03
CA MET N 360 -80.98 -14.06 16.90
C MET N 360 -80.08 -15.20 17.38
N ALA N 361 -79.25 -15.70 16.45
CA ALA N 361 -78.31 -16.78 16.73
C ALA N 361 -77.34 -16.41 17.85
N LEU N 362 -76.91 -15.15 17.85
CA LEU N 362 -75.97 -14.62 18.85
C LEU N 362 -76.59 -14.64 20.26
N LYS N 363 -77.90 -14.43 20.32
CA LYS N 363 -78.65 -14.43 21.58
C LYS N 363 -79.05 -15.82 22.07
N ASP N 364 -79.20 -16.77 21.14
CA ASP N 364 -79.61 -18.14 21.45
C ASP N 364 -78.78 -18.75 22.58
N GLY N 365 -79.43 -19.52 23.45
CA GLY N 365 -78.78 -20.19 24.58
C GLY N 365 -77.59 -21.07 24.23
N ASN N 366 -77.59 -21.61 23.00
CA ASN N 366 -76.49 -22.44 22.54
C ASN N 366 -75.25 -21.65 22.05
N ALA N 367 -75.39 -20.34 21.92
CA ALA N 367 -74.30 -19.50 21.42
C ALA N 367 -73.14 -19.34 22.39
N PHE N 368 -73.44 -19.40 23.70
CA PHE N 368 -72.45 -19.09 24.74
C PHE N 368 -71.27 -20.05 24.80
N SER N 369 -71.56 -21.35 24.61
CA SER N 369 -70.56 -22.41 24.78
C SER N 369 -69.68 -22.70 23.55
N ASN N 370 -70.04 -22.10 22.41
CA ASN N 370 -69.22 -22.16 21.19
C ASN N 370 -67.78 -21.73 21.48
N PRO N 371 -66.77 -22.45 20.96
CA PRO N 371 -65.38 -22.16 21.34
C PRO N 371 -64.83 -20.86 20.75
N ARG N 372 -65.44 -20.40 19.66
CA ARG N 372 -65.08 -19.13 19.06
C ARG N 372 -66.15 -18.09 19.34
N LYS N 373 -65.73 -16.97 19.92
CA LYS N 373 -66.63 -15.85 20.18
C LYS N 373 -66.64 -14.94 18.95
N GLY N 374 -67.80 -14.82 18.33
CA GLY N 374 -67.92 -14.00 17.13
C GLY N 374 -68.93 -12.89 17.27
N ASN N 375 -69.30 -12.30 16.13
CA ASN N 375 -70.33 -11.28 16.06
C ASN N 375 -71.36 -11.58 14.97
N GLU N 376 -72.26 -10.64 14.72
CA GLU N 376 -73.33 -10.81 13.75
C GLU N 376 -72.82 -10.91 12.31
N GLN N 377 -71.85 -10.06 11.97
CA GLN N 377 -71.20 -10.09 10.65
C GLN N 377 -70.57 -11.44 10.33
N GLU N 378 -69.88 -12.03 11.31
CA GLU N 378 -69.22 -13.31 11.12
C GLU N 378 -70.22 -14.46 10.97
N ILE N 379 -71.30 -14.41 11.75
CA ILE N 379 -72.35 -15.42 11.65
C ILE N 379 -73.11 -15.28 10.33
N ALA N 380 -73.38 -14.05 9.93
CA ALA N 380 -74.01 -13.78 8.64
C ALA N 380 -73.19 -14.36 7.49
N ALA N 381 -71.86 -14.25 7.58
CA ALA N 381 -70.97 -14.75 6.54
C ALA N 381 -70.95 -16.28 6.44
N ILE N 382 -71.13 -16.95 7.58
CA ILE N 382 -71.26 -18.42 7.59
C ILE N 382 -72.49 -18.87 6.79
N PHE N 383 -73.63 -18.22 7.01
CA PHE N 383 -74.85 -18.48 6.22
C PHE N 383 -74.54 -18.34 4.74
N ARG N 384 -73.89 -17.23 4.37
CA ARG N 384 -73.51 -16.94 3.00
C ARG N 384 -72.66 -18.06 2.40
N GLN N 385 -71.81 -18.68 3.22
CA GLN N 385 -71.00 -19.81 2.81
C GLN N 385 -71.78 -21.12 2.65
N ALA N 386 -72.98 -21.15 3.24
CA ALA N 386 -73.83 -22.34 3.18
C ALA N 386 -74.98 -22.20 2.18
N PHE N 387 -75.09 -21.02 1.56
CA PHE N 387 -76.18 -20.73 0.63
C PHE N 387 -76.07 -21.49 -0.69
N ARG O 4 -10.50 -56.90 -24.60
CA ARG O 4 -11.22 -55.81 -25.33
C ARG O 4 -12.10 -56.36 -26.46
N MET O 5 -11.83 -57.58 -26.89
CA MET O 5 -12.58 -58.23 -27.96
C MET O 5 -12.97 -59.64 -27.52
N PHE O 6 -14.18 -60.07 -27.88
CA PHE O 6 -14.71 -61.34 -27.38
C PHE O 6 -15.18 -62.27 -28.49
N ASP O 7 -15.12 -63.57 -28.24
CA ASP O 7 -15.82 -64.51 -29.11
C ASP O 7 -17.03 -65.07 -28.42
N TYR O 8 -17.99 -65.52 -29.23
CA TYR O 8 -19.22 -66.09 -28.74
C TYR O 8 -19.60 -67.26 -29.65
N LEU O 9 -19.53 -68.46 -29.08
CA LEU O 9 -19.81 -69.69 -29.82
C LEU O 9 -21.01 -70.41 -29.22
N VAL O 10 -21.78 -71.03 -30.10
CA VAL O 10 -23.03 -71.70 -29.75
C VAL O 10 -23.46 -72.51 -30.98
N PRO O 11 -24.05 -73.70 -30.79
CA PRO O 11 -24.53 -74.48 -31.94
C PRO O 11 -25.43 -73.67 -32.87
N ASN O 12 -25.35 -74.00 -34.15
CA ASN O 12 -26.10 -73.33 -35.19
C ASN O 12 -27.61 -73.37 -34.95
N VAL O 13 -28.11 -74.57 -34.62
CA VAL O 13 -29.53 -74.80 -34.44
C VAL O 13 -29.78 -75.49 -33.10
N ASN O 14 -30.75 -74.97 -32.35
CA ASN O 14 -31.07 -75.47 -31.04
C ASN O 14 -32.58 -75.64 -30.87
N PHE O 15 -32.98 -76.74 -30.23
CA PHE O 15 -34.39 -76.97 -29.91
C PHE O 15 -34.55 -77.22 -28.42
N PHE O 16 -35.63 -76.68 -27.85
CA PHE O 16 -35.93 -76.88 -26.43
C PHE O 16 -37.43 -76.75 -26.17
N GLY O 17 -37.88 -77.31 -25.05
CA GLY O 17 -39.29 -77.33 -24.71
C GLY O 17 -39.82 -78.74 -24.86
N PRO O 18 -40.96 -79.03 -24.21
CA PRO O 18 -41.62 -80.34 -24.26
C PRO O 18 -41.74 -80.91 -25.68
N ASN O 19 -41.36 -82.17 -25.82
CA ASN O 19 -41.47 -82.91 -27.09
C ASN O 19 -40.50 -82.44 -28.18
N ALA O 20 -39.43 -81.74 -27.77
CA ALA O 20 -38.40 -81.29 -28.68
C ALA O 20 -37.73 -82.45 -29.38
N ILE O 21 -37.64 -83.60 -28.70
CA ILE O 21 -37.00 -84.76 -29.27
C ILE O 21 -37.61 -85.17 -30.61
N SER O 22 -38.86 -84.77 -30.85
CA SER O 22 -39.61 -85.16 -32.05
C SER O 22 -38.93 -84.78 -33.37
N VAL O 23 -37.91 -83.93 -33.29
CA VAL O 23 -37.22 -83.46 -34.49
C VAL O 23 -35.85 -84.11 -34.80
N VAL O 24 -35.35 -84.99 -33.92
CA VAL O 24 -34.03 -85.63 -34.15
C VAL O 24 -33.86 -86.20 -35.55
N GLY O 25 -34.83 -87.01 -35.99
CA GLY O 25 -34.78 -87.64 -37.31
C GLY O 25 -34.78 -86.62 -38.44
N GLU O 26 -35.80 -85.76 -38.43
CA GLU O 26 -35.94 -84.68 -39.41
C GLU O 26 -34.66 -83.83 -39.49
N ARG O 27 -34.01 -83.64 -38.35
CA ARG O 27 -32.78 -82.88 -38.27
C ARG O 27 -31.56 -83.61 -38.83
N CYS O 28 -31.56 -84.93 -38.71
CA CYS O 28 -30.52 -85.75 -39.33
C CYS O 28 -30.67 -85.78 -40.85
N GLN O 29 -31.91 -85.76 -41.35
CA GLN O 29 -32.19 -85.65 -42.79
C GLN O 29 -31.52 -84.40 -43.34
N LEU O 30 -31.81 -83.26 -42.70
CA LEU O 30 -31.33 -81.97 -43.15
C LEU O 30 -29.81 -81.84 -43.12
N LEU O 31 -29.18 -82.57 -42.20
CA LEU O 31 -27.71 -82.58 -42.10
C LEU O 31 -27.06 -83.62 -43.04
N GLY O 32 -27.87 -84.24 -43.90
CA GLY O 32 -27.38 -85.24 -44.85
C GLY O 32 -27.05 -86.58 -44.23
N GLY O 33 -27.55 -86.82 -43.02
CA GLY O 33 -27.31 -88.07 -42.30
C GLY O 33 -28.15 -89.21 -42.84
N LYS O 34 -27.50 -90.34 -43.10
CA LYS O 34 -28.18 -91.52 -43.62
C LYS O 34 -28.16 -92.65 -42.61
N LYS O 35 -27.02 -92.81 -41.92
CA LYS O 35 -26.87 -93.84 -40.90
C LYS O 35 -26.23 -93.27 -39.65
N ALA O 36 -27.00 -93.25 -38.56
CA ALA O 36 -26.58 -92.58 -37.34
C ALA O 36 -25.91 -93.50 -36.35
N LEU O 37 -24.94 -92.95 -35.62
CA LEU O 37 -24.38 -93.61 -34.44
C LEU O 37 -24.99 -93.00 -33.17
N LEU O 38 -25.58 -93.87 -32.35
CA LEU O 38 -26.26 -93.48 -31.13
C LEU O 38 -25.29 -93.66 -29.98
N VAL O 39 -24.84 -92.56 -29.39
CA VAL O 39 -23.84 -92.62 -28.32
C VAL O 39 -24.51 -92.37 -26.97
N THR O 40 -24.45 -93.36 -26.07
CA THR O 40 -25.17 -93.29 -24.80
C THR O 40 -24.55 -94.14 -23.68
N ASP O 41 -25.18 -94.11 -22.51
CA ASP O 41 -24.79 -94.86 -21.32
C ASP O 41 -25.42 -96.24 -21.34
N LYS O 42 -24.86 -97.16 -20.54
CA LYS O 42 -25.49 -98.44 -20.23
C LYS O 42 -26.74 -98.24 -19.40
N GLY O 43 -26.68 -97.29 -18.47
CA GLY O 43 -27.81 -96.96 -17.59
C GLY O 43 -29.03 -96.48 -18.37
N LEU O 44 -28.79 -95.59 -19.33
CA LEU O 44 -29.86 -95.00 -20.14
C LEU O 44 -30.43 -95.96 -21.19
N ARG O 45 -29.59 -96.86 -21.68
CA ARG O 45 -29.94 -97.78 -22.75
C ARG O 45 -30.98 -98.82 -22.31
N LYS O 48 -34.47 -100.15 -22.25
CA LYS O 48 -34.52 -100.32 -20.81
C LYS O 48 -35.80 -99.71 -20.23
N ASP O 49 -36.22 -98.58 -20.82
CA ASP O 49 -37.28 -97.76 -20.24
C ASP O 49 -38.11 -97.00 -21.31
N GLY O 50 -37.63 -95.82 -21.70
CA GLY O 50 -38.27 -95.01 -22.74
C GLY O 50 -37.76 -93.58 -22.81
N ALA O 51 -36.50 -93.42 -23.24
CA ALA O 51 -35.85 -92.09 -23.35
C ALA O 51 -34.73 -92.07 -24.43
N VAL O 52 -33.99 -93.16 -24.55
CA VAL O 52 -33.15 -93.41 -25.73
C VAL O 52 -33.97 -94.20 -26.75
N ASP O 53 -35.09 -94.77 -26.29
CA ASP O 53 -36.06 -95.44 -27.16
C ASP O 53 -36.87 -94.42 -27.94
N LYS O 54 -37.05 -93.22 -27.36
CA LYS O 54 -37.77 -92.12 -28.01
C LYS O 54 -36.98 -91.61 -29.24
N THR O 55 -35.70 -91.33 -29.04
CA THR O 55 -34.84 -90.84 -30.12
C THR O 55 -34.58 -91.91 -31.17
N LEU O 56 -34.63 -93.17 -30.74
CA LEU O 56 -34.52 -94.32 -31.63
C LEU O 56 -35.77 -94.44 -32.51
N HIS O 57 -36.92 -94.07 -31.97
CA HIS O 57 -38.19 -94.11 -32.71
C HIS O 57 -38.29 -93.04 -33.81
N TYR O 58 -38.04 -91.77 -33.46
CA TYR O 58 -38.11 -90.66 -34.42
C TYR O 58 -37.04 -90.75 -35.50
N LEU O 59 -35.89 -91.31 -35.13
CA LEU O 59 -34.82 -91.56 -36.07
C LEU O 59 -35.26 -92.60 -37.11
N ARG O 60 -35.89 -93.68 -36.66
CA ARG O 60 -36.34 -94.75 -37.55
C ARG O 60 -37.51 -94.36 -38.44
N GLU O 61 -38.31 -93.39 -37.99
CA GLU O 61 -39.45 -92.88 -38.78
C GLU O 61 -38.98 -92.00 -39.94
N ALA O 62 -37.95 -91.19 -39.68
CA ALA O 62 -37.37 -90.32 -40.71
C ALA O 62 -36.51 -91.07 -41.73
N GLY O 63 -36.37 -92.38 -41.53
CA GLY O 63 -35.71 -93.26 -42.49
C GLY O 63 -34.20 -93.36 -42.32
N ILE O 64 -33.72 -93.03 -41.12
CA ILE O 64 -32.30 -93.15 -40.81
C ILE O 64 -32.03 -94.46 -40.09
N GLU O 65 -31.15 -95.29 -40.66
CA GLU O 65 -30.65 -96.48 -39.98
C GLU O 65 -29.79 -96.03 -38.80
N VAL O 66 -29.75 -96.85 -37.74
CA VAL O 66 -29.01 -96.48 -36.54
C VAL O 66 -28.22 -97.64 -35.92
N ALA O 67 -26.99 -97.34 -35.53
CA ALA O 67 -26.15 -98.27 -34.77
C ALA O 67 -25.90 -97.70 -33.38
N ILE O 68 -25.95 -98.58 -32.39
CA ILE O 68 -25.88 -98.20 -30.98
C ILE O 68 -24.51 -98.46 -30.34
N PHE O 69 -23.97 -97.44 -29.68
CA PHE O 69 -22.80 -97.61 -28.81
C PHE O 69 -23.11 -97.09 -27.41
N ASP O 70 -23.13 -98.01 -26.46
CA ASP O 70 -23.51 -97.70 -25.08
C ASP O 70 -22.34 -97.75 -24.09
N GLY O 71 -21.12 -97.82 -24.62
CA GLY O 71 -19.93 -98.04 -23.78
C GLY O 71 -19.34 -96.83 -23.09
N VAL O 72 -20.08 -95.73 -23.05
CA VAL O 72 -19.62 -94.47 -22.44
C VAL O 72 -19.57 -94.57 -20.91
N GLU O 73 -18.37 -94.45 -20.35
CA GLU O 73 -18.18 -94.50 -18.90
C GLU O 73 -18.54 -93.16 -18.23
N PRO O 74 -18.94 -93.20 -16.94
CA PRO O 74 -18.91 -91.95 -16.17
C PRO O 74 -17.45 -91.52 -16.09
N ASN O 75 -17.17 -90.28 -16.51
CA ASN O 75 -15.81 -89.87 -16.89
C ASN O 75 -15.37 -90.61 -18.16
N PRO O 76 -15.66 -90.03 -19.35
CA PRO O 76 -15.38 -90.70 -20.62
C PRO O 76 -13.89 -90.96 -20.81
N LYS O 77 -13.54 -92.20 -21.13
CA LYS O 77 -12.15 -92.61 -21.34
C LYS O 77 -11.80 -92.56 -22.82
N ASP O 78 -10.50 -92.44 -23.12
CA ASP O 78 -10.01 -92.47 -24.50
C ASP O 78 -10.29 -93.80 -25.19
N THR O 79 -10.29 -94.88 -24.41
CA THR O 79 -10.61 -96.22 -24.91
C THR O 79 -12.09 -96.36 -25.28
N ASN O 80 -12.94 -95.58 -24.61
CA ASN O 80 -14.37 -95.50 -24.96
C ASN O 80 -14.58 -94.88 -26.34
N VAL O 81 -13.75 -93.91 -26.70
CA VAL O 81 -13.79 -93.29 -28.02
C VAL O 81 -13.30 -94.26 -29.09
N ARG O 82 -12.29 -95.07 -28.75
CA ARG O 82 -11.71 -96.04 -29.68
C ARG O 82 -12.67 -97.18 -29.95
N ASP O 83 -13.38 -97.62 -28.91
CA ASP O 83 -14.44 -98.61 -29.05
C ASP O 83 -15.65 -98.05 -29.78
N GLY O 84 -15.90 -96.75 -29.59
CA GLY O 84 -16.99 -96.06 -30.26
C GLY O 84 -16.68 -95.81 -31.72
N LEU O 85 -15.41 -95.51 -32.00
CA LEU O 85 -14.96 -95.29 -33.36
C LEU O 85 -15.05 -96.57 -34.17
N ALA O 86 -14.63 -97.69 -33.55
CA ALA O 86 -14.71 -99.01 -34.17
C ALA O 86 -16.13 -99.32 -34.67
N VAL O 87 -17.14 -98.99 -33.87
CA VAL O 87 -18.53 -99.17 -34.28
C VAL O 87 -18.91 -98.20 -35.41
N PHE O 88 -18.48 -96.95 -35.29
CA PHE O 88 -18.68 -95.92 -36.32
C PHE O 88 -18.18 -96.39 -37.70
N ARG O 89 -17.03 -97.07 -37.70
CA ARG O 89 -16.39 -97.53 -38.93
C ARG O 89 -17.06 -98.78 -39.49
N ARG O 90 -17.24 -99.79 -38.63
CA ARG O 90 -17.80 -101.09 -39.00
C ARG O 90 -19.21 -100.95 -39.58
N GLU O 91 -19.96 -99.98 -39.07
CA GLU O 91 -21.35 -99.81 -39.46
C GLU O 91 -21.57 -98.68 -40.48
N GLN O 92 -20.46 -98.15 -41.02
CA GLN O 92 -20.49 -97.05 -42.00
C GLN O 92 -21.37 -95.88 -41.55
N CYS O 93 -21.14 -95.40 -40.33
CA CYS O 93 -21.94 -94.32 -39.81
C CYS O 93 -21.61 -92.99 -40.48
N ASP O 94 -22.60 -92.11 -40.48
CA ASP O 94 -22.66 -90.95 -41.34
C ASP O 94 -22.79 -89.70 -40.48
N ILE O 95 -23.29 -89.90 -39.27
CA ILE O 95 -23.70 -88.82 -38.37
C ILE O 95 -23.71 -89.35 -36.94
N ILE O 96 -23.46 -88.47 -35.98
CA ILE O 96 -23.43 -88.86 -34.57
C ILE O 96 -24.56 -88.18 -33.81
N VAL O 97 -25.45 -89.01 -33.24
CA VAL O 97 -26.47 -88.54 -32.30
C VAL O 97 -26.06 -88.98 -30.90
N THR O 98 -25.86 -88.01 -30.01
CA THR O 98 -25.52 -88.32 -28.63
C THR O 98 -26.73 -88.08 -27.76
N VAL O 99 -27.08 -89.07 -26.94
CA VAL O 99 -28.23 -88.94 -26.05
C VAL O 99 -27.79 -89.22 -24.62
N GLY O 100 -27.93 -88.21 -23.76
CA GLY O 100 -27.53 -88.31 -22.36
C GLY O 100 -27.08 -87.00 -21.75
N GLY O 101 -26.25 -87.11 -20.71
CA GLY O 101 -25.68 -85.96 -20.04
C GLY O 101 -24.28 -85.62 -20.52
N GLY O 102 -23.44 -85.18 -19.60
CA GLY O 102 -22.08 -84.74 -19.91
C GLY O 102 -21.21 -85.77 -20.61
N SER O 103 -21.18 -86.98 -20.07
CA SER O 103 -20.27 -88.03 -20.56
C SER O 103 -20.47 -88.40 -22.03
N PRO O 104 -21.70 -88.80 -22.43
CA PRO O 104 -21.93 -89.15 -23.84
C PRO O 104 -21.68 -88.04 -24.84
N HIS O 105 -21.84 -86.78 -24.44
CA HIS O 105 -21.59 -85.65 -25.35
C HIS O 105 -20.11 -85.47 -25.66
N ASP O 106 -19.26 -85.66 -24.65
CA ASP O 106 -17.81 -85.62 -24.85
C ASP O 106 -17.35 -86.80 -25.67
N CYS O 107 -17.91 -87.97 -25.38
CA CYS O 107 -17.56 -89.18 -26.08
C CYS O 107 -17.95 -89.12 -27.55
N GLY O 108 -19.14 -88.57 -27.81
CA GLY O 108 -19.59 -88.30 -29.17
C GLY O 108 -18.62 -87.39 -29.91
N LYS O 109 -18.28 -86.27 -29.28
CA LYS O 109 -17.27 -85.34 -29.82
C LYS O 109 -15.95 -86.06 -30.06
N GLY O 110 -15.49 -86.81 -29.07
CA GLY O 110 -14.26 -87.59 -29.18
C GLY O 110 -14.25 -88.51 -30.39
N ILE O 111 -15.32 -89.29 -30.51
CA ILE O 111 -15.55 -90.13 -31.69
C ILE O 111 -15.56 -89.29 -32.97
N GLY O 112 -16.15 -88.10 -32.89
CA GLY O 112 -16.20 -87.18 -34.02
C GLY O 112 -14.85 -86.64 -34.46
N ILE O 113 -13.93 -86.49 -33.50
CA ILE O 113 -12.57 -86.00 -33.79
C ILE O 113 -11.70 -87.10 -34.37
N ALA O 114 -11.68 -88.25 -33.71
CA ALA O 114 -10.84 -89.37 -34.12
C ALA O 114 -11.16 -89.90 -35.52
N ALA O 115 -12.41 -89.75 -35.95
CA ALA O 115 -12.86 -90.22 -37.27
C ALA O 115 -12.49 -89.24 -38.39
N THR O 116 -11.98 -88.09 -38.01
CA THR O 116 -11.83 -86.95 -38.91
C THR O 116 -10.40 -86.39 -38.88
N HIS O 117 -9.62 -86.87 -37.89
CA HIS O 117 -8.26 -86.42 -37.71
C HIS O 117 -7.28 -87.58 -37.58
N GLU O 118 -6.07 -87.35 -38.11
CA GLU O 118 -5.02 -88.37 -38.21
C GLU O 118 -4.59 -88.88 -36.84
N GLY O 119 -4.18 -90.15 -36.83
CA GLY O 119 -3.67 -90.89 -35.66
C GLY O 119 -3.70 -90.29 -34.28
N ASP O 120 -4.43 -90.95 -33.38
CA ASP O 120 -4.43 -90.63 -31.95
C ASP O 120 -5.19 -89.34 -31.61
N LEU O 121 -5.56 -89.20 -30.34
CA LEU O 121 -6.48 -88.15 -29.92
C LEU O 121 -5.87 -87.21 -28.88
N TYR O 122 -5.08 -87.79 -27.98
CA TYR O 122 -4.38 -87.03 -26.94
C TYR O 122 -3.47 -85.97 -27.58
N GLN O 123 -3.02 -86.24 -28.80
CA GLN O 123 -2.22 -85.32 -29.60
C GLN O 123 -2.89 -83.94 -29.73
N TYR O 124 -4.21 -83.93 -29.88
CA TYR O 124 -4.96 -82.70 -30.17
C TYR O 124 -5.37 -81.90 -28.92
N ALA O 125 -4.92 -82.35 -27.73
CA ALA O 125 -5.22 -81.66 -26.48
C ALA O 125 -4.64 -80.25 -26.49
N GLY O 126 -5.51 -79.27 -26.26
CA GLY O 126 -5.12 -77.87 -26.32
C GLY O 126 -6.22 -77.04 -26.92
N ILE O 127 -5.91 -75.79 -27.26
CA ILE O 127 -6.94 -74.89 -27.78
C ILE O 127 -7.32 -75.20 -29.24
N GLU O 128 -7.33 -74.21 -30.13
CA GLU O 128 -7.90 -74.43 -31.46
C GLU O 128 -6.99 -75.31 -32.35
N THR O 129 -7.01 -76.62 -32.11
CA THR O 129 -6.06 -77.58 -32.70
C THR O 129 -6.66 -78.49 -33.79
N LEU O 130 -7.95 -78.33 -34.08
CA LEU O 130 -8.65 -79.16 -35.06
C LEU O 130 -8.74 -78.46 -36.41
N THR O 131 -8.50 -79.22 -37.48
CA THR O 131 -8.38 -78.69 -38.84
C THR O 131 -9.59 -79.00 -39.73
N ASN O 132 -10.20 -80.16 -39.53
CA ASN O 132 -11.29 -80.64 -40.36
C ASN O 132 -12.64 -80.60 -39.65
N PRO O 133 -13.74 -80.39 -40.39
CA PRO O 133 -15.07 -80.45 -39.77
C PRO O 133 -15.41 -81.89 -39.36
N LEU O 134 -15.99 -82.05 -38.17
CA LEU O 134 -16.37 -83.37 -37.68
C LEU O 134 -17.59 -83.85 -38.46
N PRO O 135 -17.98 -85.14 -38.31
CA PRO O 135 -19.27 -85.53 -38.86
C PRO O 135 -20.36 -84.70 -38.17
N PRO O 136 -21.48 -84.43 -38.87
CA PRO O 136 -22.58 -83.71 -38.21
C PRO O 136 -22.92 -84.38 -36.88
N ILE O 137 -23.11 -83.58 -35.83
CA ILE O 137 -23.48 -84.10 -34.51
C ILE O 137 -24.82 -83.53 -34.06
N VAL O 138 -25.72 -84.42 -33.63
CA VAL O 138 -26.97 -84.00 -33.00
C VAL O 138 -26.94 -84.46 -31.55
N ALA O 139 -26.91 -83.49 -30.64
CA ALA O 139 -26.75 -83.79 -29.23
C ALA O 139 -28.04 -83.58 -28.45
N VAL O 140 -28.62 -84.69 -28.01
CA VAL O 140 -29.85 -84.66 -27.21
C VAL O 140 -29.51 -84.77 -25.72
N ASN O 141 -29.72 -83.66 -25.03
CA ASN O 141 -29.34 -83.52 -23.63
C ASN O 141 -30.41 -84.04 -22.69
N THR O 142 -29.98 -84.76 -21.65
CA THR O 142 -30.86 -85.44 -20.70
C THR O 142 -30.74 -84.90 -19.27
N THR O 143 -29.74 -84.05 -19.03
CA THR O 143 -29.48 -83.50 -17.70
C THR O 143 -29.36 -81.98 -17.69
N ALA O 144 -30.05 -81.33 -16.75
CA ALA O 144 -29.99 -79.89 -16.61
C ALA O 144 -28.79 -79.50 -15.75
N GLY O 145 -27.60 -79.72 -16.31
CA GLY O 145 -26.36 -79.56 -15.56
C GLY O 145 -25.16 -79.13 -16.38
N THR O 146 -24.64 -80.02 -17.23
CA THR O 146 -23.31 -79.77 -17.83
C THR O 146 -23.29 -78.83 -19.04
N ALA O 147 -24.41 -78.79 -19.78
CA ALA O 147 -24.55 -77.99 -21.00
C ALA O 147 -23.56 -78.33 -22.11
N SER O 148 -23.07 -79.57 -22.11
CA SER O 148 -22.09 -80.04 -23.10
C SER O 148 -22.62 -80.04 -24.52
N GLU O 149 -23.93 -80.15 -24.67
CA GLU O 149 -24.58 -80.16 -26.00
C GLU O 149 -24.43 -78.81 -26.70
N VAL O 150 -23.86 -77.85 -26.00
CA VAL O 150 -23.86 -76.48 -26.46
C VAL O 150 -22.43 -75.91 -26.40
N THR O 151 -21.52 -76.79 -25.99
CA THR O 151 -20.15 -76.43 -25.57
C THR O 151 -19.06 -76.71 -26.64
N ARG O 152 -17.99 -75.91 -26.62
CA ARG O 152 -16.87 -76.05 -27.55
C ARG O 152 -15.77 -76.99 -27.03
N HIS O 153 -15.93 -77.46 -25.79
CA HIS O 153 -14.96 -78.34 -25.16
C HIS O 153 -15.29 -79.81 -25.36
N CYS O 154 -14.25 -80.64 -25.52
CA CYS O 154 -14.35 -82.09 -25.41
C CYS O 154 -13.31 -82.57 -24.40
N VAL O 155 -13.78 -83.11 -23.28
CA VAL O 155 -12.90 -83.50 -22.19
C VAL O 155 -12.90 -85.02 -21.92
N LEU O 156 -11.77 -85.65 -22.21
CA LEU O 156 -11.60 -87.09 -22.04
C LEU O 156 -10.53 -87.41 -21.00
N THR O 157 -10.53 -88.66 -20.55
CA THR O 157 -9.50 -89.18 -19.66
C THR O 157 -8.54 -90.05 -20.45
N ASN O 158 -7.25 -89.75 -20.35
CA ASN O 158 -6.18 -90.58 -20.91
C ASN O 158 -5.86 -91.69 -19.91
N THR O 159 -6.10 -92.94 -20.31
CA THR O 159 -5.91 -94.11 -19.42
C THR O 159 -4.44 -94.40 -19.12
N GLU O 160 -3.55 -94.05 -20.04
CA GLU O 160 -2.13 -94.31 -19.86
C GLU O 160 -1.49 -93.41 -18.79
N THR O 161 -1.92 -92.14 -18.75
CA THR O 161 -1.39 -91.20 -17.75
C THR O 161 -2.31 -91.05 -16.52
N LYS O 162 -3.57 -91.46 -16.66
CA LYS O 162 -4.61 -91.33 -15.62
C LYS O 162 -5.19 -89.91 -15.44
N VAL O 163 -4.65 -88.94 -16.17
CA VAL O 163 -5.11 -87.53 -16.08
C VAL O 163 -5.97 -87.10 -17.26
N LYS O 164 -6.92 -86.21 -17.00
CA LYS O 164 -7.84 -85.68 -18.02
C LYS O 164 -7.15 -84.76 -19.02
N PHE O 165 -7.72 -84.66 -20.22
CA PHE O 165 -7.28 -83.66 -21.21
C PHE O 165 -8.47 -83.01 -21.95
N VAL O 166 -8.23 -81.84 -22.52
CA VAL O 166 -9.29 -81.06 -23.14
C VAL O 166 -8.94 -80.68 -24.57
N ILE O 167 -9.93 -80.73 -25.45
CA ILE O 167 -9.81 -80.22 -26.80
C ILE O 167 -10.84 -79.12 -27.04
N VAL O 168 -10.36 -77.87 -27.14
CA VAL O 168 -11.22 -76.69 -27.28
C VAL O 168 -11.28 -76.24 -28.74
N SER O 169 -12.46 -76.27 -29.33
CA SER O 169 -12.61 -75.91 -30.74
C SER O 169 -14.05 -75.62 -31.16
N TRP O 170 -14.20 -74.60 -32.02
CA TRP O 170 -15.48 -74.32 -32.67
C TRP O 170 -15.97 -75.52 -33.49
N ARG O 171 -15.06 -76.40 -33.85
CA ARG O 171 -15.45 -77.60 -34.59
C ARG O 171 -16.12 -78.63 -33.68
N ASN O 172 -16.04 -78.43 -32.36
CA ASN O 172 -16.69 -79.33 -31.41
C ASN O 172 -18.14 -78.96 -31.15
N LEU O 173 -18.53 -77.75 -31.56
CA LEU O 173 -19.91 -77.30 -31.47
C LEU O 173 -20.81 -78.30 -32.17
N PRO O 174 -21.73 -78.92 -31.41
CA PRO O 174 -22.73 -79.79 -32.03
C PRO O 174 -23.49 -79.07 -33.14
N SER O 175 -23.77 -79.76 -34.23
CA SER O 175 -24.55 -79.21 -35.34
C SER O 175 -25.92 -78.73 -34.86
N VAL O 176 -26.54 -79.52 -33.97
CA VAL O 176 -27.85 -79.23 -33.37
C VAL O 176 -27.85 -79.72 -31.93
N SER O 177 -28.40 -78.92 -31.02
CA SER O 177 -28.63 -79.35 -29.65
C SER O 177 -30.14 -79.52 -29.36
N ILE O 178 -30.50 -80.58 -28.65
CA ILE O 178 -31.90 -80.83 -28.29
C ILE O 178 -32.08 -80.91 -26.78
N ASN O 179 -32.96 -80.05 -26.27
CA ASN O 179 -33.26 -79.93 -24.84
C ASN O 179 -34.73 -80.13 -24.54
N ASP O 180 -35.13 -81.40 -24.41
CA ASP O 180 -36.50 -81.76 -24.14
C ASP O 180 -36.62 -82.14 -22.66
N PRO O 181 -37.30 -81.29 -21.86
CA PRO O 181 -37.44 -81.52 -20.42
C PRO O 181 -38.23 -82.78 -20.08
N LEU O 182 -39.10 -83.22 -20.98
CA LEU O 182 -39.85 -84.46 -20.78
C LEU O 182 -38.93 -85.66 -20.60
N LEU O 183 -37.72 -85.56 -21.16
CA LEU O 183 -36.70 -86.60 -21.07
C LEU O 183 -35.93 -86.56 -19.76
N MET O 184 -36.05 -85.46 -19.01
CA MET O 184 -35.28 -85.25 -17.79
C MET O 184 -36.03 -85.57 -16.50
N ILE O 185 -37.30 -85.94 -16.61
CA ILE O 185 -38.19 -86.08 -15.44
C ILE O 185 -37.87 -87.28 -14.52
N GLY O 186 -36.99 -88.18 -14.97
CA GLY O 186 -36.62 -89.37 -14.19
C GLY O 186 -35.50 -89.23 -13.16
N LYS O 187 -34.89 -88.05 -13.08
CA LYS O 187 -33.73 -87.82 -12.20
C LYS O 187 -34.14 -87.64 -10.73
N PRO O 188 -33.53 -88.44 -9.82
CA PRO O 188 -33.82 -88.35 -8.37
C PRO O 188 -33.35 -87.04 -7.74
N ALA O 189 -34.04 -86.61 -6.69
CA ALA O 189 -33.75 -85.34 -6.00
C ALA O 189 -32.27 -84.96 -5.91
N ALA O 190 -31.45 -85.85 -5.36
CA ALA O 190 -30.01 -85.58 -5.15
C ALA O 190 -29.30 -85.17 -6.45
N LEU O 191 -29.59 -85.90 -7.52
CA LEU O 191 -29.02 -85.65 -8.84
C LEU O 191 -29.47 -84.31 -9.42
N THR O 192 -30.78 -84.05 -9.35
CA THR O 192 -31.32 -82.78 -9.87
C THR O 192 -30.81 -81.57 -9.07
N ALA O 193 -30.63 -81.76 -7.76
CA ALA O 193 -30.00 -80.74 -6.92
C ALA O 193 -28.55 -80.48 -7.32
N ALA O 194 -27.76 -81.55 -7.47
CA ALA O 194 -26.35 -81.42 -7.82
C ALA O 194 -26.14 -80.81 -9.21
N THR O 195 -26.92 -81.27 -10.18
CA THR O 195 -26.84 -80.74 -11.54
C THR O 195 -27.33 -79.28 -11.58
N GLY O 196 -28.30 -78.97 -10.72
CA GLY O 196 -28.85 -77.63 -10.65
C GLY O 196 -27.83 -76.64 -10.15
N MET O 197 -27.10 -77.03 -9.10
CA MET O 197 -26.03 -76.21 -8.55
C MET O 197 -24.84 -76.10 -9.49
N ASP O 198 -24.56 -77.18 -10.22
CA ASP O 198 -23.57 -77.14 -11.28
C ASP O 198 -23.92 -76.00 -12.23
N ALA O 199 -25.19 -75.97 -12.65
CA ALA O 199 -25.68 -74.94 -13.57
C ALA O 199 -25.59 -73.54 -12.96
N LEU O 200 -25.91 -73.44 -11.66
CA LEU O 200 -25.78 -72.18 -10.92
C LEU O 200 -24.33 -71.70 -10.93
N THR O 201 -23.41 -72.62 -10.61
CA THR O 201 -21.98 -72.34 -10.61
C THR O 201 -21.51 -71.87 -12.00
N HIS O 202 -22.00 -72.50 -13.06
CA HIS O 202 -21.73 -72.05 -14.42
C HIS O 202 -22.18 -70.61 -14.59
N ALA O 203 -23.37 -70.30 -14.10
CA ALA O 203 -23.96 -68.98 -14.28
C ALA O 203 -23.22 -67.89 -13.48
N VAL O 204 -22.90 -68.13 -12.22
CA VAL O 204 -22.23 -67.08 -11.44
C VAL O 204 -20.74 -66.90 -11.79
N GLU O 205 -20.02 -68.00 -11.96
CA GLU O 205 -18.62 -67.87 -12.33
C GLU O 205 -18.52 -67.09 -13.64
N ALA O 206 -19.40 -67.43 -14.59
CA ALA O 206 -19.44 -66.77 -15.89
C ALA O 206 -19.85 -65.30 -15.79
N TYR O 207 -20.71 -64.97 -14.84
CA TYR O 207 -21.16 -63.58 -14.67
C TYR O 207 -20.06 -62.68 -14.12
N ILE O 208 -19.22 -63.23 -13.23
CA ILE O 208 -18.15 -62.46 -12.57
C ILE O 208 -16.76 -62.67 -13.21
N SER O 209 -16.70 -63.52 -14.23
CA SER O 209 -15.45 -63.85 -14.89
C SER O 209 -14.78 -62.63 -15.53
N LYS O 210 -13.44 -62.66 -15.55
CA LYS O 210 -12.66 -61.65 -16.25
C LYS O 210 -13.04 -61.50 -17.72
N ASP O 211 -13.70 -62.52 -18.28
CA ASP O 211 -14.06 -62.55 -19.69
C ASP O 211 -15.54 -62.24 -19.96
N ALA O 212 -16.28 -61.92 -18.90
CA ALA O 212 -17.69 -61.55 -19.01
C ALA O 212 -17.89 -60.30 -19.87
N ASN O 213 -19.05 -60.23 -20.53
CA ASN O 213 -19.46 -59.06 -21.30
C ASN O 213 -21.01 -59.00 -21.36
N PRO O 214 -21.58 -57.83 -21.71
CA PRO O 214 -23.04 -57.72 -21.80
C PRO O 214 -23.80 -58.87 -22.50
N VAL O 215 -23.23 -59.40 -23.59
CA VAL O 215 -23.87 -60.51 -24.31
C VAL O 215 -23.83 -61.78 -23.46
N THR O 216 -22.66 -62.06 -22.90
CA THR O 216 -22.47 -63.18 -22.01
C THR O 216 -23.27 -63.06 -20.70
N ASP O 217 -23.39 -61.84 -20.19
CA ASP O 217 -24.15 -61.57 -18.96
C ASP O 217 -25.64 -61.82 -19.15
N ALA O 218 -26.16 -61.50 -20.34
CA ALA O 218 -27.57 -61.74 -20.66
C ALA O 218 -27.97 -63.16 -20.29
N ALA O 219 -27.21 -64.13 -20.77
CA ALA O 219 -27.47 -65.54 -20.48
C ALA O 219 -27.30 -65.86 -18.99
N ALA O 220 -26.16 -65.49 -18.41
CA ALA O 220 -25.89 -65.77 -16.99
C ALA O 220 -26.96 -65.21 -16.06
N MET O 221 -27.34 -63.95 -16.26
CA MET O 221 -28.32 -63.28 -15.40
C MET O 221 -29.68 -63.98 -15.37
N GLN O 222 -30.17 -64.37 -16.54
CA GLN O 222 -31.43 -65.09 -16.65
C GLN O 222 -31.33 -66.48 -16.01
N ALA O 223 -30.20 -67.15 -16.22
CA ALA O 223 -29.97 -68.47 -15.63
C ALA O 223 -30.02 -68.44 -14.11
N ILE O 224 -29.40 -67.42 -13.51
CA ILE O 224 -29.44 -67.23 -12.06
C ILE O 224 -30.88 -66.97 -11.60
N ARG O 225 -31.57 -66.09 -12.31
CA ARG O 225 -32.97 -65.77 -12.07
C ARG O 225 -33.82 -67.05 -12.07
N LEU O 226 -33.77 -67.81 -13.16
CA LEU O 226 -34.54 -69.04 -13.32
C LEU O 226 -34.23 -70.08 -12.22
N ILE O 227 -32.94 -70.33 -11.99
CA ILE O 227 -32.50 -71.29 -10.96
C ILE O 227 -33.01 -70.90 -9.58
N ALA O 228 -32.99 -69.61 -9.26
CA ALA O 228 -33.48 -69.10 -7.97
C ALA O 228 -34.99 -69.33 -7.77
N ARG O 229 -35.74 -69.33 -8.87
CA ARG O 229 -37.21 -69.47 -8.82
C ARG O 229 -37.67 -70.90 -9.11
N ASN O 230 -36.73 -71.80 -9.41
CA ASN O 230 -37.11 -73.13 -9.86
C ASN O 230 -36.40 -74.33 -9.22
N LEU O 231 -35.16 -74.16 -8.76
CA LEU O 231 -34.41 -75.33 -8.25
C LEU O 231 -35.08 -76.01 -7.05
N ARG O 232 -35.43 -75.24 -6.03
CA ARG O 232 -36.16 -75.77 -4.87
C ARG O 232 -37.36 -76.62 -5.30
N GLN O 233 -38.15 -76.06 -6.22
CA GLN O 233 -39.35 -76.72 -6.75
C GLN O 233 -38.97 -78.00 -7.49
N ALA O 234 -37.91 -77.91 -8.29
CA ALA O 234 -37.43 -79.03 -9.09
C ALA O 234 -36.92 -80.21 -8.25
N VAL O 235 -36.26 -79.94 -7.13
CA VAL O 235 -35.79 -81.04 -6.28
C VAL O 235 -36.91 -81.61 -5.41
N ALA O 236 -37.91 -80.78 -5.11
CA ALA O 236 -39.03 -81.20 -4.25
C ALA O 236 -39.90 -82.22 -4.95
N LEU O 237 -40.23 -81.94 -6.21
CA LEU O 237 -41.05 -82.82 -7.03
C LEU O 237 -40.52 -82.89 -8.44
N GLY O 238 -39.87 -84.00 -8.77
CA GLY O 238 -39.29 -84.19 -10.10
C GLY O 238 -40.31 -84.19 -11.23
N SER O 239 -41.56 -84.50 -10.90
CA SER O 239 -42.62 -84.58 -11.90
C SER O 239 -43.26 -83.22 -12.26
N ASN O 240 -42.84 -82.17 -11.55
CA ASN O 240 -43.26 -80.79 -11.83
C ASN O 240 -42.64 -80.30 -13.14
N LEU O 241 -43.44 -80.31 -14.21
CA LEU O 241 -42.95 -79.99 -15.56
C LEU O 241 -42.43 -78.55 -15.66
N GLN O 242 -43.10 -77.61 -15.01
CA GLN O 242 -42.72 -76.22 -15.10
C GLN O 242 -41.29 -76.00 -14.58
N ALA O 243 -40.96 -76.64 -13.46
CA ALA O 243 -39.63 -76.49 -12.88
C ALA O 243 -38.55 -77.21 -13.69
N ARG O 244 -38.85 -78.40 -14.21
CA ARG O 244 -37.96 -79.10 -15.14
C ARG O 244 -37.68 -78.27 -16.38
N GLU O 245 -38.72 -77.59 -16.87
CA GLU O 245 -38.62 -76.71 -18.02
C GLU O 245 -37.64 -75.56 -17.78
N TYR O 246 -37.86 -74.82 -16.70
CA TYR O 246 -37.04 -73.64 -16.45
C TYR O 246 -35.63 -74.00 -16.04
N MET O 247 -35.47 -75.12 -15.34
CA MET O 247 -34.15 -75.67 -15.05
C MET O 247 -33.40 -76.04 -16.33
N ALA O 248 -34.12 -76.62 -17.29
CA ALA O 248 -33.54 -76.94 -18.58
C ALA O 248 -33.09 -75.68 -19.32
N TYR O 249 -33.90 -74.62 -19.26
CA TYR O 249 -33.55 -73.37 -19.94
C TYR O 249 -32.41 -72.66 -19.23
N ALA O 250 -32.39 -72.76 -17.89
CA ALA O 250 -31.33 -72.21 -17.07
C ALA O 250 -30.00 -72.88 -17.37
N SER O 251 -29.99 -74.21 -17.36
CA SER O 251 -28.77 -74.97 -17.61
C SER O 251 -28.25 -74.70 -19.01
N LEU O 252 -29.18 -74.52 -19.97
CA LEU O 252 -28.83 -74.18 -21.34
C LEU O 252 -28.22 -72.79 -21.41
N LEU O 253 -28.84 -71.83 -20.74
CA LEU O 253 -28.37 -70.44 -20.75
C LEU O 253 -27.04 -70.30 -20.03
N ALA O 254 -26.90 -70.96 -18.88
CA ALA O 254 -25.65 -71.00 -18.13
C ALA O 254 -24.51 -71.55 -19.01
N GLY O 255 -24.85 -72.50 -19.90
CA GLY O 255 -23.91 -73.02 -20.88
C GLY O 255 -23.50 -71.99 -21.92
N MET O 256 -24.47 -71.27 -22.50
CA MET O 256 -24.20 -70.20 -23.45
C MET O 256 -23.35 -69.11 -22.78
N ALA O 257 -23.53 -68.97 -21.48
CA ALA O 257 -22.78 -68.02 -20.70
C ALA O 257 -21.34 -68.48 -20.57
N PHE O 258 -21.12 -69.64 -19.96
CA PHE O 258 -19.77 -70.06 -19.59
C PHE O 258 -18.92 -70.55 -20.77
N ASN O 259 -19.57 -71.08 -21.81
CA ASN O 259 -18.84 -71.48 -23.01
C ASN O 259 -18.05 -70.33 -23.60
N ASN O 260 -18.45 -69.11 -23.25
CA ASN O 260 -17.88 -67.89 -23.83
C ASN O 260 -17.23 -66.93 -22.83
N ALA O 261 -17.66 -67.00 -21.58
CA ALA O 261 -17.10 -66.17 -20.51
C ALA O 261 -16.10 -66.95 -19.67
N ASN O 262 -16.18 -68.28 -19.73
CA ASN O 262 -15.37 -69.19 -18.93
C ASN O 262 -15.79 -69.21 -17.46
N LEU O 263 -15.06 -69.95 -16.64
CA LEU O 263 -15.44 -70.18 -15.25
C LEU O 263 -14.43 -69.52 -14.29
N GLY O 264 -14.13 -70.19 -13.17
CA GLY O 264 -13.21 -69.65 -12.19
C GLY O 264 -12.78 -70.66 -11.13
N TYR O 265 -12.52 -70.16 -9.92
CA TYR O 265 -11.91 -70.95 -8.86
C TYR O 265 -12.78 -72.10 -8.33
N VAL O 266 -14.11 -71.97 -8.41
CA VAL O 266 -14.98 -73.04 -7.95
C VAL O 266 -14.72 -74.29 -8.77
N HIS O 267 -14.83 -74.16 -10.09
CA HIS O 267 -14.52 -75.25 -11.01
C HIS O 267 -13.06 -75.70 -10.95
N ALA O 268 -12.13 -74.76 -10.81
CA ALA O 268 -10.72 -75.10 -10.61
C ALA O 268 -10.54 -76.02 -9.40
N MET O 269 -11.18 -75.67 -8.28
CA MET O 269 -11.07 -76.42 -7.03
C MET O 269 -11.89 -77.72 -7.06
N ALA O 270 -13.05 -77.66 -7.70
CA ALA O 270 -13.92 -78.83 -7.80
C ALA O 270 -13.30 -79.96 -8.62
N HIS O 271 -12.58 -79.62 -9.68
CA HIS O 271 -11.91 -80.62 -10.51
C HIS O 271 -10.90 -81.45 -9.73
N GLN O 272 -10.34 -80.86 -8.68
CA GLN O 272 -9.42 -81.55 -7.77
C GLN O 272 -10.18 -82.49 -6.83
N LEU O 273 -11.35 -82.06 -6.37
CA LEU O 273 -12.21 -82.94 -5.56
C LEU O 273 -12.66 -84.15 -6.40
N GLY O 274 -13.03 -83.90 -7.64
CA GLY O 274 -13.36 -84.95 -8.60
C GLY O 274 -12.14 -85.81 -8.92
N GLY O 275 -10.97 -85.17 -8.93
CA GLY O 275 -9.71 -85.88 -9.17
C GLY O 275 -9.34 -86.84 -8.05
N LEU O 276 -9.36 -86.34 -6.81
CA LEU O 276 -8.88 -87.11 -5.66
C LEU O 276 -9.87 -88.12 -5.08
N TYR O 277 -11.16 -87.82 -5.12
CA TYR O 277 -12.18 -88.68 -4.50
C TYR O 277 -13.33 -89.06 -5.44
N ASP O 278 -13.18 -88.72 -6.74
CA ASP O 278 -14.29 -88.66 -7.70
C ASP O 278 -15.67 -88.38 -7.05
N MET O 279 -15.68 -87.30 -6.29
CA MET O 279 -16.90 -86.68 -5.79
C MET O 279 -17.69 -86.15 -6.99
N PRO O 280 -19.02 -86.41 -7.00
CA PRO O 280 -19.87 -85.93 -8.09
C PRO O 280 -19.62 -84.46 -8.38
N HIS O 281 -19.35 -84.14 -9.64
CA HIS O 281 -19.01 -82.79 -10.09
C HIS O 281 -19.95 -81.72 -9.52
N GLY O 282 -21.25 -81.99 -9.53
CA GLY O 282 -22.25 -81.06 -9.04
C GLY O 282 -22.17 -80.76 -7.55
N VAL O 283 -21.89 -81.78 -6.74
CA VAL O 283 -21.82 -81.57 -5.28
C VAL O 283 -20.53 -80.85 -4.88
N ALA O 284 -19.43 -81.19 -5.55
CA ALA O 284 -18.15 -80.49 -5.37
C ALA O 284 -18.30 -78.98 -5.66
N ASN O 285 -18.91 -78.66 -6.80
CA ASN O 285 -19.26 -77.26 -7.12
C ASN O 285 -20.12 -76.62 -6.05
N ALA O 286 -21.19 -77.31 -5.66
CA ALA O 286 -22.18 -76.75 -4.72
C ALA O 286 -21.58 -76.44 -3.37
N VAL O 287 -20.77 -77.36 -2.86
CA VAL O 287 -20.21 -77.21 -1.51
C VAL O 287 -19.21 -76.05 -1.46
N LEU O 288 -18.52 -75.81 -2.57
CA LEU O 288 -17.50 -74.78 -2.70
C LEU O 288 -18.04 -73.40 -3.05
N LEU O 289 -19.17 -73.36 -3.76
CA LEU O 289 -19.72 -72.12 -4.33
C LEU O 289 -19.78 -70.91 -3.38
N PRO O 290 -20.44 -71.05 -2.21
CA PRO O 290 -20.58 -69.88 -1.32
C PRO O 290 -19.24 -69.37 -0.83
N HIS O 291 -18.35 -70.31 -0.49
CA HIS O 291 -17.06 -69.98 0.07
C HIS O 291 -16.10 -69.37 -0.94
N VAL O 292 -16.16 -69.85 -2.17
CA VAL O 292 -15.40 -69.25 -3.26
C VAL O 292 -15.97 -67.86 -3.59
N ALA O 293 -17.30 -67.79 -3.73
CA ALA O 293 -17.98 -66.54 -4.05
C ALA O 293 -17.65 -65.42 -3.05
N ARG O 294 -17.68 -65.75 -1.76
CA ARG O 294 -17.29 -64.78 -0.71
C ARG O 294 -15.86 -64.28 -0.91
N TYR O 295 -14.97 -65.19 -1.29
CA TYR O 295 -13.58 -64.86 -1.55
C TYR O 295 -13.50 -63.93 -2.77
N ASN O 296 -14.29 -64.25 -3.80
CA ASN O 296 -14.35 -63.45 -5.02
C ASN O 296 -15.07 -62.11 -4.86
N LEU O 297 -15.85 -61.97 -3.79
CA LEU O 297 -16.65 -60.76 -3.55
C LEU O 297 -15.88 -59.46 -3.78
N ILE O 298 -14.70 -59.34 -3.17
CA ILE O 298 -13.93 -58.09 -3.25
C ILE O 298 -13.53 -57.68 -4.68
N ALA O 299 -13.66 -58.61 -5.62
CA ALA O 299 -13.31 -58.33 -7.01
C ALA O 299 -14.40 -57.55 -7.74
N ASN O 300 -15.65 -57.73 -7.29
CA ASN O 300 -16.80 -57.08 -7.93
C ASN O 300 -18.01 -57.08 -7.01
N PRO O 301 -17.99 -56.23 -5.95
CA PRO O 301 -19.17 -56.13 -5.10
C PRO O 301 -20.45 -55.80 -5.89
N GLU O 302 -20.33 -54.97 -6.92
CA GLU O 302 -21.49 -54.52 -7.70
C GLU O 302 -22.22 -55.67 -8.40
N LYS O 303 -21.45 -56.65 -8.90
CA LYS O 303 -22.05 -57.79 -9.56
C LYS O 303 -22.62 -58.80 -8.57
N PHE O 304 -22.04 -58.88 -7.39
CA PHE O 304 -22.62 -59.70 -6.34
C PHE O 304 -23.90 -59.07 -5.78
N ALA O 305 -23.95 -57.74 -5.78
CA ALA O 305 -25.19 -57.04 -5.48
C ALA O 305 -26.26 -57.40 -6.52
N ASP O 306 -25.90 -57.42 -7.80
CA ASP O 306 -26.79 -57.86 -8.88
C ASP O 306 -27.31 -59.27 -8.62
N ILE O 307 -26.42 -60.17 -8.19
CA ILE O 307 -26.79 -61.57 -7.97
C ILE O 307 -27.87 -61.70 -6.90
N ALA O 308 -27.70 -61.00 -5.78
CA ALA O 308 -28.69 -61.03 -4.71
C ALA O 308 -30.06 -60.57 -5.21
N GLU O 309 -30.09 -59.54 -6.06
CA GLU O 309 -31.34 -59.10 -6.69
C GLU O 309 -31.93 -60.18 -7.62
N LEU O 310 -31.10 -60.70 -8.52
CA LEU O 310 -31.46 -61.80 -9.40
C LEU O 310 -32.07 -62.97 -8.66
N MET O 311 -31.62 -63.20 -7.42
CA MET O 311 -32.08 -64.34 -6.62
C MET O 311 -33.25 -64.02 -5.70
N GLY O 312 -33.82 -62.82 -5.83
CA GLY O 312 -35.05 -62.47 -5.13
C GLY O 312 -34.92 -61.76 -3.79
N GLU O 313 -33.70 -61.40 -3.41
CA GLU O 313 -33.48 -60.72 -2.13
C GLU O 313 -33.86 -59.24 -2.22
N ASN O 314 -34.29 -58.68 -1.09
CA ASN O 314 -34.56 -57.25 -0.99
C ASN O 314 -33.27 -56.49 -0.67
N ILE O 315 -32.98 -55.50 -1.53
CA ILE O 315 -31.68 -54.85 -1.59
C ILE O 315 -31.87 -53.32 -1.44
N THR O 316 -33.13 -52.91 -1.26
CA THR O 316 -33.53 -51.51 -1.30
C THR O 316 -32.64 -50.55 -0.50
N GLY O 317 -32.59 -50.72 0.82
CA GLY O 317 -31.86 -49.76 1.65
C GLY O 317 -30.34 -49.86 1.62
N LEU O 318 -29.82 -50.94 1.07
CA LEU O 318 -28.46 -51.40 1.39
C LEU O 318 -27.31 -50.73 0.62
N SER O 319 -26.15 -50.69 1.27
CA SER O 319 -24.89 -50.40 0.59
C SER O 319 -24.57 -51.56 -0.36
N THR O 320 -23.79 -51.27 -1.40
CA THR O 320 -23.37 -52.31 -2.33
C THR O 320 -22.81 -53.51 -1.55
N LEU O 321 -21.93 -53.23 -0.59
CA LEU O 321 -21.33 -54.29 0.22
C LEU O 321 -22.36 -55.18 0.92
N ASP O 322 -23.37 -54.56 1.54
CA ASP O 322 -24.41 -55.30 2.23
C ASP O 322 -25.25 -56.14 1.27
N ALA O 323 -25.55 -55.57 0.09
CA ALA O 323 -26.24 -56.30 -0.97
C ALA O 323 -25.42 -57.50 -1.44
N ALA O 324 -24.12 -57.31 -1.58
CA ALA O 324 -23.22 -58.38 -2.01
C ALA O 324 -23.19 -59.51 -0.97
N GLU O 325 -23.22 -59.12 0.31
CA GLU O 325 -23.33 -60.08 1.41
C GLU O 325 -24.57 -60.95 1.31
N LYS O 326 -25.67 -60.36 0.83
CA LYS O 326 -26.93 -61.08 0.69
C LYS O 326 -26.91 -62.15 -0.40
N ALA O 327 -25.99 -62.04 -1.37
CA ALA O 327 -25.89 -63.05 -2.41
C ALA O 327 -25.30 -64.31 -1.81
N ILE O 328 -24.31 -64.14 -0.96
CA ILE O 328 -23.59 -65.25 -0.35
C ILE O 328 -24.55 -66.02 0.54
N ALA O 329 -25.35 -65.28 1.32
CA ALA O 329 -26.36 -65.89 2.19
C ALA O 329 -27.48 -66.56 1.38
N ALA O 330 -27.79 -66.03 0.20
CA ALA O 330 -28.83 -66.61 -0.65
C ALA O 330 -28.38 -67.93 -1.25
N ILE O 331 -27.16 -67.93 -1.79
CA ILE O 331 -26.58 -69.15 -2.34
C ILE O 331 -26.58 -70.23 -1.27
N THR O 332 -25.97 -69.95 -0.11
CA THR O 332 -25.92 -70.97 0.95
C THR O 332 -27.29 -71.39 1.43
N ARG O 333 -28.25 -70.46 1.48
CA ARG O 333 -29.63 -70.79 1.84
C ARG O 333 -30.26 -71.77 0.84
N LEU O 334 -30.04 -71.53 -0.45
CA LEU O 334 -30.53 -72.41 -1.51
C LEU O 334 -29.90 -73.80 -1.43
N SER O 335 -28.59 -73.83 -1.25
CA SER O 335 -27.81 -75.05 -1.05
C SER O 335 -28.38 -75.90 0.09
N MET O 336 -28.53 -75.28 1.26
CA MET O 336 -29.09 -75.97 2.43
C MET O 336 -30.51 -76.46 2.19
N ASP O 337 -31.33 -75.62 1.57
CA ASP O 337 -32.73 -75.95 1.30
C ASP O 337 -32.89 -77.24 0.52
N ILE O 338 -32.04 -77.45 -0.47
CA ILE O 338 -32.13 -78.61 -1.36
C ILE O 338 -31.32 -79.83 -0.90
N GLY O 339 -30.73 -79.74 0.29
CA GLY O 339 -30.10 -80.89 0.94
C GLY O 339 -28.67 -81.17 0.53
N ILE O 340 -28.04 -80.20 -0.12
CA ILE O 340 -26.61 -80.25 -0.41
C ILE O 340 -25.83 -80.36 0.90
N PRO O 341 -24.89 -81.33 0.98
CA PRO O 341 -24.04 -81.44 2.18
C PRO O 341 -23.13 -80.21 2.33
N GLN O 342 -23.02 -79.70 3.55
CA GLN O 342 -22.39 -78.40 3.80
C GLN O 342 -20.91 -78.47 4.19
N HIS O 343 -20.43 -79.65 4.54
CA HIS O 343 -19.06 -79.81 5.03
C HIS O 343 -18.31 -80.94 4.34
N LEU O 344 -17.29 -80.55 3.57
CA LEU O 344 -16.38 -81.50 2.91
C LEU O 344 -15.90 -82.64 3.83
N ARG O 345 -15.85 -82.36 5.14
CA ARG O 345 -15.52 -83.36 6.15
C ARG O 345 -16.35 -84.63 6.00
N ASP O 346 -17.62 -84.45 5.66
CA ASP O 346 -18.57 -85.57 5.54
C ASP O 346 -18.51 -86.27 4.18
N LEU O 347 -17.89 -85.62 3.19
CA LEU O 347 -17.75 -86.21 1.86
C LEU O 347 -16.44 -86.98 1.67
N GLY O 348 -15.75 -87.26 2.78
CA GLY O 348 -14.52 -88.08 2.77
C GLY O 348 -13.21 -87.34 2.60
N VAL O 349 -13.29 -86.02 2.42
CA VAL O 349 -12.12 -85.14 2.20
C VAL O 349 -11.17 -85.13 3.42
N LYS O 350 -9.90 -84.88 3.16
CA LYS O 350 -8.88 -84.84 4.22
C LYS O 350 -8.01 -83.58 4.12
N GLU O 351 -7.71 -82.99 5.28
CA GLU O 351 -7.03 -81.69 5.38
C GLU O 351 -5.62 -81.66 4.79
N THR O 352 -4.90 -82.76 4.87
CA THR O 352 -3.54 -82.84 4.33
C THR O 352 -3.49 -82.92 2.81
N ASP O 353 -4.65 -83.11 2.19
CA ASP O 353 -4.75 -83.08 0.73
C ASP O 353 -4.90 -81.67 0.20
N PHE O 354 -5.09 -80.71 1.10
CA PHE O 354 -5.32 -79.31 0.71
C PHE O 354 -4.15 -78.66 -0.03
N PRO O 355 -2.91 -78.77 0.50
CA PRO O 355 -1.77 -78.14 -0.19
C PRO O 355 -1.63 -78.59 -1.64
N TYR O 356 -1.72 -79.90 -1.85
CA TYR O 356 -1.63 -80.50 -3.18
C TYR O 356 -2.78 -80.07 -4.09
N MET O 357 -4.01 -80.13 -3.57
CA MET O 357 -5.22 -79.70 -4.31
C MET O 357 -5.16 -78.24 -4.77
N ALA O 358 -4.65 -77.37 -3.90
CA ALA O 358 -4.53 -75.94 -4.19
C ALA O 358 -3.51 -75.67 -5.30
N GLU O 359 -2.41 -76.44 -5.29
CA GLU O 359 -1.39 -76.34 -6.31
C GLU O 359 -1.97 -76.65 -7.68
N MET O 360 -2.70 -77.76 -7.76
CA MET O 360 -3.31 -78.23 -9.01
C MET O 360 -4.42 -77.31 -9.49
N ALA O 361 -5.20 -76.77 -8.54
CA ALA O 361 -6.30 -75.87 -8.84
C ALA O 361 -5.81 -74.57 -9.48
N LEU O 362 -4.64 -74.08 -9.05
CA LEU O 362 -4.06 -72.87 -9.63
C LEU O 362 -3.59 -73.11 -11.07
N LYS O 363 -3.18 -74.35 -11.35
CA LYS O 363 -2.75 -74.75 -12.70
C LYS O 363 -3.91 -75.07 -13.65
N ASP O 364 -5.11 -75.26 -13.09
CA ASP O 364 -6.30 -75.57 -13.86
C ASP O 364 -6.68 -74.43 -14.82
N GLY O 365 -7.08 -74.80 -16.02
CA GLY O 365 -7.40 -73.82 -17.08
C GLY O 365 -8.45 -72.80 -16.69
N ASN O 366 -9.37 -73.20 -15.81
CA ASN O 366 -10.44 -72.34 -15.33
C ASN O 366 -10.00 -71.28 -14.33
N ALA O 367 -8.85 -71.51 -13.69
CA ALA O 367 -8.31 -70.54 -12.74
C ALA O 367 -7.95 -69.21 -13.39
N PHE O 368 -7.55 -69.23 -14.66
CA PHE O 368 -7.08 -68.02 -15.32
C PHE O 368 -8.13 -66.91 -15.36
N SER O 369 -9.39 -67.29 -15.51
CA SER O 369 -10.47 -66.31 -15.66
C SER O 369 -11.15 -65.92 -14.33
N ASN O 370 -10.64 -66.43 -13.21
CA ASN O 370 -11.18 -66.06 -11.91
C ASN O 370 -10.93 -64.58 -11.64
N PRO O 371 -11.96 -63.83 -11.24
CA PRO O 371 -11.81 -62.37 -11.07
C PRO O 371 -10.80 -61.93 -10.01
N ARG O 372 -10.48 -62.83 -9.07
CA ARG O 372 -9.47 -62.54 -8.07
C ARG O 372 -8.24 -63.42 -8.26
N LYS O 373 -7.08 -62.78 -8.43
CA LYS O 373 -5.84 -63.53 -8.55
C LYS O 373 -5.33 -63.88 -7.16
N GLY O 374 -5.36 -65.16 -6.86
CA GLY O 374 -4.92 -65.65 -5.57
C GLY O 374 -3.63 -66.42 -5.67
N ASN O 375 -3.40 -67.25 -4.66
CA ASN O 375 -2.28 -68.17 -4.63
C ASN O 375 -2.65 -69.48 -3.91
N GLU O 376 -1.68 -70.38 -3.79
CA GLU O 376 -1.89 -71.69 -3.17
C GLU O 376 -2.40 -71.61 -1.73
N GLN O 377 -1.73 -70.80 -0.90
CA GLN O 377 -2.12 -70.61 0.50
C GLN O 377 -3.58 -70.18 0.63
N GLU O 378 -4.03 -69.31 -0.28
CA GLU O 378 -5.39 -68.75 -0.25
C GLU O 378 -6.45 -69.75 -0.69
N ILE O 379 -6.11 -70.57 -1.68
CA ILE O 379 -7.03 -71.60 -2.15
C ILE O 379 -7.21 -72.68 -1.08
N ALA O 380 -6.12 -73.00 -0.39
CA ALA O 380 -6.16 -73.97 0.71
C ALA O 380 -7.00 -73.42 1.86
N ALA O 381 -6.94 -72.11 2.07
CA ALA O 381 -7.74 -71.42 3.08
C ALA O 381 -9.23 -71.54 2.75
N ILE O 382 -9.57 -71.42 1.47
CA ILE O 382 -10.95 -71.62 1.00
C ILE O 382 -11.42 -73.06 1.23
N PHE O 383 -10.54 -74.01 0.93
CA PHE O 383 -10.81 -75.43 1.22
C PHE O 383 -11.11 -75.64 2.70
N ARG O 384 -10.32 -74.98 3.55
CA ARG O 384 -10.42 -75.10 4.99
C ARG O 384 -11.74 -74.55 5.52
N GLN O 385 -12.19 -73.45 4.92
CA GLN O 385 -13.47 -72.83 5.28
C GLN O 385 -14.68 -73.68 4.89
N ALA O 386 -14.50 -74.55 3.90
CA ALA O 386 -15.58 -75.42 3.44
C ALA O 386 -15.51 -76.85 4.00
N PHE O 387 -14.59 -77.10 4.91
CA PHE O 387 -14.31 -78.45 5.40
C PHE O 387 -15.45 -79.09 6.20
N ARG P 4 -54.21 -81.65 -14.96
CA ARG P 4 -54.64 -80.91 -16.19
C ARG P 4 -56.16 -80.82 -16.32
N MET P 5 -56.86 -81.83 -15.80
CA MET P 5 -58.31 -81.88 -15.78
C MET P 5 -58.75 -82.22 -14.35
N PHE P 6 -59.79 -81.56 -13.85
CA PHE P 6 -60.19 -81.73 -12.47
C PHE P 6 -61.68 -82.04 -12.32
N ASP P 7 -62.00 -82.92 -11.38
CA ASP P 7 -63.37 -83.07 -10.91
C ASP P 7 -63.54 -82.31 -9.61
N TYR P 8 -64.79 -82.00 -9.30
CA TYR P 8 -65.11 -81.23 -8.10
C TYR P 8 -66.46 -81.70 -7.59
N LEU P 9 -66.42 -82.46 -6.49
CA LEU P 9 -67.59 -83.10 -5.93
C LEU P 9 -68.00 -82.46 -4.61
N VAL P 10 -69.31 -82.38 -4.41
CA VAL P 10 -69.93 -81.70 -3.27
C VAL P 10 -71.42 -82.09 -3.22
N PRO P 11 -72.00 -82.27 -2.02
CA PRO P 11 -73.44 -82.47 -1.92
C PRO P 11 -74.27 -81.45 -2.70
N ASN P 12 -75.31 -81.96 -3.35
CA ASN P 12 -76.31 -81.19 -4.08
C ASN P 12 -76.80 -79.95 -3.32
N VAL P 13 -77.18 -80.15 -2.06
CA VAL P 13 -77.86 -79.15 -1.26
C VAL P 13 -77.20 -79.11 0.11
N ASN P 14 -76.80 -77.91 0.53
CA ASN P 14 -76.11 -77.73 1.81
C ASN P 14 -76.72 -76.59 2.61
N PHE P 15 -76.96 -76.84 3.88
CA PHE P 15 -77.46 -75.81 4.79
C PHE P 15 -76.45 -75.54 5.89
N PHE P 16 -76.27 -74.26 6.21
CA PHE P 16 -75.41 -73.87 7.31
C PHE P 16 -75.91 -72.56 7.91
N GLY P 17 -75.45 -72.26 9.12
CA GLY P 17 -75.88 -71.07 9.83
C GLY P 17 -76.65 -71.44 11.07
N PRO P 18 -76.80 -70.50 12.02
CA PRO P 18 -77.53 -70.76 13.24
C PRO P 18 -78.95 -71.25 12.97
N ASN P 19 -79.31 -72.38 13.59
CA ASN P 19 -80.64 -72.96 13.54
C ASN P 19 -80.95 -73.65 12.21
N ALA P 20 -79.90 -74.09 11.52
CA ALA P 20 -80.05 -74.79 10.24
C ALA P 20 -80.60 -76.20 10.39
N ILE P 21 -80.56 -76.74 11.61
CA ILE P 21 -81.12 -78.06 11.87
C ILE P 21 -82.62 -78.12 11.61
N SER P 22 -83.30 -76.97 11.69
CA SER P 22 -84.76 -76.91 11.58
C SER P 22 -85.32 -77.38 10.22
N VAL P 23 -84.43 -77.74 9.30
CA VAL P 23 -84.82 -78.23 7.99
C VAL P 23 -84.65 -79.74 7.76
N VAL P 24 -84.11 -80.48 8.74
CA VAL P 24 -83.89 -81.95 8.56
C VAL P 24 -85.16 -82.68 8.14
N GLY P 25 -86.25 -82.43 8.84
CA GLY P 25 -87.53 -83.07 8.53
C GLY P 25 -88.06 -82.67 7.16
N GLU P 26 -88.11 -81.37 6.89
CA GLU P 26 -88.55 -80.85 5.60
C GLU P 26 -87.73 -81.45 4.46
N ARG P 27 -86.42 -81.56 4.67
CA ARG P 27 -85.51 -82.08 3.65
C ARG P 27 -85.62 -83.59 3.43
N CYS P 28 -85.97 -84.33 4.47
CA CYS P 28 -86.26 -85.76 4.34
C CYS P 28 -87.54 -86.03 3.54
N GLN P 29 -88.52 -85.12 3.66
CA GLN P 29 -89.75 -85.19 2.89
C GLN P 29 -89.48 -85.07 1.39
N LEU P 30 -88.60 -84.15 1.01
CA LEU P 30 -88.35 -83.85 -0.40
C LEU P 30 -87.52 -84.93 -1.10
N LEU P 31 -86.78 -85.70 -0.31
CA LEU P 31 -86.00 -86.81 -0.83
C LEU P 31 -86.81 -88.11 -0.85
N GLY P 32 -88.10 -88.01 -0.53
CA GLY P 32 -88.99 -89.17 -0.52
C GLY P 32 -88.83 -90.11 0.65
N GLY P 33 -88.13 -89.68 1.69
CA GLY P 33 -87.90 -90.51 2.87
C GLY P 33 -89.09 -90.55 3.81
N LYS P 34 -89.50 -91.75 4.20
CA LYS P 34 -90.66 -91.93 5.06
C LYS P 34 -90.27 -92.32 6.49
N LYS P 35 -89.19 -93.07 6.62
CA LYS P 35 -88.70 -93.55 7.92
C LYS P 35 -87.18 -93.49 8.03
N ALA P 36 -86.69 -92.64 8.92
CA ALA P 36 -85.26 -92.37 9.04
C ALA P 36 -84.55 -93.36 9.94
N LEU P 37 -83.31 -93.67 9.58
CA LEU P 37 -82.37 -94.29 10.51
C LEU P 37 -81.40 -93.24 11.00
N LEU P 38 -81.60 -92.83 12.24
CA LEU P 38 -80.74 -91.88 12.91
C LEU P 38 -79.49 -92.63 13.38
N VAL P 39 -78.34 -92.28 12.77
CA VAL P 39 -77.06 -92.92 13.08
C VAL P 39 -76.22 -91.95 13.90
N THR P 40 -75.88 -92.34 15.14
CA THR P 40 -75.18 -91.44 16.06
C THR P 40 -74.31 -92.13 17.12
N ASP P 41 -73.64 -91.33 17.95
CA ASP P 41 -72.83 -91.77 19.09
C ASP P 41 -73.68 -91.90 20.36
N LYS P 42 -73.27 -92.81 21.25
CA LYS P 42 -73.82 -92.87 22.62
C LYS P 42 -73.67 -91.54 23.35
N GLY P 43 -72.53 -90.88 23.15
CA GLY P 43 -72.24 -89.57 23.76
C GLY P 43 -73.26 -88.50 23.43
N LEU P 44 -73.43 -88.21 22.14
CA LEU P 44 -74.39 -87.21 21.68
C LEU P 44 -75.83 -87.56 22.06
N ARG P 45 -76.16 -88.84 21.93
CA ARG P 45 -77.47 -89.34 22.32
C ARG P 45 -77.61 -89.25 23.84
N LYS P 48 -82.00 -86.48 26.09
CA LYS P 48 -80.75 -86.07 26.74
C LYS P 48 -80.12 -84.84 26.03
N ASP P 49 -79.67 -83.86 26.83
CA ASP P 49 -79.21 -82.55 26.33
C ASP P 49 -80.06 -81.92 25.21
N GLY P 50 -79.48 -81.69 24.02
CA GLY P 50 -80.21 -81.14 22.86
C GLY P 50 -79.39 -80.97 21.59
N ALA P 51 -79.34 -82.01 20.76
CA ALA P 51 -78.61 -81.99 19.46
C ALA P 51 -79.00 -83.18 18.53
N VAL P 52 -79.06 -84.40 19.05
CA VAL P 52 -79.83 -85.46 18.39
C VAL P 52 -81.31 -85.28 18.75
N ASP P 53 -81.55 -84.63 19.88
CA ASP P 53 -82.91 -84.27 20.29
C ASP P 53 -83.52 -83.27 19.32
N LYS P 54 -82.70 -82.32 18.88
CA LYS P 54 -83.13 -81.33 17.88
C LYS P 54 -83.51 -82.01 16.56
N THR P 55 -82.68 -82.93 16.09
CA THR P 55 -82.97 -83.58 14.81
C THR P 55 -84.11 -84.59 14.92
N LEU P 56 -84.27 -85.18 16.11
CA LEU P 56 -85.42 -86.02 16.42
C LEU P 56 -86.71 -85.20 16.44
N HIS P 57 -86.67 -84.03 17.06
CA HIS P 57 -87.84 -83.14 17.12
C HIS P 57 -88.34 -82.79 15.73
N TYR P 58 -87.44 -82.32 14.86
CA TYR P 58 -87.81 -81.86 13.53
C TYR P 58 -88.18 -82.99 12.58
N LEU P 59 -87.60 -84.16 12.78
CA LEU P 59 -87.97 -85.37 12.03
C LEU P 59 -89.42 -85.78 12.34
N ARG P 60 -89.75 -85.88 13.63
CA ARG P 60 -91.10 -86.29 14.04
C ARG P 60 -92.17 -85.25 13.68
N GLU P 61 -91.85 -83.96 13.85
CA GLU P 61 -92.73 -82.85 13.46
C GLU P 61 -93.07 -82.89 11.96
N ALA P 62 -92.13 -83.40 11.16
CA ALA P 62 -92.32 -83.49 9.72
C ALA P 62 -93.01 -84.79 9.31
N GLY P 63 -93.44 -85.59 10.29
CA GLY P 63 -94.15 -86.83 10.04
C GLY P 63 -93.28 -88.02 9.66
N ILE P 64 -91.96 -87.87 9.82
CA ILE P 64 -91.02 -88.95 9.56
C ILE P 64 -90.83 -89.78 10.82
N GLU P 65 -91.06 -91.08 10.71
CA GLU P 65 -90.76 -91.99 11.81
C GLU P 65 -89.27 -92.29 11.88
N VAL P 66 -88.76 -92.59 13.06
CA VAL P 66 -87.32 -92.77 13.21
C VAL P 66 -86.93 -93.91 14.15
N ALA P 67 -86.11 -94.81 13.64
CA ALA P 67 -85.38 -95.77 14.45
C ALA P 67 -83.98 -95.20 14.63
N ILE P 68 -83.36 -95.46 15.78
CA ILE P 68 -82.06 -94.88 16.02
C ILE P 68 -80.99 -95.96 16.26
N PHE P 69 -79.86 -95.79 15.58
CA PHE P 69 -78.69 -96.63 15.83
C PHE P 69 -77.56 -95.79 16.40
N ASP P 70 -77.21 -96.05 17.65
CA ASP P 70 -76.16 -95.29 18.32
C ASP P 70 -74.91 -96.12 18.68
N GLY P 71 -74.69 -97.21 17.95
CA GLY P 71 -73.54 -98.07 18.20
C GLY P 71 -72.30 -97.69 17.41
N VAL P 72 -72.16 -96.41 17.08
CA VAL P 72 -71.02 -95.95 16.30
C VAL P 72 -69.81 -95.70 17.20
N GLU P 73 -68.70 -96.38 16.91
CA GLU P 73 -67.46 -96.21 17.67
C GLU P 73 -66.62 -95.04 17.14
N PRO P 74 -65.84 -94.39 18.02
CA PRO P 74 -64.79 -93.50 17.50
C PRO P 74 -63.80 -94.42 16.79
N ASN P 75 -63.56 -94.17 15.50
CA ASN P 75 -63.05 -95.20 14.60
C ASN P 75 -64.15 -96.23 14.35
N PRO P 76 -65.05 -95.96 13.39
CA PRO P 76 -66.17 -96.84 13.11
C PRO P 76 -65.71 -98.17 12.57
N LYS P 77 -66.22 -99.25 13.16
CA LYS P 77 -65.88 -100.59 12.72
C LYS P 77 -66.87 -101.06 11.67
N ASP P 78 -66.45 -102.03 10.87
CA ASP P 78 -67.33 -102.70 9.92
C ASP P 78 -68.51 -103.39 10.63
N THR P 79 -68.24 -103.88 11.84
CA THR P 79 -69.26 -104.57 12.63
C THR P 79 -70.34 -103.59 13.09
N ASN P 80 -69.97 -102.30 13.16
CA ASN P 80 -70.93 -101.23 13.44
C ASN P 80 -71.89 -101.10 12.28
N VAL P 81 -71.34 -101.10 11.06
CA VAL P 81 -72.12 -101.04 9.84
C VAL P 81 -73.07 -102.23 9.76
N ARG P 82 -72.55 -103.42 10.09
CA ARG P 82 -73.37 -104.64 10.17
C ARG P 82 -74.56 -104.41 11.07
N ASP P 83 -74.30 -103.94 12.29
CA ASP P 83 -75.32 -103.75 13.30
C ASP P 83 -76.28 -102.63 12.93
N GLY P 84 -75.74 -101.56 12.36
CA GLY P 84 -76.53 -100.43 11.90
C GLY P 84 -77.45 -100.84 10.76
N LEU P 85 -76.90 -101.60 9.82
CA LEU P 85 -77.66 -102.13 8.69
C LEU P 85 -78.80 -103.04 9.14
N ALA P 86 -78.55 -103.85 10.16
CA ALA P 86 -79.57 -104.74 10.70
C ALA P 86 -80.80 -103.95 11.11
N VAL P 87 -80.58 -102.81 11.77
CA VAL P 87 -81.65 -101.94 12.24
C VAL P 87 -82.36 -101.24 11.07
N PHE P 88 -81.57 -100.77 10.09
CA PHE P 88 -82.11 -100.19 8.86
C PHE P 88 -83.14 -101.10 8.21
N ARG P 89 -82.84 -102.40 8.19
CA ARG P 89 -83.73 -103.38 7.55
C ARG P 89 -84.84 -103.88 8.46
N ARG P 90 -84.49 -104.15 9.72
CA ARG P 90 -85.45 -104.63 10.70
C ARG P 90 -86.60 -103.64 10.90
N GLU P 91 -86.25 -102.36 10.96
CA GLU P 91 -87.23 -101.32 11.22
C GLU P 91 -87.79 -100.69 9.95
N GLN P 92 -87.37 -101.22 8.80
CA GLN P 92 -87.84 -100.80 7.47
C GLN P 92 -87.59 -99.33 7.17
N CYS P 93 -86.33 -98.94 7.25
CA CYS P 93 -85.93 -97.55 7.04
C CYS P 93 -85.73 -97.19 5.58
N ASP P 94 -85.86 -95.90 5.30
CA ASP P 94 -86.03 -95.33 3.96
C ASP P 94 -84.84 -94.43 3.66
N ILE P 95 -84.38 -93.74 4.70
CA ILE P 95 -83.41 -92.67 4.60
C ILE P 95 -82.45 -92.77 5.80
N ILE P 96 -81.26 -92.20 5.67
CA ILE P 96 -80.27 -92.21 6.76
C ILE P 96 -79.96 -90.79 7.19
N VAL P 97 -80.09 -90.53 8.49
CA VAL P 97 -79.73 -89.23 9.05
C VAL P 97 -78.57 -89.44 10.02
N THR P 98 -77.40 -88.90 9.66
CA THR P 98 -76.24 -88.99 10.54
C THR P 98 -76.08 -87.69 11.29
N VAL P 99 -75.91 -87.80 12.61
CA VAL P 99 -75.62 -86.63 13.41
C VAL P 99 -74.42 -86.92 14.31
N GLY P 100 -73.41 -86.08 14.16
CA GLY P 100 -72.18 -86.21 14.93
C GLY P 100 -71.00 -85.61 14.19
N GLY P 101 -69.80 -86.06 14.56
CA GLY P 101 -68.60 -85.76 13.79
C GLY P 101 -68.41 -86.83 12.73
N GLY P 102 -67.16 -87.00 12.32
CA GLY P 102 -66.78 -87.96 11.28
C GLY P 102 -67.30 -89.37 11.46
N SER P 103 -67.26 -89.89 12.69
CA SER P 103 -67.69 -91.28 12.95
C SER P 103 -69.12 -91.62 12.48
N PRO P 104 -70.17 -90.98 13.05
CA PRO P 104 -71.51 -91.21 12.51
C PRO P 104 -71.63 -91.06 10.99
N HIS P 105 -70.86 -90.16 10.39
CA HIS P 105 -70.95 -89.92 8.94
C HIS P 105 -70.37 -91.06 8.12
N ASP P 106 -69.15 -91.50 8.46
CA ASP P 106 -68.54 -92.64 7.79
C ASP P 106 -69.41 -93.88 7.98
N CYS P 107 -69.85 -94.11 9.21
CA CYS P 107 -70.71 -95.25 9.52
C CYS P 107 -72.07 -95.15 8.81
N GLY P 108 -72.58 -93.93 8.67
CA GLY P 108 -73.85 -93.69 7.99
C GLY P 108 -73.73 -93.97 6.50
N LYS P 109 -72.61 -93.55 5.93
CA LYS P 109 -72.31 -93.86 4.55
C LYS P 109 -72.16 -95.37 4.35
N GLY P 110 -71.36 -96.01 5.22
CA GLY P 110 -71.12 -97.45 5.19
C GLY P 110 -72.39 -98.29 5.20
N ILE P 111 -73.33 -97.93 6.08
CA ILE P 111 -74.62 -98.59 6.13
C ILE P 111 -75.35 -98.41 4.78
N GLY P 112 -75.33 -97.20 4.25
CA GLY P 112 -75.91 -96.89 2.95
C GLY P 112 -75.34 -97.72 1.82
N ILE P 113 -74.01 -97.88 1.83
CA ILE P 113 -73.32 -98.79 0.91
C ILE P 113 -73.81 -100.23 1.11
N ALA P 114 -73.64 -100.76 2.32
CA ALA P 114 -74.00 -102.13 2.63
C ALA P 114 -75.48 -102.46 2.34
N ALA P 115 -76.33 -101.42 2.33
CA ALA P 115 -77.75 -101.57 2.07
C ALA P 115 -78.08 -101.84 0.61
N THR P 116 -77.24 -101.34 -0.29
CA THR P 116 -77.50 -101.38 -1.74
C THR P 116 -76.44 -102.16 -2.51
N HIS P 117 -75.41 -102.60 -1.81
CA HIS P 117 -74.31 -103.32 -2.45
C HIS P 117 -74.11 -104.69 -1.85
N GLU P 118 -74.19 -105.69 -2.71
CA GLU P 118 -74.30 -107.06 -2.28
C GLU P 118 -72.99 -107.59 -1.70
N GLY P 119 -73.09 -108.19 -0.52
CA GLY P 119 -71.95 -108.88 0.10
C GLY P 119 -70.93 -107.96 0.72
N ASP P 120 -70.64 -108.22 2.00
CA ASP P 120 -69.50 -107.66 2.74
C ASP P 120 -69.18 -106.17 2.54
N LEU P 121 -67.91 -105.82 2.72
CA LEU P 121 -67.49 -104.45 3.00
C LEU P 121 -66.15 -104.15 2.37
N TYR P 122 -65.12 -104.78 2.93
CA TYR P 122 -63.73 -104.68 2.53
C TYR P 122 -63.56 -104.93 1.05
N GLN P 123 -64.58 -105.52 0.45
CA GLN P 123 -64.62 -105.88 -0.96
C GLN P 123 -64.68 -104.65 -1.86
N TYR P 124 -65.40 -103.64 -1.40
CA TYR P 124 -65.68 -102.45 -2.21
C TYR P 124 -64.65 -101.33 -2.02
N ALA P 125 -63.60 -101.61 -1.26
CA ALA P 125 -62.50 -100.66 -1.03
C ALA P 125 -61.82 -100.30 -2.35
N GLY P 126 -61.54 -99.01 -2.52
CA GLY P 126 -60.91 -98.50 -3.75
C GLY P 126 -61.62 -97.28 -4.29
N ILE P 127 -61.41 -97.01 -5.59
CA ILE P 127 -62.03 -95.84 -6.24
C ILE P 127 -63.48 -96.04 -6.64
N GLU P 128 -63.85 -95.62 -7.85
CA GLU P 128 -65.25 -95.70 -8.28
C GLU P 128 -65.72 -97.15 -8.42
N THR P 129 -65.93 -97.79 -7.27
CA THR P 129 -66.23 -99.22 -7.18
C THR P 129 -67.71 -99.48 -6.95
N LEU P 130 -68.45 -98.42 -6.62
CA LEU P 130 -69.88 -98.48 -6.37
C LEU P 130 -70.66 -98.28 -7.67
N THR P 131 -71.72 -99.08 -7.84
CA THR P 131 -72.53 -99.02 -9.04
C THR P 131 -73.94 -98.47 -8.77
N ASN P 132 -74.42 -98.68 -7.55
CA ASN P 132 -75.80 -98.36 -7.19
C ASN P 132 -75.91 -97.12 -6.30
N PRO P 133 -76.97 -96.31 -6.51
CA PRO P 133 -77.19 -95.18 -5.61
C PRO P 133 -77.53 -95.66 -4.20
N LEU P 134 -77.00 -94.97 -3.19
CA LEU P 134 -77.28 -95.31 -1.80
C LEU P 134 -78.69 -94.82 -1.41
N PRO P 135 -79.16 -95.15 -0.19
CA PRO P 135 -80.38 -94.49 0.23
C PRO P 135 -80.07 -93.02 0.47
N PRO P 136 -81.07 -92.13 0.33
CA PRO P 136 -80.76 -90.71 0.56
C PRO P 136 -80.12 -90.51 1.94
N ILE P 137 -79.07 -89.69 2.01
CA ILE P 137 -78.36 -89.44 3.28
C ILE P 137 -78.35 -87.96 3.64
N VAL P 138 -78.91 -87.64 4.80
CA VAL P 138 -78.85 -86.27 5.34
C VAL P 138 -77.83 -86.25 6.47
N ALA P 139 -76.86 -85.35 6.38
CA ALA P 139 -75.76 -85.35 7.33
C ALA P 139 -75.74 -84.06 8.16
N VAL P 140 -76.05 -84.20 9.44
CA VAL P 140 -76.00 -83.08 10.38
C VAL P 140 -74.70 -83.12 11.19
N ASN P 141 -73.84 -82.14 10.92
CA ASN P 141 -72.48 -82.05 11.43
C ASN P 141 -72.42 -81.33 12.77
N THR P 142 -71.55 -81.83 13.65
CA THR P 142 -71.50 -81.43 15.06
C THR P 142 -70.15 -80.87 15.46
N THR P 143 -69.22 -80.89 14.52
CA THR P 143 -67.83 -80.62 14.78
C THR P 143 -67.23 -79.81 13.63
N ALA P 144 -66.49 -78.75 13.96
CA ALA P 144 -65.81 -77.97 12.94
C ALA P 144 -64.45 -78.59 12.70
N GLY P 145 -64.48 -79.80 12.12
CA GLY P 145 -63.28 -80.60 11.98
C GLY P 145 -63.20 -81.48 10.74
N THR P 146 -63.97 -82.57 10.71
CA THR P 146 -63.74 -83.60 9.69
C THR P 146 -64.27 -83.24 8.32
N ALA P 147 -65.38 -82.51 8.30
CA ALA P 147 -66.09 -82.15 7.05
C ALA P 147 -66.52 -83.38 6.25
N SER P 148 -66.71 -84.49 6.95
CA SER P 148 -67.14 -85.75 6.34
C SER P 148 -68.55 -85.68 5.77
N GLU P 149 -69.32 -84.69 6.22
CA GLU P 149 -70.69 -84.47 5.76
C GLU P 149 -70.74 -83.94 4.32
N VAL P 150 -69.56 -83.71 3.73
CA VAL P 150 -69.47 -82.99 2.48
C VAL P 150 -68.49 -83.70 1.53
N THR P 151 -68.29 -84.99 1.77
CA THR P 151 -67.11 -85.72 1.31
C THR P 151 -67.45 -87.03 0.57
N ARG P 152 -66.54 -87.45 -0.31
CA ARG P 152 -66.71 -88.65 -1.14
C ARG P 152 -66.18 -89.92 -0.47
N HIS P 153 -65.62 -89.76 0.72
CA HIS P 153 -64.92 -90.84 1.41
C HIS P 153 -65.76 -91.49 2.49
N CYS P 154 -65.60 -92.81 2.61
CA CYS P 154 -66.13 -93.58 3.72
C CYS P 154 -65.00 -94.45 4.23
N VAL P 155 -64.51 -94.15 5.42
CA VAL P 155 -63.44 -94.96 6.00
C VAL P 155 -63.87 -95.72 7.26
N LEU P 156 -63.82 -97.04 7.15
CA LEU P 156 -64.13 -97.97 8.24
C LEU P 156 -62.88 -98.76 8.64
N THR P 157 -62.97 -99.46 9.77
CA THR P 157 -61.93 -100.36 10.24
C THR P 157 -62.34 -101.80 10.01
N ASN P 158 -61.45 -102.56 9.37
CA ASN P 158 -61.62 -103.99 9.19
C ASN P 158 -61.27 -104.67 10.52
N THR P 159 -62.25 -105.36 11.10
CA THR P 159 -62.07 -106.04 12.39
C THR P 159 -61.26 -107.33 12.26
N GLU P 160 -61.38 -107.98 11.10
CA GLU P 160 -60.61 -109.18 10.77
C GLU P 160 -59.11 -108.88 10.66
N THR P 161 -58.76 -107.82 9.92
CA THR P 161 -57.35 -107.47 9.67
C THR P 161 -56.81 -106.42 10.64
N LYS P 162 -57.71 -105.67 11.26
CA LYS P 162 -57.39 -104.58 12.21
C LYS P 162 -56.91 -103.29 11.55
N VAL P 163 -56.51 -103.37 10.28
CA VAL P 163 -56.15 -102.20 9.48
C VAL P 163 -57.40 -101.47 8.96
N LYS P 164 -57.23 -100.25 8.46
CA LYS P 164 -58.35 -99.46 7.93
C LYS P 164 -58.52 -99.59 6.41
N PHE P 165 -59.74 -99.36 5.92
CA PHE P 165 -60.00 -99.32 4.48
C PHE P 165 -60.87 -98.13 4.08
N VAL P 166 -60.76 -97.72 2.82
CA VAL P 166 -61.45 -96.53 2.31
C VAL P 166 -62.30 -96.90 1.11
N ILE P 167 -63.50 -96.34 1.06
CA ILE P 167 -64.34 -96.40 -0.14
C ILE P 167 -64.52 -94.98 -0.69
N VAL P 168 -64.00 -94.75 -1.89
CA VAL P 168 -64.02 -93.42 -2.51
C VAL P 168 -64.99 -93.42 -3.70
N SER P 169 -66.08 -92.68 -3.58
CA SER P 169 -67.08 -92.64 -4.66
C SER P 169 -67.96 -91.39 -4.62
N TRP P 170 -68.38 -90.93 -5.81
CA TRP P 170 -69.35 -89.84 -5.91
C TRP P 170 -70.69 -90.19 -5.27
N ARG P 171 -70.98 -91.49 -5.20
CA ARG P 171 -72.21 -91.96 -4.60
C ARG P 171 -72.17 -91.86 -3.07
N ASN P 172 -70.96 -91.70 -2.53
CA ASN P 172 -70.78 -91.49 -1.09
C ASN P 172 -71.15 -90.08 -0.62
N LEU P 173 -71.31 -89.16 -1.57
CA LEU P 173 -71.76 -87.81 -1.28
C LEU P 173 -73.13 -87.83 -0.59
N PRO P 174 -73.21 -87.28 0.62
CA PRO P 174 -74.51 -87.13 1.25
C PRO P 174 -75.43 -86.28 0.40
N SER P 175 -76.73 -86.62 0.39
CA SER P 175 -77.73 -85.87 -0.36
C SER P 175 -77.79 -84.42 0.09
N VAL P 176 -77.72 -84.21 1.40
CA VAL P 176 -77.83 -82.90 2.01
C VAL P 176 -76.89 -82.86 3.21
N SER P 177 -76.12 -81.78 3.33
CA SER P 177 -75.33 -81.54 4.54
C SER P 177 -75.94 -80.41 5.35
N ILE P 178 -75.90 -80.54 6.67
CA ILE P 178 -76.40 -79.52 7.56
C ILE P 178 -75.31 -79.15 8.57
N ASN P 179 -75.00 -77.86 8.63
CA ASN P 179 -73.98 -77.31 9.51
C ASN P 179 -74.56 -76.22 10.42
N ASP P 180 -75.05 -76.62 11.59
CA ASP P 180 -75.66 -75.70 12.54
C ASP P 180 -74.72 -75.42 13.72
N PRO P 181 -74.05 -74.25 13.72
CA PRO P 181 -73.09 -73.93 14.79
C PRO P 181 -73.73 -73.88 16.19
N LEU P 182 -75.05 -73.70 16.23
CA LEU P 182 -75.82 -73.79 17.46
C LEU P 182 -75.73 -75.17 18.10
N LEU P 183 -75.41 -76.17 17.27
CA LEU P 183 -75.27 -77.54 17.73
C LEU P 183 -73.85 -77.84 18.16
N MET P 184 -72.93 -76.90 17.91
CA MET P 184 -71.50 -77.09 18.16
C MET P 184 -70.98 -76.35 19.39
N ILE P 185 -71.87 -75.58 20.03
CA ILE P 185 -71.49 -74.78 21.19
C ILE P 185 -70.89 -75.60 22.35
N GLY P 186 -71.49 -76.76 22.64
CA GLY P 186 -71.09 -77.59 23.78
C GLY P 186 -69.73 -78.26 23.78
N LYS P 187 -68.98 -78.13 22.68
CA LYS P 187 -67.65 -78.74 22.55
C LYS P 187 -66.66 -78.12 23.53
N PRO P 188 -66.00 -78.95 24.36
CA PRO P 188 -64.98 -78.45 25.28
C PRO P 188 -63.82 -77.81 24.54
N ALA P 189 -63.15 -76.85 25.18
CA ALA P 189 -62.09 -76.07 24.57
C ALA P 189 -61.07 -76.88 23.77
N ALA P 190 -60.57 -77.96 24.39
CA ALA P 190 -59.53 -78.81 23.80
C ALA P 190 -59.97 -79.50 22.51
N LEU P 191 -61.24 -79.89 22.46
CA LEU P 191 -61.81 -80.54 21.28
C LEU P 191 -61.95 -79.55 20.12
N THR P 192 -62.44 -78.35 20.41
CA THR P 192 -62.62 -77.34 19.34
C THR P 192 -61.28 -76.89 18.76
N ALA P 193 -60.24 -76.97 19.59
CA ALA P 193 -58.86 -76.67 19.19
C ALA P 193 -58.32 -77.74 18.24
N ALA P 194 -58.52 -79.01 18.61
CA ALA P 194 -58.01 -80.14 17.83
C ALA P 194 -58.76 -80.30 16.51
N THR P 195 -60.09 -80.16 16.56
CA THR P 195 -60.93 -80.20 15.36
C THR P 195 -60.68 -78.98 14.47
N GLY P 196 -60.42 -77.84 15.09
CA GLY P 196 -60.03 -76.63 14.38
C GLY P 196 -58.72 -76.79 13.62
N MET P 197 -57.72 -77.38 14.27
CA MET P 197 -56.42 -77.63 13.64
C MET P 197 -56.50 -78.71 12.56
N ASP P 198 -57.42 -79.66 12.72
CA ASP P 198 -57.69 -80.63 11.67
C ASP P 198 -58.24 -79.88 10.45
N ALA P 199 -59.18 -78.98 10.68
CA ALA P 199 -59.70 -78.13 9.61
C ALA P 199 -58.59 -77.32 8.95
N LEU P 200 -57.70 -76.75 9.78
CA LEU P 200 -56.56 -75.99 9.27
C LEU P 200 -55.69 -76.85 8.37
N THR P 201 -55.43 -78.08 8.83
CA THR P 201 -54.57 -79.00 8.11
C THR P 201 -55.20 -79.37 6.76
N HIS P 202 -56.52 -79.56 6.75
CA HIS P 202 -57.27 -79.81 5.51
C HIS P 202 -57.05 -78.67 4.54
N ALA P 203 -57.12 -77.45 5.06
CA ALA P 203 -57.05 -76.26 4.21
C ALA P 203 -55.65 -76.03 3.65
N VAL P 204 -54.61 -76.15 4.48
CA VAL P 204 -53.25 -75.93 3.95
C VAL P 204 -52.80 -77.06 3.02
N GLU P 205 -53.07 -78.30 3.37
CA GLU P 205 -52.63 -79.42 2.54
C GLU P 205 -53.29 -79.38 1.16
N ALA P 206 -54.60 -79.07 1.12
CA ALA P 206 -55.32 -78.93 -0.14
C ALA P 206 -54.82 -77.73 -0.94
N TYR P 207 -54.45 -76.66 -0.25
CA TYR P 207 -53.93 -75.47 -0.93
C TYR P 207 -52.63 -75.78 -1.68
N ILE P 208 -51.75 -76.54 -1.03
CA ILE P 208 -50.41 -76.84 -1.58
C ILE P 208 -50.30 -78.20 -2.29
N SER P 209 -51.42 -78.91 -2.42
CA SER P 209 -51.40 -80.24 -3.05
C SER P 209 -51.04 -80.18 -4.53
N LYS P 210 -50.57 -81.32 -5.05
CA LYS P 210 -50.32 -81.51 -6.48
C LYS P 210 -51.59 -81.27 -7.30
N ASP P 211 -52.71 -81.66 -6.71
CA ASP P 211 -54.01 -81.64 -7.38
C ASP P 211 -54.79 -80.34 -7.16
N ALA P 212 -54.13 -79.33 -6.61
CA ALA P 212 -54.75 -78.03 -6.35
C ALA P 212 -55.04 -77.27 -7.64
N ASN P 213 -56.12 -76.48 -7.63
CA ASN P 213 -56.49 -75.58 -8.73
C ASN P 213 -57.21 -74.34 -8.21
N PRO P 214 -57.45 -73.31 -9.05
CA PRO P 214 -58.07 -72.09 -8.54
C PRO P 214 -59.51 -72.24 -7.97
N VAL P 215 -60.23 -73.26 -8.39
CA VAL P 215 -61.58 -73.49 -7.83
C VAL P 215 -61.45 -74.02 -6.40
N THR P 216 -60.62 -75.04 -6.26
CA THR P 216 -60.24 -75.61 -4.98
C THR P 216 -59.65 -74.56 -4.03
N ASP P 217 -58.70 -73.80 -4.55
CA ASP P 217 -57.98 -72.79 -3.77
C ASP P 217 -58.89 -71.73 -3.15
N ALA P 218 -59.96 -71.39 -3.87
CA ALA P 218 -60.94 -70.42 -3.38
C ALA P 218 -61.45 -70.79 -1.99
N ALA P 219 -61.89 -72.04 -1.84
CA ALA P 219 -62.36 -72.54 -0.56
C ALA P 219 -61.21 -72.64 0.45
N ALA P 220 -60.06 -73.15 0.04
CA ALA P 220 -58.91 -73.33 0.94
C ALA P 220 -58.44 -72.00 1.56
N MET P 221 -58.29 -70.97 0.73
CA MET P 221 -57.83 -69.65 1.17
C MET P 221 -58.72 -69.05 2.25
N GLN P 222 -60.02 -68.98 1.97
CA GLN P 222 -60.98 -68.45 2.94
C GLN P 222 -61.02 -69.25 4.24
N ALA P 223 -60.89 -70.57 4.13
CA ALA P 223 -60.85 -71.42 5.32
C ALA P 223 -59.64 -71.04 6.20
N ILE P 224 -58.49 -70.79 5.58
CA ILE P 224 -57.31 -70.35 6.31
C ILE P 224 -57.54 -68.97 6.93
N ARG P 225 -58.06 -68.04 6.15
CA ARG P 225 -58.40 -66.70 6.65
C ARG P 225 -59.37 -66.76 7.84
N LEU P 226 -60.46 -67.52 7.71
CA LEU P 226 -61.46 -67.62 8.77
C LEU P 226 -60.90 -68.27 10.04
N ILE P 227 -60.13 -69.33 9.87
CA ILE P 227 -59.53 -70.07 10.99
C ILE P 227 -58.55 -69.18 11.77
N ALA P 228 -57.73 -68.43 11.04
CA ALA P 228 -56.78 -67.50 11.67
C ALA P 228 -57.47 -66.38 12.44
N ARG P 229 -58.74 -66.12 12.12
CA ARG P 229 -59.45 -65.00 12.77
C ARG P 229 -60.44 -65.44 13.84
N ASN P 230 -60.59 -66.76 14.04
CA ASN P 230 -61.65 -67.28 14.91
C ASN P 230 -61.30 -68.45 15.83
N LEU P 231 -60.30 -69.26 15.45
CA LEU P 231 -59.96 -70.44 16.24
C LEU P 231 -59.56 -70.09 17.66
N ARG P 232 -58.64 -69.14 17.82
CA ARG P 232 -58.27 -68.63 19.14
C ARG P 232 -59.51 -68.23 19.95
N GLN P 233 -60.44 -67.55 19.30
CA GLN P 233 -61.64 -67.05 19.97
C GLN P 233 -62.61 -68.18 20.31
N ALA P 234 -62.75 -69.13 19.39
CA ALA P 234 -63.60 -70.29 19.58
C ALA P 234 -63.15 -71.15 20.78
N VAL P 235 -61.84 -71.41 20.89
CA VAL P 235 -61.34 -72.20 22.04
C VAL P 235 -61.41 -71.42 23.36
N ALA P 236 -61.30 -70.09 23.27
CA ALA P 236 -61.32 -69.23 24.44
C ALA P 236 -62.71 -69.17 25.07
N LEU P 237 -63.73 -69.15 24.22
CA LEU P 237 -65.12 -69.11 24.68
C LEU P 237 -66.01 -69.82 23.67
N GLY P 238 -66.41 -71.05 24.01
CA GLY P 238 -67.25 -71.87 23.15
C GLY P 238 -68.63 -71.30 22.91
N SER P 239 -69.08 -70.43 23.83
CA SER P 239 -70.39 -69.78 23.71
C SER P 239 -70.35 -68.55 22.80
N ASN P 240 -69.15 -68.22 22.29
CA ASN P 240 -68.97 -67.20 21.28
C ASN P 240 -69.60 -67.66 19.95
N LEU P 241 -70.82 -67.18 19.68
CA LEU P 241 -71.57 -67.63 18.50
C LEU P 241 -70.87 -67.30 17.17
N GLN P 242 -70.42 -66.05 17.02
CA GLN P 242 -69.75 -65.61 15.79
C GLN P 242 -68.54 -66.49 15.46
N ALA P 243 -67.69 -66.73 16.46
CA ALA P 243 -66.53 -67.60 16.31
C ALA P 243 -66.92 -69.04 15.97
N ARG P 244 -68.01 -69.52 16.56
CA ARG P 244 -68.59 -70.81 16.23
C ARG P 244 -69.07 -70.89 14.77
N GLU P 245 -69.87 -69.92 14.34
CA GLU P 245 -70.29 -69.81 12.94
C GLU P 245 -69.10 -69.87 11.99
N TYR P 246 -68.15 -68.97 12.23
CA TYR P 246 -66.99 -68.81 11.38
C TYR P 246 -66.09 -70.04 11.34
N MET P 247 -65.99 -70.76 12.47
CA MET P 247 -65.28 -72.03 12.47
C MET P 247 -66.05 -73.08 11.66
N ALA P 248 -67.38 -73.05 11.76
CA ALA P 248 -68.24 -74.01 11.05
C ALA P 248 -68.13 -73.81 9.54
N TYR P 249 -68.21 -72.55 9.09
CA TYR P 249 -68.09 -72.26 7.68
C TYR P 249 -66.68 -72.59 7.21
N ALA P 250 -65.70 -72.39 8.10
CA ALA P 250 -64.29 -72.68 7.79
C ALA P 250 -64.08 -74.16 7.55
N SER P 251 -64.57 -75.00 8.46
CA SER P 251 -64.42 -76.45 8.32
C SER P 251 -65.10 -76.98 7.06
N LEU P 252 -66.33 -76.50 6.80
CA LEU P 252 -67.06 -76.80 5.57
C LEU P 252 -66.24 -76.47 4.31
N LEU P 253 -65.67 -75.27 4.27
CA LEU P 253 -64.86 -74.83 3.13
C LEU P 253 -63.60 -75.67 2.98
N ALA P 254 -62.94 -75.95 4.11
CA ALA P 254 -61.75 -76.78 4.11
C ALA P 254 -62.09 -78.15 3.52
N GLY P 255 -63.32 -78.60 3.79
CA GLY P 255 -63.83 -79.86 3.26
C GLY P 255 -64.04 -79.83 1.76
N MET P 256 -64.74 -78.80 1.28
CA MET P 256 -64.96 -78.60 -0.15
C MET P 256 -63.63 -78.50 -0.91
N ALA P 257 -62.59 -78.05 -0.20
CA ALA P 257 -61.25 -77.95 -0.77
C ALA P 257 -60.59 -79.33 -0.84
N PHE P 258 -60.42 -79.97 0.32
CA PHE P 258 -59.66 -81.21 0.37
C PHE P 258 -60.37 -82.38 -0.28
N ASN P 259 -61.70 -82.42 -0.19
CA ASN P 259 -62.46 -83.44 -0.90
C ASN P 259 -62.05 -83.52 -2.37
N ASN P 260 -61.47 -82.43 -2.88
CA ASN P 260 -61.21 -82.28 -4.31
C ASN P 260 -59.74 -82.06 -4.67
N ALA P 261 -58.99 -81.36 -3.82
CA ALA P 261 -57.56 -81.18 -4.03
C ALA P 261 -56.72 -82.23 -3.30
N ASN P 262 -57.36 -83.01 -2.42
CA ASN P 262 -56.68 -84.01 -1.59
C ASN P 262 -55.78 -83.41 -0.51
N LEU P 263 -55.08 -84.28 0.23
CA LEU P 263 -54.23 -83.86 1.34
C LEU P 263 -52.75 -84.16 1.08
N GLY P 264 -51.97 -84.38 2.14
CA GLY P 264 -50.55 -84.65 1.98
C GLY P 264 -49.96 -85.38 3.17
N TYR P 265 -48.67 -85.16 3.39
CA TYR P 265 -47.89 -85.86 4.42
C TYR P 265 -48.37 -85.69 5.85
N VAL P 266 -48.95 -84.52 6.19
CA VAL P 266 -49.45 -84.31 7.55
C VAL P 266 -50.44 -85.41 7.89
N HIS P 267 -51.42 -85.63 7.02
CA HIS P 267 -52.39 -86.71 7.21
C HIS P 267 -51.81 -88.11 7.06
N ALA P 268 -50.87 -88.27 6.13
CA ALA P 268 -50.18 -89.54 5.93
C ALA P 268 -49.48 -89.98 7.20
N MET P 269 -48.93 -89.01 7.93
CA MET P 269 -48.19 -89.29 9.14
C MET P 269 -49.10 -89.34 10.36
N ALA P 270 -50.13 -88.48 10.35
CA ALA P 270 -51.13 -88.44 11.43
C ALA P 270 -51.83 -89.79 11.63
N HIS P 271 -52.15 -90.46 10.51
CA HIS P 271 -52.86 -91.73 10.55
C HIS P 271 -52.05 -92.81 11.25
N GLN P 272 -50.72 -92.68 11.19
CA GLN P 272 -49.83 -93.63 11.84
C GLN P 272 -49.80 -93.40 13.35
N LEU P 273 -49.82 -92.13 13.76
CA LEU P 273 -49.98 -91.80 15.18
C LEU P 273 -51.33 -92.30 15.68
N GLY P 274 -52.36 -92.11 14.85
CA GLY P 274 -53.69 -92.66 15.11
C GLY P 274 -53.67 -94.17 15.15
N GLY P 275 -52.87 -94.77 14.27
CA GLY P 275 -52.74 -96.22 14.21
C GLY P 275 -52.12 -96.83 15.45
N LEU P 276 -50.92 -96.37 15.80
CA LEU P 276 -50.15 -96.97 16.90
C LEU P 276 -50.64 -96.58 18.29
N TYR P 277 -50.69 -95.28 18.56
CA TYR P 277 -51.03 -94.76 19.88
C TYR P 277 -52.51 -94.41 19.99
N ASP P 278 -53.25 -94.63 18.91
CA ASP P 278 -54.60 -94.09 18.70
C ASP P 278 -54.78 -92.68 19.27
N MET P 279 -53.88 -91.81 18.82
CA MET P 279 -53.90 -90.38 19.12
C MET P 279 -55.10 -89.75 18.43
N PRO P 280 -55.76 -88.78 19.10
CA PRO P 280 -56.85 -88.06 18.43
C PRO P 280 -56.37 -87.39 17.14
N HIS P 281 -57.14 -87.58 16.07
CA HIS P 281 -56.79 -87.14 14.73
C HIS P 281 -56.36 -85.67 14.64
N GLY P 282 -57.17 -84.80 15.26
CA GLY P 282 -56.90 -83.37 15.24
C GLY P 282 -55.58 -82.98 15.87
N VAL P 283 -55.26 -83.59 17.02
CA VAL P 283 -54.01 -83.26 17.73
C VAL P 283 -52.78 -83.87 17.07
N ALA P 284 -52.96 -85.06 16.51
CA ALA P 284 -51.91 -85.68 15.70
C ALA P 284 -51.58 -84.82 14.48
N ASN P 285 -52.60 -84.28 13.83
CA ASN P 285 -52.41 -83.36 12.72
C ASN P 285 -51.72 -82.08 13.14
N ALA P 286 -52.22 -81.48 14.21
CA ALA P 286 -51.76 -80.17 14.68
C ALA P 286 -50.28 -80.16 15.04
N VAL P 287 -49.88 -81.17 15.80
CA VAL P 287 -48.50 -81.24 16.30
C VAL P 287 -47.53 -81.39 15.12
N LEU P 288 -48.01 -82.05 14.06
CA LEU P 288 -47.23 -82.30 12.85
C LEU P 288 -47.26 -81.16 11.82
N LEU P 289 -48.36 -80.41 11.77
CA LEU P 289 -48.51 -79.35 10.76
C LEU P 289 -47.26 -78.48 10.50
N PRO P 290 -46.71 -77.83 11.55
CA PRO P 290 -45.67 -76.85 11.25
C PRO P 290 -44.39 -77.51 10.72
N HIS P 291 -44.14 -78.75 11.12
CA HIS P 291 -42.92 -79.43 10.76
C HIS P 291 -43.00 -79.99 9.34
N VAL P 292 -44.16 -80.53 8.97
CA VAL P 292 -44.42 -80.96 7.60
C VAL P 292 -44.50 -79.76 6.67
N ALA P 293 -45.08 -78.66 7.17
CA ALA P 293 -45.19 -77.44 6.38
C ALA P 293 -43.81 -76.89 6.02
N ARG P 294 -42.88 -76.91 6.96
CA ARG P 294 -41.50 -76.48 6.71
C ARG P 294 -40.84 -77.40 5.68
N TYR P 295 -41.09 -78.69 5.81
CA TYR P 295 -40.57 -79.67 4.85
C TYR P 295 -41.11 -79.43 3.43
N ASN P 296 -42.39 -79.07 3.33
CA ASN P 296 -43.04 -78.82 2.05
C ASN P 296 -42.77 -77.44 1.49
N LEU P 297 -42.21 -76.56 2.31
CA LEU P 297 -41.95 -75.18 1.90
C LEU P 297 -41.31 -75.06 0.51
N ILE P 298 -40.27 -75.85 0.25
CA ILE P 298 -39.49 -75.72 -0.99
C ILE P 298 -40.26 -76.14 -2.24
N ALA P 299 -41.40 -76.80 -2.06
CA ALA P 299 -42.21 -77.22 -3.21
C ALA P 299 -42.96 -76.03 -3.80
N ASN P 300 -43.17 -75.01 -2.99
CA ASN P 300 -44.04 -73.90 -3.35
C ASN P 300 -43.93 -72.76 -2.36
N PRO P 301 -42.80 -72.03 -2.38
CA PRO P 301 -42.67 -70.88 -1.46
C PRO P 301 -43.73 -69.78 -1.69
N GLU P 302 -44.17 -69.59 -2.93
CA GLU P 302 -45.22 -68.60 -3.23
C GLU P 302 -46.50 -68.80 -2.42
N LYS P 303 -46.97 -70.04 -2.33
CA LYS P 303 -48.23 -70.30 -1.63
C LYS P 303 -48.10 -70.24 -0.12
N PHE P 304 -46.90 -70.50 0.41
CA PHE P 304 -46.69 -70.30 1.83
C PHE P 304 -46.65 -68.80 2.17
N ALA P 305 -46.02 -68.02 1.29
CA ALA P 305 -46.11 -66.56 1.37
C ALA P 305 -47.59 -66.13 1.38
N ASP P 306 -48.40 -66.78 0.53
CA ASP P 306 -49.85 -66.54 0.53
C ASP P 306 -50.45 -66.89 1.87
N ILE P 307 -50.10 -68.07 2.40
CA ILE P 307 -50.62 -68.54 3.69
C ILE P 307 -50.27 -67.57 4.82
N ALA P 308 -49.05 -67.03 4.79
CA ALA P 308 -48.65 -66.03 5.78
C ALA P 308 -49.59 -64.83 5.75
N GLU P 309 -49.86 -64.31 4.54
CA GLU P 309 -50.72 -63.15 4.34
C GLU P 309 -52.17 -63.46 4.75
N LEU P 310 -52.61 -64.67 4.42
CA LEU P 310 -53.94 -65.15 4.83
C LEU P 310 -54.14 -65.21 6.36
N MET P 311 -53.06 -65.48 7.10
CA MET P 311 -53.14 -65.56 8.55
C MET P 311 -52.79 -64.22 9.22
N GLY P 312 -52.80 -63.15 8.43
CA GLY P 312 -52.70 -61.79 8.94
C GLY P 312 -51.29 -61.27 9.16
N GLU P 313 -50.28 -62.05 8.75
CA GLU P 313 -48.88 -61.65 8.89
C GLU P 313 -48.54 -60.52 7.92
N ASN P 314 -47.65 -59.62 8.33
CA ASN P 314 -47.18 -58.54 7.48
C ASN P 314 -46.00 -58.98 6.61
N ILE P 315 -46.19 -58.87 5.30
CA ILE P 315 -45.33 -59.48 4.29
C ILE P 315 -44.65 -58.40 3.44
N THR P 316 -45.06 -57.15 3.65
CA THR P 316 -44.63 -55.99 2.84
C THR P 316 -43.18 -56.04 2.34
N GLY P 317 -42.21 -56.00 3.24
CA GLY P 317 -40.83 -55.81 2.81
C GLY P 317 -40.10 -57.02 2.25
N LEU P 318 -40.73 -58.19 2.33
CA LEU P 318 -39.98 -59.45 2.37
C LEU P 318 -39.78 -60.19 1.04
N SER P 319 -38.71 -60.98 1.01
CA SER P 319 -38.50 -61.94 -0.07
C SER P 319 -39.56 -63.02 0.08
N THR P 320 -39.81 -63.75 -0.99
CA THR P 320 -40.79 -64.84 -0.95
C THR P 320 -40.45 -65.87 0.12
N LEU P 321 -39.19 -66.29 0.17
CA LEU P 321 -38.71 -67.24 1.18
C LEU P 321 -38.90 -66.74 2.61
N ASP P 322 -38.54 -65.48 2.86
CA ASP P 322 -38.77 -64.87 4.17
C ASP P 322 -40.26 -64.76 4.50
N ALA P 323 -41.07 -64.42 3.50
CA ALA P 323 -42.53 -64.40 3.65
C ALA P 323 -43.07 -65.79 4.00
N ALA P 324 -42.55 -66.81 3.33
CA ALA P 324 -42.94 -68.20 3.56
C ALA P 324 -42.61 -68.67 4.97
N GLU P 325 -41.42 -68.30 5.45
CA GLU P 325 -41.02 -68.56 6.85
C GLU P 325 -42.08 -68.11 7.84
N LYS P 326 -42.59 -66.90 7.64
CA LYS P 326 -43.63 -66.32 8.48
C LYS P 326 -44.90 -67.17 8.57
N ALA P 327 -45.17 -67.97 7.53
CA ALA P 327 -46.31 -68.91 7.54
C ALA P 327 -46.12 -70.05 8.54
N ILE P 328 -44.88 -70.55 8.64
CA ILE P 328 -44.54 -71.61 9.57
C ILE P 328 -44.67 -71.08 10.99
N ALA P 329 -44.10 -69.91 11.24
CA ALA P 329 -44.20 -69.25 12.56
C ALA P 329 -45.65 -68.93 12.95
N ALA P 330 -46.46 -68.49 11.99
CA ALA P 330 -47.87 -68.17 12.24
C ALA P 330 -48.66 -69.41 12.64
N ILE P 331 -48.36 -70.53 11.98
CA ILE P 331 -48.98 -71.80 12.32
C ILE P 331 -48.63 -72.22 13.75
N THR P 332 -47.34 -72.23 14.10
CA THR P 332 -46.93 -72.69 15.43
C THR P 332 -47.44 -71.73 16.52
N ARG P 333 -47.46 -70.43 16.22
CA ARG P 333 -47.96 -69.45 17.17
C ARG P 333 -49.43 -69.72 17.50
N LEU P 334 -50.20 -70.09 16.49
CA LEU P 334 -51.63 -70.39 16.66
C LEU P 334 -51.80 -71.67 17.47
N SER P 335 -50.99 -72.67 17.15
CA SER P 335 -51.00 -73.94 17.85
C SER P 335 -50.73 -73.79 19.35
N MET P 336 -49.73 -72.99 19.69
CA MET P 336 -49.37 -72.75 21.09
C MET P 336 -50.45 -71.93 21.79
N ASP P 337 -50.98 -70.93 21.09
CA ASP P 337 -51.99 -70.02 21.63
C ASP P 337 -53.24 -70.76 22.11
N ILE P 338 -53.59 -71.83 21.39
CA ILE P 338 -54.77 -72.63 21.72
C ILE P 338 -54.47 -73.86 22.60
N GLY P 339 -53.22 -74.00 23.02
CA GLY P 339 -52.82 -75.03 23.98
C GLY P 339 -52.67 -76.41 23.40
N ILE P 340 -52.28 -76.49 22.13
CA ILE P 340 -51.93 -77.75 21.50
C ILE P 340 -50.56 -78.20 22.01
N PRO P 341 -50.42 -79.50 22.38
CA PRO P 341 -49.10 -80.01 22.77
C PRO P 341 -48.09 -79.95 21.63
N GLN P 342 -46.88 -79.49 21.94
CA GLN P 342 -45.88 -79.17 20.90
C GLN P 342 -44.92 -80.31 20.60
N HIS P 343 -44.79 -81.26 21.52
CA HIS P 343 -43.82 -82.35 21.38
C HIS P 343 -44.47 -83.73 21.53
N LEU P 344 -44.18 -84.61 20.58
CA LEU P 344 -44.68 -85.99 20.57
C LEU P 344 -44.21 -86.78 21.80
N ARG P 345 -43.03 -86.41 22.31
CA ARG P 345 -42.49 -86.93 23.55
C ARG P 345 -43.53 -86.94 24.68
N ASP P 346 -44.39 -85.91 24.69
CA ASP P 346 -45.44 -85.77 25.70
C ASP P 346 -46.76 -86.47 25.36
N LEU P 347 -46.88 -86.98 24.13
CA LEU P 347 -48.04 -87.79 23.72
C LEU P 347 -47.79 -89.30 23.81
N GLY P 348 -46.75 -89.70 24.53
CA GLY P 348 -46.42 -91.11 24.72
C GLY P 348 -45.74 -91.78 23.53
N VAL P 349 -45.24 -90.97 22.59
CA VAL P 349 -44.60 -91.47 21.38
C VAL P 349 -43.17 -91.95 21.65
N LYS P 350 -42.77 -93.03 20.98
CA LYS P 350 -41.43 -93.58 21.11
C LYS P 350 -40.61 -93.37 19.83
N GLU P 351 -39.32 -93.13 20.01
CA GLU P 351 -38.40 -92.80 18.91
C GLU P 351 -38.19 -93.94 17.90
N THR P 352 -38.01 -95.16 18.39
CA THR P 352 -37.79 -96.30 17.49
C THR P 352 -39.09 -96.92 16.93
N ASP P 353 -40.15 -96.13 16.94
CA ASP P 353 -41.36 -96.42 16.19
C ASP P 353 -41.41 -95.60 14.90
N PHE P 354 -40.46 -94.68 14.74
CA PHE P 354 -40.40 -93.81 13.56
C PHE P 354 -40.14 -94.56 12.25
N PRO P 355 -39.16 -95.50 12.23
CA PRO P 355 -38.93 -96.27 11.01
C PRO P 355 -40.20 -96.94 10.47
N TYR P 356 -40.93 -97.62 11.36
CA TYR P 356 -42.18 -98.31 11.00
C TYR P 356 -43.27 -97.34 10.54
N MET P 357 -43.35 -96.19 11.20
CA MET P 357 -44.38 -95.20 10.91
C MET P 357 -44.14 -94.51 9.57
N ALA P 358 -42.87 -94.29 9.26
CA ALA P 358 -42.49 -93.68 7.99
C ALA P 358 -42.87 -94.58 6.81
N GLU P 359 -42.55 -95.88 6.92
CA GLU P 359 -42.92 -96.87 5.90
C GLU P 359 -44.42 -96.78 5.59
N MET P 360 -45.22 -96.82 6.65
CA MET P 360 -46.67 -96.82 6.54
C MET P 360 -47.24 -95.49 6.03
N ALA P 361 -46.57 -94.39 6.38
CA ALA P 361 -46.98 -93.06 5.92
C ALA P 361 -46.78 -92.91 4.43
N LEU P 362 -45.72 -93.52 3.90
CA LEU P 362 -45.43 -93.50 2.46
C LEU P 362 -46.47 -94.25 1.64
N LYS P 363 -47.11 -95.24 2.26
CA LYS P 363 -48.12 -96.07 1.59
C LYS P 363 -49.54 -95.49 1.68
N ASP P 364 -49.77 -94.65 2.69
CA ASP P 364 -51.07 -94.00 2.91
C ASP P 364 -51.56 -93.28 1.64
N GLY P 365 -52.87 -93.28 1.43
CA GLY P 365 -53.50 -92.71 0.24
C GLY P 365 -53.20 -91.23 0.06
N ASN P 366 -53.14 -90.51 1.16
CA ASN P 366 -52.90 -89.07 1.12
C ASN P 366 -51.49 -88.65 0.75
N ALA P 367 -50.53 -89.54 0.96
CA ALA P 367 -49.12 -89.29 0.65
C ALA P 367 -48.90 -88.90 -0.82
N PHE P 368 -49.72 -89.47 -1.71
CA PHE P 368 -49.53 -89.29 -3.15
C PHE P 368 -49.63 -87.84 -3.65
N SER P 369 -50.51 -87.04 -3.05
CA SER P 369 -50.77 -85.67 -3.53
C SER P 369 -49.88 -84.58 -2.88
N ASN P 370 -49.05 -84.99 -1.93
CA ASN P 370 -48.09 -84.08 -1.30
C ASN P 370 -47.18 -83.42 -2.33
N PRO P 371 -46.97 -82.09 -2.23
CA PRO P 371 -46.21 -81.37 -3.25
C PRO P 371 -44.72 -81.70 -3.24
N ARG P 372 -44.25 -82.40 -2.21
CA ARG P 372 -42.88 -82.85 -2.15
C ARG P 372 -42.80 -84.38 -2.08
N LYS P 373 -42.08 -84.98 -3.01
CA LYS P 373 -41.88 -86.42 -3.01
C LYS P 373 -40.74 -86.74 -2.06
N GLY P 374 -41.05 -87.52 -1.03
CA GLY P 374 -40.05 -87.93 -0.06
C GLY P 374 -39.69 -89.39 -0.09
N ASN P 375 -39.00 -89.83 0.96
CA ASN P 375 -38.73 -91.24 1.24
C ASN P 375 -38.90 -91.53 2.73
N GLU P 376 -38.59 -92.75 3.15
CA GLU P 376 -38.74 -93.18 4.54
C GLU P 376 -37.88 -92.37 5.52
N GLN P 377 -36.61 -92.16 5.17
CA GLN P 377 -35.67 -91.39 6.00
C GLN P 377 -36.19 -90.00 6.32
N GLU P 378 -36.61 -89.27 5.28
CA GLU P 378 -37.07 -87.89 5.42
C GLU P 378 -38.34 -87.79 6.25
N ILE P 379 -39.28 -88.71 6.02
CA ILE P 379 -40.52 -88.73 6.80
C ILE P 379 -40.20 -89.00 8.28
N ALA P 380 -39.38 -90.03 8.52
CA ALA P 380 -38.86 -90.30 9.87
C ALA P 380 -38.22 -89.07 10.49
N ALA P 381 -37.46 -88.33 9.68
CA ALA P 381 -36.77 -87.12 10.13
C ALA P 381 -37.74 -86.01 10.55
N ILE P 382 -38.92 -85.99 9.92
CA ILE P 382 -39.97 -85.06 10.33
C ILE P 382 -40.52 -85.45 11.71
N PHE P 383 -40.78 -86.75 11.90
CA PHE P 383 -41.21 -87.25 13.21
C PHE P 383 -40.25 -86.82 14.32
N ARG P 384 -38.96 -86.86 14.01
CA ARG P 384 -37.90 -86.53 14.95
C ARG P 384 -37.92 -85.04 15.30
N GLN P 385 -38.27 -84.22 14.32
CA GLN P 385 -38.41 -82.78 14.54
C GLN P 385 -39.63 -82.45 15.38
N ALA P 386 -40.65 -83.28 15.31
CA ALA P 386 -41.91 -83.05 16.01
C ALA P 386 -41.90 -83.67 17.40
N PHE P 387 -40.84 -84.40 17.71
CA PHE P 387 -40.77 -85.22 18.92
C PHE P 387 -40.74 -84.39 20.21
N ARG Q 4 -79.89 -65.24 8.37
CA ARG Q 4 -79.30 -65.98 9.52
C ARG Q 4 -78.97 -67.44 9.18
N MET Q 5 -79.89 -68.09 8.47
CA MET Q 5 -79.67 -69.44 7.95
C MET Q 5 -79.46 -69.32 6.44
N PHE Q 6 -78.69 -70.25 5.86
CA PHE Q 6 -78.35 -70.18 4.44
C PHE Q 6 -78.40 -71.53 3.74
N ASP Q 7 -78.79 -71.51 2.47
CA ASP Q 7 -78.67 -72.68 1.61
C ASP Q 7 -77.53 -72.50 0.62
N TYR Q 8 -76.96 -73.60 0.16
CA TYR Q 8 -75.86 -73.55 -0.80
C TYR Q 8 -76.02 -74.73 -1.71
N LEU Q 9 -76.40 -74.46 -2.96
CA LEU Q 9 -76.67 -75.49 -3.94
C LEU Q 9 -75.65 -75.43 -5.06
N VAL Q 10 -75.34 -76.60 -5.62
CA VAL Q 10 -74.36 -76.75 -6.69
C VAL Q 10 -74.54 -78.15 -7.27
N PRO Q 11 -74.28 -78.35 -8.58
CA PRO Q 11 -74.28 -79.72 -9.09
C PRO Q 11 -73.42 -80.65 -8.26
N ASN Q 12 -73.88 -81.90 -8.17
CA ASN Q 12 -73.23 -82.95 -7.41
C ASN Q 12 -71.81 -83.26 -7.88
N VAL Q 13 -71.62 -83.31 -9.19
CA VAL Q 13 -70.33 -83.64 -9.80
C VAL Q 13 -70.00 -82.61 -10.88
N ASN Q 14 -68.82 -82.00 -10.77
CA ASN Q 14 -68.40 -80.97 -11.72
C ASN Q 14 -67.02 -81.25 -12.29
N PHE Q 15 -66.90 -81.11 -13.59
CA PHE Q 15 -65.62 -81.26 -14.26
C PHE Q 15 -65.18 -79.94 -14.91
N PHE Q 16 -63.90 -79.63 -14.72
CA PHE Q 16 -63.31 -78.45 -15.34
C PHE Q 16 -61.84 -78.70 -15.66
N GLY Q 17 -61.30 -77.91 -16.59
CA GLY Q 17 -59.94 -78.07 -17.07
C GLY Q 17 -59.88 -78.40 -18.56
N PRO Q 18 -58.72 -78.15 -19.20
CA PRO Q 18 -58.57 -78.52 -20.61
C PRO Q 18 -58.90 -79.98 -20.85
N ASN Q 19 -59.69 -80.23 -21.89
CA ASN Q 19 -60.11 -81.58 -22.33
C ASN Q 19 -61.09 -82.25 -21.35
N ALA Q 20 -61.69 -81.45 -20.47
CA ALA Q 20 -62.72 -81.91 -19.56
C ALA Q 20 -63.88 -82.59 -20.29
N ILE Q 21 -64.07 -82.21 -21.55
CA ILE Q 21 -65.16 -82.76 -22.36
C ILE Q 21 -65.07 -84.28 -22.52
N SER Q 22 -63.87 -84.82 -22.34
CA SER Q 22 -63.63 -86.25 -22.54
C SER Q 22 -64.41 -87.19 -21.63
N VAL Q 23 -65.11 -86.65 -20.63
CA VAL Q 23 -65.93 -87.47 -19.73
C VAL Q 23 -67.46 -87.49 -20.01
N VAL Q 24 -67.95 -86.70 -20.98
CA VAL Q 24 -69.42 -86.64 -21.20
C VAL Q 24 -70.06 -88.01 -21.32
N GLY Q 25 -69.47 -88.84 -22.18
CA GLY Q 25 -69.97 -90.19 -22.40
C GLY Q 25 -69.98 -91.01 -21.13
N GLU Q 26 -68.80 -91.13 -20.51
CA GLU Q 26 -68.61 -91.90 -19.29
C GLU Q 26 -69.63 -91.50 -18.22
N ARG Q 27 -69.88 -90.20 -18.11
CA ARG Q 27 -70.80 -89.66 -17.11
C ARG Q 27 -72.27 -89.90 -17.45
N CYS Q 28 -72.59 -90.05 -18.73
CA CYS Q 28 -73.93 -90.45 -19.14
C CYS Q 28 -74.19 -91.91 -18.78
N GLN Q 29 -73.20 -92.76 -19.00
CA GLN Q 29 -73.23 -94.16 -18.58
C GLN Q 29 -73.54 -94.26 -17.08
N LEU Q 30 -72.79 -93.52 -16.27
CA LEU Q 30 -72.91 -93.58 -14.82
C LEU Q 30 -74.26 -93.07 -14.30
N LEU Q 31 -74.93 -92.23 -15.09
CA LEU Q 31 -76.27 -91.74 -14.74
C LEU Q 31 -77.41 -92.61 -15.26
N GLY Q 32 -77.06 -93.68 -15.97
CA GLY Q 32 -78.04 -94.63 -16.51
C GLY Q 32 -78.72 -94.17 -17.79
N GLY Q 33 -78.10 -93.22 -18.49
CA GLY Q 33 -78.61 -92.74 -19.77
C GLY Q 33 -78.16 -93.64 -20.91
N LYS Q 34 -79.13 -94.13 -21.69
CA LYS Q 34 -78.85 -94.99 -22.84
C LYS Q 34 -78.91 -94.18 -24.14
N LYS Q 35 -79.76 -93.16 -24.14
CA LYS Q 35 -79.92 -92.30 -25.31
C LYS Q 35 -80.06 -90.83 -24.88
N ALA Q 36 -79.29 -89.97 -25.53
CA ALA Q 36 -79.18 -88.57 -25.11
C ALA Q 36 -79.89 -87.59 -26.04
N LEU Q 37 -80.53 -86.58 -25.44
CA LEU Q 37 -80.97 -85.41 -26.18
C LEU Q 37 -79.89 -84.33 -26.06
N LEU Q 38 -79.27 -84.01 -27.20
CA LEU Q 38 -78.25 -82.95 -27.30
C LEU Q 38 -78.95 -81.63 -27.59
N VAL Q 39 -78.92 -80.71 -26.63
CA VAL Q 39 -79.65 -79.44 -26.74
C VAL Q 39 -78.65 -78.31 -26.97
N THR Q 40 -78.76 -77.64 -28.11
CA THR Q 40 -77.72 -76.68 -28.53
C THR Q 40 -78.20 -75.59 -29.49
N ASP Q 41 -77.27 -74.69 -29.86
CA ASP Q 41 -77.52 -73.59 -30.78
C ASP Q 41 -77.31 -74.01 -32.22
N LYS Q 42 -77.89 -73.24 -33.14
CA LYS Q 42 -77.66 -73.38 -34.57
C LYS Q 42 -76.24 -72.97 -34.92
N GLY Q 43 -75.77 -71.90 -34.29
CA GLY Q 43 -74.41 -71.42 -34.46
C GLY Q 43 -73.38 -72.48 -34.12
N LEU Q 44 -73.51 -73.05 -32.92
CA LEU Q 44 -72.57 -74.05 -32.41
C LEU Q 44 -72.63 -75.41 -33.12
N ARG Q 45 -73.83 -75.80 -33.56
CA ARG Q 45 -74.03 -77.03 -34.32
C ARG Q 45 -73.56 -76.86 -35.76
N LYS Q 48 -69.59 -80.14 -38.28
CA LYS Q 48 -69.53 -78.82 -38.91
C LYS Q 48 -68.19 -78.12 -38.65
N ASP Q 49 -67.76 -78.11 -37.39
CA ASP Q 49 -66.57 -77.35 -36.97
C ASP Q 49 -65.74 -78.01 -35.87
N GLY Q 50 -66.39 -78.28 -34.73
CA GLY Q 50 -65.73 -78.86 -33.56
C GLY Q 50 -66.06 -78.13 -32.25
N ALA Q 51 -67.09 -78.60 -31.55
CA ALA Q 51 -67.58 -78.00 -30.29
C ALA Q 51 -68.77 -78.80 -29.70
N VAL Q 52 -69.78 -79.06 -30.53
CA VAL Q 52 -70.79 -80.07 -30.25
C VAL Q 52 -70.38 -81.39 -30.91
N ASP Q 53 -69.42 -81.31 -31.83
CA ASP Q 53 -68.83 -82.49 -32.46
C ASP Q 53 -67.95 -83.26 -31.47
N LYS Q 54 -67.20 -82.52 -30.65
CA LYS Q 54 -66.37 -83.12 -29.61
C LYS Q 54 -67.24 -83.90 -28.63
N THR Q 55 -68.27 -83.26 -28.11
CA THR Q 55 -69.20 -83.95 -27.21
C THR Q 55 -69.89 -85.12 -27.88
N LEU Q 56 -70.27 -84.95 -29.15
CA LEU Q 56 -70.83 -86.03 -29.97
C LEU Q 56 -69.90 -87.25 -30.06
N HIS Q 57 -68.62 -87.00 -30.32
CA HIS Q 57 -67.60 -88.05 -30.42
C HIS Q 57 -67.50 -88.91 -29.15
N TYR Q 58 -67.55 -88.27 -27.98
CA TYR Q 58 -67.41 -88.98 -26.72
C TYR Q 58 -68.69 -89.68 -26.27
N LEU Q 59 -69.84 -89.15 -26.68
CA LEU Q 59 -71.11 -89.83 -26.48
C LEU Q 59 -71.17 -91.13 -27.28
N ARG Q 60 -70.69 -91.07 -28.53
CA ARG Q 60 -70.61 -92.26 -29.38
C ARG Q 60 -69.63 -93.29 -28.86
N GLU Q 61 -68.47 -92.82 -28.41
CA GLU Q 61 -67.38 -93.68 -27.93
C GLU Q 61 -67.82 -94.49 -26.71
N ALA Q 62 -68.70 -93.90 -25.90
CA ALA Q 62 -69.20 -94.55 -24.69
C ALA Q 62 -70.52 -95.30 -24.92
N GLY Q 63 -70.91 -95.45 -26.19
CA GLY Q 63 -72.05 -96.29 -26.55
C GLY Q 63 -73.41 -95.64 -26.42
N ILE Q 64 -73.44 -94.36 -26.03
CA ILE Q 64 -74.68 -93.61 -25.94
C ILE Q 64 -75.09 -93.12 -27.32
N GLU Q 65 -76.27 -93.54 -27.78
CA GLU Q 65 -76.83 -93.03 -29.02
C GLU Q 65 -77.50 -91.69 -28.75
N VAL Q 66 -77.54 -90.82 -29.75
CA VAL Q 66 -77.93 -89.43 -29.53
C VAL Q 66 -78.95 -88.90 -30.55
N ALA Q 67 -79.86 -88.08 -30.04
CA ALA Q 67 -80.76 -87.29 -30.86
C ALA Q 67 -80.49 -85.83 -30.52
N ILE Q 68 -80.38 -84.99 -31.53
CA ILE Q 68 -79.96 -83.60 -31.29
C ILE Q 68 -81.09 -82.61 -31.56
N PHE Q 69 -81.21 -81.63 -30.66
CA PHE Q 69 -82.13 -80.50 -30.84
C PHE Q 69 -81.36 -79.19 -30.88
N ASP Q 70 -81.59 -78.41 -31.93
CA ASP Q 70 -80.82 -77.17 -32.15
C ASP Q 70 -81.69 -75.90 -32.22
N GLY Q 71 -83.00 -76.07 -32.04
CA GLY Q 71 -83.93 -74.96 -32.16
C GLY Q 71 -84.00 -74.07 -30.93
N VAL Q 72 -82.84 -73.79 -30.33
CA VAL Q 72 -82.76 -72.91 -29.17
C VAL Q 72 -82.39 -71.51 -29.63
N GLU Q 73 -83.23 -70.54 -29.27
CA GLU Q 73 -83.02 -69.13 -29.62
C GLU Q 73 -82.15 -68.43 -28.56
N PRO Q 74 -81.45 -67.35 -28.97
CA PRO Q 74 -80.90 -66.47 -27.93
C PRO Q 74 -82.11 -65.89 -27.19
N ASN Q 75 -82.13 -66.06 -25.87
CA ASN Q 75 -83.36 -65.90 -25.08
C ASN Q 75 -84.32 -67.06 -25.42
N PRO Q 76 -84.19 -68.19 -24.72
CA PRO Q 76 -84.96 -69.40 -25.01
C PRO Q 76 -86.43 -69.17 -24.81
N LYS Q 77 -87.21 -69.48 -25.84
CA LYS Q 77 -88.66 -69.32 -25.80
C LYS Q 77 -89.31 -70.54 -25.17
N ASP Q 78 -90.57 -70.40 -24.75
CA ASP Q 78 -91.32 -71.52 -24.22
C ASP Q 78 -91.62 -72.55 -25.32
N THR Q 79 -91.85 -72.06 -26.54
CA THR Q 79 -92.12 -72.93 -27.69
C THR Q 79 -90.92 -73.80 -28.01
N ASN Q 80 -89.72 -73.28 -27.73
CA ASN Q 80 -88.47 -74.04 -27.87
C ASN Q 80 -88.47 -75.30 -27.04
N VAL Q 81 -89.06 -75.21 -25.84
CA VAL Q 81 -89.21 -76.35 -24.95
C VAL Q 81 -90.18 -77.39 -25.53
N ARG Q 82 -91.33 -76.94 -26.03
CA ARG Q 82 -92.30 -77.82 -26.70
C ARG Q 82 -91.65 -78.62 -27.83
N ASP Q 83 -90.95 -77.91 -28.71
CA ASP Q 83 -90.25 -78.53 -29.84
C ASP Q 83 -89.16 -79.48 -29.37
N GLY Q 84 -88.51 -79.14 -28.25
CA GLY Q 84 -87.47 -79.99 -27.66
C GLY Q 84 -88.02 -81.22 -26.99
N LEU Q 85 -89.16 -81.06 -26.31
CA LEU Q 85 -89.86 -82.16 -25.66
C LEU Q 85 -90.42 -83.13 -26.70
N ALA Q 86 -90.86 -82.59 -27.83
CA ALA Q 86 -91.36 -83.37 -28.95
C ALA Q 86 -90.29 -84.31 -29.49
N VAL Q 87 -89.06 -83.80 -29.58
CA VAL Q 87 -87.91 -84.60 -29.98
C VAL Q 87 -87.49 -85.55 -28.86
N PHE Q 88 -87.63 -85.08 -27.62
CA PHE Q 88 -87.30 -85.88 -26.43
C PHE Q 88 -88.18 -87.14 -26.34
N ARG Q 89 -89.44 -87.03 -26.74
CA ARG Q 89 -90.40 -88.13 -26.60
C ARG Q 89 -90.39 -89.08 -27.79
N ARG Q 90 -90.45 -88.52 -29.00
CA ARG Q 90 -90.44 -89.29 -30.24
C ARG Q 90 -89.17 -90.14 -30.39
N GLU Q 91 -88.03 -89.57 -30.00
CA GLU Q 91 -86.73 -90.25 -30.11
C GLU Q 91 -86.39 -91.14 -28.91
N GLN Q 92 -87.26 -91.13 -27.90
CA GLN Q 92 -87.12 -91.95 -26.68
C GLN Q 92 -85.82 -91.67 -25.91
N CYS Q 93 -85.71 -90.47 -25.35
CA CYS Q 93 -84.48 -90.04 -24.70
C CYS Q 93 -84.46 -90.29 -23.18
N ASP Q 94 -83.29 -90.69 -22.71
CA ASP Q 94 -83.08 -91.15 -21.35
C ASP Q 94 -82.43 -90.05 -20.51
N ILE Q 95 -81.61 -89.24 -21.18
CA ILE Q 95 -80.75 -88.26 -20.53
C ILE Q 95 -80.71 -87.00 -21.40
N ILE Q 96 -80.33 -85.87 -20.82
CA ILE Q 96 -80.23 -84.61 -21.55
C ILE Q 96 -78.83 -84.02 -21.43
N VAL Q 97 -78.16 -83.85 -22.57
CA VAL Q 97 -76.84 -83.21 -22.63
C VAL Q 97 -76.97 -81.86 -23.31
N THR Q 98 -76.71 -80.80 -22.56
CA THR Q 98 -76.78 -79.44 -23.09
C THR Q 98 -75.37 -78.95 -23.40
N VAL Q 99 -75.18 -78.35 -24.57
CA VAL Q 99 -73.90 -77.76 -24.93
C VAL Q 99 -74.11 -76.37 -25.53
N GLY Q 100 -73.47 -75.38 -24.92
CA GLY Q 100 -73.58 -74.00 -25.33
C GLY Q 100 -73.44 -73.02 -24.19
N GLY Q 101 -73.94 -71.81 -24.38
CA GLY Q 101 -73.86 -70.77 -23.36
C GLY Q 101 -75.10 -70.82 -22.50
N GLY Q 102 -75.62 -69.66 -22.14
CA GLY Q 102 -76.80 -69.55 -21.29
C GLY Q 102 -78.05 -70.24 -21.82
N SER Q 103 -78.40 -69.94 -23.06
CA SER Q 103 -79.65 -70.42 -23.65
C SER Q 103 -79.85 -71.94 -23.65
N PRO Q 104 -78.92 -72.72 -24.27
CA PRO Q 104 -79.10 -74.17 -24.28
C PRO Q 104 -79.24 -74.80 -22.89
N HIS Q 105 -78.73 -74.13 -21.87
CA HIS Q 105 -78.86 -74.62 -20.49
C HIS Q 105 -80.24 -74.36 -19.91
N ASP Q 106 -80.78 -73.16 -20.11
CA ASP Q 106 -82.15 -72.84 -19.71
C ASP Q 106 -83.14 -73.73 -20.46
N CYS Q 107 -82.92 -73.89 -21.76
CA CYS Q 107 -83.79 -74.70 -22.60
C CYS Q 107 -83.74 -76.17 -22.19
N GLY Q 108 -82.54 -76.67 -21.95
CA GLY Q 108 -82.37 -78.04 -21.47
C GLY Q 108 -83.15 -78.32 -20.20
N LYS Q 109 -82.98 -77.44 -19.22
CA LYS Q 109 -83.67 -77.56 -17.93
C LYS Q 109 -85.18 -77.50 -18.10
N GLY Q 110 -85.65 -76.55 -18.91
CA GLY Q 110 -87.06 -76.44 -19.27
C GLY Q 110 -87.63 -77.73 -19.82
N ILE Q 111 -86.92 -78.34 -20.77
CA ILE Q 111 -87.31 -79.66 -21.30
C ILE Q 111 -87.38 -80.66 -20.17
N GLY Q 112 -86.31 -80.74 -19.38
CA GLY Q 112 -86.28 -81.60 -18.19
C GLY Q 112 -87.50 -81.45 -17.30
N ILE Q 113 -87.89 -80.20 -17.05
CA ILE Q 113 -89.09 -79.90 -16.27
C ILE Q 113 -90.33 -80.40 -16.99
N ALA Q 114 -90.55 -79.94 -18.23
CA ALA Q 114 -91.74 -80.26 -19.01
C ALA Q 114 -91.95 -81.77 -19.24
N ALA Q 115 -90.86 -82.54 -19.16
CA ALA Q 115 -90.91 -84.00 -19.36
C ALA Q 115 -91.32 -84.77 -18.10
N THR Q 116 -91.32 -84.11 -16.95
CA THR Q 116 -91.54 -84.79 -15.68
C THR Q 116 -92.66 -84.16 -14.85
N HIS Q 117 -93.20 -83.05 -15.33
CA HIS Q 117 -94.26 -82.31 -14.65
C HIS Q 117 -95.41 -82.02 -15.60
N GLU Q 118 -96.64 -82.15 -15.08
CA GLU Q 118 -97.86 -82.13 -15.88
C GLU Q 118 -97.97 -80.97 -16.88
N GLY Q 119 -98.43 -81.32 -18.07
CA GLY Q 119 -98.38 -80.49 -19.28
C GLY Q 119 -98.68 -79.00 -19.24
N ASP Q 120 -97.74 -78.23 -18.70
CA ASP Q 120 -97.58 -76.81 -19.04
C ASP Q 120 -96.43 -76.16 -18.28
N LEU Q 121 -95.77 -75.24 -18.98
CA LEU Q 121 -94.46 -74.69 -18.59
C LEU Q 121 -94.56 -73.52 -17.62
N TYR Q 122 -95.20 -72.44 -18.08
CA TYR Q 122 -95.27 -71.17 -17.37
C TYR Q 122 -95.88 -71.26 -15.97
N GLN Q 123 -96.78 -72.23 -15.78
CA GLN Q 123 -97.47 -72.45 -14.52
C GLN Q 123 -96.56 -72.74 -13.32
N TYR Q 124 -95.33 -73.19 -13.60
CA TYR Q 124 -94.38 -73.58 -12.56
C TYR Q 124 -93.41 -72.49 -12.11
N ALA Q 125 -93.63 -71.26 -12.55
CA ALA Q 125 -92.78 -70.12 -12.18
C ALA Q 125 -92.85 -69.82 -10.67
N GLY Q 126 -91.72 -69.38 -10.11
CA GLY Q 126 -91.62 -69.09 -8.68
C GLY Q 126 -90.58 -69.96 -8.00
N ILE Q 127 -90.64 -70.02 -6.66
CA ILE Q 127 -89.66 -70.78 -5.87
C ILE Q 127 -89.85 -72.31 -5.99
N GLU Q 128 -89.87 -73.03 -4.87
CA GLU Q 128 -89.81 -74.50 -4.94
C GLU Q 128 -91.12 -75.14 -5.40
N THR Q 129 -91.36 -75.06 -6.70
CA THR Q 129 -92.63 -75.46 -7.31
C THR Q 129 -92.54 -76.83 -7.97
N LEU Q 130 -91.35 -77.42 -7.98
CA LEU Q 130 -91.10 -78.69 -8.64
C LEU Q 130 -91.12 -79.87 -7.67
N THR Q 131 -91.88 -80.90 -8.04
CA THR Q 131 -92.14 -82.04 -7.14
C THR Q 131 -91.33 -83.28 -7.52
N ASN Q 132 -90.92 -83.36 -8.78
CA ASN Q 132 -90.36 -84.59 -9.35
C ASN Q 132 -88.97 -84.38 -9.94
N PRO Q 133 -88.11 -85.42 -9.87
CA PRO Q 133 -86.76 -85.27 -10.41
C PRO Q 133 -86.79 -85.22 -11.93
N LEU Q 134 -85.98 -84.34 -12.51
CA LEU Q 134 -85.87 -84.23 -13.97
C LEU Q 134 -85.07 -85.42 -14.48
N PRO Q 135 -85.08 -85.66 -15.82
CA PRO Q 135 -84.14 -86.65 -16.33
C PRO Q 135 -82.73 -86.15 -16.04
N PRO Q 136 -81.76 -87.06 -15.87
CA PRO Q 136 -80.40 -86.57 -15.60
C PRO Q 136 -79.97 -85.52 -16.63
N ILE Q 137 -79.31 -84.45 -16.16
CA ILE Q 137 -78.81 -83.41 -17.07
C ILE Q 137 -77.30 -83.24 -16.95
N VAL Q 138 -76.59 -83.45 -18.05
CA VAL Q 138 -75.17 -83.18 -18.13
C VAL Q 138 -74.95 -81.91 -18.92
N ALA Q 139 -74.56 -80.83 -18.24
CA ALA Q 139 -74.43 -79.53 -18.87
C ALA Q 139 -72.97 -79.21 -19.19
N VAL Q 140 -72.65 -79.11 -20.48
CA VAL Q 140 -71.31 -78.70 -20.91
C VAL Q 140 -71.29 -77.24 -21.36
N ASN Q 141 -70.65 -76.42 -20.52
CA ASN Q 141 -70.61 -74.97 -20.67
C ASN Q 141 -69.57 -74.53 -21.71
N THR Q 142 -69.89 -73.44 -22.42
CA THR Q 142 -69.08 -73.00 -23.56
C THR Q 142 -68.65 -71.52 -23.45
N THR Q 143 -69.20 -70.83 -22.45
CA THR Q 143 -68.97 -69.40 -22.29
C THR Q 143 -68.53 -69.08 -20.85
N ALA Q 144 -67.49 -68.27 -20.72
CA ALA Q 144 -67.03 -67.85 -19.39
C ALA Q 144 -67.86 -66.66 -18.95
N GLY Q 145 -69.15 -66.91 -18.77
CA GLY Q 145 -70.12 -65.86 -18.53
C GLY Q 145 -71.24 -66.17 -17.56
N THR Q 146 -72.22 -66.97 -18.00
CA THR Q 146 -73.52 -67.07 -17.28
C THR Q 146 -73.50 -67.99 -16.07
N ALA Q 147 -72.75 -69.09 -16.18
CA ALA Q 147 -72.72 -70.14 -15.17
C ALA Q 147 -74.07 -70.83 -14.95
N SER Q 148 -74.91 -70.82 -15.99
CA SER Q 148 -76.19 -71.52 -15.92
C SER Q 148 -76.06 -73.03 -15.71
N GLU Q 149 -74.90 -73.57 -16.07
CA GLU Q 149 -74.61 -75.00 -15.89
C GLU Q 149 -74.48 -75.39 -14.41
N VAL Q 150 -74.54 -74.41 -13.52
CA VAL Q 150 -74.25 -74.62 -12.12
C VAL Q 150 -75.36 -74.04 -11.23
N THR Q 151 -76.49 -73.74 -11.86
CA THR Q 151 -77.51 -72.84 -11.33
C THR Q 151 -78.86 -73.54 -11.08
N ARG Q 152 -79.60 -73.04 -10.08
CA ARG Q 152 -80.91 -73.56 -9.70
C ARG Q 152 -82.06 -72.93 -10.50
N HIS Q 153 -81.73 -71.89 -11.28
CA HIS Q 153 -82.73 -71.14 -12.02
C HIS Q 153 -82.90 -71.66 -13.44
N CYS Q 154 -84.14 -71.57 -13.92
CA CYS Q 154 -84.49 -71.81 -15.30
C CYS Q 154 -85.36 -70.65 -15.75
N VAL Q 155 -84.92 -69.97 -16.81
CA VAL Q 155 -85.55 -68.74 -17.27
C VAL Q 155 -85.88 -68.80 -18.77
N LEU Q 156 -87.17 -68.81 -19.08
CA LEU Q 156 -87.66 -68.80 -20.46
C LEU Q 156 -88.56 -67.59 -20.72
N THR Q 157 -88.66 -67.19 -21.99
CA THR Q 157 -89.58 -66.15 -22.41
C THR Q 157 -90.95 -66.75 -22.71
N ASN Q 158 -92.00 -66.10 -22.21
CA ASN Q 158 -93.36 -66.47 -22.53
C ASN Q 158 -93.74 -65.83 -23.85
N THR Q 159 -93.80 -66.64 -24.91
CA THR Q 159 -94.11 -66.16 -26.27
C THR Q 159 -95.46 -65.45 -26.37
N GLU Q 160 -96.43 -65.92 -25.59
CA GLU Q 160 -97.78 -65.37 -25.59
C GLU Q 160 -97.86 -63.98 -24.96
N THR Q 161 -97.07 -63.74 -23.90
CA THR Q 161 -97.05 -62.45 -23.21
C THR Q 161 -95.85 -61.57 -23.59
N LYS Q 162 -94.74 -62.23 -23.95
CA LYS Q 162 -93.44 -61.60 -24.27
C LYS Q 162 -92.52 -61.38 -23.06
N VAL Q 163 -93.06 -61.56 -21.85
CA VAL Q 163 -92.32 -61.35 -20.62
C VAL Q 163 -91.68 -62.65 -20.09
N LYS Q 164 -90.47 -62.52 -19.53
CA LYS Q 164 -89.71 -63.66 -19.02
C LYS Q 164 -90.27 -64.19 -17.70
N PHE Q 165 -90.16 -65.50 -17.50
CA PHE Q 165 -90.51 -66.12 -16.21
C PHE Q 165 -89.38 -67.00 -15.68
N VAL Q 166 -89.34 -67.17 -14.36
CA VAL Q 166 -88.26 -67.92 -13.71
C VAL Q 166 -88.81 -69.05 -12.83
N ILE Q 167 -88.26 -70.25 -13.02
CA ILE Q 167 -88.51 -71.40 -12.15
C ILE Q 167 -87.26 -71.66 -11.30
N VAL Q 168 -87.38 -71.45 -9.99
CA VAL Q 168 -86.26 -71.58 -9.06
C VAL Q 168 -86.40 -72.84 -8.21
N SER Q 169 -85.49 -73.81 -8.39
CA SER Q 169 -85.58 -75.10 -7.70
C SER Q 169 -84.25 -75.86 -7.62
N TRP Q 170 -84.01 -76.52 -6.49
CA TRP Q 170 -82.88 -77.44 -6.33
C TRP Q 170 -82.90 -78.57 -7.36
N ARG Q 171 -84.08 -78.80 -7.92
CA ARG Q 171 -84.24 -79.85 -8.93
C ARG Q 171 -83.77 -79.40 -10.32
N ASN Q 172 -83.42 -78.13 -10.47
CA ASN Q 172 -82.86 -77.60 -11.71
C ASN Q 172 -81.34 -77.72 -11.80
N LEU Q 173 -80.69 -78.04 -10.68
CA LEU Q 173 -79.26 -78.35 -10.67
C LEU Q 173 -78.95 -79.50 -11.64
N PRO Q 174 -78.07 -79.26 -12.64
CA PRO Q 174 -77.67 -80.40 -13.46
C PRO Q 174 -76.98 -81.47 -12.62
N SER Q 175 -77.06 -82.71 -13.07
CA SER Q 175 -76.42 -83.83 -12.40
C SER Q 175 -74.91 -83.63 -12.42
N VAL Q 176 -74.41 -83.19 -13.58
CA VAL Q 176 -72.98 -83.04 -13.84
C VAL Q 176 -72.75 -81.77 -14.66
N SER Q 177 -71.78 -80.95 -14.23
CA SER Q 177 -71.37 -79.80 -15.03
C SER Q 177 -69.99 -79.99 -15.63
N ILE Q 178 -69.80 -79.44 -16.82
CA ILE Q 178 -68.54 -79.55 -17.54
C ILE Q 178 -68.08 -78.16 -18.02
N ASN Q 179 -66.87 -77.77 -17.63
CA ASN Q 179 -66.30 -76.50 -18.02
C ASN Q 179 -64.91 -76.65 -18.61
N ASP Q 180 -64.88 -76.94 -19.91
CA ASP Q 180 -63.65 -77.21 -20.64
C ASP Q 180 -63.25 -75.97 -21.45
N PRO Q 181 -62.20 -75.25 -21.00
CA PRO Q 181 -61.72 -74.04 -21.67
C PRO Q 181 -61.30 -74.22 -23.13
N LEU Q 182 -60.93 -75.44 -23.52
CA LEU Q 182 -60.58 -75.74 -24.91
C LEU Q 182 -61.76 -75.49 -25.86
N LEU Q 183 -62.97 -75.45 -25.30
CA LEU Q 183 -64.20 -75.26 -26.08
C LEU Q 183 -64.58 -73.78 -26.21
N MET Q 184 -63.82 -72.91 -25.57
CA MET Q 184 -64.13 -71.48 -25.51
C MET Q 184 -63.16 -70.64 -26.34
N ILE Q 185 -62.12 -71.27 -26.87
CA ILE Q 185 -61.03 -70.59 -27.58
C ILE Q 185 -61.52 -69.72 -28.75
N GLY Q 186 -62.61 -70.14 -29.39
CA GLY Q 186 -63.10 -69.49 -30.62
C GLY Q 186 -63.95 -68.25 -30.43
N LYS Q 187 -64.20 -67.87 -29.18
CA LYS Q 187 -65.00 -66.68 -28.87
C LYS Q 187 -64.35 -65.39 -29.35
N PRO Q 188 -65.08 -64.57 -30.12
CA PRO Q 188 -64.57 -63.26 -30.56
C PRO Q 188 -64.31 -62.34 -29.37
N ALA Q 189 -63.34 -61.43 -29.50
CA ALA Q 189 -62.91 -60.55 -28.41
C ALA Q 189 -64.07 -59.86 -27.68
N ALA Q 190 -65.02 -59.31 -28.44
CA ALA Q 190 -66.17 -58.59 -27.87
C ALA Q 190 -67.06 -59.51 -27.04
N LEU Q 191 -67.24 -60.74 -27.51
CA LEU Q 191 -68.01 -61.76 -26.78
C LEU Q 191 -67.33 -62.12 -25.48
N THR Q 192 -66.00 -62.29 -25.50
CA THR Q 192 -65.30 -62.70 -24.28
C THR Q 192 -65.21 -61.55 -23.27
N ALA Q 193 -65.15 -60.31 -23.78
CA ALA Q 193 -65.21 -59.13 -22.92
C ALA Q 193 -66.56 -59.07 -22.18
N ALA Q 194 -67.65 -59.17 -22.93
CA ALA Q 194 -69.00 -59.08 -22.40
C ALA Q 194 -69.33 -60.18 -21.40
N THR Q 195 -69.00 -61.43 -21.75
CA THR Q 195 -69.23 -62.56 -20.86
C THR Q 195 -68.37 -62.46 -19.59
N GLY Q 196 -67.16 -61.91 -19.75
CA GLY Q 196 -66.25 -61.71 -18.64
C GLY Q 196 -66.78 -60.69 -17.65
N MET Q 197 -67.29 -59.57 -18.18
CA MET Q 197 -67.93 -58.54 -17.36
C MET Q 197 -69.17 -59.08 -16.66
N ASP Q 198 -69.92 -59.91 -17.39
CA ASP Q 198 -71.06 -60.62 -16.82
C ASP Q 198 -70.64 -61.49 -15.62
N ALA Q 199 -69.48 -62.15 -15.74
CA ALA Q 199 -68.94 -62.96 -14.64
C ALA Q 199 -68.45 -62.10 -13.49
N LEU Q 200 -67.81 -60.97 -13.81
CA LEU Q 200 -67.36 -60.04 -12.78
C LEU Q 200 -68.58 -59.51 -12.02
N THR Q 201 -69.62 -59.15 -12.76
CA THR Q 201 -70.88 -58.69 -12.15
C THR Q 201 -71.45 -59.74 -11.20
N HIS Q 202 -71.52 -61.00 -11.64
CA HIS Q 202 -72.00 -62.06 -10.77
C HIS Q 202 -71.22 -62.02 -9.48
N ALA Q 203 -69.89 -61.92 -9.61
CA ALA Q 203 -69.00 -61.93 -8.48
C ALA Q 203 -69.19 -60.77 -7.50
N VAL Q 204 -69.21 -59.52 -7.99
CA VAL Q 204 -69.31 -58.37 -7.08
C VAL Q 204 -70.71 -58.25 -6.46
N GLU Q 205 -71.75 -58.51 -7.22
CA GLU Q 205 -73.10 -58.41 -6.68
C GLU Q 205 -73.29 -59.44 -5.55
N ALA Q 206 -72.80 -60.66 -5.79
CA ALA Q 206 -72.85 -61.72 -4.78
C ALA Q 206 -72.04 -61.38 -3.53
N TYR Q 207 -70.88 -60.74 -3.72
CA TYR Q 207 -70.03 -60.38 -2.59
C TYR Q 207 -70.71 -59.35 -1.67
N ILE Q 208 -71.39 -58.39 -2.27
CA ILE Q 208 -72.00 -57.28 -1.52
C ILE Q 208 -73.50 -57.50 -1.23
N SER Q 209 -74.05 -58.60 -1.69
CA SER Q 209 -75.46 -58.94 -1.47
C SER Q 209 -75.83 -59.03 0.00
N LYS Q 210 -77.11 -58.76 0.29
CA LYS Q 210 -77.64 -58.91 1.65
C LYS Q 210 -77.59 -60.37 2.11
N ASP Q 211 -77.56 -61.29 1.15
CA ASP Q 211 -77.57 -62.73 1.41
C ASP Q 211 -76.17 -63.34 1.33
N ALA Q 212 -75.15 -62.50 1.27
CA ALA Q 212 -73.76 -62.94 1.25
C ALA Q 212 -73.36 -63.59 2.57
N ASN Q 213 -72.44 -64.53 2.51
CA ASN Q 213 -71.85 -65.15 3.70
C ASN Q 213 -70.41 -65.59 3.43
N PRO Q 214 -69.65 -65.98 4.47
CA PRO Q 214 -68.26 -66.41 4.28
C PRO Q 214 -68.04 -67.56 3.30
N VAL Q 215 -68.96 -68.52 3.24
CA VAL Q 215 -68.86 -69.64 2.27
C VAL Q 215 -69.03 -69.12 0.84
N THR Q 216 -70.05 -68.29 0.68
CA THR Q 216 -70.37 -67.62 -0.58
C THR Q 216 -69.24 -66.70 -1.03
N ASP Q 217 -68.63 -65.99 -0.08
CA ASP Q 217 -67.59 -65.00 -0.36
C ASP Q 217 -66.30 -65.66 -0.81
N ALA Q 218 -66.06 -66.89 -0.38
CA ALA Q 218 -64.90 -67.65 -0.85
C ALA Q 218 -64.89 -67.69 -2.38
N ALA Q 219 -66.02 -68.03 -2.97
CA ALA Q 219 -66.12 -68.14 -4.43
C ALA Q 219 -66.03 -66.78 -5.13
N ALA Q 220 -66.78 -65.79 -4.63
CA ALA Q 220 -66.79 -64.46 -5.22
C ALA Q 220 -65.42 -63.75 -5.18
N MET Q 221 -64.74 -63.81 -4.04
CA MET Q 221 -63.44 -63.14 -3.89
C MET Q 221 -62.43 -63.69 -4.91
N GLN Q 222 -62.36 -65.02 -5.01
CA GLN Q 222 -61.47 -65.68 -5.97
C GLN Q 222 -61.81 -65.38 -7.43
N ALA Q 223 -63.09 -65.19 -7.73
CA ALA Q 223 -63.54 -64.90 -9.08
C ALA Q 223 -63.16 -63.48 -9.52
N ILE Q 224 -63.34 -62.51 -8.61
CA ILE Q 224 -62.92 -61.13 -8.85
C ILE Q 224 -61.40 -61.08 -9.08
N ARG Q 225 -60.67 -61.79 -8.24
CA ARG Q 225 -59.21 -61.86 -8.34
C ARG Q 225 -58.81 -62.48 -9.68
N LEU Q 226 -59.50 -63.53 -10.09
CA LEU Q 226 -59.18 -64.22 -11.33
C LEU Q 226 -59.43 -63.34 -12.54
N ILE Q 227 -60.53 -62.60 -12.50
CA ILE Q 227 -60.96 -61.74 -13.61
C ILE Q 227 -60.01 -60.55 -13.78
N ALA Q 228 -59.65 -59.92 -12.66
CA ALA Q 228 -58.70 -58.83 -12.66
C ALA Q 228 -57.37 -59.22 -13.33
N ARG Q 229 -56.92 -60.45 -13.10
CA ARG Q 229 -55.62 -60.93 -13.58
C ARG Q 229 -55.69 -61.66 -14.93
N ASN Q 230 -56.88 -61.83 -15.51
CA ASN Q 230 -57.02 -62.64 -16.72
C ASN Q 230 -57.93 -62.16 -17.87
N LEU Q 231 -58.90 -61.30 -17.58
CA LEU Q 231 -59.86 -60.87 -18.60
C LEU Q 231 -59.22 -60.07 -19.74
N ARG Q 232 -58.40 -59.08 -19.39
CA ARG Q 232 -57.69 -58.30 -20.39
C ARG Q 232 -56.90 -59.23 -21.32
N GLN Q 233 -56.21 -60.19 -20.72
CA GLN Q 233 -55.40 -61.16 -21.46
C GLN Q 233 -56.25 -62.03 -22.36
N ALA Q 234 -57.44 -62.37 -21.89
CA ALA Q 234 -58.38 -63.20 -22.64
C ALA Q 234 -58.95 -62.49 -23.87
N VAL Q 235 -59.35 -61.23 -23.71
CA VAL Q 235 -59.90 -60.50 -24.85
C VAL Q 235 -58.82 -60.11 -25.85
N ALA Q 236 -57.60 -59.90 -25.35
CA ALA Q 236 -56.47 -59.54 -26.21
C ALA Q 236 -56.11 -60.67 -27.17
N LEU Q 237 -56.13 -61.90 -26.67
CA LEU Q 237 -55.79 -63.08 -27.46
C LEU Q 237 -56.62 -64.28 -27.03
N GLY Q 238 -57.56 -64.67 -27.88
CA GLY Q 238 -58.46 -65.79 -27.59
C GLY Q 238 -57.76 -67.13 -27.47
N SER Q 239 -56.69 -67.32 -28.23
CA SER Q 239 -55.93 -68.57 -28.20
C SER Q 239 -55.05 -68.74 -26.97
N ASN Q 240 -55.03 -67.74 -26.09
CA ASN Q 240 -54.30 -67.82 -24.82
C ASN Q 240 -54.97 -68.80 -23.85
N LEU Q 241 -54.43 -70.00 -23.74
CA LEU Q 241 -55.03 -71.08 -22.96
C LEU Q 241 -55.09 -70.78 -21.47
N GLN Q 242 -53.98 -70.28 -20.91
CA GLN Q 242 -53.94 -69.92 -19.50
C GLN Q 242 -55.04 -68.92 -19.13
N ALA Q 243 -55.20 -67.87 -19.95
CA ALA Q 243 -56.20 -66.84 -19.71
C ALA Q 243 -57.62 -67.38 -19.85
N ARG Q 244 -57.80 -68.35 -20.74
CA ARG Q 244 -59.11 -68.95 -20.96
C ARG Q 244 -59.43 -69.89 -19.79
N GLU Q 245 -58.43 -70.65 -19.35
CA GLU Q 245 -58.57 -71.51 -18.16
C GLU Q 245 -59.07 -70.71 -16.96
N TYR Q 246 -58.37 -69.63 -16.64
CA TYR Q 246 -58.65 -68.86 -15.44
C TYR Q 246 -59.99 -68.12 -15.51
N MET Q 247 -60.38 -67.71 -16.72
CA MET Q 247 -61.69 -67.10 -16.92
C MET Q 247 -62.80 -68.11 -16.75
N ALA Q 248 -62.58 -69.32 -17.26
CA ALA Q 248 -63.52 -70.41 -17.11
C ALA Q 248 -63.74 -70.76 -15.63
N TYR Q 249 -62.66 -70.79 -14.85
CA TYR Q 249 -62.76 -71.05 -13.42
C TYR Q 249 -63.42 -69.90 -12.68
N ALA Q 250 -63.13 -68.67 -13.09
CA ALA Q 250 -63.73 -67.49 -12.50
C ALA Q 250 -65.24 -67.53 -12.66
N SER Q 251 -65.69 -67.78 -13.89
CA SER Q 251 -67.11 -67.82 -14.21
C SER Q 251 -67.84 -68.88 -13.43
N LEU Q 252 -67.23 -70.05 -13.30
CA LEU Q 252 -67.78 -71.12 -12.50
C LEU Q 252 -67.88 -70.69 -11.04
N LEU Q 253 -66.82 -70.12 -10.49
CA LEU Q 253 -66.84 -69.67 -9.10
C LEU Q 253 -67.93 -68.63 -8.84
N ALA Q 254 -68.05 -67.66 -9.74
CA ALA Q 254 -69.07 -66.61 -9.64
C ALA Q 254 -70.50 -67.17 -9.71
N GLY Q 255 -70.68 -68.27 -10.44
CA GLY Q 255 -71.93 -69.01 -10.40
C GLY Q 255 -72.17 -69.63 -9.03
N MET Q 256 -71.18 -70.34 -8.51
CA MET Q 256 -71.29 -70.91 -7.17
C MET Q 256 -71.62 -69.84 -6.12
N ALA Q 257 -71.13 -68.63 -6.35
CA ALA Q 257 -71.45 -67.50 -5.49
C ALA Q 257 -72.86 -67.00 -5.71
N PHE Q 258 -73.16 -66.50 -6.92
CA PHE Q 258 -74.44 -65.82 -7.18
C PHE Q 258 -75.66 -66.74 -7.07
N ASN Q 259 -75.47 -68.00 -7.45
CA ASN Q 259 -76.51 -69.01 -7.26
C ASN Q 259 -77.07 -69.02 -5.83
N ASN Q 260 -76.26 -68.55 -4.88
CA ASN Q 260 -76.53 -68.75 -3.46
C ASN Q 260 -76.55 -67.48 -2.61
N ALA Q 261 -75.95 -66.41 -3.11
CA ALA Q 261 -76.01 -65.13 -2.44
C ALA Q 261 -76.90 -64.15 -3.21
N ASN Q 262 -77.34 -64.56 -4.40
CA ASN Q 262 -78.18 -63.74 -5.31
C ASN Q 262 -77.40 -62.54 -5.86
N LEU Q 263 -78.09 -61.67 -6.60
CA LEU Q 263 -77.43 -60.54 -7.28
C LEU Q 263 -77.84 -59.19 -6.72
N GLY Q 264 -78.15 -58.24 -7.59
CA GLY Q 264 -78.55 -56.90 -7.15
C GLY Q 264 -79.05 -55.97 -8.25
N TYR Q 265 -78.92 -54.68 -8.01
CA TYR Q 265 -79.46 -53.64 -8.90
C TYR Q 265 -78.87 -53.64 -10.31
N VAL Q 266 -77.61 -54.08 -10.45
CA VAL Q 266 -77.00 -54.18 -11.77
C VAL Q 266 -77.88 -55.08 -12.65
N HIS Q 267 -78.11 -56.30 -12.20
CA HIS Q 267 -78.89 -57.28 -12.95
C HIS Q 267 -80.34 -56.88 -13.15
N ALA Q 268 -80.93 -56.25 -12.13
CA ALA Q 268 -82.30 -55.77 -12.21
C ALA Q 268 -82.45 -54.68 -13.25
N MET Q 269 -81.41 -53.89 -13.44
CA MET Q 269 -81.38 -52.85 -14.47
C MET Q 269 -80.93 -53.41 -15.81
N ALA Q 270 -80.07 -54.43 -15.78
CA ALA Q 270 -79.55 -55.03 -17.00
C ALA Q 270 -80.64 -55.76 -17.76
N HIS Q 271 -81.59 -56.35 -17.04
CA HIS Q 271 -82.68 -57.08 -17.65
C HIS Q 271 -83.65 -56.16 -18.38
N GLN Q 272 -83.79 -54.93 -17.89
CA GLN Q 272 -84.68 -53.95 -18.50
C GLN Q 272 -84.12 -53.44 -19.82
N LEU Q 273 -82.81 -53.25 -19.88
CA LEU Q 273 -82.13 -52.88 -21.14
C LEU Q 273 -82.26 -53.99 -22.18
N GLY Q 274 -82.27 -55.24 -21.71
CA GLY Q 274 -82.57 -56.39 -22.56
C GLY Q 274 -84.06 -56.55 -22.85
N GLY Q 275 -84.88 -55.93 -22.01
CA GLY Q 275 -86.33 -55.98 -22.17
C GLY Q 275 -86.84 -55.10 -23.28
N LEU Q 276 -86.17 -53.96 -23.51
CA LEU Q 276 -86.57 -53.00 -24.52
C LEU Q 276 -85.75 -53.06 -25.80
N TYR Q 277 -84.43 -52.87 -25.67
CA TYR Q 277 -83.54 -52.85 -26.84
C TYR Q 277 -82.87 -54.20 -27.08
N ASP Q 278 -83.26 -55.19 -26.26
CA ASP Q 278 -82.54 -56.47 -26.13
C ASP Q 278 -81.05 -56.33 -26.41
N MET Q 279 -80.40 -55.59 -25.51
CA MET Q 279 -78.96 -55.47 -25.45
C MET Q 279 -78.42 -56.81 -24.98
N PRO Q 280 -77.28 -57.25 -25.55
CA PRO Q 280 -76.67 -58.47 -25.00
C PRO Q 280 -76.48 -58.34 -23.49
N HIS Q 281 -76.95 -59.34 -22.75
CA HIS Q 281 -76.92 -59.33 -21.29
C HIS Q 281 -75.56 -58.89 -20.71
N GLY Q 282 -74.48 -59.40 -21.28
CA GLY Q 282 -73.13 -59.10 -20.83
C GLY Q 282 -72.76 -57.63 -20.87
N VAL Q 283 -73.00 -56.99 -22.02
CA VAL Q 283 -72.65 -55.56 -22.19
C VAL Q 283 -73.55 -54.67 -21.32
N ALA Q 284 -74.83 -55.01 -21.19
CA ALA Q 284 -75.74 -54.30 -20.28
C ALA Q 284 -75.19 -54.25 -18.85
N ASN Q 285 -74.91 -55.42 -18.26
CA ASN Q 285 -74.25 -55.49 -16.95
C ASN Q 285 -72.97 -54.64 -16.93
N ALA Q 286 -72.11 -54.85 -17.93
CA ALA Q 286 -70.82 -54.18 -18.04
C ALA Q 286 -70.89 -52.65 -17.95
N VAL Q 287 -71.81 -52.04 -18.70
CA VAL Q 287 -71.89 -50.58 -18.74
C VAL Q 287 -72.50 -50.02 -17.45
N LEU Q 288 -73.26 -50.85 -16.75
CA LEU Q 288 -73.94 -50.48 -15.51
C LEU Q 288 -73.08 -50.64 -14.27
N LEU Q 289 -72.21 -51.66 -14.27
CA LEU Q 289 -71.45 -52.08 -13.09
C LEU Q 289 -70.87 -50.93 -12.24
N PRO Q 290 -69.99 -50.08 -12.82
CA PRO Q 290 -69.30 -49.09 -11.99
C PRO Q 290 -70.26 -48.08 -11.39
N HIS Q 291 -71.29 -47.72 -12.14
CA HIS Q 291 -72.29 -46.74 -11.69
C HIS Q 291 -73.16 -47.29 -10.56
N VAL Q 292 -73.68 -48.50 -10.72
CA VAL Q 292 -74.44 -49.14 -9.67
C VAL Q 292 -73.53 -49.43 -8.47
N ALA Q 293 -72.27 -49.76 -8.74
CA ALA Q 293 -71.29 -50.00 -7.68
C ALA Q 293 -71.08 -48.76 -6.79
N ARG Q 294 -70.89 -47.59 -7.41
CA ARG Q 294 -70.75 -46.33 -6.66
C ARG Q 294 -71.98 -46.04 -5.78
N TYR Q 295 -73.16 -46.30 -6.32
CA TYR Q 295 -74.40 -46.13 -5.59
C TYR Q 295 -74.52 -47.10 -4.41
N ASN Q 296 -74.02 -48.33 -4.58
CA ASN Q 296 -74.02 -49.35 -3.53
C ASN Q 296 -72.95 -49.18 -2.45
N LEU Q 297 -71.96 -48.33 -2.75
CA LEU Q 297 -70.75 -48.20 -1.92
C LEU Q 297 -71.03 -47.93 -0.45
N ILE Q 298 -71.95 -47.00 -0.18
CA ILE Q 298 -72.27 -46.58 1.19
C ILE Q 298 -72.88 -47.70 2.02
N ALA Q 299 -73.47 -48.69 1.35
CA ALA Q 299 -73.99 -49.88 2.02
C ALA Q 299 -72.87 -50.70 2.68
N ASN Q 300 -71.72 -50.81 2.02
CA ASN Q 300 -70.59 -51.58 2.56
C ASN Q 300 -69.22 -51.13 2.05
N PRO Q 301 -68.70 -49.99 2.56
CA PRO Q 301 -67.40 -49.50 2.07
C PRO Q 301 -66.27 -50.51 2.25
N GLU Q 302 -66.29 -51.22 3.39
CA GLU Q 302 -65.23 -52.19 3.73
C GLU Q 302 -65.07 -53.29 2.70
N LYS Q 303 -66.19 -53.81 2.20
CA LYS Q 303 -66.18 -54.82 1.15
C LYS Q 303 -65.72 -54.28 -0.20
N PHE Q 304 -66.11 -53.04 -0.51
CA PHE Q 304 -65.59 -52.39 -1.73
C PHE Q 304 -64.08 -52.17 -1.63
N ALA Q 305 -63.61 -51.81 -0.44
CA ALA Q 305 -62.17 -51.72 -0.20
C ALA Q 305 -61.49 -53.07 -0.47
N ASP Q 306 -62.13 -54.16 -0.08
CA ASP Q 306 -61.63 -55.51 -0.41
C ASP Q 306 -61.57 -55.70 -1.91
N ILE Q 307 -62.61 -55.27 -2.60
CA ILE Q 307 -62.64 -55.35 -4.06
C ILE Q 307 -61.40 -54.69 -4.69
N ALA Q 308 -61.08 -53.46 -4.28
CA ALA Q 308 -59.90 -52.79 -4.84
C ALA Q 308 -58.65 -53.66 -4.69
N GLU Q 309 -58.46 -54.21 -3.49
CA GLU Q 309 -57.32 -55.08 -3.22
C GLU Q 309 -57.35 -56.33 -4.10
N LEU Q 310 -58.50 -57.01 -4.12
CA LEU Q 310 -58.71 -58.19 -4.95
C LEU Q 310 -58.34 -57.94 -6.42
N MET Q 311 -58.55 -56.70 -6.86
CA MET Q 311 -58.33 -56.33 -8.25
C MET Q 311 -56.91 -55.82 -8.51
N GLY Q 312 -56.08 -55.81 -7.47
CA GLY Q 312 -54.67 -55.48 -7.62
C GLY Q 312 -54.24 -54.06 -7.29
N GLU Q 313 -55.15 -53.29 -6.70
CA GLU Q 313 -54.85 -51.89 -6.34
C GLU Q 313 -54.04 -51.81 -5.04
N ASN Q 314 -53.21 -50.78 -4.93
CA ASN Q 314 -52.45 -50.51 -3.73
C ASN Q 314 -53.29 -49.69 -2.76
N ILE Q 315 -53.63 -50.31 -1.63
CA ILE Q 315 -54.61 -49.78 -0.68
C ILE Q 315 -53.95 -49.24 0.59
N THR Q 316 -52.63 -49.35 0.65
CA THR Q 316 -51.80 -49.17 1.85
C THR Q 316 -52.11 -48.01 2.80
N GLY Q 317 -51.92 -46.76 2.34
CA GLY Q 317 -52.11 -45.64 3.25
C GLY Q 317 -53.55 -45.18 3.42
N LEU Q 318 -54.48 -45.88 2.76
CA LEU Q 318 -55.78 -45.31 2.46
C LEU Q 318 -56.85 -45.52 3.52
N SER Q 319 -57.70 -44.52 3.69
CA SER Q 319 -58.92 -44.67 4.45
C SER Q 319 -59.82 -45.66 3.71
N THR Q 320 -60.72 -46.30 4.44
CA THR Q 320 -61.63 -47.27 3.83
C THR Q 320 -62.37 -46.68 2.63
N LEU Q 321 -62.95 -45.49 2.78
CA LEU Q 321 -63.64 -44.80 1.68
C LEU Q 321 -62.74 -44.59 0.45
N ASP Q 322 -61.54 -44.07 0.67
CA ASP Q 322 -60.59 -43.88 -0.42
C ASP Q 322 -60.21 -45.22 -1.07
N ALA Q 323 -60.05 -46.26 -0.26
CA ALA Q 323 -59.85 -47.62 -0.79
C ALA Q 323 -61.05 -48.06 -1.63
N ALA Q 324 -62.26 -47.85 -1.13
CA ALA Q 324 -63.49 -48.20 -1.83
C ALA Q 324 -63.64 -47.47 -3.17
N GLU Q 325 -63.25 -46.20 -3.20
CA GLU Q 325 -63.16 -45.46 -4.45
C GLU Q 325 -62.38 -46.20 -5.52
N LYS Q 326 -61.23 -46.75 -5.12
CA LYS Q 326 -60.33 -47.43 -6.06
C LYS Q 326 -60.98 -48.66 -6.71
N ALA Q 327 -61.94 -49.27 -6.02
CA ALA Q 327 -62.71 -50.38 -6.60
C ALA Q 327 -63.52 -49.91 -7.81
N ILE Q 328 -64.14 -48.75 -7.70
CA ILE Q 328 -64.88 -48.16 -8.81
C ILE Q 328 -63.92 -47.83 -9.95
N ALA Q 329 -62.84 -47.11 -9.62
CA ALA Q 329 -61.80 -46.80 -10.60
C ALA Q 329 -61.33 -48.06 -11.34
N ALA Q 330 -61.05 -49.13 -10.59
CA ALA Q 330 -60.51 -50.37 -11.16
C ALA Q 330 -61.47 -51.01 -12.13
N ILE Q 331 -62.73 -51.11 -11.71
CA ILE Q 331 -63.79 -51.67 -12.54
C ILE Q 331 -63.91 -50.92 -13.87
N THR Q 332 -64.00 -49.60 -13.80
CA THR Q 332 -64.17 -48.80 -15.01
C THR Q 332 -62.87 -48.78 -15.86
N ARG Q 333 -61.73 -49.00 -15.23
CA ARG Q 333 -60.48 -49.14 -15.96
C ARG Q 333 -60.48 -50.44 -16.77
N LEU Q 334 -60.90 -51.54 -16.14
CA LEU Q 334 -60.99 -52.83 -16.81
C LEU Q 334 -61.99 -52.78 -17.96
N SER Q 335 -63.13 -52.13 -17.70
CA SER Q 335 -64.19 -51.98 -18.69
C SER Q 335 -63.66 -51.29 -19.95
N MET Q 336 -63.03 -50.13 -19.73
CA MET Q 336 -62.46 -49.32 -20.81
C MET Q 336 -61.37 -50.06 -21.59
N ASP Q 337 -60.50 -50.76 -20.86
CA ASP Q 337 -59.37 -51.47 -21.46
C ASP Q 337 -59.84 -52.51 -22.49
N ILE Q 338 -60.91 -53.22 -22.16
CA ILE Q 338 -61.36 -54.33 -23.00
C ILE Q 338 -62.37 -53.93 -24.09
N GLY Q 339 -62.71 -52.65 -24.16
CA GLY Q 339 -63.50 -52.12 -25.27
C GLY Q 339 -65.01 -52.07 -25.06
N ILE Q 340 -65.45 -52.32 -23.83
CA ILE Q 340 -66.85 -52.15 -23.45
C ILE Q 340 -67.28 -50.70 -23.73
N PRO Q 341 -68.44 -50.52 -24.40
CA PRO Q 341 -68.93 -49.16 -24.66
C PRO Q 341 -69.29 -48.48 -23.36
N GLN Q 342 -68.98 -47.20 -23.25
CA GLN Q 342 -69.06 -46.50 -21.96
C GLN Q 342 -70.37 -45.75 -21.70
N HIS Q 343 -71.11 -45.48 -22.76
CA HIS Q 343 -72.30 -44.64 -22.64
C HIS Q 343 -73.51 -45.33 -23.27
N LEU Q 344 -74.59 -45.43 -22.51
CA LEU Q 344 -75.86 -46.01 -22.99
C LEU Q 344 -76.38 -45.32 -24.23
N ARG Q 345 -76.17 -43.99 -24.29
CA ARG Q 345 -76.50 -43.16 -25.45
C ARG Q 345 -76.02 -43.78 -26.77
N ASP Q 346 -74.85 -44.40 -26.72
CA ASP Q 346 -74.23 -45.00 -27.90
C ASP Q 346 -74.85 -46.34 -28.30
N LEU Q 347 -75.62 -46.94 -27.39
CA LEU Q 347 -76.29 -48.22 -27.66
C LEU Q 347 -77.77 -48.09 -28.04
N GLY Q 348 -78.17 -46.87 -28.42
CA GLY Q 348 -79.56 -46.58 -28.80
C GLY Q 348 -80.53 -46.64 -27.65
N VAL Q 349 -80.10 -46.13 -26.49
CA VAL Q 349 -80.94 -46.07 -25.28
C VAL Q 349 -81.51 -44.66 -25.12
N LYS Q 350 -82.82 -44.56 -24.95
CA LYS Q 350 -83.49 -43.26 -24.85
C LYS Q 350 -83.81 -42.86 -23.41
N GLU Q 351 -83.72 -41.56 -23.13
CA GLU Q 351 -83.88 -41.03 -21.77
C GLU Q 351 -85.30 -41.18 -21.23
N THR Q 352 -86.28 -41.11 -22.13
CA THR Q 352 -87.70 -41.24 -21.75
C THR Q 352 -88.07 -42.66 -21.32
N ASP Q 353 -87.14 -43.59 -21.48
CA ASP Q 353 -87.36 -44.98 -21.08
C ASP Q 353 -86.96 -45.25 -19.63
N PHE Q 354 -86.24 -44.31 -19.02
CA PHE Q 354 -85.75 -44.50 -17.65
C PHE Q 354 -86.86 -44.68 -16.60
N PRO Q 355 -87.89 -43.81 -16.59
CA PRO Q 355 -88.94 -43.97 -15.57
C PRO Q 355 -89.61 -45.34 -15.59
N TYR Q 356 -89.85 -45.88 -16.79
CA TYR Q 356 -90.46 -47.19 -16.95
C TYR Q 356 -89.50 -48.30 -16.53
N MET Q 357 -88.28 -48.24 -17.05
CA MET Q 357 -87.24 -49.21 -16.74
C MET Q 357 -86.96 -49.28 -15.24
N ALA Q 358 -86.81 -48.13 -14.60
CA ALA Q 358 -86.55 -48.04 -13.15
C ALA Q 358 -87.66 -48.67 -12.34
N GLU Q 359 -88.90 -48.38 -12.72
CA GLU Q 359 -90.08 -48.98 -12.10
C GLU Q 359 -90.06 -50.49 -12.23
N MET Q 360 -89.76 -50.96 -13.45
CA MET Q 360 -89.66 -52.38 -13.73
C MET Q 360 -88.50 -53.05 -13.01
N ALA Q 361 -87.39 -52.31 -12.87
CA ALA Q 361 -86.17 -52.82 -12.23
C ALA Q 361 -86.35 -53.08 -10.74
N LEU Q 362 -87.21 -52.28 -10.09
CA LEU Q 362 -87.44 -52.36 -8.66
C LEU Q 362 -88.30 -53.59 -8.33
N LYS Q 363 -88.87 -54.19 -9.36
CA LYS Q 363 -89.74 -55.35 -9.21
C LYS Q 363 -89.06 -56.67 -9.59
N ASP Q 364 -87.96 -56.57 -10.34
CA ASP Q 364 -87.18 -57.74 -10.75
C ASP Q 364 -86.69 -58.50 -9.52
N GLY Q 365 -86.74 -59.83 -9.61
CA GLY Q 365 -86.36 -60.71 -8.49
C GLY Q 365 -85.00 -60.41 -7.87
N ASN Q 366 -84.06 -59.97 -8.69
CA ASN Q 366 -82.70 -59.72 -8.23
C ASN Q 366 -82.51 -58.44 -7.40
N ALA Q 367 -83.56 -57.62 -7.36
CA ALA Q 367 -83.48 -56.31 -6.71
C ALA Q 367 -83.60 -56.39 -5.19
N PHE Q 368 -84.28 -57.43 -4.69
CA PHE Q 368 -84.53 -57.56 -3.24
C PHE Q 368 -83.24 -57.81 -2.44
N SER Q 369 -82.22 -58.36 -3.08
CA SER Q 369 -80.96 -58.71 -2.40
C SER Q 369 -79.88 -57.63 -2.49
N ASN Q 370 -80.19 -56.53 -3.18
CA ASN Q 370 -79.25 -55.42 -3.29
C ASN Q 370 -78.96 -54.79 -1.92
N PRO Q 371 -77.68 -54.50 -1.64
CA PRO Q 371 -77.34 -53.97 -0.31
C PRO Q 371 -77.92 -52.58 -0.03
N ARG Q 372 -78.14 -51.78 -1.07
CA ARG Q 372 -78.79 -50.47 -0.91
C ARG Q 372 -80.26 -50.49 -1.40
N LYS Q 373 -81.16 -50.02 -0.55
CA LYS Q 373 -82.59 -50.00 -0.86
C LYS Q 373 -82.95 -48.66 -1.49
N GLY Q 374 -83.15 -48.66 -2.80
CA GLY Q 374 -83.47 -47.45 -3.54
C GLY Q 374 -84.94 -47.31 -3.87
N ASN Q 375 -85.21 -46.49 -4.88
CA ASN Q 375 -86.56 -46.30 -5.40
C ASN Q 375 -86.55 -45.91 -6.88
N GLU Q 376 -87.74 -45.62 -7.41
CA GLU Q 376 -87.92 -45.17 -8.78
C GLU Q 376 -86.88 -44.14 -9.22
N GLN Q 377 -86.85 -42.99 -8.53
CA GLN Q 377 -85.98 -41.86 -8.90
C GLN Q 377 -84.49 -42.16 -8.77
N GLU Q 378 -84.11 -42.81 -7.67
CA GLU Q 378 -82.70 -43.11 -7.42
C GLU Q 378 -82.14 -44.08 -8.45
N ILE Q 379 -82.96 -45.04 -8.87
CA ILE Q 379 -82.55 -46.00 -9.92
C ILE Q 379 -82.52 -45.31 -11.28
N ALA Q 380 -83.48 -44.40 -11.51
CA ALA Q 380 -83.48 -43.57 -12.71
C ALA Q 380 -82.24 -42.69 -12.77
N ALA Q 381 -81.79 -42.20 -11.62
CA ALA Q 381 -80.60 -41.37 -11.52
C ALA Q 381 -79.36 -42.13 -11.99
N ILE Q 382 -79.27 -43.43 -11.63
CA ILE Q 382 -78.18 -44.31 -12.07
C ILE Q 382 -78.17 -44.52 -13.58
N PHE Q 383 -79.35 -44.72 -14.17
CA PHE Q 383 -79.47 -44.77 -15.63
C PHE Q 383 -78.84 -43.55 -16.30
N ARG Q 384 -79.18 -42.35 -15.80
CA ARG Q 384 -78.69 -41.09 -16.34
C ARG Q 384 -77.18 -40.92 -16.21
N GLN Q 385 -76.61 -41.57 -15.20
CA GLN Q 385 -75.17 -41.54 -14.96
C GLN Q 385 -74.43 -42.41 -15.98
N ALA Q 386 -75.04 -43.54 -16.34
CA ALA Q 386 -74.45 -44.45 -17.31
C ALA Q 386 -74.69 -44.00 -18.75
N PHE Q 387 -75.54 -42.99 -18.90
CA PHE Q 387 -75.92 -42.48 -20.21
C PHE Q 387 -74.74 -41.78 -20.89
N ARG R 4 83.01 39.66 -16.62
CA ARG R 4 82.98 41.15 -16.57
C ARG R 4 82.88 41.76 -17.97
N MET R 5 83.45 41.09 -18.97
CA MET R 5 83.44 41.53 -20.36
C MET R 5 82.79 40.43 -21.20
N PHE R 6 82.11 40.80 -22.27
CA PHE R 6 81.33 39.84 -23.03
C PHE R 6 81.55 39.95 -24.53
N ASP R 7 81.59 38.80 -25.21
CA ASP R 7 81.53 38.78 -26.67
C ASP R 7 80.12 38.43 -27.13
N TYR R 8 79.74 38.93 -28.30
CA TYR R 8 78.43 38.68 -28.85
C TYR R 8 78.56 38.44 -30.35
N LEU R 9 78.46 37.17 -30.75
CA LEU R 9 78.65 36.76 -32.15
C LEU R 9 77.33 36.39 -32.80
N VAL R 10 77.22 36.71 -34.08
CA VAL R 10 76.00 36.52 -34.87
C VAL R 10 76.37 36.65 -36.35
N PRO R 11 75.81 35.78 -37.21
CA PRO R 11 76.00 35.96 -38.65
C PRO R 11 75.72 37.39 -39.10
N ASN R 12 76.61 37.90 -39.95
CA ASN R 12 76.57 39.25 -40.51
C ASN R 12 75.20 39.65 -41.05
N VAL R 13 74.61 38.76 -41.85
CA VAL R 13 73.35 39.03 -42.53
C VAL R 13 72.38 37.88 -42.26
N ASN R 14 71.24 38.20 -41.67
CA ASN R 14 70.21 37.20 -41.42
C ASN R 14 68.89 37.58 -42.05
N PHE R 15 68.25 36.61 -42.70
CA PHE R 15 66.92 36.80 -43.28
C PHE R 15 65.91 35.92 -42.55
N PHE R 16 64.68 36.41 -42.43
CA PHE R 16 63.58 35.64 -41.85
C PHE R 16 62.21 36.21 -42.25
N GLY R 17 61.18 35.39 -42.07
CA GLY R 17 59.83 35.74 -42.48
C GLY R 17 59.36 34.84 -43.61
N PRO R 18 58.04 34.79 -43.86
CA PRO R 18 57.51 33.96 -44.94
C PRO R 18 58.18 34.21 -46.28
N ASN R 19 58.63 33.13 -46.91
CA ASN R 19 59.26 33.13 -48.24
C ASN R 19 60.66 33.77 -48.28
N ALA R 20 61.33 33.82 -47.13
CA ALA R 20 62.69 34.36 -47.04
C ALA R 20 63.73 33.53 -47.80
N ILE R 21 63.32 32.35 -48.25
CA ILE R 21 64.17 31.51 -49.09
C ILE R 21 64.41 32.15 -50.46
N SER R 22 63.56 33.12 -50.82
CA SER R 22 63.57 33.72 -52.16
C SER R 22 64.87 34.46 -52.50
N VAL R 23 65.75 34.64 -51.51
CA VAL R 23 67.00 35.37 -51.73
C VAL R 23 68.30 34.56 -51.61
N VAL R 24 68.21 33.24 -51.44
CA VAL R 24 69.43 32.38 -51.47
C VAL R 24 70.21 32.57 -52.76
N GLY R 25 69.49 32.77 -53.86
CA GLY R 25 70.09 32.97 -55.17
C GLY R 25 70.91 34.25 -55.24
N GLU R 26 70.29 35.36 -54.82
CA GLU R 26 70.95 36.66 -54.82
C GLU R 26 72.10 36.70 -53.81
N ARG R 27 71.94 35.97 -52.72
CA ARG R 27 72.91 36.02 -51.62
C ARG R 27 74.19 35.25 -51.87
N CYS R 28 74.11 34.19 -52.67
CA CYS R 28 75.31 33.49 -53.08
C CYS R 28 76.12 34.31 -54.07
N GLN R 29 75.45 35.17 -54.83
CA GLN R 29 76.09 36.06 -55.81
C GLN R 29 77.00 37.08 -55.12
N LEU R 30 76.42 37.81 -54.17
CA LEU R 30 77.12 38.87 -53.44
C LEU R 30 78.32 38.36 -52.65
N LEU R 31 78.28 37.08 -52.29
CA LEU R 31 79.38 36.40 -51.60
C LEU R 31 80.42 35.82 -52.57
N GLY R 32 80.19 36.01 -53.87
CA GLY R 32 81.12 35.58 -54.92
C GLY R 32 81.13 34.08 -55.20
N GLY R 33 79.97 33.42 -54.97
CA GLY R 33 79.84 31.98 -55.20
C GLY R 33 79.24 31.65 -56.56
N LYS R 34 79.90 30.74 -57.28
CA LYS R 34 79.52 30.42 -58.66
C LYS R 34 78.97 28.99 -58.82
N LYS R 35 79.32 28.13 -57.84
CA LYS R 35 78.76 26.78 -57.78
C LYS R 35 78.70 26.34 -56.33
N ALA R 36 77.48 25.90 -55.90
CA ALA R 36 77.20 25.66 -54.47
C ALA R 36 77.16 24.17 -54.07
N LEU R 37 77.41 23.91 -52.76
CA LEU R 37 77.27 22.58 -52.18
C LEU R 37 76.02 22.53 -51.31
N LEU R 38 74.95 21.90 -51.84
CA LEU R 38 73.72 21.72 -51.09
C LEU R 38 73.90 20.59 -50.09
N VAL R 39 74.05 20.96 -48.81
CA VAL R 39 74.25 20.00 -47.72
C VAL R 39 72.90 19.73 -47.08
N THR R 40 72.43 18.48 -47.14
CA THR R 40 71.10 18.14 -46.58
C THR R 40 70.93 16.66 -46.15
N ASP R 41 69.75 16.40 -45.55
CA ASP R 41 69.32 15.04 -45.19
C ASP R 41 68.63 14.33 -46.35
N LYS R 42 68.44 13.02 -46.20
CA LYS R 42 67.74 12.20 -47.20
C LYS R 42 66.24 12.46 -47.17
N GLY R 43 65.64 12.34 -45.99
CA GLY R 43 64.20 12.61 -45.81
C GLY R 43 63.80 13.99 -46.30
N LEU R 44 64.72 14.94 -46.13
CA LEU R 44 64.56 16.29 -46.66
C LEU R 44 64.74 16.36 -48.16
N ARG R 45 65.75 15.62 -48.67
CA ARG R 45 66.08 15.61 -50.09
C ARG R 45 64.93 15.08 -50.95
N LYS R 48 62.15 16.93 -52.12
CA LYS R 48 61.32 15.75 -52.05
C LYS R 48 59.85 16.13 -52.09
N ASP R 49 59.61 17.44 -52.19
CA ASP R 49 58.27 18.01 -52.09
C ASP R 49 58.34 19.52 -52.36
N GLY R 50 59.04 20.24 -51.49
CA GLY R 50 59.21 21.69 -51.59
C GLY R 50 60.41 22.20 -50.80
N ALA R 51 60.64 21.63 -49.63
CA ALA R 51 61.67 22.10 -48.68
C ALA R 51 63.07 22.29 -49.29
N VAL R 52 63.61 21.23 -49.89
CA VAL R 52 64.91 21.31 -50.56
C VAL R 52 64.75 21.85 -51.98
N ASP R 53 63.55 21.70 -52.56
CA ASP R 53 63.29 22.11 -53.94
C ASP R 53 63.30 23.63 -54.14
N LYS R 54 62.84 24.35 -53.12
CA LYS R 54 62.79 25.81 -53.18
C LYS R 54 64.20 26.40 -53.29
N THR R 55 65.11 25.92 -52.44
CA THR R 55 66.49 26.40 -52.48
C THR R 55 67.19 26.05 -53.79
N LEU R 56 66.83 24.90 -54.38
CA LEU R 56 67.31 24.51 -55.70
C LEU R 56 66.75 25.42 -56.79
N HIS R 57 65.47 25.80 -56.65
CA HIS R 57 64.80 26.68 -57.60
C HIS R 57 65.46 28.07 -57.68
N TYR R 58 65.57 28.73 -56.53
CA TYR R 58 66.06 30.11 -56.48
C TYR R 58 67.58 30.21 -56.69
N LEU R 59 68.26 29.09 -56.50
CA LEU R 59 69.71 29.01 -56.71
C LEU R 59 70.04 28.98 -58.20
N ARG R 60 69.20 28.31 -58.99
CA ARG R 60 69.38 28.24 -60.44
C ARG R 60 68.78 29.46 -61.16
N GLU R 61 67.86 30.16 -60.48
CA GLU R 61 67.22 31.36 -61.06
C GLU R 61 68.19 32.54 -61.10
N ALA R 62 69.21 32.50 -60.24
CA ALA R 62 70.22 33.55 -60.19
C ALA R 62 71.52 33.15 -60.87
N GLY R 63 71.54 31.95 -61.45
CA GLY R 63 72.67 31.49 -62.25
C GLY R 63 73.73 30.73 -61.48
N ILE R 64 73.37 30.20 -60.30
CA ILE R 64 74.29 29.38 -59.51
C ILE R 64 74.05 27.90 -59.78
N GLU R 65 75.06 27.22 -60.31
CA GLU R 65 75.00 25.78 -60.49
C GLU R 65 75.20 25.10 -59.13
N VAL R 66 74.60 23.92 -58.97
CA VAL R 66 74.57 23.28 -57.66
C VAL R 66 74.94 21.79 -57.71
N ALA R 67 75.78 21.37 -56.76
CA ALA R 67 76.10 19.98 -56.56
C ALA R 67 75.61 19.60 -55.16
N ILE R 68 74.64 18.68 -55.09
CA ILE R 68 74.03 18.37 -53.79
C ILE R 68 74.63 17.13 -53.09
N PHE R 69 74.91 17.27 -51.79
CA PHE R 69 75.37 16.17 -50.94
C PHE R 69 74.32 15.82 -49.88
N ASP R 70 73.81 14.57 -49.91
CA ASP R 70 72.67 14.14 -49.08
C ASP R 70 72.96 12.99 -48.07
N GLY R 71 74.38 12.91 -47.72
CA GLY R 71 74.81 11.83 -46.84
C GLY R 71 74.96 12.23 -45.37
N VAL R 72 74.32 13.32 -44.97
CA VAL R 72 74.34 13.78 -43.58
C VAL R 72 73.49 12.85 -42.71
N GLU R 73 74.01 12.46 -41.56
CA GLU R 73 73.31 11.56 -40.65
C GLU R 73 72.69 12.31 -39.47
N PRO R 74 71.56 11.79 -38.93
CA PRO R 74 71.13 12.21 -37.59
C PRO R 74 72.25 11.86 -36.61
N ASN R 75 72.72 12.86 -35.85
CA ASN R 75 74.04 12.82 -35.23
C ASN R 75 75.12 12.74 -36.31
N PRO R 76 75.56 13.90 -36.84
CA PRO R 76 76.41 13.95 -38.01
C PRO R 76 77.84 13.51 -37.71
N LYS R 77 78.33 12.55 -38.50
CA LYS R 77 79.63 11.93 -38.26
C LYS R 77 80.74 12.62 -39.04
N ASP R 78 81.98 12.37 -38.64
CA ASP R 78 83.16 12.92 -39.34
C ASP R 78 83.32 12.30 -40.72
N THR R 79 82.95 11.02 -40.85
CA THR R 79 83.01 10.29 -42.12
C THR R 79 82.06 10.91 -43.14
N ASN R 80 81.01 11.57 -42.65
CA ASN R 80 80.12 12.35 -43.50
C ASN R 80 80.87 13.54 -44.11
N VAL R 81 81.74 14.16 -43.31
CA VAL R 81 82.55 15.30 -43.76
C VAL R 81 83.63 14.87 -44.76
N ARG R 82 84.32 13.76 -44.46
CA ARG R 82 85.26 13.17 -45.43
C ARG R 82 84.59 12.96 -46.80
N ASP R 83 83.38 12.39 -46.76
CA ASP R 83 82.56 12.21 -47.96
C ASP R 83 82.01 13.55 -48.48
N GLY R 84 81.65 14.44 -47.53
CA GLY R 84 81.10 15.77 -47.85
C GLY R 84 82.08 16.75 -48.52
N LEU R 85 83.40 16.59 -48.03
CA LEU R 85 84.48 17.38 -48.63
C LEU R 85 84.84 16.88 -50.04
N ALA R 86 84.81 15.56 -50.23
CA ALA R 86 85.16 14.92 -51.53
C ALA R 86 84.20 15.35 -52.66
N VAL R 87 82.97 15.90 -52.23
CA VAL R 87 82.05 16.42 -53.30
C VAL R 87 82.46 17.89 -53.54
N PHE R 88 82.74 18.64 -52.37
CA PHE R 88 83.11 20.05 -52.47
C PHE R 88 84.38 20.24 -53.30
N ARG R 89 85.26 19.26 -53.19
CA ARG R 89 86.52 19.28 -53.96
C ARG R 89 86.34 18.90 -55.43
N ARG R 90 85.64 17.76 -55.66
CA ARG R 90 85.51 17.16 -57.01
C ARG R 90 84.71 18.02 -58.00
N GLU R 91 83.64 18.68 -57.48
CA GLU R 91 82.73 19.47 -58.31
C GLU R 91 83.23 20.92 -58.53
N GLN R 92 84.28 21.26 -57.73
CA GLN R 92 84.81 22.64 -57.69
C GLN R 92 83.74 23.59 -57.13
N CYS R 93 83.23 23.24 -55.95
CA CYS R 93 82.26 24.09 -55.23
C CYS R 93 82.90 25.41 -54.77
N ASP R 94 82.13 26.48 -54.88
CA ASP R 94 82.61 27.83 -54.66
C ASP R 94 82.02 28.41 -53.36
N ILE R 95 80.98 27.73 -52.86
CA ILE R 95 80.17 28.18 -51.72
C ILE R 95 79.36 27.00 -51.17
N ILE R 96 79.05 27.02 -49.87
CA ILE R 96 78.27 25.94 -49.23
C ILE R 96 76.90 26.46 -48.77
N VAL R 97 75.83 25.81 -49.25
CA VAL R 97 74.46 26.14 -48.81
C VAL R 97 73.86 24.95 -48.07
N THR R 98 73.59 25.12 -46.78
CA THR R 98 73.03 24.03 -45.97
C THR R 98 71.52 24.21 -45.78
N VAL R 99 70.78 23.12 -45.94
CA VAL R 99 69.33 23.14 -45.72
C VAL R 99 68.90 21.99 -44.81
N GLY R 100 68.28 22.34 -43.69
CA GLY R 100 67.81 21.35 -42.72
C GLY R 100 67.83 21.86 -41.30
N GLY R 101 67.84 20.91 -40.36
CA GLY R 101 67.82 21.22 -38.93
C GLY R 101 69.22 21.44 -38.40
N GLY R 102 69.60 20.68 -37.38
CA GLY R 102 70.93 20.80 -36.77
C GLY R 102 72.00 20.03 -37.53
N SER R 103 71.66 18.80 -37.92
CA SER R 103 72.61 17.92 -38.61
C SER R 103 73.28 18.57 -39.84
N PRO R 104 72.49 19.00 -40.85
CA PRO R 104 73.09 19.65 -42.02
C PRO R 104 73.93 20.90 -41.74
N HIS R 105 73.58 21.66 -40.69
CA HIS R 105 74.31 22.89 -40.38
C HIS R 105 75.71 22.66 -39.79
N ASP R 106 75.80 21.74 -38.79
CA ASP R 106 77.11 21.39 -38.22
C ASP R 106 77.98 20.65 -39.25
N CYS R 107 77.37 19.75 -40.01
CA CYS R 107 78.08 19.03 -41.04
C CYS R 107 78.56 20.00 -42.13
N GLY R 108 77.75 21.08 -42.34
CA GLY R 108 78.07 22.08 -43.36
C GLY R 108 79.25 22.93 -42.95
N LYS R 109 79.37 23.19 -41.64
CA LYS R 109 80.50 23.94 -41.11
C LYS R 109 81.74 23.04 -41.11
N GLY R 110 81.53 21.76 -40.82
CA GLY R 110 82.59 20.75 -40.86
C GLY R 110 83.32 20.72 -42.18
N ILE R 111 82.54 20.66 -43.27
CA ILE R 111 83.09 20.63 -44.63
C ILE R 111 83.88 21.90 -44.95
N GLY R 112 83.38 23.04 -44.50
CA GLY R 112 84.09 24.32 -44.65
C GLY R 112 85.44 24.32 -43.94
N ILE R 113 85.45 23.83 -42.71
CA ILE R 113 86.67 23.70 -41.91
C ILE R 113 87.68 22.85 -42.67
N ALA R 114 87.25 21.68 -43.11
CA ALA R 114 88.11 20.71 -43.80
C ALA R 114 88.61 21.23 -45.15
N ALA R 115 87.87 22.17 -45.73
CA ALA R 115 88.24 22.79 -47.00
C ALA R 115 89.40 23.78 -46.86
N THR R 116 89.54 24.37 -45.67
CA THR R 116 90.52 25.46 -45.47
C THR R 116 91.45 25.22 -44.28
N HIS R 117 91.41 23.99 -43.73
CA HIS R 117 92.28 23.63 -42.62
C HIS R 117 92.90 22.25 -42.76
N GLU R 118 94.22 22.21 -42.60
CA GLU R 118 95.07 21.02 -42.80
C GLU R 118 94.49 19.74 -42.21
N GLY R 119 94.30 18.75 -43.09
CA GLY R 119 94.02 17.37 -42.69
C GLY R 119 92.80 17.12 -41.82
N ASP R 120 93.04 16.40 -40.72
CA ASP R 120 91.98 15.88 -39.85
C ASP R 120 91.24 16.98 -39.08
N LEU R 121 90.02 16.66 -38.63
CA LEU R 121 89.22 17.62 -37.86
C LEU R 121 89.31 17.46 -36.35
N TYR R 122 89.43 16.22 -35.88
CA TYR R 122 89.45 15.93 -34.44
C TYR R 122 90.53 16.71 -33.68
N GLN R 123 91.56 17.16 -34.41
CA GLN R 123 92.64 17.96 -33.84
C GLN R 123 92.21 19.40 -33.55
N TYR R 124 91.24 19.90 -34.31
CA TYR R 124 90.76 21.27 -34.17
C TYR R 124 89.65 21.41 -33.12
N ALA R 125 89.34 20.31 -32.45
CA ALA R 125 88.35 20.32 -31.37
C ALA R 125 88.83 21.16 -30.20
N GLY R 126 87.92 21.94 -29.62
CA GLY R 126 88.25 22.85 -28.55
C GLY R 126 87.79 24.26 -28.87
N ILE R 127 88.39 25.25 -28.19
CA ILE R 127 88.00 26.65 -28.32
C ILE R 127 88.40 27.29 -29.66
N GLU R 128 88.98 28.48 -29.62
CA GLU R 128 89.27 29.21 -30.84
C GLU R 128 90.55 28.73 -31.52
N THR R 129 90.39 27.69 -32.34
CA THR R 129 91.51 26.92 -32.87
C THR R 129 91.66 27.08 -34.38
N LEU R 130 90.59 27.53 -35.03
CA LEU R 130 90.58 27.80 -36.47
C LEU R 130 91.38 29.06 -36.81
N THR R 131 92.16 28.98 -37.88
CA THR R 131 93.07 30.05 -38.29
C THR R 131 92.54 30.83 -39.49
N ASN R 132 91.91 30.13 -40.43
CA ASN R 132 91.59 30.67 -41.74
C ASN R 132 90.09 30.77 -42.02
N PRO R 133 89.68 31.74 -42.87
CA PRO R 133 88.27 31.85 -43.29
C PRO R 133 87.78 30.62 -44.05
N LEU R 134 86.60 30.14 -43.67
CA LEU R 134 85.97 29.01 -44.34
C LEU R 134 85.39 29.48 -45.68
N PRO R 135 84.98 28.53 -46.54
CA PRO R 135 84.15 28.93 -47.69
C PRO R 135 82.86 29.56 -47.16
N PRO R 136 82.26 30.50 -47.91
CA PRO R 136 81.06 31.15 -47.42
C PRO R 136 79.93 30.13 -47.21
N ILE R 137 79.20 30.29 -46.11
CA ILE R 137 78.11 29.39 -45.76
C ILE R 137 76.79 30.15 -45.71
N VAL R 138 75.80 29.64 -46.43
CA VAL R 138 74.43 30.17 -46.38
C VAL R 138 73.56 29.08 -45.80
N ALA R 139 73.20 29.22 -44.53
CA ALA R 139 72.42 28.20 -43.83
C ALA R 139 70.94 28.54 -43.86
N VAL R 140 70.15 27.66 -44.48
CA VAL R 140 68.70 27.78 -44.45
C VAL R 140 68.13 26.78 -43.43
N ASN R 141 67.59 27.33 -42.34
CA ASN R 141 67.08 26.53 -41.24
C ASN R 141 65.67 26.01 -41.54
N THR R 142 65.36 24.83 -41.03
CA THR R 142 64.11 24.13 -41.34
C THR R 142 63.39 23.69 -40.06
N THR R 143 64.04 23.92 -38.93
CA THR R 143 63.54 23.44 -37.65
C THR R 143 63.50 24.59 -36.65
N ALA R 144 62.35 24.79 -36.01
CA ALA R 144 62.18 25.89 -35.06
C ALA R 144 62.67 25.45 -33.69
N GLY R 145 63.95 25.05 -33.64
CA GLY R 145 64.49 24.40 -32.46
C GLY R 145 65.96 24.54 -32.17
N THR R 146 66.81 24.42 -33.19
CA THR R 146 68.26 24.33 -32.96
C THR R 146 68.99 25.67 -32.97
N ALA R 147 68.71 26.48 -34.00
CA ALA R 147 69.41 27.75 -34.24
C ALA R 147 70.91 27.58 -34.55
N SER R 148 71.31 26.39 -35.00
CA SER R 148 72.68 26.15 -35.48
C SER R 148 73.06 27.05 -36.64
N GLU R 149 72.05 27.54 -37.37
CA GLU R 149 72.26 28.44 -38.50
C GLU R 149 72.84 29.78 -38.08
N VAL R 150 72.86 30.01 -36.77
CA VAL R 150 73.25 31.29 -36.25
C VAL R 150 74.40 31.14 -35.24
N THR R 151 74.91 29.91 -35.13
CA THR R 151 75.76 29.46 -34.03
C THR R 151 77.27 29.33 -34.37
N ARG R 152 78.12 29.50 -33.35
CA ARG R 152 79.58 29.40 -33.49
C ARG R 152 80.08 27.97 -33.26
N HIS R 153 79.17 27.09 -32.87
CA HIS R 153 79.49 25.69 -32.61
C HIS R 153 79.40 24.84 -33.87
N CYS R 154 80.30 23.88 -33.97
CA CYS R 154 80.24 22.83 -34.96
C CYS R 154 80.55 21.53 -34.22
N VAL R 155 79.54 20.66 -34.11
CA VAL R 155 79.66 19.42 -33.34
C VAL R 155 79.48 18.17 -34.22
N LEU R 156 80.57 17.42 -34.36
CA LEU R 156 80.57 16.13 -35.07
C LEU R 156 80.87 15.00 -34.11
N THR R 157 80.77 13.77 -34.61
CA THR R 157 81.03 12.58 -33.81
C THR R 157 82.26 11.83 -34.31
N ASN R 158 83.18 11.54 -33.39
CA ASN R 158 84.40 10.79 -33.69
C ASN R 158 84.09 9.29 -33.77
N THR R 159 84.34 8.70 -34.93
CA THR R 159 83.99 7.30 -35.18
C THR R 159 84.96 6.31 -34.50
N GLU R 160 86.16 6.78 -34.18
CA GLU R 160 87.16 5.99 -33.48
C GLU R 160 86.72 5.70 -32.03
N THR R 161 86.42 6.77 -31.29
CA THR R 161 86.06 6.69 -29.87
C THR R 161 84.56 6.50 -29.65
N LYS R 162 83.76 6.90 -30.64
CA LYS R 162 82.29 6.92 -30.55
C LYS R 162 81.74 7.99 -29.60
N VAL R 163 82.54 9.04 -29.38
CA VAL R 163 82.14 10.20 -28.58
C VAL R 163 82.13 11.46 -29.44
N LYS R 164 81.35 12.46 -29.02
CA LYS R 164 81.21 13.71 -29.77
C LYS R 164 82.38 14.67 -29.49
N PHE R 165 82.59 15.61 -30.42
CA PHE R 165 83.59 16.66 -30.25
C PHE R 165 83.08 17.97 -30.86
N VAL R 166 83.53 19.09 -30.31
CA VAL R 166 83.01 20.40 -30.69
C VAL R 166 84.13 21.34 -31.15
N ILE R 167 83.85 22.13 -32.19
CA ILE R 167 84.76 23.20 -32.62
C ILE R 167 84.09 24.57 -32.45
N VAL R 168 84.62 25.38 -31.54
CA VAL R 168 84.04 26.67 -31.19
C VAL R 168 84.87 27.82 -31.79
N SER R 169 84.33 28.49 -32.82
CA SER R 169 85.05 29.59 -33.47
C SER R 169 84.11 30.61 -34.10
N TRP R 170 84.57 31.86 -34.17
CA TRP R 170 83.85 32.93 -34.86
C TRP R 170 83.80 32.69 -36.38
N ARG R 171 84.80 31.97 -36.90
CA ARG R 171 84.82 31.62 -38.32
C ARG R 171 83.79 30.52 -38.66
N ASN R 172 83.18 29.94 -37.63
CA ASN R 172 82.12 28.94 -37.82
C ASN R 172 80.76 29.58 -38.08
N LEU R 173 80.66 30.88 -37.80
CA LEU R 173 79.46 31.67 -38.10
C LEU R 173 79.15 31.62 -39.58
N PRO R 174 77.95 31.14 -39.94
CA PRO R 174 77.54 31.17 -41.35
C PRO R 174 77.55 32.61 -41.86
N SER R 175 77.78 32.77 -43.16
CA SER R 175 77.83 34.10 -43.76
C SER R 175 76.45 34.74 -43.77
N VAL R 176 75.42 33.89 -43.92
CA VAL R 176 74.03 34.31 -43.99
C VAL R 176 73.14 33.21 -43.40
N SER R 177 72.14 33.59 -42.61
CA SER R 177 71.16 32.63 -42.12
C SER R 177 69.76 32.94 -42.65
N ILE R 178 69.03 31.91 -43.02
CA ILE R 178 67.66 32.09 -43.52
C ILE R 178 66.65 31.26 -42.74
N ASN R 179 65.70 31.94 -42.10
CA ASN R 179 64.64 31.32 -41.33
C ASN R 179 63.26 31.55 -41.95
N ASP R 180 62.91 30.70 -42.91
CA ASP R 180 61.62 30.76 -43.57
C ASP R 180 60.67 29.76 -42.91
N PRO R 181 59.58 30.25 -42.28
CA PRO R 181 58.62 29.37 -41.62
C PRO R 181 57.78 28.57 -42.59
N LEU R 182 57.59 29.10 -43.80
CA LEU R 182 56.89 28.38 -44.87
C LEU R 182 57.52 27.01 -45.16
N LEU R 183 58.81 26.88 -44.81
CA LEU R 183 59.56 25.64 -44.96
C LEU R 183 59.34 24.67 -43.80
N MET R 184 58.74 25.17 -42.73
CA MET R 184 58.57 24.40 -41.49
C MET R 184 57.13 23.94 -41.26
N ILE R 185 56.26 24.22 -42.21
CA ILE R 185 54.84 23.89 -42.11
C ILE R 185 54.54 22.38 -42.04
N GLY R 186 55.43 21.58 -42.63
CA GLY R 186 55.24 20.13 -42.72
C GLY R 186 55.69 19.29 -41.53
N LYS R 187 56.20 19.95 -40.48
CA LYS R 187 56.65 19.26 -39.27
C LYS R 187 55.47 18.66 -38.48
N PRO R 188 55.55 17.35 -38.16
CA PRO R 188 54.51 16.70 -37.35
C PRO R 188 54.52 17.16 -35.89
N ALA R 189 53.33 17.19 -35.28
CA ALA R 189 53.12 17.70 -33.92
C ALA R 189 54.20 17.33 -32.91
N ALA R 190 54.55 16.05 -32.84
CA ALA R 190 55.51 15.55 -31.84
C ALA R 190 56.90 16.17 -31.95
N LEU R 191 57.34 16.42 -33.18
CA LEU R 191 58.67 16.96 -33.46
C LEU R 191 58.71 18.47 -33.27
N THR R 192 57.60 19.15 -33.60
CA THR R 192 57.50 20.59 -33.41
C THR R 192 57.56 20.93 -31.92
N ALA R 193 56.88 20.11 -31.12
CA ALA R 193 56.89 20.24 -29.67
C ALA R 193 58.30 20.00 -29.12
N ALA R 194 58.97 18.96 -29.63
CA ALA R 194 60.34 18.63 -29.22
C ALA R 194 61.31 19.76 -29.55
N THR R 195 61.25 20.26 -30.78
CA THR R 195 62.12 21.36 -31.20
C THR R 195 61.76 22.66 -30.51
N GLY R 196 60.46 22.89 -30.28
CA GLY R 196 60.00 24.06 -29.54
C GLY R 196 60.57 24.12 -28.14
N MET R 197 60.50 22.98 -27.45
CA MET R 197 61.04 22.85 -26.09
C MET R 197 62.57 22.98 -26.01
N ASP R 198 63.25 22.52 -27.06
CA ASP R 198 64.69 22.72 -27.20
C ASP R 198 64.94 24.24 -27.25
N ALA R 199 64.19 24.92 -28.12
CA ALA R 199 64.26 26.37 -28.22
C ALA R 199 63.98 27.06 -26.89
N LEU R 200 62.96 26.57 -26.16
CA LEU R 200 62.63 27.10 -24.82
C LEU R 200 63.79 26.90 -23.85
N THR R 201 64.40 25.71 -23.89
CA THR R 201 65.53 25.38 -23.04
C THR R 201 66.74 26.26 -23.36
N HIS R 202 66.88 26.64 -24.62
CA HIS R 202 67.95 27.54 -25.02
C HIS R 202 67.68 28.87 -24.36
N ALA R 203 66.40 29.26 -24.36
CA ALA R 203 65.98 30.54 -23.84
C ALA R 203 66.20 30.66 -22.34
N VAL R 204 65.59 29.78 -21.53
CA VAL R 204 65.69 29.90 -20.08
C VAL R 204 67.11 29.68 -19.59
N GLU R 205 67.87 28.80 -20.24
CA GLU R 205 69.24 28.52 -19.81
C GLU R 205 70.18 29.70 -20.07
N ALA R 206 70.04 30.31 -21.24
CA ALA R 206 70.76 31.54 -21.58
C ALA R 206 70.39 32.70 -20.67
N TYR R 207 69.13 32.74 -20.23
CA TYR R 207 68.67 33.85 -19.42
C TYR R 207 69.25 33.81 -18.01
N ILE R 208 69.41 32.60 -17.46
CA ILE R 208 69.83 32.42 -16.08
C ILE R 208 71.30 32.07 -15.95
N SER R 209 72.01 31.99 -17.07
CA SER R 209 73.41 31.59 -17.11
C SER R 209 74.34 32.55 -16.38
N LYS R 210 75.46 32.04 -15.87
CA LYS R 210 76.48 32.88 -15.23
C LYS R 210 77.03 33.93 -16.18
N ASP R 211 76.90 33.66 -17.48
CA ASP R 211 77.44 34.52 -18.52
C ASP R 211 76.38 35.38 -19.17
N ALA R 212 75.19 35.44 -18.57
CA ALA R 212 74.12 36.32 -19.05
C ALA R 212 74.44 37.80 -18.84
N ASN R 213 73.95 38.63 -19.77
CA ASN R 213 74.01 40.08 -19.67
C ASN R 213 72.76 40.70 -20.30
N PRO R 214 72.52 42.02 -20.09
CA PRO R 214 71.32 42.66 -20.66
C PRO R 214 71.14 42.55 -22.19
N VAL R 215 72.24 42.52 -22.95
CA VAL R 215 72.16 42.36 -24.41
C VAL R 215 71.66 40.95 -24.77
N THR R 216 72.26 39.98 -24.10
CA THR R 216 71.84 38.58 -24.17
C THR R 216 70.41 38.38 -23.65
N ASP R 217 70.12 38.98 -22.49
CA ASP R 217 68.81 38.91 -21.86
C ASP R 217 67.71 39.34 -22.85
N ALA R 218 67.99 40.38 -23.62
CA ALA R 218 67.06 40.91 -24.63
C ALA R 218 66.55 39.84 -25.57
N ALA R 219 67.44 38.95 -26.02
CA ALA R 219 67.06 37.87 -26.94
C ALA R 219 66.29 36.76 -26.21
N ALA R 220 66.78 36.36 -25.04
CA ALA R 220 66.17 35.28 -24.27
C ALA R 220 64.74 35.59 -23.84
N MET R 221 64.55 36.77 -23.23
CA MET R 221 63.23 37.20 -22.73
C MET R 221 62.16 37.12 -23.80
N GLN R 222 62.49 37.66 -24.97
CA GLN R 222 61.58 37.65 -26.10
C GLN R 222 61.26 36.24 -26.58
N ALA R 223 62.27 35.38 -26.65
CA ALA R 223 62.04 33.99 -27.07
C ALA R 223 61.04 33.29 -26.15
N ILE R 224 61.26 33.41 -24.84
CA ILE R 224 60.37 32.85 -23.80
C ILE R 224 58.94 33.36 -23.96
N ARG R 225 58.80 34.66 -24.22
CA ARG R 225 57.49 35.25 -24.43
C ARG R 225 56.81 34.67 -25.68
N LEU R 226 57.57 34.57 -26.77
CA LEU R 226 57.03 34.08 -28.03
C LEU R 226 56.63 32.61 -27.93
N ILE R 227 57.43 31.84 -27.20
CA ILE R 227 57.19 30.41 -27.04
C ILE R 227 55.94 30.14 -26.19
N ALA R 228 55.81 30.83 -25.07
CA ALA R 228 54.65 30.67 -24.20
C ALA R 228 53.33 30.96 -24.93
N ARG R 229 53.37 31.90 -25.88
CA ARG R 229 52.18 32.33 -26.60
C ARG R 229 51.94 31.59 -27.92
N ASN R 230 52.93 30.84 -28.41
CA ASN R 230 52.80 30.22 -29.74
C ASN R 230 53.02 28.70 -29.86
N LEU R 231 53.80 28.11 -28.95
CA LEU R 231 54.13 26.67 -29.06
C LEU R 231 52.89 25.77 -29.07
N ARG R 232 52.08 25.86 -28.02
CA ARG R 232 50.79 25.16 -27.93
C ARG R 232 50.02 25.21 -29.24
N GLN R 233 49.86 26.42 -29.78
CA GLN R 233 49.16 26.62 -31.05
C GLN R 233 49.85 25.90 -32.21
N ALA R 234 51.18 25.94 -32.22
CA ALA R 234 51.99 25.34 -33.28
C ALA R 234 51.93 23.81 -33.32
N VAL R 235 51.85 23.16 -32.15
CA VAL R 235 51.75 21.70 -32.13
C VAL R 235 50.33 21.22 -32.41
N ALA R 236 49.35 22.08 -32.12
CA ALA R 236 47.94 21.76 -32.35
C ALA R 236 47.59 21.77 -33.84
N LEU R 237 48.14 22.75 -34.56
CA LEU R 237 47.94 22.87 -36.01
C LEU R 237 49.21 23.35 -36.68
N GLY R 238 49.85 22.45 -37.42
CA GLY R 238 51.11 22.76 -38.10
C GLY R 238 50.97 23.80 -39.20
N SER R 239 49.76 23.92 -39.76
CA SER R 239 49.49 24.85 -40.85
C SER R 239 49.25 26.29 -40.36
N ASN R 240 49.04 26.48 -39.06
CA ASN R 240 48.94 27.81 -38.48
C ASN R 240 50.23 28.61 -38.72
N LEU R 241 50.19 29.46 -39.74
CA LEU R 241 51.36 30.23 -40.18
C LEU R 241 51.84 31.19 -39.10
N GLN R 242 50.93 31.98 -38.56
CA GLN R 242 51.24 32.95 -37.52
C GLN R 242 52.05 32.31 -36.38
N ALA R 243 51.52 31.22 -35.84
CA ALA R 243 52.20 30.45 -34.79
C ALA R 243 53.57 29.95 -35.24
N ARG R 244 53.65 29.50 -36.49
CA ARG R 244 54.90 29.00 -37.06
C ARG R 244 55.90 30.14 -37.26
N GLU R 245 55.44 31.29 -37.72
CA GLU R 245 56.25 32.51 -37.81
C GLU R 245 56.96 32.80 -36.51
N TYR R 246 56.19 32.83 -35.42
CA TYR R 246 56.72 33.27 -34.14
C TYR R 246 57.63 32.25 -33.47
N MET R 247 57.37 30.97 -33.74
CA MET R 247 58.26 29.92 -33.27
C MET R 247 59.61 30.03 -33.97
N ALA R 248 59.59 30.37 -35.26
CA ALA R 248 60.82 30.62 -36.02
C ALA R 248 61.65 31.77 -35.43
N TYR R 249 60.99 32.88 -35.09
CA TYR R 249 61.67 34.04 -34.53
C TYR R 249 62.17 33.74 -33.13
N ALA R 250 61.36 33.02 -32.36
CA ALA R 250 61.76 32.61 -31.01
C ALA R 250 63.02 31.74 -31.06
N SER R 251 62.98 30.71 -31.91
CA SER R 251 64.12 29.82 -32.10
C SER R 251 65.39 30.60 -32.45
N LEU R 252 65.26 31.52 -33.40
CA LEU R 252 66.37 32.38 -33.82
C LEU R 252 66.89 33.23 -32.65
N LEU R 253 65.97 33.85 -31.91
CA LEU R 253 66.33 34.70 -30.78
C LEU R 253 66.98 33.89 -29.67
N ALA R 254 66.44 32.70 -29.40
CA ALA R 254 67.03 31.79 -28.42
C ALA R 254 68.46 31.39 -28.81
N GLY R 255 68.70 31.28 -30.12
CA GLY R 255 70.03 31.08 -30.65
C GLY R 255 70.97 32.25 -30.39
N MET R 256 70.54 33.46 -30.74
CA MET R 256 71.32 34.67 -30.50
C MET R 256 71.63 34.84 -29.01
N ALA R 257 70.75 34.33 -28.16
CA ALA R 257 70.96 34.36 -26.72
C ALA R 257 72.03 33.35 -26.29
N PHE R 258 71.77 32.07 -26.55
CA PHE R 258 72.60 30.99 -26.01
C PHE R 258 73.95 30.83 -26.71
N ASN R 259 74.05 31.31 -27.96
CA ASN R 259 75.34 31.33 -28.63
C ASN R 259 76.36 32.16 -27.84
N ASN R 260 75.87 33.15 -27.12
CA ASN R 260 76.70 34.13 -26.43
C ASN R 260 76.54 34.15 -24.90
N ALA R 261 75.50 33.49 -24.40
CA ALA R 261 75.29 33.39 -22.97
C ALA R 261 75.60 31.98 -22.48
N ASN R 262 75.72 31.05 -23.44
CA ASN R 262 75.83 29.60 -23.15
C ASN R 262 74.61 29.04 -22.38
N LEU R 263 74.69 27.75 -22.03
CA LEU R 263 73.54 27.04 -21.45
C LEU R 263 73.84 26.57 -20.02
N GLY R 264 73.37 25.37 -19.66
CA GLY R 264 73.57 24.84 -18.32
C GLY R 264 73.36 23.34 -18.18
N TYR R 265 72.88 22.93 -17.01
CA TYR R 265 72.76 21.51 -16.65
C TYR R 265 71.75 20.74 -17.48
N VAL R 266 70.72 21.41 -18.00
CA VAL R 266 69.75 20.75 -18.86
C VAL R 266 70.47 20.13 -20.06
N HIS R 267 71.21 20.96 -20.80
CA HIS R 267 71.93 20.46 -21.97
C HIS R 267 73.10 19.54 -21.61
N ALA R 268 73.69 19.76 -20.44
CA ALA R 268 74.75 18.89 -19.94
C ALA R 268 74.22 17.48 -19.68
N MET R 269 73.02 17.40 -19.10
CA MET R 269 72.38 16.13 -18.83
C MET R 269 71.74 15.51 -20.06
N ALA R 270 71.05 16.33 -20.87
CA ALA R 270 70.36 15.88 -22.08
C ALA R 270 71.29 15.23 -23.11
N HIS R 271 72.52 15.74 -23.22
CA HIS R 271 73.53 15.14 -24.09
C HIS R 271 73.88 13.71 -23.66
N GLN R 272 73.78 13.44 -22.37
CA GLN R 272 74.03 12.08 -21.85
C GLN R 272 72.86 11.16 -22.12
N LEU R 273 71.64 11.70 -22.09
CA LEU R 273 70.45 10.93 -22.48
C LEU R 273 70.47 10.53 -23.95
N GLY R 274 71.10 11.35 -24.79
CA GLY R 274 71.30 11.03 -26.21
C GLY R 274 72.50 10.14 -26.41
N GLY R 275 73.46 10.19 -25.49
CA GLY R 275 74.67 9.38 -25.53
C GLY R 275 74.48 7.92 -25.12
N LEU R 276 73.34 7.62 -24.50
CA LEU R 276 73.05 6.25 -24.05
C LEU R 276 71.82 5.62 -24.71
N TYR R 277 70.77 6.41 -24.92
CA TYR R 277 69.53 5.90 -25.51
C TYR R 277 69.24 6.49 -26.89
N ASP R 278 70.20 7.23 -27.43
CA ASP R 278 70.02 8.10 -28.62
C ASP R 278 68.66 8.82 -28.67
N MET R 279 68.26 9.33 -27.50
CA MET R 279 66.98 10.00 -27.31
C MET R 279 66.96 11.37 -28.02
N PRO R 280 65.88 11.66 -28.76
CA PRO R 280 65.73 12.95 -29.44
C PRO R 280 66.10 14.13 -28.52
N HIS R 281 67.06 14.94 -28.95
CA HIS R 281 67.60 16.04 -28.17
C HIS R 281 66.51 16.92 -27.55
N GLY R 282 65.49 17.23 -28.35
CA GLY R 282 64.37 18.05 -27.91
C GLY R 282 63.59 17.46 -26.74
N VAL R 283 63.28 16.18 -26.80
CA VAL R 283 62.52 15.55 -25.71
C VAL R 283 63.40 15.29 -24.50
N ALA R 284 64.70 15.08 -24.74
CA ALA R 284 65.66 14.95 -23.65
C ALA R 284 65.69 16.22 -22.81
N ASN R 285 65.75 17.37 -23.48
CA ASN R 285 65.70 18.67 -22.82
C ASN R 285 64.36 18.91 -22.13
N ALA R 286 63.28 18.63 -22.85
CA ALA R 286 61.92 18.93 -22.41
C ALA R 286 61.55 18.30 -21.08
N VAL R 287 61.79 17.01 -20.96
CA VAL R 287 61.47 16.24 -19.76
C VAL R 287 62.39 16.60 -18.57
N LEU R 288 63.57 17.12 -18.89
CA LEU R 288 64.55 17.51 -17.89
C LEU R 288 64.33 18.94 -17.39
N LEU R 289 63.99 19.83 -18.33
CA LEU R 289 63.89 21.26 -18.05
C LEU R 289 63.33 21.64 -16.67
N PRO R 290 62.09 21.25 -16.35
CA PRO R 290 61.47 21.80 -15.14
C PRO R 290 62.19 21.37 -13.86
N HIS R 291 62.76 20.17 -13.87
CA HIS R 291 63.46 19.63 -12.71
C HIS R 291 64.81 20.30 -12.48
N VAL R 292 65.50 20.62 -13.57
CA VAL R 292 66.75 21.36 -13.50
C VAL R 292 66.44 22.81 -13.15
N ALA R 293 65.44 23.39 -13.81
CA ALA R 293 65.00 24.75 -13.53
C ALA R 293 64.68 24.95 -12.05
N ARG R 294 64.03 23.96 -11.45
CA ARG R 294 63.73 23.96 -10.01
C ARG R 294 65.01 23.94 -9.17
N TYR R 295 65.96 23.10 -9.57
CA TYR R 295 67.26 22.97 -8.90
C TYR R 295 68.06 24.27 -8.96
N ASN R 296 67.99 24.96 -10.10
CA ASN R 296 68.70 26.22 -10.33
C ASN R 296 68.01 27.43 -9.71
N LEU R 297 66.74 27.25 -9.30
CA LEU R 297 65.91 28.36 -8.82
C LEU R 297 66.59 29.18 -7.74
N ILE R 298 67.28 28.52 -6.82
CA ILE R 298 67.94 29.21 -5.69
C ILE R 298 69.09 30.12 -6.10
N ALA R 299 69.56 29.96 -7.34
CA ALA R 299 70.66 30.77 -7.87
C ALA R 299 70.18 32.18 -8.24
N ASN R 300 68.93 32.28 -8.67
CA ASN R 300 68.36 33.54 -9.15
C ASN R 300 66.84 33.54 -9.14
N PRO R 301 66.24 33.55 -7.93
CA PRO R 301 64.78 33.59 -7.85
C PRO R 301 64.16 34.74 -8.65
N GLU R 302 64.82 35.90 -8.66
CA GLU R 302 64.33 37.09 -9.40
C GLU R 302 64.11 36.81 -10.89
N LYS R 303 65.08 36.18 -11.55
CA LYS R 303 64.97 35.89 -12.97
C LYS R 303 63.97 34.78 -13.28
N PHE R 304 63.71 33.91 -12.31
CA PHE R 304 62.63 32.91 -12.45
C PHE R 304 61.26 33.55 -12.25
N ALA R 305 61.21 34.57 -11.40
CA ALA R 305 60.03 35.43 -11.30
C ALA R 305 59.78 36.13 -12.63
N ASP R 306 60.86 36.57 -13.29
CA ASP R 306 60.80 37.16 -14.62
C ASP R 306 60.22 36.17 -15.63
N ILE R 307 60.67 34.91 -15.53
CA ILE R 307 60.21 33.86 -16.44
C ILE R 307 58.69 33.65 -16.32
N ALA R 308 58.22 33.38 -15.11
CA ALA R 308 56.78 33.21 -14.85
C ALA R 308 55.95 34.29 -15.53
N GLU R 309 56.34 35.55 -15.31
CA GLU R 309 55.68 36.73 -15.87
C GLU R 309 55.78 36.73 -17.40
N LEU R 310 56.95 36.40 -17.92
CA LEU R 310 57.16 36.32 -19.37
C LEU R 310 56.31 35.23 -20.01
N MET R 311 56.01 34.17 -19.26
CA MET R 311 55.16 33.08 -19.75
C MET R 311 53.66 33.32 -19.57
N GLY R 312 53.28 34.47 -19.02
CA GLY R 312 51.88 34.86 -18.94
C GLY R 312 51.18 34.71 -17.59
N GLU R 313 51.93 34.25 -16.59
CA GLU R 313 51.39 34.06 -15.24
C GLU R 313 51.11 35.39 -14.52
N ASN R 314 50.21 35.35 -13.54
CA ASN R 314 49.91 36.49 -12.70
C ASN R 314 50.75 36.44 -11.43
N ILE R 315 51.50 37.51 -11.20
CA ILE R 315 52.56 37.56 -10.19
C ILE R 315 52.27 38.61 -9.08
N THR R 316 51.12 39.27 -9.22
CA THR R 316 50.77 40.50 -8.50
C THR R 316 51.10 40.57 -6.99
N GLY R 317 50.50 39.71 -6.18
CA GLY R 317 50.68 39.80 -4.72
C GLY R 317 51.58 38.71 -4.16
N LEU R 318 52.62 38.36 -4.90
CA LEU R 318 53.47 37.23 -4.56
C LEU R 318 54.88 37.63 -4.18
N SER R 319 55.45 36.90 -3.23
CA SER R 319 56.87 37.01 -2.94
C SER R 319 57.62 36.52 -4.16
N THR R 320 58.83 37.03 -4.34
CA THR R 320 59.70 36.58 -5.42
C THR R 320 59.75 35.05 -5.49
N LEU R 321 59.90 34.41 -4.33
CA LEU R 321 59.97 32.95 -4.26
C LEU R 321 58.72 32.27 -4.81
N ASP R 322 57.56 32.81 -4.45
CA ASP R 322 56.28 32.29 -4.93
C ASP R 322 56.09 32.51 -6.42
N ALA R 323 56.64 33.60 -6.93
CA ALA R 323 56.60 33.90 -8.36
C ALA R 323 57.51 32.94 -9.13
N ALA R 324 58.66 32.60 -8.52
CA ALA R 324 59.61 31.68 -9.12
C ALA R 324 59.01 30.29 -9.24
N GLU R 325 58.33 29.80 -8.20
CA GLU R 325 57.62 28.51 -8.26
C GLU R 325 56.64 28.46 -9.42
N LYS R 326 55.94 29.56 -9.65
CA LYS R 326 55.02 29.66 -10.77
C LYS R 326 55.69 29.45 -12.14
N ALA R 327 56.96 29.83 -12.26
CA ALA R 327 57.70 29.60 -13.49
C ALA R 327 57.87 28.12 -13.75
N ILE R 328 58.22 27.38 -12.69
CA ILE R 328 58.34 25.94 -12.82
C ILE R 328 57.00 25.38 -13.28
N ALA R 329 55.95 25.60 -12.50
CA ALA R 329 54.60 25.14 -12.84
C ALA R 329 54.14 25.57 -14.23
N ALA R 330 54.60 26.72 -14.70
CA ALA R 330 54.27 27.21 -16.05
C ALA R 330 54.95 26.37 -17.13
N ILE R 331 56.25 26.10 -16.92
CA ILE R 331 57.02 25.26 -17.83
C ILE R 331 56.41 23.86 -17.92
N THR R 332 56.13 23.26 -16.76
CA THR R 332 55.63 21.89 -16.76
C THR R 332 54.19 21.77 -17.30
N ARG R 333 53.43 22.87 -17.23
CA ARG R 333 52.09 22.89 -17.82
C ARG R 333 52.21 22.85 -19.34
N LEU R 334 53.09 23.68 -19.89
CA LEU R 334 53.33 23.71 -21.33
C LEU R 334 53.76 22.34 -21.83
N SER R 335 54.66 21.70 -21.09
CA SER R 335 55.19 20.40 -21.44
C SER R 335 54.08 19.36 -21.61
N MET R 336 53.20 19.26 -20.63
CA MET R 336 52.10 18.29 -20.69
C MET R 336 51.11 18.61 -21.81
N ASP R 337 50.77 19.90 -21.95
CA ASP R 337 49.80 20.39 -22.93
C ASP R 337 50.14 20.04 -24.37
N ILE R 338 51.43 19.94 -24.66
CA ILE R 338 51.90 19.65 -26.03
C ILE R 338 52.22 18.16 -26.22
N GLY R 339 52.17 17.41 -25.12
CA GLY R 339 52.25 15.95 -25.17
C GLY R 339 53.63 15.38 -24.94
N ILE R 340 54.54 16.18 -24.39
CA ILE R 340 55.87 15.70 -24.02
C ILE R 340 55.71 14.59 -22.97
N PRO R 341 56.42 13.46 -23.13
CA PRO R 341 56.42 12.42 -22.10
C PRO R 341 57.05 12.93 -20.81
N GLN R 342 56.43 12.61 -19.68
CA GLN R 342 56.74 13.26 -18.41
C GLN R 342 57.73 12.51 -17.51
N HIS R 343 57.85 11.20 -17.71
CA HIS R 343 58.76 10.39 -16.91
C HIS R 343 59.77 9.67 -17.79
N LEU R 344 61.05 9.81 -17.43
CA LEU R 344 62.16 9.16 -18.15
C LEU R 344 62.01 7.64 -18.21
N ARG R 345 61.34 7.08 -17.20
CA ARG R 345 60.98 5.66 -17.13
C ARG R 345 60.26 5.19 -18.39
N ASP R 346 59.50 6.09 -19.00
CA ASP R 346 58.73 5.79 -20.21
C ASP R 346 59.58 5.78 -21.48
N LEU R 347 60.82 6.26 -21.40
CA LEU R 347 61.72 6.30 -22.56
C LEU R 347 62.91 5.35 -22.43
N GLY R 348 62.73 4.26 -21.68
CA GLY R 348 63.75 3.22 -21.53
C GLY R 348 64.96 3.58 -20.69
N VAL R 349 64.88 4.66 -19.91
CA VAL R 349 65.95 5.10 -19.02
C VAL R 349 66.02 4.19 -17.80
N LYS R 350 67.22 3.97 -17.27
CA LYS R 350 67.42 3.10 -16.11
C LYS R 350 68.05 3.82 -14.92
N GLU R 351 67.51 3.54 -13.73
CA GLU R 351 67.93 4.18 -12.48
C GLU R 351 69.41 4.03 -12.13
N THR R 352 70.04 2.94 -12.58
CA THR R 352 71.45 2.70 -12.25
C THR R 352 72.43 3.20 -13.31
N ASP R 353 71.88 3.82 -14.35
CA ASP R 353 72.68 4.60 -15.30
C ASP R 353 72.92 6.02 -14.78
N PHE R 354 72.18 6.40 -13.74
CA PHE R 354 72.28 7.75 -13.15
C PHE R 354 73.69 8.15 -12.69
N PRO R 355 74.37 7.29 -11.91
CA PRO R 355 75.72 7.64 -11.41
C PRO R 355 76.69 7.95 -12.54
N TYR R 356 76.70 7.12 -13.57
CA TYR R 356 77.57 7.29 -14.73
C TYR R 356 77.18 8.53 -15.52
N MET R 357 75.87 8.69 -15.77
CA MET R 357 75.36 9.85 -16.50
C MET R 357 75.62 11.18 -15.79
N ALA R 358 75.63 11.17 -14.45
CA ALA R 358 75.89 12.37 -13.66
C ALA R 358 77.35 12.80 -13.76
N GLU R 359 78.25 11.81 -13.69
CA GLU R 359 79.69 12.05 -13.78
C GLU R 359 80.08 12.69 -15.11
N MET R 360 79.47 12.19 -16.18
CA MET R 360 79.75 12.68 -17.53
C MET R 360 79.15 14.07 -17.73
N ALA R 361 77.91 14.26 -17.28
CA ALA R 361 77.18 15.52 -17.46
C ALA R 361 77.89 16.69 -16.78
N LEU R 362 78.55 16.41 -15.66
CA LEU R 362 79.36 17.38 -14.93
C LEU R 362 80.55 17.85 -15.80
N LYS R 363 81.02 16.98 -16.68
CA LYS R 363 82.20 17.25 -17.51
C LYS R 363 81.86 17.85 -18.88
N ASP R 364 80.57 17.94 -19.21
CA ASP R 364 80.15 18.50 -20.49
C ASP R 364 80.43 20.00 -20.51
N GLY R 365 80.80 20.52 -21.68
CA GLY R 365 81.11 21.94 -21.85
C GLY R 365 79.99 22.87 -21.40
N ASN R 366 78.74 22.41 -21.59
CA ASN R 366 77.57 23.19 -21.20
C ASN R 366 77.36 23.36 -19.70
N ALA R 367 78.04 22.52 -18.91
CA ALA R 367 77.85 22.50 -17.46
C ALA R 367 78.42 23.72 -16.71
N PHE R 368 79.46 24.34 -17.25
CA PHE R 368 80.15 25.38 -16.50
C PHE R 368 79.46 26.75 -16.46
N SER R 369 78.52 27.00 -17.36
CA SER R 369 77.77 28.25 -17.34
C SER R 369 76.47 28.14 -16.53
N ASN R 370 76.16 26.92 -16.05
CA ASN R 370 75.00 26.71 -15.19
C ASN R 370 75.13 27.54 -13.92
N PRO R 371 74.08 28.30 -13.59
CA PRO R 371 74.12 29.28 -12.48
C PRO R 371 74.32 28.66 -11.10
N ARG R 372 74.02 27.37 -10.95
CA ARG R 372 74.29 26.65 -9.71
C ARG R 372 75.38 25.61 -9.89
N LYS R 373 76.38 25.65 -9.02
CA LYS R 373 77.48 24.69 -9.07
C LYS R 373 77.17 23.50 -8.17
N GLY R 374 76.98 22.35 -8.79
CA GLY R 374 76.67 21.13 -8.04
C GLY R 374 77.73 20.06 -8.20
N ASN R 375 77.38 18.84 -7.77
CA ASN R 375 78.24 17.67 -7.91
C ASN R 375 77.46 16.50 -8.53
N GLU R 376 78.01 15.30 -8.40
CA GLU R 376 77.39 14.11 -9.00
C GLU R 376 76.15 13.64 -8.24
N GLN R 377 76.23 13.59 -6.92
CA GLN R 377 75.09 13.21 -6.09
C GLN R 377 73.88 14.06 -6.43
N GLU R 378 74.12 15.37 -6.59
CA GLU R 378 73.06 16.33 -6.90
C GLU R 378 72.49 16.16 -8.30
N ILE R 379 73.36 15.97 -9.29
CA ILE R 379 72.90 15.76 -10.67
C ILE R 379 72.18 14.41 -10.82
N ALA R 380 72.65 13.39 -10.10
CA ALA R 380 71.94 12.11 -10.03
C ALA R 380 70.53 12.30 -9.46
N ALA R 381 70.43 13.08 -8.39
CA ALA R 381 69.15 13.32 -7.71
C ALA R 381 68.12 13.99 -8.63
N ILE R 382 68.59 14.80 -9.58
CA ILE R 382 67.74 15.44 -10.58
C ILE R 382 67.21 14.40 -11.57
N PHE R 383 68.07 13.47 -12.00
CA PHE R 383 67.65 12.37 -12.84
C PHE R 383 66.53 11.55 -12.19
N ARG R 384 66.66 11.31 -10.88
CA ARG R 384 65.65 10.57 -10.11
C ARG R 384 64.34 11.35 -10.02
N GLN R 385 64.45 12.67 -9.86
CA GLN R 385 63.30 13.56 -9.90
C GLN R 385 62.64 13.50 -11.29
N ALA R 386 63.46 13.30 -12.31
CA ALA R 386 62.98 13.19 -13.69
C ALA R 386 62.53 11.77 -14.04
N PHE R 387 62.88 10.80 -13.20
CA PHE R 387 62.54 9.40 -13.44
C PHE R 387 61.11 9.07 -13.00
N ARG S 4 42.06 32.97 -46.00
CA ARG S 4 42.20 34.38 -46.47
C ARG S 4 40.94 34.85 -47.21
N MET S 5 40.00 33.94 -47.42
CA MET S 5 38.73 34.30 -48.05
C MET S 5 37.59 33.48 -47.48
N PHE S 6 36.40 34.07 -47.45
CA PHE S 6 35.26 33.46 -46.77
C PHE S 6 33.94 33.68 -47.51
N ASP S 7 33.05 32.70 -47.41
CA ASP S 7 31.67 32.86 -47.83
C ASP S 7 30.78 33.00 -46.60
N TYR S 8 29.61 33.60 -46.78
CA TYR S 8 28.62 33.77 -45.71
C TYR S 8 27.23 33.65 -46.30
N LEU S 9 26.61 32.49 -46.11
CA LEU S 9 25.31 32.19 -46.71
C LEU S 9 24.18 32.29 -45.69
N VAL S 10 23.06 32.83 -46.15
CA VAL S 10 21.88 33.05 -45.33
C VAL S 10 20.66 33.16 -46.25
N PRO S 11 19.53 32.57 -45.85
CA PRO S 11 18.31 32.77 -46.61
C PRO S 11 18.04 34.26 -46.85
N ASN S 12 17.65 34.57 -48.07
CA ASN S 12 17.24 35.92 -48.46
C ASN S 12 16.41 36.60 -47.37
N VAL S 13 15.28 35.97 -47.02
CA VAL S 13 14.33 36.52 -46.07
C VAL S 13 14.23 35.59 -44.86
N ASN S 14 14.29 36.18 -43.66
CA ASN S 14 14.12 35.42 -42.43
C ASN S 14 13.14 36.10 -41.49
N PHE S 15 12.24 35.32 -40.91
CA PHE S 15 11.29 35.82 -39.92
C PHE S 15 11.51 35.12 -38.59
N PHE S 16 11.44 35.88 -37.50
CA PHE S 16 11.55 35.32 -36.16
C PHE S 16 10.78 36.13 -35.12
N GLY S 17 10.48 35.49 -34.00
CA GLY S 17 9.76 36.14 -32.91
C GLY S 17 8.35 35.59 -32.78
N PRO S 18 7.68 35.86 -31.63
CA PRO S 18 6.30 35.45 -31.36
C PRO S 18 5.33 35.71 -32.52
N ASN S 19 4.59 34.66 -32.89
CA ASN S 19 3.61 34.70 -33.99
C ASN S 19 4.19 35.04 -35.36
N ALA S 20 5.41 34.55 -35.62
CA ALA S 20 6.06 34.74 -36.93
C ALA S 20 5.55 33.76 -37.99
N ILE S 21 4.75 32.79 -37.56
CA ILE S 21 4.12 31.84 -38.46
C ILE S 21 3.05 32.49 -39.36
N SER S 22 2.52 33.62 -38.92
CA SER S 22 1.42 34.30 -39.63
C SER S 22 1.76 34.68 -41.08
N VAL S 23 3.03 34.60 -41.44
CA VAL S 23 3.48 35.01 -42.78
C VAL S 23 3.77 33.86 -43.77
N VAL S 24 3.52 32.60 -43.37
CA VAL S 24 3.78 31.45 -44.26
C VAL S 24 3.07 31.55 -45.60
N GLY S 25 1.75 31.77 -45.55
CA GLY S 25 0.94 31.92 -46.75
C GLY S 25 1.36 33.16 -47.51
N GLU S 26 1.48 34.25 -46.77
CA GLU S 26 1.93 35.54 -47.31
C GLU S 26 3.20 35.37 -48.14
N ARG S 27 4.17 34.64 -47.60
CA ARG S 27 5.47 34.41 -48.26
C ARG S 27 5.40 33.40 -49.40
N CYS S 28 4.42 32.49 -49.33
CA CYS S 28 4.19 31.54 -50.41
C CYS S 28 3.59 32.24 -51.64
N GLN S 29 2.78 33.27 -51.40
CA GLN S 29 2.23 34.11 -52.46
C GLN S 29 3.33 34.83 -53.24
N LEU S 30 4.30 35.37 -52.51
CA LEU S 30 5.37 36.18 -53.10
C LEU S 30 6.42 35.34 -53.82
N LEU S 31 6.71 34.15 -53.30
CA LEU S 31 7.61 33.21 -53.97
C LEU S 31 6.95 32.54 -55.18
N GLY S 32 5.67 32.85 -55.40
CA GLY S 32 4.91 32.28 -56.53
C GLY S 32 4.61 30.81 -56.35
N GLY S 33 4.22 30.43 -55.14
CA GLY S 33 3.87 29.05 -54.83
C GLY S 33 2.37 28.85 -54.81
N LYS S 34 1.89 27.99 -55.71
CA LYS S 34 0.47 27.70 -55.83
C LYS S 34 0.09 26.49 -54.99
N LYS S 35 0.96 25.47 -54.99
CA LYS S 35 0.65 24.18 -54.38
C LYS S 35 1.82 23.70 -53.52
N ALA S 36 1.57 23.57 -52.21
CA ALA S 36 2.62 23.33 -51.23
C ALA S 36 2.73 21.87 -50.79
N LEU S 37 3.97 21.40 -50.65
CA LEU S 37 4.25 20.10 -50.05
C LEU S 37 4.68 20.33 -48.60
N LEU S 38 3.75 20.12 -47.68
CA LEU S 38 4.01 20.20 -46.25
C LEU S 38 4.82 18.98 -45.83
N VAL S 39 6.08 19.20 -45.49
CA VAL S 39 6.95 18.11 -45.05
C VAL S 39 7.07 18.14 -43.53
N THR S 40 6.64 17.06 -42.88
CA THR S 40 6.61 17.02 -41.41
C THR S 40 6.83 15.63 -40.79
N ASP S 41 6.66 15.56 -39.47
CA ASP S 41 6.77 14.33 -38.69
C ASP S 41 5.39 13.78 -38.39
N LYS S 42 5.33 12.48 -38.08
CA LYS S 42 4.09 11.86 -37.59
C LYS S 42 3.65 12.47 -36.24
N GLY S 43 4.63 12.86 -35.43
CA GLY S 43 4.39 13.46 -34.12
C GLY S 43 3.85 14.88 -34.16
N LEU S 44 4.30 15.66 -35.13
CA LEU S 44 3.85 17.04 -35.31
C LEU S 44 2.46 17.16 -35.94
N ARG S 45 2.11 16.20 -36.81
CA ARG S 45 0.82 16.19 -37.48
C ARG S 45 -0.30 15.87 -36.49
N LYS S 48 -2.92 15.86 -34.48
CA LYS S 48 -2.28 15.36 -33.28
C LYS S 48 -2.11 16.44 -32.21
N ASP S 49 -2.05 17.70 -32.65
CA ASP S 49 -1.95 18.86 -31.74
C ASP S 49 -2.39 20.18 -32.37
N GLY S 50 -1.42 21.02 -32.77
CA GLY S 50 -1.70 22.33 -33.35
C GLY S 50 -0.49 23.25 -33.56
N ALA S 51 0.54 22.74 -34.23
CA ALA S 51 1.67 23.56 -34.72
C ALA S 51 1.78 23.49 -36.24
N VAL S 52 1.46 22.31 -36.81
CA VAL S 52 1.25 22.20 -38.26
C VAL S 52 -0.15 22.68 -38.63
N ASP S 53 -1.05 22.68 -37.65
CA ASP S 53 -2.39 23.24 -37.81
C ASP S 53 -2.32 24.74 -38.01
N LYS S 54 -1.33 25.36 -37.36
CA LYS S 54 -1.11 26.80 -37.50
C LYS S 54 -0.62 27.13 -38.90
N THR S 55 0.39 26.39 -39.37
CA THR S 55 0.91 26.56 -40.72
C THR S 55 -0.20 26.41 -41.75
N LEU S 56 -1.04 25.38 -41.57
CA LEU S 56 -2.20 25.11 -42.42
C LEU S 56 -3.24 26.22 -42.44
N HIS S 57 -3.40 26.93 -41.32
CA HIS S 57 -4.40 27.98 -41.18
C HIS S 57 -4.11 29.17 -42.10
N TYR S 58 -2.89 29.71 -41.98
CA TYR S 58 -2.46 30.86 -42.77
C TYR S 58 -2.13 30.47 -44.21
N LEU S 59 -1.83 29.20 -44.42
CA LEU S 59 -1.53 28.67 -45.75
C LEU S 59 -2.82 28.52 -46.55
N ARG S 60 -3.93 28.26 -45.86
CA ARG S 60 -5.26 28.18 -46.48
C ARG S 60 -5.94 29.55 -46.55
N GLU S 61 -5.58 30.45 -45.64
CA GLU S 61 -6.13 31.80 -45.62
C GLU S 61 -5.56 32.67 -46.76
N ALA S 62 -4.51 32.18 -47.40
CA ALA S 62 -3.88 32.88 -48.52
C ALA S 62 -4.17 32.20 -49.86
N GLY S 63 -4.92 31.11 -49.82
CA GLY S 63 -5.34 30.40 -51.03
C GLY S 63 -4.28 29.50 -51.61
N ILE S 64 -3.68 28.66 -50.76
CA ILE S 64 -2.69 27.67 -51.20
C ILE S 64 -3.12 26.28 -50.72
N GLU S 65 -3.38 25.37 -51.66
CA GLU S 65 -3.69 23.99 -51.31
C GLU S 65 -2.42 23.25 -50.91
N VAL S 66 -2.57 22.19 -50.14
CA VAL S 66 -1.41 21.51 -49.55
C VAL S 66 -1.59 19.99 -49.46
N ALA S 67 -0.50 19.28 -49.73
CA ALA S 67 -0.43 17.85 -49.49
C ALA S 67 0.60 17.58 -48.40
N ILE S 68 0.11 17.18 -47.22
CA ILE S 68 0.95 16.82 -46.09
C ILE S 68 1.80 15.60 -46.41
N PHE S 69 3.05 15.60 -45.93
CA PHE S 69 3.88 14.41 -45.97
C PHE S 69 4.59 14.21 -44.63
N ASP S 70 4.17 13.17 -43.90
CA ASP S 70 4.67 12.94 -42.55
C ASP S 70 5.47 11.63 -42.43
N GLY S 71 6.09 11.22 -43.52
CA GLY S 71 6.88 9.99 -43.56
C GLY S 71 8.37 10.20 -43.33
N VAL S 72 8.71 11.14 -42.46
CA VAL S 72 10.12 11.42 -42.15
C VAL S 72 10.45 10.92 -40.74
N GLU S 73 11.56 10.19 -40.62
CA GLU S 73 12.00 9.63 -39.36
C GLU S 73 13.08 10.49 -38.72
N PRO S 74 13.25 10.39 -37.38
CA PRO S 74 14.48 10.91 -36.77
C PRO S 74 15.68 10.25 -37.47
N ASN S 75 16.63 11.08 -37.92
CA ASN S 75 17.63 10.68 -38.91
C ASN S 75 16.95 10.32 -40.24
N PRO S 76 16.83 11.31 -41.14
CA PRO S 76 16.10 11.16 -42.40
C PRO S 76 16.77 10.15 -43.31
N LYS S 77 15.99 9.17 -43.78
CA LYS S 77 16.48 8.10 -44.64
C LYS S 77 16.59 8.57 -46.09
N ASP S 78 17.41 7.87 -46.87
CA ASP S 78 17.51 8.12 -48.31
C ASP S 78 16.29 7.54 -49.05
N THR S 79 15.50 6.74 -48.33
CA THR S 79 14.24 6.20 -48.83
C THR S 79 13.09 7.15 -48.45
N ASN S 80 13.30 7.93 -47.39
CA ASN S 80 12.34 8.95 -46.96
C ASN S 80 12.19 10.08 -47.96
N VAL S 81 13.29 10.40 -48.65
CA VAL S 81 13.29 11.42 -49.71
C VAL S 81 12.58 10.93 -50.96
N ARG S 82 12.79 9.66 -51.31
CA ARG S 82 12.15 9.06 -52.49
C ARG S 82 10.63 9.02 -52.34
N ASP S 83 10.18 8.81 -51.10
CA ASP S 83 8.75 8.85 -50.79
C ASP S 83 8.21 10.27 -50.92
N GLY S 84 8.96 11.23 -50.34
CA GLY S 84 8.61 12.65 -50.41
C GLY S 84 8.51 13.20 -51.82
N LEU S 85 9.43 12.62 -52.72
CA LEU S 85 9.43 12.97 -54.14
C LEU S 85 8.23 12.38 -54.86
N ALA S 86 7.78 11.21 -54.39
CA ALA S 86 6.64 10.52 -55.01
C ALA S 86 5.32 11.24 -54.71
N VAL S 87 5.33 11.93 -53.44
CA VAL S 87 4.15 12.71 -53.06
C VAL S 87 4.16 14.05 -53.83
N PHE S 88 5.42 14.61 -54.00
CA PHE S 88 5.67 15.83 -54.79
C PHE S 88 4.99 15.68 -56.23
N ARG S 89 5.47 14.60 -56.93
CA ARG S 89 5.08 14.42 -58.36
C ARG S 89 3.59 14.15 -58.64
N ARG S 90 3.01 13.19 -57.83
CA ARG S 90 1.59 12.82 -57.91
C ARG S 90 0.67 14.02 -57.64
N GLU S 91 1.10 14.89 -56.72
CA GLU S 91 0.35 16.09 -56.36
C GLU S 91 0.82 17.35 -57.10
N GLN S 92 1.70 17.15 -58.09
CA GLN S 92 2.24 18.24 -58.93
C GLN S 92 2.63 19.49 -58.12
N CYS S 93 3.50 19.28 -57.12
CA CYS S 93 3.88 20.34 -56.18
C CYS S 93 4.66 21.49 -56.80
N ASP S 94 4.66 22.64 -56.12
CA ASP S 94 5.18 23.89 -56.64
C ASP S 94 6.16 24.55 -55.66
N ILE S 95 5.96 24.26 -54.38
CA ILE S 95 6.71 24.87 -53.30
C ILE S 95 6.76 23.90 -52.11
N ILE S 96 7.93 23.76 -51.51
CA ILE S 96 8.11 22.84 -50.38
C ILE S 96 8.15 23.61 -49.06
N VAL S 97 7.16 23.36 -48.22
CA VAL S 97 7.08 23.97 -46.89
C VAL S 97 7.39 22.93 -45.82
N THR S 98 8.45 23.17 -45.05
CA THR S 98 8.90 22.18 -44.08
C THR S 98 8.72 22.69 -42.66
N VAL S 99 7.89 21.99 -41.88
CA VAL S 99 7.72 22.33 -40.47
C VAL S 99 8.20 21.23 -39.53
N GLY S 100 9.01 21.63 -38.55
CA GLY S 100 9.59 20.71 -37.59
C GLY S 100 11.02 21.03 -37.18
N GLY S 101 11.74 20.01 -36.73
CA GLY S 101 13.13 20.17 -36.32
C GLY S 101 14.10 19.92 -37.47
N GLY S 102 15.11 19.10 -37.21
CA GLY S 102 16.15 18.79 -38.21
C GLY S 102 15.70 17.84 -39.30
N SER S 103 14.88 16.85 -38.91
CA SER S 103 14.41 15.81 -39.82
C SER S 103 13.64 16.37 -41.04
N PRO S 104 12.52 17.07 -40.82
CA PRO S 104 11.74 17.61 -41.94
C PRO S 104 12.48 18.61 -42.82
N HIS S 105 13.38 19.40 -42.25
CA HIS S 105 14.12 20.40 -43.03
C HIS S 105 15.11 19.77 -44.01
N ASP S 106 15.89 18.81 -43.54
CA ASP S 106 16.88 18.12 -44.37
C ASP S 106 16.20 17.28 -45.45
N CYS S 107 15.08 16.65 -45.09
CA CYS S 107 14.29 15.86 -46.03
C CYS S 107 13.68 16.76 -47.10
N GLY S 108 13.10 17.87 -46.67
CA GLY S 108 12.52 18.86 -47.58
C GLY S 108 13.52 19.42 -48.58
N LYS S 109 14.79 19.49 -48.18
CA LYS S 109 15.87 19.86 -49.08
C LYS S 109 16.20 18.72 -50.04
N GLY S 110 16.21 17.49 -49.52
CA GLY S 110 16.49 16.30 -50.33
C GLY S 110 15.44 16.03 -51.40
N ILE S 111 14.17 16.20 -51.03
CA ILE S 111 13.06 16.06 -51.98
C ILE S 111 13.23 17.12 -53.06
N GLY S 112 13.51 18.35 -52.65
CA GLY S 112 13.80 19.44 -53.58
C GLY S 112 14.91 19.11 -54.57
N ILE S 113 16.04 18.63 -53.99
CA ILE S 113 17.20 18.23 -54.79
C ILE S 113 16.84 17.20 -55.86
N ALA S 114 16.13 16.15 -55.44
CA ALA S 114 15.78 15.04 -56.33
C ALA S 114 14.73 15.36 -57.43
N ALA S 115 13.91 16.41 -57.18
CA ALA S 115 12.78 16.77 -58.08
C ALA S 115 13.18 17.78 -59.19
N THR S 116 14.58 17.95 -59.27
CA THR S 116 15.08 18.93 -60.27
C THR S 116 16.35 18.40 -60.95
N HIS S 117 17.02 17.42 -60.15
CA HIS S 117 18.30 16.89 -60.58
C HIS S 117 18.24 15.42 -60.98
N GLU S 118 18.91 15.12 -62.10
CA GLU S 118 18.99 13.77 -62.69
C GLU S 118 18.51 12.65 -61.76
N GLY S 119 17.38 12.04 -62.12
CA GLY S 119 16.68 11.04 -61.30
C GLY S 119 17.50 10.13 -60.41
N ASP S 120 18.05 10.69 -59.33
CA ASP S 120 18.86 9.95 -58.35
C ASP S 120 19.04 10.80 -57.08
N LEU S 121 19.86 10.32 -56.16
CA LEU S 121 19.96 10.92 -54.83
C LEU S 121 21.40 10.95 -54.27
N TYR S 122 21.98 9.77 -54.05
CA TYR S 122 23.28 9.62 -53.39
C TYR S 122 24.47 10.11 -54.23
N GLN S 123 24.31 10.04 -55.55
CA GLN S 123 25.38 10.30 -56.50
C GLN S 123 25.89 11.75 -56.47
N TYR S 124 25.23 12.60 -55.68
CA TYR S 124 25.50 14.03 -55.66
C TYR S 124 25.98 14.53 -54.29
N ALA S 125 26.55 13.61 -53.51
CA ALA S 125 27.10 13.93 -52.19
C ALA S 125 28.42 14.68 -52.32
N GLY S 126 28.78 15.41 -51.27
CA GLY S 126 30.02 16.19 -51.25
C GLY S 126 29.79 17.69 -51.16
N ILE S 127 30.52 18.45 -51.97
CA ILE S 127 30.45 19.91 -51.96
C ILE S 127 29.47 20.46 -53.01
N GLU S 128 29.81 21.62 -53.58
CA GLU S 128 28.97 22.32 -54.55
C GLU S 128 28.78 21.49 -55.83
N THR S 129 27.75 20.66 -55.85
CA THR S 129 27.53 19.72 -56.96
C THR S 129 26.20 19.92 -57.68
N LEU S 130 25.34 20.76 -57.11
CA LEU S 130 24.03 21.02 -57.70
C LEU S 130 24.10 22.05 -58.83
N THR S 131 23.28 21.83 -59.85
CA THR S 131 23.31 22.64 -61.07
C THR S 131 22.07 23.53 -61.23
N ASN S 132 20.89 22.97 -60.95
CA ASN S 132 19.61 23.66 -61.15
C ASN S 132 19.04 24.24 -59.85
N PRO S 133 18.24 25.33 -59.95
CA PRO S 133 17.60 25.85 -58.74
C PRO S 133 16.53 24.90 -58.21
N LEU S 134 16.45 24.78 -56.88
CA LEU S 134 15.44 23.95 -56.24
C LEU S 134 14.07 24.61 -56.33
N PRO S 135 13.00 23.85 -56.09
CA PRO S 135 11.72 24.50 -55.82
C PRO S 135 11.86 25.46 -54.64
N PRO S 136 11.13 26.58 -54.65
CA PRO S 136 11.20 27.51 -53.51
C PRO S 136 10.87 26.78 -52.21
N ILE S 137 11.66 27.03 -51.17
CA ILE S 137 11.49 26.36 -49.89
C ILE S 137 11.23 27.37 -48.76
N VAL S 138 10.09 27.21 -48.09
CA VAL S 138 9.80 27.99 -46.88
C VAL S 138 9.90 27.06 -45.68
N ALA S 139 10.94 27.26 -44.86
CA ALA S 139 11.23 26.38 -43.74
C ALA S 139 10.85 26.99 -42.40
N VAL S 140 9.77 26.48 -41.82
CA VAL S 140 9.33 26.89 -40.49
C VAL S 140 9.93 25.96 -39.44
N ASN S 141 10.69 26.55 -38.53
CA ASN S 141 11.42 25.81 -37.51
C ASN S 141 10.64 25.71 -36.21
N THR S 142 10.68 24.53 -35.60
CA THR S 142 9.88 24.20 -34.42
C THR S 142 10.80 23.85 -33.25
N THR S 143 12.11 23.82 -33.54
CA THR S 143 13.10 23.37 -32.56
C THR S 143 14.29 24.34 -32.43
N ALA S 144 14.76 24.53 -31.20
CA ALA S 144 15.88 25.43 -30.93
C ALA S 144 17.20 24.67 -30.84
N GLY S 145 17.57 24.03 -31.94
CA GLY S 145 18.75 23.18 -31.97
C GLY S 145 19.58 23.24 -33.24
N THR S 146 19.07 22.59 -34.28
CA THR S 146 19.84 22.31 -35.50
C THR S 146 20.05 23.53 -36.39
N ALA S 147 19.03 24.40 -36.44
CA ALA S 147 18.99 25.55 -37.35
C ALA S 147 19.20 25.14 -38.81
N SER S 148 18.58 24.04 -39.22
CA SER S 148 18.68 23.55 -40.59
C SER S 148 17.97 24.47 -41.57
N GLU S 149 17.02 25.26 -41.05
CA GLU S 149 16.22 26.18 -41.86
C GLU S 149 17.02 27.36 -42.43
N VAL S 150 18.31 27.41 -42.09
CA VAL S 150 19.16 28.53 -42.46
C VAL S 150 20.46 28.02 -43.10
N THR S 151 20.54 26.70 -43.30
CA THR S 151 21.78 26.05 -43.73
C THR S 151 21.84 25.72 -45.22
N ARG S 152 23.07 25.58 -45.72
CA ARG S 152 23.37 25.06 -47.04
C ARG S 152 23.49 23.53 -46.96
N HIS S 153 23.52 23.01 -45.74
CA HIS S 153 23.74 21.59 -45.46
C HIS S 153 22.50 20.73 -45.66
N CYS S 154 22.74 19.43 -45.86
CA CYS S 154 21.68 18.43 -46.03
C CYS S 154 22.23 17.05 -45.64
N VAL S 155 22.17 16.75 -44.35
CA VAL S 155 22.75 15.51 -43.81
C VAL S 155 21.75 14.36 -43.74
N LEU S 156 21.94 13.39 -44.63
CA LEU S 156 21.06 12.21 -44.75
C LEU S 156 21.85 10.91 -44.62
N THR S 157 21.12 9.81 -44.41
CA THR S 157 21.73 8.48 -44.24
C THR S 157 21.21 7.53 -45.31
N ASN S 158 22.08 6.61 -45.75
CA ASN S 158 21.75 5.63 -46.80
C ASN S 158 21.20 4.33 -46.22
N THR S 159 20.53 3.54 -47.07
CA THR S 159 20.00 2.22 -46.68
C THR S 159 20.78 1.09 -47.33
N GLU S 160 21.10 1.27 -48.62
CA GLU S 160 21.88 0.29 -49.38
C GLU S 160 23.28 0.11 -48.80
N THR S 161 23.90 1.22 -48.41
CA THR S 161 25.23 1.20 -47.78
C THR S 161 25.15 1.33 -46.26
N LYS S 162 23.98 1.79 -45.77
CA LYS S 162 23.73 2.01 -44.34
C LYS S 162 24.69 3.00 -43.70
N VAL S 163 25.00 4.08 -44.42
CA VAL S 163 25.95 5.10 -43.99
C VAL S 163 25.49 6.50 -44.36
N LYS S 164 25.96 7.50 -43.61
CA LYS S 164 25.57 8.89 -43.84
C LYS S 164 26.23 9.50 -45.08
N PHE S 165 25.50 10.38 -45.77
CA PHE S 165 26.02 11.11 -46.93
C PHE S 165 25.50 12.55 -46.93
N VAL S 166 26.40 13.50 -47.21
CA VAL S 166 26.11 14.92 -47.04
C VAL S 166 26.11 15.67 -48.38
N ILE S 167 25.22 16.65 -48.51
CA ILE S 167 25.18 17.53 -49.69
C ILE S 167 25.31 19.00 -49.26
N VAL S 168 26.36 19.65 -49.73
CA VAL S 168 26.68 21.04 -49.36
C VAL S 168 26.52 21.98 -50.57
N SER S 169 25.45 22.79 -50.57
CA SER S 169 25.19 23.70 -51.69
C SER S 169 24.40 24.96 -51.33
N TRP S 170 24.73 26.05 -52.01
CA TRP S 170 24.05 27.34 -51.83
C TRP S 170 22.58 27.31 -52.28
N ARG S 171 22.19 26.26 -52.99
CA ARG S 171 20.81 26.11 -53.45
C ARG S 171 19.97 25.36 -52.41
N ASN S 172 20.64 24.61 -51.53
CA ASN S 172 19.99 23.96 -50.39
C ASN S 172 19.53 24.99 -49.37
N LEU S 173 19.95 26.22 -49.58
CA LEU S 173 19.55 27.33 -48.74
C LEU S 173 18.09 27.65 -48.99
N PRO S 174 17.24 27.54 -47.94
CA PRO S 174 15.82 27.85 -48.08
C PRO S 174 15.62 29.28 -48.56
N SER S 175 14.51 29.53 -49.24
CA SER S 175 14.20 30.87 -49.73
C SER S 175 13.76 31.77 -48.58
N VAL S 176 13.08 31.17 -47.60
CA VAL S 176 12.55 31.88 -46.42
C VAL S 176 12.65 30.95 -45.21
N SER S 177 13.05 31.51 -44.06
CA SER S 177 13.03 30.77 -42.79
C SER S 177 12.10 31.43 -41.79
N ILE S 178 11.47 30.62 -40.93
CA ILE S 178 10.56 31.14 -39.90
C ILE S 178 10.84 30.54 -38.52
N ASN S 179 11.15 31.40 -37.55
CA ASN S 179 11.43 31.00 -36.18
C ASN S 179 10.46 31.61 -35.17
N ASP S 180 9.36 30.90 -34.91
CA ASP S 180 8.34 31.36 -33.98
C ASP S 180 8.38 30.54 -32.70
N PRO S 181 8.93 31.10 -31.60
CA PRO S 181 9.09 30.39 -30.34
C PRO S 181 7.78 29.95 -29.69
N LEU S 182 6.67 30.58 -30.08
CA LEU S 182 5.33 30.15 -29.66
C LEU S 182 4.99 28.74 -30.14
N LEU S 183 5.72 28.27 -31.15
CA LEU S 183 5.58 26.92 -31.68
C LEU S 183 6.56 25.94 -31.01
N MET S 184 7.44 26.48 -30.16
CA MET S 184 8.46 25.68 -29.48
C MET S 184 8.13 25.40 -28.00
N ILE S 185 7.09 26.07 -27.50
CA ILE S 185 6.68 25.94 -26.10
C ILE S 185 6.40 24.50 -25.66
N GLY S 186 5.93 23.67 -26.61
CA GLY S 186 5.53 22.30 -26.33
C GLY S 186 6.63 21.29 -26.06
N LYS S 187 7.84 21.58 -26.51
CA LYS S 187 8.98 20.66 -26.37
C LYS S 187 9.27 20.29 -24.91
N PRO S 188 9.41 18.98 -24.62
CA PRO S 188 9.68 18.50 -23.26
C PRO S 188 11.06 18.93 -22.75
N ALA S 189 11.28 18.79 -21.44
CA ALA S 189 12.51 19.27 -20.80
C ALA S 189 13.77 18.60 -21.33
N ALA S 190 13.72 17.29 -21.53
CA ALA S 190 14.89 16.54 -22.01
C ALA S 190 15.30 16.97 -23.42
N LEU S 191 14.31 17.17 -24.29
CA LEU S 191 14.54 17.56 -25.69
C LEU S 191 15.12 18.98 -25.80
N THR S 192 14.58 19.89 -25.00
CA THR S 192 15.00 21.30 -25.00
C THR S 192 16.43 21.49 -24.52
N ALA S 193 16.87 20.65 -23.57
CA ALA S 193 18.24 20.63 -23.09
C ALA S 193 19.16 20.04 -24.17
N ALA S 194 18.64 19.04 -24.89
CA ALA S 194 19.39 18.38 -25.95
C ALA S 194 19.58 19.29 -27.17
N THR S 195 18.50 19.94 -27.59
CA THR S 195 18.54 20.88 -28.71
C THR S 195 19.30 22.14 -28.34
N GLY S 196 19.17 22.56 -27.08
CA GLY S 196 19.94 23.68 -26.55
C GLY S 196 21.43 23.45 -26.70
N MET S 197 21.90 22.28 -26.25
CA MET S 197 23.32 21.92 -26.33
C MET S 197 23.83 21.80 -27.75
N ASP S 198 22.97 21.34 -28.66
CA ASP S 198 23.29 21.26 -30.10
C ASP S 198 23.61 22.66 -30.63
N ALA S 199 22.75 23.61 -30.30
CA ALA S 199 22.98 25.01 -30.66
C ALA S 199 24.29 25.51 -30.02
N LEU S 200 24.52 25.16 -28.75
CA LEU S 200 25.73 25.58 -28.04
C LEU S 200 26.96 25.04 -28.76
N THR S 201 26.86 23.78 -29.22
CA THR S 201 27.95 23.13 -29.94
C THR S 201 28.20 23.78 -31.30
N HIS S 202 27.13 24.19 -31.99
CA HIS S 202 27.26 24.94 -33.23
C HIS S 202 28.02 26.23 -32.97
N ALA S 203 27.64 26.90 -31.88
CA ALA S 203 28.21 28.19 -31.50
C ALA S 203 29.70 28.12 -31.15
N VAL S 204 30.06 27.22 -30.23
CA VAL S 204 31.46 27.14 -29.78
C VAL S 204 32.38 26.63 -30.86
N GLU S 205 31.87 25.70 -31.69
CA GLU S 205 32.68 25.10 -32.75
C GLU S 205 32.91 26.05 -33.92
N ALA S 206 31.90 26.83 -34.26
CA ALA S 206 32.04 27.85 -35.29
C ALA S 206 32.87 29.04 -34.81
N TYR S 207 33.05 29.13 -33.49
CA TYR S 207 33.87 30.20 -32.92
C TYR S 207 35.34 29.85 -33.02
N ILE S 208 35.66 28.59 -32.74
CA ILE S 208 37.04 28.12 -32.67
C ILE S 208 37.48 27.46 -33.96
N SER S 209 36.56 27.34 -34.92
CA SER S 209 36.85 26.74 -36.23
C SER S 209 37.97 27.46 -36.97
N LYS S 210 38.66 26.73 -37.84
CA LYS S 210 39.71 27.30 -38.69
C LYS S 210 39.17 28.34 -39.66
N ASP S 211 37.90 28.18 -40.05
CA ASP S 211 37.26 29.05 -41.01
C ASP S 211 36.57 30.25 -40.37
N ALA S 212 36.65 30.35 -39.04
CA ALA S 212 36.04 31.45 -38.31
C ALA S 212 36.58 32.82 -38.73
N ASN S 213 35.72 33.83 -38.63
CA ASN S 213 36.09 35.21 -38.94
C ASN S 213 35.21 36.18 -38.13
N PRO S 214 35.66 37.44 -37.94
CA PRO S 214 34.87 38.46 -37.25
C PRO S 214 33.36 38.43 -37.53
N VAL S 215 32.97 38.44 -38.81
CA VAL S 215 31.56 38.40 -39.22
C VAL S 215 30.83 37.18 -38.65
N THR S 216 31.46 36.01 -38.77
CA THR S 216 31.01 34.75 -38.19
C THR S 216 30.91 34.84 -36.67
N ASP S 217 32.00 35.31 -36.05
CA ASP S 217 32.14 35.32 -34.60
C ASP S 217 31.06 36.18 -33.98
N ALA S 218 30.69 37.26 -34.67
CA ALA S 218 29.59 38.12 -34.26
C ALA S 218 28.36 37.31 -33.89
N ALA S 219 27.91 36.47 -34.82
CA ALA S 219 26.74 35.64 -34.62
C ALA S 219 26.98 34.52 -33.60
N ALA S 220 28.20 33.99 -33.60
CA ALA S 220 28.57 32.89 -32.70
C ALA S 220 28.65 33.34 -31.25
N MET S 221 29.16 34.55 -31.03
CA MET S 221 29.40 35.08 -29.69
C MET S 221 28.10 35.36 -28.94
N GLN S 222 27.16 35.96 -29.65
CA GLN S 222 25.83 36.20 -29.08
C GLN S 222 25.12 34.90 -28.73
N ALA S 223 25.18 33.91 -29.62
CA ALA S 223 24.55 32.62 -29.38
C ALA S 223 24.98 32.00 -28.05
N ILE S 224 26.30 31.95 -27.83
CA ILE S 224 26.88 31.46 -26.58
C ILE S 224 26.39 32.27 -25.38
N ARG S 225 26.46 33.60 -25.51
CA ARG S 225 25.98 34.54 -24.50
C ARG S 225 24.52 34.26 -24.15
N LEU S 226 23.68 34.08 -25.17
CA LEU S 226 22.26 33.81 -24.99
C LEU S 226 21.98 32.45 -24.34
N ILE S 227 22.64 31.41 -24.84
CA ILE S 227 22.44 30.06 -24.31
C ILE S 227 22.78 29.99 -22.81
N ALA S 228 23.93 30.54 -22.43
CA ALA S 228 24.33 30.58 -21.03
C ALA S 228 23.34 31.35 -20.16
N ARG S 229 22.68 32.36 -20.73
CA ARG S 229 21.72 33.16 -19.99
C ARG S 229 20.29 32.63 -20.04
N ASN S 230 20.01 31.68 -20.94
CA ASN S 230 18.64 31.23 -21.17
C ASN S 230 18.31 29.73 -21.13
N LEU S 231 19.26 28.89 -21.54
CA LEU S 231 19.02 27.43 -21.63
C LEU S 231 18.48 26.82 -20.33
N ARG S 232 19.19 27.04 -19.22
CA ARG S 232 18.74 26.56 -17.90
C ARG S 232 17.27 26.92 -17.63
N GLN S 233 16.90 28.13 -18.01
CA GLN S 233 15.55 28.64 -17.78
C GLN S 233 14.52 28.00 -18.70
N ALA S 234 14.96 27.55 -19.88
CA ALA S 234 14.10 26.87 -20.84
C ALA S 234 13.83 25.42 -20.45
N VAL S 235 14.84 24.74 -19.88
CA VAL S 235 14.66 23.35 -19.47
C VAL S 235 13.85 23.26 -18.18
N ALA S 236 13.90 24.32 -17.38
CA ALA S 236 13.15 24.38 -16.14
C ALA S 236 11.67 24.60 -16.43
N LEU S 237 11.39 25.43 -17.42
CA LEU S 237 10.02 25.77 -17.76
C LEU S 237 9.84 26.05 -19.25
N GLY S 238 9.29 25.07 -19.96
CA GLY S 238 9.01 25.22 -21.39
C GLY S 238 8.06 26.36 -21.71
N SER S 239 7.20 26.72 -20.76
CA SER S 239 6.23 27.79 -20.98
C SER S 239 6.80 29.19 -20.74
N ASN S 240 8.03 29.28 -20.27
CA ASN S 240 8.74 30.57 -20.12
C ASN S 240 9.07 31.15 -21.51
N LEU S 241 8.21 32.05 -21.97
CA LEU S 241 8.30 32.61 -23.32
C LEU S 241 9.62 33.35 -23.57
N GLN S 242 10.06 34.14 -22.59
CA GLN S 242 11.29 34.92 -22.70
C GLN S 242 12.48 34.01 -23.03
N ALA S 243 12.67 32.98 -22.23
CA ALA S 243 13.75 32.02 -22.42
C ALA S 243 13.60 31.23 -23.73
N ARG S 244 12.35 30.99 -24.13
CA ARG S 244 12.07 30.37 -25.44
C ARG S 244 12.51 31.26 -26.61
N GLU S 245 12.15 32.54 -26.56
CA GLU S 245 12.56 33.51 -27.59
C GLU S 245 14.07 33.50 -27.76
N TYR S 246 14.80 33.69 -26.67
CA TYR S 246 16.25 33.85 -26.74
C TYR S 246 16.96 32.56 -27.14
N MET S 247 16.37 31.41 -26.82
CA MET S 247 16.89 30.14 -27.29
C MET S 247 16.74 30.02 -28.80
N ALA S 248 15.60 30.48 -29.30
CA ALA S 248 15.33 30.50 -30.74
C ALA S 248 16.30 31.43 -31.45
N TYR S 249 16.57 32.60 -30.86
CA TYR S 249 17.53 33.53 -31.43
C TYR S 249 18.94 32.96 -31.35
N ALA S 250 19.25 32.29 -30.24
CA ALA S 250 20.53 31.61 -30.06
C ALA S 250 20.73 30.55 -31.13
N SER S 251 19.70 29.73 -31.34
CA SER S 251 19.79 28.64 -32.32
C SER S 251 19.94 29.16 -33.75
N LEU S 252 19.25 30.24 -34.07
CA LEU S 252 19.30 30.87 -35.39
C LEU S 252 20.67 31.50 -35.65
N LEU S 253 21.23 32.16 -34.63
CA LEU S 253 22.53 32.81 -34.75
C LEU S 253 23.66 31.79 -34.86
N ALA S 254 23.58 30.73 -34.07
CA ALA S 254 24.52 29.61 -34.14
C ALA S 254 24.50 28.96 -35.54
N GLY S 255 23.33 29.00 -36.19
CA GLY S 255 23.18 28.55 -37.57
C GLY S 255 23.89 29.45 -38.55
N MET S 256 23.62 30.76 -38.46
CA MET S 256 24.27 31.77 -39.29
C MET S 256 25.80 31.73 -39.14
N ALA S 257 26.25 31.28 -37.96
CA ALA S 257 27.66 31.03 -37.72
C ALA S 257 28.13 29.73 -38.38
N PHE S 258 27.69 28.59 -37.86
CA PHE S 258 28.25 27.29 -38.25
C PHE S 258 28.07 26.96 -39.73
N ASN S 259 27.03 27.51 -40.35
CA ASN S 259 26.79 27.36 -41.79
C ASN S 259 27.96 27.87 -42.61
N ASN S 260 28.63 28.90 -42.08
CA ASN S 260 29.65 29.64 -42.82
C ASN S 260 31.05 29.50 -42.25
N ALA S 261 31.13 29.14 -40.97
CA ALA S 261 32.42 28.94 -40.30
C ALA S 261 32.74 27.46 -40.13
N ASN S 262 31.72 26.61 -40.32
CA ASN S 262 31.83 25.16 -40.19
C ASN S 262 32.11 24.68 -38.76
N LEU S 263 32.11 23.37 -38.57
CA LEU S 263 32.20 22.79 -37.24
C LEU S 263 33.55 22.14 -36.97
N GLY S 264 33.56 21.07 -36.17
CA GLY S 264 34.79 20.42 -35.75
C GLY S 264 34.59 19.00 -35.25
N TYR S 265 35.46 18.59 -34.33
CA TYR S 265 35.52 17.19 -33.89
C TYR S 265 34.32 16.72 -33.07
N VAL S 266 33.58 17.63 -32.46
CA VAL S 266 32.39 17.25 -31.68
C VAL S 266 31.35 16.64 -32.60
N HIS S 267 30.96 17.40 -33.64
CA HIS S 267 29.97 16.91 -34.60
C HIS S 267 30.47 15.70 -35.40
N ALA S 268 31.78 15.65 -35.65
CA ALA S 268 32.39 14.53 -36.37
C ALA S 268 32.42 13.26 -35.53
N MET S 269 32.54 13.44 -34.21
CA MET S 269 32.49 12.31 -33.28
C MET S 269 31.06 11.86 -33.01
N ALA S 270 30.18 12.86 -32.80
CA ALA S 270 28.77 12.58 -32.48
C ALA S 270 28.04 11.88 -33.62
N HIS S 271 28.45 12.15 -34.86
CA HIS S 271 27.88 11.51 -36.05
C HIS S 271 27.98 9.98 -35.98
N GLN S 272 29.11 9.49 -35.46
CA GLN S 272 29.36 8.04 -35.34
C GLN S 272 28.53 7.46 -34.19
N LEU S 273 28.36 8.24 -33.12
CA LEU S 273 27.49 7.85 -32.00
C LEU S 273 26.03 7.73 -32.48
N GLY S 274 25.63 8.68 -33.36
CA GLY S 274 24.28 8.73 -33.89
C GLY S 274 24.09 7.87 -35.13
N GLY S 275 25.18 7.23 -35.56
CA GLY S 275 25.15 6.29 -36.67
C GLY S 275 25.30 4.86 -36.20
N LEU S 276 25.84 4.71 -34.98
CA LEU S 276 26.08 3.38 -34.40
C LEU S 276 25.10 2.96 -33.30
N TYR S 277 24.64 3.96 -32.51
CA TYR S 277 23.63 3.69 -31.48
C TYR S 277 22.41 4.61 -31.63
N ASP S 278 22.22 5.05 -32.93
CA ASP S 278 21.26 6.12 -33.31
C ASP S 278 20.92 7.00 -32.11
N MET S 279 21.97 7.61 -31.56
CA MET S 279 21.87 8.53 -30.42
C MET S 279 21.25 9.83 -30.90
N PRO S 280 20.37 10.44 -30.06
CA PRO S 280 19.72 11.69 -30.42
C PRO S 280 20.75 12.82 -30.57
N HIS S 281 21.20 13.05 -31.81
CA HIS S 281 22.18 14.09 -32.17
C HIS S 281 22.61 15.03 -31.04
N GLY S 282 21.63 15.77 -30.50
CA GLY S 282 21.87 16.75 -29.45
C GLY S 282 22.58 16.26 -28.20
N VAL S 283 22.26 15.04 -27.75
CA VAL S 283 22.88 14.51 -26.52
C VAL S 283 24.30 14.00 -26.78
N ALA S 284 24.53 13.54 -28.00
CA ALA S 284 25.85 13.09 -28.43
C ALA S 284 26.81 14.27 -28.45
N ASN S 285 26.38 15.39 -29.03
CA ASN S 285 27.14 16.64 -28.95
C ASN S 285 27.34 17.05 -27.50
N ALA S 286 26.26 17.01 -26.72
CA ALA S 286 26.27 17.47 -25.33
C ALA S 286 27.31 16.77 -24.47
N VAL S 287 27.35 15.45 -24.52
CA VAL S 287 28.24 14.65 -23.70
C VAL S 287 29.71 14.78 -24.16
N LEU S 288 29.89 15.03 -25.45
CA LEU S 288 31.21 15.18 -26.06
C LEU S 288 31.82 16.57 -25.89
N LEU S 289 30.98 17.61 -26.03
CA LEU S 289 31.46 19.00 -26.09
C LEU S 289 32.61 19.32 -25.11
N PRO S 290 32.38 19.23 -23.79
CA PRO S 290 33.46 19.62 -22.88
C PRO S 290 34.79 18.89 -23.12
N HIS S 291 34.74 17.62 -23.47
CA HIS S 291 35.94 16.80 -23.64
C HIS S 291 36.70 17.10 -24.93
N VAL S 292 35.95 17.44 -25.99
CA VAL S 292 36.54 17.92 -27.24
C VAL S 292 37.02 19.35 -27.02
N ALA S 293 36.24 20.12 -26.25
CA ALA S 293 36.58 21.49 -25.92
C ALA S 293 37.90 21.58 -25.18
N ARG S 294 38.10 20.65 -24.24
CA ARG S 294 39.35 20.57 -23.48
C ARG S 294 40.52 20.16 -24.38
N TYR S 295 40.21 19.38 -25.40
CA TYR S 295 41.21 18.90 -26.35
C TYR S 295 41.62 20.02 -27.30
N ASN S 296 40.66 20.87 -27.66
CA ASN S 296 40.88 21.95 -28.62
C ASN S 296 41.51 23.19 -27.98
N LEU S 297 41.61 23.16 -26.65
CA LEU S 297 42.03 24.30 -25.85
C LEU S 297 43.38 24.88 -26.29
N ILE S 298 44.34 24.02 -26.62
CA ILE S 298 45.69 24.48 -26.95
C ILE S 298 45.79 25.17 -28.32
N ALA S 299 44.73 25.03 -29.14
CA ALA S 299 44.71 25.58 -30.50
C ALA S 299 44.40 27.06 -30.52
N ASN S 300 43.55 27.49 -29.58
CA ASN S 300 43.24 28.90 -29.40
C ASN S 300 42.84 29.17 -27.94
N PRO S 301 43.84 29.25 -27.05
CA PRO S 301 43.56 29.53 -25.65
C PRO S 301 42.77 30.82 -25.47
N GLU S 302 43.10 31.85 -26.24
CA GLU S 302 42.48 33.16 -26.10
C GLU S 302 40.96 33.10 -26.33
N LYS S 303 40.56 32.45 -27.43
CA LYS S 303 39.15 32.33 -27.76
C LYS S 303 38.35 31.55 -26.71
N PHE S 304 39.03 30.69 -25.97
CA PHE S 304 38.36 29.98 -24.89
C PHE S 304 38.12 30.88 -23.68
N ALA S 305 39.06 31.78 -23.43
CA ALA S 305 38.89 32.82 -22.42
C ALA S 305 37.69 33.69 -22.77
N ASP S 306 37.53 34.00 -24.06
CA ASP S 306 36.40 34.77 -24.56
C ASP S 306 35.09 34.05 -24.26
N ILE S 307 35.07 32.75 -24.52
CA ILE S 307 33.90 31.90 -24.27
C ILE S 307 33.53 31.90 -22.79
N ALA S 308 34.53 31.70 -21.92
CA ALA S 308 34.32 31.70 -20.47
C ALA S 308 33.66 32.99 -20.02
N GLU S 309 34.09 34.10 -20.63
CA GLU S 309 33.55 35.42 -20.36
C GLU S 309 32.12 35.52 -20.93
N LEU S 310 31.94 35.03 -22.15
CA LEU S 310 30.64 35.02 -22.79
C LEU S 310 29.61 34.22 -21.99
N MET S 311 30.09 33.21 -21.27
CA MET S 311 29.21 32.37 -20.46
C MET S 311 28.98 32.91 -19.04
N GLY S 312 29.55 34.09 -18.76
CA GLY S 312 29.31 34.80 -17.50
C GLY S 312 30.32 34.60 -16.40
N GLU S 313 31.41 33.89 -16.70
CA GLU S 313 32.44 33.62 -15.70
C GLU S 313 33.25 34.88 -15.37
N ASN S 314 33.80 34.91 -14.17
CA ASN S 314 34.71 35.96 -13.74
C ASN S 314 36.15 35.58 -14.09
N ILE S 315 36.76 36.36 -14.96
CA ILE S 315 38.03 36.00 -15.57
C ILE S 315 39.20 36.90 -15.10
N THR S 316 38.87 37.80 -14.17
CA THR S 316 39.79 38.81 -13.65
C THR S 316 41.02 38.23 -12.95
N GLY S 317 42.19 38.76 -13.32
CA GLY S 317 43.46 38.36 -12.71
C GLY S 317 43.94 36.96 -13.01
N LEU S 318 43.28 36.28 -13.94
CA LEU S 318 43.68 34.94 -14.32
C LEU S 318 44.50 34.96 -15.61
N SER S 319 45.50 34.08 -15.69
CA SER S 319 46.22 33.86 -16.93
C SER S 319 45.22 33.43 -18.01
N THR S 320 45.54 33.69 -19.27
CA THR S 320 44.71 33.23 -20.39
C THR S 320 44.34 31.74 -20.26
N LEU S 321 45.28 30.94 -19.78
CA LEU S 321 45.07 29.50 -19.64
C LEU S 321 44.11 29.12 -18.52
N ASP S 322 44.27 29.73 -17.34
CA ASP S 322 43.33 29.51 -16.24
C ASP S 322 41.94 30.02 -16.62
N ALA S 323 41.89 31.04 -17.46
CA ALA S 323 40.65 31.57 -18.01
C ALA S 323 40.00 30.54 -18.95
N ALA S 324 40.82 29.94 -19.81
CA ALA S 324 40.37 28.89 -20.71
C ALA S 324 39.71 27.75 -19.93
N GLU S 325 40.39 27.30 -18.87
CA GLU S 325 39.87 26.28 -17.96
C GLU S 325 38.43 26.53 -17.52
N LYS S 326 38.10 27.79 -17.22
CA LYS S 326 36.79 28.14 -16.70
C LYS S 326 35.68 28.00 -17.76
N ALA S 327 36.07 27.97 -19.03
CA ALA S 327 35.13 27.74 -20.12
C ALA S 327 34.75 26.26 -20.19
N ILE S 328 35.72 25.39 -19.96
CA ILE S 328 35.44 23.96 -19.89
C ILE S 328 34.52 23.72 -18.68
N ALA S 329 34.94 24.26 -17.53
CA ALA S 329 34.17 24.21 -16.30
C ALA S 329 32.72 24.67 -16.49
N ALA S 330 32.54 25.75 -17.25
CA ALA S 330 31.22 26.36 -17.48
C ALA S 330 30.32 25.43 -18.27
N ILE S 331 30.84 24.89 -19.37
CA ILE S 331 30.10 24.00 -20.24
C ILE S 331 29.58 22.77 -19.48
N THR S 332 30.42 22.16 -18.65
CA THR S 332 29.98 20.95 -17.94
C THR S 332 29.03 21.27 -16.78
N ARG S 333 29.11 22.48 -16.25
CA ARG S 333 28.18 22.91 -15.21
C ARG S 333 26.79 23.11 -15.82
N LEU S 334 26.75 23.69 -17.03
CA LEU S 334 25.50 23.87 -17.76
C LEU S 334 24.93 22.52 -18.16
N SER S 335 25.82 21.62 -18.60
CA SER S 335 25.45 20.27 -18.97
C SER S 335 24.78 19.51 -17.83
N MET S 336 25.36 19.59 -16.63
CA MET S 336 24.82 18.91 -15.44
C MET S 336 23.57 19.57 -14.88
N ASP S 337 23.49 20.89 -14.96
CA ASP S 337 22.35 21.65 -14.47
C ASP S 337 21.08 21.36 -15.26
N ILE S 338 21.23 21.12 -16.55
CA ILE S 338 20.08 20.88 -17.44
C ILE S 338 19.77 19.39 -17.65
N GLY S 339 20.52 18.53 -16.98
CA GLY S 339 20.16 17.11 -16.88
C GLY S 339 20.71 16.16 -17.92
N ILE S 340 21.69 16.62 -18.70
CA ILE S 340 22.39 15.77 -19.66
C ILE S 340 23.12 14.64 -18.91
N PRO S 341 22.99 13.40 -19.40
CA PRO S 341 23.80 12.28 -18.88
C PRO S 341 25.29 12.54 -19.10
N GLN S 342 26.10 12.26 -18.09
CA GLN S 342 27.49 12.72 -18.09
C GLN S 342 28.52 11.71 -18.56
N HIS S 343 28.11 10.45 -18.69
CA HIS S 343 29.03 9.38 -19.05
C HIS S 343 28.49 8.49 -20.17
N LEU S 344 29.30 8.30 -21.21
CA LEU S 344 28.94 7.49 -22.37
C LEU S 344 28.56 6.05 -22.02
N ARG S 345 29.15 5.54 -20.94
CA ARG S 345 28.84 4.22 -20.38
C ARG S 345 27.34 4.01 -20.17
N ASP S 346 26.67 5.07 -19.73
CA ASP S 346 25.24 5.01 -19.40
C ASP S 346 24.34 5.18 -20.62
N LEU S 347 24.92 5.67 -21.73
CA LEU S 347 24.18 5.87 -22.98
C LEU S 347 24.07 4.59 -23.82
N GLY S 348 24.63 3.49 -23.33
CA GLY S 348 24.61 2.23 -24.05
C GLY S 348 25.79 2.06 -25.00
N VAL S 349 26.96 2.53 -24.57
CA VAL S 349 28.17 2.42 -25.37
C VAL S 349 29.15 1.48 -24.68
N LYS S 350 29.79 0.62 -25.47
CA LYS S 350 30.86 -0.26 -24.98
C LYS S 350 32.21 0.19 -25.52
N GLU S 351 33.26 -0.14 -24.76
CA GLU S 351 34.59 0.48 -24.92
C GLU S 351 35.24 0.25 -26.29
N THR S 352 35.61 -1.00 -26.61
CA THR S 352 36.24 -1.27 -27.91
C THR S 352 35.23 -1.16 -29.07
N ASP S 353 34.93 0.08 -29.44
CA ASP S 353 34.07 0.40 -30.56
C ASP S 353 34.26 1.96 -30.90
N PHE S 354 35.59 2.29 -30.08
CA PHE S 354 36.13 3.63 -30.33
C PHE S 354 36.99 3.65 -31.61
N PRO S 355 37.79 2.61 -31.82
CA PRO S 355 38.73 2.58 -32.95
C PRO S 355 38.02 2.81 -34.28
N TYR S 356 36.85 2.21 -34.44
CA TYR S 356 36.04 2.43 -35.64
C TYR S 356 35.52 3.86 -35.71
N MET S 357 34.92 4.33 -34.61
CA MET S 357 34.39 5.69 -34.54
C MET S 357 35.43 6.76 -34.89
N ALA S 358 36.72 6.54 -34.41
CA ALA S 358 37.88 7.42 -34.69
C ALA S 358 38.22 7.36 -36.20
N GLU S 359 38.15 6.14 -36.79
CA GLU S 359 38.47 5.92 -38.23
C GLU S 359 37.44 6.62 -39.10
N MET S 360 36.18 6.63 -38.73
CA MET S 360 35.13 7.32 -39.49
C MET S 360 35.06 8.82 -39.13
N ALA S 361 35.20 9.15 -37.85
CA ALA S 361 35.14 10.54 -37.41
C ALA S 361 36.19 11.42 -38.12
N LEU S 362 37.38 10.81 -38.41
CA LEU S 362 38.47 11.56 -39.07
C LEU S 362 38.18 11.74 -40.56
N LYS S 363 37.16 10.92 -41.05
CA LYS S 363 36.82 10.98 -42.46
C LYS S 363 35.55 11.80 -42.68
N ASP S 364 35.00 12.35 -41.60
CA ASP S 364 33.78 13.15 -41.67
C ASP S 364 34.07 14.56 -42.21
N GLY S 365 33.07 15.17 -42.84
CA GLY S 365 33.21 16.50 -43.46
C GLY S 365 33.57 17.60 -42.49
N ASN S 366 32.81 17.70 -41.40
CA ASN S 366 33.02 18.73 -40.38
C ASN S 366 34.37 18.65 -39.65
N ALA S 367 35.08 17.54 -39.82
CA ALA S 367 36.35 17.32 -39.11
C ALA S 367 37.53 18.14 -39.65
N PHE S 368 37.42 18.60 -40.90
CA PHE S 368 38.53 19.26 -41.59
C PHE S 368 38.82 20.65 -41.07
N SER S 369 37.80 21.32 -40.54
CA SER S 369 37.93 22.71 -40.08
C SER S 369 38.11 22.84 -38.55
N ASN S 370 38.30 21.70 -37.89
CA ASN S 370 38.62 21.65 -36.45
C ASN S 370 39.97 22.36 -36.18
N PRO S 371 40.03 23.22 -35.14
CA PRO S 371 41.27 23.98 -34.86
C PRO S 371 42.48 23.14 -34.47
N ARG S 372 42.27 21.85 -34.14
CA ARG S 372 43.39 20.96 -33.85
C ARG S 372 43.43 19.80 -34.85
N LYS S 373 44.57 19.65 -35.52
CA LYS S 373 44.78 18.52 -36.42
C LYS S 373 45.03 17.28 -35.58
N GLY S 374 44.10 16.31 -35.67
CA GLY S 374 44.18 15.09 -34.88
C GLY S 374 44.57 13.87 -35.70
N ASN S 375 44.33 12.71 -35.07
CA ASN S 375 44.60 11.41 -35.72
C ASN S 375 43.73 10.29 -35.13
N GLU S 376 44.07 9.05 -35.48
CA GLU S 376 43.31 7.86 -35.08
C GLU S 376 43.28 7.62 -33.57
N GLN S 377 44.55 7.75 -32.97
CA GLN S 377 44.74 7.44 -31.55
C GLN S 377 44.09 8.48 -30.65
N GLU S 378 44.28 9.75 -30.99
CA GLU S 378 43.83 10.87 -30.14
C GLU S 378 42.31 10.97 -30.00
N ILE S 379 41.59 10.75 -31.09
CA ILE S 379 40.13 10.83 -31.09
C ILE S 379 39.52 9.76 -30.20
N ALA S 380 40.10 8.57 -30.24
CA ALA S 380 39.74 7.47 -29.35
C ALA S 380 39.90 7.86 -27.88
N ALA S 381 41.03 8.49 -27.56
CA ALA S 381 41.34 8.91 -26.19
C ALA S 381 40.33 9.91 -25.62
N ILE S 382 39.74 10.71 -26.52
CA ILE S 382 38.66 11.63 -26.14
C ILE S 382 37.41 10.86 -25.72
N PHE S 383 37.09 9.79 -26.48
CA PHE S 383 35.96 8.93 -26.18
C PHE S 383 36.06 8.28 -24.80
N ARG S 384 37.28 7.86 -24.43
CA ARG S 384 37.54 7.20 -23.15
C ARG S 384 37.38 8.16 -21.97
N GLN S 385 37.75 9.42 -22.19
CA GLN S 385 37.51 10.48 -21.22
C GLN S 385 36.01 10.72 -21.08
N ALA S 386 35.32 10.68 -22.21
CA ALA S 386 33.86 10.88 -22.25
C ALA S 386 33.09 9.69 -21.70
N PHE S 387 33.78 8.58 -21.49
CA PHE S 387 33.17 7.34 -21.01
C PHE S 387 32.83 7.42 -19.52
N ARG T 4 6.40 42.62 -31.45
CA ARG T 4 6.70 41.22 -31.07
C ARG T 4 7.41 40.41 -32.18
N MET T 5 7.05 40.68 -33.44
CA MET T 5 7.64 39.99 -34.59
C MET T 5 8.65 40.86 -35.35
N PHE T 6 9.76 40.25 -35.78
CA PHE T 6 10.79 40.93 -36.58
C PHE T 6 11.07 40.18 -37.89
N ASP T 7 11.66 40.89 -38.85
CA ASP T 7 12.18 40.25 -40.06
C ASP T 7 13.63 40.64 -40.32
N TYR T 8 14.44 39.67 -40.70
CA TYR T 8 15.88 39.84 -40.88
C TYR T 8 16.25 39.52 -42.34
N LEU T 9 16.53 40.56 -43.12
CA LEU T 9 16.85 40.41 -44.53
C LEU T 9 18.30 40.77 -44.82
N VAL T 10 18.91 39.97 -45.69
CA VAL T 10 20.32 40.10 -46.07
C VAL T 10 20.57 39.28 -47.36
N PRO T 11 21.36 39.83 -48.31
CA PRO T 11 21.74 39.13 -49.53
C PRO T 11 22.00 37.64 -49.40
N ASN T 12 21.54 36.89 -50.40
CA ASN T 12 21.66 35.43 -50.47
C ASN T 12 23.09 34.90 -50.24
N VAL T 13 24.04 35.43 -51.00
CA VAL T 13 25.43 34.96 -50.98
C VAL T 13 26.37 36.13 -50.68
N ASN T 14 27.27 35.95 -49.70
CA ASN T 14 28.16 37.03 -49.26
C ASN T 14 29.62 36.62 -49.11
N PHE T 15 30.45 37.03 -50.07
CA PHE T 15 31.89 36.84 -50.00
C PHE T 15 32.57 38.10 -49.45
N PHE T 16 33.65 37.90 -48.70
CA PHE T 16 34.46 39.00 -48.17
C PHE T 16 35.83 38.52 -47.71
N GLY T 17 36.76 39.47 -47.55
CA GLY T 17 38.14 39.18 -47.18
C GLY T 17 39.07 39.61 -48.31
N PRO T 18 40.40 39.52 -48.08
CA PRO T 18 41.37 39.85 -49.13
C PRO T 18 41.18 39.03 -50.41
N ASN T 19 41.31 39.69 -51.55
CA ASN T 19 41.19 39.07 -52.88
C ASN T 19 39.83 38.42 -53.17
N ALA T 20 38.81 38.81 -52.41
CA ALA T 20 37.44 38.31 -52.58
C ALA T 20 36.84 38.74 -53.92
N ILE T 21 37.49 39.69 -54.59
CA ILE T 21 37.08 40.14 -55.92
C ILE T 21 37.27 39.07 -56.99
N SER T 22 37.99 38.00 -56.65
CA SER T 22 38.27 36.90 -57.59
C SER T 22 37.05 36.02 -57.92
N VAL T 23 35.89 36.35 -57.37
CA VAL T 23 34.67 35.56 -57.62
C VAL T 23 33.49 36.33 -58.25
N VAL T 24 33.73 37.54 -58.76
CA VAL T 24 32.69 38.29 -59.47
C VAL T 24 32.17 37.54 -60.68
N GLY T 25 33.08 37.23 -61.61
CA GLY T 25 32.74 36.53 -62.85
C GLY T 25 32.16 35.15 -62.58
N GLU T 26 32.80 34.43 -61.66
CA GLU T 26 32.38 33.07 -61.31
C GLU T 26 30.92 33.02 -60.85
N ARG T 27 30.54 33.98 -60.00
CA ARG T 27 29.19 34.06 -59.47
C ARG T 27 28.15 34.44 -60.52
N CYS T 28 28.56 35.28 -61.48
CA CYS T 28 27.67 35.69 -62.56
C CYS T 28 27.27 34.50 -63.43
N GLN T 29 28.13 33.49 -63.50
CA GLN T 29 27.87 32.24 -64.24
C GLN T 29 26.76 31.41 -63.58
N LEU T 30 26.77 31.39 -62.25
CA LEU T 30 25.85 30.58 -61.46
C LEU T 30 24.43 31.16 -61.45
N LEU T 31 24.34 32.49 -61.61
CA LEU T 31 23.05 33.19 -61.70
C LEU T 31 22.53 33.26 -63.14
N GLY T 32 23.26 32.63 -64.06
CA GLY T 32 22.89 32.61 -65.48
C GLY T 32 23.04 33.95 -66.17
N GLY T 33 23.95 34.78 -65.66
CA GLY T 33 24.17 36.12 -66.19
C GLY T 33 25.08 36.10 -67.39
N LYS T 34 24.48 36.25 -68.58
CA LYS T 34 25.20 36.20 -69.84
C LYS T 34 26.05 37.45 -70.04
N LYS T 35 25.40 38.62 -69.98
CA LYS T 35 26.06 39.91 -70.18
C LYS T 35 25.81 40.81 -68.98
N ALA T 36 26.87 41.51 -68.56
CA ALA T 36 26.83 42.34 -67.36
C ALA T 36 26.84 43.84 -67.65
N LEU T 37 26.08 44.60 -66.85
CA LEU T 37 26.19 46.05 -66.80
C LEU T 37 27.02 46.42 -65.58
N LEU T 38 28.07 47.20 -65.79
CA LEU T 38 28.95 47.63 -64.71
C LEU T 38 28.58 49.04 -64.25
N VAL T 39 27.96 49.12 -63.07
CA VAL T 39 27.52 50.39 -62.51
C VAL T 39 28.61 50.94 -61.58
N THR T 40 29.09 52.15 -61.89
CA THR T 40 30.22 52.76 -61.16
C THR T 40 30.25 54.29 -61.19
N ASP T 41 31.02 54.88 -60.27
CA ASP T 41 31.28 56.32 -60.23
C ASP T 41 32.22 56.74 -61.36
N LYS T 42 32.29 58.04 -61.62
CA LYS T 42 33.25 58.59 -62.60
C LYS T 42 34.68 58.62 -62.05
N GLY T 43 34.81 58.85 -60.74
CA GLY T 43 36.10 58.86 -60.04
C GLY T 43 36.75 57.49 -59.96
N LEU T 44 35.92 56.45 -59.93
CA LEU T 44 36.39 55.06 -59.94
C LEU T 44 36.71 54.59 -61.36
N ARG T 45 35.93 55.09 -62.33
CA ARG T 45 36.12 54.80 -63.75
C ARG T 45 37.42 55.42 -64.25
N LYS T 48 40.74 54.06 -64.12
CA LYS T 48 41.36 55.32 -63.72
C LYS T 48 42.58 55.06 -62.85
N ASP T 49 42.56 53.93 -62.14
CA ASP T 49 43.64 53.56 -61.23
C ASP T 49 43.85 52.04 -61.19
N GLY T 50 42.84 51.31 -60.73
CA GLY T 50 42.91 49.86 -60.61
C GLY T 50 41.93 49.30 -59.59
N ALA T 51 40.75 49.90 -59.53
CA ALA T 51 39.68 49.44 -58.62
C ALA T 51 38.55 48.77 -59.40
N VAL T 52 38.10 49.42 -60.48
CA VAL T 52 37.10 48.86 -61.38
C VAL T 52 37.76 47.95 -62.42
N ASP T 53 39.08 48.08 -62.54
CA ASP T 53 39.88 47.28 -63.46
C ASP T 53 39.98 45.83 -62.99
N LYS T 54 40.04 45.63 -61.67
CA LYS T 54 40.18 44.29 -61.09
C LYS T 54 38.93 43.42 -61.30
N THR T 55 37.75 44.04 -61.19
CA THR T 55 36.49 43.34 -61.43
C THR T 55 36.23 43.11 -62.93
N LEU T 56 36.89 43.90 -63.78
CA LEU T 56 36.87 43.69 -65.23
C LEU T 56 37.65 42.44 -65.63
N HIS T 57 38.74 42.18 -64.92
CA HIS T 57 39.66 41.06 -65.23
C HIS T 57 39.01 39.68 -65.06
N TYR T 58 38.40 39.44 -63.90
CA TYR T 58 37.79 38.14 -63.59
C TYR T 58 36.46 37.90 -64.32
N LEU T 59 35.81 38.99 -64.71
CA LEU T 59 34.53 38.93 -65.44
C LEU T 59 34.74 38.48 -66.89
N ARG T 60 35.85 38.93 -67.49
CA ARG T 60 36.23 38.53 -68.84
C ARG T 60 36.80 37.11 -68.85
N GLU T 61 37.43 36.71 -67.75
CA GLU T 61 38.02 35.38 -67.61
C GLU T 61 36.94 34.28 -67.56
N ALA T 62 35.81 34.61 -66.96
CA ALA T 62 34.69 33.67 -66.83
C ALA T 62 33.89 33.51 -68.13
N GLY T 63 34.06 34.46 -69.05
CA GLY T 63 33.38 34.43 -70.34
C GLY T 63 32.24 35.42 -70.46
N ILE T 64 32.08 36.25 -69.43
CA ILE T 64 31.04 37.28 -69.40
C ILE T 64 31.51 38.55 -70.10
N GLU T 65 30.68 39.06 -71.00
CA GLU T 65 30.93 40.35 -71.66
C GLU T 65 30.37 41.46 -70.78
N VAL T 66 31.02 42.62 -70.81
CA VAL T 66 30.69 43.69 -69.87
C VAL T 66 30.34 45.03 -70.57
N ALA T 67 29.24 45.62 -70.13
CA ALA T 67 28.78 46.93 -70.62
C ALA T 67 29.04 48.02 -69.58
N ILE T 68 29.72 49.08 -70.01
CA ILE T 68 30.20 50.13 -69.10
C ILE T 68 29.27 51.34 -68.95
N PHE T 69 28.92 51.64 -67.70
CA PHE T 69 28.17 52.86 -67.35
C PHE T 69 28.81 53.58 -66.16
N ASP T 70 28.97 54.89 -66.31
CA ASP T 70 29.79 55.69 -65.39
C ASP T 70 29.21 57.05 -64.99
N GLY T 71 28.05 57.39 -65.54
CA GLY T 71 27.40 58.68 -65.24
C GLY T 71 26.61 58.67 -63.94
N VAL T 72 27.28 58.35 -62.84
CA VAL T 72 26.66 58.26 -61.51
C VAL T 72 27.21 59.35 -60.57
N GLU T 73 26.34 60.27 -60.16
CA GLU T 73 26.72 61.39 -59.31
C GLU T 73 26.70 60.99 -57.83
N PRO T 74 27.49 61.68 -56.98
CA PRO T 74 27.33 61.54 -55.52
C PRO T 74 25.94 62.02 -55.10
N ASN T 75 25.21 61.17 -54.38
CA ASN T 75 23.76 61.27 -54.25
C ASN T 75 23.13 60.97 -55.61
N PRO T 76 22.78 59.69 -55.85
CA PRO T 76 22.34 59.23 -57.17
C PRO T 76 21.03 59.88 -57.63
N LYS T 77 20.99 60.30 -58.89
CA LYS T 77 19.84 61.02 -59.44
C LYS T 77 18.93 60.10 -60.25
N ASP T 78 17.70 60.54 -60.48
CA ASP T 78 16.75 59.79 -61.32
C ASP T 78 17.18 59.77 -62.79
N THR T 79 17.90 60.81 -63.21
CA THR T 79 18.51 60.85 -64.56
C THR T 79 19.72 59.92 -64.68
N ASN T 80 20.35 59.61 -63.53
CA ASN T 80 21.44 58.63 -63.48
C ASN T 80 20.94 57.19 -63.54
N VAL T 81 19.63 57.01 -63.40
CA VAL T 81 18.96 55.72 -63.55
C VAL T 81 18.21 55.70 -64.89
N ARG T 82 17.76 56.88 -65.32
CA ARG T 82 17.09 57.05 -66.61
C ARG T 82 18.04 56.77 -67.77
N ASP T 83 19.28 57.23 -67.64
CA ASP T 83 20.30 57.02 -68.66
C ASP T 83 20.91 55.62 -68.57
N GLY T 84 20.82 55.01 -67.39
CA GLY T 84 21.35 53.67 -67.13
C GLY T 84 20.45 52.54 -67.63
N LEU T 85 19.14 52.79 -67.63
CA LEU T 85 18.17 51.86 -68.20
C LEU T 85 18.23 51.92 -69.73
N ALA T 86 18.65 53.06 -70.26
CA ALA T 86 18.87 53.23 -71.70
C ALA T 86 20.06 52.38 -72.18
N VAL T 87 21.09 52.29 -71.35
CA VAL T 87 22.28 51.50 -71.65
C VAL T 87 21.98 49.99 -71.55
N PHE T 88 21.52 49.57 -70.36
CA PHE T 88 21.14 48.19 -70.07
C PHE T 88 20.45 47.47 -71.24
N ARG T 89 19.53 48.16 -71.90
CA ARG T 89 18.71 47.58 -72.96
C ARG T 89 19.30 47.72 -74.35
N ARG T 90 20.12 48.76 -74.54
CA ARG T 90 20.79 48.99 -75.83
C ARG T 90 21.95 48.02 -76.03
N GLU T 91 22.50 47.54 -74.91
CA GLU T 91 23.61 46.57 -74.92
C GLU T 91 23.10 45.15 -74.64
N GLN T 92 21.83 45.04 -74.24
CA GLN T 92 21.17 43.77 -73.91
C GLN T 92 21.87 43.03 -72.75
N CYS T 93 21.58 43.50 -71.53
CA CYS T 93 22.23 42.95 -70.33
C CYS T 93 21.30 42.03 -69.54
N ASP T 94 21.91 41.10 -68.82
CA ASP T 94 21.17 40.12 -68.02
C ASP T 94 21.51 40.23 -66.52
N ILE T 95 22.75 40.61 -66.22
CA ILE T 95 23.24 40.66 -64.84
C ILE T 95 23.88 42.01 -64.48
N ILE T 96 23.57 42.50 -63.28
CA ILE T 96 24.03 43.81 -62.82
C ILE T 96 25.16 43.67 -61.79
N VAL T 97 26.33 44.19 -62.13
CA VAL T 97 27.47 44.20 -61.20
C VAL T 97 27.74 45.64 -60.76
N THR T 98 27.33 45.95 -59.53
CA THR T 98 27.48 47.29 -58.98
C THR T 98 28.76 47.40 -58.17
N VAL T 99 29.73 48.15 -58.70
CA VAL T 99 30.98 48.39 -57.98
C VAL T 99 31.07 49.84 -57.51
N GLY T 100 31.61 50.02 -56.31
CA GLY T 100 31.80 51.35 -55.73
C GLY T 100 31.34 51.48 -54.29
N GLY T 101 31.04 52.71 -53.89
CA GLY T 101 30.53 52.99 -52.55
C GLY T 101 29.01 52.98 -52.52
N GLY T 102 28.45 53.88 -51.70
CA GLY T 102 27.00 53.97 -51.53
C GLY T 102 26.23 54.35 -52.78
N SER T 103 26.78 55.30 -53.53
CA SER T 103 26.13 55.80 -54.75
C SER T 103 25.78 54.71 -55.77
N PRO T 104 26.80 53.99 -56.31
CA PRO T 104 26.55 53.06 -57.41
C PRO T 104 25.65 51.87 -57.06
N HIS T 105 25.67 51.45 -55.80
CA HIS T 105 24.84 50.32 -55.36
C HIS T 105 23.36 50.67 -55.39
N ASP T 106 22.99 51.79 -54.76
CA ASP T 106 21.59 52.24 -54.71
C ASP T 106 21.09 52.73 -56.06
N CYS T 107 22.02 53.17 -56.91
CA CYS T 107 21.71 53.51 -58.28
C CYS T 107 21.48 52.24 -59.11
N GLY T 108 22.28 51.22 -58.82
CA GLY T 108 22.19 49.92 -59.50
C GLY T 108 20.92 49.16 -59.18
N LYS T 109 20.40 49.38 -57.97
CA LYS T 109 19.10 48.82 -57.56
C LYS T 109 17.95 49.49 -58.33
N GLY T 110 18.05 50.80 -58.52
CA GLY T 110 17.04 51.56 -59.27
C GLY T 110 16.92 51.17 -60.73
N ILE T 111 18.03 50.74 -61.31
CA ILE T 111 18.06 50.22 -62.68
C ILE T 111 17.38 48.86 -62.75
N GLY T 112 17.68 47.99 -61.77
CA GLY T 112 17.07 46.67 -61.67
C GLY T 112 15.58 46.71 -61.41
N ILE T 113 15.12 47.74 -60.70
CA ILE T 113 13.70 47.91 -60.41
C ILE T 113 12.94 48.29 -61.69
N ALA T 114 13.32 49.41 -62.30
CA ALA T 114 12.64 49.95 -63.47
C ALA T 114 12.67 49.01 -64.69
N ALA T 115 13.59 48.04 -64.66
CA ALA T 115 13.72 47.06 -65.74
C ALA T 115 12.58 46.05 -65.76
N THR T 116 12.14 45.63 -64.57
CA THR T 116 11.11 44.59 -64.45
C THR T 116 9.79 45.14 -63.88
N HIS T 117 9.72 46.46 -63.71
CA HIS T 117 8.52 47.12 -63.21
C HIS T 117 8.04 48.22 -64.15
N GLU T 118 6.72 48.38 -64.27
CA GLU T 118 6.09 49.40 -65.12
C GLU T 118 6.84 50.74 -65.01
N GLY T 119 7.43 51.17 -66.12
CA GLY T 119 8.40 52.27 -66.13
C GLY T 119 7.95 53.63 -65.66
N ASP T 120 8.65 54.15 -64.64
CA ASP T 120 8.50 55.52 -64.15
C ASP T 120 9.48 55.78 -63.00
N LEU T 121 9.56 57.03 -62.56
CA LEU T 121 10.54 57.48 -61.56
C LEU T 121 10.07 57.38 -60.09
N TYR T 122 9.25 58.34 -59.67
CA TYR T 122 8.81 58.50 -58.28
C TYR T 122 7.94 57.35 -57.77
N GLN T 123 7.35 56.62 -58.72
CA GLN T 123 6.26 55.67 -58.48
C GLN T 123 6.33 54.80 -57.21
N TYR T 124 7.37 53.97 -57.10
CA TYR T 124 7.40 52.90 -56.09
C TYR T 124 7.90 53.31 -54.70
N ALA T 125 8.06 54.61 -54.47
CA ALA T 125 8.50 55.13 -53.18
C ALA T 125 7.56 54.71 -52.06
N GLY T 126 8.13 54.39 -50.91
CA GLY T 126 7.38 53.88 -49.77
C GLY T 126 7.86 52.51 -49.40
N ILE T 127 7.02 51.76 -48.68
CA ILE T 127 7.39 50.44 -48.16
C ILE T 127 7.45 49.35 -49.24
N GLU T 128 6.96 48.15 -48.93
CA GLU T 128 7.08 47.01 -49.84
C GLU T 128 6.09 47.13 -51.00
N THR T 129 6.59 47.59 -52.16
CA THR T 129 5.74 47.91 -53.30
C THR T 129 6.17 47.21 -54.60
N LEU T 130 7.06 46.22 -54.47
CA LEU T 130 7.56 45.45 -55.63
C LEU T 130 6.82 44.12 -55.80
N THR T 131 6.61 43.74 -57.06
CA THR T 131 5.92 42.48 -57.38
C THR T 131 6.86 41.46 -58.04
N ASN T 132 7.61 41.91 -59.04
CA ASN T 132 8.49 41.02 -59.83
C ASN T 132 9.95 41.07 -59.38
N PRO T 133 10.66 39.91 -59.46
CA PRO T 133 12.08 39.87 -59.09
C PRO T 133 12.98 40.66 -60.03
N LEU T 134 14.00 41.32 -59.47
CA LEU T 134 14.96 42.10 -60.24
C LEU T 134 15.96 41.18 -60.94
N PRO T 135 16.71 41.71 -61.94
CA PRO T 135 17.86 40.97 -62.44
C PRO T 135 18.86 40.71 -61.31
N PRO T 136 19.61 39.59 -61.37
CA PRO T 136 20.60 39.28 -60.33
C PRO T 136 21.65 40.39 -60.15
N ILE T 137 21.74 40.93 -58.95
CA ILE T 137 22.66 42.03 -58.65
C ILE T 137 23.83 41.58 -57.76
N VAL T 138 25.02 41.52 -58.35
CA VAL T 138 26.25 41.23 -57.61
C VAL T 138 26.83 42.55 -57.11
N ALA T 139 26.85 42.74 -55.80
CA ALA T 139 27.22 44.03 -55.20
C ALA T 139 28.58 44.02 -54.47
N VAL T 140 29.55 44.68 -55.09
CA VAL T 140 30.93 44.75 -54.59
C VAL T 140 31.28 46.16 -54.09
N ASN T 141 31.80 46.23 -52.87
CA ASN T 141 31.92 47.48 -52.11
C ASN T 141 33.36 48.04 -52.03
N THR T 142 33.46 49.37 -52.03
CA THR T 142 34.74 50.06 -52.08
C THR T 142 34.97 50.92 -50.83
N THR T 143 33.87 51.34 -50.20
CA THR T 143 33.96 52.20 -49.02
C THR T 143 33.56 51.46 -47.74
N ALA T 144 34.32 51.69 -46.66
CA ALA T 144 34.11 50.97 -45.40
C ALA T 144 33.12 51.71 -44.48
N GLY T 145 31.94 52.00 -45.00
CA GLY T 145 30.90 52.68 -44.24
C GLY T 145 29.71 53.21 -45.03
N THR T 146 29.01 52.33 -45.73
CA THR T 146 27.69 52.62 -46.29
C THR T 146 26.83 51.38 -46.17
N ALA T 147 27.48 50.22 -46.33
CA ALA T 147 26.83 48.90 -46.28
C ALA T 147 25.67 48.73 -47.28
N SER T 148 25.61 49.61 -48.28
CA SER T 148 24.55 49.61 -49.29
C SER T 148 24.40 48.26 -50.00
N GLU T 149 25.47 47.46 -50.00
CA GLU T 149 25.46 46.15 -50.65
C GLU T 149 24.60 45.12 -49.92
N VAL T 150 24.26 45.40 -48.66
CA VAL T 150 23.42 44.53 -47.84
C VAL T 150 22.04 45.16 -47.66
N THR T 151 21.98 46.46 -47.88
CA THR T 151 20.78 47.28 -47.72
C THR T 151 19.58 46.78 -48.56
N ARG T 152 18.39 46.88 -47.98
CA ARG T 152 17.11 46.59 -48.64
C ARG T 152 16.52 47.88 -49.19
N HIS T 153 17.09 49.00 -48.74
CA HIS T 153 16.63 50.33 -49.16
C HIS T 153 17.28 50.71 -50.48
N CYS T 154 16.46 51.23 -51.38
CA CYS T 154 16.94 51.81 -52.62
C CYS T 154 16.67 53.31 -52.55
N VAL T 155 17.74 54.11 -52.51
CA VAL T 155 17.61 55.56 -52.33
C VAL T 155 18.17 56.38 -53.52
N LEU T 156 17.27 57.05 -54.22
CA LEU T 156 17.61 57.98 -55.30
C LEU T 156 17.04 59.37 -55.03
N THR T 157 17.53 60.37 -55.76
CA THR T 157 17.02 61.74 -55.65
C THR T 157 16.15 62.09 -56.88
N ASN T 158 15.04 62.78 -56.62
CA ASN T 158 14.12 63.22 -57.67
C ASN T 158 14.43 64.65 -58.14
N THR T 159 14.43 64.86 -59.46
CA THR T 159 14.70 66.17 -60.06
C THR T 159 13.56 67.16 -59.82
N GLU T 160 12.33 66.65 -59.84
CA GLU T 160 11.12 67.47 -59.71
C GLU T 160 11.07 68.23 -58.38
N THR T 161 10.97 67.49 -57.28
CA THR T 161 10.84 68.10 -55.96
C THR T 161 12.20 68.43 -55.31
N LYS T 162 13.28 68.01 -55.95
CA LYS T 162 14.65 68.10 -55.41
C LYS T 162 14.86 67.26 -54.14
N VAL T 163 13.84 66.49 -53.77
CA VAL T 163 13.84 65.70 -52.55
C VAL T 163 14.01 64.20 -52.82
N LYS T 164 14.72 63.53 -51.92
CA LYS T 164 15.00 62.09 -52.02
C LYS T 164 13.75 61.21 -51.82
N PHE T 165 13.80 60.00 -52.35
CA PHE T 165 12.74 59.01 -52.12
C PHE T 165 13.33 57.63 -51.80
N VAL T 166 12.56 56.83 -51.05
CA VAL T 166 13.03 55.51 -50.60
C VAL T 166 12.06 54.41 -51.01
N ILE T 167 12.61 53.26 -51.41
CA ILE T 167 11.83 52.05 -51.67
C ILE T 167 12.37 50.87 -50.85
N VAL T 168 11.58 50.43 -49.88
CA VAL T 168 11.95 49.33 -48.99
C VAL T 168 11.33 48.02 -49.49
N SER T 169 12.15 47.17 -50.11
CA SER T 169 11.68 45.87 -50.58
C SER T 169 12.73 44.79 -50.38
N TRP T 170 12.25 43.56 -50.17
CA TRP T 170 13.10 42.38 -49.99
C TRP T 170 13.79 41.97 -51.30
N ARG T 171 13.36 42.57 -52.41
CA ARG T 171 13.94 42.30 -53.72
C ARG T 171 15.10 43.24 -54.05
N ASN T 172 15.24 44.31 -53.27
CA ASN T 172 16.37 45.22 -53.40
C ASN T 172 17.65 44.60 -52.84
N LEU T 173 17.50 43.45 -52.19
CA LEU T 173 18.62 42.65 -51.71
C LEU T 173 19.43 42.13 -52.91
N PRO T 174 20.69 42.58 -53.04
CA PRO T 174 21.55 42.05 -54.09
C PRO T 174 21.80 40.55 -53.91
N SER T 175 21.97 39.84 -55.03
CA SER T 175 22.13 38.39 -55.01
C SER T 175 23.40 37.95 -54.27
N VAL T 176 24.53 38.57 -54.63
CA VAL T 176 25.80 38.33 -53.97
C VAL T 176 26.37 39.66 -53.48
N SER T 177 26.93 39.66 -52.27
CA SER T 177 27.71 40.79 -51.79
C SER T 177 29.19 40.42 -51.74
N ILE T 178 30.05 41.36 -52.16
CA ILE T 178 31.50 41.16 -52.08
C ILE T 178 32.21 42.35 -51.43
N ASN T 179 32.81 42.10 -50.27
CA ASN T 179 33.63 43.11 -49.57
C ASN T 179 35.11 42.73 -49.54
N ASP T 180 35.87 43.32 -50.45
CA ASP T 180 37.32 43.07 -50.56
C ASP T 180 38.10 44.32 -50.16
N PRO T 181 38.77 44.27 -49.00
CA PRO T 181 39.45 45.44 -48.43
C PRO T 181 40.71 45.86 -49.18
N LEU T 182 41.23 45.00 -50.05
CA LEU T 182 42.34 45.37 -50.93
C LEU T 182 41.93 46.46 -51.92
N LEU T 183 40.64 46.76 -51.94
CA LEU T 183 40.08 47.82 -52.77
C LEU T 183 39.95 49.13 -52.00
N MET T 184 40.13 49.09 -50.68
CA MET T 184 39.88 50.23 -49.82
C MET T 184 41.15 50.95 -49.33
N ILE T 185 42.31 50.43 -49.70
CA ILE T 185 43.61 50.98 -49.29
C ILE T 185 43.86 52.40 -49.80
N GLY T 186 43.30 52.72 -50.97
CA GLY T 186 43.47 54.04 -51.59
C GLY T 186 42.72 55.20 -50.95
N LYS T 187 42.02 54.94 -49.85
CA LYS T 187 41.26 55.98 -49.14
C LYS T 187 42.17 56.92 -48.34
N PRO T 188 42.06 58.24 -48.60
CA PRO T 188 42.77 59.27 -47.83
C PRO T 188 42.29 59.32 -46.37
N ALA T 189 43.19 59.75 -45.48
CA ALA T 189 42.95 59.70 -44.03
C ALA T 189 41.59 60.26 -43.60
N ALA T 190 41.21 61.40 -44.17
CA ALA T 190 39.98 62.09 -43.79
C ALA T 190 38.72 61.33 -44.18
N LEU T 191 38.82 60.58 -45.26
CA LEU T 191 37.67 59.85 -45.81
C LEU T 191 37.42 58.56 -45.04
N THR T 192 38.47 57.78 -44.80
CA THR T 192 38.39 56.54 -44.03
C THR T 192 37.90 56.79 -42.61
N ALA T 193 38.20 57.98 -42.08
CA ALA T 193 37.73 58.43 -40.77
C ALA T 193 36.21 58.69 -40.80
N ALA T 194 35.76 59.42 -41.82
CA ALA T 194 34.35 59.78 -41.98
C ALA T 194 33.44 58.57 -42.20
N THR T 195 33.87 57.66 -43.05
CA THR T 195 33.08 56.46 -43.34
C THR T 195 33.10 55.50 -42.17
N GLY T 196 34.22 55.48 -41.46
CA GLY T 196 34.38 54.68 -40.25
C GLY T 196 33.39 55.11 -39.18
N MET T 197 33.28 56.42 -38.99
CA MET T 197 32.32 56.99 -38.04
C MET T 197 30.86 56.75 -38.46
N ASP T 198 30.63 56.75 -39.77
CA ASP T 198 29.33 56.39 -40.33
C ASP T 198 28.97 54.95 -39.96
N ALA T 199 29.96 54.06 -40.05
CA ALA T 199 29.76 52.66 -39.68
C ALA T 199 29.52 52.48 -38.19
N LEU T 200 30.17 53.32 -37.38
CA LEU T 200 29.94 53.34 -35.94
C LEU T 200 28.53 53.82 -35.65
N THR T 201 28.12 54.88 -36.35
CA THR T 201 26.80 55.48 -36.20
C THR T 201 25.70 54.48 -36.57
N HIS T 202 25.89 53.79 -37.70
CA HIS T 202 25.02 52.69 -38.08
C HIS T 202 24.91 51.66 -36.95
N ALA T 203 26.07 51.28 -36.39
CA ALA T 203 26.15 50.23 -35.39
C ALA T 203 25.47 50.57 -34.06
N VAL T 204 25.76 51.76 -33.52
CA VAL T 204 25.17 52.14 -32.22
C VAL T 204 23.68 52.49 -32.34
N GLU T 205 23.30 53.16 -33.43
CA GLU T 205 21.89 53.50 -33.64
C GLU T 205 21.06 52.23 -33.78
N ALA T 206 21.62 51.22 -34.46
CA ALA T 206 20.98 49.92 -34.64
C ALA T 206 20.87 49.16 -33.33
N TYR T 207 21.78 49.47 -32.41
CA TYR T 207 21.84 48.76 -31.15
C TYR T 207 20.80 49.28 -30.13
N ILE T 208 20.58 50.59 -30.12
CA ILE T 208 19.67 51.22 -29.15
C ILE T 208 18.25 51.41 -29.67
N SER T 209 18.07 51.22 -30.98
CA SER T 209 16.79 51.36 -31.67
C SER T 209 15.63 50.62 -31.01
N LYS T 210 14.42 51.14 -31.19
CA LYS T 210 13.21 50.48 -30.66
C LYS T 210 13.00 49.11 -31.31
N ASP T 211 13.51 48.98 -32.53
CA ASP T 211 13.35 47.77 -33.33
C ASP T 211 14.51 46.77 -33.19
N ALA T 212 15.40 47.02 -32.24
CA ALA T 212 16.53 46.12 -32.02
C ALA T 212 16.07 44.79 -31.44
N ASN T 213 16.79 43.73 -31.78
CA ASN T 213 16.58 42.41 -31.18
C ASN T 213 17.92 41.70 -30.99
N PRO T 214 17.95 40.61 -30.20
CA PRO T 214 19.20 39.87 -29.97
C PRO T 214 19.97 39.44 -31.23
N VAL T 215 19.25 39.15 -32.32
CA VAL T 215 19.88 38.74 -33.59
C VAL T 215 20.58 39.94 -34.25
N THR T 216 19.84 41.04 -34.34
CA THR T 216 20.34 42.32 -34.83
C THR T 216 21.50 42.82 -33.97
N ASP T 217 21.32 42.76 -32.66
CA ASP T 217 22.33 43.22 -31.72
C ASP T 217 23.67 42.48 -31.85
N ALA T 218 23.62 41.22 -32.26
CA ALA T 218 24.83 40.41 -32.40
C ALA T 218 25.83 41.02 -33.38
N ALA T 219 25.30 41.51 -34.51
CA ALA T 219 26.09 42.18 -35.53
C ALA T 219 26.48 43.61 -35.11
N ALA T 220 25.56 44.31 -34.45
CA ALA T 220 25.82 45.69 -34.01
C ALA T 220 26.97 45.74 -33.00
N MET T 221 26.94 44.84 -32.03
CA MET T 221 27.93 44.79 -30.97
C MET T 221 29.34 44.54 -31.49
N GLN T 222 29.46 43.60 -32.43
CA GLN T 222 30.75 43.28 -33.03
C GLN T 222 31.29 44.45 -33.88
N ALA T 223 30.39 45.12 -34.60
CA ALA T 223 30.78 46.31 -35.36
C ALA T 223 31.45 47.32 -34.43
N ILE T 224 30.75 47.67 -33.34
CA ILE T 224 31.26 48.60 -32.33
C ILE T 224 32.64 48.16 -31.82
N ARG T 225 32.74 46.90 -31.42
CA ARG T 225 33.99 46.33 -30.93
C ARG T 225 35.14 46.43 -31.95
N LEU T 226 34.84 46.13 -33.21
CA LEU T 226 35.85 46.17 -34.28
C LEU T 226 36.28 47.59 -34.62
N ILE T 227 35.32 48.52 -34.64
CA ILE T 227 35.59 49.92 -34.95
C ILE T 227 36.47 50.55 -33.87
N ALA T 228 36.14 50.25 -32.61
CA ALA T 228 36.95 50.70 -31.48
C ALA T 228 38.40 50.22 -31.56
N ARG T 229 38.58 49.00 -32.04
CA ARG T 229 39.91 48.37 -32.05
C ARG T 229 40.71 48.58 -33.33
N ASN T 230 40.10 49.19 -34.34
CA ASN T 230 40.71 49.26 -35.67
C ASN T 230 40.60 50.61 -36.40
N LEU T 231 39.62 51.45 -36.04
CA LEU T 231 39.45 52.72 -36.75
C LEU T 231 40.64 53.69 -36.64
N ARG T 232 41.15 53.90 -35.42
CA ARG T 232 42.34 54.74 -35.24
C ARG T 232 43.48 54.32 -36.16
N GLN T 233 43.77 53.02 -36.15
CA GLN T 233 44.83 52.42 -36.96
C GLN T 233 44.65 52.67 -38.46
N ALA T 234 43.41 52.54 -38.93
CA ALA T 234 43.08 52.69 -40.34
C ALA T 234 43.29 54.12 -40.86
N VAL T 235 42.94 55.12 -40.05
CA VAL T 235 43.16 56.51 -40.44
C VAL T 235 44.62 56.91 -40.32
N ALA T 236 45.36 56.19 -39.49
CA ALA T 236 46.78 56.44 -39.27
C ALA T 236 47.60 55.98 -40.46
N LEU T 237 47.32 54.77 -40.93
CA LEU T 237 48.03 54.18 -42.07
C LEU T 237 47.05 53.43 -42.97
N GLY T 238 46.70 54.03 -44.10
CA GLY T 238 45.79 53.43 -45.06
C GLY T 238 46.28 52.11 -45.62
N SER T 239 47.61 51.91 -45.65
CA SER T 239 48.19 50.68 -46.17
C SER T 239 48.32 49.56 -45.13
N ASN T 240 47.71 49.76 -43.96
CA ASN T 240 47.63 48.72 -42.94
C ASN T 240 46.46 47.79 -43.24
N LEU T 241 46.78 46.60 -43.77
CA LEU T 241 45.77 45.65 -44.24
C LEU T 241 44.83 45.16 -43.12
N GLN T 242 45.41 44.73 -42.00
CA GLN T 242 44.62 44.19 -40.89
C GLN T 242 43.49 45.14 -40.48
N ALA T 243 43.83 46.43 -40.37
CA ALA T 243 42.87 47.48 -40.00
C ALA T 243 41.79 47.66 -41.07
N ARG T 244 42.18 47.63 -42.34
CA ARG T 244 41.22 47.67 -43.44
C ARG T 244 40.27 46.49 -43.36
N GLU T 245 40.82 45.28 -43.24
CA GLU T 245 40.01 44.06 -43.16
C GLU T 245 38.91 44.22 -42.11
N TYR T 246 39.32 44.54 -40.89
CA TYR T 246 38.39 44.65 -39.78
C TYR T 246 37.41 45.80 -39.93
N MET T 247 37.86 46.93 -40.46
CA MET T 247 36.97 48.05 -40.74
C MET T 247 35.93 47.70 -41.81
N ALA T 248 36.33 46.83 -42.74
CA ALA T 248 35.45 46.34 -43.79
C ALA T 248 34.46 45.31 -43.26
N TYR T 249 34.92 44.46 -42.34
CA TYR T 249 34.02 43.49 -41.71
C TYR T 249 33.04 44.22 -40.81
N ALA T 250 33.56 45.23 -40.09
CA ALA T 250 32.76 46.04 -39.16
C ALA T 250 31.64 46.77 -39.88
N SER T 251 31.98 47.42 -40.99
CA SER T 251 31.02 48.19 -41.77
C SER T 251 29.92 47.32 -42.35
N LEU T 252 30.29 46.12 -42.78
CA LEU T 252 29.33 45.11 -43.24
C LEU T 252 28.37 44.73 -42.11
N LEU T 253 28.91 44.36 -40.95
CA LEU T 253 28.11 43.92 -39.82
C LEU T 253 27.12 44.98 -39.38
N ALA T 254 27.57 46.24 -39.42
CA ALA T 254 26.72 47.38 -39.08
C ALA T 254 25.56 47.50 -40.06
N GLY T 255 25.81 47.21 -41.33
CA GLY T 255 24.76 47.13 -42.34
C GLY T 255 23.77 46.04 -41.97
N MET T 256 24.27 44.81 -41.82
CA MET T 256 23.47 43.66 -41.41
C MET T 256 22.60 44.01 -40.20
N ALA T 257 23.14 44.82 -39.30
CA ALA T 257 22.40 45.32 -38.15
C ALA T 257 21.32 46.33 -38.55
N PHE T 258 21.73 47.48 -39.08
CA PHE T 258 20.82 48.61 -39.27
C PHE T 258 19.74 48.40 -40.34
N ASN T 259 20.04 47.55 -41.31
CA ASN T 259 19.06 47.21 -42.34
C ASN T 259 17.78 46.63 -41.75
N ASN T 260 17.92 46.01 -40.58
CA ASN T 260 16.82 45.31 -39.93
C ASN T 260 16.40 45.91 -38.58
N ALA T 261 17.25 46.80 -38.05
CA ALA T 261 16.95 47.48 -36.79
C ALA T 261 16.62 48.95 -36.99
N ASN T 262 16.91 49.45 -38.19
CA ASN T 262 16.81 50.89 -38.50
C ASN T 262 17.81 51.74 -37.72
N LEU T 263 17.73 53.04 -37.88
CA LEU T 263 18.66 53.97 -37.27
C LEU T 263 17.93 54.86 -36.26
N GLY T 264 18.38 56.10 -36.12
CA GLY T 264 17.73 57.05 -35.24
C GLY T 264 17.95 58.49 -35.62
N TYR T 265 17.94 59.35 -34.62
CA TYR T 265 18.03 60.80 -34.77
C TYR T 265 19.32 61.30 -35.41
N VAL T 266 20.43 60.59 -35.23
CA VAL T 266 21.69 61.02 -35.83
C VAL T 266 21.54 61.10 -37.35
N HIS T 267 21.10 60.00 -37.96
CA HIS T 267 20.81 59.98 -39.40
C HIS T 267 19.66 60.92 -39.80
N ALA T 268 18.64 61.00 -38.94
CA ALA T 268 17.52 61.92 -39.15
C ALA T 268 18.01 63.37 -39.26
N MET T 269 18.94 63.74 -38.38
CA MET T 269 19.49 65.09 -38.38
C MET T 269 20.58 65.26 -39.45
N ALA T 270 21.45 64.26 -39.57
CA ALA T 270 22.54 64.30 -40.55
C ALA T 270 22.02 64.46 -41.99
N HIS T 271 20.90 63.82 -42.30
CA HIS T 271 20.30 63.94 -43.63
C HIS T 271 19.77 65.34 -43.88
N GLN T 272 19.75 66.17 -42.83
CA GLN T 272 19.40 67.57 -42.97
C GLN T 272 20.64 68.42 -43.28
N LEU T 273 21.74 68.16 -42.58
CA LEU T 273 23.02 68.81 -42.86
C LEU T 273 23.47 68.54 -44.29
N GLY T 274 23.38 67.28 -44.70
CA GLY T 274 23.67 66.88 -46.08
C GLY T 274 22.73 67.52 -47.09
N GLY T 275 21.45 67.62 -46.73
CA GLY T 275 20.43 68.21 -47.60
C GLY T 275 20.56 69.71 -47.78
N LEU T 276 21.10 70.39 -46.78
CA LEU T 276 21.25 71.85 -46.82
C LEU T 276 22.64 72.31 -47.23
N TYR T 277 23.67 71.72 -46.62
CA TYR T 277 25.05 72.17 -46.82
C TYR T 277 25.88 71.20 -47.66
N ASP T 278 25.24 70.10 -48.11
CA ASP T 278 25.91 69.03 -48.86
C ASP T 278 27.19 68.52 -48.20
N MET T 279 27.25 68.61 -46.86
CA MET T 279 28.41 68.13 -46.12
C MET T 279 28.40 66.60 -46.09
N PRO T 280 29.59 65.98 -46.27
CA PRO T 280 29.70 64.53 -46.34
C PRO T 280 28.86 63.81 -45.29
N HIS T 281 28.02 62.88 -45.75
CA HIS T 281 27.19 62.07 -44.86
C HIS T 281 27.96 61.56 -43.63
N GLY T 282 29.19 61.09 -43.86
CA GLY T 282 30.05 60.56 -42.81
C GLY T 282 30.43 61.58 -41.75
N VAL T 283 30.95 62.72 -42.15
CA VAL T 283 31.34 63.75 -41.19
C VAL T 283 30.11 64.34 -40.47
N ALA T 284 29.01 64.49 -41.21
CA ALA T 284 27.73 64.95 -40.64
C ALA T 284 27.26 64.08 -39.48
N ASN T 285 27.22 62.77 -39.70
CA ASN T 285 26.91 61.81 -38.65
C ASN T 285 27.88 61.88 -37.48
N ALA T 286 29.18 61.89 -37.79
CA ALA T 286 30.24 61.87 -36.77
C ALA T 286 30.14 63.01 -35.78
N VAL T 287 30.06 64.24 -36.28
CA VAL T 287 29.96 65.43 -35.43
C VAL T 287 28.69 65.42 -34.56
N LEU T 288 27.67 64.71 -35.01
CA LEU T 288 26.41 64.61 -34.29
C LEU T 288 26.38 63.47 -33.28
N LEU T 289 27.06 62.37 -33.61
CA LEU T 289 27.00 61.14 -32.83
C LEU T 289 26.99 61.38 -31.31
N PRO T 290 28.05 61.98 -30.74
CA PRO T 290 28.14 61.98 -29.28
C PRO T 290 26.98 62.71 -28.63
N HIS T 291 26.57 63.84 -29.20
CA HIS T 291 25.53 64.71 -28.65
C HIS T 291 24.13 64.09 -28.73
N VAL T 292 23.89 63.31 -29.78
CA VAL T 292 22.62 62.56 -29.88
C VAL T 292 22.68 61.32 -28.99
N ALA T 293 23.84 60.69 -28.92
CA ALA T 293 24.02 59.53 -28.05
C ALA T 293 23.80 59.92 -26.61
N ARG T 294 24.26 61.11 -26.21
CA ARG T 294 24.01 61.62 -24.87
C ARG T 294 22.52 61.93 -24.66
N TYR T 295 21.87 62.40 -25.71
CA TYR T 295 20.46 62.72 -25.66
C TYR T 295 19.63 61.45 -25.44
N ASN T 296 20.01 60.37 -26.13
CA ASN T 296 19.30 59.10 -26.07
C ASN T 296 19.60 58.30 -24.81
N LEU T 297 20.70 58.63 -24.14
CA LEU T 297 21.17 57.89 -22.96
C LEU T 297 20.05 57.44 -22.00
N ILE T 298 19.16 58.37 -21.62
CA ILE T 298 18.08 58.07 -20.67
C ILE T 298 17.09 57.00 -21.15
N ALA T 299 17.05 56.77 -22.46
CA ALA T 299 16.18 55.75 -23.04
C ALA T 299 16.63 54.35 -22.67
N ASN T 300 17.95 54.14 -22.63
CA ASN T 300 18.53 52.83 -22.35
C ASN T 300 19.94 52.93 -21.79
N PRO T 301 20.07 53.29 -20.49
CA PRO T 301 21.39 53.35 -19.83
C PRO T 301 22.19 52.03 -19.91
N GLU T 302 21.52 50.89 -19.77
CA GLU T 302 22.19 49.59 -19.75
C GLU T 302 22.89 49.31 -21.08
N LYS T 303 22.28 49.73 -22.19
CA LYS T 303 22.90 49.49 -23.49
C LYS T 303 24.06 50.43 -23.79
N PHE T 304 24.08 51.61 -23.17
CA PHE T 304 25.25 52.48 -23.32
C PHE T 304 26.40 51.97 -22.45
N ALA T 305 26.07 51.43 -21.28
CA ALA T 305 27.02 50.70 -20.47
C ALA T 305 27.66 49.57 -21.26
N ASP T 306 26.87 48.88 -22.09
CA ASP T 306 27.38 47.85 -23.00
C ASP T 306 28.35 48.41 -24.02
N ILE T 307 28.02 49.59 -24.54
CA ILE T 307 28.84 50.26 -25.56
C ILE T 307 30.23 50.63 -25.03
N ALA T 308 30.28 51.22 -23.83
CA ALA T 308 31.54 51.60 -23.20
C ALA T 308 32.47 50.39 -23.06
N GLU T 309 31.88 49.29 -22.61
CA GLU T 309 32.58 48.03 -22.44
C GLU T 309 33.09 47.48 -23.78
N LEU T 310 32.23 47.53 -24.79
CA LEU T 310 32.58 47.15 -26.16
C LEU T 310 33.75 47.98 -26.71
N MET T 311 33.81 49.24 -26.32
CA MET T 311 34.89 50.12 -26.77
C MET T 311 36.14 50.03 -25.86
N GLY T 312 36.14 49.02 -24.99
CA GLY T 312 37.30 48.69 -24.17
C GLY T 312 37.52 49.59 -22.98
N GLU T 313 36.44 50.22 -22.49
CA GLU T 313 36.50 51.06 -21.28
C GLU T 313 36.40 50.18 -20.05
N ASN T 314 37.02 50.60 -18.95
CA ASN T 314 36.92 49.86 -17.72
C ASN T 314 35.69 50.30 -16.96
N ILE T 315 34.81 49.34 -16.69
CA ILE T 315 33.46 49.56 -16.20
C ILE T 315 33.31 49.02 -14.77
N THR T 316 34.37 48.36 -14.30
CA THR T 316 34.33 47.51 -13.10
C THR T 316 33.46 47.96 -11.92
N GLY T 317 33.74 49.09 -11.32
CA GLY T 317 32.99 49.48 -10.13
C GLY T 317 31.85 50.45 -10.35
N LEU T 318 31.45 50.65 -11.60
CA LEU T 318 30.59 51.77 -11.93
C LEU T 318 29.09 51.48 -11.86
N SER T 319 28.35 52.46 -11.35
CA SER T 319 26.91 52.45 -11.51
C SER T 319 26.60 52.36 -13.00
N THR T 320 25.39 51.93 -13.36
CA THR T 320 25.01 51.83 -14.78
C THR T 320 25.13 53.21 -15.44
N LEU T 321 24.63 54.24 -14.77
CA LEU T 321 24.68 55.60 -15.30
C LEU T 321 26.11 56.10 -15.49
N ASP T 322 27.00 55.76 -14.55
CA ASP T 322 28.41 56.15 -14.68
C ASP T 322 29.07 55.44 -15.85
N ALA T 323 28.73 54.15 -16.03
CA ALA T 323 29.25 53.36 -17.14
C ALA T 323 28.78 53.93 -18.47
N ALA T 324 27.48 54.23 -18.56
CA ALA T 324 26.88 54.89 -19.72
C ALA T 324 27.58 56.19 -20.15
N GLU T 325 27.98 57.00 -19.17
CA GLU T 325 28.75 58.22 -19.40
C GLU T 325 30.06 57.93 -20.13
N LYS T 326 30.72 56.83 -19.78
CA LYS T 326 32.00 56.46 -20.39
C LYS T 326 31.85 56.14 -21.87
N ALA T 327 30.69 55.61 -22.27
CA ALA T 327 30.40 55.42 -23.67
C ALA T 327 30.45 56.73 -24.43
N ILE T 328 29.91 57.79 -23.83
CA ILE T 328 29.85 59.10 -24.50
C ILE T 328 31.25 59.69 -24.63
N ALA T 329 32.01 59.69 -23.53
CA ALA T 329 33.41 60.10 -23.55
C ALA T 329 34.25 59.28 -24.54
N ALA T 330 33.97 57.98 -24.64
CA ALA T 330 34.75 57.09 -25.51
C ALA T 330 34.48 57.31 -26.98
N ILE T 331 33.22 57.59 -27.32
CA ILE T 331 32.84 57.93 -28.68
C ILE T 331 33.57 59.21 -29.09
N THR T 332 33.43 60.25 -28.27
CA THR T 332 34.05 61.55 -28.60
C THR T 332 35.57 61.51 -28.57
N ARG T 333 36.16 60.69 -27.70
CA ARG T 333 37.61 60.49 -27.70
C ARG T 333 38.09 59.97 -29.07
N LEU T 334 37.40 58.94 -29.58
CA LEU T 334 37.71 58.39 -30.89
C LEU T 334 37.57 59.43 -31.99
N SER T 335 36.48 60.21 -31.93
CA SER T 335 36.20 61.27 -32.90
C SER T 335 37.34 62.28 -32.98
N MET T 336 37.85 62.67 -31.81
CA MET T 336 38.96 63.61 -31.76
C MET T 336 40.28 63.00 -32.20
N ASP T 337 40.55 61.77 -31.75
CA ASP T 337 41.78 61.05 -32.09
C ASP T 337 42.00 60.88 -33.59
N ILE T 338 40.89 60.78 -34.34
CA ILE T 338 40.95 60.57 -35.79
C ILE T 338 40.69 61.82 -36.64
N GLY T 339 40.60 62.99 -36.00
CA GLY T 339 40.54 64.28 -36.69
C GLY T 339 39.18 64.84 -37.09
N ILE T 340 38.09 64.19 -36.66
CA ILE T 340 36.75 64.67 -36.98
C ILE T 340 36.56 66.08 -36.46
N PRO T 341 36.09 67.02 -37.31
CA PRO T 341 35.74 68.36 -36.84
C PRO T 341 34.64 68.28 -35.77
N GLN T 342 34.87 68.96 -34.65
CA GLN T 342 34.02 68.83 -33.46
C GLN T 342 32.83 69.79 -33.44
N HIS T 343 32.95 70.92 -34.14
CA HIS T 343 31.94 71.95 -34.10
C HIS T 343 31.39 72.27 -35.49
N LEU T 344 30.06 72.20 -35.61
CA LEU T 344 29.35 72.43 -36.88
C LEU T 344 29.62 73.80 -37.47
N ARG T 345 29.89 74.76 -36.58
CA ARG T 345 30.27 76.13 -36.94
C ARG T 345 31.43 76.17 -37.94
N ASP T 346 32.32 75.18 -37.85
CA ASP T 346 33.51 75.10 -38.69
C ASP T 346 33.22 74.53 -40.09
N LEU T 347 32.11 73.81 -40.21
CA LEU T 347 31.70 73.22 -41.49
C LEU T 347 30.75 74.13 -42.28
N GLY T 348 30.53 75.34 -41.77
CA GLY T 348 29.73 76.34 -42.47
C GLY T 348 28.25 76.33 -42.13
N VAL T 349 27.90 75.68 -41.02
CA VAL T 349 26.52 75.58 -40.56
C VAL T 349 26.13 76.88 -39.88
N LYS T 350 24.88 77.29 -40.05
CA LYS T 350 24.38 78.54 -39.48
C LYS T 350 23.20 78.29 -38.55
N GLU T 351 23.23 78.93 -37.38
CA GLU T 351 22.28 78.66 -36.30
C GLU T 351 20.82 78.92 -36.62
N THR T 352 20.55 79.89 -37.49
CA THR T 352 19.16 80.21 -37.88
C THR T 352 18.46 79.09 -38.65
N ASP T 353 19.24 78.13 -39.15
CA ASP T 353 18.71 76.99 -39.89
C ASP T 353 18.31 75.79 -39.01
N PHE T 354 18.52 75.89 -37.69
CA PHE T 354 18.16 74.80 -36.79
C PHE T 354 16.64 74.51 -36.78
N PRO T 355 15.79 75.55 -36.60
CA PRO T 355 14.34 75.35 -36.58
C PRO T 355 13.80 74.53 -37.77
N TYR T 356 14.23 74.88 -38.99
CA TYR T 356 13.82 74.18 -40.20
C TYR T 356 14.33 72.72 -40.21
N MET T 357 15.59 72.53 -39.81
CA MET T 357 16.21 71.20 -39.78
C MET T 357 15.54 70.28 -38.76
N ALA T 358 15.05 70.86 -37.67
CA ALA T 358 14.38 70.11 -36.61
C ALA T 358 13.04 69.54 -37.08
N GLU T 359 12.30 70.33 -37.87
CA GLU T 359 11.01 69.91 -38.40
C GLU T 359 11.17 68.74 -39.36
N MET T 360 12.13 68.86 -40.28
CA MET T 360 12.41 67.83 -41.28
C MET T 360 12.97 66.56 -40.66
N ALA T 361 13.92 66.71 -39.73
CA ALA T 361 14.54 65.56 -39.06
C ALA T 361 13.52 64.68 -38.33
N LEU T 362 12.49 65.32 -37.77
CA LEU T 362 11.41 64.61 -37.09
C LEU T 362 10.50 63.87 -38.08
N LYS T 363 10.46 64.36 -39.33
CA LYS T 363 9.65 63.75 -40.39
C LYS T 363 10.43 62.74 -41.24
N ASP T 364 11.74 62.63 -41.01
CA ASP T 364 12.59 61.64 -41.67
C ASP T 364 12.23 60.22 -41.23
N GLY T 365 12.36 59.27 -42.15
CA GLY T 365 12.06 57.85 -41.87
C GLY T 365 12.87 57.24 -40.74
N ASN T 366 14.15 57.63 -40.64
CA ASN T 366 15.04 57.09 -39.61
C ASN T 366 14.70 57.49 -38.18
N ALA T 367 13.87 58.53 -38.04
CA ALA T 367 13.54 59.09 -36.72
C ALA T 367 12.57 58.25 -35.88
N PHE T 368 11.67 57.51 -36.53
CA PHE T 368 10.61 56.78 -35.79
C PHE T 368 11.16 55.72 -34.85
N SER T 369 12.24 55.05 -35.26
CA SER T 369 12.82 53.95 -34.48
C SER T 369 13.82 54.42 -33.41
N ASN T 370 13.94 55.74 -33.27
CA ASN T 370 14.84 56.30 -32.27
C ASN T 370 14.29 56.05 -30.87
N PRO T 371 15.14 55.60 -29.94
CA PRO T 371 14.66 55.12 -28.64
C PRO T 371 14.00 56.19 -27.77
N ARG T 372 14.27 57.46 -28.08
CA ARG T 372 13.69 58.59 -27.37
C ARG T 372 12.84 59.45 -28.28
N LYS T 373 11.60 59.70 -27.87
CA LYS T 373 10.70 60.56 -28.63
C LYS T 373 11.01 62.01 -28.28
N GLY T 374 11.45 62.77 -29.27
CA GLY T 374 11.74 64.18 -29.09
C GLY T 374 10.66 65.08 -29.66
N ASN T 375 11.08 66.28 -30.05
CA ASN T 375 10.25 67.25 -30.78
C ASN T 375 11.14 68.30 -31.43
N GLU T 376 10.53 69.29 -32.08
CA GLU T 376 11.29 70.33 -32.78
C GLU T 376 12.30 71.06 -31.88
N GLN T 377 11.87 71.48 -30.69
CA GLN T 377 12.74 72.23 -29.77
C GLN T 377 13.92 71.40 -29.30
N GLU T 378 13.64 70.15 -28.92
CA GLU T 378 14.66 69.25 -28.37
C GLU T 378 15.74 68.93 -29.38
N ILE T 379 15.32 68.68 -30.62
CA ILE T 379 16.25 68.39 -31.71
C ILE T 379 17.06 69.64 -32.08
N ALA T 380 16.40 70.79 -32.04
CA ALA T 380 17.09 72.06 -32.26
C ALA T 380 18.20 72.28 -31.23
N ALA T 381 17.93 71.84 -30.00
CA ALA T 381 18.89 71.97 -28.90
C ALA T 381 20.11 71.05 -29.04
N ILE T 382 19.90 69.88 -29.65
CA ILE T 382 21.00 68.97 -29.96
C ILE T 382 21.90 69.59 -31.02
N PHE T 383 21.30 70.30 -31.98
CA PHE T 383 22.07 71.02 -32.99
C PHE T 383 22.98 72.08 -32.34
N ARG T 384 22.42 72.86 -31.41
CA ARG T 384 23.16 73.90 -30.70
C ARG T 384 24.38 73.34 -29.95
N GLN T 385 24.19 72.22 -29.27
CA GLN T 385 25.28 71.51 -28.59
C GLN T 385 26.38 71.10 -29.56
N ALA T 386 25.99 70.66 -30.76
CA ALA T 386 26.93 70.22 -31.77
C ALA T 386 27.56 71.39 -32.51
N PHE T 387 26.98 72.58 -32.36
CA PHE T 387 27.45 73.78 -33.04
C PHE T 387 28.72 74.33 -32.37
FE FE2 U . -16.18 -17.85 -18.04
FE FE2 V . -36.39 -54.02 -37.89
FE FE2 W . -24.14 -26.23 39.25
FE FE2 X . 1.88 -41.70 4.67
FE FE2 Y . 74.71 68.09 10.91
FE FE2 Z . -43.22 -3.63 16.60
FE FE2 AA . 69.82 59.21 -33.97
FE FE2 BA . 35.20 34.14 36.79
FE FE2 CA . 76.36 31.21 16.73
FE FE2 DA . -61.66 -52.80 42.00
FE FE2 EA . 33.02 70.68 29.71
FE FE2 FA . 2.98 27.43 5.07
FE FE2 GA . 2.21 63.80 -3.63
FE FE2 HA . -80.11 -31.06 18.01
FE FE2 IA . -19.45 -77.74 -14.38
FE FE2 JA . -58.45 -84.83 8.84
FE FE2 KA . -75.71 -62.38 -15.57
FE FE2 LA . 69.67 22.25 -27.82
FE FE2 MA . 24.15 19.83 -34.95
FE FE2 NA . 25.02 56.24 -42.94
#